data_6KFV
#
_entry.id   6KFV
#
_cell.length_a   137.092
_cell.length_b   239.500
_cell.length_c   278.253
_cell.angle_alpha   90.000
_cell.angle_beta   90.000
_cell.angle_gamma   90.000
#
_symmetry.space_group_name_H-M   'P 21 21 21'
#
loop_
_entity.id
_entity.type
_entity.pdbx_description
1 polymer '60 kDa chaperonin'
2 non-polymer GLYCEROL
3 non-polymer 'SULFATE ION'
4 water water
#
_entity_poly.entity_id   1
_entity_poly.type   'polypeptide(L)'
_entity_poly.pdbx_seq_one_letter_code
;AAKDIRFGEDARTRMVRGVNVLANAVKATLGPKGRNVVLEKSFGAPTITKDGVSVAKEIELADKFENMGAQMVKEVASKT
NDNAGDGTTTATVLAQALIREGAKAVAAGMNPMDLKRGIDQAVKAAVVELKNISKPTTDDKAIAQVGTISANSDESIGNI
IAEAMKKVGKEGVITVEEGSGLENELDVVEGMQFDRGYLSPYFINNQQSQSADLDDPFILLHDKKISNVRDLLPVLEGVA
KAGKPLLIVAEEVEGEALATLVVNTIRGIVKVVAVKAPGFGDRRKAMLEDMAVLTGGTVISEEVGLALEKATIKDLGRAK
KVQVSKENTTIIDGAGDSAAIESRVGQIKTQIEDTSSDYDREKLQERVAKLAGGVAVIKVGASTEIEMKEKKARVEDALH
ATRAAVEEGVVPGGGVALVRALVAVGNLTGANEDQTHGIQIALRAMEAPLREIVANAGEEPSVILNKVKEGTGNYGYNAA
NGEFGDMVEFGILDPTKVTRSALQNAASIAGLMITTEAMVADAPK
;
_entity_poly.pdbx_strand_id   A,B,C,D,E,F,G,H,I,J,K,L,M,N
#
# COMPACT_ATOMS: atom_id res chain seq x y z
N ALA A 1 28.60 -21.51 5.88
CA ALA A 1 27.47 -20.71 5.32
C ALA A 1 28.01 -19.47 4.60
N ALA A 2 27.12 -18.70 3.98
CA ALA A 2 27.40 -17.43 3.25
C ALA A 2 27.95 -16.37 4.21
N LYS A 3 28.49 -15.28 3.66
CA LYS A 3 29.19 -14.21 4.44
C LYS A 3 28.81 -12.81 3.93
N ASP A 4 28.86 -11.85 4.85
CA ASP A 4 28.91 -10.38 4.60
C ASP A 4 30.38 -9.91 4.67
N ILE A 5 30.81 -9.08 3.72
CA ILE A 5 32.24 -8.65 3.53
C ILE A 5 32.25 -7.16 3.23
N ARG A 6 32.66 -6.32 4.19
CA ARG A 6 32.63 -4.83 4.01
C ARG A 6 34.06 -4.30 3.98
N PHE A 7 34.26 -3.16 3.30
CA PHE A 7 35.60 -2.62 2.93
C PHE A 7 35.73 -1.20 3.48
N GLY A 8 36.98 -0.72 3.59
CA GLY A 8 37.32 0.71 3.79
C GLY A 8 36.43 1.38 4.83
N GLU A 9 36.03 2.63 4.59
CA GLU A 9 35.28 3.46 5.60
C GLU A 9 33.97 2.78 6.00
N ASP A 10 33.41 1.92 5.16
CA ASP A 10 32.22 1.08 5.50
C ASP A 10 32.53 0.29 6.77
N ALA A 11 33.47 -0.67 6.69
CA ALA A 11 33.91 -1.54 7.81
C ALA A 11 34.20 -0.69 9.05
N ARG A 12 35.20 0.20 8.96
CA ARG A 12 35.76 0.99 10.09
C ARG A 12 34.63 1.66 10.89
N THR A 13 33.65 2.22 10.19
CA THR A 13 32.55 3.05 10.73
C THR A 13 31.63 2.20 11.63
N ARG A 14 31.22 1.04 11.12
CA ARG A 14 30.51 -0.01 11.91
C ARG A 14 31.30 -0.32 13.18
N MET A 15 32.55 -0.78 13.01
CA MET A 15 33.52 -1.09 14.10
C MET A 15 33.51 0.02 15.15
N VAL A 16 33.49 1.30 14.73
CA VAL A 16 33.68 2.45 15.66
C VAL A 16 32.39 2.68 16.47
N ARG A 17 31.20 2.42 15.89
CA ARG A 17 29.94 2.42 16.67
C ARG A 17 30.01 1.33 17.75
N GLY A 18 30.62 0.20 17.41
CA GLY A 18 30.83 -0.92 18.36
C GLY A 18 31.56 -0.46 19.59
N VAL A 19 32.82 -0.03 19.45
CA VAL A 19 33.67 0.36 20.61
C VAL A 19 33.01 1.55 21.31
N ASN A 20 32.21 2.32 20.57
CA ASN A 20 31.51 3.51 21.10
C ASN A 20 30.40 3.06 22.07
N VAL A 21 29.45 2.23 21.60
CA VAL A 21 28.35 1.71 22.48
C VAL A 21 28.99 1.06 23.72
N LEU A 22 30.09 0.31 23.55
CA LEU A 22 30.77 -0.43 24.64
C LEU A 22 31.49 0.57 25.56
N ALA A 23 32.29 1.47 25.00
CA ALA A 23 33.12 2.43 25.78
C ALA A 23 32.25 3.46 26.50
N ASN A 24 31.04 3.75 26.02
CA ASN A 24 30.09 4.73 26.64
C ASN A 24 29.38 4.10 27.84
N ALA A 25 28.99 2.83 27.72
CA ALA A 25 28.36 2.07 28.82
C ALA A 25 29.36 1.91 29.98
N VAL A 26 30.62 1.62 29.64
CA VAL A 26 31.62 1.12 30.61
C VAL A 26 32.27 2.31 31.33
N LYS A 27 32.55 3.41 30.62
CA LYS A 27 33.19 4.62 31.21
C LYS A 27 32.21 5.37 32.12
N ALA A 28 30.91 5.06 32.05
CA ALA A 28 29.85 5.70 32.87
C ALA A 28 30.02 5.32 34.36
N THR A 29 30.95 4.40 34.68
CA THR A 29 31.15 3.85 36.05
C THR A 29 32.44 4.35 36.68
N LEU A 30 33.18 5.23 35.99
CA LEU A 30 34.60 5.54 36.34
C LEU A 30 34.69 6.72 37.31
N GLY A 31 35.70 6.66 38.17
CA GLY A 31 35.91 7.66 39.24
C GLY A 31 34.96 7.36 40.39
N PRO A 32 35.21 7.95 41.59
CA PRO A 32 34.32 7.76 42.74
C PRO A 32 32.90 8.26 42.46
N LYS A 33 32.75 9.27 41.60
CA LYS A 33 31.44 9.82 41.19
C LYS A 33 30.89 9.02 40.00
N GLY A 34 31.43 7.82 39.79
CA GLY A 34 30.91 6.83 38.83
C GLY A 34 29.41 6.67 38.91
N ARG A 35 28.75 6.51 37.77
CA ARG A 35 27.28 6.37 37.65
C ARG A 35 26.91 4.89 37.61
N ASN A 36 25.65 4.58 37.96
CA ASN A 36 25.11 3.19 37.94
C ASN A 36 24.84 2.75 36.50
N VAL A 37 25.05 1.47 36.22
CA VAL A 37 24.64 0.79 34.95
C VAL A 37 23.80 -0.44 35.33
N VAL A 38 22.50 -0.39 35.06
CA VAL A 38 21.51 -1.46 35.43
C VAL A 38 21.65 -2.64 34.43
N LEU A 39 21.83 -3.85 34.95
CA LEU A 39 21.90 -5.10 34.14
C LEU A 39 20.65 -5.94 34.43
N GLU A 40 19.93 -6.37 33.38
CA GLU A 40 18.88 -7.42 33.49
C GLU A 40 19.52 -8.73 33.97
N LYS A 41 18.75 -9.50 34.75
CA LYS A 41 19.06 -10.90 35.11
C LYS A 41 17.91 -11.79 34.64
N SER A 42 18.14 -12.58 33.58
CA SER A 42 17.13 -13.49 32.95
C SER A 42 16.08 -13.87 34.01
N PHE A 43 16.46 -14.71 34.98
CA PHE A 43 15.63 -15.05 36.16
C PHE A 43 15.98 -14.07 37.29
N GLY A 44 14.99 -13.30 37.78
CA GLY A 44 15.13 -12.46 38.99
C GLY A 44 15.05 -10.97 38.71
N ALA A 45 15.43 -10.15 39.69
CA ALA A 45 15.44 -8.66 39.65
C ALA A 45 16.79 -8.16 39.15
N PRO A 46 16.91 -6.89 38.73
CA PRO A 46 18.09 -6.42 38.03
C PRO A 46 19.33 -6.25 38.92
N THR A 47 20.51 -6.50 38.36
CA THR A 47 21.81 -6.07 38.93
C THR A 47 21.93 -4.55 38.73
N ILE A 48 22.40 -3.82 39.76
CA ILE A 48 22.89 -2.41 39.62
C ILE A 48 24.35 -2.39 40.06
N THR A 49 25.26 -1.87 39.23
CA THR A 49 26.72 -1.90 39.50
C THR A 49 27.39 -0.60 39.08
N LYS A 50 28.52 -0.29 39.73
CA LYS A 50 29.53 0.68 39.25
C LYS A 50 30.83 -0.09 38.94
N ASP A 51 30.73 -1.22 38.25
CA ASP A 51 31.88 -2.06 37.84
C ASP A 51 31.90 -2.22 36.32
N GLY A 52 32.95 -1.72 35.65
CA GLY A 52 33.17 -1.85 34.19
C GLY A 52 33.44 -3.28 33.76
N VAL A 53 34.31 -4.00 34.48
CA VAL A 53 34.59 -5.45 34.26
C VAL A 53 33.28 -6.22 34.15
N SER A 54 32.27 -5.88 34.97
CA SER A 54 30.93 -6.52 34.99
C SER A 54 30.09 -6.06 33.80
N VAL A 55 30.00 -4.74 33.60
CA VAL A 55 29.20 -4.09 32.52
C VAL A 55 29.72 -4.60 31.17
N ALA A 56 31.05 -4.63 30.99
CA ALA A 56 31.71 -5.00 29.72
C ALA A 56 31.47 -6.47 29.39
N LYS A 57 31.31 -7.33 30.40
CA LYS A 57 31.13 -8.80 30.23
C LYS A 57 29.75 -9.08 29.63
N GLU A 58 28.82 -8.12 29.78
CA GLU A 58 27.39 -8.23 29.37
C GLU A 58 27.15 -7.62 28.00
N ILE A 59 28.14 -6.98 27.36
CA ILE A 59 27.94 -6.23 26.08
C ILE A 59 28.13 -7.19 24.92
N GLU A 60 27.03 -7.52 24.24
CA GLU A 60 27.01 -8.20 22.91
C GLU A 60 25.95 -7.50 22.05
N LEU A 61 26.27 -7.18 20.80
CA LEU A 61 25.44 -6.30 19.93
C LEU A 61 24.80 -7.09 18.80
N ALA A 62 23.78 -6.48 18.16
CA ALA A 62 22.88 -7.08 17.15
C ALA A 62 23.59 -7.12 15.79
N ASP A 63 23.91 -5.95 15.22
CA ASP A 63 24.77 -5.82 13.99
C ASP A 63 26.08 -6.55 14.27
N LYS A 64 26.47 -7.48 13.39
CA LYS A 64 27.60 -8.41 13.64
C LYS A 64 28.94 -7.68 13.51
N PHE A 65 28.99 -6.52 12.86
CA PHE A 65 30.24 -5.70 12.70
C PHE A 65 30.41 -4.78 13.91
N GLU A 66 29.40 -3.95 14.19
CA GLU A 66 29.33 -3.11 15.43
C GLU A 66 29.61 -4.00 16.65
N ASN A 67 29.26 -5.28 16.58
CA ASN A 67 29.53 -6.25 17.66
C ASN A 67 31.03 -6.62 17.69
N MET A 68 31.63 -6.86 16.52
CA MET A 68 33.07 -7.21 16.40
C MET A 68 33.89 -6.07 17.00
N GLY A 69 33.50 -4.83 16.69
CA GLY A 69 34.08 -3.61 17.28
C GLY A 69 34.24 -3.75 18.78
N ALA A 70 33.12 -3.96 19.48
CA ALA A 70 33.09 -4.09 20.95
C ALA A 70 33.89 -5.32 21.38
N GLN A 71 33.61 -6.49 20.81
CA GLN A 71 34.20 -7.79 21.24
C GLN A 71 35.73 -7.76 21.10
N MET A 72 36.26 -6.89 20.24
CA MET A 72 37.73 -6.71 20.04
C MET A 72 38.32 -5.91 21.21
N VAL A 73 37.84 -4.69 21.49
CA VAL A 73 38.42 -3.87 22.61
C VAL A 73 38.24 -4.70 23.89
N LYS A 74 37.06 -5.29 24.09
CA LYS A 74 36.74 -6.12 25.29
C LYS A 74 37.89 -7.08 25.59
N GLU A 75 38.28 -7.87 24.58
CA GLU A 75 39.25 -9.00 24.73
C GLU A 75 40.67 -8.47 25.02
N VAL A 76 41.07 -7.28 24.54
CA VAL A 76 42.43 -6.72 24.81
C VAL A 76 42.36 -5.88 26.09
N ALA A 77 41.28 -5.12 26.29
CA ALA A 77 41.13 -4.28 27.49
C ALA A 77 41.02 -5.22 28.70
N SER A 78 40.63 -6.47 28.49
CA SER A 78 40.55 -7.51 29.57
C SER A 78 41.90 -8.25 29.69
N LYS A 79 42.85 -8.02 28.79
CA LYS A 79 44.27 -8.48 28.92
C LYS A 79 44.94 -7.75 30.08
N THR A 80 44.63 -6.46 30.27
CA THR A 80 45.27 -5.60 31.30
C THR A 80 44.90 -6.12 32.69
N ASN A 81 43.69 -6.69 32.81
CA ASN A 81 43.08 -7.17 34.09
C ASN A 81 43.69 -8.53 34.48
N ASP A 82 43.86 -9.43 33.50
CA ASP A 82 44.51 -10.76 33.68
C ASP A 82 45.97 -10.56 34.12
N ASN A 83 46.60 -9.46 33.68
CA ASN A 83 48.04 -9.18 33.87
C ASN A 83 48.23 -7.89 34.70
N ALA A 84 47.30 -7.57 35.60
CA ALA A 84 47.42 -6.44 36.57
C ALA A 84 46.34 -6.54 37.67
N GLY A 85 45.07 -6.71 37.30
CA GLY A 85 43.94 -6.94 38.23
C GLY A 85 42.86 -5.87 38.12
N ASP A 86 43.30 -4.61 37.95
CA ASP A 86 42.45 -3.42 37.64
C ASP A 86 42.64 -3.10 36.16
N GLY A 87 42.10 -1.97 35.67
CA GLY A 87 42.54 -1.31 34.42
C GLY A 87 41.51 -1.37 33.31
N THR A 88 40.85 -2.52 33.14
CA THR A 88 39.88 -2.85 32.06
C THR A 88 39.07 -1.61 31.62
N THR A 89 38.58 -0.81 32.57
CA THR A 89 37.77 0.40 32.28
C THR A 89 38.65 1.45 31.62
N THR A 90 39.75 1.82 32.28
CA THR A 90 40.74 2.82 31.79
C THR A 90 41.15 2.44 30.35
N ALA A 91 41.63 1.21 30.18
CA ALA A 91 42.10 0.62 28.90
C ALA A 91 41.01 0.71 27.82
N THR A 92 39.74 0.60 28.22
CA THR A 92 38.56 0.76 27.32
C THR A 92 38.50 2.21 26.83
N VAL A 93 38.51 3.19 27.74
CA VAL A 93 38.24 4.62 27.38
C VAL A 93 39.47 5.22 26.70
N LEU A 94 40.66 4.64 26.89
CA LEU A 94 41.85 4.93 26.04
C LEU A 94 41.57 4.43 24.62
N ALA A 95 41.26 3.14 24.47
CA ALA A 95 40.92 2.50 23.18
C ALA A 95 39.97 3.40 22.38
N GLN A 96 38.82 3.76 22.97
CA GLN A 96 37.76 4.58 22.35
C GLN A 96 38.37 5.86 21.78
N ALA A 97 38.91 6.73 22.64
CA ALA A 97 39.57 8.01 22.26
C ALA A 97 40.57 7.79 21.11
N LEU A 98 41.47 6.81 21.22
CA LEU A 98 42.51 6.50 20.19
C LEU A 98 41.84 6.10 18.87
N ILE A 99 40.80 5.27 18.94
CA ILE A 99 40.13 4.69 17.75
C ILE A 99 39.17 5.72 17.15
N ARG A 100 38.60 6.60 17.98
CA ARG A 100 37.67 7.68 17.58
C ARG A 100 38.41 8.69 16.69
N GLU A 101 39.65 9.05 17.08
CA GLU A 101 40.50 10.05 16.38
C GLU A 101 41.35 9.39 15.30
N GLY A 102 41.73 8.14 15.50
CA GLY A 102 42.40 7.33 14.46
C GLY A 102 41.51 7.16 13.25
N ALA A 103 40.29 6.66 13.46
CA ALA A 103 39.29 6.39 12.41
C ALA A 103 39.04 7.66 11.59
N LYS A 104 38.94 8.80 12.27
CA LYS A 104 38.61 10.12 11.66
C LYS A 104 39.77 10.62 10.78
N ALA A 105 41.01 10.42 11.24
CA ALA A 105 42.26 10.88 10.58
C ALA A 105 42.47 10.10 9.26
N VAL A 106 42.14 8.81 9.24
CA VAL A 106 42.23 7.96 8.02
C VAL A 106 41.29 8.54 6.96
N ALA A 107 40.06 8.86 7.38
CA ALA A 107 38.96 9.38 6.53
C ALA A 107 39.36 10.69 5.88
N ALA A 108 40.25 11.44 6.51
CA ALA A 108 40.82 12.69 5.93
C ALA A 108 41.70 12.33 4.72
N GLY A 109 42.55 11.30 4.85
CA GLY A 109 43.49 10.88 3.80
C GLY A 109 44.86 10.46 4.33
N MET A 110 45.16 10.73 5.59
CA MET A 110 46.49 10.45 6.22
C MET A 110 46.76 8.95 6.18
N ASN A 111 48.04 8.56 6.02
CA ASN A 111 48.47 7.17 5.70
C ASN A 111 48.27 6.30 6.94
N PRO A 112 47.41 5.25 6.88
CA PRO A 112 47.05 4.53 8.10
C PRO A 112 48.29 3.99 8.82
N MET A 113 49.24 3.42 8.08
CA MET A 113 50.41 2.71 8.65
C MET A 113 51.36 3.74 9.29
N ASP A 114 51.35 5.00 8.85
CA ASP A 114 52.13 6.12 9.47
C ASP A 114 51.48 6.58 10.78
N LEU A 115 50.14 6.62 10.84
CA LEU A 115 49.39 7.05 12.07
C LEU A 115 49.72 6.08 13.21
N LYS A 116 49.66 4.78 12.92
CA LYS A 116 50.03 3.73 13.91
C LYS A 116 51.47 4.00 14.37
N ARG A 117 52.44 4.09 13.44
CA ARG A 117 53.89 4.22 13.72
C ARG A 117 54.16 5.48 14.55
N GLY A 118 53.27 6.47 14.45
CA GLY A 118 53.27 7.66 15.32
C GLY A 118 52.78 7.34 16.72
N ILE A 119 51.58 6.75 16.84
CA ILE A 119 50.88 6.46 18.13
C ILE A 119 51.74 5.55 19.00
N ASP A 120 52.54 4.69 18.36
CA ASP A 120 53.39 3.66 19.03
C ASP A 120 54.71 4.35 19.48
N GLN A 121 55.27 5.21 18.64
CA GLN A 121 56.41 6.11 19.01
C GLN A 121 56.06 6.86 20.30
N ALA A 122 54.83 7.36 20.38
CA ALA A 122 54.33 8.29 21.41
C ALA A 122 54.10 7.57 22.74
N VAL A 123 53.46 6.40 22.70
CA VAL A 123 53.30 5.49 23.88
C VAL A 123 54.70 5.05 24.35
N LYS A 124 55.59 4.66 23.44
CA LYS A 124 56.93 4.10 23.81
C LYS A 124 57.79 5.17 24.51
N ALA A 125 57.55 6.46 24.23
CA ALA A 125 58.10 7.59 25.02
C ALA A 125 57.30 7.72 26.32
N ALA A 126 55.97 7.77 26.22
CA ALA A 126 55.06 7.96 27.38
C ALA A 126 55.16 6.79 28.36
N VAL A 127 55.85 5.69 28.01
CA VAL A 127 56.07 4.53 28.91
C VAL A 127 57.39 4.74 29.66
N VAL A 128 58.46 5.06 28.93
CA VAL A 128 59.80 5.39 29.51
C VAL A 128 59.62 6.61 30.41
N GLU A 129 58.64 7.47 30.09
CA GLU A 129 58.40 8.75 30.79
C GLU A 129 57.59 8.52 32.06
N LEU A 130 56.87 7.40 32.13
CA LEU A 130 55.92 7.04 33.21
C LEU A 130 56.64 6.11 34.20
N LYS A 131 57.57 5.30 33.68
CA LYS A 131 58.52 4.48 34.48
C LYS A 131 59.52 5.43 35.16
N ASN A 132 59.73 6.60 34.57
CA ASN A 132 60.65 7.65 35.10
C ASN A 132 60.08 8.22 36.41
N ILE A 133 58.75 8.27 36.55
CA ILE A 133 58.05 8.94 37.71
C ILE A 133 57.44 7.90 38.66
N SER A 134 57.60 6.60 38.37
CA SER A 134 57.22 5.48 39.29
C SER A 134 58.00 5.65 40.59
N LYS A 135 57.38 5.31 41.72
CA LYS A 135 58.01 5.33 43.07
C LYS A 135 57.90 3.93 43.66
N PRO A 136 59.01 3.15 43.67
CA PRO A 136 59.03 1.81 44.25
C PRO A 136 58.33 1.67 45.60
N THR A 137 57.77 0.49 45.86
CA THR A 137 57.31 0.05 47.21
C THR A 137 58.11 -1.20 47.63
N THR A 138 59.45 -1.12 47.47
CA THR A 138 60.45 -2.16 47.82
C THR A 138 60.28 -2.56 49.29
N ASP A 139 60.30 -1.57 50.19
CA ASP A 139 60.41 -1.80 51.66
C ASP A 139 59.08 -2.33 52.20
N ASP A 140 58.95 -2.41 53.53
CA ASP A 140 57.91 -3.21 54.25
C ASP A 140 56.74 -2.30 54.65
N LYS A 141 57.00 -1.21 55.37
CA LYS A 141 55.94 -0.32 55.88
C LYS A 141 55.06 0.10 54.69
N ALA A 142 55.70 0.38 53.55
CA ALA A 142 55.10 0.85 52.28
C ALA A 142 54.04 -0.15 51.80
N ILE A 143 54.41 -1.43 51.75
CA ILE A 143 53.51 -2.55 51.33
C ILE A 143 52.22 -2.49 52.15
N ALA A 144 52.33 -2.45 53.48
CA ALA A 144 51.15 -2.38 54.40
C ALA A 144 50.26 -1.20 53.98
N GLN A 145 50.86 -0.06 53.60
CA GLN A 145 50.15 1.19 53.21
C GLN A 145 49.53 1.06 51.81
N VAL A 146 50.27 0.52 50.83
CA VAL A 146 49.75 0.19 49.46
C VAL A 146 48.50 -0.70 49.63
N GLY A 147 48.68 -1.84 50.30
CA GLY A 147 47.61 -2.82 50.55
C GLY A 147 46.43 -2.19 51.25
N THR A 148 46.68 -1.46 52.33
CA THR A 148 45.65 -0.77 53.17
C THR A 148 44.70 -0.01 52.24
N ILE A 149 45.24 0.95 51.47
CA ILE A 149 44.49 1.74 50.45
C ILE A 149 43.73 0.75 49.57
N SER A 150 44.47 -0.13 48.89
CA SER A 150 43.98 -1.08 47.87
C SER A 150 42.77 -1.86 48.38
N ALA A 151 42.54 -1.91 49.71
CA ALA A 151 41.38 -2.55 50.35
C ALA A 151 40.61 -1.55 51.23
N ASN A 152 40.27 -0.39 50.66
CA ASN A 152 39.26 0.55 51.23
C ASN A 152 39.81 1.28 52.46
N SER A 153 41.10 1.14 52.77
CA SER A 153 41.77 1.80 53.91
C SER A 153 41.53 0.98 55.19
N ASP A 154 42.08 -0.25 55.22
CA ASP A 154 41.89 -1.25 56.31
C ASP A 154 43.26 -1.82 56.71
N GLU A 155 43.94 -1.13 57.63
CA GLU A 155 45.37 -1.41 58.00
C GLU A 155 45.51 -2.85 58.47
N SER A 156 44.40 -3.54 58.73
CA SER A 156 44.35 -4.97 59.14
C SER A 156 44.76 -5.85 57.95
N ILE A 157 44.24 -5.58 56.75
CA ILE A 157 44.38 -6.49 55.58
C ILE A 157 45.69 -6.15 54.84
N GLY A 158 46.07 -4.88 54.77
CA GLY A 158 47.42 -4.48 54.32
C GLY A 158 48.49 -5.12 55.18
N ASN A 159 48.31 -5.03 56.51
CA ASN A 159 49.23 -5.56 57.55
C ASN A 159 49.47 -7.06 57.30
N ILE A 160 48.43 -7.84 56.99
CA ILE A 160 48.55 -9.30 56.67
C ILE A 160 49.45 -9.47 55.44
N ILE A 161 49.07 -8.80 54.35
CA ILE A 161 49.76 -8.88 53.03
C ILE A 161 51.24 -8.53 53.21
N ALA A 162 51.53 -7.56 54.08
CA ALA A 162 52.91 -7.21 54.48
C ALA A 162 53.58 -8.42 55.13
N GLU A 163 52.96 -8.99 56.17
CA GLU A 163 53.57 -10.04 57.01
C GLU A 163 53.46 -11.42 56.34
N ALA A 164 52.91 -11.50 55.12
CA ALA A 164 52.86 -12.73 54.30
C ALA A 164 53.97 -12.68 53.25
N MET A 165 54.17 -11.54 52.59
CA MET A 165 55.30 -11.29 51.65
C MET A 165 56.61 -11.43 52.42
N LYS A 166 56.65 -10.82 53.60
CA LYS A 166 57.66 -11.03 54.68
C LYS A 166 58.02 -12.52 54.80
N LYS A 167 57.02 -13.37 55.07
CA LYS A 167 57.18 -14.82 55.43
C LYS A 167 57.74 -15.61 54.25
N VAL A 168 57.22 -15.42 53.03
CA VAL A 168 57.49 -16.31 51.85
C VAL A 168 58.19 -15.53 50.73
N GLY A 169 58.71 -14.33 50.99
CA GLY A 169 59.40 -13.51 49.98
C GLY A 169 58.41 -12.90 49.00
N LYS A 170 58.55 -11.60 48.73
CA LYS A 170 57.52 -10.76 48.04
C LYS A 170 57.08 -11.39 46.71
N GLU A 171 57.93 -12.22 46.08
CA GLU A 171 57.61 -12.94 44.81
C GLU A 171 57.16 -14.38 45.12
N GLY A 172 56.53 -14.57 46.28
CA GLY A 172 56.12 -15.89 46.80
C GLY A 172 54.61 -16.08 46.71
N VAL A 173 54.16 -17.33 46.61
CA VAL A 173 52.73 -17.74 46.42
C VAL A 173 51.92 -17.27 47.64
N ILE A 174 50.85 -16.52 47.40
CA ILE A 174 49.91 -16.05 48.46
C ILE A 174 48.48 -16.27 47.95
N THR A 175 47.68 -16.99 48.73
CA THR A 175 46.29 -17.41 48.42
C THR A 175 45.40 -17.08 49.61
N VAL A 176 44.23 -16.45 49.39
CA VAL A 176 43.23 -16.23 50.48
C VAL A 176 42.30 -17.44 50.54
N GLU A 177 41.65 -17.62 51.70
CA GLU A 177 40.60 -18.64 51.94
C GLU A 177 39.55 -18.06 52.89
N GLU A 178 38.34 -18.62 52.86
CA GLU A 178 37.24 -18.36 53.82
C GLU A 178 37.73 -18.78 55.21
N GLY A 179 37.52 -17.96 56.25
CA GLY A 179 38.08 -18.20 57.60
C GLY A 179 37.21 -19.13 58.44
N SER A 180 37.42 -19.12 59.76
CA SER A 180 36.66 -19.93 60.76
C SER A 180 35.71 -19.04 61.58
N GLY A 181 36.06 -17.77 61.80
CA GLY A 181 35.13 -16.75 62.33
C GLY A 181 35.82 -15.59 63.01
N LEU A 182 35.81 -14.41 62.38
CA LEU A 182 36.24 -13.09 62.92
C LEU A 182 37.62 -13.19 63.57
N GLU A 183 38.63 -12.62 62.93
CA GLU A 183 40.08 -12.88 63.16
C GLU A 183 40.69 -13.41 61.84
N ASN A 184 41.62 -12.64 61.26
CA ASN A 184 42.49 -13.12 60.15
C ASN A 184 43.50 -14.11 60.76
N GLU A 185 43.90 -15.13 59.98
CA GLU A 185 44.91 -16.15 60.39
C GLU A 185 45.85 -16.30 59.19
N LEU A 186 47.15 -16.50 59.42
CA LEU A 186 48.18 -16.51 58.34
C LEU A 186 49.09 -17.73 58.47
N ASP A 187 48.61 -18.91 58.07
CA ASP A 187 49.37 -20.18 58.16
C ASP A 187 50.19 -20.36 56.88
N VAL A 188 51.48 -20.65 57.00
CA VAL A 188 52.35 -21.10 55.87
C VAL A 188 52.38 -22.62 55.87
N VAL A 189 52.22 -23.23 54.68
CA VAL A 189 52.18 -24.71 54.48
C VAL A 189 52.96 -25.04 53.20
N GLU A 190 53.42 -26.29 53.06
CA GLU A 190 54.05 -26.79 51.81
C GLU A 190 52.97 -26.74 50.72
N GLY A 191 53.38 -26.51 49.47
CA GLY A 191 52.45 -26.30 48.34
C GLY A 191 53.16 -25.78 47.12
N MET A 192 52.40 -25.30 46.14
CA MET A 192 52.90 -25.04 44.77
C MET A 192 51.87 -24.26 43.93
N GLN A 193 52.34 -23.63 42.85
CA GLN A 193 51.52 -22.85 41.87
C GLN A 193 52.20 -22.91 40.50
N PHE A 194 51.41 -22.94 39.41
CA PHE A 194 51.90 -22.95 38.00
C PHE A 194 50.86 -22.33 37.06
N ASP A 195 51.35 -21.64 36.03
CA ASP A 195 50.57 -20.60 35.30
C ASP A 195 49.87 -21.21 34.07
N ARG A 196 49.19 -22.34 34.28
CA ARG A 196 48.03 -22.79 33.47
C ARG A 196 46.80 -22.78 34.39
N GLY A 197 45.64 -22.37 33.87
CA GLY A 197 44.38 -22.24 34.63
C GLY A 197 43.37 -23.29 34.23
N TYR A 198 42.07 -23.01 34.41
CA TYR A 198 40.96 -23.92 34.04
C TYR A 198 40.80 -23.96 32.50
N LEU A 199 40.65 -25.17 31.94
CA LEU A 199 40.44 -25.41 30.47
C LEU A 199 39.00 -25.06 30.08
N SER A 200 38.16 -24.67 31.05
CA SER A 200 36.78 -24.16 30.83
C SER A 200 36.36 -23.30 32.02
N PRO A 201 35.39 -22.38 31.86
CA PRO A 201 34.64 -21.88 33.00
C PRO A 201 33.78 -23.06 33.46
N TYR A 202 32.64 -22.81 34.12
CA TYR A 202 31.64 -23.82 34.54
C TYR A 202 32.21 -24.76 35.62
N PHE A 203 33.47 -25.20 35.49
CA PHE A 203 34.22 -25.90 36.58
C PHE A 203 34.15 -25.04 37.85
N ILE A 204 34.18 -23.71 37.66
CA ILE A 204 34.00 -22.68 38.73
C ILE A 204 32.86 -23.14 39.66
N ASN A 205 33.04 -22.98 40.97
CA ASN A 205 31.95 -23.18 41.98
C ASN A 205 31.85 -21.95 42.89
N ASN A 206 32.99 -21.29 43.20
CA ASN A 206 33.03 -20.00 43.94
C ASN A 206 33.09 -18.85 42.92
N GLN A 207 32.01 -18.65 42.15
CA GLN A 207 31.95 -17.65 41.06
C GLN A 207 32.05 -16.24 41.66
N GLN A 208 31.82 -16.10 42.98
CA GLN A 208 32.04 -14.87 43.77
C GLN A 208 33.42 -14.28 43.44
N SER A 209 34.41 -15.11 43.08
CA SER A 209 35.77 -14.68 42.69
C SER A 209 36.36 -15.61 41.60
N GLN A 210 35.49 -16.19 40.79
CA GLN A 210 35.84 -17.06 39.63
C GLN A 210 37.11 -17.86 39.89
N SER A 211 37.04 -19.08 40.45
CA SER A 211 38.31 -19.78 40.79
C SER A 211 38.27 -21.33 40.80
N ALA A 212 37.16 -21.96 41.17
CA ALA A 212 37.01 -23.43 41.36
C ALA A 212 37.85 -23.92 42.55
N ASP A 213 37.17 -24.19 43.66
CA ASP A 213 37.80 -24.62 44.94
C ASP A 213 37.48 -26.08 45.22
N LEU A 214 38.31 -26.74 46.00
CA LEU A 214 38.12 -28.18 46.33
C LEU A 214 38.68 -28.52 47.72
N ASP A 215 38.01 -29.45 48.41
CA ASP A 215 38.45 -29.99 49.73
C ASP A 215 38.97 -31.42 49.54
N ASP A 216 39.95 -31.80 50.38
CA ASP A 216 40.79 -33.03 50.27
C ASP A 216 40.68 -33.66 48.87
N PRO A 217 41.09 -32.96 47.79
CA PRO A 217 40.97 -33.50 46.45
C PRO A 217 42.09 -34.49 46.13
N PHE A 218 41.77 -35.53 45.35
CA PHE A 218 42.74 -36.38 44.62
C PHE A 218 43.30 -35.57 43.45
N ILE A 219 44.40 -36.03 42.85
CA ILE A 219 45.14 -35.32 41.77
C ILE A 219 45.67 -36.35 40.75
N LEU A 220 45.22 -36.25 39.51
CA LEU A 220 45.58 -37.18 38.40
C LEU A 220 46.62 -36.52 37.48
N LEU A 221 47.82 -37.10 37.40
CA LEU A 221 48.95 -36.55 36.58
C LEU A 221 49.23 -37.48 35.39
N HIS A 222 49.01 -36.97 34.17
CA HIS A 222 49.18 -37.70 32.88
C HIS A 222 50.07 -36.89 31.94
N ASP A 223 50.93 -37.56 31.16
CA ASP A 223 51.94 -36.92 30.26
C ASP A 223 51.49 -37.03 28.80
N LYS A 224 50.19 -37.22 28.56
CA LYS A 224 49.60 -37.30 27.20
C LYS A 224 48.25 -36.58 27.20
N LYS A 225 47.76 -36.21 26.01
CA LYS A 225 46.43 -35.58 25.82
C LYS A 225 45.35 -36.54 26.35
N ILE A 226 44.17 -36.03 26.66
CA ILE A 226 43.00 -36.86 27.12
C ILE A 226 41.73 -36.34 26.43
N SER A 227 41.06 -37.20 25.66
CA SER A 227 39.78 -36.94 24.95
C SER A 227 38.88 -38.17 25.08
N ASN A 228 39.42 -39.31 24.66
CA ASN A 228 38.99 -40.69 25.01
C ASN A 228 38.48 -40.69 26.46
N VAL A 229 37.15 -40.71 26.66
CA VAL A 229 36.50 -40.83 28.00
C VAL A 229 36.80 -42.22 28.59
N ARG A 230 36.77 -43.26 27.74
CA ARG A 230 36.97 -44.69 28.12
C ARG A 230 38.17 -44.84 29.06
N ASP A 231 39.22 -44.03 28.86
CA ASP A 231 40.48 -44.09 29.66
C ASP A 231 40.20 -43.69 31.11
N LEU A 232 39.42 -42.62 31.33
CA LEU A 232 39.20 -42.02 32.66
C LEU A 232 38.30 -42.92 33.52
N LEU A 233 37.26 -43.50 32.91
CA LEU A 233 36.06 -44.06 33.60
C LEU A 233 36.48 -44.94 34.79
N PRO A 234 37.48 -45.85 34.65
CA PRO A 234 38.05 -46.53 35.81
C PRO A 234 38.32 -45.58 36.99
N VAL A 235 39.17 -44.57 36.76
CA VAL A 235 39.70 -43.61 37.79
C VAL A 235 38.54 -42.77 38.35
N LEU A 236 37.83 -42.07 37.45
CA LEU A 236 36.72 -41.13 37.75
C LEU A 236 35.71 -41.73 38.74
N GLU A 237 35.38 -43.02 38.58
CA GLU A 237 34.42 -43.72 39.49
C GLU A 237 35.18 -44.23 40.71
N GLY A 238 36.47 -44.55 40.53
CA GLY A 238 37.43 -44.84 41.63
C GLY A 238 37.47 -43.69 42.64
N VAL A 239 37.06 -42.50 42.23
CA VAL A 239 36.97 -41.27 43.07
C VAL A 239 35.53 -41.09 43.57
N ALA A 240 34.54 -41.31 42.69
CA ALA A 240 33.08 -41.19 42.98
C ALA A 240 32.76 -41.90 44.30
N LYS A 241 33.25 -43.13 44.47
CA LYS A 241 33.30 -43.84 45.78
C LYS A 241 34.44 -43.24 46.61
N ALA A 242 34.09 -42.53 47.70
CA ALA A 242 35.02 -41.82 48.63
C ALA A 242 34.43 -40.45 48.99
N GLY A 243 33.59 -39.88 48.12
CA GLY A 243 33.01 -38.53 48.30
C GLY A 243 34.02 -37.44 48.00
N LYS A 244 35.13 -37.79 47.34
CA LYS A 244 36.28 -36.88 47.09
C LYS A 244 36.16 -36.28 45.69
N PRO A 245 36.60 -35.01 45.52
CA PRO A 245 36.72 -34.41 44.18
C PRO A 245 38.08 -34.68 43.51
N LEU A 246 38.25 -34.22 42.26
CA LEU A 246 39.47 -34.52 41.46
C LEU A 246 39.97 -33.29 40.70
N LEU A 247 41.23 -32.91 40.91
CA LEU A 247 42.01 -32.09 39.94
C LEU A 247 42.60 -33.06 38.88
N ILE A 248 42.28 -32.81 37.61
CA ILE A 248 42.94 -33.41 36.42
C ILE A 248 43.98 -32.41 35.92
N VAL A 249 45.21 -32.87 35.69
CA VAL A 249 46.28 -32.05 35.05
C VAL A 249 47.05 -32.97 34.09
N ALA A 250 46.74 -32.89 32.80
CA ALA A 250 47.41 -33.62 31.70
C ALA A 250 47.98 -32.59 30.72
N GLU A 251 48.61 -33.05 29.62
CA GLU A 251 49.16 -32.15 28.56
C GLU A 251 48.08 -31.18 28.10
N GLU A 252 47.05 -31.70 27.43
CA GLU A 252 45.81 -30.99 27.03
C GLU A 252 44.65 -31.87 27.54
N VAL A 253 43.43 -31.33 27.66
CA VAL A 253 42.22 -32.17 27.89
C VAL A 253 41.17 -31.77 26.85
N GLU A 254 40.97 -32.69 25.89
CA GLU A 254 40.47 -32.43 24.51
C GLU A 254 38.97 -32.72 24.43
N GLY A 255 38.43 -32.63 23.20
CA GLY A 255 37.04 -32.89 22.81
C GLY A 255 36.22 -33.60 23.89
N GLU A 256 35.79 -34.83 23.59
CA GLU A 256 34.60 -35.44 24.23
C GLU A 256 34.91 -35.93 25.65
N ALA A 257 36.15 -35.76 26.12
CA ALA A 257 36.49 -35.84 27.56
C ALA A 257 35.94 -34.60 28.28
N LEU A 258 36.46 -33.42 27.93
CA LEU A 258 36.11 -32.11 28.57
C LEU A 258 34.58 -31.97 28.60
N ALA A 259 33.93 -32.15 27.45
CA ALA A 259 32.45 -32.19 27.32
C ALA A 259 31.86 -32.96 28.51
N THR A 260 32.05 -34.29 28.54
CA THR A 260 31.50 -35.21 29.58
C THR A 260 31.74 -34.63 30.98
N LEU A 261 32.99 -34.25 31.28
CA LEU A 261 33.42 -33.76 32.62
C LEU A 261 32.64 -32.49 33.00
N VAL A 262 32.44 -31.55 32.06
CA VAL A 262 31.69 -30.29 32.33
C VAL A 262 30.27 -30.66 32.79
N VAL A 263 29.51 -31.29 31.88
CA VAL A 263 28.11 -31.74 32.11
C VAL A 263 28.02 -32.39 33.50
N ASN A 264 28.83 -33.43 33.72
CA ASN A 264 28.71 -34.38 34.87
C ASN A 264 28.99 -33.68 36.21
N THR A 265 29.57 -32.48 36.20
CA THR A 265 30.00 -31.75 37.44
C THR A 265 28.95 -30.72 37.88
N ILE A 266 28.27 -30.05 36.93
CA ILE A 266 27.14 -29.12 37.22
C ILE A 266 25.82 -29.91 37.31
N ARG A 267 25.88 -31.22 37.05
CA ARG A 267 24.80 -32.19 37.39
C ARG A 267 25.08 -32.78 38.78
N GLY A 268 26.33 -32.68 39.26
CA GLY A 268 26.73 -33.07 40.63
C GLY A 268 27.43 -34.42 40.69
N ILE A 269 27.42 -35.20 39.60
CA ILE A 269 28.11 -36.53 39.54
C ILE A 269 29.62 -36.30 39.50
N VAL A 270 30.29 -36.42 40.64
CA VAL A 270 31.76 -36.20 40.83
C VAL A 270 32.09 -34.76 40.38
N LYS A 271 32.74 -33.98 41.26
CA LYS A 271 33.18 -32.59 40.96
C LYS A 271 34.65 -32.62 40.52
N VAL A 272 34.88 -32.26 39.25
CA VAL A 272 36.19 -32.33 38.54
C VAL A 272 36.56 -30.90 38.11
N VAL A 273 37.84 -30.63 37.89
CA VAL A 273 38.33 -29.39 37.23
C VAL A 273 39.66 -29.71 36.54
N ALA A 274 39.66 -29.66 35.21
CA ALA A 274 40.82 -29.99 34.34
C ALA A 274 41.67 -28.73 34.12
N VAL A 275 43.00 -28.90 34.05
CA VAL A 275 43.98 -27.82 33.76
C VAL A 275 45.08 -28.40 32.86
N LYS A 276 45.86 -27.53 32.20
CA LYS A 276 47.00 -27.94 31.33
C LYS A 276 48.25 -28.17 32.19
N ALA A 277 48.99 -29.24 31.91
CA ALA A 277 50.34 -29.51 32.46
C ALA A 277 51.28 -28.38 32.00
N PRO A 278 51.99 -27.70 32.90
CA PRO A 278 52.73 -26.49 32.55
C PRO A 278 53.99 -26.77 31.72
N GLY A 279 54.48 -25.75 31.01
CA GLY A 279 55.69 -25.86 30.18
C GLY A 279 55.49 -26.77 28.98
N PHE A 280 56.56 -27.41 28.52
CA PHE A 280 56.57 -28.20 27.25
C PHE A 280 57.79 -29.13 27.22
N GLY A 281 57.80 -30.04 26.23
CA GLY A 281 58.96 -30.91 25.90
C GLY A 281 59.38 -31.82 27.04
N ASP A 282 60.60 -31.59 27.55
CA ASP A 282 61.23 -32.40 28.63
C ASP A 282 60.99 -31.72 29.99
N ARG A 283 61.28 -30.42 30.10
CA ARG A 283 61.12 -29.65 31.36
C ARG A 283 59.72 -29.93 31.93
N ARG A 284 58.70 -30.10 31.07
CA ARG A 284 57.28 -30.36 31.45
C ARG A 284 57.12 -31.72 32.13
N LYS A 285 57.63 -32.79 31.51
CA LYS A 285 57.69 -34.16 32.11
C LYS A 285 58.23 -34.05 33.54
N ALA A 286 59.42 -33.46 33.69
CA ALA A 286 60.13 -33.26 34.97
C ALA A 286 59.31 -32.35 35.90
N MET A 287 58.58 -31.37 35.34
CA MET A 287 57.80 -30.36 36.12
C MET A 287 56.53 -31.00 36.71
N LEU A 288 56.00 -32.05 36.06
CA LEU A 288 54.86 -32.86 36.57
C LEU A 288 55.34 -33.73 37.73
N GLU A 289 56.40 -34.51 37.50
CA GLU A 289 57.00 -35.43 38.50
C GLU A 289 57.45 -34.61 39.71
N ASP A 290 57.77 -33.32 39.49
CA ASP A 290 57.92 -32.32 40.58
C ASP A 290 56.68 -32.43 41.48
N MET A 291 55.47 -32.18 40.96
CA MET A 291 54.26 -32.12 41.82
C MET A 291 53.80 -33.54 42.18
N ALA A 292 54.29 -34.57 41.48
CA ALA A 292 54.11 -36.00 41.85
C ALA A 292 54.58 -36.21 43.30
N VAL A 293 55.84 -35.88 43.57
CA VAL A 293 56.48 -36.01 44.92
C VAL A 293 55.77 -35.07 45.90
N LEU A 294 55.37 -33.87 45.45
CA LEU A 294 54.70 -32.85 46.30
C LEU A 294 53.39 -33.45 46.88
N THR A 295 52.58 -34.05 46.01
CA THR A 295 51.17 -34.50 46.30
C THR A 295 51.14 -35.98 46.71
N GLY A 296 52.32 -36.64 46.80
CA GLY A 296 52.45 -38.07 47.16
C GLY A 296 51.82 -38.98 46.13
N GLY A 297 51.86 -38.55 44.87
CA GLY A 297 51.17 -39.22 43.74
C GLY A 297 52.17 -39.77 42.75
N THR A 298 51.65 -40.29 41.64
CA THR A 298 52.40 -41.06 40.61
C THR A 298 52.11 -40.45 39.23
N VAL A 299 53.13 -40.21 38.41
CA VAL A 299 52.94 -39.76 37.00
C VAL A 299 52.40 -40.96 36.22
N ILE A 300 51.11 -40.95 35.90
CA ILE A 300 50.49 -42.02 35.06
C ILE A 300 50.99 -41.77 33.63
N SER A 301 52.17 -42.31 33.31
CA SER A 301 52.85 -42.17 32.00
C SER A 301 52.96 -43.54 31.32
N GLU A 302 52.84 -43.54 29.98
CA GLU A 302 52.95 -44.75 29.12
C GLU A 302 54.33 -45.38 29.27
N GLU A 303 55.32 -44.61 29.72
CA GLU A 303 56.76 -45.02 29.78
C GLU A 303 57.13 -45.54 31.17
N VAL A 304 56.16 -45.98 31.98
CA VAL A 304 56.41 -46.87 33.15
C VAL A 304 55.37 -48.00 33.14
N GLY A 305 54.83 -48.31 31.96
CA GLY A 305 53.88 -49.42 31.74
C GLY A 305 52.60 -49.25 32.54
N LEU A 306 51.92 -48.11 32.38
CA LEU A 306 50.52 -47.89 32.84
C LEU A 306 49.98 -46.59 32.24
N ALA A 307 48.85 -46.68 31.54
CA ALA A 307 47.97 -45.55 31.16
C ALA A 307 46.77 -45.54 32.10
N LEU A 308 46.03 -44.43 32.10
CA LEU A 308 44.94 -44.14 33.09
C LEU A 308 43.83 -45.19 32.98
N GLU A 309 43.78 -45.97 31.88
CA GLU A 309 42.97 -47.20 31.76
C GLU A 309 43.19 -48.06 33.01
N LYS A 310 44.46 -48.29 33.34
CA LYS A 310 44.93 -48.96 34.58
C LYS A 310 45.46 -47.90 35.56
N ALA A 311 44.67 -47.56 36.57
CA ALA A 311 45.03 -46.58 37.62
C ALA A 311 43.94 -46.53 38.69
N THR A 312 44.06 -47.36 39.74
CA THR A 312 43.29 -47.19 41.00
C THR A 312 43.74 -45.88 41.64
N ILE A 313 42.87 -45.26 42.42
CA ILE A 313 43.16 -44.03 43.22
C ILE A 313 44.50 -44.18 43.96
N LYS A 314 44.88 -45.40 44.35
CA LYS A 314 46.24 -45.76 44.83
C LYS A 314 47.28 -44.82 44.18
N ASP A 315 47.21 -44.67 42.84
CA ASP A 315 48.27 -44.03 41.99
C ASP A 315 48.03 -42.52 41.84
N LEU A 316 47.09 -41.93 42.60
CA LEU A 316 46.76 -40.48 42.53
C LEU A 316 47.51 -39.71 43.61
N GLY A 317 47.91 -38.47 43.30
CA GLY A 317 48.32 -37.47 44.30
C GLY A 317 47.13 -37.05 45.15
N ARG A 318 47.40 -36.29 46.20
CA ARG A 318 46.38 -35.84 47.20
C ARG A 318 46.85 -34.52 47.81
N ALA A 319 45.93 -33.71 48.34
CA ALA A 319 46.20 -32.39 48.94
C ALA A 319 45.00 -31.95 49.78
N LYS A 320 45.19 -30.96 50.66
CA LYS A 320 44.14 -30.48 51.60
C LYS A 320 43.18 -29.51 50.89
N LYS A 321 43.69 -28.73 49.93
CA LYS A 321 42.84 -27.84 49.08
C LYS A 321 43.62 -27.51 47.80
N VAL A 322 42.93 -27.48 46.66
CA VAL A 322 43.43 -26.82 45.41
C VAL A 322 42.45 -25.70 45.05
N GLN A 323 42.92 -24.68 44.34
CA GLN A 323 42.06 -23.69 43.65
C GLN A 323 42.72 -23.29 42.33
N VAL A 324 41.91 -23.19 41.28
CA VAL A 324 42.37 -22.84 39.90
C VAL A 324 41.58 -21.62 39.42
N SER A 325 42.28 -20.56 38.99
CA SER A 325 41.73 -19.32 38.39
C SER A 325 41.65 -19.48 36.87
N LYS A 326 41.40 -18.37 36.18
CA LYS A 326 41.48 -18.27 34.70
C LYS A 326 42.85 -18.79 34.25
N GLU A 327 43.94 -18.32 34.87
CA GLU A 327 45.32 -18.46 34.32
C GLU A 327 46.29 -18.90 35.43
N ASN A 328 45.81 -19.70 36.39
CA ASN A 328 46.52 -19.98 37.66
C ASN A 328 45.96 -21.22 38.35
N THR A 329 46.81 -22.18 38.70
CA THR A 329 46.47 -23.35 39.57
C THR A 329 47.36 -23.30 40.82
N THR A 330 46.82 -23.60 42.00
CA THR A 330 47.60 -23.55 43.28
C THR A 330 47.21 -24.73 44.18
N ILE A 331 48.21 -25.45 44.70
CA ILE A 331 48.06 -26.74 45.45
C ILE A 331 48.48 -26.54 46.91
N ILE A 332 47.57 -26.73 47.86
CA ILE A 332 47.75 -26.36 49.30
C ILE A 332 47.79 -27.64 50.16
N ASP A 333 48.89 -27.82 50.91
CA ASP A 333 49.22 -28.97 51.81
C ASP A 333 49.31 -30.26 51.00
N GLY A 334 50.50 -30.53 50.43
CA GLY A 334 50.80 -31.74 49.66
C GLY A 334 50.97 -32.95 50.55
N ALA A 335 50.08 -33.94 50.44
CA ALA A 335 50.01 -35.17 51.27
C ALA A 335 51.37 -35.89 51.30
N GLY A 336 52.21 -35.70 50.27
CA GLY A 336 53.58 -36.23 50.18
C GLY A 336 54.41 -35.87 51.40
N ASP A 337 55.60 -36.45 51.54
CA ASP A 337 56.43 -36.32 52.78
C ASP A 337 57.62 -35.38 52.55
N SER A 338 58.08 -34.73 53.63
CA SER A 338 59.20 -33.75 53.69
C SER A 338 60.46 -34.34 53.07
N ALA A 339 60.97 -35.45 53.62
CA ALA A 339 62.19 -36.16 53.18
C ALA A 339 62.19 -36.29 51.66
N ALA A 340 61.10 -36.81 51.10
CA ALA A 340 60.90 -37.03 49.64
C ALA A 340 61.01 -35.69 48.89
N ILE A 341 60.36 -34.65 49.42
CA ILE A 341 60.40 -33.26 48.86
C ILE A 341 61.86 -32.79 48.83
N GLU A 342 62.51 -32.66 49.99
CA GLU A 342 63.88 -32.08 50.11
C GLU A 342 64.89 -33.02 49.43
N SER A 343 64.69 -34.33 49.50
CA SER A 343 65.47 -35.33 48.71
C SER A 343 65.46 -34.89 47.25
N ARG A 344 64.27 -34.79 46.68
CA ARG A 344 64.02 -34.40 45.26
C ARG A 344 64.77 -33.09 44.95
N VAL A 345 64.66 -32.09 45.84
CA VAL A 345 65.25 -30.72 45.64
C VAL A 345 66.76 -30.85 45.48
N GLY A 346 67.43 -31.51 46.44
CA GLY A 346 68.89 -31.78 46.40
C GLY A 346 69.34 -32.35 45.07
N GLN A 347 68.58 -33.32 44.52
CA GLN A 347 68.84 -34.00 43.22
C GLN A 347 68.92 -32.96 42.10
N ILE A 348 68.35 -31.77 42.33
CA ILE A 348 68.31 -30.65 41.34
C ILE A 348 69.49 -29.71 41.63
N LYS A 349 69.68 -29.28 42.87
CA LYS A 349 70.84 -28.43 43.25
C LYS A 349 72.14 -29.00 42.65
N THR A 350 72.20 -30.32 42.42
CA THR A 350 73.34 -31.03 41.76
C THR A 350 73.13 -31.14 40.24
N GLN A 351 71.98 -30.67 39.75
CA GLN A 351 71.70 -30.44 38.31
C GLN A 351 72.18 -29.04 37.90
N ILE A 352 72.13 -28.09 38.84
CA ILE A 352 72.60 -26.69 38.61
C ILE A 352 74.12 -26.73 38.44
N GLU A 353 74.80 -27.56 39.25
CA GLU A 353 76.27 -27.79 39.19
C GLU A 353 76.66 -28.22 37.76
N ASP A 354 75.89 -29.13 37.17
CA ASP A 354 76.26 -29.84 35.91
C ASP A 354 75.94 -29.00 34.67
N THR A 355 74.91 -28.15 34.71
CA THR A 355 74.50 -27.31 33.55
C THR A 355 75.61 -26.28 33.26
N SER A 356 76.25 -26.39 32.10
CA SER A 356 77.20 -25.39 31.52
C SER A 356 76.44 -24.41 30.63
N SER A 357 75.10 -24.49 30.63
CA SER A 357 74.16 -23.46 30.13
C SER A 357 73.99 -22.37 31.19
N ASP A 358 73.02 -21.46 31.01
CA ASP A 358 72.69 -20.41 32.01
C ASP A 358 71.21 -20.00 31.92
N TYR A 359 70.51 -20.40 30.85
CA TYR A 359 69.02 -20.32 30.77
C TYR A 359 68.43 -21.46 31.60
N ASP A 360 68.95 -22.67 31.39
CA ASP A 360 68.54 -23.89 32.15
C ASP A 360 68.90 -23.73 33.63
N ARG A 361 70.05 -23.13 33.91
CA ARG A 361 70.49 -22.81 35.31
C ARG A 361 69.35 -22.10 36.04
N GLU A 362 68.66 -21.14 35.39
CA GLU A 362 67.56 -20.35 36.00
C GLU A 362 66.31 -21.23 36.11
N LYS A 363 66.07 -22.06 35.10
CA LYS A 363 64.85 -22.91 34.99
C LYS A 363 64.82 -23.94 36.12
N LEU A 364 66.00 -24.34 36.61
CA LEU A 364 66.10 -25.31 37.73
C LEU A 364 65.92 -24.57 39.07
N GLN A 365 66.56 -23.41 39.24
CA GLN A 365 66.39 -22.55 40.46
C GLN A 365 64.90 -22.20 40.62
N GLU A 366 64.18 -22.04 39.50
CA GLU A 366 62.72 -21.78 39.49
C GLU A 366 61.99 -22.93 40.20
N ARG A 367 62.34 -24.17 39.87
CA ARG A 367 61.65 -25.40 40.37
C ARG A 367 61.92 -25.59 41.87
N VAL A 368 63.16 -25.37 42.34
CA VAL A 368 63.53 -25.58 43.77
C VAL A 368 62.78 -24.56 44.64
N ALA A 369 62.58 -23.34 44.12
CA ALA A 369 61.74 -22.30 44.74
C ALA A 369 60.33 -22.86 44.97
N LYS A 370 59.62 -23.21 43.90
CA LYS A 370 58.24 -23.77 43.97
C LYS A 370 58.16 -24.84 45.05
N LEU A 371 59.07 -25.81 44.99
CA LEU A 371 58.99 -27.10 45.74
C LEU A 371 59.27 -26.83 47.23
N ALA A 372 60.51 -26.51 47.57
CA ALA A 372 60.93 -26.15 48.95
C ALA A 372 60.80 -24.64 49.12
N GLY A 373 59.56 -24.14 49.21
CA GLY A 373 59.27 -22.69 49.33
C GLY A 373 57.82 -22.40 49.64
N GLY A 374 56.95 -23.36 49.36
CA GLY A 374 55.60 -23.47 49.94
C GLY A 374 54.71 -22.30 49.61
N VAL A 375 53.68 -22.11 50.44
CA VAL A 375 52.45 -21.33 50.16
C VAL A 375 52.02 -20.66 51.46
N ALA A 376 52.16 -19.34 51.56
CA ALA A 376 51.45 -18.53 52.57
C ALA A 376 49.96 -18.61 52.26
N VAL A 377 49.12 -18.56 53.29
CA VAL A 377 47.63 -18.68 53.16
C VAL A 377 47.01 -17.68 54.12
N ILE A 378 46.13 -16.81 53.62
CA ILE A 378 45.38 -15.83 54.45
C ILE A 378 43.95 -16.34 54.65
N LYS A 379 43.67 -16.94 55.81
CA LYS A 379 42.29 -17.25 56.27
C LYS A 379 41.72 -15.94 56.84
N VAL A 380 40.45 -15.62 56.53
CA VAL A 380 39.88 -14.25 56.68
C VAL A 380 38.91 -14.22 57.86
N GLY A 381 38.91 -13.10 58.61
CA GLY A 381 37.94 -12.78 59.68
C GLY A 381 36.53 -12.72 59.13
N ALA A 382 35.60 -12.06 59.85
CA ALA A 382 34.15 -12.11 59.50
C ALA A 382 33.30 -11.22 60.41
N SER A 383 32.74 -11.80 61.47
CA SER A 383 31.53 -11.30 62.20
C SER A 383 30.36 -11.30 61.22
N THR A 384 29.66 -12.44 61.13
CA THR A 384 28.62 -12.79 60.11
C THR A 384 29.29 -13.28 58.81
N GLU A 385 28.52 -13.97 57.96
CA GLU A 385 29.01 -14.66 56.75
C GLU A 385 28.93 -13.72 55.53
N ILE A 386 27.88 -12.91 55.42
CA ILE A 386 27.72 -11.90 54.32
C ILE A 386 28.93 -10.97 54.31
N GLU A 387 29.42 -10.57 55.48
CA GLU A 387 30.62 -9.69 55.62
C GLU A 387 31.85 -10.48 55.18
N MET A 388 32.08 -11.66 55.75
CA MET A 388 33.21 -12.57 55.39
C MET A 388 33.25 -12.79 53.88
N LYS A 389 32.09 -13.04 53.26
CA LYS A 389 31.92 -13.27 51.81
C LYS A 389 32.48 -12.07 51.02
N GLU A 390 32.10 -10.87 51.47
CA GLU A 390 32.44 -9.57 50.83
C GLU A 390 33.92 -9.25 51.10
N LYS A 391 34.33 -9.26 52.38
CA LYS A 391 35.71 -8.91 52.84
C LYS A 391 36.74 -9.70 52.03
N LYS A 392 36.49 -10.99 51.79
CA LYS A 392 37.44 -11.88 51.09
C LYS A 392 37.79 -11.31 49.70
N ALA A 393 36.80 -10.80 48.97
CA ALA A 393 36.96 -10.24 47.61
C ALA A 393 37.88 -9.01 47.67
N ARG A 394 37.62 -8.13 48.64
CA ARG A 394 38.50 -6.96 48.93
C ARG A 394 39.95 -7.47 48.98
N VAL A 395 40.25 -8.36 49.94
CA VAL A 395 41.65 -8.86 50.22
C VAL A 395 42.28 -9.34 48.90
N GLU A 396 41.52 -10.07 48.10
CA GLU A 396 42.01 -10.64 46.80
C GLU A 396 42.42 -9.51 45.86
N ASP A 397 41.65 -8.42 45.82
CA ASP A 397 41.92 -7.24 44.95
C ASP A 397 43.25 -6.60 45.38
N ALA A 398 43.34 -6.32 46.68
CA ALA A 398 44.48 -5.64 47.34
C ALA A 398 45.75 -6.50 47.20
N LEU A 399 45.58 -7.82 47.22
CA LEU A 399 46.69 -8.78 47.05
C LEU A 399 47.24 -8.64 45.62
N HIS A 400 46.36 -8.47 44.63
CA HIS A 400 46.72 -8.24 43.20
C HIS A 400 47.40 -6.87 43.08
N ALA A 401 46.76 -5.84 43.65
CA ALA A 401 47.17 -4.41 43.60
C ALA A 401 48.57 -4.29 44.19
N THR A 402 48.73 -4.73 45.45
CA THR A 402 49.99 -4.75 46.24
C THR A 402 51.09 -5.53 45.52
N ARG A 403 50.75 -6.71 44.98
CA ARG A 403 51.66 -7.60 44.21
C ARG A 403 52.22 -6.85 42.99
N ALA A 404 51.35 -6.20 42.20
CA ALA A 404 51.73 -5.43 40.99
C ALA A 404 52.50 -4.16 41.39
N ALA A 405 52.22 -3.63 42.59
CA ALA A 405 52.87 -2.42 43.14
C ALA A 405 54.33 -2.74 43.49
N VAL A 406 54.61 -4.01 43.79
CA VAL A 406 55.96 -4.47 44.23
C VAL A 406 56.82 -4.75 42.99
N GLU A 407 56.20 -5.12 41.87
CA GLU A 407 56.94 -5.43 40.61
C GLU A 407 57.46 -4.13 39.97
N GLU A 408 56.62 -3.09 39.86
CA GLU A 408 56.90 -1.90 38.99
C GLU A 408 56.61 -0.57 39.70
N GLY A 409 56.21 -0.59 40.97
CA GLY A 409 55.97 0.63 41.74
C GLY A 409 54.55 1.15 41.60
N VAL A 410 54.29 2.34 42.14
CA VAL A 410 52.98 3.04 42.16
C VAL A 410 53.15 4.46 41.57
N VAL A 411 52.09 4.98 40.97
CA VAL A 411 51.97 6.35 40.40
C VAL A 411 50.64 6.95 40.88
N PRO A 412 50.44 8.29 40.81
CA PRO A 412 49.19 8.88 41.28
C PRO A 412 47.96 8.45 40.45
N GLY A 413 46.81 8.34 41.14
CA GLY A 413 45.56 7.82 40.55
C GLY A 413 44.84 8.88 39.73
N GLY A 414 43.53 8.79 39.61
CA GLY A 414 42.72 9.65 38.71
C GLY A 414 43.38 9.82 37.35
N GLY A 415 44.06 8.78 36.86
CA GLY A 415 44.91 8.85 35.65
C GLY A 415 45.52 10.24 35.47
N VAL A 416 46.07 10.81 36.54
CA VAL A 416 46.92 12.04 36.50
C VAL A 416 48.30 11.60 36.02
N ALA A 417 48.70 10.40 36.46
CA ALA A 417 49.90 9.67 35.98
C ALA A 417 50.02 9.87 34.48
N LEU A 418 48.95 9.55 33.75
CA LEU A 418 48.89 9.61 32.26
C LEU A 418 49.09 11.05 31.77
N VAL A 419 48.38 12.05 32.33
CA VAL A 419 48.46 13.47 31.83
C VAL A 419 49.73 14.14 32.37
N ARG A 420 50.55 13.40 33.13
CA ARG A 420 51.91 13.82 33.51
C ARG A 420 52.91 13.25 32.51
N ALA A 421 52.70 12.02 32.03
CA ALA A 421 53.52 11.42 30.96
C ALA A 421 53.35 12.24 29.68
N LEU A 422 52.11 12.70 29.43
CA LEU A 422 51.71 13.70 28.39
C LEU A 422 52.64 14.90 28.38
N VAL A 423 52.35 15.77 29.35
CA VAL A 423 52.82 17.17 29.49
C VAL A 423 54.34 17.09 29.46
N ALA A 424 54.86 15.90 29.80
CA ALA A 424 56.30 15.53 29.82
C ALA A 424 56.73 14.87 28.50
N VAL A 425 56.34 15.45 27.35
CA VAL A 425 56.85 15.02 26.01
C VAL A 425 55.96 15.63 24.92
N GLY A 426 55.61 16.92 25.03
CA GLY A 426 54.76 17.58 24.02
C GLY A 426 55.47 17.64 22.69
N ASN A 427 56.49 18.50 22.59
CA ASN A 427 57.61 18.50 21.61
C ASN A 427 57.41 17.43 20.52
N LEU A 428 57.40 16.16 20.95
CA LEU A 428 57.62 14.92 20.16
C LEU A 428 57.06 15.03 18.74
N THR A 429 57.92 14.76 17.74
CA THR A 429 57.55 14.57 16.31
C THR A 429 58.19 13.28 15.79
N GLY A 430 57.83 12.89 14.56
CA GLY A 430 58.37 11.75 13.81
C GLY A 430 58.52 12.08 12.33
N ALA A 431 58.49 11.08 11.45
CA ALA A 431 58.95 11.15 10.04
C ALA A 431 58.22 12.23 9.23
N ASN A 432 56.88 12.29 9.29
CA ASN A 432 56.04 13.19 8.44
C ASN A 432 54.80 13.63 9.22
N GLU A 433 54.14 14.70 8.75
CA GLU A 433 52.99 15.36 9.44
C GLU A 433 51.95 14.30 9.83
N ASP A 434 51.87 13.20 9.05
CA ASP A 434 51.05 11.99 9.36
C ASP A 434 51.60 11.30 10.61
N GLN A 435 52.82 10.76 10.53
CA GLN A 435 53.49 10.07 11.67
C GLN A 435 53.36 10.90 12.93
N THR A 436 53.57 12.22 12.87
CA THR A 436 53.43 13.06 14.09
C THR A 436 51.95 13.11 14.47
N HIS A 437 51.05 13.27 13.50
CA HIS A 437 49.61 13.48 13.77
C HIS A 437 49.11 12.32 14.64
N GLY A 438 49.60 11.11 14.41
CA GLY A 438 49.36 9.97 15.30
C GLY A 438 49.83 10.28 16.71
N ILE A 439 51.12 10.62 16.83
CA ILE A 439 51.77 11.12 18.08
C ILE A 439 50.79 12.03 18.84
N GLN A 440 50.13 12.95 18.14
CA GLN A 440 49.23 13.99 18.73
C GLN A 440 47.94 13.36 19.25
N ILE A 441 47.29 12.50 18.46
CA ILE A 441 45.96 11.91 18.84
C ILE A 441 46.21 10.88 19.95
N ALA A 442 47.44 10.35 20.01
CA ALA A 442 47.96 9.49 21.11
C ALA A 442 48.00 10.29 22.40
N LEU A 443 48.51 11.52 22.34
CA LEU A 443 48.67 12.42 23.53
C LEU A 443 47.29 12.93 24.01
N ARG A 444 46.37 13.29 23.12
CA ARG A 444 45.03 13.78 23.53
C ARG A 444 44.22 12.66 24.21
N ALA A 445 44.52 11.40 23.90
CA ALA A 445 43.80 10.21 24.44
C ALA A 445 44.13 10.01 25.92
N MET A 446 45.42 10.12 26.25
CA MET A 446 45.94 10.02 27.63
C MET A 446 45.16 10.95 28.57
N GLU A 447 44.59 12.04 28.03
CA GLU A 447 43.72 12.98 28.79
C GLU A 447 42.43 12.26 29.21
N ALA A 448 41.96 11.33 28.40
CA ALA A 448 40.56 10.80 28.43
C ALA A 448 40.19 10.28 29.83
N PRO A 449 41.03 9.43 30.47
CA PRO A 449 40.66 8.83 31.76
C PRO A 449 40.31 9.87 32.84
N LEU A 450 41.15 10.90 32.99
CA LEU A 450 40.85 12.03 33.91
C LEU A 450 39.57 12.72 33.45
N ARG A 451 39.54 13.14 32.18
CA ARG A 451 38.46 13.96 31.58
C ARG A 451 37.08 13.43 31.97
N GLU A 452 36.86 12.12 31.93
CA GLU A 452 35.49 11.58 32.07
C GLU A 452 35.27 11.17 33.55
N ILE A 453 36.32 11.00 34.36
CA ILE A 453 36.18 10.85 35.85
C ILE A 453 35.47 12.11 36.36
N VAL A 454 35.94 13.24 35.86
CA VAL A 454 35.44 14.61 36.12
C VAL A 454 33.97 14.70 35.71
N ALA A 455 33.69 14.38 34.44
CA ALA A 455 32.34 14.44 33.83
C ALA A 455 31.36 13.61 34.67
N ASN A 456 31.75 12.40 35.08
CA ASN A 456 30.90 11.51 35.92
C ASN A 456 30.54 12.24 37.23
N ALA A 457 31.41 13.10 37.75
CA ALA A 457 31.17 13.94 38.94
C ALA A 457 30.29 15.15 38.57
N GLY A 458 30.29 15.53 37.29
CA GLY A 458 29.45 16.62 36.75
C GLY A 458 30.20 17.92 36.77
N GLU A 459 31.44 17.89 36.28
CA GLU A 459 32.41 19.01 36.35
C GLU A 459 32.94 19.34 34.94
N GLU A 460 33.53 20.52 34.74
CA GLU A 460 34.05 20.95 33.42
C GLU A 460 35.41 20.29 33.19
N PRO A 461 35.51 19.30 32.27
CA PRO A 461 36.76 18.55 32.09
C PRO A 461 37.82 19.56 31.64
N SER A 462 37.52 20.24 30.53
CA SER A 462 38.26 21.42 29.99
C SER A 462 39.07 22.11 31.11
N VAL A 463 38.40 22.61 32.15
CA VAL A 463 39.01 23.43 33.24
C VAL A 463 39.90 22.54 34.12
N ILE A 464 39.30 21.60 34.83
CA ILE A 464 39.99 20.76 35.86
C ILE A 464 41.25 20.16 35.23
N LEU A 465 41.17 19.77 33.96
CA LEU A 465 42.28 19.15 33.21
C LEU A 465 43.40 20.17 33.00
N ASN A 466 43.04 21.42 32.72
CA ASN A 466 44.02 22.52 32.54
C ASN A 466 44.73 22.78 33.87
N LYS A 467 43.96 22.91 34.95
CA LYS A 467 44.43 23.24 36.32
C LYS A 467 45.33 22.11 36.86
N VAL A 468 45.52 21.04 36.08
CA VAL A 468 46.32 19.83 36.48
C VAL A 468 47.58 19.74 35.60
N LYS A 469 47.48 19.96 34.29
CA LYS A 469 48.63 19.97 33.35
C LYS A 469 49.57 21.13 33.68
N GLU A 470 49.02 22.18 34.29
CA GLU A 470 49.75 23.41 34.71
C GLU A 470 50.35 23.16 36.10
N GLY A 471 49.92 22.08 36.78
CA GLY A 471 50.49 21.62 38.07
C GLY A 471 51.82 20.92 37.92
N THR A 472 52.22 20.11 38.91
CA THR A 472 53.49 19.33 38.92
C THR A 472 53.37 18.04 39.77
N GLY A 473 54.04 16.97 39.33
CA GLY A 473 54.15 15.69 40.07
C GLY A 473 52.79 15.16 40.48
N ASN A 474 52.69 14.67 41.72
CA ASN A 474 51.48 13.98 42.29
C ASN A 474 50.25 14.89 42.31
N TYR A 475 50.34 16.16 41.90
CA TYR A 475 49.23 17.16 41.98
C TYR A 475 48.11 16.81 41.01
N GLY A 476 46.92 16.45 41.53
CA GLY A 476 45.73 16.09 40.74
C GLY A 476 44.43 16.61 41.33
N TYR A 477 43.31 16.18 40.74
CA TYR A 477 41.92 16.43 41.23
C TYR A 477 41.36 15.14 41.84
N ASN A 478 40.76 15.25 43.02
CA ASN A 478 40.04 14.14 43.72
C ASN A 478 38.53 14.44 43.68
N ALA A 479 37.80 13.72 42.81
CA ALA A 479 36.38 13.99 42.46
C ALA A 479 35.40 13.49 43.52
N ALA A 480 35.88 12.78 44.55
CA ALA A 480 35.07 12.33 45.70
C ALA A 480 34.89 13.49 46.67
N ASN A 481 35.93 14.32 46.74
CA ASN A 481 36.12 15.39 47.77
C ASN A 481 35.61 16.71 47.18
N GLY A 482 36.05 17.00 45.96
CA GLY A 482 35.99 18.32 45.31
C GLY A 482 37.40 18.84 45.10
N GLU A 483 38.26 18.60 46.08
CA GLU A 483 39.53 19.36 46.24
C GLU A 483 40.59 18.86 45.26
N PHE A 484 41.41 19.79 44.78
CA PHE A 484 42.75 19.53 44.19
C PHE A 484 43.72 19.30 45.35
N GLY A 485 44.86 18.67 45.08
CA GLY A 485 45.92 18.42 46.07
C GLY A 485 46.86 17.29 45.67
N ASP A 486 47.83 16.98 46.54
CA ASP A 486 48.79 15.87 46.33
C ASP A 486 47.99 14.56 46.30
N MET A 487 47.84 13.96 45.11
CA MET A 487 46.93 12.81 44.92
C MET A 487 47.31 11.71 45.90
N VAL A 488 48.59 11.65 46.27
CA VAL A 488 49.16 10.51 47.06
C VAL A 488 49.13 10.81 48.56
N GLU A 489 48.81 12.03 49.00
CA GLU A 489 48.46 12.33 50.41
C GLU A 489 46.96 12.08 50.63
N PHE A 490 46.13 12.32 49.61
CA PHE A 490 44.70 11.89 49.58
C PHE A 490 44.62 10.38 49.37
N GLY A 491 45.78 9.71 49.22
CA GLY A 491 45.89 8.24 49.14
C GLY A 491 45.17 7.68 47.92
N ILE A 492 45.34 8.32 46.76
CA ILE A 492 44.77 7.88 45.45
C ILE A 492 45.94 7.51 44.53
N LEU A 493 46.17 6.21 44.31
CA LEU A 493 47.29 5.76 43.46
C LEU A 493 46.93 4.47 42.70
N ASP A 494 47.52 4.32 41.50
CA ASP A 494 47.50 3.11 40.63
C ASP A 494 48.87 2.45 40.72
N PRO A 495 48.97 1.10 40.70
CA PRO A 495 50.21 0.44 40.32
C PRO A 495 50.68 0.89 38.92
N THR A 496 51.96 1.25 38.79
CA THR A 496 52.60 1.61 37.49
C THR A 496 52.24 0.54 36.45
N LYS A 497 52.30 -0.73 36.83
CA LYS A 497 51.95 -1.86 35.93
C LYS A 497 50.56 -1.60 35.34
N VAL A 498 49.51 -1.45 36.17
CA VAL A 498 48.11 -1.29 35.67
C VAL A 498 48.05 -0.10 34.69
N THR A 499 48.64 1.05 35.01
CA THR A 499 48.57 2.28 34.16
C THR A 499 49.38 2.09 32.87
N ARG A 500 50.48 1.34 32.90
CA ARG A 500 51.34 1.11 31.72
C ARG A 500 50.70 0.08 30.79
N SER A 501 49.93 -0.84 31.37
CA SER A 501 49.35 -1.99 30.63
C SER A 501 48.06 -1.60 29.92
N ALA A 502 47.23 -0.75 30.56
CA ALA A 502 46.06 -0.08 29.91
C ALA A 502 46.55 0.58 28.61
N LEU A 503 47.51 1.51 28.72
CA LEU A 503 48.12 2.27 27.59
C LEU A 503 48.62 1.29 26.52
N GLN A 504 49.60 0.45 26.83
CA GLN A 504 50.30 -0.44 25.85
C GLN A 504 49.28 -1.28 25.06
N ASN A 505 48.24 -1.80 25.74
CA ASN A 505 47.18 -2.66 25.14
C ASN A 505 46.25 -1.82 24.26
N ALA A 506 45.55 -0.87 24.87
CA ALA A 506 44.57 0.03 24.20
C ALA A 506 45.13 0.59 22.89
N ALA A 507 46.46 0.66 22.72
CA ALA A 507 47.15 1.25 21.55
C ALA A 507 47.70 0.15 20.62
N SER A 508 47.89 -1.05 21.16
CA SER A 508 48.16 -2.29 20.39
C SER A 508 46.94 -2.64 19.54
N ILE A 509 45.73 -2.41 20.06
CA ILE A 509 44.45 -2.76 19.37
C ILE A 509 44.04 -1.64 18.41
N ALA A 510 44.14 -0.37 18.84
CA ALA A 510 43.78 0.83 18.05
C ALA A 510 44.66 0.90 16.80
N GLY A 511 45.95 0.59 16.97
CA GLY A 511 46.89 0.38 15.85
C GLY A 511 46.31 -0.56 14.80
N LEU A 512 45.71 -1.66 15.24
CA LEU A 512 45.16 -2.72 14.33
C LEU A 512 43.86 -2.25 13.69
N MET A 513 42.99 -1.58 14.44
CA MET A 513 41.64 -1.16 13.94
C MET A 513 41.83 -0.07 12.87
N ILE A 514 42.66 0.93 13.17
CA ILE A 514 43.08 2.03 12.24
C ILE A 514 43.73 1.49 10.96
N THR A 515 44.22 0.25 10.94
CA THR A 515 44.91 -0.38 9.77
C THR A 515 44.15 -1.62 9.32
N THR A 516 42.82 -1.55 9.31
CA THR A 516 41.89 -2.63 8.86
C THR A 516 41.19 -2.16 7.58
N GLU A 517 41.39 -2.88 6.46
CA GLU A 517 40.77 -2.54 5.13
C GLU A 517 39.43 -3.27 4.96
N ALA A 518 39.29 -4.49 5.49
CA ALA A 518 38.17 -5.41 5.19
C ALA A 518 37.79 -6.27 6.39
N MET A 519 36.50 -6.58 6.52
CA MET A 519 35.91 -7.48 7.57
C MET A 519 35.04 -8.56 6.91
N VAL A 520 34.69 -9.59 7.67
CA VAL A 520 34.02 -10.83 7.19
C VAL A 520 33.16 -11.36 8.36
N ALA A 521 31.89 -11.64 8.11
CA ALA A 521 30.88 -11.95 9.15
C ALA A 521 29.83 -12.89 8.59
N ASP A 522 29.27 -13.77 9.42
CA ASP A 522 28.16 -14.68 9.00
C ASP A 522 26.89 -13.85 8.77
N ALA A 523 26.37 -13.87 7.53
CA ALA A 523 25.18 -13.11 7.08
C ALA A 523 24.01 -13.43 7.99
N PRO A 524 23.32 -12.42 8.60
CA PRO A 524 22.37 -12.68 9.68
C PRO A 524 21.11 -13.38 9.13
N LYS A 525 21.22 -14.70 8.90
CA LYS A 525 20.24 -15.54 8.15
C LYS A 525 19.51 -16.48 9.11
N ALA B 1 9.65 35.49 2.80
CA ALA B 1 10.15 34.40 1.91
C ALA B 1 10.73 33.26 2.76
N ALA B 2 9.85 32.53 3.47
CA ALA B 2 10.20 31.38 4.35
C ALA B 2 11.52 30.76 3.89
N LYS B 3 12.61 31.06 4.59
CA LYS B 3 13.99 30.65 4.22
C LYS B 3 14.28 29.23 4.71
N ASP B 4 15.17 28.54 4.00
CA ASP B 4 15.71 27.19 4.34
C ASP B 4 17.16 27.36 4.79
N ILE B 5 17.49 27.05 6.05
CA ILE B 5 18.84 27.36 6.63
C ILE B 5 19.53 26.07 7.11
N ARG B 6 20.85 25.98 6.94
CA ARG B 6 21.65 24.73 7.13
C ARG B 6 23.06 25.04 7.63
N PHE B 7 23.71 24.10 8.34
CA PHE B 7 24.89 24.35 9.21
C PHE B 7 25.99 23.28 9.10
N GLY B 8 27.22 23.68 9.39
CA GLY B 8 28.34 22.77 9.72
C GLY B 8 28.71 21.87 8.55
N GLU B 9 29.12 20.64 8.84
CA GLU B 9 29.47 19.61 7.83
C GLU B 9 28.32 19.53 6.82
N ASP B 10 27.06 19.62 7.29
CA ASP B 10 25.85 19.54 6.43
C ASP B 10 25.93 20.56 5.30
N ALA B 11 26.08 21.85 5.64
CA ALA B 11 26.03 23.01 4.72
C ALA B 11 27.29 23.06 3.84
N ARG B 12 28.46 22.82 4.45
CA ARG B 12 29.75 22.74 3.71
C ARG B 12 29.67 21.60 2.69
N THR B 13 29.34 20.41 3.18
CA THR B 13 29.21 19.13 2.43
C THR B 13 28.50 19.31 1.09
N ARG B 14 27.48 20.16 1.02
CA ARG B 14 26.69 20.39 -0.22
C ARG B 14 27.44 21.38 -1.10
N MET B 15 27.86 22.49 -0.52
CA MET B 15 28.69 23.51 -1.21
C MET B 15 29.77 22.80 -2.04
N VAL B 16 30.39 21.75 -1.49
CA VAL B 16 31.57 21.12 -2.16
C VAL B 16 31.08 20.12 -3.22
N ARG B 17 29.92 19.47 -3.02
CA ARG B 17 29.24 18.67 -4.08
C ARG B 17 28.92 19.58 -5.27
N GLY B 18 28.60 20.84 -5.00
CA GLY B 18 28.39 21.90 -6.00
C GLY B 18 29.61 22.15 -6.87
N VAL B 19 30.74 22.53 -6.25
CA VAL B 19 32.00 22.87 -7.00
C VAL B 19 32.48 21.61 -7.73
N ASN B 20 32.26 20.42 -7.17
CA ASN B 20 32.66 19.16 -7.84
C ASN B 20 31.82 19.00 -9.13
N VAL B 21 30.54 19.36 -9.13
CA VAL B 21 29.68 19.22 -10.35
C VAL B 21 30.05 20.32 -11.35
N LEU B 22 30.63 21.43 -10.87
CA LEU B 22 31.05 22.56 -11.75
C LEU B 22 32.41 22.24 -12.37
N ALA B 23 33.43 22.04 -11.54
CA ALA B 23 34.84 21.88 -11.96
C ALA B 23 34.94 20.70 -12.94
N ASN B 24 34.34 19.55 -12.59
CA ASN B 24 34.42 18.32 -13.41
C ASN B 24 33.88 18.56 -14.82
N ALA B 25 32.88 19.43 -14.94
CA ALA B 25 32.29 19.83 -16.25
C ALA B 25 33.32 20.65 -17.05
N VAL B 26 33.99 21.59 -16.39
CA VAL B 26 34.91 22.57 -17.05
C VAL B 26 36.29 21.90 -17.27
N LYS B 27 36.84 21.20 -16.28
CA LYS B 27 38.22 20.64 -16.34
C LYS B 27 38.34 19.63 -17.50
N ALA B 28 37.21 19.05 -17.92
CA ALA B 28 37.08 18.16 -19.10
C ALA B 28 37.70 18.83 -20.34
N THR B 29 37.63 20.17 -20.42
CA THR B 29 37.97 20.97 -21.62
C THR B 29 39.45 21.37 -21.62
N LEU B 30 40.18 21.07 -20.54
CA LEU B 30 41.50 21.68 -20.25
C LEU B 30 42.59 21.14 -21.18
N GLY B 31 43.54 22.01 -21.51
CA GLY B 31 44.80 21.66 -22.19
C GLY B 31 44.55 21.33 -23.66
N PRO B 32 45.55 20.72 -24.33
CA PRO B 32 45.52 20.50 -25.77
C PRO B 32 44.89 19.16 -26.17
N LYS B 33 44.56 18.32 -25.18
CA LYS B 33 43.87 17.02 -25.39
C LYS B 33 42.45 17.14 -24.82
N GLY B 34 42.02 18.38 -24.57
CA GLY B 34 40.75 18.72 -23.90
C GLY B 34 39.56 18.04 -24.55
N ARG B 35 38.68 17.47 -23.75
CA ARG B 35 37.51 16.67 -24.22
C ARG B 35 36.33 17.61 -24.47
N ASN B 36 35.40 17.15 -25.29
CA ASN B 36 34.21 17.91 -25.75
C ASN B 36 33.16 17.90 -24.62
N VAL B 37 32.40 18.99 -24.51
CA VAL B 37 31.20 19.09 -23.62
C VAL B 37 30.01 19.58 -24.43
N VAL B 38 28.88 18.87 -24.35
CA VAL B 38 27.73 19.00 -25.28
C VAL B 38 26.59 19.69 -24.54
N LEU B 39 26.18 20.87 -24.99
CA LEU B 39 25.23 21.78 -24.30
C LEU B 39 23.92 21.89 -25.10
N GLU B 40 22.79 21.50 -24.50
CA GLU B 40 21.42 21.68 -25.03
C GLU B 40 21.22 23.14 -25.49
N LYS B 41 20.35 23.32 -26.49
CA LYS B 41 19.77 24.63 -26.87
C LYS B 41 18.25 24.46 -26.89
N SER B 42 17.50 25.44 -26.37
CA SER B 42 16.01 25.39 -26.33
C SER B 42 15.42 25.40 -27.74
N PHE B 43 16.19 25.85 -28.73
CA PHE B 43 15.89 25.69 -30.19
C PHE B 43 17.12 25.08 -30.88
N GLY B 44 17.18 25.12 -32.21
CA GLY B 44 18.37 24.68 -33.00
C GLY B 44 18.83 23.27 -32.62
N ALA B 45 20.15 23.06 -32.56
CA ALA B 45 20.79 21.76 -32.25
C ALA B 45 21.99 21.97 -31.32
N PRO B 46 22.30 21.01 -30.42
CA PRO B 46 23.23 21.24 -29.31
C PRO B 46 24.65 21.68 -29.69
N THR B 47 25.21 22.62 -28.91
CA THR B 47 26.63 23.06 -28.98
C THR B 47 27.56 21.94 -28.54
N ILE B 48 28.73 21.82 -29.19
CA ILE B 48 29.89 20.98 -28.75
C ILE B 48 31.09 21.93 -28.64
N THR B 49 31.88 21.84 -27.57
CA THR B 49 32.87 22.90 -27.20
C THR B 49 34.02 22.32 -26.35
N LYS B 50 35.20 22.91 -26.50
CA LYS B 50 36.37 22.73 -25.58
C LYS B 50 36.65 24.03 -24.83
N ASP B 51 35.68 24.96 -24.88
CA ASP B 51 35.73 26.28 -24.18
C ASP B 51 35.06 26.15 -22.82
N GLY B 52 35.85 25.73 -21.81
CA GLY B 52 35.44 25.68 -20.40
C GLY B 52 34.85 27.00 -19.88
N VAL B 53 35.05 28.10 -20.59
CA VAL B 53 34.39 29.39 -20.21
C VAL B 53 32.89 29.26 -20.51
N SER B 54 32.57 28.87 -21.75
CA SER B 54 31.19 28.75 -22.29
C SER B 54 30.43 27.66 -21.57
N VAL B 55 31.14 26.64 -21.07
CA VAL B 55 30.54 25.53 -20.29
C VAL B 55 30.15 26.08 -18.92
N ALA B 56 31.09 26.78 -18.29
CA ALA B 56 30.92 27.40 -16.95
C ALA B 56 29.66 28.26 -16.97
N LYS B 57 29.47 29.03 -18.04
CA LYS B 57 28.35 30.01 -18.18
C LYS B 57 27.01 29.28 -17.96
N GLU B 58 26.92 28.04 -18.41
CA GLU B 58 25.64 27.28 -18.59
C GLU B 58 25.32 26.46 -17.33
N ILE B 59 26.26 26.28 -16.41
CA ILE B 59 26.07 25.36 -15.25
C ILE B 59 25.23 26.08 -14.17
N GLU B 60 24.29 25.34 -13.59
CA GLU B 60 23.27 25.85 -12.65
C GLU B 60 22.53 24.62 -12.12
N LEU B 61 22.44 24.47 -10.80
CA LEU B 61 22.00 23.18 -10.19
C LEU B 61 20.62 23.34 -9.54
N ALA B 62 19.97 22.21 -9.28
CA ALA B 62 18.66 22.09 -8.59
C ALA B 62 18.82 22.57 -7.14
N ASP B 63 19.54 21.80 -6.31
CA ASP B 63 19.59 21.99 -4.83
C ASP B 63 20.22 23.35 -4.54
N LYS B 64 19.47 24.21 -3.85
CA LYS B 64 19.76 25.67 -3.74
C LYS B 64 21.12 25.86 -3.06
N PHE B 65 21.54 24.91 -2.22
CA PHE B 65 22.86 24.90 -1.55
C PHE B 65 23.92 24.49 -2.59
N GLU B 66 23.85 23.25 -3.07
CA GLU B 66 24.73 22.73 -4.17
C GLU B 66 24.97 23.84 -5.20
N ASN B 67 23.93 24.61 -5.55
CA ASN B 67 24.01 25.68 -6.58
C ASN B 67 24.87 26.83 -6.04
N MET B 68 24.58 27.35 -4.84
CA MET B 68 25.37 28.44 -4.20
C MET B 68 26.85 28.06 -4.26
N GLY B 69 27.14 26.79 -3.98
CA GLY B 69 28.48 26.19 -4.15
C GLY B 69 29.04 26.51 -5.52
N ALA B 70 28.38 26.02 -6.56
CA ALA B 70 28.72 26.29 -8.00
C ALA B 70 28.91 27.79 -8.23
N GLN B 71 27.94 28.60 -7.83
CA GLN B 71 27.90 30.04 -8.19
C GLN B 71 29.02 30.77 -7.45
N MET B 72 29.40 30.33 -6.24
CA MET B 72 30.45 31.00 -5.41
C MET B 72 31.80 30.96 -6.14
N VAL B 73 32.26 29.78 -6.53
CA VAL B 73 33.54 29.55 -7.30
C VAL B 73 33.39 30.15 -8.70
N LYS B 74 32.25 29.92 -9.34
CA LYS B 74 32.00 30.40 -10.73
C LYS B 74 32.29 31.90 -10.79
N GLU B 75 31.94 32.66 -9.74
CA GLU B 75 32.08 34.14 -9.61
C GLU B 75 33.55 34.56 -9.63
N VAL B 76 34.38 33.95 -8.77
CA VAL B 76 35.78 34.40 -8.54
C VAL B 76 36.66 33.89 -9.67
N ALA B 77 36.47 32.64 -10.11
CA ALA B 77 37.17 32.08 -11.30
C ALA B 77 36.97 33.06 -12.46
N SER B 78 35.74 33.52 -12.65
CA SER B 78 35.32 34.48 -13.72
C SER B 78 36.15 35.77 -13.66
N LYS B 79 36.68 36.13 -12.49
CA LYS B 79 37.42 37.40 -12.30
C LYS B 79 38.78 37.34 -13.03
N THR B 80 39.38 36.16 -13.23
CA THR B 80 40.69 36.01 -13.94
C THR B 80 40.49 35.94 -15.46
N ASN B 81 39.29 36.27 -15.95
CA ASN B 81 39.02 36.64 -17.37
C ASN B 81 38.93 38.16 -17.45
N ASP B 82 38.16 38.77 -16.54
CA ASP B 82 37.87 40.23 -16.47
C ASP B 82 38.89 40.93 -15.56
N ASN B 83 40.02 40.27 -15.26
CA ASN B 83 41.17 40.80 -14.46
C ASN B 83 42.46 40.68 -15.28
N ALA B 84 42.74 39.49 -15.84
CA ALA B 84 44.00 39.14 -16.53
C ALA B 84 43.77 38.16 -17.69
N GLY B 85 43.04 38.59 -18.73
CA GLY B 85 42.87 37.85 -20.00
C GLY B 85 42.07 36.56 -19.86
N ASP B 86 42.74 35.41 -19.76
CA ASP B 86 42.16 34.04 -19.90
C ASP B 86 42.60 33.15 -18.71
N GLY B 87 42.25 31.86 -18.74
CA GLY B 87 42.65 30.85 -17.74
C GLY B 87 41.67 30.73 -16.57
N THR B 88 40.41 31.11 -16.76
CA THR B 88 39.31 30.91 -15.78
C THR B 88 39.23 29.43 -15.43
N THR B 89 39.46 28.57 -16.43
CA THR B 89 39.37 27.09 -16.30
C THR B 89 40.38 26.65 -15.22
N THR B 90 41.66 26.97 -15.44
CA THR B 90 42.81 26.68 -14.54
C THR B 90 42.43 27.05 -13.10
N ALA B 91 41.84 28.23 -12.89
CA ALA B 91 41.46 28.80 -11.57
C ALA B 91 40.34 27.99 -10.91
N THR B 92 39.35 27.54 -11.69
CA THR B 92 38.26 26.63 -11.21
C THR B 92 38.87 25.36 -10.58
N VAL B 93 39.85 24.74 -11.27
CA VAL B 93 40.41 23.39 -10.91
C VAL B 93 41.46 23.51 -9.80
N LEU B 94 41.92 24.71 -9.45
CA LEU B 94 42.68 24.92 -8.19
C LEU B 94 41.66 25.03 -7.05
N ALA B 95 40.67 25.92 -7.25
CA ALA B 95 39.58 26.15 -6.28
C ALA B 95 39.00 24.79 -5.86
N GLN B 96 38.78 23.91 -6.83
CA GLN B 96 38.22 22.56 -6.57
C GLN B 96 39.21 21.75 -5.72
N ALA B 97 40.50 21.74 -6.10
CA ALA B 97 41.56 20.96 -5.42
C ALA B 97 41.82 21.47 -3.99
N LEU B 98 41.54 22.75 -3.73
CA LEU B 98 41.72 23.38 -2.39
C LEU B 98 40.50 23.06 -1.49
N ILE B 99 39.29 23.10 -2.07
CA ILE B 99 37.98 23.03 -1.34
C ILE B 99 37.72 21.55 -0.94
N ARG B 100 38.01 20.60 -1.82
CA ARG B 100 37.83 19.16 -1.56
C ARG B 100 38.68 18.77 -0.34
N GLU B 101 40.00 19.00 -0.41
CA GLU B 101 40.97 18.64 0.66
C GLU B 101 40.71 19.48 1.92
N GLY B 102 40.30 20.73 1.73
CA GLY B 102 39.94 21.67 2.81
C GLY B 102 38.80 21.14 3.65
N ALA B 103 37.63 20.93 3.05
CA ALA B 103 36.42 20.41 3.74
C ALA B 103 36.73 19.07 4.44
N LYS B 104 37.46 18.17 3.78
CA LYS B 104 37.94 16.85 4.30
C LYS B 104 38.64 17.01 5.65
N ALA B 105 39.47 18.05 5.76
CA ALA B 105 40.45 18.25 6.87
C ALA B 105 39.84 19.15 7.94
N VAL B 106 38.89 20.02 7.57
CA VAL B 106 37.99 20.75 8.51
C VAL B 106 37.13 19.71 9.23
N ALA B 107 36.65 18.72 8.49
CA ALA B 107 35.76 17.65 8.99
C ALA B 107 36.58 16.76 9.94
N ALA B 108 37.78 16.36 9.52
CA ALA B 108 38.76 15.60 10.33
C ALA B 108 38.83 16.23 11.73
N GLY B 109 38.77 17.56 11.78
CA GLY B 109 38.53 18.33 13.02
C GLY B 109 39.65 19.31 13.28
N MET B 110 40.08 20.03 12.25
CA MET B 110 41.19 21.02 12.34
C MET B 110 40.59 22.43 12.27
N ASN B 111 41.22 23.37 12.98
CA ASN B 111 40.74 24.78 13.07
C ASN B 111 40.62 25.32 11.64
N PRO B 112 39.40 25.66 11.16
CA PRO B 112 39.23 26.30 9.85
C PRO B 112 40.08 27.57 9.70
N MET B 113 40.02 28.47 10.68
CA MET B 113 40.68 29.79 10.58
C MET B 113 42.20 29.59 10.46
N ASP B 114 42.73 28.44 10.88
CA ASP B 114 44.18 28.07 10.78
C ASP B 114 44.50 27.51 9.39
N LEU B 115 43.70 26.55 8.89
CA LEU B 115 43.89 26.00 7.52
C LEU B 115 43.98 27.18 6.57
N LYS B 116 43.05 28.12 6.71
CA LYS B 116 42.91 29.28 5.79
C LYS B 116 44.17 30.12 5.82
N ARG B 117 44.72 30.37 7.01
CA ARG B 117 45.97 31.17 7.16
C ARG B 117 47.10 30.42 6.47
N GLY B 118 47.11 29.09 6.63
CA GLY B 118 48.12 28.19 6.04
C GLY B 118 48.06 28.20 4.54
N ILE B 119 46.90 27.86 4.00
CA ILE B 119 46.61 27.92 2.53
C ILE B 119 47.16 29.24 1.95
N ASP B 120 47.00 30.35 2.68
CA ASP B 120 47.33 31.72 2.18
C ASP B 120 48.83 32.01 2.32
N GLN B 121 49.46 31.52 3.38
CA GLN B 121 50.93 31.63 3.59
C GLN B 121 51.67 31.02 2.39
N ALA B 122 51.21 29.85 1.92
CA ALA B 122 51.89 29.02 0.89
C ALA B 122 51.69 29.61 -0.50
N VAL B 123 50.57 30.30 -0.73
CA VAL B 123 50.26 30.98 -2.03
C VAL B 123 51.17 32.21 -2.16
N LYS B 124 51.18 33.05 -1.13
CA LYS B 124 52.09 34.22 -1.00
C LYS B 124 53.52 33.78 -1.35
N ALA B 125 53.91 32.59 -0.88
CA ALA B 125 55.25 31.99 -1.12
C ALA B 125 55.42 31.64 -2.60
N ALA B 126 54.39 31.07 -3.22
CA ALA B 126 54.41 30.55 -4.61
C ALA B 126 54.47 31.72 -5.60
N VAL B 127 53.79 32.82 -5.30
CA VAL B 127 53.72 34.03 -6.19
C VAL B 127 55.10 34.72 -6.26
N VAL B 128 55.82 34.86 -5.16
CA VAL B 128 57.21 35.44 -5.17
C VAL B 128 58.15 34.45 -5.87
N GLU B 129 57.87 33.15 -5.73
CA GLU B 129 58.69 32.07 -6.35
C GLU B 129 58.36 31.99 -7.85
N LEU B 130 57.23 32.57 -8.24
CA LEU B 130 56.68 32.54 -9.61
C LEU B 130 57.07 33.81 -10.36
N LYS B 131 57.23 34.92 -9.63
CA LYS B 131 57.72 36.22 -10.18
C LYS B 131 59.24 36.17 -10.35
N ASN B 132 59.91 35.22 -9.69
CA ASN B 132 61.39 35.07 -9.75
C ASN B 132 61.76 33.89 -10.67
N ILE B 133 60.86 33.48 -11.56
CA ILE B 133 61.16 32.65 -12.77
C ILE B 133 60.47 33.24 -14.02
N SER B 134 59.62 34.25 -13.84
CA SER B 134 58.95 35.01 -14.92
C SER B 134 60.00 35.83 -15.68
N LYS B 135 60.35 35.39 -16.90
CA LYS B 135 61.13 36.19 -17.89
C LYS B 135 60.22 37.31 -18.41
N PRO B 136 60.66 38.59 -18.39
CA PRO B 136 59.81 39.68 -18.90
C PRO B 136 59.90 39.71 -20.43
N THR B 137 59.02 40.48 -21.06
CA THR B 137 58.99 40.70 -22.54
C THR B 137 58.68 42.17 -22.79
N THR B 138 59.66 42.92 -23.30
CA THR B 138 59.55 44.39 -23.52
C THR B 138 60.22 44.79 -24.84
N ASP B 139 61.44 44.32 -25.12
CA ASP B 139 62.19 44.68 -26.36
C ASP B 139 61.42 44.17 -27.58
N ASP B 140 61.22 45.05 -28.57
CA ASP B 140 60.28 44.91 -29.72
C ASP B 140 60.05 43.44 -30.07
N LYS B 141 61.14 42.70 -30.29
CA LYS B 141 61.10 41.30 -30.80
C LYS B 141 60.18 40.44 -29.92
N ALA B 142 60.40 40.49 -28.60
CA ALA B 142 59.78 39.61 -27.59
C ALA B 142 58.27 39.89 -27.46
N ILE B 143 57.77 41.01 -27.98
CA ILE B 143 56.31 41.30 -28.04
C ILE B 143 55.69 40.56 -29.23
N ALA B 144 56.32 40.62 -30.39
CA ALA B 144 55.85 40.00 -31.66
C ALA B 144 55.70 38.49 -31.50
N GLN B 145 56.63 37.86 -30.77
CA GLN B 145 56.73 36.38 -30.65
C GLN B 145 55.62 35.84 -29.74
N VAL B 146 55.18 36.64 -28.77
CA VAL B 146 54.14 36.27 -27.75
C VAL B 146 52.75 36.54 -28.34
N GLY B 147 52.55 37.72 -28.93
CA GLY B 147 51.36 38.03 -29.75
C GLY B 147 51.08 36.95 -30.77
N THR B 148 52.14 36.48 -31.45
CA THR B 148 52.14 35.31 -32.36
C THR B 148 51.45 34.13 -31.68
N ILE B 149 52.05 33.64 -30.59
CA ILE B 149 51.69 32.33 -29.94
C ILE B 149 50.28 32.42 -29.35
N SER B 150 49.84 33.62 -28.97
CA SER B 150 48.48 33.88 -28.41
C SER B 150 47.42 33.79 -29.52
N ALA B 151 47.72 34.34 -30.70
CA ALA B 151 46.87 34.29 -31.91
C ALA B 151 47.10 32.97 -32.64
N ASN B 152 48.10 32.21 -32.19
CA ASN B 152 48.30 30.78 -32.55
C ASN B 152 49.09 30.68 -33.85
N SER B 153 50.41 30.61 -33.76
CA SER B 153 51.35 30.28 -34.87
C SER B 153 51.44 31.44 -35.88
N ASP B 154 50.31 32.10 -36.16
CA ASP B 154 50.17 33.21 -37.16
C ASP B 154 51.14 34.34 -36.79
N GLU B 155 52.26 34.45 -37.53
CA GLU B 155 53.31 35.48 -37.32
C GLU B 155 52.79 36.82 -37.86
N SER B 156 52.10 36.74 -39.00
CA SER B 156 51.37 37.86 -39.64
C SER B 156 50.74 38.74 -38.56
N ILE B 157 49.85 38.15 -37.75
CA ILE B 157 49.04 38.84 -36.68
C ILE B 157 49.95 39.23 -35.51
N GLY B 158 51.04 38.48 -35.29
CA GLY B 158 52.02 38.77 -34.21
C GLY B 158 52.70 40.10 -34.40
N ASN B 159 52.88 40.52 -35.66
CA ASN B 159 53.60 41.77 -36.07
C ASN B 159 52.75 43.01 -35.77
N ILE B 160 51.45 43.04 -36.12
CA ILE B 160 50.59 44.27 -35.95
C ILE B 160 50.40 44.57 -34.46
N ILE B 161 50.28 43.52 -33.63
CA ILE B 161 50.09 43.69 -32.16
C ILE B 161 51.34 44.38 -31.60
N ALA B 162 52.52 44.00 -32.09
CA ALA B 162 53.78 44.75 -31.86
C ALA B 162 53.66 46.16 -32.44
N GLU B 163 53.66 46.30 -33.78
CA GLU B 163 53.64 47.60 -34.50
C GLU B 163 52.74 48.62 -33.77
N ALA B 164 51.59 48.19 -33.25
CA ALA B 164 50.56 49.09 -32.65
C ALA B 164 51.01 49.58 -31.26
N MET B 165 51.88 48.82 -30.57
CA MET B 165 52.57 49.24 -29.33
C MET B 165 53.83 50.04 -29.71
N LYS B 166 54.46 49.69 -30.84
CA LYS B 166 55.48 50.53 -31.53
C LYS B 166 54.89 51.95 -31.69
N LYS B 167 53.61 52.04 -32.06
CA LYS B 167 52.89 53.33 -32.28
C LYS B 167 52.58 54.02 -30.95
N VAL B 168 51.65 53.48 -30.13
CA VAL B 168 51.10 54.21 -28.94
C VAL B 168 51.66 53.60 -27.64
N GLY B 169 52.75 52.83 -27.71
CA GLY B 169 53.50 52.38 -26.52
C GLY B 169 52.76 51.32 -25.72
N LYS B 170 53.43 50.77 -24.70
CA LYS B 170 53.06 49.50 -24.02
C LYS B 170 51.66 49.60 -23.40
N GLU B 171 51.43 50.66 -22.61
CA GLU B 171 50.17 50.90 -21.85
C GLU B 171 49.17 51.72 -22.66
N GLY B 172 49.44 51.92 -23.97
CA GLY B 172 48.58 52.73 -24.87
C GLY B 172 47.32 51.97 -25.25
N VAL B 173 46.24 52.70 -25.55
CA VAL B 173 44.90 52.11 -25.91
C VAL B 173 45.01 51.43 -27.28
N ILE B 174 44.40 50.24 -27.44
CA ILE B 174 44.39 49.45 -28.71
C ILE B 174 43.05 48.69 -28.83
N THR B 175 42.17 49.16 -29.73
CA THR B 175 40.88 48.53 -30.14
C THR B 175 41.14 47.67 -31.39
N VAL B 176 40.34 46.61 -31.58
CA VAL B 176 40.31 45.85 -32.86
C VAL B 176 38.91 45.94 -33.48
N GLU B 177 38.83 46.45 -34.71
CA GLU B 177 37.58 46.61 -35.50
C GLU B 177 37.52 45.54 -36.59
N GLU B 178 36.32 45.36 -37.17
CA GLU B 178 36.09 44.58 -38.41
C GLU B 178 36.65 45.36 -39.60
N GLY B 179 37.38 44.66 -40.49
CA GLY B 179 38.17 45.28 -41.58
C GLY B 179 37.39 45.45 -42.87
N SER B 180 37.76 46.45 -43.66
CA SER B 180 37.24 46.70 -45.04
C SER B 180 37.23 45.38 -45.79
N GLY B 181 38.38 44.68 -45.80
CA GLY B 181 38.48 43.32 -46.38
C GLY B 181 39.81 43.09 -47.08
N LEU B 182 40.65 42.24 -46.48
CA LEU B 182 41.90 41.63 -47.02
C LEU B 182 43.03 42.66 -46.92
N GLU B 183 44.16 42.25 -46.35
CA GLU B 183 45.21 43.15 -45.81
C GLU B 183 44.65 43.77 -44.53
N ASN B 184 45.31 43.53 -43.40
CA ASN B 184 45.03 44.22 -42.11
C ASN B 184 45.48 45.68 -42.25
N GLU B 185 44.71 46.62 -41.70
CA GLU B 185 45.11 48.06 -41.61
C GLU B 185 45.52 48.36 -40.17
N LEU B 186 46.45 49.30 -39.98
CA LEU B 186 46.73 49.97 -38.69
C LEU B 186 46.67 51.48 -38.90
N ASP B 187 45.74 52.15 -38.19
CA ASP B 187 45.63 53.64 -38.09
C ASP B 187 45.89 54.03 -36.64
N VAL B 188 45.77 55.33 -36.32
CA VAL B 188 45.79 55.88 -34.92
C VAL B 188 45.11 57.25 -34.94
N VAL B 189 44.22 57.53 -33.98
CA VAL B 189 43.35 58.75 -34.05
C VAL B 189 43.17 59.36 -32.65
N GLU B 190 42.80 60.65 -32.61
CA GLU B 190 42.49 61.38 -31.34
C GLU B 190 41.31 60.68 -30.67
N GLY B 191 41.58 59.99 -29.55
CA GLY B 191 40.68 59.01 -28.94
C GLY B 191 41.00 58.77 -27.47
N MET B 192 40.03 58.18 -26.76
CA MET B 192 39.98 58.10 -25.26
C MET B 192 39.34 56.75 -24.88
N GLN B 193 39.58 56.28 -23.65
CA GLN B 193 39.01 55.03 -23.08
C GLN B 193 39.00 55.13 -21.54
N PHE B 194 38.02 54.52 -20.86
CA PHE B 194 37.92 54.58 -19.38
C PHE B 194 37.44 53.24 -18.78
N ASP B 195 37.40 53.16 -17.43
CA ASP B 195 37.30 51.92 -16.62
C ASP B 195 35.85 51.45 -16.45
N ARG B 196 34.88 52.22 -16.92
CA ARG B 196 33.43 51.88 -16.76
C ARG B 196 32.93 51.22 -18.04
N GLY B 197 32.00 50.26 -17.88
CA GLY B 197 31.33 49.54 -18.97
C GLY B 197 29.83 49.62 -18.84
N TYR B 198 29.11 48.81 -19.62
CA TYR B 198 27.64 48.90 -19.76
C TYR B 198 27.00 48.74 -18.37
N LEU B 199 25.90 49.46 -18.13
CA LEU B 199 25.02 49.27 -16.94
C LEU B 199 23.95 48.22 -17.25
N SER B 200 24.22 47.32 -18.20
CA SER B 200 23.46 46.07 -18.47
C SER B 200 24.02 45.35 -19.68
N PRO B 201 23.99 44.01 -19.71
CA PRO B 201 24.03 43.27 -20.97
C PRO B 201 22.72 43.68 -21.67
N TYR B 202 22.51 43.27 -22.91
CA TYR B 202 21.30 43.60 -23.72
C TYR B 202 21.66 44.78 -24.63
N PHE B 203 22.27 45.82 -24.07
CA PHE B 203 22.95 46.91 -24.84
C PHE B 203 23.98 46.26 -25.78
N ILE B 204 24.48 45.08 -25.40
CA ILE B 204 25.41 44.25 -26.23
C ILE B 204 24.73 43.94 -27.56
N ASN B 205 25.42 44.19 -28.68
CA ASN B 205 24.93 43.88 -30.06
C ASN B 205 26.08 43.34 -30.91
N ASN B 206 27.06 42.70 -30.27
CA ASN B 206 28.23 42.03 -30.90
C ASN B 206 28.71 40.93 -29.94
N GLN B 207 27.75 40.19 -29.35
CA GLN B 207 27.97 39.30 -28.17
C GLN B 207 28.91 38.13 -28.51
N GLN B 208 29.37 38.07 -29.76
CA GLN B 208 30.56 37.27 -30.17
C GLN B 208 31.82 37.94 -29.59
N SER B 209 31.62 39.05 -28.86
CA SER B 209 32.66 39.92 -28.26
C SER B 209 32.14 40.59 -26.97
N GLN B 210 31.05 40.08 -26.40
CA GLN B 210 30.27 40.67 -25.27
C GLN B 210 30.24 42.20 -25.34
N SER B 211 30.32 42.79 -26.54
CA SER B 211 30.57 44.25 -26.76
C SER B 211 29.38 44.92 -27.46
N ALA B 212 29.06 46.15 -27.03
CA ALA B 212 28.04 47.02 -27.65
C ALA B 212 28.73 48.04 -28.58
N ASP B 213 28.88 47.68 -29.86
CA ASP B 213 29.64 48.45 -30.89
C ASP B 213 28.68 49.37 -31.64
N LEU B 214 28.64 50.65 -31.26
CA LEU B 214 27.80 51.71 -31.91
C LEU B 214 28.62 52.43 -33.00
N ASP B 215 27.95 52.91 -34.06
CA ASP B 215 28.60 53.47 -35.28
C ASP B 215 28.06 54.88 -35.57
N ASP B 216 28.98 55.85 -35.66
CA ASP B 216 28.73 57.30 -35.87
C ASP B 216 27.73 57.82 -34.83
N PRO B 217 27.93 57.53 -33.52
CA PRO B 217 26.95 57.84 -32.49
C PRO B 217 27.03 59.26 -31.92
N PHE B 218 25.97 59.71 -31.25
CA PHE B 218 25.99 60.93 -30.42
C PHE B 218 26.48 60.55 -29.02
N ILE B 219 26.78 61.55 -28.17
CA ILE B 219 27.33 61.34 -26.79
C ILE B 219 26.76 62.40 -25.83
N LEU B 220 25.71 62.05 -25.08
CA LEU B 220 25.16 62.86 -23.96
C LEU B 220 26.06 62.67 -22.73
N LEU B 221 26.51 63.77 -22.12
CA LEU B 221 27.36 63.77 -20.89
C LEU B 221 26.57 64.43 -19.75
N HIS B 222 26.56 63.79 -18.58
CA HIS B 222 25.81 64.26 -17.38
C HIS B 222 26.69 64.33 -16.14
N ASP B 223 26.13 64.92 -15.08
CA ASP B 223 26.76 65.00 -13.73
C ASP B 223 25.68 64.76 -12.69
N LYS B 224 24.79 63.80 -12.95
CA LYS B 224 23.53 63.62 -12.19
C LYS B 224 22.96 62.24 -12.51
N LYS B 225 22.14 61.71 -11.59
CA LYS B 225 21.50 60.37 -11.70
C LYS B 225 20.20 60.51 -12.50
N ILE B 226 19.80 59.44 -13.19
CA ILE B 226 18.64 59.41 -14.13
C ILE B 226 17.69 58.28 -13.72
N SER B 227 16.39 58.59 -13.62
CA SER B 227 15.29 57.59 -13.46
C SER B 227 14.08 58.04 -14.28
N ASN B 228 13.52 59.19 -13.91
CA ASN B 228 12.51 59.97 -14.70
C ASN B 228 12.94 60.02 -16.18
N VAL B 229 12.48 59.06 -17.00
CA VAL B 229 12.72 59.04 -18.48
C VAL B 229 12.32 60.40 -19.10
N ARG B 230 11.38 61.10 -18.46
CA ARG B 230 10.70 62.33 -18.98
C ARG B 230 11.70 63.48 -19.23
N ASP B 231 12.97 63.30 -18.89
CA ASP B 231 14.04 64.31 -19.12
C ASP B 231 14.96 63.84 -20.26
N LEU B 232 14.75 62.63 -20.77
CA LEU B 232 15.57 62.04 -21.87
C LEU B 232 14.77 61.98 -23.17
N LEU B 233 13.45 62.03 -23.10
CA LEU B 233 12.56 61.96 -24.30
C LEU B 233 12.94 63.08 -25.26
N PRO B 234 13.02 64.37 -24.82
CA PRO B 234 13.36 65.45 -25.76
C PRO B 234 14.69 65.18 -26.47
N VAL B 235 15.66 64.59 -25.77
CA VAL B 235 17.01 64.25 -26.31
C VAL B 235 16.89 63.03 -27.21
N LEU B 236 16.10 62.04 -26.81
CA LEU B 236 16.02 60.71 -27.49
C LEU B 236 15.23 60.81 -28.79
N GLU B 237 14.01 61.34 -28.73
CA GLU B 237 13.23 61.82 -29.89
C GLU B 237 14.20 62.57 -30.82
N GLY B 238 14.93 63.55 -30.27
CA GLY B 238 15.98 64.31 -30.98
C GLY B 238 16.96 63.40 -31.70
N VAL B 239 17.44 62.34 -31.04
CA VAL B 239 18.44 61.40 -31.61
C VAL B 239 17.73 60.53 -32.67
N ALA B 240 16.46 60.17 -32.44
CA ALA B 240 15.64 59.27 -33.32
C ALA B 240 15.55 59.84 -34.74
N LYS B 241 15.07 61.08 -34.90
CA LYS B 241 15.34 61.94 -36.07
C LYS B 241 16.86 62.12 -36.16
N ALA B 242 17.47 61.79 -37.29
CA ALA B 242 18.93 61.66 -37.47
C ALA B 242 19.28 60.16 -37.50
N GLY B 243 18.44 59.33 -36.89
CA GLY B 243 18.57 57.85 -36.87
C GLY B 243 19.97 57.45 -36.46
N LYS B 244 20.49 58.03 -35.38
CA LYS B 244 21.89 57.86 -34.93
C LYS B 244 21.89 57.25 -33.54
N PRO B 245 22.87 56.36 -33.25
CA PRO B 245 22.95 55.72 -31.94
C PRO B 245 23.49 56.65 -30.87
N LEU B 246 23.04 56.46 -29.63
CA LEU B 246 23.41 57.31 -28.46
C LEU B 246 24.36 56.54 -27.53
N LEU B 247 25.37 57.22 -27.00
CA LEU B 247 26.15 56.77 -25.82
C LEU B 247 25.80 57.70 -24.65
N ILE B 248 24.90 57.25 -23.76
CA ILE B 248 24.58 57.95 -22.47
C ILE B 248 25.73 57.65 -21.51
N VAL B 249 26.19 58.65 -20.75
CA VAL B 249 27.19 58.48 -19.66
C VAL B 249 26.87 59.52 -18.57
N ALA B 250 26.04 59.12 -17.61
CA ALA B 250 25.63 59.94 -16.45
C ALA B 250 26.41 59.48 -15.22
N GLU B 251 26.33 60.21 -14.11
CA GLU B 251 26.85 59.72 -12.80
C GLU B 251 26.38 58.28 -12.62
N GLU B 252 25.08 58.06 -12.89
CA GLU B 252 24.39 56.74 -12.80
C GLU B 252 23.19 56.75 -13.75
N VAL B 253 22.68 55.58 -14.12
CA VAL B 253 21.39 55.42 -14.86
C VAL B 253 20.55 54.36 -14.12
N GLU B 254 19.62 54.81 -13.27
CA GLU B 254 18.90 53.96 -12.28
C GLU B 254 17.76 53.20 -12.99
N GLY B 255 17.34 52.10 -12.35
CA GLY B 255 16.58 50.98 -12.94
C GLY B 255 15.15 51.33 -13.35
N GLU B 256 14.76 52.60 -13.23
CA GLU B 256 13.48 53.12 -13.79
C GLU B 256 13.70 53.44 -15.27
N ALA B 257 14.51 54.46 -15.59
CA ALA B 257 14.83 54.86 -16.98
C ALA B 257 15.74 53.81 -17.63
N LEU B 258 16.52 53.07 -16.85
CA LEU B 258 17.39 51.97 -17.35
C LEU B 258 16.52 50.81 -17.84
N ALA B 259 15.34 50.61 -17.23
CA ALA B 259 14.30 49.67 -17.73
C ALA B 259 13.92 50.05 -19.16
N THR B 260 13.40 51.28 -19.34
CA THR B 260 12.92 51.84 -20.64
C THR B 260 14.02 51.80 -21.70
N LEU B 261 15.29 51.93 -21.30
CA LEU B 261 16.47 51.97 -22.22
C LEU B 261 16.84 50.54 -22.66
N VAL B 262 16.78 49.57 -21.76
CA VAL B 262 17.11 48.15 -22.09
C VAL B 262 15.96 47.55 -22.92
N VAL B 263 14.71 47.93 -22.61
CA VAL B 263 13.48 47.43 -23.30
C VAL B 263 13.43 47.98 -24.73
N ASN B 264 13.58 49.31 -24.89
CA ASN B 264 13.34 50.02 -26.17
C ASN B 264 14.46 49.70 -27.17
N THR B 265 15.66 49.31 -26.71
CA THR B 265 16.86 49.17 -27.59
C THR B 265 17.10 47.71 -27.99
N ILE B 266 16.43 46.75 -27.35
CA ILE B 266 16.37 45.32 -27.82
C ILE B 266 15.21 45.19 -28.83
N ARG B 267 14.30 46.17 -28.84
CA ARG B 267 13.05 46.14 -29.66
C ARG B 267 13.25 46.90 -30.98
N GLY B 268 14.05 47.97 -30.98
CA GLY B 268 14.34 48.73 -32.20
C GLY B 268 14.35 50.24 -31.98
N ILE B 269 13.40 50.79 -31.22
CA ILE B 269 13.30 52.26 -30.95
C ILE B 269 14.64 52.73 -30.35
N VAL B 270 15.58 53.13 -31.21
CA VAL B 270 16.91 53.72 -30.84
C VAL B 270 17.88 52.63 -30.37
N LYS B 271 19.17 52.75 -30.76
CA LYS B 271 20.28 51.81 -30.42
C LYS B 271 21.23 52.50 -29.42
N VAL B 272 20.83 52.54 -28.15
CA VAL B 272 21.58 53.16 -27.02
C VAL B 272 22.40 52.08 -26.28
N VAL B 273 23.51 52.52 -25.67
CA VAL B 273 24.18 51.89 -24.49
C VAL B 273 24.32 52.98 -23.42
N ALA B 274 24.44 52.62 -22.15
CA ALA B 274 24.59 53.59 -21.03
C ALA B 274 25.68 53.11 -20.07
N VAL B 275 26.65 54.00 -19.77
CA VAL B 275 27.85 53.71 -18.95
C VAL B 275 27.99 54.81 -17.88
N LYS B 276 28.68 54.51 -16.77
CA LYS B 276 28.89 55.45 -15.64
C LYS B 276 30.02 56.44 -15.96
N ALA B 277 29.91 57.68 -15.47
CA ALA B 277 30.99 58.68 -15.50
C ALA B 277 32.11 58.20 -14.59
N PRO B 278 33.37 58.10 -15.09
CA PRO B 278 34.46 57.58 -14.28
C PRO B 278 34.79 58.46 -13.05
N GLY B 279 35.40 57.84 -12.04
CA GLY B 279 35.79 58.48 -10.77
C GLY B 279 34.57 58.95 -9.99
N PHE B 280 34.72 60.05 -9.25
CA PHE B 280 33.66 60.66 -8.42
C PHE B 280 34.01 62.12 -8.10
N GLY B 281 33.19 62.77 -7.27
CA GLY B 281 33.45 64.11 -6.72
C GLY B 281 33.79 65.11 -7.81
N ASP B 282 34.99 65.71 -7.76
CA ASP B 282 35.40 66.83 -8.65
C ASP B 282 36.29 66.32 -9.78
N ARG B 283 37.10 65.29 -9.55
CA ARG B 283 37.99 64.72 -10.61
C ARG B 283 37.13 63.91 -11.60
N ARG B 284 35.80 63.94 -11.46
CA ARG B 284 34.84 63.29 -12.40
C ARG B 284 34.39 64.28 -13.49
N LYS B 285 33.95 65.48 -13.10
CA LYS B 285 33.49 66.54 -14.05
C LYS B 285 34.69 66.97 -14.90
N ALA B 286 35.86 67.04 -14.26
CA ALA B 286 37.18 67.14 -14.90
C ALA B 286 37.28 66.12 -16.04
N MET B 287 37.00 64.85 -15.75
CA MET B 287 37.14 63.72 -16.72
C MET B 287 35.95 63.66 -17.68
N LEU B 288 35.02 64.61 -17.58
CA LEU B 288 33.83 64.72 -18.48
C LEU B 288 34.05 65.89 -19.45
N GLU B 289 34.38 67.06 -18.92
CA GLU B 289 34.85 68.24 -19.71
C GLU B 289 35.99 67.78 -20.61
N ASP B 290 36.82 66.86 -20.10
CA ASP B 290 37.94 66.19 -20.84
C ASP B 290 37.39 65.50 -22.10
N MET B 291 36.36 64.67 -21.96
CA MET B 291 35.81 63.86 -23.08
C MET B 291 34.74 64.67 -23.83
N ALA B 292 34.26 65.78 -23.25
CA ALA B 292 33.45 66.79 -23.98
C ALA B 292 34.33 67.43 -25.06
N VAL B 293 35.45 68.01 -24.64
CA VAL B 293 36.46 68.69 -25.52
C VAL B 293 36.93 67.73 -26.62
N LEU B 294 37.09 66.44 -26.30
CA LEU B 294 37.55 65.38 -27.25
C LEU B 294 36.52 65.18 -28.38
N THR B 295 35.23 65.46 -28.12
CA THR B 295 34.07 64.98 -28.92
C THR B 295 33.20 66.11 -29.50
N GLY B 296 33.47 67.36 -29.12
CA GLY B 296 32.57 68.51 -29.42
C GLY B 296 31.34 68.50 -28.53
N GLY B 297 31.45 67.87 -27.37
CA GLY B 297 30.34 67.72 -26.43
C GLY B 297 30.18 68.92 -25.51
N THR B 298 28.96 69.06 -24.98
CA THR B 298 28.62 69.89 -23.80
C THR B 298 28.23 68.95 -22.65
N VAL B 299 28.99 68.99 -21.56
CA VAL B 299 28.55 68.49 -20.22
C VAL B 299 27.30 69.28 -19.85
N ILE B 300 26.34 68.62 -19.18
CA ILE B 300 25.01 69.19 -18.81
C ILE B 300 24.84 69.08 -17.29
N SER B 301 25.43 70.01 -16.54
CA SER B 301 25.16 70.18 -15.09
C SER B 301 24.21 71.36 -14.92
N GLU B 302 23.47 71.41 -13.80
CA GLU B 302 22.64 72.59 -13.42
C GLU B 302 23.56 73.70 -12.92
N GLU B 303 24.84 73.37 -12.63
CA GLU B 303 25.89 74.34 -12.23
C GLU B 303 26.44 75.10 -13.46
N VAL B 304 25.86 74.89 -14.65
CA VAL B 304 26.02 75.79 -15.85
C VAL B 304 24.67 75.92 -16.58
N GLY B 305 23.57 75.92 -15.83
CA GLY B 305 22.22 76.36 -16.29
C GLY B 305 21.44 75.32 -17.07
N LEU B 306 22.13 74.32 -17.66
CA LEU B 306 21.55 73.40 -18.68
C LEU B 306 20.75 72.29 -17.98
N ALA B 307 19.46 72.18 -18.31
CA ALA B 307 18.59 71.06 -17.93
C ALA B 307 18.68 69.98 -19.02
N LEU B 308 17.93 68.89 -18.85
CA LEU B 308 17.97 67.70 -19.74
C LEU B 308 16.66 67.64 -20.54
N GLU B 309 15.59 68.23 -20.02
CA GLU B 309 14.38 68.59 -20.81
C GLU B 309 14.80 69.65 -21.83
N LYS B 310 15.65 70.58 -21.39
CA LYS B 310 16.06 71.80 -22.13
C LYS B 310 17.30 71.51 -22.99
N ALA B 311 17.60 70.23 -23.25
CA ALA B 311 18.71 69.81 -24.16
C ALA B 311 18.16 69.46 -25.54
N THR B 312 18.63 70.17 -26.57
CA THR B 312 18.56 69.77 -28.00
C THR B 312 19.72 68.81 -28.28
N ILE B 313 19.84 68.34 -29.53
CA ILE B 313 20.81 67.27 -29.92
C ILE B 313 22.17 67.90 -30.22
N LYS B 314 22.24 69.23 -30.25
CA LYS B 314 23.45 70.02 -30.62
C LYS B 314 24.46 70.00 -29.47
N ASP B 315 23.96 69.85 -28.25
CA ASP B 315 24.76 69.87 -26.99
C ASP B 315 25.65 68.62 -26.95
N LEU B 316 25.20 67.55 -27.62
CA LEU B 316 25.85 66.21 -27.59
C LEU B 316 27.12 66.23 -28.43
N GLY B 317 28.23 65.73 -27.85
CA GLY B 317 29.44 65.34 -28.57
C GLY B 317 29.17 64.20 -29.53
N ARG B 318 30.18 63.81 -30.31
CA ARG B 318 30.03 62.82 -31.41
C ARG B 318 31.36 62.10 -31.59
N ALA B 319 31.36 61.00 -32.36
CA ALA B 319 32.54 60.17 -32.69
C ALA B 319 32.19 59.17 -33.79
N LYS B 320 33.21 58.60 -34.44
CA LYS B 320 33.04 57.72 -35.63
C LYS B 320 32.79 56.26 -35.23
N LYS B 321 33.07 55.90 -33.96
CA LYS B 321 32.80 54.55 -33.38
C LYS B 321 33.09 54.55 -31.88
N VAL B 322 32.13 54.08 -31.06
CA VAL B 322 32.34 53.79 -29.60
C VAL B 322 32.05 52.30 -29.36
N GLN B 323 32.83 51.68 -28.47
CA GLN B 323 32.66 50.29 -27.99
C GLN B 323 32.61 50.31 -26.47
N VAL B 324 31.81 49.44 -25.86
CA VAL B 324 31.72 49.30 -24.37
C VAL B 324 31.57 47.81 -24.04
N SER B 325 32.57 47.27 -23.32
CA SER B 325 32.65 45.88 -22.81
C SER B 325 32.04 45.84 -21.40
N LYS B 326 32.15 44.70 -20.69
CA LYS B 326 31.58 44.51 -19.34
C LYS B 326 31.99 45.70 -18.47
N GLU B 327 33.29 46.03 -18.47
CA GLU B 327 33.89 47.16 -17.73
C GLU B 327 35.00 47.78 -18.59
N ASN B 328 34.68 48.82 -19.38
CA ASN B 328 35.63 49.54 -20.27
C ASN B 328 34.92 50.10 -21.51
N THR B 329 34.76 51.43 -21.58
CA THR B 329 34.23 52.20 -22.75
C THR B 329 35.36 52.93 -23.49
N THR B 330 35.26 53.06 -24.81
CA THR B 330 36.36 53.56 -25.69
C THR B 330 35.77 54.38 -26.84
N ILE B 331 35.89 55.70 -26.75
CA ILE B 331 35.55 56.68 -27.83
C ILE B 331 36.64 56.64 -28.88
N ILE B 332 36.28 56.57 -30.16
CA ILE B 332 37.27 56.58 -31.28
C ILE B 332 36.91 57.69 -32.26
N ASP B 333 37.78 58.71 -32.36
CA ASP B 333 37.75 59.77 -33.39
C ASP B 333 36.53 60.67 -33.20
N GLY B 334 36.49 61.40 -32.08
CA GLY B 334 35.44 62.40 -31.76
C GLY B 334 35.65 63.68 -32.54
N ALA B 335 34.58 64.34 -32.98
CA ALA B 335 34.64 65.60 -33.78
C ALA B 335 35.11 66.77 -32.89
N GLY B 336 35.88 66.49 -31.84
CA GLY B 336 36.64 67.50 -31.07
C GLY B 336 37.75 68.11 -31.91
N ASP B 337 38.02 69.40 -31.70
CA ASP B 337 38.91 70.23 -32.55
C ASP B 337 40.38 69.99 -32.16
N SER B 338 41.28 69.92 -33.13
CA SER B 338 42.76 69.80 -32.91
C SER B 338 43.21 70.87 -31.91
N ALA B 339 42.69 72.10 -32.05
CA ALA B 339 43.07 73.31 -31.28
C ALA B 339 42.62 73.20 -29.81
N ALA B 340 41.40 72.72 -29.59
CA ALA B 340 40.69 72.73 -28.28
C ALA B 340 41.28 71.66 -27.35
N ILE B 341 41.63 70.50 -27.93
CA ILE B 341 42.27 69.36 -27.21
C ILE B 341 43.69 69.74 -26.80
N GLU B 342 44.53 70.15 -27.76
CA GLU B 342 45.94 70.56 -27.47
C GLU B 342 45.91 71.82 -26.60
N SER B 343 44.76 72.50 -26.52
CA SER B 343 44.48 73.62 -25.56
C SER B 343 44.27 73.07 -24.14
N ARG B 344 43.40 72.06 -24.01
CA ARG B 344 42.99 71.43 -22.73
C ARG B 344 44.22 70.80 -22.04
N VAL B 345 45.01 70.03 -22.80
CA VAL B 345 46.32 69.46 -22.35
C VAL B 345 47.20 70.59 -21.80
N GLY B 346 47.28 71.72 -22.53
CA GLY B 346 47.98 72.94 -22.09
C GLY B 346 47.56 73.37 -20.70
N GLN B 347 46.28 73.74 -20.54
CA GLN B 347 45.63 74.10 -19.25
C GLN B 347 46.04 73.10 -18.16
N ILE B 348 45.96 71.79 -18.45
CA ILE B 348 46.19 70.68 -17.47
C ILE B 348 47.66 70.67 -17.04
N LYS B 349 48.59 70.68 -17.99
CA LYS B 349 50.06 70.62 -17.74
C LYS B 349 50.51 71.73 -16.76
N THR B 350 49.65 72.74 -16.49
CA THR B 350 49.98 73.91 -15.63
C THR B 350 49.11 73.94 -14.36
N GLN B 351 48.15 73.01 -14.21
CA GLN B 351 47.51 72.74 -12.88
C GLN B 351 48.45 71.77 -12.15
N ILE B 352 49.48 71.27 -12.85
CA ILE B 352 50.49 70.27 -12.39
C ILE B 352 51.65 70.98 -11.68
N GLU B 353 52.06 72.14 -12.19
CA GLU B 353 53.14 72.98 -11.59
C GLU B 353 52.58 73.70 -10.36
N ASP B 354 51.24 73.76 -10.23
CA ASP B 354 50.51 74.31 -9.05
C ASP B 354 50.52 73.30 -7.90
N THR B 355 50.12 72.05 -8.18
CA THR B 355 50.01 70.97 -7.16
C THR B 355 51.41 70.60 -6.66
N SER B 356 51.73 71.00 -5.42
CA SER B 356 52.88 70.50 -4.62
C SER B 356 52.55 69.09 -4.09
N SER B 357 51.27 68.71 -4.14
CA SER B 357 50.79 67.32 -3.90
C SER B 357 51.55 66.34 -4.79
N ASP B 358 51.66 65.09 -4.32
CA ASP B 358 52.23 63.94 -5.09
C ASP B 358 51.07 63.17 -5.74
N TYR B 359 49.87 63.21 -5.15
CA TYR B 359 48.72 62.36 -5.58
C TYR B 359 47.77 63.09 -6.53
N ASP B 360 47.74 64.43 -6.51
CA ASP B 360 47.04 65.20 -7.57
C ASP B 360 47.71 64.90 -8.91
N ARG B 361 49.04 64.91 -8.92
CA ARG B 361 49.86 64.83 -10.16
C ARG B 361 49.89 63.39 -10.71
N GLU B 362 49.19 62.44 -10.09
CA GLU B 362 48.88 61.14 -10.75
C GLU B 362 47.75 61.42 -11.74
N LYS B 363 46.59 61.84 -11.22
CA LYS B 363 45.33 62.09 -11.99
C LYS B 363 45.63 62.92 -13.22
N LEU B 364 46.45 63.95 -13.08
CA LEU B 364 46.66 64.99 -14.11
C LEU B 364 47.49 64.41 -15.26
N GLN B 365 48.62 63.75 -14.96
CA GLN B 365 49.47 63.12 -16.01
C GLN B 365 48.67 62.02 -16.71
N GLU B 366 47.80 61.33 -15.96
CA GLU B 366 46.82 60.34 -16.50
C GLU B 366 45.81 61.04 -17.42
N ARG B 367 45.19 62.14 -16.97
CA ARG B 367 44.12 62.85 -17.72
C ARG B 367 44.63 63.24 -19.11
N VAL B 368 45.90 63.67 -19.23
CA VAL B 368 46.51 64.13 -20.52
C VAL B 368 46.82 62.92 -21.39
N ALA B 369 47.37 61.86 -20.78
CA ALA B 369 47.75 60.61 -21.46
C ALA B 369 46.55 60.03 -22.22
N LYS B 370 45.33 60.39 -21.81
CA LYS B 370 44.07 59.98 -22.48
C LYS B 370 43.84 60.80 -23.75
N LEU B 371 44.14 62.11 -23.69
CA LEU B 371 43.85 63.12 -24.76
C LEU B 371 44.93 63.06 -25.84
N ALA B 372 46.16 63.40 -25.47
CA ALA B 372 47.40 63.28 -26.30
C ALA B 372 47.68 61.80 -26.64
N GLY B 373 47.22 60.87 -25.81
CA GLY B 373 47.38 59.42 -26.04
C GLY B 373 46.99 59.05 -27.45
N GLY B 374 45.70 59.16 -27.76
CA GLY B 374 45.11 58.62 -29.00
C GLY B 374 44.99 57.11 -28.93
N VAL B 375 44.37 56.52 -29.96
CA VAL B 375 43.89 55.10 -29.97
C VAL B 375 44.42 54.40 -31.23
N ALA B 376 45.20 53.33 -31.05
CA ALA B 376 45.57 52.42 -32.16
C ALA B 376 44.31 51.66 -32.59
N VAL B 377 44.20 51.38 -33.89
CA VAL B 377 43.02 50.70 -34.52
C VAL B 377 43.55 49.63 -35.49
N ILE B 378 43.49 48.36 -35.07
CA ILE B 378 43.84 47.19 -35.92
C ILE B 378 42.56 46.78 -36.65
N LYS B 379 42.50 47.02 -37.97
CA LYS B 379 41.41 46.53 -38.88
C LYS B 379 41.87 45.22 -39.55
N VAL B 380 40.97 44.24 -39.64
CA VAL B 380 41.29 42.80 -39.85
C VAL B 380 41.04 42.35 -41.30
N GLY B 381 41.94 41.51 -41.82
CA GLY B 381 41.94 40.98 -43.20
C GLY B 381 40.78 40.07 -43.50
N ALA B 382 40.54 39.80 -44.80
CA ALA B 382 39.26 39.36 -45.40
C ALA B 382 39.33 37.89 -45.81
N SER B 383 38.93 37.61 -47.05
CA SER B 383 38.71 36.25 -47.62
C SER B 383 37.64 35.52 -46.81
N THR B 384 36.36 35.82 -47.08
CA THR B 384 35.15 35.24 -46.44
C THR B 384 34.84 35.93 -45.10
N GLU B 385 33.59 36.36 -44.89
CA GLU B 385 33.13 37.00 -43.62
C GLU B 385 33.13 35.98 -42.48
N ILE B 386 33.06 34.67 -42.78
CA ILE B 386 33.25 33.60 -41.75
C ILE B 386 34.59 33.87 -41.05
N GLU B 387 35.71 33.86 -41.79
CA GLU B 387 37.09 33.92 -41.24
C GLU B 387 37.39 35.31 -40.66
N MET B 388 36.75 36.35 -41.18
CA MET B 388 36.98 37.76 -40.74
C MET B 388 36.21 38.03 -39.43
N LYS B 389 35.29 37.14 -39.04
CA LYS B 389 34.62 37.20 -37.71
C LYS B 389 35.52 36.51 -36.67
N GLU B 390 36.16 35.41 -37.08
CA GLU B 390 37.04 34.56 -36.24
C GLU B 390 38.37 35.29 -35.98
N LYS B 391 39.00 35.81 -37.04
CA LYS B 391 40.34 36.46 -36.97
C LYS B 391 40.28 37.55 -35.89
N LYS B 392 39.29 38.43 -35.96
CA LYS B 392 38.97 39.46 -34.92
C LYS B 392 39.04 38.85 -33.51
N ALA B 393 38.51 37.64 -33.32
CA ALA B 393 38.50 36.91 -32.02
C ALA B 393 39.93 36.55 -31.60
N ARG B 394 40.72 35.95 -32.50
CA ARG B 394 42.10 35.46 -32.24
C ARG B 394 43.10 36.62 -32.25
N VAL B 395 42.65 37.83 -32.61
CA VAL B 395 43.40 39.10 -32.42
C VAL B 395 43.06 39.64 -31.02
N GLU B 396 41.76 39.77 -30.72
CA GLU B 396 41.27 40.19 -29.38
C GLU B 396 41.91 39.31 -28.29
N ASP B 397 42.10 38.02 -28.59
CA ASP B 397 42.68 37.01 -27.65
C ASP B 397 44.18 37.25 -27.48
N ALA B 398 44.91 37.50 -28.57
CA ALA B 398 46.38 37.71 -28.57
C ALA B 398 46.73 39.11 -28.05
N LEU B 399 45.77 40.04 -28.07
CA LEU B 399 45.97 41.41 -27.55
C LEU B 399 45.92 41.37 -26.01
N HIS B 400 44.79 40.96 -25.43
CA HIS B 400 44.60 40.76 -23.96
C HIS B 400 45.76 39.92 -23.41
N ALA B 401 46.14 38.88 -24.15
CA ALA B 401 47.25 37.94 -23.79
C ALA B 401 48.56 38.72 -23.75
N THR B 402 49.03 39.22 -24.89
CA THR B 402 50.28 40.00 -25.07
C THR B 402 50.28 41.21 -24.13
N ARG B 403 49.15 41.92 -24.02
CA ARG B 403 48.97 43.10 -23.14
C ARG B 403 49.31 42.75 -21.67
N ALA B 404 49.16 41.49 -21.28
CA ALA B 404 49.47 41.00 -19.90
C ALA B 404 50.89 40.45 -19.83
N ALA B 405 51.58 40.38 -20.98
CA ALA B 405 52.95 39.83 -21.12
C ALA B 405 53.99 40.95 -20.95
N VAL B 406 53.53 42.19 -21.07
CA VAL B 406 54.36 43.42 -20.82
C VAL B 406 54.06 43.94 -19.41
N GLU B 407 52.90 43.56 -18.86
CA GLU B 407 52.48 43.93 -17.48
C GLU B 407 53.24 43.08 -16.45
N GLU B 408 53.52 41.80 -16.74
CA GLU B 408 54.12 40.87 -15.73
C GLU B 408 55.06 39.83 -16.36
N GLY B 409 55.16 39.77 -17.69
CA GLY B 409 56.04 38.79 -18.37
C GLY B 409 55.36 37.45 -18.52
N VAL B 410 56.15 36.43 -18.89
CA VAL B 410 55.68 35.05 -19.24
C VAL B 410 56.32 34.03 -18.29
N VAL B 411 55.71 32.85 -18.17
CA VAL B 411 56.27 31.63 -17.52
C VAL B 411 56.00 30.44 -18.46
N PRO B 412 56.58 29.25 -18.23
CA PRO B 412 56.16 28.06 -19.00
C PRO B 412 54.72 27.66 -18.64
N GLY B 413 53.97 27.19 -19.64
CA GLY B 413 52.52 26.91 -19.58
C GLY B 413 52.25 25.42 -19.40
N GLY B 414 51.09 24.94 -19.85
CA GLY B 414 50.61 23.59 -19.50
C GLY B 414 50.53 23.43 -18.00
N GLY B 415 50.33 24.56 -17.30
CA GLY B 415 50.43 24.69 -15.82
C GLY B 415 51.62 23.95 -15.26
N VAL B 416 52.78 24.00 -15.94
CA VAL B 416 54.08 23.44 -15.44
C VAL B 416 54.83 24.53 -14.67
N ALA B 417 54.48 25.80 -14.89
CA ALA B 417 55.02 26.94 -14.11
C ALA B 417 54.56 26.80 -12.67
N LEU B 418 53.32 26.37 -12.46
CA LEU B 418 52.74 26.19 -11.10
C LEU B 418 53.58 25.15 -10.35
N VAL B 419 54.01 24.09 -11.03
CA VAL B 419 54.76 22.98 -10.36
C VAL B 419 56.23 23.42 -10.28
N ARG B 420 56.75 24.04 -11.33
CA ARG B 420 58.11 24.66 -11.33
C ARG B 420 58.28 25.42 -10.01
N ALA B 421 57.23 26.06 -9.52
CA ALA B 421 57.23 26.95 -8.32
C ALA B 421 56.84 26.21 -7.03
N LEU B 422 56.23 25.03 -7.12
CA LEU B 422 55.98 24.18 -5.93
C LEU B 422 57.32 23.74 -5.34
N VAL B 423 57.98 22.81 -6.04
CA VAL B 423 59.34 22.27 -5.74
C VAL B 423 60.17 23.37 -5.06
N ALA B 424 60.06 24.61 -5.56
CA ALA B 424 60.93 25.76 -5.22
C ALA B 424 60.45 26.51 -3.97
N VAL B 425 59.54 25.93 -3.20
CA VAL B 425 59.16 26.43 -1.84
C VAL B 425 58.96 25.18 -0.98
N GLY B 426 59.95 24.28 -1.03
CA GLY B 426 59.89 22.88 -0.55
C GLY B 426 59.16 22.71 0.77
N ASN B 427 59.90 22.67 1.88
CA ASN B 427 59.39 22.24 3.21
C ASN B 427 58.93 23.46 4.02
N LEU B 428 58.19 24.38 3.39
CA LEU B 428 57.63 25.57 4.10
C LEU B 428 56.64 25.09 5.14
N THR B 429 56.56 25.78 6.28
CA THR B 429 55.81 25.37 7.49
C THR B 429 55.20 26.59 8.18
N GLY B 430 54.51 26.40 9.32
CA GLY B 430 53.58 27.41 9.85
C GLY B 430 53.63 27.50 11.36
N ALA B 431 52.74 28.33 11.92
CA ALA B 431 52.57 28.58 13.37
C ALA B 431 52.27 27.28 14.12
N ASN B 432 51.60 26.33 13.48
CA ASN B 432 51.19 25.06 14.15
C ASN B 432 50.84 23.98 13.10
N GLU B 433 50.52 22.78 13.58
CA GLU B 433 50.27 21.56 12.75
C GLU B 433 49.12 21.85 11.78
N ASP B 434 48.09 22.59 12.20
CA ASP B 434 46.93 22.93 11.36
C ASP B 434 47.39 23.89 10.24
N GLN B 435 48.12 24.94 10.59
CA GLN B 435 48.72 25.90 9.63
C GLN B 435 49.53 25.15 8.57
N THR B 436 50.35 24.17 8.97
CA THR B 436 51.26 23.49 8.02
C THR B 436 50.40 22.64 7.08
N HIS B 437 49.32 22.04 7.60
CA HIS B 437 48.35 21.24 6.81
C HIS B 437 47.72 22.16 5.74
N GLY B 438 47.35 23.38 6.12
CA GLY B 438 46.91 24.44 5.20
C GLY B 438 47.90 24.63 4.06
N ILE B 439 49.18 24.82 4.38
CA ILE B 439 50.30 24.99 3.38
C ILE B 439 50.29 23.82 2.39
N GLN B 440 50.20 22.58 2.88
CA GLN B 440 50.42 21.34 2.09
C GLN B 440 49.18 20.98 1.26
N ILE B 441 47.96 21.34 1.71
CA ILE B 441 46.73 21.13 0.89
C ILE B 441 46.63 22.27 -0.14
N ALA B 442 47.69 23.07 -0.31
CA ALA B 442 47.82 24.11 -1.37
C ALA B 442 49.02 23.79 -2.26
N LEU B 443 50.12 23.32 -1.68
CA LEU B 443 51.26 22.75 -2.46
C LEU B 443 50.76 21.57 -3.30
N ARG B 444 49.80 20.78 -2.78
CA ARG B 444 49.26 19.62 -3.54
C ARG B 444 48.15 20.10 -4.47
N ALA B 445 47.54 21.25 -4.19
CA ALA B 445 46.48 21.84 -5.04
C ALA B 445 47.07 22.38 -6.36
N MET B 446 48.34 22.81 -6.35
CA MET B 446 49.00 23.52 -7.49
C MET B 446 49.46 22.53 -8.56
N GLU B 447 49.56 21.25 -8.19
CA GLU B 447 49.81 20.14 -9.14
C GLU B 447 48.60 19.94 -10.05
N ALA B 448 47.41 20.32 -9.58
CA ALA B 448 46.09 19.93 -10.15
C ALA B 448 46.02 20.21 -11.65
N PRO B 449 46.41 21.41 -12.12
CA PRO B 449 46.21 21.78 -13.53
C PRO B 449 47.20 21.10 -14.47
N LEU B 450 48.38 20.70 -14.00
CA LEU B 450 49.24 19.77 -14.79
C LEU B 450 48.59 18.39 -14.80
N ARG B 451 48.20 17.87 -13.62
CA ARG B 451 47.54 16.54 -13.48
C ARG B 451 46.35 16.43 -14.42
N GLU B 452 45.55 17.50 -14.54
CA GLU B 452 44.27 17.44 -15.30
C GLU B 452 44.56 17.49 -16.81
N ILE B 453 45.50 18.31 -17.27
CA ILE B 453 45.97 18.33 -18.70
C ILE B 453 46.34 16.89 -19.13
N VAL B 454 47.24 16.24 -18.39
CA VAL B 454 47.83 14.92 -18.76
C VAL B 454 46.72 13.87 -18.79
N ALA B 455 45.78 13.95 -17.84
CA ALA B 455 44.58 13.07 -17.76
C ALA B 455 43.87 13.08 -19.11
N ASN B 456 43.25 14.21 -19.46
CA ASN B 456 42.55 14.40 -20.76
C ASN B 456 43.36 13.78 -21.89
N ALA B 457 44.70 13.96 -21.85
CA ALA B 457 45.63 13.52 -22.92
C ALA B 457 45.58 12.00 -23.07
N GLY B 458 45.74 11.29 -21.95
CA GLY B 458 45.73 9.82 -21.92
C GLY B 458 46.67 9.28 -20.86
N GLU B 459 47.86 9.89 -20.75
CA GLU B 459 49.00 9.33 -19.97
C GLU B 459 48.67 9.44 -18.47
N GLU B 460 49.35 8.68 -17.62
CA GLU B 460 49.12 8.66 -16.15
C GLU B 460 49.78 9.90 -15.54
N PRO B 461 48.99 10.81 -14.93
CA PRO B 461 49.52 12.10 -14.50
C PRO B 461 50.62 11.90 -13.46
N SER B 462 50.33 11.01 -12.50
CA SER B 462 51.21 10.60 -11.39
C SER B 462 52.69 10.62 -11.83
N VAL B 463 52.99 10.05 -13.00
CA VAL B 463 54.38 9.79 -13.48
C VAL B 463 54.94 11.04 -14.16
N ILE B 464 54.19 11.60 -15.09
CA ILE B 464 54.57 12.83 -15.85
C ILE B 464 54.82 13.96 -14.85
N LEU B 465 54.01 14.08 -13.80
CA LEU B 465 54.20 15.17 -12.79
C LEU B 465 55.40 14.86 -11.90
N ASN B 466 55.71 13.59 -11.68
CA ASN B 466 56.97 13.19 -11.01
C ASN B 466 58.15 13.60 -11.91
N LYS B 467 58.07 13.27 -13.20
CA LYS B 467 59.13 13.45 -14.22
C LYS B 467 59.52 14.94 -14.36
N VAL B 468 58.54 15.86 -14.28
CA VAL B 468 58.73 17.33 -14.48
C VAL B 468 59.42 17.88 -13.22
N LYS B 469 58.96 17.45 -12.06
CA LYS B 469 59.48 17.92 -10.74
C LYS B 469 60.97 17.55 -10.63
N GLU B 470 61.39 16.49 -11.32
CA GLU B 470 62.79 15.96 -11.26
C GLU B 470 63.72 16.88 -12.06
N GLY B 471 63.37 17.19 -13.32
CA GLY B 471 64.10 18.19 -14.13
C GLY B 471 63.87 19.60 -13.60
N THR B 472 64.41 20.63 -14.29
CA THR B 472 64.33 22.05 -13.86
C THR B 472 64.40 23.03 -15.03
N GLY B 473 64.20 24.32 -14.71
CA GLY B 473 64.33 25.44 -15.64
C GLY B 473 63.02 25.69 -16.35
N ASN B 474 63.04 25.54 -17.68
CA ASN B 474 61.87 25.70 -18.59
C ASN B 474 61.22 24.34 -18.84
N TYR B 475 61.63 23.31 -18.08
CA TYR B 475 61.41 21.89 -18.45
C TYR B 475 59.99 21.46 -18.09
N GLY B 476 59.40 20.61 -18.93
CA GLY B 476 58.03 20.08 -18.73
C GLY B 476 57.55 19.22 -19.89
N TYR B 477 56.24 18.97 -19.91
CA TYR B 477 55.54 18.03 -20.81
C TYR B 477 54.74 18.79 -21.87
N ASN B 478 54.66 18.22 -23.07
CA ASN B 478 53.86 18.75 -24.21
C ASN B 478 52.70 17.77 -24.49
N ALA B 479 51.53 18.03 -23.90
CA ALA B 479 50.36 17.12 -23.92
C ALA B 479 49.77 17.01 -25.33
N ALA B 480 50.05 17.97 -26.22
CA ALA B 480 49.78 17.86 -27.67
C ALA B 480 50.64 16.74 -28.27
N ASN B 481 51.92 16.78 -27.89
CA ASN B 481 53.06 16.11 -28.58
C ASN B 481 53.42 14.79 -27.89
N GLY B 482 53.22 14.72 -26.56
CA GLY B 482 53.68 13.60 -25.73
C GLY B 482 55.19 13.65 -25.51
N GLU B 483 55.85 14.72 -25.98
CA GLU B 483 57.31 14.90 -25.85
C GLU B 483 57.60 15.76 -24.63
N PHE B 484 58.54 15.34 -23.78
CA PHE B 484 59.19 16.20 -22.76
C PHE B 484 60.21 17.09 -23.46
N GLY B 485 60.47 18.29 -22.91
CA GLY B 485 61.47 19.22 -23.47
C GLY B 485 61.27 20.65 -23.01
N ASP B 486 62.11 21.56 -23.51
CA ASP B 486 62.09 23.01 -23.20
C ASP B 486 60.72 23.60 -23.59
N MET B 487 59.94 24.07 -22.62
CA MET B 487 58.53 24.51 -22.84
C MET B 487 58.55 25.75 -23.74
N VAL B 488 59.56 26.62 -23.59
CA VAL B 488 59.69 27.91 -24.33
C VAL B 488 60.20 27.62 -25.77
N GLU B 489 60.90 26.49 -25.97
CA GLU B 489 61.26 25.96 -27.32
C GLU B 489 59.98 25.58 -28.08
N PHE B 490 59.23 24.63 -27.53
CA PHE B 490 57.98 24.07 -28.12
C PHE B 490 57.05 25.23 -28.55
N GLY B 491 56.78 26.18 -27.64
CA GLY B 491 55.93 27.37 -27.89
C GLY B 491 54.90 27.60 -26.79
N ILE B 492 54.79 26.66 -25.85
CA ILE B 492 53.80 26.66 -24.74
C ILE B 492 54.28 27.63 -23.64
N LEU B 493 53.45 28.60 -23.23
CA LEU B 493 53.76 29.54 -22.11
C LEU B 493 52.57 30.46 -21.77
N ASP B 494 52.45 30.83 -20.48
CA ASP B 494 51.35 31.67 -19.92
C ASP B 494 51.84 33.10 -19.72
N PRO B 495 50.95 34.11 -19.66
CA PRO B 495 51.27 35.37 -19.00
C PRO B 495 51.37 35.13 -17.50
N THR B 496 52.46 35.53 -16.86
CA THR B 496 52.62 35.34 -15.39
C THR B 496 51.32 35.81 -14.74
N LYS B 497 50.75 36.91 -15.24
CA LYS B 497 49.61 37.66 -14.63
C LYS B 497 48.37 36.78 -14.44
N VAL B 498 48.08 35.84 -15.35
CA VAL B 498 46.90 34.93 -15.23
C VAL B 498 47.22 33.85 -14.20
N THR B 499 48.38 33.19 -14.34
CA THR B 499 48.89 32.10 -13.46
C THR B 499 48.86 32.57 -11.99
N ARG B 500 49.27 33.81 -11.74
CA ARG B 500 49.18 34.46 -10.40
C ARG B 500 47.71 34.65 -9.98
N SER B 501 46.89 35.27 -10.84
CA SER B 501 45.48 35.64 -10.54
C SER B 501 44.61 34.39 -10.44
N ALA B 502 44.75 33.48 -11.41
CA ALA B 502 44.15 32.13 -11.36
C ALA B 502 44.30 31.56 -9.95
N LEU B 503 45.52 31.65 -9.41
CA LEU B 503 45.91 31.08 -8.09
C LEU B 503 45.30 31.90 -6.94
N GLN B 504 45.77 33.14 -6.75
CA GLN B 504 45.31 34.04 -5.66
C GLN B 504 43.78 34.06 -5.56
N ASN B 505 43.06 33.89 -6.68
CA ASN B 505 41.57 33.98 -6.73
C ASN B 505 40.95 32.69 -6.23
N ALA B 506 41.37 31.55 -6.80
CA ALA B 506 40.97 30.18 -6.38
C ALA B 506 41.22 30.06 -4.88
N ALA B 507 42.39 30.51 -4.45
CA ALA B 507 42.90 30.47 -3.07
C ALA B 507 42.11 31.43 -2.16
N SER B 508 41.42 32.43 -2.72
CA SER B 508 40.52 33.30 -1.93
C SER B 508 39.32 32.48 -1.51
N ILE B 509 38.48 32.09 -2.48
CA ILE B 509 37.17 31.44 -2.20
C ILE B 509 37.43 30.12 -1.47
N ALA B 510 38.57 29.49 -1.77
CA ALA B 510 39.04 28.28 -1.07
C ALA B 510 39.00 28.52 0.44
N GLY B 511 39.34 29.73 0.87
CA GLY B 511 39.37 30.14 2.29
C GLY B 511 37.97 30.41 2.83
N LEU B 512 37.15 31.12 2.05
CA LEU B 512 35.81 31.58 2.49
C LEU B 512 34.91 30.37 2.74
N MET B 513 35.06 29.31 1.95
CA MET B 513 34.17 28.13 1.99
C MET B 513 34.65 27.13 3.04
N ILE B 514 35.94 27.19 3.38
CA ILE B 514 36.50 26.43 4.53
C ILE B 514 35.95 27.02 5.84
N THR B 515 35.77 28.34 5.87
CA THR B 515 35.33 29.11 7.08
C THR B 515 33.83 29.44 7.00
N THR B 516 33.13 29.02 5.95
CA THR B 516 31.64 29.02 5.96
C THR B 516 31.20 28.01 7.01
N GLU B 517 30.13 28.33 7.74
CA GLU B 517 29.62 27.49 8.85
C GLU B 517 28.12 27.74 9.07
N ALA B 518 27.41 28.14 8.02
CA ALA B 518 25.94 28.34 7.97
C ALA B 518 25.57 28.95 6.62
N MET B 519 24.43 28.58 6.06
CA MET B 519 23.97 29.03 4.72
C MET B 519 22.45 29.23 4.71
N VAL B 520 21.99 30.24 3.98
CA VAL B 520 20.57 30.71 4.02
C VAL B 520 20.07 30.81 2.58
N ALA B 521 19.30 29.80 2.17
CA ALA B 521 18.67 29.66 0.85
C ALA B 521 17.19 30.00 0.94
N ASP B 522 16.57 30.38 -0.17
CA ASP B 522 15.09 30.40 -0.32
C ASP B 522 14.62 28.93 -0.34
N ALA B 523 13.47 28.63 0.25
CA ALA B 523 12.93 27.25 0.38
C ALA B 523 12.50 26.70 -0.99
N PRO B 524 12.08 25.42 -1.09
CA PRO B 524 11.53 24.88 -2.34
C PRO B 524 9.99 24.90 -2.38
N LYS B 525 9.33 25.46 -1.36
CA LYS B 525 7.84 25.40 -1.19
C LYS B 525 7.17 26.26 -2.29
N ALA C 1 -8.88 33.84 9.35
CA ALA C 1 -9.61 32.57 9.08
C ALA C 1 -9.37 31.61 10.25
N ALA C 2 -9.74 30.34 10.07
CA ALA C 2 -9.41 29.22 10.99
C ALA C 2 -7.99 29.40 11.52
N LYS C 3 -7.81 29.33 12.84
CA LYS C 3 -6.51 29.51 13.53
C LYS C 3 -6.05 28.17 14.09
N ASP C 4 -4.90 28.20 14.75
CA ASP C 4 -4.05 27.01 15.04
C ASP C 4 -3.35 27.32 16.36
N ILE C 5 -3.94 26.92 17.48
CA ILE C 5 -3.53 27.50 18.80
C ILE C 5 -2.94 26.39 19.67
N ARG C 6 -1.68 26.60 20.09
CA ARG C 6 -0.89 25.62 20.86
C ARG C 6 -0.71 26.15 22.27
N PHE C 7 -0.68 25.26 23.25
CA PHE C 7 -0.58 25.65 24.66
C PHE C 7 0.67 25.08 25.29
N GLY C 8 0.87 25.53 26.52
CA GLY C 8 1.92 25.04 27.43
C GLY C 8 3.24 24.79 26.76
N GLU C 9 3.78 23.60 27.01
CA GLU C 9 5.15 23.24 26.63
C GLU C 9 5.28 22.87 25.16
N ASP C 10 4.16 22.69 24.48
CA ASP C 10 4.20 22.51 23.03
C ASP C 10 4.63 23.87 22.48
N ALA C 11 3.92 24.90 22.91
CA ALA C 11 4.17 26.28 22.44
C ALA C 11 5.66 26.60 22.64
N ARG C 12 6.12 26.60 23.89
CA ARG C 12 7.48 27.06 24.25
C ARG C 12 8.51 26.28 23.41
N THR C 13 8.43 24.95 23.42
CA THR C 13 9.37 24.06 22.68
C THR C 13 9.54 24.56 21.24
N ARG C 14 8.44 24.89 20.55
CA ARG C 14 8.47 25.47 19.17
C ARG C 14 9.25 26.78 19.21
N MET C 15 8.79 27.73 20.04
CA MET C 15 9.42 29.07 20.23
C MET C 15 10.94 28.89 20.35
N VAL C 16 11.43 28.16 21.36
CA VAL C 16 12.90 28.07 21.61
C VAL C 16 13.59 27.41 20.39
N ARG C 17 12.98 26.42 19.74
CA ARG C 17 13.53 25.82 18.48
C ARG C 17 13.77 26.96 17.48
N GLY C 18 12.87 27.93 17.44
CA GLY C 18 12.96 29.09 16.54
C GLY C 18 14.13 30.00 16.89
N VAL C 19 14.24 30.41 18.16
CA VAL C 19 15.32 31.35 18.60
C VAL C 19 16.66 30.65 18.43
N ASN C 20 16.73 29.35 18.72
CA ASN C 20 17.99 28.57 18.57
C ASN C 20 18.44 28.66 17.11
N VAL C 21 17.51 28.63 16.16
CA VAL C 21 17.83 28.64 14.70
C VAL C 21 18.43 30.00 14.33
N LEU C 22 17.76 31.10 14.69
CA LEU C 22 18.25 32.49 14.42
C LEU C 22 19.62 32.68 15.10
N ALA C 23 19.68 32.51 16.42
CA ALA C 23 20.91 32.58 17.25
C ALA C 23 22.06 31.86 16.54
N ASN C 24 21.96 30.54 16.36
CA ASN C 24 23.01 29.69 15.74
C ASN C 24 23.56 30.30 14.44
N ALA C 25 22.68 30.62 13.48
CA ALA C 25 23.04 31.29 12.22
C ALA C 25 23.87 32.56 12.50
N VAL C 26 23.37 33.43 13.40
CA VAL C 26 23.92 34.79 13.66
C VAL C 26 25.19 34.70 14.48
N LYS C 27 25.09 34.05 15.64
CA LYS C 27 26.15 33.98 16.68
C LYS C 27 27.44 33.39 16.07
N ALA C 28 27.36 32.78 14.89
CA ALA C 28 28.52 32.27 14.11
C ALA C 28 29.45 33.42 13.73
N THR C 29 28.96 34.66 13.72
CA THR C 29 29.63 35.79 13.04
C THR C 29 30.20 36.78 14.07
N LEU C 30 30.70 36.26 15.18
CA LEU C 30 31.03 37.09 16.38
C LEU C 30 32.54 37.12 16.69
N GLY C 31 33.01 38.30 17.08
CA GLY C 31 34.41 38.53 17.42
C GLY C 31 35.29 38.41 16.17
N PRO C 32 36.59 38.70 16.30
CA PRO C 32 37.50 38.69 15.15
C PRO C 32 37.74 37.31 14.55
N LYS C 33 37.27 36.24 15.19
CA LYS C 33 37.36 34.87 14.60
C LYS C 33 35.98 34.47 14.05
N GLY C 34 35.06 35.43 14.00
CA GLY C 34 33.73 35.31 13.35
C GLY C 34 33.78 34.46 12.10
N ARG C 35 32.89 33.48 11.99
CA ARG C 35 32.78 32.58 10.83
C ARG C 35 31.96 33.27 9.74
N ASN C 36 31.96 32.68 8.54
CA ASN C 36 31.25 33.19 7.33
C ASN C 36 29.84 32.61 7.26
N VAL C 37 28.86 33.43 6.91
CA VAL C 37 27.47 32.98 6.59
C VAL C 37 27.18 33.34 5.13
N VAL C 38 26.89 32.35 4.30
CA VAL C 38 26.61 32.51 2.85
C VAL C 38 25.09 32.65 2.65
N LEU C 39 24.62 33.85 2.27
CA LEU C 39 23.18 34.13 1.98
C LEU C 39 22.92 34.03 0.47
N GLU C 40 21.94 33.21 0.06
CA GLU C 40 21.45 33.12 -1.34
C GLU C 40 20.87 34.49 -1.70
N LYS C 41 20.75 34.78 -2.99
CA LYS C 41 20.05 36.00 -3.51
C LYS C 41 18.93 35.58 -4.45
N SER C 42 17.93 36.45 -4.62
CA SER C 42 16.81 36.24 -5.59
C SER C 42 17.41 36.09 -7.00
N PHE C 43 17.62 37.19 -7.72
CA PHE C 43 18.39 37.23 -8.99
C PHE C 43 19.88 37.05 -8.65
N GLY C 44 20.74 37.04 -9.67
CA GLY C 44 22.21 37.11 -9.53
C GLY C 44 22.77 36.00 -8.64
N ALA C 45 24.03 36.18 -8.20
CA ALA C 45 24.86 35.19 -7.47
C ALA C 45 25.02 35.61 -6.01
N PRO C 46 25.56 34.74 -5.14
CA PRO C 46 25.27 34.76 -3.70
C PRO C 46 26.10 35.77 -2.92
N THR C 47 25.81 35.89 -1.61
CA THR C 47 26.52 36.77 -0.64
C THR C 47 27.41 35.91 0.27
N ILE C 48 28.51 36.46 0.77
CA ILE C 48 29.37 35.84 1.83
C ILE C 48 29.66 36.93 2.87
N THR C 49 29.12 36.83 4.09
CA THR C 49 29.14 37.92 5.12
C THR C 49 29.62 37.40 6.48
N LYS C 50 30.05 38.33 7.35
CA LYS C 50 30.30 38.12 8.81
C LYS C 50 29.51 39.14 9.62
N ASP C 51 28.58 39.86 8.97
CA ASP C 51 27.74 40.93 9.57
C ASP C 51 26.49 40.28 10.16
N GLY C 52 26.49 40.08 11.48
CA GLY C 52 25.40 39.45 12.24
C GLY C 52 24.03 39.95 11.83
N VAL C 53 23.85 41.26 11.72
CA VAL C 53 22.52 41.89 11.48
C VAL C 53 22.04 41.50 10.08
N SER C 54 22.96 41.45 9.10
CA SER C 54 22.67 41.04 7.70
C SER C 54 21.98 39.66 7.72
N VAL C 55 22.64 38.71 8.36
CA VAL C 55 22.13 37.32 8.58
C VAL C 55 20.73 37.43 9.22
N ALA C 56 20.60 38.26 10.26
CA ALA C 56 19.41 38.32 11.15
C ALA C 56 18.15 38.74 10.38
N LYS C 57 18.28 39.46 9.26
CA LYS C 57 17.10 39.98 8.51
C LYS C 57 16.69 38.98 7.42
N GLU C 58 17.57 38.05 7.07
CA GLU C 58 17.30 36.97 6.08
C GLU C 58 16.57 35.80 6.77
N ILE C 59 16.48 35.78 8.11
CA ILE C 59 15.85 34.66 8.87
C ILE C 59 14.36 34.93 9.04
N GLU C 60 13.57 34.09 8.37
CA GLU C 60 12.13 33.82 8.63
C GLU C 60 11.93 32.35 8.26
N LEU C 61 11.21 31.59 9.08
CA LEU C 61 11.17 30.11 8.92
C LEU C 61 9.81 29.68 8.38
N ALA C 62 9.73 28.43 7.90
CA ALA C 62 8.52 27.80 7.32
C ALA C 62 7.52 27.45 8.43
N ASP C 63 7.94 26.77 9.49
CA ASP C 63 7.03 26.40 10.62
C ASP C 63 6.54 27.70 11.24
N LYS C 64 5.25 27.78 11.55
CA LYS C 64 4.57 29.04 11.96
C LYS C 64 5.15 29.52 13.29
N PHE C 65 5.34 28.61 14.24
CA PHE C 65 5.64 28.92 15.67
C PHE C 65 7.15 29.17 15.82
N GLU C 66 7.97 28.27 15.26
CA GLU C 66 9.46 28.41 15.18
C GLU C 66 9.81 29.75 14.53
N ASN C 67 8.93 30.26 13.67
CA ASN C 67 9.14 31.56 12.99
C ASN C 67 8.87 32.69 13.98
N MET C 68 7.76 32.63 14.72
CA MET C 68 7.33 33.69 15.67
C MET C 68 8.43 33.89 16.72
N GLY C 69 8.86 32.79 17.34
CA GLY C 69 10.04 32.73 18.22
C GLY C 69 11.15 33.61 17.67
N ALA C 70 11.71 33.25 16.51
CA ALA C 70 12.77 34.03 15.81
C ALA C 70 12.36 35.50 15.76
N GLN C 71 11.20 35.78 15.14
CA GLN C 71 10.74 37.14 14.76
C GLN C 71 10.48 38.01 15.99
N MET C 72 10.41 37.41 17.19
CA MET C 72 10.40 38.19 18.45
C MET C 72 11.85 38.58 18.80
N VAL C 73 12.66 37.64 19.27
CA VAL C 73 14.06 37.93 19.73
C VAL C 73 14.73 38.84 18.69
N LYS C 74 14.51 38.54 17.40
CA LYS C 74 14.94 39.36 16.24
C LYS C 74 14.54 40.83 16.43
N GLU C 75 13.26 41.07 16.70
CA GLU C 75 12.62 42.41 16.84
C GLU C 75 13.24 43.20 18.01
N VAL C 76 13.24 42.62 19.22
CA VAL C 76 13.68 43.30 20.47
C VAL C 76 15.20 43.52 20.43
N ALA C 77 15.96 42.63 19.79
CA ALA C 77 17.44 42.71 19.74
C ALA C 77 17.85 43.93 18.91
N SER C 78 17.09 44.24 17.86
CA SER C 78 17.29 45.42 16.98
C SER C 78 16.61 46.67 17.57
N LYS C 79 16.22 46.65 18.85
CA LYS C 79 16.02 47.87 19.68
C LYS C 79 17.40 48.34 20.17
N THR C 80 18.31 47.42 20.48
CA THR C 80 19.68 47.73 20.98
C THR C 80 20.52 48.27 19.81
N ASN C 81 19.97 48.26 18.59
CA ASN C 81 20.64 48.82 17.38
C ASN C 81 20.09 50.20 17.02
N ASP C 82 18.82 50.47 17.32
CA ASP C 82 18.22 51.84 17.25
C ASP C 82 18.61 52.61 18.52
N ASN C 83 19.15 51.90 19.52
CA ASN C 83 19.43 52.40 20.89
C ASN C 83 20.89 52.87 20.97
N ALA C 84 21.83 52.00 20.59
CA ALA C 84 23.30 52.19 20.74
C ALA C 84 24.01 52.21 19.38
N GLY C 85 23.48 51.49 18.37
CA GLY C 85 24.05 51.42 17.01
C GLY C 85 24.93 50.20 16.81
N ASP C 86 24.79 49.20 17.69
CA ASP C 86 25.58 47.92 17.70
C ASP C 86 24.94 46.97 18.73
N GLY C 87 25.30 45.69 18.71
CA GLY C 87 24.94 44.73 19.78
C GLY C 87 24.01 43.61 19.34
N THR C 88 23.12 43.85 18.37
CA THR C 88 22.04 42.89 17.99
C THR C 88 22.57 41.45 18.00
N THR C 89 23.82 41.25 17.58
CA THR C 89 24.50 39.93 17.55
C THR C 89 24.60 39.46 19.01
N THR C 90 25.24 40.25 19.88
CA THR C 90 25.40 40.00 21.34
C THR C 90 24.03 39.73 21.99
N ALA C 91 23.10 40.67 21.84
CA ALA C 91 21.74 40.65 22.44
C ALA C 91 20.94 39.44 21.96
N THR C 92 21.20 38.97 20.73
CA THR C 92 20.60 37.72 20.19
C THR C 92 21.11 36.54 21.04
N VAL C 93 22.42 36.43 21.25
CA VAL C 93 23.02 35.24 21.94
C VAL C 93 22.70 35.31 23.45
N LEU C 94 22.60 36.51 24.02
CA LEU C 94 22.18 36.69 25.43
C LEU C 94 20.73 36.19 25.56
N ALA C 95 19.86 36.62 24.65
CA ALA C 95 18.44 36.20 24.58
C ALA C 95 18.33 34.68 24.53
N GLN C 96 19.16 34.03 23.69
CA GLN C 96 19.15 32.55 23.52
C GLN C 96 19.56 31.92 24.86
N ALA C 97 20.80 32.17 25.26
CA ALA C 97 21.42 31.66 26.49
C ALA C 97 20.45 31.78 27.70
N LEU C 98 19.56 32.79 27.73
CA LEU C 98 18.55 32.97 28.81
C LEU C 98 17.40 31.97 28.62
N ILE C 99 16.69 32.12 27.50
CA ILE C 99 15.39 31.45 27.17
C ILE C 99 15.56 29.93 27.20
N ARG C 100 16.75 29.43 26.83
CA ARG C 100 17.15 28.00 26.88
C ARG C 100 16.96 27.41 28.28
N GLU C 101 17.63 27.99 29.27
CA GLU C 101 17.67 27.51 30.67
C GLU C 101 16.43 28.04 31.41
N GLY C 102 15.70 29.00 30.80
CA GLY C 102 14.35 29.40 31.24
C GLY C 102 13.35 28.31 30.92
N ALA C 103 13.14 28.08 29.62
CA ALA C 103 12.35 26.95 29.06
C ALA C 103 12.58 25.67 29.87
N LYS C 104 13.83 25.21 30.00
CA LYS C 104 14.18 23.96 30.73
C LYS C 104 13.71 24.06 32.18
N ALA C 105 13.93 25.21 32.82
CA ALA C 105 13.67 25.42 34.27
C ALA C 105 12.16 25.48 34.54
N VAL C 106 11.41 26.03 33.58
CA VAL C 106 9.92 25.98 33.55
C VAL C 106 9.44 24.52 33.50
N ALA C 107 9.88 23.76 32.50
CA ALA C 107 9.55 22.33 32.24
C ALA C 107 9.82 21.47 33.49
N ALA C 108 10.92 21.69 34.20
CA ALA C 108 11.33 20.92 35.40
C ALA C 108 10.31 21.14 36.54
N GLY C 109 9.41 22.11 36.41
CA GLY C 109 8.26 22.32 37.31
C GLY C 109 8.37 23.58 38.15
N MET C 110 9.40 24.40 37.94
CA MET C 110 9.59 25.68 38.68
C MET C 110 8.57 26.71 38.18
N ASN C 111 8.40 27.81 38.92
CA ASN C 111 7.36 28.83 38.66
C ASN C 111 7.89 29.86 37.67
N PRO C 112 7.25 30.03 36.49
CA PRO C 112 7.74 30.99 35.50
C PRO C 112 7.71 32.45 35.99
N MET C 113 6.78 32.82 36.88
CA MET C 113 6.60 34.21 37.40
C MET C 113 7.59 34.47 38.54
N ASP C 114 8.40 33.47 38.91
CA ASP C 114 9.52 33.63 39.90
C ASP C 114 10.84 33.65 39.12
N LEU C 115 11.01 32.74 38.16
CA LEU C 115 12.14 32.74 37.19
C LEU C 115 12.32 34.14 36.61
N LYS C 116 11.19 34.78 36.24
CA LYS C 116 11.17 36.13 35.65
C LYS C 116 11.79 37.11 36.64
N ARG C 117 11.14 37.28 37.81
CA ARG C 117 11.53 38.24 38.87
C ARG C 117 12.97 38.00 39.33
N GLY C 118 13.50 36.79 39.11
CA GLY C 118 14.93 36.46 39.32
C GLY C 118 15.80 37.07 38.25
N ILE C 119 15.57 36.73 36.98
CA ILE C 119 16.31 37.30 35.81
C ILE C 119 16.34 38.82 35.95
N ASP C 120 15.20 39.42 36.33
CA ASP C 120 14.99 40.88 36.55
C ASP C 120 15.91 41.39 37.66
N GLN C 121 15.89 40.71 38.81
CA GLN C 121 16.75 41.04 39.98
C GLN C 121 18.21 41.05 39.53
N ALA C 122 18.69 39.94 38.95
CA ALA C 122 20.11 39.73 38.60
C ALA C 122 20.60 40.76 37.58
N VAL C 123 19.76 41.13 36.61
CA VAL C 123 20.15 42.06 35.51
C VAL C 123 20.19 43.49 36.06
N LYS C 124 19.22 43.86 36.90
CA LYS C 124 19.18 45.24 37.46
C LYS C 124 20.35 45.45 38.44
N ALA C 125 20.97 44.37 38.92
CA ALA C 125 22.23 44.42 39.70
C ALA C 125 23.42 44.35 38.74
N ALA C 126 23.36 43.49 37.73
CA ALA C 126 24.43 43.34 36.72
C ALA C 126 24.61 44.64 35.92
N VAL C 127 23.65 45.57 36.04
CA VAL C 127 23.68 46.87 35.31
C VAL C 127 24.30 47.93 36.23
N VAL C 128 23.94 47.90 37.51
CA VAL C 128 24.55 48.75 38.59
C VAL C 128 26.06 48.49 38.58
N GLU C 129 26.45 47.25 38.32
CA GLU C 129 27.85 46.75 38.44
C GLU C 129 28.62 47.04 37.15
N LEU C 130 27.92 46.98 36.03
CA LEU C 130 28.42 47.38 34.68
C LEU C 130 28.72 48.88 34.70
N LYS C 131 27.74 49.69 35.11
CA LYS C 131 27.86 51.17 35.28
C LYS C 131 29.15 51.50 36.02
N ASN C 132 29.54 50.68 36.99
CA ASN C 132 30.66 51.00 37.93
C ASN C 132 31.97 50.98 37.15
N ILE C 133 32.27 49.89 36.42
CA ILE C 133 33.56 49.79 35.65
C ILE C 133 33.50 50.68 34.39
N SER C 134 32.38 51.35 34.13
CA SER C 134 32.27 52.32 33.00
C SER C 134 33.29 53.46 33.22
N LYS C 135 34.05 53.77 32.17
CA LYS C 135 35.17 54.75 32.16
C LYS C 135 34.75 55.94 31.31
N PRO C 136 34.32 57.09 31.91
CA PRO C 136 33.74 58.18 31.12
C PRO C 136 34.78 58.72 30.13
N THR C 137 34.33 59.14 28.94
CA THR C 137 35.19 59.69 27.85
C THR C 137 34.67 61.06 27.39
N THR C 138 35.32 62.12 27.86
CA THR C 138 34.85 63.54 27.81
C THR C 138 35.92 64.47 27.19
N ASP C 139 37.19 64.36 27.60
CA ASP C 139 38.30 65.23 27.11
C ASP C 139 38.63 64.85 25.66
N ASP C 140 39.08 65.82 24.86
CA ASP C 140 39.14 65.71 23.37
C ASP C 140 40.06 64.57 22.96
N LYS C 141 41.19 64.41 23.66
CA LYS C 141 42.23 63.37 23.39
C LYS C 141 41.58 61.98 23.32
N ALA C 142 40.76 61.64 24.33
CA ALA C 142 40.09 60.33 24.51
C ALA C 142 39.08 60.08 23.39
N ILE C 143 38.20 61.04 23.12
CA ILE C 143 37.15 60.96 22.06
C ILE C 143 37.80 60.62 20.69
N ALA C 144 38.99 61.17 20.44
CA ALA C 144 39.79 60.90 19.22
C ALA C 144 40.13 59.40 19.12
N GLN C 145 40.38 58.74 20.26
CA GLN C 145 40.78 57.30 20.32
C GLN C 145 39.55 56.40 20.20
N VAL C 146 38.50 56.69 20.98
CA VAL C 146 37.17 55.98 20.95
C VAL C 146 36.59 56.06 19.54
N GLY C 147 36.97 57.11 18.79
CA GLY C 147 36.73 57.21 17.34
C GLY C 147 37.64 56.28 16.56
N THR C 148 38.95 56.38 16.79
CA THR C 148 40.03 55.65 16.06
C THR C 148 39.78 54.14 16.13
N ILE C 149 39.45 53.63 17.32
CA ILE C 149 39.22 52.18 17.57
C ILE C 149 37.95 51.77 16.82
N SER C 150 36.87 52.53 17.00
CA SER C 150 35.53 52.31 16.38
C SER C 150 35.62 52.30 14.83
N ALA C 151 36.59 53.01 14.26
CA ALA C 151 36.80 53.11 12.80
C ALA C 151 38.05 52.32 12.40
N ASN C 152 38.28 51.17 13.02
CA ASN C 152 39.16 50.10 12.47
C ASN C 152 40.63 50.54 12.49
N SER C 153 41.03 51.37 13.46
CA SER C 153 42.42 51.90 13.65
C SER C 153 42.76 52.93 12.58
N ASP C 154 41.83 53.86 12.30
CA ASP C 154 42.00 54.97 11.32
C ASP C 154 42.02 56.29 12.11
N GLU C 155 43.21 56.74 12.52
CA GLU C 155 43.44 57.98 13.33
C GLU C 155 42.64 59.14 12.74
N SER C 156 42.78 59.35 11.43
CA SER C 156 42.23 60.49 10.64
C SER C 156 40.75 60.70 10.95
N ILE C 157 39.94 59.64 10.89
CA ILE C 157 38.47 59.72 11.08
C ILE C 157 38.22 60.08 12.56
N GLY C 158 38.99 59.46 13.47
CA GLY C 158 38.88 59.69 14.94
C GLY C 158 39.05 61.16 15.28
N ASN C 159 40.10 61.78 14.73
CA ASN C 159 40.46 63.20 14.96
C ASN C 159 39.36 64.11 14.40
N ILE C 160 38.95 63.90 13.16
CA ILE C 160 37.96 64.78 12.47
C ILE C 160 36.55 64.54 13.04
N ILE C 161 36.38 63.60 13.98
CA ILE C 161 35.19 63.58 14.88
C ILE C 161 35.49 64.55 16.01
N ALA C 162 36.46 64.20 16.87
CA ALA C 162 36.86 65.03 18.04
C ALA C 162 36.60 66.49 17.70
N GLU C 163 37.27 66.97 16.65
CA GLU C 163 37.16 68.36 16.12
C GLU C 163 35.67 68.74 16.00
N ALA C 164 34.88 67.98 15.25
CA ALA C 164 33.45 68.29 14.97
C ALA C 164 32.69 68.58 16.28
N MET C 165 33.01 67.89 17.38
CA MET C 165 32.33 68.02 18.70
C MET C 165 32.87 69.27 19.41
N LYS C 166 34.14 69.56 19.15
CA LYS C 166 34.88 70.75 19.67
C LYS C 166 34.27 72.04 19.06
N LYS C 167 33.54 71.91 17.94
CA LYS C 167 32.82 73.01 17.24
C LYS C 167 31.41 73.21 17.83
N VAL C 168 30.57 72.17 17.80
CA VAL C 168 29.12 72.23 18.17
C VAL C 168 28.85 71.63 19.56
N GLY C 169 29.88 71.20 20.30
CA GLY C 169 29.72 70.63 21.65
C GLY C 169 29.43 69.13 21.61
N LYS C 170 29.53 68.48 22.77
CA LYS C 170 29.40 67.00 22.94
C LYS C 170 27.98 66.56 22.57
N GLU C 171 26.97 67.34 22.97
CA GLU C 171 25.54 67.03 22.73
C GLU C 171 25.01 67.93 21.60
N GLY C 172 25.80 68.07 20.54
CA GLY C 172 25.49 68.89 19.35
C GLY C 172 25.52 68.05 18.08
N VAL C 173 24.93 68.58 17.00
CA VAL C 173 24.52 67.83 15.78
C VAL C 173 25.72 67.65 14.84
N ILE C 174 25.97 66.40 14.38
CA ILE C 174 27.05 66.05 13.40
C ILE C 174 26.49 65.12 12.31
N THR C 175 26.87 65.37 11.06
CA THR C 175 26.39 64.65 9.83
C THR C 175 27.59 64.30 8.94
N VAL C 176 27.49 63.32 8.05
CA VAL C 176 28.56 63.01 7.06
C VAL C 176 27.98 63.02 5.63
N GLU C 177 28.86 63.22 4.63
CA GLU C 177 28.51 63.24 3.18
C GLU C 177 29.61 62.57 2.36
N GLU C 178 29.28 62.19 1.12
CA GLU C 178 30.28 61.79 0.08
C GLU C 178 31.16 63.01 -0.23
N GLY C 179 32.43 62.78 -0.56
CA GLY C 179 33.47 63.83 -0.63
C GLY C 179 33.69 64.36 -2.02
N SER C 180 34.82 65.05 -2.22
CA SER C 180 35.36 65.53 -3.51
C SER C 180 36.56 64.68 -3.92
N GLY C 181 37.30 64.16 -2.93
CA GLY C 181 38.12 62.94 -3.08
C GLY C 181 39.53 63.06 -2.49
N LEU C 182 39.90 62.12 -1.62
CA LEU C 182 41.10 62.24 -0.75
C LEU C 182 41.01 63.60 -0.06
N GLU C 183 41.25 63.66 1.26
CA GLU C 183 41.04 64.88 2.09
C GLU C 183 39.57 64.89 2.56
N ASN C 184 39.36 64.53 3.82
CA ASN C 184 38.11 64.82 4.59
C ASN C 184 37.97 66.34 4.73
N GLU C 185 36.81 66.81 5.19
CA GLU C 185 36.55 68.27 5.35
C GLU C 185 35.49 68.44 6.43
N LEU C 186 35.79 69.25 7.44
CA LEU C 186 34.82 69.59 8.49
C LEU C 186 34.28 70.98 8.18
N ASP C 187 32.97 71.09 7.88
CA ASP C 187 32.28 72.37 7.61
C ASP C 187 31.19 72.58 8.67
N VAL C 188 30.64 73.78 8.75
CA VAL C 188 29.66 74.19 9.81
C VAL C 188 28.72 75.24 9.21
N VAL C 189 27.41 75.05 9.38
CA VAL C 189 26.35 75.77 8.64
C VAL C 189 25.07 75.83 9.49
N GLU C 190 24.08 76.61 9.05
CA GLU C 190 22.70 76.63 9.65
C GLU C 190 22.10 75.21 9.51
N GLY C 191 21.07 74.88 10.29
CA GLY C 191 20.39 73.57 10.20
C GLY C 191 19.75 73.14 11.50
N MET C 192 18.91 72.11 11.44
CA MET C 192 18.11 71.59 12.58
C MET C 192 18.20 70.06 12.63
N GLN C 193 17.51 69.45 13.59
CA GLN C 193 17.28 67.98 13.67
C GLN C 193 16.10 67.71 14.61
N PHE C 194 15.37 66.60 14.42
CA PHE C 194 14.25 66.17 15.31
C PHE C 194 14.07 64.64 15.31
N ASP C 195 13.24 64.16 16.26
CA ASP C 195 13.02 62.72 16.62
C ASP C 195 12.59 61.87 15.41
N ARG C 196 11.95 62.49 14.43
CA ARG C 196 11.15 61.80 13.38
C ARG C 196 12.02 61.44 12.17
N GLY C 197 11.75 60.27 11.59
CA GLY C 197 12.37 59.77 10.34
C GLY C 197 11.34 59.60 9.24
N TYR C 198 11.64 58.76 8.25
CA TYR C 198 10.79 58.56 7.04
C TYR C 198 9.51 57.82 7.43
N LEU C 199 8.41 58.12 6.72
CA LEU C 199 7.09 57.47 6.90
C LEU C 199 6.99 56.23 6.00
N SER C 200 8.13 55.72 5.52
CA SER C 200 8.25 54.54 4.60
C SER C 200 9.72 54.22 4.38
N PRO C 201 10.17 52.95 4.55
CA PRO C 201 11.51 52.55 4.14
C PRO C 201 11.81 52.64 2.64
N TYR C 202 10.78 52.88 1.81
CA TYR C 202 10.92 52.89 0.32
C TYR C 202 11.58 54.19 -0.17
N PHE C 203 11.59 55.25 0.65
CA PHE C 203 12.26 56.53 0.31
C PHE C 203 13.78 56.36 0.38
N ILE C 204 14.26 55.27 1.00
CA ILE C 204 15.72 54.96 1.22
C ILE C 204 16.44 54.96 -0.14
N ASN C 205 17.27 55.98 -0.40
CA ASN C 205 18.10 56.10 -1.64
C ASN C 205 19.60 56.11 -1.28
N ASN C 206 19.95 55.68 -0.05
CA ASN C 206 21.34 55.48 0.44
C ASN C 206 21.42 54.17 1.24
N GLN C 207 20.82 53.09 0.71
CA GLN C 207 20.53 51.82 1.45
C GLN C 207 21.80 51.20 2.08
N GLN C 208 22.95 51.85 1.95
CA GLN C 208 24.23 51.48 2.61
C GLN C 208 24.29 52.17 3.99
N SER C 209 23.37 53.11 4.22
CA SER C 209 23.08 53.77 5.53
C SER C 209 21.56 53.99 5.67
N GLN C 210 20.75 52.96 5.45
CA GLN C 210 19.30 53.05 5.11
C GLN C 210 18.80 54.49 5.31
N SER C 211 19.30 55.42 4.49
CA SER C 211 19.05 56.89 4.58
C SER C 211 18.40 57.39 3.28
N ALA C 212 17.72 58.55 3.33
CA ALA C 212 17.37 59.37 2.14
C ALA C 212 18.32 60.57 2.07
N ASP C 213 18.53 61.14 0.88
CA ASP C 213 19.65 62.08 0.60
C ASP C 213 19.22 63.04 -0.53
N LEU C 214 18.69 64.21 -0.17
CA LEU C 214 18.07 65.18 -1.13
C LEU C 214 19.12 66.22 -1.55
N ASP C 215 18.70 67.26 -2.29
CA ASP C 215 19.56 68.30 -2.91
C ASP C 215 18.74 69.56 -3.23
N ASP C 216 19.05 70.68 -2.55
CA ASP C 216 18.44 72.02 -2.73
C ASP C 216 16.92 71.96 -2.59
N PRO C 217 16.36 71.10 -1.69
CA PRO C 217 14.91 70.91 -1.62
C PRO C 217 14.12 72.13 -1.12
N PHE C 218 12.90 72.29 -1.65
CA PHE C 218 11.81 73.08 -1.05
C PHE C 218 11.26 72.28 0.14
N ILE C 219 10.57 72.94 1.07
CA ILE C 219 10.12 72.29 2.34
C ILE C 219 8.67 72.72 2.65
N LEU C 220 7.73 71.77 2.62
CA LEU C 220 6.30 71.98 2.97
C LEU C 220 6.10 71.80 4.48
N LEU C 221 5.52 72.81 5.13
CA LEU C 221 5.34 72.88 6.61
C LEU C 221 3.86 72.91 6.95
N HIS C 222 3.29 71.73 7.22
CA HIS C 222 1.83 71.47 7.37
C HIS C 222 1.50 71.16 8.83
N ASP C 223 0.32 71.61 9.25
CA ASP C 223 -0.14 71.68 10.67
C ASP C 223 -1.12 70.54 10.98
N LYS C 224 -1.28 69.59 10.05
CA LYS C 224 -2.47 68.71 10.04
C LYS C 224 -2.19 67.40 9.30
N LYS C 225 -3.15 66.47 9.33
CA LYS C 225 -3.10 65.14 8.68
C LYS C 225 -3.02 65.31 7.16
N ILE C 226 -2.67 64.23 6.43
CA ILE C 226 -2.57 64.24 4.94
C ILE C 226 -2.84 62.82 4.40
N SER C 227 -3.65 62.72 3.33
CA SER C 227 -4.22 61.45 2.78
C SER C 227 -4.84 61.64 1.38
N ASN C 228 -5.59 62.74 1.20
CA ASN C 228 -6.22 63.18 -0.07
C ASN C 228 -5.18 63.97 -0.88
N VAL C 229 -4.43 63.32 -1.78
CA VAL C 229 -3.25 63.89 -2.52
C VAL C 229 -3.68 65.07 -3.39
N ARG C 230 -4.96 65.14 -3.77
CA ARG C 230 -5.57 66.21 -4.62
C ARG C 230 -5.14 67.61 -4.12
N ASP C 231 -4.91 67.77 -2.82
CA ASP C 231 -4.65 69.08 -2.15
C ASP C 231 -3.20 69.55 -2.41
N LEU C 232 -2.28 68.60 -2.62
CA LEU C 232 -0.83 68.88 -2.83
C LEU C 232 -0.54 69.24 -4.29
N LEU C 233 -1.25 68.60 -5.24
CA LEU C 233 -0.87 68.55 -6.69
C LEU C 233 -0.56 69.93 -7.26
N PRO C 234 -1.23 71.04 -6.84
CA PRO C 234 -0.76 72.39 -7.19
C PRO C 234 0.71 72.65 -6.81
N VAL C 235 1.11 72.18 -5.63
CA VAL C 235 2.51 72.30 -5.11
C VAL C 235 3.43 71.37 -5.92
N LEU C 236 2.98 70.14 -6.20
CA LEU C 236 3.79 69.02 -6.77
C LEU C 236 4.19 69.30 -8.23
N GLU C 237 3.29 69.87 -9.03
CA GLU C 237 3.56 70.34 -10.43
C GLU C 237 4.52 71.53 -10.37
N GLY C 238 4.28 72.47 -9.45
CA GLY C 238 5.13 73.64 -9.17
C GLY C 238 6.56 73.24 -8.80
N VAL C 239 6.72 72.08 -8.13
CA VAL C 239 8.04 71.55 -7.66
C VAL C 239 8.62 70.61 -8.73
N ALA C 240 7.78 70.05 -9.62
CA ALA C 240 8.20 69.22 -10.78
C ALA C 240 8.97 70.08 -11.79
N LYS C 241 8.60 71.36 -11.93
CA LYS C 241 9.33 72.36 -12.79
C LYS C 241 10.56 72.87 -12.04
N ALA C 242 11.75 72.52 -12.54
CA ALA C 242 13.08 72.67 -11.89
C ALA C 242 13.58 71.29 -11.43
N GLY C 243 12.65 70.33 -11.28
CA GLY C 243 12.93 68.93 -10.87
C GLY C 243 13.42 68.82 -9.43
N LYS C 244 13.27 69.89 -8.64
CA LYS C 244 13.92 70.05 -7.31
C LYS C 244 13.06 69.39 -6.24
N PRO C 245 13.64 68.45 -5.44
CA PRO C 245 12.85 67.64 -4.50
C PRO C 245 12.20 68.45 -3.36
N LEU C 246 11.33 67.79 -2.60
CA LEU C 246 10.45 68.42 -1.57
C LEU C 246 10.47 67.59 -0.28
N LEU C 247 10.67 68.25 0.86
CA LEU C 247 10.48 67.68 2.22
C LEU C 247 9.05 67.98 2.68
N ILE C 248 8.26 66.92 2.93
CA ILE C 248 6.88 66.98 3.48
C ILE C 248 6.96 66.63 4.96
N VAL C 249 6.78 67.63 5.84
CA VAL C 249 6.66 67.41 7.32
C VAL C 249 5.27 67.89 7.75
N ALA C 250 4.53 67.05 8.48
CA ALA C 250 3.14 67.30 8.91
C ALA C 250 2.73 66.29 9.99
N GLU C 251 1.50 66.41 10.53
CA GLU C 251 0.97 65.56 11.63
C GLU C 251 1.19 64.09 11.27
N GLU C 252 0.70 63.65 10.10
CA GLU C 252 0.94 62.29 9.54
C GLU C 252 0.49 62.27 8.07
N VAL C 253 0.98 61.30 7.32
CA VAL C 253 0.68 61.08 5.86
C VAL C 253 0.21 59.63 5.69
N GLU C 254 -1.07 59.45 5.31
CA GLU C 254 -1.83 58.17 5.48
C GLU C 254 -1.76 57.31 4.21
N GLY C 255 -2.24 56.06 4.32
CA GLY C 255 -2.22 55.01 3.28
C GLY C 255 -2.21 55.54 1.84
N GLU C 256 -3.21 56.37 1.47
CA GLU C 256 -3.56 56.66 0.05
C GLU C 256 -3.07 58.04 -0.39
N ALA C 257 -2.08 58.61 0.32
CA ALA C 257 -1.17 59.68 -0.16
C ALA C 257 0.28 59.20 0.02
N LEU C 258 0.53 58.43 1.09
CA LEU C 258 1.73 57.59 1.31
C LEU C 258 1.93 56.67 0.08
N ALA C 259 0.90 55.90 -0.27
CA ALA C 259 0.89 54.99 -1.44
C ALA C 259 1.29 55.77 -2.70
N THR C 260 0.68 56.93 -2.93
CA THR C 260 0.91 57.81 -4.10
C THR C 260 2.38 58.28 -4.14
N LEU C 261 2.84 58.87 -3.04
CA LEU C 261 4.18 59.53 -2.94
C LEU C 261 5.32 58.50 -2.89
N VAL C 262 5.09 57.31 -2.31
CA VAL C 262 6.09 56.20 -2.31
C VAL C 262 6.27 55.70 -3.76
N VAL C 263 5.17 55.58 -4.50
CA VAL C 263 5.11 55.04 -5.89
C VAL C 263 5.86 55.98 -6.85
N ASN C 264 5.56 57.29 -6.78
CA ASN C 264 6.02 58.32 -7.77
C ASN C 264 7.54 58.54 -7.70
N THR C 265 8.11 58.55 -6.50
CA THR C 265 9.54 58.85 -6.26
C THR C 265 10.38 57.67 -6.78
N ILE C 266 9.97 56.42 -6.49
CA ILE C 266 10.68 55.17 -6.94
C ILE C 266 10.58 55.06 -8.46
N ARG C 267 9.58 55.71 -9.07
CA ARG C 267 9.46 55.86 -10.55
C ARG C 267 10.25 57.09 -10.99
N GLY C 268 9.58 58.18 -11.38
CA GLY C 268 10.19 59.28 -12.16
C GLY C 268 10.07 60.64 -11.50
N ILE C 269 9.15 61.48 -12.00
CA ILE C 269 9.05 62.93 -11.67
C ILE C 269 8.71 63.05 -10.19
N VAL C 270 9.07 64.20 -9.59
CA VAL C 270 8.80 64.59 -8.16
C VAL C 270 9.42 63.52 -7.24
N LYS C 271 10.62 63.81 -6.71
CA LYS C 271 11.41 62.95 -5.78
C LYS C 271 11.38 63.57 -4.37
N VAL C 272 10.59 62.97 -3.49
CA VAL C 272 10.05 63.61 -2.24
C VAL C 272 10.25 62.63 -1.08
N VAL C 273 10.52 63.18 0.12
CA VAL C 273 10.54 62.41 1.40
C VAL C 273 9.56 63.10 2.37
N ALA C 274 8.87 62.31 3.18
CA ALA C 274 7.77 62.74 4.06
C ALA C 274 7.97 62.18 5.47
N VAL C 275 7.89 63.04 6.48
CA VAL C 275 8.24 62.71 7.90
C VAL C 275 7.14 63.28 8.80
N LYS C 276 6.91 62.65 9.95
CA LYS C 276 5.93 63.12 10.97
C LYS C 276 6.47 64.43 11.58
N ALA C 277 5.58 65.28 12.11
CA ALA C 277 5.96 66.51 12.85
C ALA C 277 6.35 66.13 14.28
N PRO C 278 7.35 66.82 14.90
CA PRO C 278 7.81 66.45 16.23
C PRO C 278 6.93 67.04 17.34
N GLY C 279 6.79 66.32 18.47
CA GLY C 279 6.04 66.77 19.67
C GLY C 279 4.54 66.64 19.48
N PHE C 280 3.74 67.37 20.27
CA PHE C 280 2.26 67.36 20.18
C PHE C 280 1.65 68.65 20.77
N GLY C 281 0.49 69.04 20.25
CA GLY C 281 -0.27 70.25 20.64
C GLY C 281 0.54 71.52 20.45
N ASP C 282 0.38 72.49 21.35
CA ASP C 282 1.14 73.77 21.39
C ASP C 282 2.52 73.56 20.76
N ARG C 283 3.34 72.71 21.41
CA ARG C 283 4.82 72.65 21.25
C ARG C 283 5.21 71.98 19.92
N ARG C 284 4.31 71.22 19.29
CA ARG C 284 4.51 70.62 17.93
C ARG C 284 4.36 71.74 16.89
N LYS C 285 3.24 72.47 16.98
CA LYS C 285 2.90 73.65 16.15
C LYS C 285 3.94 74.75 16.37
N ALA C 286 4.60 74.75 17.52
CA ALA C 286 5.73 75.66 17.87
C ALA C 286 6.95 75.34 17.01
N MET C 287 7.26 74.05 16.85
CA MET C 287 8.52 73.56 16.23
C MET C 287 8.38 73.45 14.71
N LEU C 288 7.15 73.57 14.19
CA LEU C 288 6.89 73.68 12.74
C LEU C 288 7.09 75.13 12.27
N GLU C 289 7.03 76.08 13.20
CA GLU C 289 7.32 77.52 12.94
C GLU C 289 8.81 77.80 13.18
N ASP C 290 9.44 77.03 14.07
CA ASP C 290 10.92 77.05 14.27
C ASP C 290 11.60 76.81 12.92
N MET C 291 11.20 75.74 12.22
CA MET C 291 11.86 75.31 10.95
C MET C 291 11.23 76.05 9.75
N ALA C 292 10.21 76.87 9.99
CA ALA C 292 9.70 77.86 8.99
C ALA C 292 10.74 78.96 8.81
N VAL C 293 10.99 79.76 9.85
CA VAL C 293 11.99 80.86 9.84
C VAL C 293 13.32 80.32 9.30
N LEU C 294 13.75 79.15 9.79
CA LEU C 294 15.08 78.56 9.45
C LEU C 294 15.15 78.28 7.95
N THR C 295 14.12 77.65 7.40
CA THR C 295 14.03 77.27 5.96
C THR C 295 13.49 78.44 5.13
N GLY C 296 12.96 79.47 5.79
CA GLY C 296 12.53 80.75 5.18
C GLY C 296 11.10 80.72 4.66
N GLY C 297 10.47 79.55 4.65
CA GLY C 297 9.13 79.34 4.05
C GLY C 297 8.02 79.81 4.98
N THR C 298 6.86 79.15 4.91
CA THR C 298 5.66 79.47 5.71
C THR C 298 4.99 78.18 6.18
N VAL C 299 4.34 78.26 7.35
CA VAL C 299 3.51 77.16 7.94
C VAL C 299 2.09 77.32 7.39
N ILE C 300 1.50 76.20 6.96
CA ILE C 300 0.18 76.17 6.24
C ILE C 300 -0.84 75.45 7.11
N SER C 301 -1.29 76.13 8.16
CA SER C 301 -2.53 75.81 8.92
C SER C 301 -3.66 76.65 8.33
N GLU C 302 -4.89 76.12 8.34
CA GLU C 302 -6.10 76.83 7.86
C GLU C 302 -6.66 77.67 9.02
N GLU C 303 -5.76 78.29 9.77
CA GLU C 303 -6.04 79.04 11.03
C GLU C 303 -5.33 80.40 10.99
N VAL C 304 -4.09 80.43 10.47
CA VAL C 304 -3.42 81.66 9.96
C VAL C 304 -4.07 82.09 8.64
N GLY C 305 -4.92 81.22 8.08
CA GLY C 305 -5.93 81.55 7.04
C GLY C 305 -5.53 81.06 5.66
N LEU C 306 -4.81 79.94 5.57
CA LEU C 306 -4.13 79.46 4.33
C LEU C 306 -4.65 78.06 3.95
N ALA C 307 -5.09 77.92 2.69
CA ALA C 307 -5.44 76.63 2.05
C ALA C 307 -4.15 75.86 1.76
N LEU C 308 -4.29 74.64 1.24
CA LEU C 308 -3.18 73.69 1.00
C LEU C 308 -2.92 73.59 -0.50
N GLU C 309 -3.86 74.09 -1.31
CA GLU C 309 -3.82 74.09 -2.79
C GLU C 309 -3.29 75.45 -3.27
N LYS C 310 -3.55 76.49 -2.48
CA LYS C 310 -3.06 77.88 -2.71
C LYS C 310 -1.57 77.96 -2.36
N ALA C 311 -1.04 76.95 -1.67
CA ALA C 311 0.41 76.71 -1.47
C ALA C 311 1.07 76.56 -2.86
N THR C 312 2.23 77.20 -3.03
CA THR C 312 3.02 77.23 -4.30
C THR C 312 4.51 77.27 -3.96
N ILE C 313 5.38 77.14 -4.96
CA ILE C 313 6.88 77.19 -4.82
C ILE C 313 7.29 78.42 -3.98
N LYS C 314 6.35 79.33 -3.72
CA LYS C 314 6.58 80.57 -2.91
C LYS C 314 6.64 80.23 -1.42
N ASP C 315 5.57 79.65 -0.86
CA ASP C 315 5.38 79.48 0.61
C ASP C 315 5.90 78.10 1.05
N LEU C 316 6.78 77.50 0.22
CA LEU C 316 7.70 76.40 0.60
C LEU C 316 9.05 77.01 1.01
N GLY C 317 9.59 76.60 2.16
CA GLY C 317 10.96 76.92 2.58
C GLY C 317 11.97 76.32 1.60
N ARG C 318 13.26 76.61 1.79
CA ARG C 318 14.37 76.04 0.98
C ARG C 318 15.56 75.79 1.92
N ALA C 319 16.41 74.83 1.56
CA ALA C 319 17.58 74.38 2.36
C ALA C 319 18.58 73.65 1.46
N LYS C 320 19.88 73.74 1.77
CA LYS C 320 21.00 73.28 0.88
C LYS C 320 20.95 71.76 0.68
N LYS C 321 20.66 71.01 1.73
CA LYS C 321 20.51 69.53 1.69
C LYS C 321 19.73 69.08 2.92
N VAL C 322 18.89 68.05 2.78
CA VAL C 322 18.30 67.32 3.93
C VAL C 322 18.77 65.87 3.85
N GLN C 323 18.65 65.15 4.96
CA GLN C 323 18.87 63.67 5.03
C GLN C 323 18.06 63.13 6.21
N VAL C 324 17.54 61.91 6.08
CA VAL C 324 16.57 61.31 7.04
C VAL C 324 16.90 59.83 7.27
N SER C 325 17.01 59.44 8.55
CA SER C 325 17.30 58.07 9.07
C SER C 325 15.99 57.27 9.15
N LYS C 326 16.03 56.07 9.74
CA LYS C 326 14.78 55.33 10.10
C LYS C 326 13.93 56.23 11.00
N GLU C 327 14.57 56.87 11.98
CA GLU C 327 13.90 57.73 13.00
C GLU C 327 14.88 58.85 13.40
N ASN C 328 15.00 59.88 12.56
CA ASN C 328 15.90 61.05 12.72
C ASN C 328 15.98 61.81 11.39
N THR C 329 15.72 63.12 11.39
CA THR C 329 15.81 64.03 10.21
C THR C 329 16.68 65.24 10.54
N THR C 330 17.59 65.63 9.63
CA THR C 330 18.51 66.80 9.78
C THR C 330 18.37 67.71 8.55
N ILE C 331 18.10 69.00 8.79
CA ILE C 331 18.06 70.11 7.77
C ILE C 331 19.42 70.81 7.74
N ILE C 332 19.96 71.07 6.56
CA ILE C 332 21.31 71.71 6.37
C ILE C 332 21.15 73.02 5.58
N ASP C 333 22.01 73.99 5.86
CA ASP C 333 21.90 75.44 5.53
C ASP C 333 20.49 75.77 5.01
N GLY C 334 19.59 76.12 5.93
CA GLY C 334 18.26 76.68 5.61
C GLY C 334 18.40 78.04 4.95
N ALA C 335 17.70 78.25 3.85
CA ALA C 335 17.61 79.56 3.14
C ALA C 335 16.69 80.49 3.93
N GLY C 336 17.12 80.88 5.14
CA GLY C 336 16.34 81.69 6.09
C GLY C 336 17.19 82.78 6.69
N ASP C 337 16.59 83.94 6.93
CA ASP C 337 17.33 85.23 7.14
C ASP C 337 18.11 85.17 8.46
N SER C 338 19.37 85.65 8.44
CA SER C 338 20.19 85.96 9.64
C SER C 338 19.31 86.54 10.74
N ALA C 339 19.04 87.84 10.68
CA ALA C 339 18.40 88.65 11.74
C ALA C 339 16.88 88.37 11.81
N ALA C 340 16.39 87.37 11.08
CA ALA C 340 15.02 86.79 11.20
C ALA C 340 15.04 85.65 12.23
N ILE C 341 16.01 84.75 12.09
CA ILE C 341 16.23 83.56 12.98
C ILE C 341 16.55 84.05 14.39
N GLU C 342 17.61 84.85 14.54
CA GLU C 342 18.08 85.34 15.87
C GLU C 342 17.09 86.41 16.39
N SER C 343 16.04 86.72 15.63
CA SER C 343 14.89 87.56 16.08
C SER C 343 13.89 86.69 16.84
N ARG C 344 13.51 85.57 16.23
CA ARG C 344 12.63 84.51 16.82
C ARG C 344 13.30 83.94 18.08
N VAL C 345 14.61 83.68 18.03
CA VAL C 345 15.45 83.25 19.20
C VAL C 345 15.23 84.23 20.36
N GLY C 346 15.10 85.52 20.05
CA GLY C 346 14.74 86.58 21.01
C GLY C 346 13.38 86.31 21.65
N GLN C 347 12.33 86.17 20.82
CA GLN C 347 10.93 85.90 21.27
C GLN C 347 10.95 84.78 22.31
N ILE C 348 11.73 83.73 22.03
CA ILE C 348 11.80 82.46 22.83
C ILE C 348 12.57 82.71 24.14
N LYS C 349 13.71 83.42 24.07
CA LYS C 349 14.60 83.70 25.23
C LYS C 349 13.84 84.48 26.33
N THR C 350 12.81 85.25 25.96
CA THR C 350 12.02 86.11 26.89
C THR C 350 10.60 85.54 27.11
N GLN C 351 10.32 84.32 26.61
CA GLN C 351 9.17 83.48 27.08
C GLN C 351 9.65 82.62 28.25
N ILE C 352 10.94 82.26 28.23
CA ILE C 352 11.70 81.65 29.36
C ILE C 352 11.60 82.59 30.57
N GLU C 353 11.95 83.88 30.39
CA GLU C 353 11.95 84.92 31.46
C GLU C 353 10.56 85.03 32.09
N ASP C 354 9.52 84.49 31.43
CA ASP C 354 8.09 84.59 31.84
C ASP C 354 7.60 83.28 32.48
N THR C 355 7.98 82.12 31.94
CA THR C 355 7.44 80.78 32.34
C THR C 355 7.83 80.46 33.80
N SER C 356 6.93 80.78 34.74
CA SER C 356 7.00 80.34 36.16
C SER C 356 6.70 78.84 36.22
N SER C 357 7.66 78.03 35.73
CA SER C 357 7.52 76.57 35.49
C SER C 357 8.87 75.99 35.01
N ASP C 358 9.17 74.75 35.41
CA ASP C 358 10.50 74.10 35.21
C ASP C 358 10.54 73.37 33.87
N TYR C 359 9.61 72.44 33.62
CA TYR C 359 9.49 71.65 32.36
C TYR C 359 9.43 72.62 31.18
N ASP C 360 8.39 73.46 31.14
CA ASP C 360 8.11 74.42 30.03
C ASP C 360 9.37 75.21 29.68
N ARG C 361 10.19 75.55 30.69
CA ARG C 361 11.45 76.34 30.51
C ARG C 361 12.52 75.48 29.84
N GLU C 362 12.89 74.34 30.44
CA GLU C 362 13.99 73.46 29.95
C GLU C 362 13.52 72.70 28.69
N LYS C 363 12.44 73.17 28.07
CA LYS C 363 11.89 72.71 26.76
C LYS C 363 11.99 73.84 25.73
N LEU C 364 11.77 75.10 26.14
CA LEU C 364 11.99 76.29 25.28
C LEU C 364 13.50 76.44 25.06
N GLN C 365 14.30 76.40 26.13
CA GLN C 365 15.79 76.43 26.09
C GLN C 365 16.34 75.39 25.10
N GLU C 366 15.55 74.38 24.76
CA GLU C 366 15.96 73.29 23.83
C GLU C 366 15.61 73.67 22.40
N ARG C 367 14.51 74.40 22.18
CA ARG C 367 14.15 74.89 20.83
C ARG C 367 15.21 75.89 20.37
N VAL C 368 15.74 76.70 21.31
CA VAL C 368 16.81 77.71 21.05
C VAL C 368 18.11 76.99 20.68
N ALA C 369 18.20 75.69 20.94
CA ALA C 369 19.44 74.89 20.78
C ALA C 369 19.70 74.65 19.28
N LYS C 370 18.95 73.76 18.64
CA LYS C 370 19.21 73.33 17.23
C LYS C 370 19.16 74.57 16.32
N LEU C 371 18.34 75.55 16.74
CA LEU C 371 18.05 76.79 15.97
C LEU C 371 19.28 77.70 15.94
N ALA C 372 19.84 77.99 17.11
CA ALA C 372 21.00 78.91 17.32
C ALA C 372 22.34 78.20 17.08
N GLY C 373 22.34 76.87 16.95
CA GLY C 373 23.52 76.01 17.15
C GLY C 373 24.10 75.48 15.85
N GLY C 374 23.24 75.06 14.91
CA GLY C 374 23.62 74.69 13.54
C GLY C 374 24.43 73.40 13.45
N VAL C 375 24.39 72.78 12.27
CA VAL C 375 24.86 71.39 11.96
C VAL C 375 26.33 71.42 11.55
N ALA C 376 27.16 70.56 12.16
CA ALA C 376 28.53 70.23 11.69
C ALA C 376 28.42 69.13 10.63
N VAL C 377 29.39 69.03 9.72
CA VAL C 377 29.28 68.16 8.50
C VAL C 377 30.66 67.57 8.17
N ILE C 378 30.75 66.25 8.06
CA ILE C 378 32.02 65.55 7.71
C ILE C 378 31.96 65.13 6.24
N LYS C 379 32.30 66.03 5.33
CA LYS C 379 32.53 65.68 3.90
C LYS C 379 33.67 64.65 3.90
N VAL C 380 33.41 63.42 3.44
CA VAL C 380 34.31 62.26 3.67
C VAL C 380 35.28 62.11 2.48
N GLY C 381 36.57 62.35 2.72
CA GLY C 381 37.65 62.09 1.76
C GLY C 381 37.78 60.60 1.47
N ALA C 382 38.51 60.21 0.42
CA ALA C 382 38.45 58.83 -0.11
C ALA C 382 39.56 58.50 -1.13
N SER C 383 39.29 58.74 -2.41
CA SER C 383 39.89 58.03 -3.58
C SER C 383 39.01 56.82 -3.97
N THR C 384 39.25 56.26 -5.16
CA THR C 384 38.44 55.20 -5.85
C THR C 384 36.99 55.23 -5.36
N GLU C 385 36.12 55.96 -6.06
CA GLU C 385 34.66 56.10 -5.75
C GLU C 385 34.22 55.02 -4.77
N ILE C 386 34.29 53.75 -5.18
CA ILE C 386 33.66 52.59 -4.47
C ILE C 386 34.30 52.42 -3.07
N GLU C 387 35.61 52.67 -2.93
CA GLU C 387 36.36 52.58 -1.64
C GLU C 387 35.99 53.73 -0.70
N MET C 388 35.38 54.79 -1.23
CA MET C 388 34.84 55.93 -0.43
C MET C 388 33.46 55.55 0.12
N LYS C 389 32.59 55.08 -0.78
CA LYS C 389 31.20 54.64 -0.44
C LYS C 389 31.26 53.79 0.83
N GLU C 390 32.29 52.94 0.93
CA GLU C 390 32.65 52.18 2.15
C GLU C 390 32.98 53.19 3.27
N LYS C 391 34.10 53.93 3.18
CA LYS C 391 34.63 54.81 4.26
C LYS C 391 33.50 55.62 4.91
N LYS C 392 32.57 56.17 4.13
CA LYS C 392 31.40 56.95 4.63
C LYS C 392 30.56 56.09 5.59
N ALA C 393 30.47 54.78 5.33
CA ALA C 393 29.77 53.80 6.20
C ALA C 393 30.55 53.66 7.52
N ARG C 394 31.84 53.36 7.41
CA ARG C 394 32.75 53.09 8.56
C ARG C 394 32.88 54.34 9.45
N VAL C 395 32.57 55.54 8.93
CA VAL C 395 32.65 56.84 9.67
C VAL C 395 31.35 57.08 10.44
N GLU C 396 30.21 56.67 9.87
CA GLU C 396 28.85 56.92 10.43
C GLU C 396 28.66 56.13 11.71
N ASP C 397 29.12 54.88 11.72
CA ASP C 397 28.90 53.92 12.84
C ASP C 397 30.02 54.14 13.87
N ALA C 398 31.20 54.62 13.42
CA ALA C 398 32.29 55.12 14.29
C ALA C 398 31.85 56.38 15.01
N LEU C 399 30.91 57.12 14.43
CA LEU C 399 30.30 58.30 15.10
C LEU C 399 29.27 57.80 16.14
N HIS C 400 28.33 56.95 15.73
CA HIS C 400 27.22 56.45 16.60
C HIS C 400 27.83 55.90 17.90
N ALA C 401 28.99 55.25 17.79
CA ALA C 401 29.76 54.64 18.91
C ALA C 401 30.37 55.73 19.78
N THR C 402 31.15 56.63 19.15
CA THR C 402 31.77 57.83 19.78
C THR C 402 30.72 58.60 20.58
N ARG C 403 29.60 58.96 19.95
CA ARG C 403 28.49 59.73 20.57
C ARG C 403 28.00 59.02 21.83
N ALA C 404 27.86 57.68 21.76
CA ALA C 404 27.30 56.81 22.83
C ALA C 404 28.30 56.65 23.97
N ALA C 405 29.59 56.82 23.66
CA ALA C 405 30.70 56.74 24.64
C ALA C 405 30.70 58.01 25.50
N VAL C 406 30.21 59.11 24.92
CA VAL C 406 30.19 60.45 25.57
C VAL C 406 28.96 60.58 26.48
N GLU C 407 28.14 59.52 26.59
CA GLU C 407 26.95 59.51 27.47
C GLU C 407 27.17 58.54 28.64
N GLU C 408 27.38 57.26 28.36
CA GLU C 408 27.33 56.18 29.39
C GLU C 408 28.72 55.57 29.55
N GLY C 409 29.73 56.13 28.87
CA GLY C 409 31.15 55.76 29.04
C GLY C 409 31.52 54.57 28.18
N VAL C 410 32.67 53.93 28.47
CA VAL C 410 33.13 52.69 27.77
C VAL C 410 33.62 51.65 28.79
N VAL C 411 33.32 50.38 28.50
CA VAL C 411 33.70 49.19 29.31
C VAL C 411 34.64 48.35 28.47
N PRO C 412 35.29 47.29 29.01
CA PRO C 412 36.15 46.41 28.19
C PRO C 412 35.37 45.61 27.13
N GLY C 413 36.06 45.14 26.10
CA GLY C 413 35.42 44.54 24.91
C GLY C 413 35.27 43.04 25.01
N GLY C 414 35.30 42.36 23.86
CA GLY C 414 35.23 40.89 23.72
C GLY C 414 34.25 40.25 24.69
N GLY C 415 33.18 40.98 25.06
CA GLY C 415 32.22 40.57 26.10
C GLY C 415 32.87 40.03 27.36
N VAL C 416 34.01 40.61 27.79
CA VAL C 416 34.62 40.36 29.13
C VAL C 416 33.95 41.33 30.11
N ALA C 417 33.65 42.54 29.64
CA ALA C 417 32.88 43.56 30.38
C ALA C 417 31.76 42.88 31.17
N LEU C 418 31.01 42.02 30.50
CA LEU C 418 29.84 41.27 31.07
C LEU C 418 30.33 40.31 32.17
N VAL C 419 31.31 39.44 31.88
CA VAL C 419 31.79 38.40 32.85
C VAL C 419 32.49 39.12 34.01
N ARG C 420 32.90 40.37 33.79
CA ARG C 420 33.44 41.23 34.88
C ARG C 420 32.30 41.60 35.82
N ALA C 421 31.14 41.97 35.28
CA ALA C 421 29.93 42.31 36.08
C ALA C 421 29.38 41.04 36.74
N LEU C 422 29.60 39.86 36.15
CA LEU C 422 29.16 38.56 36.74
C LEU C 422 29.79 38.38 38.11
N VAL C 423 31.11 38.22 38.10
CA VAL C 423 31.92 37.91 39.32
C VAL C 423 31.61 38.95 40.40
N ALA C 424 31.13 40.13 40.00
CA ALA C 424 30.92 41.31 40.88
C ALA C 424 29.54 41.28 41.57
N VAL C 425 28.62 40.44 41.12
CA VAL C 425 27.27 40.28 41.74
C VAL C 425 27.09 38.79 42.05
N GLY C 426 28.08 38.19 42.69
CA GLY C 426 28.24 36.72 42.76
C GLY C 426 27.07 36.03 43.45
N ASN C 427 26.81 36.38 44.72
CA ASN C 427 26.17 35.50 45.73
C ASN C 427 24.65 35.67 45.78
N LEU C 428 24.08 36.55 44.94
CA LEU C 428 22.72 37.15 45.06
C LEU C 428 21.62 36.07 45.26
N THR C 429 20.51 36.47 45.92
CA THR C 429 19.37 35.59 46.31
C THR C 429 18.05 36.33 46.12
N GLY C 430 16.94 35.66 46.42
CA GLY C 430 15.57 36.14 46.13
C GLY C 430 14.57 35.56 47.09
N ALA C 431 13.29 35.90 46.92
CA ALA C 431 12.19 35.47 47.83
C ALA C 431 12.34 33.98 48.17
N ASN C 432 12.64 33.12 47.19
CA ASN C 432 12.54 31.64 47.32
C ASN C 432 13.47 30.89 46.37
N GLU C 433 13.50 29.56 46.53
CA GLU C 433 14.12 28.53 45.63
C GLU C 433 14.27 29.08 44.21
N ASP C 434 13.12 29.19 43.51
CA ASP C 434 13.03 29.50 42.05
C ASP C 434 13.69 30.84 41.79
N GLN C 435 13.17 31.92 42.37
CA GLN C 435 13.71 33.30 42.22
C GLN C 435 15.24 33.26 42.11
N THR C 436 15.97 32.64 43.03
CA THR C 436 17.47 32.65 42.97
C THR C 436 17.93 31.81 41.78
N HIS C 437 17.31 30.66 41.53
CA HIS C 437 17.62 29.81 40.33
C HIS C 437 17.49 30.68 39.07
N GLY C 438 16.45 31.51 39.01
CA GLY C 438 16.27 32.57 38.00
C GLY C 438 17.46 33.52 37.93
N ILE C 439 17.85 34.12 39.05
CA ILE C 439 19.10 34.95 39.15
C ILE C 439 20.22 34.21 38.40
N GLN C 440 20.41 32.93 38.73
CA GLN C 440 21.64 32.18 38.38
C GLN C 440 21.71 31.96 36.86
N ILE C 441 20.58 31.69 36.17
CA ILE C 441 20.61 31.38 34.69
C ILE C 441 20.87 32.65 33.88
N ALA C 442 20.61 33.83 34.45
CA ALA C 442 20.98 35.14 33.84
C ALA C 442 22.49 35.34 33.98
N LEU C 443 23.03 35.09 35.18
CA LEU C 443 24.49 35.18 35.48
C LEU C 443 25.24 34.12 34.65
N ARG C 444 24.59 32.99 34.35
CA ARG C 444 25.18 31.94 33.48
C ARG C 444 25.27 32.56 32.08
N ALA C 445 24.18 33.18 31.63
CA ALA C 445 24.00 33.67 30.24
C ALA C 445 25.06 34.72 29.91
N MET C 446 25.38 35.60 30.84
CA MET C 446 26.29 36.75 30.57
C MET C 446 27.68 36.22 30.17
N GLU C 447 27.99 34.98 30.51
CA GLU C 447 29.20 34.29 30.02
C GLU C 447 29.11 34.01 28.50
N ALA C 448 27.96 34.26 27.85
CA ALA C 448 27.65 33.71 26.50
C ALA C 448 28.45 34.42 25.42
N PRO C 449 28.35 35.76 25.29
CA PRO C 449 29.03 36.46 24.21
C PRO C 449 30.52 36.12 24.22
N LEU C 450 31.13 35.95 25.40
CA LEU C 450 32.56 35.54 25.45
C LEU C 450 32.71 34.11 24.93
N ARG C 451 32.04 33.14 25.54
CA ARG C 451 32.22 31.68 25.26
C ARG C 451 32.16 31.44 23.74
N GLU C 452 31.31 32.18 23.06
CA GLU C 452 31.09 32.08 21.61
C GLU C 452 32.31 32.62 20.85
N ILE C 453 32.71 33.86 21.14
CA ILE C 453 33.90 34.51 20.51
C ILE C 453 35.09 33.55 20.56
N VAL C 454 35.33 33.00 21.76
CA VAL C 454 36.41 32.01 22.03
C VAL C 454 36.14 30.76 21.18
N ALA C 455 34.89 30.32 21.12
CA ALA C 455 34.44 29.14 20.32
C ALA C 455 34.74 29.39 18.85
N ASN C 456 34.17 30.45 18.27
CA ASN C 456 34.43 30.85 16.84
C ASN C 456 35.93 30.83 16.54
N ALA C 457 36.78 31.16 17.51
CA ALA C 457 38.26 31.06 17.41
C ALA C 457 38.64 29.58 17.28
N GLY C 458 38.30 28.78 18.31
CA GLY C 458 38.48 27.32 18.28
C GLY C 458 38.90 26.75 19.63
N GLU C 459 39.07 27.60 20.63
CA GLU C 459 39.65 27.22 21.96
C GLU C 459 38.52 26.70 22.86
N GLU C 460 38.87 25.87 23.86
CA GLU C 460 37.97 25.47 24.96
C GLU C 460 37.54 26.75 25.66
N PRO C 461 36.26 27.15 25.53
CA PRO C 461 35.77 28.39 26.15
C PRO C 461 35.74 28.35 27.69
N SER C 462 35.26 27.25 28.25
CA SER C 462 35.23 26.98 29.71
C SER C 462 36.63 27.16 30.33
N VAL C 463 37.71 26.99 29.56
CA VAL C 463 39.12 27.22 30.03
C VAL C 463 39.40 28.73 30.05
N ILE C 464 39.09 29.44 28.96
CA ILE C 464 39.38 30.90 28.84
C ILE C 464 38.45 31.67 29.77
N LEU C 465 37.17 31.33 29.83
CA LEU C 465 36.22 32.08 30.69
C LEU C 465 36.53 31.84 32.17
N ASN C 466 36.95 30.63 32.54
CA ASN C 466 37.48 30.37 33.89
C ASN C 466 38.62 31.35 34.18
N LYS C 467 39.61 31.41 33.28
CA LYS C 467 40.89 32.14 33.46
C LYS C 467 40.76 33.63 33.09
N VAL C 468 39.55 34.12 32.82
CA VAL C 468 39.21 35.59 32.74
C VAL C 468 38.52 35.97 34.05
N LYS C 469 37.45 35.27 34.42
CA LYS C 469 36.75 35.47 35.72
C LYS C 469 37.78 35.55 36.85
N GLU C 470 38.94 34.92 36.66
CA GLU C 470 39.94 34.62 37.74
C GLU C 470 41.00 35.72 37.82
N GLY C 471 41.12 36.56 36.78
CA GLY C 471 41.84 37.86 36.85
C GLY C 471 40.89 38.99 37.19
N THR C 472 41.39 40.19 37.50
CA THR C 472 40.57 41.33 38.02
C THR C 472 40.72 42.59 37.18
N GLY C 473 39.61 43.26 36.88
CA GLY C 473 39.58 44.60 36.26
C GLY C 473 39.53 44.53 34.75
N ASN C 474 40.50 45.15 34.08
CA ASN C 474 40.58 45.21 32.60
C ASN C 474 41.42 44.04 32.09
N TYR C 475 41.54 42.98 32.87
CA TYR C 475 42.06 41.68 32.37
C TYR C 475 41.03 41.09 31.41
N GLY C 476 41.51 40.43 30.35
CA GLY C 476 40.66 39.87 29.29
C GLY C 476 41.43 38.99 28.31
N TYR C 477 40.70 38.49 27.31
CA TYR C 477 41.20 37.64 26.19
C TYR C 477 41.07 38.42 24.88
N ASN C 478 42.14 38.50 24.10
CA ASN C 478 42.11 39.10 22.74
C ASN C 478 42.00 37.95 21.73
N ALA C 479 40.82 37.78 21.13
CA ALA C 479 40.45 36.60 20.32
C ALA C 479 41.20 36.57 18.97
N ALA C 480 41.71 37.73 18.53
CA ALA C 480 42.50 37.90 17.28
C ALA C 480 43.95 37.48 17.52
N ASN C 481 44.53 38.02 18.60
CA ASN C 481 45.96 37.94 18.98
C ASN C 481 46.30 36.52 19.47
N GLY C 482 45.42 35.97 20.32
CA GLY C 482 45.66 34.77 21.14
C GLY C 482 45.90 35.14 22.59
N GLU C 483 46.47 36.33 22.83
CA GLU C 483 47.09 36.74 24.12
C GLU C 483 46.02 37.29 25.08
N PHE C 484 46.31 37.21 26.39
CA PHE C 484 45.54 37.82 27.51
C PHE C 484 46.24 39.12 27.96
N GLY C 485 45.48 40.17 28.28
CA GLY C 485 46.03 41.41 28.88
C GLY C 485 44.98 42.49 29.13
N ASP C 486 45.42 43.75 29.26
CA ASP C 486 44.51 44.89 29.57
C ASP C 486 43.77 45.25 28.28
N MET C 487 42.49 44.87 28.20
CA MET C 487 41.67 45.01 26.97
C MET C 487 41.69 46.48 26.53
N VAL C 488 41.54 47.42 27.47
CA VAL C 488 41.58 48.90 27.21
C VAL C 488 43.04 49.37 27.15
N GLU C 489 43.83 48.69 26.32
CA GLU C 489 45.29 48.92 26.12
C GLU C 489 45.76 48.06 24.94
N PHE C 490 45.06 46.94 24.70
CA PHE C 490 44.96 46.21 23.41
C PHE C 490 44.05 46.94 22.41
N GLY C 491 43.45 48.07 22.83
CA GLY C 491 42.41 48.78 22.05
C GLY C 491 41.24 47.87 21.70
N ILE C 492 40.53 47.42 22.73
CA ILE C 492 39.28 46.60 22.62
C ILE C 492 38.29 47.08 23.69
N LEU C 493 37.14 47.60 23.30
CA LEU C 493 36.10 48.07 24.27
C LEU C 493 34.81 48.47 23.56
N ASP C 494 33.68 48.13 24.18
CA ASP C 494 32.31 48.51 23.79
C ASP C 494 31.99 49.85 24.46
N PRO C 495 31.15 50.69 23.85
CA PRO C 495 30.43 51.71 24.60
C PRO C 495 29.68 51.00 25.74
N THR C 496 29.65 51.59 26.93
CA THR C 496 28.88 51.02 28.07
C THR C 496 27.41 50.99 27.66
N LYS C 497 26.94 52.02 26.95
CA LYS C 497 25.51 52.19 26.59
C LYS C 497 25.04 50.97 25.82
N VAL C 498 25.84 50.50 24.85
CA VAL C 498 25.48 49.33 23.98
C VAL C 498 25.36 48.07 24.87
N THR C 499 26.39 47.73 25.68
CA THR C 499 26.42 46.49 26.49
C THR C 499 25.23 46.47 27.46
N ARG C 500 24.99 47.53 28.23
CA ARG C 500 23.84 47.64 29.17
C ARG C 500 22.51 47.30 28.47
N SER C 501 22.28 47.92 27.30
CA SER C 501 21.04 47.74 26.49
C SER C 501 20.94 46.29 26.00
N ALA C 502 21.85 45.87 25.12
CA ALA C 502 22.02 44.47 24.66
C ALA C 502 21.57 43.50 25.77
N LEU C 503 21.99 43.73 27.02
CA LEU C 503 21.60 42.88 28.18
C LEU C 503 20.09 43.07 28.45
N GLN C 504 19.69 44.29 28.81
CA GLN C 504 18.34 44.60 29.38
C GLN C 504 17.23 44.22 28.41
N ASN C 505 17.46 44.35 27.09
CA ASN C 505 16.46 43.99 26.04
C ASN C 505 16.29 42.48 26.03
N ALA C 506 17.41 41.76 25.83
CA ALA C 506 17.49 40.28 25.79
C ALA C 506 16.77 39.69 27.02
N ALA C 507 16.77 40.44 28.12
CA ALA C 507 16.21 40.04 29.44
C ALA C 507 14.71 40.37 29.49
N SER C 508 14.32 41.44 28.80
CA SER C 508 12.90 41.87 28.70
C SER C 508 12.07 40.76 28.04
N ILE C 509 12.55 40.26 26.90
CA ILE C 509 11.80 39.28 26.04
C ILE C 509 12.00 37.84 26.55
N ALA C 510 12.95 37.61 27.46
CA ALA C 510 13.15 36.30 28.11
C ALA C 510 12.04 36.12 29.16
N GLY C 511 11.76 37.17 29.93
CA GLY C 511 10.63 37.19 30.89
C GLY C 511 9.32 36.92 30.18
N LEU C 512 9.19 37.41 28.94
CA LEU C 512 7.95 37.27 28.12
C LEU C 512 7.84 35.84 27.60
N MET C 513 8.91 35.29 27.03
CA MET C 513 8.86 33.98 26.32
C MET C 513 8.80 32.83 27.33
N ILE C 514 9.17 33.09 28.58
CA ILE C 514 9.19 32.09 29.69
C ILE C 514 7.80 32.05 30.36
N THR C 515 7.11 33.19 30.37
CA THR C 515 5.75 33.33 31.00
C THR C 515 4.68 33.37 29.89
N THR C 516 4.99 32.80 28.71
CA THR C 516 4.05 32.49 27.61
C THR C 516 3.40 31.12 27.89
N GLU C 517 2.08 31.01 27.74
CA GLU C 517 1.28 29.76 27.96
C GLU C 517 0.48 29.39 26.71
N ALA C 518 0.54 30.21 25.65
CA ALA C 518 -0.34 30.06 24.46
C ALA C 518 0.22 30.81 23.26
N MET C 519 -0.12 30.33 22.06
CA MET C 519 0.21 30.97 20.76
C MET C 519 -1.01 30.83 19.85
N VAL C 520 -1.24 31.82 18.98
CA VAL C 520 -2.34 31.81 17.96
C VAL C 520 -1.70 32.22 16.63
N ALA C 521 -1.99 31.51 15.54
CA ALA C 521 -1.19 31.52 14.30
C ALA C 521 -1.93 30.89 13.12
N ASP C 522 -2.41 31.71 12.19
CA ASP C 522 -3.10 31.28 10.93
C ASP C 522 -2.71 29.84 10.59
N ALA C 523 -3.68 28.93 10.56
CA ALA C 523 -3.51 27.46 10.37
C ALA C 523 -3.04 27.16 8.95
N PRO C 524 -1.93 26.39 8.78
CA PRO C 524 -1.35 26.07 7.46
C PRO C 524 -2.31 26.11 6.25
N LYS C 525 -3.20 25.13 6.07
CA LYS C 525 -4.01 24.94 4.84
C LYS C 525 -4.86 26.20 4.57
N ALA D 1 -16.99 -31.68 8.29
CA ALA D 1 -16.64 -30.28 8.72
C ALA D 1 -17.29 -29.30 7.75
N ALA D 2 -16.95 -28.02 7.90
CA ALA D 2 -17.58 -26.89 7.15
C ALA D 2 -17.52 -27.22 5.66
N LYS D 3 -18.69 -27.24 5.03
CA LYS D 3 -18.85 -27.46 3.59
C LYS D 3 -19.07 -26.08 2.96
N ASP D 4 -18.34 -25.79 1.88
CA ASP D 4 -18.59 -24.63 0.99
C ASP D 4 -19.48 -25.17 -0.11
N ILE D 5 -20.70 -24.62 -0.23
CA ILE D 5 -21.82 -25.26 -0.99
C ILE D 5 -22.43 -24.21 -1.93
N ARG D 6 -22.54 -24.51 -3.23
CA ARG D 6 -22.99 -23.54 -4.27
C ARG D 6 -24.23 -24.07 -4.99
N PHE D 7 -25.01 -23.17 -5.59
CA PHE D 7 -26.37 -23.46 -6.13
C PHE D 7 -26.46 -23.07 -7.61
N GLY D 8 -27.24 -23.83 -8.39
CA GLY D 8 -27.64 -23.46 -9.77
C GLY D 8 -26.48 -23.03 -10.66
N GLU D 9 -26.71 -22.03 -11.52
CA GLU D 9 -25.78 -21.62 -12.61
C GLU D 9 -24.34 -21.56 -12.09
N ASP D 10 -24.15 -21.04 -10.87
CA ASP D 10 -22.83 -21.03 -10.17
C ASP D 10 -22.28 -22.46 -10.13
N ALA D 11 -22.97 -23.34 -9.42
CA ALA D 11 -22.64 -24.78 -9.32
C ALA D 11 -22.42 -25.36 -10.72
N ARG D 12 -23.37 -25.11 -11.62
CA ARG D 12 -23.41 -25.70 -13.00
C ARG D 12 -22.21 -25.22 -13.82
N THR D 13 -21.94 -23.92 -13.86
CA THR D 13 -20.87 -23.30 -14.69
C THR D 13 -19.50 -23.87 -14.32
N ARG D 14 -19.31 -24.23 -13.05
CA ARG D 14 -18.01 -24.77 -12.55
C ARG D 14 -17.93 -26.27 -12.86
N MET D 15 -19.05 -27.00 -12.85
CA MET D 15 -19.11 -28.42 -13.31
C MET D 15 -18.73 -28.47 -14.79
N VAL D 16 -19.23 -27.52 -15.58
CA VAL D 16 -18.99 -27.45 -17.05
C VAL D 16 -17.51 -27.12 -17.32
N ARG D 17 -16.95 -26.10 -16.65
CA ARG D 17 -15.49 -25.79 -16.79
C ARG D 17 -14.73 -27.10 -16.56
N GLY D 18 -15.12 -27.83 -15.51
CA GLY D 18 -14.50 -29.09 -15.06
C GLY D 18 -14.33 -30.10 -16.19
N VAL D 19 -15.41 -30.43 -16.91
CA VAL D 19 -15.39 -31.44 -18.01
C VAL D 19 -14.60 -30.85 -19.19
N ASN D 20 -14.94 -29.62 -19.61
CA ASN D 20 -14.28 -28.98 -20.79
C ASN D 20 -12.77 -29.13 -20.65
N VAL D 21 -12.26 -29.28 -19.42
CA VAL D 21 -10.79 -29.35 -19.17
C VAL D 21 -10.34 -30.80 -19.31
N LEU D 22 -11.14 -31.75 -18.82
CA LEU D 22 -10.84 -33.19 -19.00
C LEU D 22 -11.10 -33.62 -20.44
N ALA D 23 -12.19 -33.16 -21.04
CA ALA D 23 -12.56 -33.44 -22.45
C ALA D 23 -11.47 -32.90 -23.41
N ASN D 24 -11.23 -31.59 -23.42
CA ASN D 24 -10.27 -30.90 -24.34
C ASN D 24 -8.86 -31.51 -24.19
N ALA D 25 -8.51 -31.99 -22.99
CA ALA D 25 -7.27 -32.78 -22.74
C ALA D 25 -7.32 -34.09 -23.55
N VAL D 26 -8.34 -34.89 -23.29
CA VAL D 26 -8.48 -36.28 -23.80
C VAL D 26 -8.62 -36.25 -25.32
N LYS D 27 -9.40 -35.29 -25.85
CA LYS D 27 -9.90 -35.32 -27.25
C LYS D 27 -8.82 -34.85 -28.25
N ALA D 28 -7.66 -34.38 -27.76
CA ALA D 28 -6.47 -34.09 -28.60
C ALA D 28 -5.90 -35.39 -29.17
N THR D 29 -6.20 -36.54 -28.55
CA THR D 29 -5.60 -37.88 -28.87
C THR D 29 -6.53 -38.71 -29.76
N LEU D 30 -7.69 -38.17 -30.11
CA LEU D 30 -8.74 -38.94 -30.82
C LEU D 30 -8.41 -39.02 -32.31
N GLY D 31 -8.51 -40.23 -32.87
CA GLY D 31 -8.27 -40.52 -34.29
C GLY D 31 -6.87 -41.07 -34.52
N PRO D 32 -6.56 -41.46 -35.77
CA PRO D 32 -5.21 -41.90 -36.15
C PRO D 32 -4.31 -40.74 -36.61
N LYS D 33 -4.76 -39.50 -36.40
CA LYS D 33 -3.90 -38.28 -36.40
C LYS D 33 -4.02 -37.64 -35.01
N GLY D 34 -4.37 -38.45 -34.01
CA GLY D 34 -4.37 -38.07 -32.60
C GLY D 34 -3.07 -37.39 -32.23
N ARG D 35 -3.15 -36.31 -31.44
CA ARG D 35 -1.98 -35.48 -31.06
C ARG D 35 -1.37 -36.01 -29.76
N ASN D 36 -0.06 -35.86 -29.62
CA ASN D 36 0.69 -36.25 -28.40
C ASN D 36 0.23 -35.37 -27.24
N VAL D 37 0.04 -36.00 -26.06
CA VAL D 37 -0.16 -35.31 -24.76
C VAL D 37 0.94 -35.77 -23.80
N VAL D 38 1.71 -34.83 -23.24
CA VAL D 38 2.90 -35.12 -22.38
C VAL D 38 2.45 -35.14 -20.90
N LEU D 39 2.70 -36.24 -20.19
CA LEU D 39 2.38 -36.34 -18.75
C LEU D 39 3.69 -36.27 -17.96
N GLU D 40 3.81 -35.31 -17.05
CA GLU D 40 4.88 -35.25 -16.02
C GLU D 40 4.86 -36.59 -15.27
N LYS D 41 6.00 -37.27 -15.25
CA LYS D 41 6.21 -38.48 -14.41
C LYS D 41 6.93 -38.03 -13.14
N SER D 42 6.36 -38.37 -11.98
CA SER D 42 6.83 -37.96 -10.63
C SER D 42 8.35 -37.89 -10.61
N PHE D 43 9.02 -39.05 -10.72
CA PHE D 43 10.49 -39.18 -10.67
C PHE D 43 10.96 -39.86 -11.97
N GLY D 44 11.50 -39.07 -12.90
CA GLY D 44 12.00 -39.55 -14.20
C GLY D 44 11.77 -38.55 -15.32
N ALA D 45 11.82 -39.03 -16.56
CA ALA D 45 11.53 -38.24 -17.79
C ALA D 45 10.04 -38.28 -18.05
N PRO D 46 9.47 -37.36 -18.87
CA PRO D 46 8.03 -37.30 -19.10
C PRO D 46 7.52 -38.51 -19.89
N THR D 47 6.21 -38.71 -19.85
CA THR D 47 5.49 -39.72 -20.68
C THR D 47 4.81 -38.97 -21.83
N ILE D 48 5.02 -39.42 -23.08
CA ILE D 48 4.31 -38.89 -24.28
C ILE D 48 3.36 -39.96 -24.82
N THR D 49 2.07 -39.87 -24.48
CA THR D 49 1.03 -40.89 -24.82
C THR D 49 -0.03 -40.25 -25.73
N LYS D 50 -0.55 -41.05 -26.67
CA LYS D 50 -1.78 -40.76 -27.48
C LYS D 50 -2.95 -41.56 -26.90
N ASP D 51 -2.73 -42.29 -25.81
CA ASP D 51 -3.77 -43.12 -25.15
C ASP D 51 -4.70 -42.22 -24.34
N GLY D 52 -5.93 -42.04 -24.80
CA GLY D 52 -6.95 -41.15 -24.21
C GLY D 52 -7.24 -41.47 -22.75
N VAL D 53 -7.11 -42.74 -22.34
CA VAL D 53 -7.36 -43.21 -20.94
C VAL D 53 -6.21 -42.74 -20.05
N SER D 54 -4.98 -43.10 -20.41
CA SER D 54 -3.74 -42.56 -19.78
C SER D 54 -4.00 -41.12 -19.37
N VAL D 55 -4.28 -40.25 -20.35
CA VAL D 55 -4.42 -38.78 -20.13
C VAL D 55 -5.55 -38.55 -19.14
N ALA D 56 -6.68 -39.24 -19.30
CA ALA D 56 -7.90 -39.11 -18.46
C ALA D 56 -7.57 -39.47 -17.02
N LYS D 57 -6.88 -40.60 -16.81
CA LYS D 57 -6.44 -41.13 -15.49
C LYS D 57 -5.68 -40.06 -14.69
N GLU D 58 -4.82 -39.28 -15.34
CA GLU D 58 -3.92 -38.30 -14.66
C GLU D 58 -4.70 -37.07 -14.19
N ILE D 59 -5.86 -36.78 -14.77
CA ILE D 59 -6.57 -35.47 -14.60
C ILE D 59 -7.33 -35.44 -13.28
N GLU D 60 -6.78 -34.71 -12.31
CA GLU D 60 -7.49 -34.11 -11.15
C GLU D 60 -7.37 -32.57 -11.29
N LEU D 61 -8.37 -31.84 -10.81
CA LEU D 61 -8.37 -30.35 -10.90
C LEU D 61 -8.29 -29.75 -9.51
N ALA D 62 -7.63 -28.59 -9.41
CA ALA D 62 -7.36 -27.86 -8.15
C ALA D 62 -8.69 -27.41 -7.53
N ASP D 63 -9.51 -26.71 -8.32
CA ASP D 63 -10.83 -26.17 -7.91
C ASP D 63 -11.72 -27.35 -7.50
N LYS D 64 -12.25 -27.31 -6.28
CA LYS D 64 -12.98 -28.44 -5.64
C LYS D 64 -14.15 -28.86 -6.55
N PHE D 65 -14.82 -27.89 -7.18
CA PHE D 65 -16.09 -28.08 -7.93
C PHE D 65 -15.86 -28.43 -9.39
N GLU D 66 -14.81 -27.86 -9.99
CA GLU D 66 -14.31 -28.27 -11.33
C GLU D 66 -13.91 -29.74 -11.24
N ASN D 67 -13.23 -30.13 -10.16
CA ASN D 67 -12.91 -31.56 -9.93
C ASN D 67 -14.21 -32.40 -10.00
N MET D 68 -15.24 -32.06 -9.21
CA MET D 68 -16.54 -32.82 -9.15
C MET D 68 -17.06 -33.04 -10.58
N GLY D 69 -16.97 -31.99 -11.41
CA GLY D 69 -17.28 -32.02 -12.85
C GLY D 69 -16.42 -33.05 -13.56
N ALA D 70 -15.12 -32.79 -13.69
CA ALA D 70 -14.15 -33.65 -14.40
C ALA D 70 -14.29 -35.10 -13.93
N GLN D 71 -14.43 -35.35 -12.62
CA GLN D 71 -14.35 -36.73 -12.06
C GLN D 71 -15.61 -37.50 -12.47
N MET D 72 -16.77 -36.84 -12.38
CA MET D 72 -18.10 -37.43 -12.72
C MET D 72 -18.09 -38.06 -14.11
N VAL D 73 -17.57 -37.36 -15.13
CA VAL D 73 -17.65 -37.86 -16.54
C VAL D 73 -16.43 -38.74 -16.83
N LYS D 74 -15.27 -38.40 -16.26
CA LYS D 74 -14.06 -39.28 -16.26
C LYS D 74 -14.51 -40.69 -15.86
N GLU D 75 -15.53 -40.78 -14.99
CA GLU D 75 -15.92 -42.03 -14.29
C GLU D 75 -16.85 -42.87 -15.16
N VAL D 76 -17.97 -42.31 -15.64
CA VAL D 76 -18.99 -43.04 -16.47
C VAL D 76 -18.43 -43.29 -17.87
N ALA D 77 -17.46 -42.48 -18.31
CA ALA D 77 -16.70 -42.70 -19.56
C ALA D 77 -15.68 -43.83 -19.34
N SER D 78 -15.27 -44.09 -18.09
CA SER D 78 -14.37 -45.21 -17.70
C SER D 78 -15.17 -46.51 -17.57
N LYS D 79 -16.48 -46.41 -17.29
CA LYS D 79 -17.43 -47.56 -17.26
C LYS D 79 -17.46 -48.24 -18.64
N THR D 80 -17.30 -47.47 -19.72
CA THR D 80 -17.45 -47.94 -21.13
C THR D 80 -16.20 -48.70 -21.61
N ASN D 81 -15.02 -48.48 -21.01
CA ASN D 81 -13.74 -49.17 -21.37
C ASN D 81 -13.66 -50.52 -20.64
N ASP D 82 -14.29 -50.62 -19.46
CA ASP D 82 -14.40 -51.87 -18.66
C ASP D 82 -15.64 -52.63 -19.14
N ASN D 83 -16.73 -51.88 -19.36
CA ASN D 83 -18.04 -52.31 -19.95
C ASN D 83 -17.81 -53.03 -21.28
N ALA D 84 -17.25 -52.35 -22.28
CA ALA D 84 -17.22 -52.78 -23.71
C ALA D 84 -15.79 -52.95 -24.26
N GLY D 85 -14.77 -52.40 -23.59
CA GLY D 85 -13.34 -52.63 -23.94
C GLY D 85 -12.61 -51.33 -24.25
N ASP D 86 -13.12 -50.56 -25.21
CA ASP D 86 -12.60 -49.22 -25.64
C ASP D 86 -13.76 -48.23 -25.49
N GLY D 87 -13.72 -47.09 -26.21
CA GLY D 87 -14.76 -46.04 -26.18
C GLY D 87 -14.28 -44.79 -25.45
N THR D 88 -14.27 -44.84 -24.11
CA THR D 88 -13.77 -43.82 -23.15
C THR D 88 -13.60 -42.46 -23.83
N THR D 89 -12.51 -42.30 -24.59
CA THR D 89 -12.16 -41.10 -25.39
C THR D 89 -13.42 -40.57 -26.10
N THR D 90 -14.02 -41.41 -26.95
CA THR D 90 -15.29 -41.12 -27.68
C THR D 90 -16.40 -40.73 -26.70
N ALA D 91 -16.66 -41.60 -25.71
CA ALA D 91 -17.71 -41.42 -24.68
C ALA D 91 -17.55 -40.03 -24.05
N THR D 92 -16.31 -39.65 -23.72
CA THR D 92 -15.97 -38.36 -23.05
C THR D 92 -16.30 -37.18 -23.95
N VAL D 93 -16.08 -37.27 -25.26
CA VAL D 93 -16.25 -36.08 -26.16
C VAL D 93 -17.75 -35.87 -26.38
N LEU D 94 -18.54 -36.94 -26.35
CA LEU D 94 -20.01 -36.85 -26.47
C LEU D 94 -20.55 -36.12 -25.23
N ALA D 95 -19.96 -36.42 -24.06
CA ALA D 95 -20.36 -35.85 -22.76
C ALA D 95 -20.12 -34.33 -22.79
N GLN D 96 -18.89 -33.91 -23.12
CA GLN D 96 -18.57 -32.46 -23.29
C GLN D 96 -19.73 -31.82 -24.08
N ALA D 97 -19.96 -32.32 -25.31
CA ALA D 97 -20.91 -31.76 -26.30
C ALA D 97 -22.33 -31.66 -25.69
N LEU D 98 -22.89 -32.77 -25.18
CA LEU D 98 -24.25 -32.79 -24.58
C LEU D 98 -24.33 -31.79 -23.40
N ILE D 99 -23.27 -31.71 -22.60
CA ILE D 99 -23.22 -30.88 -21.36
C ILE D 99 -23.04 -29.42 -21.76
N ARG D 100 -22.03 -29.13 -22.58
CA ARG D 100 -21.62 -27.76 -23.01
C ARG D 100 -22.76 -27.06 -23.74
N GLU D 101 -23.73 -27.81 -24.29
CA GLU D 101 -24.98 -27.29 -24.92
C GLU D 101 -26.07 -27.18 -23.86
N GLY D 102 -26.47 -28.32 -23.29
CA GLY D 102 -27.41 -28.43 -22.16
C GLY D 102 -27.18 -27.36 -21.13
N ALA D 103 -25.93 -26.92 -20.96
CA ALA D 103 -25.51 -25.79 -20.08
C ALA D 103 -26.21 -24.49 -20.52
N LYS D 104 -25.88 -24.00 -21.73
CA LYS D 104 -26.37 -22.71 -22.24
C LYS D 104 -27.90 -22.77 -22.31
N ALA D 105 -28.40 -23.92 -22.75
CA ALA D 105 -29.84 -24.22 -22.97
C ALA D 105 -30.63 -23.98 -21.67
N VAL D 106 -30.19 -24.57 -20.55
CA VAL D 106 -30.85 -24.35 -19.23
C VAL D 106 -30.78 -22.86 -18.93
N ALA D 107 -29.56 -22.30 -18.96
CA ALA D 107 -29.24 -20.88 -18.63
C ALA D 107 -30.14 -19.95 -19.45
N ALA D 108 -30.39 -20.33 -20.71
CA ALA D 108 -31.29 -19.64 -21.66
C ALA D 108 -32.75 -19.70 -21.20
N GLY D 109 -33.06 -20.47 -20.15
CA GLY D 109 -34.39 -20.49 -19.50
C GLY D 109 -35.14 -21.80 -19.70
N MET D 110 -34.69 -22.66 -20.62
CA MET D 110 -35.36 -23.95 -20.97
C MET D 110 -35.48 -24.83 -19.71
N ASN D 111 -36.56 -25.62 -19.61
CA ASN D 111 -36.87 -26.53 -18.47
C ASN D 111 -35.89 -27.72 -18.52
N PRO D 112 -34.99 -27.88 -17.53
CA PRO D 112 -33.96 -28.91 -17.61
C PRO D 112 -34.59 -30.31 -17.68
N MET D 113 -35.51 -30.60 -16.76
CA MET D 113 -36.25 -31.89 -16.68
C MET D 113 -36.74 -32.27 -18.08
N ASP D 114 -37.15 -31.28 -18.88
CA ASP D 114 -37.62 -31.48 -20.29
C ASP D 114 -36.41 -31.73 -21.22
N LEU D 115 -35.39 -30.88 -21.18
CA LEU D 115 -34.16 -31.07 -22.01
C LEU D 115 -33.70 -32.53 -21.91
N LYS D 116 -33.53 -33.04 -20.69
CA LYS D 116 -33.03 -34.41 -20.41
C LYS D 116 -33.94 -35.42 -21.12
N ARG D 117 -35.25 -35.24 -21.02
CA ARG D 117 -36.25 -36.13 -21.66
C ARG D 117 -35.91 -36.23 -23.15
N GLY D 118 -35.72 -35.08 -23.80
CA GLY D 118 -35.40 -34.96 -25.24
C GLY D 118 -34.03 -35.52 -25.62
N ILE D 119 -33.10 -35.63 -24.68
CA ILE D 119 -31.76 -36.23 -24.93
C ILE D 119 -31.87 -37.75 -24.85
N ASP D 120 -32.48 -38.24 -23.77
CA ASP D 120 -32.62 -39.70 -23.49
C ASP D 120 -33.52 -40.28 -24.59
N GLN D 121 -34.47 -39.49 -25.11
CA GLN D 121 -35.44 -39.84 -26.19
C GLN D 121 -34.71 -39.99 -27.53
N ALA D 122 -33.90 -38.98 -27.88
CA ALA D 122 -33.11 -38.89 -29.13
C ALA D 122 -31.98 -39.92 -29.09
N VAL D 123 -31.43 -40.18 -27.92
CA VAL D 123 -30.41 -41.27 -27.74
C VAL D 123 -31.14 -42.61 -27.94
N LYS D 124 -32.38 -42.73 -27.46
CA LYS D 124 -33.14 -44.00 -27.60
C LYS D 124 -33.39 -44.24 -29.10
N ALA D 125 -33.85 -43.21 -29.83
CA ALA D 125 -33.92 -43.22 -31.32
C ALA D 125 -32.60 -43.74 -31.92
N ALA D 126 -31.48 -43.07 -31.65
CA ALA D 126 -30.15 -43.31 -32.30
C ALA D 126 -29.63 -44.73 -32.02
N VAL D 127 -29.92 -45.31 -30.85
CA VAL D 127 -29.46 -46.69 -30.52
C VAL D 127 -30.13 -47.68 -31.48
N VAL D 128 -31.44 -47.54 -31.69
CA VAL D 128 -32.23 -48.46 -32.56
C VAL D 128 -31.64 -48.38 -33.97
N GLU D 129 -31.34 -47.16 -34.45
CA GLU D 129 -30.76 -46.87 -35.79
C GLU D 129 -29.32 -47.40 -35.85
N LEU D 130 -28.66 -47.48 -34.70
CA LEU D 130 -27.30 -48.05 -34.58
C LEU D 130 -27.41 -49.59 -34.66
N LYS D 131 -28.49 -50.18 -34.09
CA LYS D 131 -28.73 -51.65 -34.10
C LYS D 131 -29.05 -52.09 -35.53
N ASN D 132 -29.72 -51.20 -36.27
CA ASN D 132 -30.27 -51.47 -37.63
C ASN D 132 -29.12 -51.60 -38.63
N ILE D 133 -28.06 -50.79 -38.50
CA ILE D 133 -26.90 -50.76 -39.45
C ILE D 133 -25.76 -51.67 -38.95
N SER D 134 -26.01 -52.48 -37.92
CA SER D 134 -25.00 -53.31 -37.21
C SER D 134 -24.82 -54.65 -37.92
N LYS D 135 -24.18 -54.64 -39.11
CA LYS D 135 -23.87 -55.87 -39.89
C LYS D 135 -23.18 -56.89 -38.97
N PRO D 136 -23.82 -58.04 -38.68
CA PRO D 136 -23.35 -58.93 -37.62
C PRO D 136 -22.11 -59.77 -37.98
N THR D 137 -21.40 -60.26 -36.96
CA THR D 137 -20.27 -61.24 -37.08
C THR D 137 -20.65 -62.51 -36.31
N THR D 138 -20.86 -63.61 -37.04
CA THR D 138 -21.47 -64.87 -36.53
C THR D 138 -20.68 -66.09 -37.05
N ASP D 139 -20.45 -66.19 -38.37
CA ASP D 139 -19.70 -67.32 -39.00
C ASP D 139 -18.21 -67.17 -38.67
N ASP D 140 -17.51 -68.29 -38.47
CA ASP D 140 -16.18 -68.38 -37.78
C ASP D 140 -15.05 -67.88 -38.71
N LYS D 141 -15.40 -67.41 -39.90
CA LYS D 141 -14.46 -66.84 -40.90
C LYS D 141 -14.59 -65.31 -40.92
N ALA D 142 -15.72 -64.77 -40.49
CA ALA D 142 -15.95 -63.32 -40.24
C ALA D 142 -15.20 -62.92 -38.97
N ILE D 143 -15.50 -63.63 -37.88
CA ILE D 143 -14.74 -63.66 -36.59
C ILE D 143 -13.22 -63.58 -36.86
N ALA D 144 -12.73 -64.37 -37.81
CA ALA D 144 -11.28 -64.45 -38.17
C ALA D 144 -10.79 -63.13 -38.80
N GLN D 145 -11.69 -62.34 -39.38
CA GLN D 145 -11.35 -61.10 -40.11
C GLN D 145 -11.41 -59.89 -39.16
N VAL D 146 -12.17 -59.99 -38.06
CA VAL D 146 -12.27 -58.91 -37.03
C VAL D 146 -11.04 -59.02 -36.12
N GLY D 147 -10.56 -60.24 -35.88
CA GLY D 147 -9.28 -60.50 -35.19
C GLY D 147 -8.12 -59.98 -36.00
N THR D 148 -8.14 -60.22 -37.32
CA THR D 148 -7.17 -59.74 -38.33
C THR D 148 -7.00 -58.22 -38.19
N ILE D 149 -8.11 -57.47 -38.21
CA ILE D 149 -8.09 -55.97 -38.32
C ILE D 149 -7.70 -55.37 -36.96
N SER D 150 -8.21 -55.90 -35.85
CA SER D 150 -7.95 -55.41 -34.47
C SER D 150 -6.47 -55.57 -34.10
N ALA D 151 -5.72 -56.34 -34.88
CA ALA D 151 -4.27 -56.62 -34.66
C ALA D 151 -3.42 -55.84 -35.67
N ASN D 152 -4.00 -54.80 -36.29
CA ASN D 152 -3.35 -54.01 -37.36
C ASN D 152 -2.92 -54.96 -38.48
N SER D 153 -3.88 -55.65 -39.09
CA SER D 153 -3.70 -56.57 -40.25
C SER D 153 -2.63 -57.61 -39.92
N ASP D 154 -2.97 -58.56 -39.05
CA ASP D 154 -2.16 -59.76 -38.72
C ASP D 154 -3.11 -60.97 -38.74
N GLU D 155 -3.21 -61.66 -39.88
CA GLU D 155 -4.15 -62.80 -40.13
C GLU D 155 -3.91 -63.91 -39.09
N SER D 156 -2.65 -64.06 -38.67
CA SER D 156 -2.14 -65.11 -37.74
C SER D 156 -2.86 -65.05 -36.38
N ILE D 157 -2.88 -63.88 -35.72
CA ILE D 157 -3.29 -63.75 -34.28
C ILE D 157 -4.83 -63.65 -34.18
N GLY D 158 -5.49 -63.05 -35.17
CA GLY D 158 -6.97 -63.08 -35.29
C GLY D 158 -7.49 -64.49 -35.54
N ASN D 159 -6.61 -65.37 -36.00
CA ASN D 159 -6.94 -66.73 -36.49
C ASN D 159 -7.04 -67.71 -35.31
N ILE D 160 -6.19 -67.59 -34.29
CA ILE D 160 -6.31 -68.41 -33.03
C ILE D 160 -7.55 -67.92 -32.28
N ILE D 161 -7.78 -66.61 -32.28
CA ILE D 161 -9.02 -66.00 -31.69
C ILE D 161 -10.23 -66.72 -32.28
N ALA D 162 -10.16 -67.11 -33.56
CA ALA D 162 -11.22 -67.86 -34.29
C ALA D 162 -11.21 -69.34 -33.87
N GLU D 163 -10.05 -70.01 -33.96
CA GLU D 163 -9.85 -71.44 -33.57
C GLU D 163 -10.25 -71.67 -32.11
N ALA D 164 -10.06 -70.65 -31.25
CA ALA D 164 -10.30 -70.68 -29.78
C ALA D 164 -11.79 -70.46 -29.45
N MET D 165 -12.43 -69.51 -30.13
CA MET D 165 -13.89 -69.26 -30.05
C MET D 165 -14.64 -70.46 -30.64
N LYS D 166 -13.97 -71.27 -31.45
CA LYS D 166 -14.53 -72.48 -32.10
C LYS D 166 -14.40 -73.69 -31.17
N LYS D 167 -13.65 -73.57 -30.07
CA LYS D 167 -13.42 -74.65 -29.07
C LYS D 167 -14.36 -74.48 -27.86
N VAL D 168 -14.37 -73.29 -27.27
CA VAL D 168 -15.06 -73.00 -25.97
C VAL D 168 -16.38 -72.28 -26.22
N GLY D 169 -16.73 -72.04 -27.49
CA GLY D 169 -17.93 -71.28 -27.89
C GLY D 169 -17.62 -69.80 -28.05
N LYS D 170 -18.63 -69.01 -28.41
CA LYS D 170 -18.56 -67.53 -28.47
C LYS D 170 -18.40 -67.00 -27.04
N GLU D 171 -19.25 -67.52 -26.13
CA GLU D 171 -19.40 -67.06 -24.72
C GLU D 171 -18.71 -68.06 -23.77
N GLY D 172 -17.49 -68.50 -24.12
CA GLY D 172 -16.61 -69.32 -23.28
C GLY D 172 -15.32 -68.58 -22.97
N VAL D 173 -14.61 -68.98 -21.92
CA VAL D 173 -13.44 -68.23 -21.36
C VAL D 173 -12.26 -68.33 -22.35
N ILE D 174 -11.55 -67.21 -22.59
CA ILE D 174 -10.29 -67.17 -23.39
C ILE D 174 -9.29 -66.21 -22.70
N THR D 175 -8.23 -66.76 -22.11
CA THR D 175 -7.09 -65.98 -21.55
C THR D 175 -6.02 -65.85 -22.64
N VAL D 176 -5.00 -65.03 -22.39
CA VAL D 176 -3.69 -65.12 -23.12
C VAL D 176 -2.56 -65.04 -22.08
N GLU D 177 -1.42 -65.64 -22.39
CA GLU D 177 -0.19 -65.61 -21.53
C GLU D 177 1.06 -65.40 -22.39
N GLU D 178 2.15 -64.93 -21.77
CA GLU D 178 3.50 -64.88 -22.38
C GLU D 178 3.86 -66.29 -22.88
N GLY D 179 4.83 -66.40 -23.81
CA GLY D 179 5.10 -67.64 -24.57
C GLY D 179 6.24 -68.46 -24.01
N SER D 180 6.55 -69.58 -24.68
CA SER D 180 7.53 -70.63 -24.27
C SER D 180 8.72 -70.67 -25.24
N GLY D 181 8.61 -70.06 -26.43
CA GLY D 181 9.70 -69.98 -27.42
C GLY D 181 9.21 -70.05 -28.86
N LEU D 182 8.84 -68.89 -29.43
CA LEU D 182 8.59 -68.69 -30.89
C LEU D 182 7.30 -69.39 -31.32
N GLU D 183 6.38 -68.66 -31.96
CA GLU D 183 5.16 -69.17 -32.67
C GLU D 183 4.04 -69.50 -31.67
N ASN D 184 2.82 -69.02 -31.95
CA ASN D 184 1.62 -69.02 -31.05
C ASN D 184 1.11 -70.44 -30.84
N GLU D 185 0.49 -70.73 -29.69
CA GLU D 185 -0.17 -72.05 -29.41
C GLU D 185 -1.49 -71.85 -28.66
N LEU D 186 -2.36 -72.87 -28.70
CA LEU D 186 -3.75 -72.85 -28.17
C LEU D 186 -4.03 -74.09 -27.33
N ASP D 187 -4.42 -73.92 -26.05
CA ASP D 187 -4.68 -75.02 -25.08
C ASP D 187 -6.08 -74.85 -24.45
N VAL D 188 -6.85 -75.95 -24.32
CA VAL D 188 -8.08 -76.02 -23.46
C VAL D 188 -7.74 -76.83 -22.21
N VAL D 189 -8.27 -76.44 -21.06
CA VAL D 189 -7.96 -77.07 -19.73
C VAL D 189 -9.19 -76.95 -18.82
N GLU D 190 -9.24 -77.75 -17.74
CA GLU D 190 -10.28 -77.66 -16.68
C GLU D 190 -10.15 -76.28 -16.03
N GLY D 191 -11.19 -75.44 -16.12
CA GLY D 191 -11.12 -74.04 -15.67
C GLY D 191 -12.49 -73.44 -15.39
N MET D 192 -12.51 -72.21 -14.86
CA MET D 192 -13.73 -71.56 -14.33
C MET D 192 -13.47 -70.06 -14.13
N GLN D 193 -14.40 -69.22 -14.61
CA GLN D 193 -14.38 -67.74 -14.47
C GLN D 193 -15.64 -67.28 -13.71
N PHE D 194 -15.51 -66.23 -12.89
CA PHE D 194 -16.66 -65.58 -12.20
C PHE D 194 -16.41 -64.07 -12.13
N ASP D 195 -17.44 -63.31 -11.73
CA ASP D 195 -17.64 -61.88 -12.07
C ASP D 195 -17.55 -61.01 -10.81
N ARG D 196 -16.54 -61.24 -9.97
CA ARG D 196 -16.14 -60.31 -8.87
C ARG D 196 -14.61 -60.31 -8.82
N GLY D 197 -14.01 -59.12 -8.98
CA GLY D 197 -12.55 -58.94 -9.12
C GLY D 197 -11.86 -58.75 -7.78
N TYR D 198 -10.72 -58.07 -7.78
CA TYR D 198 -9.92 -57.73 -6.58
C TYR D 198 -10.74 -56.77 -5.70
N LEU D 199 -10.54 -56.82 -4.37
CA LEU D 199 -11.29 -55.98 -3.39
C LEU D 199 -10.61 -54.62 -3.21
N SER D 200 -9.32 -54.49 -3.54
CA SER D 200 -8.58 -53.20 -3.54
C SER D 200 -7.56 -53.16 -4.68
N PRO D 201 -7.60 -52.11 -5.55
CA PRO D 201 -6.58 -51.92 -6.58
C PRO D 201 -5.10 -52.00 -6.15
N TYR D 202 -4.83 -52.20 -4.86
CA TYR D 202 -3.46 -52.46 -4.34
C TYR D 202 -2.91 -53.75 -4.98
N PHE D 203 -3.60 -54.87 -4.82
CA PHE D 203 -3.15 -56.23 -5.21
C PHE D 203 -2.55 -56.24 -6.62
N ILE D 204 -3.16 -55.51 -7.56
CA ILE D 204 -2.72 -55.33 -8.98
C ILE D 204 -1.22 -55.64 -9.07
N ASN D 205 -0.84 -56.89 -9.34
CA ASN D 205 0.59 -57.29 -9.54
C ASN D 205 0.83 -57.62 -11.01
N ASN D 206 0.19 -56.86 -11.91
CA ASN D 206 0.45 -56.77 -13.38
C ASN D 206 -0.20 -55.48 -13.89
N GLN D 207 0.42 -54.34 -13.61
CA GLN D 207 -0.23 -52.99 -13.55
C GLN D 207 -0.14 -52.25 -14.90
N GLN D 208 0.22 -52.96 -15.97
CA GLN D 208 0.02 -52.49 -17.38
C GLN D 208 -1.45 -52.75 -17.74
N SER D 209 -2.00 -53.85 -17.23
CA SER D 209 -3.32 -54.43 -17.58
C SER D 209 -4.29 -54.36 -16.38
N GLN D 210 -3.97 -53.52 -15.38
CA GLN D 210 -4.70 -53.38 -14.09
C GLN D 210 -5.24 -54.75 -13.63
N SER D 211 -4.42 -55.80 -13.80
CA SER D 211 -4.78 -57.22 -13.54
C SER D 211 -3.96 -57.77 -12.37
N ALA D 212 -4.13 -59.06 -12.06
CA ALA D 212 -3.30 -59.84 -11.12
C ALA D 212 -3.03 -61.22 -11.74
N ASP D 213 -1.87 -61.80 -11.44
CA ASP D 213 -1.46 -63.18 -11.83
C ASP D 213 -1.08 -63.94 -10.56
N LEU D 214 -1.05 -65.28 -10.61
CA LEU D 214 -0.49 -66.15 -9.53
C LEU D 214 -0.02 -67.50 -10.13
N ASP D 215 1.06 -68.07 -9.59
CA ASP D 215 1.66 -69.36 -10.06
C ASP D 215 1.51 -70.42 -8.97
N ASP D 216 1.00 -71.60 -9.33
CA ASP D 216 0.77 -72.77 -8.44
C ASP D 216 0.29 -72.29 -7.06
N PRO D 217 -0.86 -71.57 -6.98
CA PRO D 217 -1.37 -71.09 -5.70
C PRO D 217 -2.37 -72.02 -5.03
N PHE D 218 -2.39 -72.00 -3.69
CA PHE D 218 -3.43 -72.61 -2.82
C PHE D 218 -4.70 -71.75 -2.94
N ILE D 219 -5.87 -72.33 -2.62
CA ILE D 219 -7.19 -71.63 -2.73
C ILE D 219 -7.99 -71.87 -1.44
N LEU D 220 -8.35 -70.78 -0.74
CA LEU D 220 -9.16 -70.84 0.51
C LEU D 220 -10.59 -70.41 0.21
N LEU D 221 -11.53 -71.34 0.31
CA LEU D 221 -12.96 -71.16 -0.03
C LEU D 221 -13.76 -70.89 1.25
N HIS D 222 -13.89 -69.60 1.60
CA HIS D 222 -14.65 -69.11 2.79
C HIS D 222 -16.08 -68.74 2.37
N ASP D 223 -17.06 -69.24 3.11
CA ASP D 223 -18.51 -69.01 2.86
C ASP D 223 -19.04 -68.14 4.00
N LYS D 224 -18.56 -66.90 4.12
CA LYS D 224 -18.62 -66.12 5.38
C LYS D 224 -17.95 -64.75 5.21
N LYS D 225 -17.95 -63.92 6.26
CA LYS D 225 -17.31 -62.57 6.31
C LYS D 225 -15.96 -62.68 7.04
N ILE D 226 -15.23 -61.56 7.21
CA ILE D 226 -13.82 -61.57 7.71
C ILE D 226 -13.54 -60.31 8.54
N SER D 227 -13.11 -60.52 9.80
CA SER D 227 -12.64 -59.50 10.77
C SER D 227 -11.17 -59.76 11.12
N ASN D 228 -10.88 -60.29 12.31
CA ASN D 228 -9.51 -60.45 12.88
C ASN D 228 -8.74 -61.55 12.14
N VAL D 229 -7.54 -61.22 11.66
CA VAL D 229 -6.68 -62.11 10.82
C VAL D 229 -6.14 -63.27 11.66
N ARG D 230 -6.54 -63.36 12.93
CA ARG D 230 -6.15 -64.43 13.90
C ARG D 230 -6.66 -65.79 13.40
N ASP D 231 -7.75 -65.77 12.63
CA ASP D 231 -8.41 -66.98 12.05
C ASP D 231 -7.70 -67.39 10.75
N LEU D 232 -6.76 -66.57 10.28
CA LEU D 232 -5.98 -66.80 9.03
C LEU D 232 -4.53 -67.18 9.36
N LEU D 233 -3.98 -66.68 10.48
CA LEU D 233 -2.57 -66.91 10.90
C LEU D 233 -2.24 -68.40 10.96
N PRO D 234 -3.17 -69.31 11.35
CA PRO D 234 -2.95 -70.75 11.19
C PRO D 234 -2.68 -71.14 9.74
N VAL D 235 -3.54 -70.69 8.82
CA VAL D 235 -3.44 -70.97 7.36
C VAL D 235 -2.28 -70.16 6.77
N LEU D 236 -2.19 -68.87 7.12
CA LEU D 236 -1.28 -67.88 6.48
C LEU D 236 0.20 -68.25 6.71
N GLU D 237 0.54 -68.76 7.89
CA GLU D 237 1.93 -69.23 8.19
C GLU D 237 2.07 -70.69 7.71
N GLY D 238 0.95 -71.34 7.37
CA GLY D 238 0.94 -72.56 6.54
C GLY D 238 1.28 -72.27 5.09
N VAL D 239 1.29 -70.99 4.71
CA VAL D 239 1.56 -70.50 3.32
C VAL D 239 2.84 -69.65 3.29
N ALA D 240 3.21 -68.98 4.38
CA ALA D 240 4.55 -68.39 4.58
C ALA D 240 5.60 -69.49 4.36
N LYS D 241 5.37 -70.66 4.99
CA LYS D 241 6.09 -71.94 4.72
C LYS D 241 5.46 -72.63 3.51
N ALA D 242 6.30 -73.14 2.61
CA ALA D 242 5.99 -73.53 1.22
C ALA D 242 6.31 -72.35 0.29
N GLY D 243 5.95 -71.13 0.70
CA GLY D 243 6.32 -69.87 0.02
C GLY D 243 5.50 -69.61 -1.24
N LYS D 244 4.57 -70.51 -1.59
CA LYS D 244 3.76 -70.44 -2.84
C LYS D 244 2.52 -69.57 -2.60
N PRO D 245 2.20 -68.62 -3.52
CA PRO D 245 1.01 -67.75 -3.40
C PRO D 245 -0.32 -68.42 -2.99
N LEU D 246 -1.34 -67.60 -2.68
CA LEU D 246 -2.64 -68.05 -2.09
C LEU D 246 -3.79 -67.14 -2.53
N LEU D 247 -4.98 -67.72 -2.71
CA LEU D 247 -6.24 -67.00 -3.08
C LEU D 247 -7.29 -67.16 -1.96
N ILE D 248 -7.77 -66.04 -1.41
CA ILE D 248 -8.89 -65.97 -0.43
C ILE D 248 -10.15 -65.56 -1.18
N VAL D 249 -11.23 -66.32 -1.02
CA VAL D 249 -12.58 -65.93 -1.53
C VAL D 249 -13.58 -66.14 -0.39
N ALA D 250 -14.10 -65.01 0.11
CA ALA D 250 -15.10 -64.94 1.19
C ALA D 250 -16.19 -63.93 0.79
N GLU D 251 -17.24 -63.79 1.61
CA GLU D 251 -18.40 -62.89 1.34
C GLU D 251 -17.89 -61.45 1.18
N GLU D 252 -16.93 -61.03 2.02
CA GLU D 252 -16.16 -59.77 1.85
C GLU D 252 -14.88 -59.85 2.69
N VAL D 253 -14.06 -58.79 2.67
CA VAL D 253 -12.86 -58.61 3.55
C VAL D 253 -12.98 -57.23 4.22
N GLU D 254 -13.91 -57.12 5.16
CA GLU D 254 -14.41 -55.84 5.75
C GLU D 254 -13.31 -55.20 6.61
N GLY D 255 -12.76 -54.06 6.13
CA GLY D 255 -11.92 -53.09 6.85
C GLY D 255 -10.69 -53.73 7.51
N GLU D 256 -10.92 -54.61 8.48
CA GLU D 256 -9.88 -55.19 9.38
C GLU D 256 -8.78 -55.86 8.56
N ALA D 257 -9.10 -57.00 7.95
CA ALA D 257 -8.14 -57.94 7.34
C ALA D 257 -7.51 -57.35 6.07
N LEU D 258 -8.14 -56.36 5.44
CA LEU D 258 -7.64 -55.75 4.16
C LEU D 258 -6.25 -55.12 4.40
N ALA D 259 -6.15 -54.21 5.37
CA ALA D 259 -4.90 -53.50 5.75
C ALA D 259 -3.73 -54.50 5.79
N THR D 260 -3.96 -55.66 6.43
CA THR D 260 -2.99 -56.78 6.60
C THR D 260 -2.58 -57.32 5.23
N LEU D 261 -3.52 -57.97 4.51
CA LEU D 261 -3.25 -58.70 3.23
C LEU D 261 -2.89 -57.70 2.13
N VAL D 262 -3.06 -56.39 2.37
CA VAL D 262 -2.56 -55.29 1.47
C VAL D 262 -1.09 -55.02 1.81
N VAL D 263 -0.79 -54.74 3.08
CA VAL D 263 0.57 -54.33 3.55
C VAL D 263 1.55 -55.50 3.34
N ASN D 264 1.23 -56.68 3.87
CA ASN D 264 2.11 -57.89 3.82
C ASN D 264 2.58 -58.16 2.38
N THR D 265 1.75 -57.86 1.38
CA THR D 265 2.01 -58.15 -0.06
C THR D 265 2.89 -57.05 -0.68
N ILE D 266 2.59 -55.77 -0.44
CA ILE D 266 3.34 -54.61 -1.06
C ILE D 266 4.81 -54.66 -0.62
N ARG D 267 5.11 -55.34 0.49
CA ARG D 267 6.51 -55.59 0.96
C ARG D 267 6.86 -57.07 0.76
N GLY D 268 6.60 -57.93 1.76
CA GLY D 268 7.30 -59.22 1.93
C GLY D 268 6.40 -60.44 1.89
N ILE D 269 5.89 -60.85 3.05
CA ILE D 269 5.41 -62.25 3.32
C ILE D 269 4.06 -62.49 2.62
N VAL D 270 3.82 -63.75 2.24
CA VAL D 270 2.62 -64.32 1.53
C VAL D 270 2.15 -63.40 0.39
N LYS D 271 2.22 -63.90 -0.86
CA LYS D 271 1.70 -63.24 -2.08
C LYS D 271 0.20 -63.58 -2.24
N VAL D 272 -0.64 -63.03 -1.36
CA VAL D 272 -2.10 -63.30 -1.29
C VAL D 272 -2.86 -62.29 -2.17
N VAL D 273 -4.02 -62.71 -2.70
CA VAL D 273 -5.06 -61.83 -3.30
C VAL D 273 -6.44 -62.31 -2.79
N ALA D 274 -7.39 -61.38 -2.60
CA ALA D 274 -8.73 -61.64 -2.02
C ALA D 274 -9.83 -61.04 -2.91
N VAL D 275 -10.93 -61.79 -3.07
CA VAL D 275 -12.10 -61.45 -3.94
C VAL D 275 -13.39 -61.66 -3.15
N LYS D 276 -14.47 -60.96 -3.50
CA LYS D 276 -15.83 -61.19 -2.94
C LYS D 276 -16.34 -62.54 -3.43
N ALA D 277 -17.23 -63.18 -2.67
CA ALA D 277 -17.91 -64.44 -3.04
C ALA D 277 -18.80 -64.20 -4.26
N PRO D 278 -18.84 -65.11 -5.25
CA PRO D 278 -19.67 -64.91 -6.43
C PRO D 278 -21.17 -64.98 -6.07
N GLY D 279 -21.98 -64.12 -6.72
CA GLY D 279 -23.43 -64.00 -6.48
C GLY D 279 -23.76 -63.72 -5.01
N PHE D 280 -24.82 -64.35 -4.51
CA PHE D 280 -25.38 -64.15 -3.14
C PHE D 280 -26.26 -65.35 -2.76
N GLY D 281 -26.54 -65.51 -1.46
CA GLY D 281 -27.62 -66.38 -0.95
C GLY D 281 -27.20 -67.84 -0.80
N ASP D 282 -28.17 -68.75 -0.91
CA ASP D 282 -27.95 -70.22 -0.94
C ASP D 282 -27.01 -70.57 -2.09
N ARG D 283 -27.24 -69.98 -3.28
CA ARG D 283 -26.53 -70.40 -4.52
C ARG D 283 -25.08 -69.88 -4.50
N ARG D 284 -24.78 -68.81 -3.75
CA ARG D 284 -23.37 -68.37 -3.48
C ARG D 284 -22.61 -69.55 -2.89
N LYS D 285 -23.22 -70.24 -1.92
CA LYS D 285 -22.64 -71.41 -1.20
C LYS D 285 -22.46 -72.56 -2.19
N ALA D 286 -23.53 -72.88 -2.94
CA ALA D 286 -23.56 -73.94 -3.97
C ALA D 286 -22.57 -73.62 -5.11
N MET D 287 -22.09 -72.37 -5.17
CA MET D 287 -21.10 -71.88 -6.17
C MET D 287 -19.69 -71.91 -5.59
N LEU D 288 -19.54 -71.72 -4.27
CA LEU D 288 -18.23 -71.91 -3.59
C LEU D 288 -17.88 -73.40 -3.56
N GLU D 289 -18.89 -74.25 -3.35
CA GLU D 289 -18.74 -75.73 -3.46
C GLU D 289 -18.53 -76.09 -4.94
N ASP D 290 -19.16 -75.36 -5.85
CA ASP D 290 -19.02 -75.52 -7.32
C ASP D 290 -17.53 -75.41 -7.72
N MET D 291 -16.73 -74.61 -7.00
CA MET D 291 -15.28 -74.46 -7.29
C MET D 291 -14.43 -75.12 -6.21
N ALA D 292 -15.04 -75.77 -5.23
CA ALA D 292 -14.35 -76.66 -4.27
C ALA D 292 -13.81 -77.86 -5.05
N VAL D 293 -14.71 -78.61 -5.69
CA VAL D 293 -14.38 -79.84 -6.49
C VAL D 293 -13.48 -79.44 -7.67
N LEU D 294 -13.67 -78.24 -8.22
CA LEU D 294 -12.93 -77.73 -9.43
C LEU D 294 -11.45 -77.55 -9.08
N THR D 295 -11.17 -77.05 -7.88
CA THR D 295 -9.78 -76.88 -7.33
C THR D 295 -9.43 -78.09 -6.47
N GLY D 296 -10.40 -79.00 -6.26
CA GLY D 296 -10.28 -80.20 -5.41
C GLY D 296 -10.08 -79.84 -3.95
N GLY D 297 -10.86 -78.88 -3.43
CA GLY D 297 -10.72 -78.31 -2.09
C GLY D 297 -12.01 -78.40 -1.30
N THR D 298 -12.01 -77.86 -0.07
CA THR D 298 -13.15 -77.92 0.90
C THR D 298 -13.63 -76.50 1.23
N VAL D 299 -14.96 -76.33 1.28
CA VAL D 299 -15.63 -75.05 1.68
C VAL D 299 -15.55 -74.96 3.21
N ILE D 300 -15.08 -73.82 3.71
CA ILE D 300 -14.68 -73.63 5.14
C ILE D 300 -15.83 -72.93 5.86
N SER D 301 -16.97 -73.62 5.97
CA SER D 301 -18.21 -73.12 6.62
C SER D 301 -18.46 -73.89 7.91
N GLU D 302 -19.16 -73.25 8.86
CA GLU D 302 -19.47 -73.78 10.21
C GLU D 302 -20.89 -74.37 10.25
N GLU D 303 -21.60 -74.35 9.11
CA GLU D 303 -22.91 -75.05 8.94
C GLU D 303 -22.68 -76.56 9.02
N VAL D 304 -21.55 -77.02 8.49
CA VAL D 304 -20.98 -78.39 8.78
C VAL D 304 -20.31 -78.34 10.17
N GLY D 305 -19.56 -77.27 10.46
CA GLY D 305 -18.95 -77.01 11.78
C GLY D 305 -17.64 -76.22 11.71
N LEU D 306 -16.91 -76.31 10.59
CA LEU D 306 -15.47 -75.98 10.47
C LEU D 306 -15.20 -74.50 10.75
N ALA D 307 -14.47 -74.22 11.83
CA ALA D 307 -13.89 -72.91 12.19
C ALA D 307 -12.66 -72.64 11.31
N LEU D 308 -11.83 -71.65 11.68
CA LEU D 308 -10.77 -71.08 10.78
C LEU D 308 -9.38 -71.18 11.44
N GLU D 309 -9.32 -71.20 12.77
CA GLU D 309 -8.09 -71.62 13.51
C GLU D 309 -7.92 -73.14 13.34
N LYS D 310 -9.03 -73.84 13.07
CA LYS D 310 -9.07 -75.29 12.75
C LYS D 310 -8.82 -75.50 11.25
N ALA D 311 -8.52 -74.44 10.50
CA ALA D 311 -8.19 -74.46 9.06
C ALA D 311 -6.69 -74.70 8.87
N THR D 312 -6.32 -75.91 8.40
CA THR D 312 -4.94 -76.28 8.01
C THR D 312 -4.76 -75.93 6.52
N ILE D 313 -3.79 -76.54 5.83
CA ILE D 313 -3.47 -76.28 4.39
C ILE D 313 -3.73 -77.54 3.56
N LYS D 314 -4.42 -78.51 4.17
CA LYS D 314 -4.92 -79.77 3.54
C LYS D 314 -6.43 -79.61 3.23
N ASP D 315 -6.98 -78.42 3.50
CA ASP D 315 -8.42 -78.08 3.31
C ASP D 315 -8.58 -77.15 2.10
N LEU D 316 -7.49 -76.96 1.36
CA LEU D 316 -7.40 -76.02 0.20
C LEU D 316 -7.53 -76.83 -1.10
N GLY D 317 -7.65 -76.12 -2.22
CA GLY D 317 -7.49 -76.68 -3.58
C GLY D 317 -6.37 -75.95 -4.29
N ARG D 318 -5.95 -76.41 -5.46
CA ARG D 318 -4.89 -75.72 -6.24
C ARG D 318 -5.32 -75.65 -7.70
N ALA D 319 -4.91 -74.58 -8.37
CA ALA D 319 -4.88 -74.43 -9.84
C ALA D 319 -3.42 -74.16 -10.25
N LYS D 320 -3.14 -73.99 -11.54
CA LYS D 320 -1.78 -73.59 -12.01
C LYS D 320 -1.73 -72.05 -12.11
N LYS D 321 -2.60 -71.43 -12.91
CA LYS D 321 -2.71 -69.94 -13.00
C LYS D 321 -4.12 -69.47 -12.60
N VAL D 322 -4.18 -68.39 -11.82
CA VAL D 322 -5.43 -67.65 -11.46
C VAL D 322 -5.17 -66.15 -11.63
N GLN D 323 -5.93 -65.49 -12.50
CA GLN D 323 -5.81 -64.03 -12.76
C GLN D 323 -7.17 -63.36 -12.54
N VAL D 324 -7.15 -62.13 -12.04
CA VAL D 324 -8.35 -61.38 -11.60
C VAL D 324 -8.28 -59.95 -12.17
N SER D 325 -9.37 -59.50 -12.79
CA SER D 325 -9.57 -58.14 -13.35
C SER D 325 -10.07 -57.19 -12.26
N LYS D 326 -10.43 -55.95 -12.63
CA LYS D 326 -11.20 -55.00 -11.77
C LYS D 326 -12.40 -55.73 -11.16
N GLU D 327 -12.96 -56.67 -11.94
CA GLU D 327 -14.36 -57.16 -11.81
C GLU D 327 -14.49 -58.67 -12.09
N ASN D 328 -13.44 -59.35 -12.59
CA ASN D 328 -13.53 -60.72 -13.16
C ASN D 328 -12.31 -61.55 -12.77
N THR D 329 -12.51 -62.58 -11.93
CA THR D 329 -11.52 -63.62 -11.52
C THR D 329 -11.69 -64.87 -12.38
N THR D 330 -10.58 -65.51 -12.78
CA THR D 330 -10.58 -66.72 -13.66
C THR D 330 -9.54 -67.72 -13.13
N ILE D 331 -9.89 -69.02 -13.13
CA ILE D 331 -9.10 -70.13 -12.53
C ILE D 331 -8.65 -71.07 -13.65
N ILE D 332 -7.35 -71.09 -13.95
CA ILE D 332 -6.77 -71.87 -15.09
C ILE D 332 -6.09 -73.13 -14.53
N ASP D 333 -6.43 -74.30 -15.06
CA ASP D 333 -5.80 -75.62 -14.77
C ASP D 333 -6.05 -76.02 -13.30
N GLY D 334 -7.31 -76.33 -12.96
CA GLY D 334 -7.74 -76.76 -11.61
C GLY D 334 -7.13 -78.11 -11.22
N ALA D 335 -6.88 -78.32 -9.93
CA ALA D 335 -6.25 -79.53 -9.34
C ALA D 335 -7.32 -80.45 -8.73
N GLY D 336 -8.44 -80.63 -9.43
CA GLY D 336 -9.59 -81.44 -8.97
C GLY D 336 -9.77 -82.69 -9.80
N ASP D 337 -10.50 -83.67 -9.28
CA ASP D 337 -10.77 -84.96 -9.96
C ASP D 337 -11.56 -84.70 -11.24
N SER D 338 -10.94 -84.92 -12.41
CA SER D 338 -11.59 -84.92 -13.75
C SER D 338 -12.84 -85.83 -13.71
N ALA D 339 -12.98 -86.65 -12.66
CA ALA D 339 -14.04 -87.67 -12.48
C ALA D 339 -15.10 -87.19 -11.48
N ALA D 340 -14.68 -86.59 -10.35
CA ALA D 340 -15.58 -86.01 -9.32
C ALA D 340 -16.20 -84.72 -9.85
N ILE D 341 -15.49 -84.05 -10.77
CA ILE D 341 -15.98 -82.87 -11.53
C ILE D 341 -17.15 -83.33 -12.42
N GLU D 342 -16.96 -84.40 -13.20
CA GLU D 342 -17.96 -84.89 -14.20
C GLU D 342 -19.24 -85.33 -13.46
N SER D 343 -19.08 -85.88 -12.25
CA SER D 343 -20.16 -86.48 -11.42
C SER D 343 -20.84 -85.42 -10.56
N ARG D 344 -20.09 -84.38 -10.18
CA ARG D 344 -20.64 -83.11 -9.65
C ARG D 344 -21.58 -82.52 -10.70
N VAL D 345 -21.11 -82.41 -11.95
CA VAL D 345 -21.89 -81.92 -13.13
C VAL D 345 -23.11 -82.84 -13.32
N GLY D 346 -22.94 -84.14 -13.02
CA GLY D 346 -24.03 -85.15 -12.99
C GLY D 346 -25.16 -84.74 -12.06
N GLN D 347 -24.87 -84.55 -10.76
CA GLN D 347 -25.86 -84.10 -9.74
C GLN D 347 -26.72 -83.00 -10.37
N ILE D 348 -26.05 -81.97 -10.90
CA ILE D 348 -26.68 -80.70 -11.40
C ILE D 348 -27.46 -80.96 -12.70
N LYS D 349 -26.97 -81.85 -13.56
CA LYS D 349 -27.54 -82.11 -14.93
C LYS D 349 -28.84 -82.94 -14.83
N THR D 350 -29.17 -83.46 -13.65
CA THR D 350 -30.46 -84.15 -13.35
C THR D 350 -31.20 -83.48 -12.18
N GLN D 351 -30.55 -82.54 -11.47
CA GLN D 351 -31.22 -81.55 -10.59
C GLN D 351 -32.13 -80.66 -11.45
N ILE D 352 -31.76 -80.51 -12.73
CA ILE D 352 -32.45 -79.65 -13.76
C ILE D 352 -33.81 -80.27 -14.12
N GLU D 353 -33.91 -81.60 -14.11
CA GLU D 353 -35.18 -82.33 -14.40
C GLU D 353 -36.13 -82.10 -13.21
N ASP D 354 -35.59 -82.03 -11.99
CA ASP D 354 -36.36 -81.81 -10.73
C ASP D 354 -36.95 -80.39 -10.69
N THR D 355 -36.22 -79.39 -11.22
CA THR D 355 -36.47 -77.94 -11.01
C THR D 355 -37.91 -77.59 -11.38
N SER D 356 -38.80 -77.67 -10.38
CA SER D 356 -40.15 -77.03 -10.38
C SER D 356 -40.13 -75.81 -11.32
N SER D 357 -39.26 -74.83 -11.03
CA SER D 357 -39.19 -73.51 -11.69
C SER D 357 -38.29 -73.54 -12.93
N ASP D 358 -38.59 -72.66 -13.88
CA ASP D 358 -37.72 -72.37 -15.05
C ASP D 358 -36.49 -71.60 -14.57
N TYR D 359 -36.70 -70.47 -13.88
CA TYR D 359 -35.65 -69.48 -13.56
C TYR D 359 -34.46 -70.14 -12.87
N ASP D 360 -34.70 -70.98 -11.86
CA ASP D 360 -33.66 -71.75 -11.13
C ASP D 360 -32.80 -72.56 -12.12
N ARG D 361 -33.47 -73.13 -13.12
CA ARG D 361 -32.89 -73.99 -14.20
C ARG D 361 -31.89 -73.18 -15.04
N GLU D 362 -32.23 -71.91 -15.31
CA GLU D 362 -31.43 -71.00 -16.18
C GLU D 362 -30.13 -70.64 -15.44
N LYS D 363 -30.12 -70.70 -14.11
CA LYS D 363 -28.91 -70.57 -13.27
C LYS D 363 -28.12 -71.88 -13.32
N LEU D 364 -28.75 -73.00 -12.96
CA LEU D 364 -28.11 -74.34 -12.93
C LEU D 364 -27.28 -74.55 -14.21
N GLN D 365 -27.88 -74.30 -15.38
CA GLN D 365 -27.25 -74.52 -16.72
C GLN D 365 -26.07 -73.55 -16.91
N GLU D 366 -26.16 -72.33 -16.38
CA GLU D 366 -25.03 -71.35 -16.40
C GLU D 366 -23.90 -71.88 -15.51
N ARG D 367 -24.25 -72.67 -14.48
CA ARG D 367 -23.31 -73.21 -13.47
C ARG D 367 -22.50 -74.37 -14.07
N VAL D 368 -23.16 -75.28 -14.80
CA VAL D 368 -22.50 -76.48 -15.43
C VAL D 368 -21.52 -75.98 -16.50
N ALA D 369 -21.89 -74.90 -17.19
CA ALA D 369 -21.20 -74.33 -18.38
C ALA D 369 -19.80 -73.81 -18.04
N LYS D 370 -19.59 -73.36 -16.80
CA LYS D 370 -18.24 -73.05 -16.26
C LYS D 370 -17.51 -74.40 -16.03
N LEU D 371 -18.11 -75.25 -15.19
CA LEU D 371 -17.56 -76.55 -14.70
C LEU D 371 -17.15 -77.40 -15.92
N ALA D 372 -18.11 -77.64 -16.83
CA ALA D 372 -17.90 -78.33 -18.13
C ALA D 372 -16.93 -77.53 -19.02
N GLY D 373 -17.34 -76.34 -19.45
CA GLY D 373 -16.77 -75.57 -20.58
C GLY D 373 -15.25 -75.51 -20.59
N GLY D 374 -14.63 -75.31 -19.41
CA GLY D 374 -13.17 -75.16 -19.27
C GLY D 374 -12.71 -73.79 -19.70
N VAL D 375 -11.45 -73.66 -20.13
CA VAL D 375 -10.78 -72.35 -20.40
C VAL D 375 -9.84 -72.49 -21.62
N ALA D 376 -10.08 -71.68 -22.66
CA ALA D 376 -9.16 -71.50 -23.81
C ALA D 376 -7.97 -70.64 -23.36
N VAL D 377 -6.77 -71.03 -23.79
CA VAL D 377 -5.48 -70.46 -23.32
C VAL D 377 -4.58 -70.24 -24.53
N ILE D 378 -4.34 -68.98 -24.88
CA ILE D 378 -3.46 -68.59 -26.02
C ILE D 378 -2.08 -68.25 -25.47
N LYS D 379 -1.09 -69.10 -25.77
CA LYS D 379 0.35 -68.81 -25.51
C LYS D 379 0.87 -68.04 -26.74
N VAL D 380 1.50 -66.88 -26.50
CA VAL D 380 1.75 -65.85 -27.54
C VAL D 380 3.13 -66.08 -28.17
N GLY D 381 3.14 -66.35 -29.48
CA GLY D 381 4.36 -66.50 -30.31
C GLY D 381 5.25 -65.29 -30.18
N ALA D 382 6.58 -65.50 -30.14
CA ALA D 382 7.56 -64.57 -29.53
C ALA D 382 8.80 -64.42 -30.42
N SER D 383 9.98 -64.76 -29.86
CA SER D 383 11.33 -64.29 -30.27
C SER D 383 11.59 -62.89 -29.69
N THR D 384 12.50 -62.79 -28.72
CA THR D 384 12.84 -61.57 -27.94
C THR D 384 11.67 -61.20 -27.02
N GLU D 385 11.94 -60.55 -25.89
CA GLU D 385 10.89 -60.16 -24.91
C GLU D 385 10.11 -58.96 -25.45
N ILE D 386 10.81 -57.85 -25.76
CA ILE D 386 10.20 -56.52 -26.05
C ILE D 386 9.21 -56.67 -27.22
N GLU D 387 9.58 -57.44 -28.25
CA GLU D 387 8.71 -57.76 -29.42
C GLU D 387 7.87 -59.01 -29.13
N MET D 388 7.35 -59.12 -27.91
CA MET D 388 6.39 -60.18 -27.47
C MET D 388 5.49 -59.63 -26.36
N LYS D 389 6.09 -59.07 -25.31
CA LYS D 389 5.37 -58.24 -24.31
C LYS D 389 4.45 -57.28 -25.07
N GLU D 390 4.99 -56.67 -26.14
CA GLU D 390 4.26 -55.83 -27.12
C GLU D 390 3.14 -56.67 -27.77
N LYS D 391 3.49 -57.84 -28.31
CA LYS D 391 2.55 -58.73 -29.06
C LYS D 391 1.40 -59.17 -28.15
N LYS D 392 1.66 -59.46 -26.87
CA LYS D 392 0.68 -60.07 -25.93
C LYS D 392 -0.50 -59.11 -25.68
N ALA D 393 -0.22 -57.80 -25.66
CA ALA D 393 -1.22 -56.71 -25.58
C ALA D 393 -1.99 -56.62 -26.90
N ARG D 394 -1.28 -56.71 -28.04
CA ARG D 394 -1.86 -56.71 -29.41
C ARG D 394 -2.77 -57.94 -29.62
N VAL D 395 -2.95 -58.78 -28.58
CA VAL D 395 -3.91 -59.93 -28.58
C VAL D 395 -5.09 -59.59 -27.67
N GLU D 396 -4.81 -59.11 -26.45
CA GLU D 396 -5.84 -58.79 -25.43
C GLU D 396 -6.68 -57.60 -25.90
N ASP D 397 -6.15 -56.81 -26.85
CA ASP D 397 -6.89 -55.75 -27.58
C ASP D 397 -7.79 -56.40 -28.63
N ALA D 398 -7.20 -57.22 -29.51
CA ALA D 398 -7.86 -57.90 -30.65
C ALA D 398 -8.91 -58.87 -30.15
N LEU D 399 -8.65 -59.50 -28.99
CA LEU D 399 -9.58 -60.48 -28.36
C LEU D 399 -10.82 -59.74 -27.82
N HIS D 400 -10.62 -58.61 -27.13
CA HIS D 400 -11.69 -57.75 -26.56
C HIS D 400 -12.65 -57.25 -27.65
N ALA D 401 -12.10 -56.76 -28.78
CA ALA D 401 -12.87 -56.26 -29.94
C ALA D 401 -13.73 -57.39 -30.49
N THR D 402 -13.09 -58.49 -30.87
CA THR D 402 -13.73 -59.71 -31.44
C THR D 402 -14.87 -60.17 -30.54
N ARG D 403 -14.64 -60.16 -29.21
CA ARG D 403 -15.59 -60.69 -28.19
C ARG D 403 -16.84 -59.81 -28.13
N ALA D 404 -16.66 -58.49 -28.01
CA ALA D 404 -17.74 -57.49 -28.02
C ALA D 404 -18.39 -57.44 -29.42
N ALA D 405 -17.63 -57.76 -30.48
CA ALA D 405 -18.11 -57.73 -31.88
C ALA D 405 -19.19 -58.80 -32.02
N VAL D 406 -18.90 -59.96 -31.47
CA VAL D 406 -19.73 -61.20 -31.55
C VAL D 406 -20.99 -61.05 -30.68
N GLU D 407 -21.01 -60.07 -29.77
CA GLU D 407 -22.13 -59.86 -28.80
C GLU D 407 -23.17 -58.90 -29.37
N GLU D 408 -22.79 -57.96 -30.26
CA GLU D 408 -23.71 -56.92 -30.82
C GLU D 408 -23.37 -56.55 -32.27
N GLY D 409 -22.40 -57.24 -32.89
CA GLY D 409 -21.97 -56.96 -34.28
C GLY D 409 -20.89 -55.89 -34.35
N VAL D 410 -20.57 -55.44 -35.58
CA VAL D 410 -19.66 -54.29 -35.85
C VAL D 410 -20.43 -53.26 -36.68
N VAL D 411 -19.93 -52.01 -36.68
CA VAL D 411 -20.44 -50.84 -37.46
C VAL D 411 -19.23 -50.16 -38.10
N PRO D 412 -19.38 -49.19 -39.03
CA PRO D 412 -18.22 -48.43 -39.51
C PRO D 412 -17.59 -47.54 -38.43
N GLY D 413 -16.31 -47.20 -38.61
CA GLY D 413 -15.46 -46.57 -37.59
C GLY D 413 -15.06 -45.16 -38.00
N GLY D 414 -13.97 -44.63 -37.44
CA GLY D 414 -13.55 -43.24 -37.66
C GLY D 414 -14.67 -42.26 -37.36
N GLY D 415 -15.63 -42.68 -36.51
CA GLY D 415 -16.74 -41.85 -36.01
C GLY D 415 -17.94 -41.73 -36.95
N VAL D 416 -17.93 -42.40 -38.11
CA VAL D 416 -19.02 -42.21 -39.14
C VAL D 416 -20.31 -42.85 -38.61
N ALA D 417 -20.26 -44.08 -38.11
CA ALA D 417 -21.44 -44.84 -37.63
C ALA D 417 -22.38 -43.94 -36.79
N LEU D 418 -21.83 -43.02 -36.00
CA LEU D 418 -22.65 -42.10 -35.16
C LEU D 418 -23.39 -41.07 -36.03
N VAL D 419 -22.72 -40.49 -37.04
CA VAL D 419 -23.31 -39.46 -37.96
C VAL D 419 -24.24 -40.15 -38.96
N ARG D 420 -24.04 -41.45 -39.15
CA ARG D 420 -24.93 -42.33 -39.95
C ARG D 420 -26.27 -42.44 -39.20
N ALA D 421 -26.21 -42.76 -37.91
CA ALA D 421 -27.39 -42.86 -37.02
C ALA D 421 -27.94 -41.49 -36.66
N LEU D 422 -27.32 -40.41 -37.17
CA LEU D 422 -27.93 -39.04 -37.19
C LEU D 422 -28.91 -38.95 -38.35
N VAL D 423 -28.37 -38.67 -39.55
CA VAL D 423 -29.16 -38.46 -40.81
C VAL D 423 -30.37 -39.40 -40.81
N ALA D 424 -30.30 -40.51 -40.09
CA ALA D 424 -31.30 -41.62 -40.10
C ALA D 424 -32.52 -41.31 -39.22
N VAL D 425 -32.31 -40.81 -37.99
CA VAL D 425 -33.43 -40.50 -37.05
C VAL D 425 -34.06 -39.17 -37.49
N GLY D 426 -33.24 -38.26 -38.04
CA GLY D 426 -33.63 -37.10 -38.87
C GLY D 426 -34.27 -35.96 -38.10
N ASN D 427 -35.58 -35.75 -38.30
CA ASN D 427 -36.38 -34.60 -37.78
C ASN D 427 -37.33 -35.13 -36.70
N LEU D 428 -36.79 -35.87 -35.72
CA LEU D 428 -37.53 -36.32 -34.52
C LEU D 428 -37.88 -35.08 -33.70
N THR D 429 -39.01 -35.12 -32.99
CA THR D 429 -39.57 -33.98 -32.22
C THR D 429 -40.08 -34.48 -30.86
N GLY D 430 -40.76 -33.61 -30.10
CA GLY D 430 -41.07 -33.84 -28.68
C GLY D 430 -42.37 -33.20 -28.24
N ALA D 431 -42.87 -33.63 -27.10
CA ALA D 431 -44.09 -33.10 -26.44
C ALA D 431 -44.14 -31.57 -26.56
N ASN D 432 -43.02 -30.88 -26.31
CA ASN D 432 -42.96 -29.39 -26.25
C ASN D 432 -41.57 -28.89 -26.68
N GLU D 433 -41.42 -27.60 -26.96
CA GLU D 433 -40.26 -27.08 -27.73
C GLU D 433 -38.97 -27.31 -26.93
N ASP D 434 -39.04 -27.32 -25.60
CA ASP D 434 -37.89 -27.61 -24.72
C ASP D 434 -37.38 -29.02 -25.08
N GLN D 435 -38.26 -30.02 -24.97
CA GLN D 435 -37.98 -31.45 -25.28
C GLN D 435 -37.32 -31.60 -26.66
N THR D 436 -37.84 -30.93 -27.69
CA THR D 436 -37.33 -31.07 -29.09
C THR D 436 -35.95 -30.43 -29.19
N HIS D 437 -35.77 -29.26 -28.60
CA HIS D 437 -34.46 -28.56 -28.55
C HIS D 437 -33.43 -29.51 -27.90
N GLY D 438 -33.86 -30.27 -26.88
CA GLY D 438 -33.04 -31.33 -26.26
C GLY D 438 -32.70 -32.46 -27.24
N ILE D 439 -33.64 -32.80 -28.13
CA ILE D 439 -33.42 -33.82 -29.18
C ILE D 439 -32.36 -33.29 -30.13
N GLN D 440 -32.50 -32.02 -30.54
CA GLN D 440 -31.60 -31.42 -31.55
C GLN D 440 -30.21 -31.31 -30.95
N ILE D 441 -30.08 -31.04 -29.65
CA ILE D 441 -28.72 -30.84 -29.06
C ILE D 441 -28.05 -32.21 -28.90
N ALA D 442 -28.83 -33.28 -28.80
CA ALA D 442 -28.34 -34.68 -28.77
C ALA D 442 -27.80 -35.09 -30.15
N LEU D 443 -28.52 -34.74 -31.21
CA LEU D 443 -28.14 -35.10 -32.60
C LEU D 443 -26.87 -34.33 -32.98
N ARG D 444 -26.78 -33.05 -32.61
CA ARG D 444 -25.61 -32.18 -32.92
C ARG D 444 -24.33 -32.75 -32.29
N ALA D 445 -24.46 -33.52 -31.21
CA ALA D 445 -23.33 -33.99 -30.39
C ALA D 445 -22.81 -35.35 -30.88
N MET D 446 -23.41 -35.93 -31.92
CA MET D 446 -22.95 -37.24 -32.48
C MET D 446 -22.02 -36.98 -33.68
N GLU D 447 -22.02 -35.74 -34.18
CA GLU D 447 -21.03 -35.19 -35.14
C GLU D 447 -19.67 -35.01 -34.45
N ALA D 448 -19.67 -34.87 -33.12
CA ALA D 448 -18.50 -34.49 -32.30
C ALA D 448 -17.35 -35.49 -32.48
N PRO D 449 -17.57 -36.81 -32.32
CA PRO D 449 -16.52 -37.78 -32.56
C PRO D 449 -15.83 -37.53 -33.91
N LEU D 450 -16.57 -37.47 -35.02
CA LEU D 450 -15.97 -37.24 -36.37
C LEU D 450 -15.32 -35.85 -36.37
N ARG D 451 -16.07 -34.82 -35.96
CA ARG D 451 -15.59 -33.41 -35.94
C ARG D 451 -14.17 -33.34 -35.37
N GLU D 452 -13.88 -34.09 -34.30
CA GLU D 452 -12.54 -34.05 -33.64
C GLU D 452 -11.51 -34.82 -34.47
N ILE D 453 -11.79 -36.07 -34.84
CA ILE D 453 -10.89 -36.96 -35.66
C ILE D 453 -10.42 -36.18 -36.89
N VAL D 454 -11.25 -35.28 -37.41
CA VAL D 454 -10.91 -34.44 -38.59
C VAL D 454 -10.02 -33.30 -38.11
N ALA D 455 -10.48 -32.54 -37.11
CA ALA D 455 -9.74 -31.45 -36.44
C ALA D 455 -8.28 -31.89 -36.22
N ASN D 456 -8.07 -32.95 -35.44
CA ASN D 456 -6.74 -33.48 -35.04
C ASN D 456 -5.88 -33.70 -36.30
N ALA D 457 -6.50 -34.17 -37.39
CA ALA D 457 -5.84 -34.35 -38.71
C ALA D 457 -5.52 -32.97 -39.31
N GLY D 458 -6.44 -32.01 -39.16
CA GLY D 458 -6.24 -30.57 -39.48
C GLY D 458 -6.89 -30.17 -40.80
N GLU D 459 -8.17 -30.53 -40.99
CA GLU D 459 -8.99 -30.20 -42.20
C GLU D 459 -10.30 -29.53 -41.75
N GLU D 460 -11.00 -28.87 -42.68
CA GLU D 460 -12.33 -28.27 -42.39
C GLU D 460 -13.22 -29.41 -41.88
N PRO D 461 -13.63 -29.44 -40.60
CA PRO D 461 -14.50 -30.50 -40.09
C PRO D 461 -15.91 -30.44 -40.67
N SER D 462 -16.42 -29.21 -40.84
CA SER D 462 -17.78 -28.91 -41.35
C SER D 462 -17.95 -29.40 -42.79
N VAL D 463 -16.90 -29.28 -43.62
CA VAL D 463 -16.88 -29.73 -45.05
C VAL D 463 -17.01 -31.25 -45.10
N ILE D 464 -16.07 -31.94 -44.43
CA ILE D 464 -15.91 -33.42 -44.42
C ILE D 464 -17.16 -34.07 -43.81
N LEU D 465 -17.80 -33.43 -42.83
CA LEU D 465 -18.98 -33.99 -42.13
C LEU D 465 -20.19 -33.93 -43.07
N ASN D 466 -20.41 -32.76 -43.70
CA ASN D 466 -21.41 -32.58 -44.80
C ASN D 466 -21.15 -33.65 -45.87
N LYS D 467 -19.90 -33.79 -46.31
CA LYS D 467 -19.47 -34.79 -47.34
C LYS D 467 -19.93 -36.19 -46.95
N VAL D 468 -19.97 -36.50 -45.65
CA VAL D 468 -20.25 -37.87 -45.12
C VAL D 468 -21.76 -38.08 -44.98
N LYS D 469 -22.52 -37.07 -44.54
CA LYS D 469 -24.00 -37.17 -44.41
C LYS D 469 -24.63 -37.20 -45.80
N GLU D 470 -24.02 -36.45 -46.71
CA GLU D 470 -24.46 -36.28 -48.13
C GLU D 470 -24.24 -37.60 -48.87
N GLY D 471 -23.35 -38.45 -48.34
CA GLY D 471 -23.21 -39.86 -48.75
C GLY D 471 -24.29 -40.74 -48.12
N THR D 472 -24.11 -42.06 -48.17
CA THR D 472 -25.02 -43.07 -47.53
C THR D 472 -24.29 -44.39 -47.24
N GLY D 473 -24.80 -45.14 -46.26
CA GLY D 473 -24.37 -46.49 -45.89
C GLY D 473 -23.06 -46.52 -45.13
N ASN D 474 -22.03 -47.13 -45.72
CA ASN D 474 -20.70 -47.39 -45.09
C ASN D 474 -19.67 -46.39 -45.59
N TYR D 475 -20.07 -45.47 -46.47
CA TYR D 475 -19.25 -44.32 -46.95
C TYR D 475 -18.73 -43.51 -45.75
N GLY D 476 -17.41 -43.31 -45.67
CA GLY D 476 -16.78 -42.55 -44.57
C GLY D 476 -15.57 -41.74 -45.02
N TYR D 477 -14.83 -41.19 -44.06
CA TYR D 477 -13.53 -40.49 -44.25
C TYR D 477 -12.43 -41.21 -43.49
N ASN D 478 -11.62 -41.99 -44.20
CA ASN D 478 -10.34 -42.57 -43.69
C ASN D 478 -9.51 -41.40 -43.15
N ALA D 479 -9.40 -41.32 -41.83
CA ALA D 479 -8.87 -40.15 -41.10
C ALA D 479 -7.39 -39.91 -41.44
N ALA D 480 -6.64 -40.99 -41.72
CA ALA D 480 -5.16 -41.03 -41.79
C ALA D 480 -4.68 -41.31 -43.22
N ASN D 481 -5.44 -40.80 -44.20
CA ASN D 481 -5.32 -41.19 -45.63
C ASN D 481 -5.78 -40.01 -46.49
N GLY D 482 -7.00 -39.52 -46.22
CA GLY D 482 -7.62 -38.40 -46.95
C GLY D 482 -8.51 -38.91 -48.06
N GLU D 483 -8.65 -40.25 -48.16
CA GLU D 483 -9.59 -40.93 -49.09
C GLU D 483 -10.97 -41.00 -48.43
N PHE D 484 -12.01 -40.92 -49.23
CA PHE D 484 -13.40 -41.27 -48.87
C PHE D 484 -13.71 -42.68 -49.40
N GLY D 485 -14.60 -43.45 -48.75
CA GLY D 485 -15.09 -44.75 -49.27
C GLY D 485 -15.83 -45.58 -48.24
N ASP D 486 -16.04 -46.87 -48.55
CA ASP D 486 -16.77 -47.82 -47.66
C ASP D 486 -15.82 -48.18 -46.51
N MET D 487 -16.19 -47.81 -45.29
CA MET D 487 -15.26 -47.80 -44.11
C MET D 487 -14.81 -49.23 -43.79
N VAL D 488 -15.63 -50.24 -44.13
CA VAL D 488 -15.22 -51.67 -44.01
C VAL D 488 -14.04 -51.94 -44.97
N GLU D 489 -14.19 -51.59 -46.26
CA GLU D 489 -13.14 -51.82 -47.29
C GLU D 489 -11.77 -51.43 -46.74
N PHE D 490 -11.68 -50.22 -46.13
CA PHE D 490 -10.43 -49.60 -45.60
C PHE D 490 -9.96 -50.30 -44.32
N GLY D 491 -10.85 -51.04 -43.63
CA GLY D 491 -10.54 -51.79 -42.40
C GLY D 491 -10.70 -50.94 -41.15
N ILE D 492 -11.73 -50.09 -41.16
CA ILE D 492 -12.05 -49.11 -40.07
C ILE D 492 -13.46 -49.38 -39.57
N LEU D 493 -13.64 -49.76 -38.31
CA LEU D 493 -14.93 -50.21 -37.74
C LEU D 493 -14.83 -50.35 -36.22
N ASP D 494 -15.98 -50.53 -35.58
CA ASP D 494 -16.16 -50.58 -34.10
C ASP D 494 -17.09 -51.73 -33.74
N PRO D 495 -16.85 -52.44 -32.60
CA PRO D 495 -17.91 -53.19 -31.94
C PRO D 495 -19.12 -52.28 -31.67
N THR D 496 -20.26 -52.61 -32.28
CA THR D 496 -21.52 -51.83 -32.13
C THR D 496 -21.79 -51.64 -30.64
N LYS D 497 -21.41 -52.61 -29.81
CA LYS D 497 -21.48 -52.55 -28.34
C LYS D 497 -20.78 -51.27 -27.84
N VAL D 498 -19.56 -51.00 -28.30
CA VAL D 498 -18.71 -49.88 -27.77
C VAL D 498 -19.26 -48.51 -28.23
N THR D 499 -19.70 -48.38 -29.48
CA THR D 499 -20.31 -47.12 -30.02
C THR D 499 -21.61 -46.84 -29.26
N ARG D 500 -22.38 -47.91 -29.00
CA ARG D 500 -23.71 -47.87 -28.31
C ARG D 500 -23.52 -47.46 -26.84
N SER D 501 -22.63 -48.14 -26.13
CA SER D 501 -22.30 -47.86 -24.70
C SER D 501 -21.99 -46.37 -24.55
N ALA D 502 -20.89 -45.93 -25.18
CA ALA D 502 -20.35 -44.56 -25.16
C ALA D 502 -21.44 -43.49 -25.35
N LEU D 503 -22.46 -43.74 -26.17
CA LEU D 503 -23.58 -42.77 -26.40
C LEU D 503 -24.53 -42.76 -25.19
N GLN D 504 -25.04 -43.91 -24.77
CA GLN D 504 -25.91 -44.03 -23.57
C GLN D 504 -25.15 -43.43 -22.36
N ASN D 505 -23.91 -43.83 -22.16
CA ASN D 505 -23.13 -43.50 -20.93
C ASN D 505 -22.87 -41.98 -20.85
N ALA D 506 -22.56 -41.31 -21.95
CA ALA D 506 -22.39 -39.83 -22.00
C ALA D 506 -23.75 -39.14 -21.76
N ALA D 507 -24.82 -39.79 -22.21
CA ALA D 507 -26.19 -39.24 -22.25
C ALA D 507 -26.80 -39.27 -20.84
N SER D 508 -26.37 -40.23 -20.02
CA SER D 508 -26.93 -40.43 -18.65
C SER D 508 -26.41 -39.31 -17.74
N ILE D 509 -25.10 -39.11 -17.73
CA ILE D 509 -24.43 -38.07 -16.91
C ILE D 509 -24.90 -36.68 -17.38
N ALA D 510 -24.88 -36.41 -18.69
CA ALA D 510 -25.30 -35.10 -19.24
C ALA D 510 -26.64 -34.73 -18.59
N GLY D 511 -27.54 -35.73 -18.54
CA GLY D 511 -28.90 -35.65 -17.96
C GLY D 511 -28.89 -35.31 -16.48
N LEU D 512 -28.16 -36.08 -15.67
CA LEU D 512 -27.95 -35.77 -14.22
C LEU D 512 -27.50 -34.30 -14.09
N MET D 513 -26.42 -33.94 -14.79
CA MET D 513 -25.66 -32.68 -14.59
C MET D 513 -26.56 -31.47 -14.91
N ILE D 514 -27.23 -31.52 -16.04
CA ILE D 514 -28.27 -30.54 -16.48
C ILE D 514 -29.33 -30.33 -15.38
N THR D 515 -29.75 -31.40 -14.69
CA THR D 515 -30.76 -31.32 -13.61
C THR D 515 -30.07 -31.39 -12.23
N THR D 516 -28.92 -30.73 -12.07
CA THR D 516 -28.20 -30.60 -10.78
C THR D 516 -28.40 -29.17 -10.28
N GLU D 517 -29.07 -28.99 -9.13
CA GLU D 517 -29.43 -27.65 -8.60
C GLU D 517 -28.67 -27.35 -7.31
N ALA D 518 -27.68 -28.17 -6.94
CA ALA D 518 -26.78 -27.92 -5.79
C ALA D 518 -25.56 -28.85 -5.80
N MET D 519 -24.49 -28.41 -5.12
CA MET D 519 -23.20 -29.14 -5.02
C MET D 519 -22.52 -28.78 -3.69
N VAL D 520 -22.06 -29.79 -2.95
CA VAL D 520 -21.60 -29.68 -1.53
C VAL D 520 -20.19 -30.27 -1.42
N ALA D 521 -19.16 -29.43 -1.60
CA ALA D 521 -17.73 -29.82 -1.55
C ALA D 521 -17.16 -29.53 -0.16
N ASP D 522 -15.92 -29.97 0.09
CA ASP D 522 -15.20 -29.71 1.37
C ASP D 522 -14.41 -28.40 1.29
N ALA D 523 -14.45 -27.60 2.35
CA ALA D 523 -14.00 -26.18 2.39
C ALA D 523 -12.49 -26.10 2.35
N PRO D 524 -11.90 -25.01 1.78
CA PRO D 524 -10.47 -24.71 1.95
C PRO D 524 -9.92 -24.77 3.39
N LYS D 525 -9.99 -23.68 4.17
CA LYS D 525 -9.21 -23.45 5.42
C LYS D 525 -10.04 -23.77 6.68
N ALA E 1 -13.46 -22.31 26.74
CA ALA E 1 -12.99 -21.43 25.63
C ALA E 1 -13.67 -20.07 25.72
N ALA E 2 -12.94 -18.99 25.40
CA ALA E 2 -13.49 -17.64 25.17
C ALA E 2 -14.61 -17.74 24.14
N LYS E 3 -15.79 -17.20 24.46
CA LYS E 3 -17.04 -17.37 23.67
C LYS E 3 -17.38 -16.05 22.97
N ASP E 4 -17.81 -16.14 21.72
CA ASP E 4 -18.39 -15.02 20.92
C ASP E 4 -19.93 -15.12 21.01
N ILE E 5 -20.59 -14.06 21.49
CA ILE E 5 -22.06 -14.03 21.76
C ILE E 5 -22.67 -12.89 20.95
N ARG E 6 -23.88 -13.09 20.42
CA ARG E 6 -24.62 -12.13 19.54
C ARG E 6 -26.06 -11.98 20.05
N PHE E 7 -26.77 -10.95 19.58
CA PHE E 7 -28.09 -10.56 20.16
C PHE E 7 -29.15 -10.27 19.09
N GLY E 8 -30.39 -10.13 19.58
CA GLY E 8 -31.56 -9.56 18.88
C GLY E 8 -31.62 -9.94 17.40
N GLU E 9 -31.28 -8.99 16.52
CA GLU E 9 -31.46 -9.16 15.06
C GLU E 9 -30.25 -9.93 14.52
N ASP E 10 -29.04 -9.37 14.61
CA ASP E 10 -27.87 -9.93 13.89
C ASP E 10 -27.63 -11.38 14.35
N ALA E 11 -28.31 -11.81 15.42
CA ALA E 11 -28.48 -13.23 15.83
C ALA E 11 -29.53 -13.91 14.93
N ARG E 12 -30.80 -13.50 15.06
CA ARG E 12 -31.96 -14.07 14.32
C ARG E 12 -31.72 -14.00 12.80
N THR E 13 -30.88 -13.07 12.33
CA THR E 13 -30.57 -12.88 10.89
C THR E 13 -29.58 -13.95 10.43
N ARG E 14 -28.58 -14.28 11.27
CA ARG E 14 -27.54 -15.31 10.96
C ARG E 14 -28.14 -16.72 11.12
N MET E 15 -29.16 -16.88 11.97
CA MET E 15 -29.91 -18.16 12.14
C MET E 15 -30.74 -18.41 10.89
N VAL E 16 -31.42 -17.37 10.39
CA VAL E 16 -32.26 -17.44 9.16
C VAL E 16 -31.37 -17.82 7.97
N ARG E 17 -30.12 -17.36 7.96
CA ARG E 17 -29.17 -17.66 6.85
C ARG E 17 -28.88 -19.16 6.83
N GLY E 18 -28.51 -19.73 7.97
CA GLY E 18 -28.19 -21.16 8.11
C GLY E 18 -29.31 -22.07 7.66
N VAL E 19 -30.57 -21.76 8.00
CA VAL E 19 -31.75 -22.62 7.68
C VAL E 19 -31.99 -22.47 6.18
N ASN E 20 -31.74 -21.28 5.64
CA ASN E 20 -31.96 -20.96 4.20
C ASN E 20 -30.97 -21.77 3.34
N VAL E 21 -29.71 -21.87 3.77
CA VAL E 21 -28.66 -22.68 3.08
C VAL E 21 -29.04 -24.17 3.14
N LEU E 22 -29.46 -24.69 4.30
CA LEU E 22 -29.84 -26.12 4.46
C LEU E 22 -31.05 -26.43 3.57
N ALA E 23 -32.10 -25.62 3.69
CA ALA E 23 -33.44 -25.85 3.08
C ALA E 23 -33.37 -25.71 1.56
N ASN E 24 -32.51 -24.84 1.02
CA ASN E 24 -32.38 -24.58 -0.45
C ASN E 24 -31.72 -25.77 -1.16
N ALA E 25 -30.68 -26.36 -0.56
CA ALA E 25 -30.00 -27.60 -1.05
C ALA E 25 -30.92 -28.82 -0.86
N VAL E 26 -31.74 -28.83 0.19
CA VAL E 26 -32.67 -29.96 0.48
C VAL E 26 -33.87 -29.87 -0.48
N LYS E 27 -34.72 -28.84 -0.33
CA LYS E 27 -36.05 -28.76 -1.02
C LYS E 27 -35.87 -28.99 -2.53
N ALA E 28 -34.70 -28.69 -3.06
CA ALA E 28 -34.31 -28.95 -4.47
C ALA E 28 -34.66 -30.40 -4.86
N THR E 29 -34.67 -31.33 -3.90
CA THR E 29 -34.83 -32.80 -4.17
C THR E 29 -36.28 -33.24 -3.97
N LEU E 30 -37.17 -32.34 -3.60
CA LEU E 30 -38.54 -32.69 -3.13
C LEU E 30 -39.48 -32.96 -4.32
N GLY E 31 -40.34 -33.97 -4.20
CA GLY E 31 -41.34 -34.33 -5.24
C GLY E 31 -40.69 -35.01 -6.45
N PRO E 32 -41.50 -35.71 -7.27
CA PRO E 32 -41.00 -36.62 -8.30
C PRO E 32 -40.16 -36.05 -9.44
N LYS E 33 -40.22 -34.74 -9.66
CA LYS E 33 -39.27 -34.05 -10.57
C LYS E 33 -38.18 -33.42 -9.72
N GLY E 34 -37.78 -34.12 -8.64
CA GLY E 34 -36.64 -33.76 -7.78
C GLY E 34 -35.39 -33.48 -8.59
N ARG E 35 -34.53 -32.61 -8.08
CA ARG E 35 -33.27 -32.20 -8.75
C ARG E 35 -32.11 -32.93 -8.08
N ASN E 36 -31.17 -33.40 -8.89
CA ASN E 36 -29.90 -34.02 -8.41
C ASN E 36 -29.14 -32.98 -7.59
N VAL E 37 -28.50 -33.46 -6.51
CA VAL E 37 -27.58 -32.66 -5.65
C VAL E 37 -26.34 -33.50 -5.39
N VAL E 38 -25.33 -33.31 -6.24
CA VAL E 38 -23.94 -33.81 -6.06
C VAL E 38 -23.48 -33.54 -4.61
N LEU E 39 -22.75 -34.51 -4.03
CA LEU E 39 -22.04 -34.42 -2.74
C LEU E 39 -20.64 -35.04 -2.92
N GLU E 40 -19.57 -34.27 -2.69
CA GLU E 40 -18.18 -34.78 -2.80
C GLU E 40 -17.92 -35.76 -1.65
N LYS E 41 -17.15 -36.81 -1.93
CA LYS E 41 -16.70 -37.81 -0.92
C LYS E 41 -15.18 -37.80 -0.89
N SER E 42 -14.59 -38.30 0.21
CA SER E 42 -13.13 -38.27 0.49
C SER E 42 -12.31 -38.52 -0.78
N PHE E 43 -12.35 -39.75 -1.32
CA PHE E 43 -11.55 -40.18 -2.48
C PHE E 43 -12.48 -40.72 -3.58
N GLY E 44 -12.04 -40.63 -4.84
CA GLY E 44 -12.71 -41.21 -6.01
C GLY E 44 -13.48 -40.18 -6.81
N ALA E 45 -14.78 -40.43 -7.03
CA ALA E 45 -15.72 -39.53 -7.75
C ALA E 45 -16.98 -39.34 -6.90
N PRO E 46 -17.68 -38.19 -7.01
CA PRO E 46 -18.68 -37.79 -6.02
C PRO E 46 -19.92 -38.70 -6.00
N THR E 47 -20.85 -38.38 -5.10
CA THR E 47 -22.21 -38.97 -5.04
C THR E 47 -23.17 -38.02 -5.78
N ILE E 48 -24.24 -38.55 -6.38
CA ILE E 48 -25.35 -37.79 -7.01
C ILE E 48 -26.65 -38.34 -6.42
N THR E 49 -27.43 -37.53 -5.70
CA THR E 49 -28.58 -38.01 -4.88
C THR E 49 -29.81 -37.12 -5.11
N LYS E 50 -31.01 -37.73 -5.09
CA LYS E 50 -32.33 -37.02 -5.08
C LYS E 50 -32.98 -37.17 -3.69
N ASP E 51 -32.13 -37.43 -2.68
CA ASP E 51 -32.53 -37.84 -1.31
C ASP E 51 -32.24 -36.68 -0.34
N GLY E 52 -33.30 -36.09 0.23
CA GLY E 52 -33.19 -34.95 1.17
C GLY E 52 -32.52 -35.30 2.50
N VAL E 53 -32.79 -36.47 3.07
CA VAL E 53 -32.13 -36.91 4.35
C VAL E 53 -30.62 -37.04 4.06
N SER E 54 -30.26 -37.53 2.87
CA SER E 54 -28.86 -37.77 2.43
C SER E 54 -28.10 -36.44 2.33
N VAL E 55 -28.73 -35.42 1.74
CA VAL E 55 -28.14 -34.06 1.62
C VAL E 55 -28.10 -33.41 3.00
N ALA E 56 -29.18 -33.56 3.78
CA ALA E 56 -29.41 -32.88 5.09
C ALA E 56 -28.26 -33.19 6.07
N LYS E 57 -27.93 -34.48 6.23
CA LYS E 57 -26.79 -35.01 7.03
C LYS E 57 -25.48 -34.30 6.68
N GLU E 58 -25.26 -34.07 5.37
CA GLU E 58 -23.98 -33.54 4.82
C GLU E 58 -23.81 -32.04 5.09
N ILE E 59 -24.87 -31.34 5.50
CA ILE E 59 -24.84 -29.85 5.66
C ILE E 59 -24.28 -29.49 7.03
N GLU E 60 -23.05 -28.98 7.05
CA GLU E 60 -22.45 -28.15 8.12
C GLU E 60 -21.91 -26.87 7.49
N LEU E 61 -21.90 -25.77 8.24
CA LEU E 61 -21.40 -24.46 7.75
C LEU E 61 -20.17 -24.02 8.55
N ALA E 62 -19.53 -22.94 8.11
CA ALA E 62 -18.32 -22.34 8.70
C ALA E 62 -18.72 -21.23 9.67
N ASP E 63 -19.56 -20.27 9.23
CA ASP E 63 -20.10 -19.25 10.17
C ASP E 63 -20.76 -20.06 11.29
N LYS E 64 -20.31 -19.83 12.52
CA LYS E 64 -20.66 -20.68 13.70
C LYS E 64 -22.16 -20.56 13.99
N PHE E 65 -22.76 -19.40 13.68
CA PHE E 65 -24.16 -19.05 14.05
C PHE E 65 -25.15 -19.53 12.98
N GLU E 66 -24.82 -19.29 11.70
CA GLU E 66 -25.48 -19.94 10.54
C GLU E 66 -25.56 -21.44 10.89
N ASN E 67 -24.42 -22.10 11.06
CA ASN E 67 -24.32 -23.55 11.35
C ASN E 67 -25.35 -23.94 12.42
N MET E 68 -25.43 -23.20 13.52
CA MET E 68 -26.31 -23.52 14.69
C MET E 68 -27.77 -23.55 14.23
N GLY E 69 -28.17 -22.58 13.41
CA GLY E 69 -29.50 -22.52 12.76
C GLY E 69 -29.76 -23.74 11.91
N ALA E 70 -28.85 -24.03 10.98
CA ALA E 70 -28.89 -25.17 10.03
C ALA E 70 -29.05 -26.48 10.82
N GLN E 71 -28.32 -26.64 11.92
CA GLN E 71 -28.33 -27.88 12.76
C GLN E 71 -29.63 -27.97 13.57
N MET E 72 -30.22 -26.82 13.94
CA MET E 72 -31.43 -26.77 14.78
C MET E 72 -32.63 -27.34 14.01
N VAL E 73 -32.88 -26.83 12.79
CA VAL E 73 -34.03 -27.34 11.97
C VAL E 73 -33.69 -28.78 11.54
N LYS E 74 -32.41 -29.10 11.30
CA LYS E 74 -31.93 -30.48 11.00
C LYS E 74 -32.43 -31.45 12.09
N GLU E 75 -32.32 -31.04 13.36
CA GLU E 75 -32.58 -31.90 14.56
C GLU E 75 -34.05 -32.32 14.63
N VAL E 76 -34.97 -31.34 14.64
CA VAL E 76 -36.42 -31.58 14.91
C VAL E 76 -37.13 -31.97 13.61
N ALA E 77 -36.57 -31.62 12.46
CA ALA E 77 -37.03 -32.12 11.14
C ALA E 77 -36.73 -33.63 11.05
N SER E 78 -35.56 -34.05 11.53
CA SER E 78 -35.15 -35.49 11.56
C SER E 78 -35.72 -36.20 12.80
N LYS E 79 -36.68 -35.58 13.50
CA LYS E 79 -37.45 -36.23 14.59
C LYS E 79 -38.81 -36.70 14.04
N THR E 80 -39.10 -36.42 12.76
CA THR E 80 -40.20 -37.03 11.96
C THR E 80 -39.67 -38.23 11.17
N ASN E 81 -38.34 -38.41 11.16
CA ASN E 81 -37.63 -39.64 10.72
C ASN E 81 -37.65 -40.62 11.91
N ASP E 82 -37.22 -40.14 13.09
CA ASP E 82 -37.29 -40.82 14.41
C ASP E 82 -38.71 -41.33 14.70
N ASN E 83 -39.71 -40.47 14.43
CA ASN E 83 -41.10 -40.58 14.93
C ASN E 83 -41.96 -41.35 13.92
N ALA E 84 -41.95 -40.94 12.64
CA ALA E 84 -42.93 -41.35 11.60
C ALA E 84 -42.29 -42.25 10.53
N GLY E 85 -41.37 -41.71 9.72
CA GLY E 85 -40.74 -42.43 8.59
C GLY E 85 -40.12 -41.49 7.57
N ASP E 86 -40.95 -40.72 6.87
CA ASP E 86 -40.54 -39.73 5.82
C ASP E 86 -40.93 -38.32 6.31
N GLY E 87 -40.85 -37.31 5.44
CA GLY E 87 -41.25 -35.91 5.71
C GLY E 87 -40.15 -35.12 6.40
N THR E 88 -38.92 -35.63 6.35
CA THR E 88 -37.68 -34.97 6.86
C THR E 88 -37.45 -33.70 6.03
N THR E 89 -37.85 -33.73 4.76
CA THR E 89 -37.78 -32.61 3.79
C THR E 89 -38.97 -31.66 3.99
N THR E 90 -40.19 -32.19 3.91
CA THR E 90 -41.46 -31.44 4.18
C THR E 90 -41.31 -30.57 5.43
N ALA E 91 -40.91 -31.17 6.57
CA ALA E 91 -40.76 -30.47 7.87
C ALA E 91 -39.77 -29.32 7.72
N THR E 92 -38.74 -29.54 6.88
CA THR E 92 -37.61 -28.61 6.62
C THR E 92 -38.10 -27.42 5.79
N VAL E 93 -38.80 -27.69 4.68
CA VAL E 93 -39.28 -26.61 3.75
C VAL E 93 -40.40 -25.83 4.43
N LEU E 94 -41.09 -26.45 5.41
CA LEU E 94 -42.13 -25.77 6.22
C LEU E 94 -41.45 -24.83 7.20
N ALA E 95 -40.49 -25.32 7.97
CA ALA E 95 -39.77 -24.53 8.99
C ALA E 95 -39.22 -23.26 8.32
N GLN E 96 -38.50 -23.43 7.21
CA GLN E 96 -37.91 -22.31 6.42
C GLN E 96 -39.01 -21.31 6.06
N ALA E 97 -40.13 -21.80 5.53
CA ALA E 97 -41.30 -20.97 5.15
C ALA E 97 -41.81 -20.23 6.38
N LEU E 98 -41.88 -20.90 7.54
CA LEU E 98 -42.37 -20.33 8.83
C LEU E 98 -41.39 -19.26 9.36
N ILE E 99 -40.09 -19.45 9.12
CA ILE E 99 -39.02 -18.73 9.86
C ILE E 99 -38.55 -17.52 9.04
N ARG E 100 -38.28 -17.71 7.73
CA ARG E 100 -37.78 -16.63 6.85
C ARG E 100 -38.85 -15.53 6.81
N GLU E 101 -40.11 -15.90 7.05
CA GLU E 101 -41.27 -14.97 7.18
C GLU E 101 -41.51 -14.55 8.63
N GLY E 102 -41.26 -15.46 9.58
CA GLY E 102 -41.36 -15.16 11.02
C GLY E 102 -40.42 -14.03 11.41
N ALA E 103 -39.12 -14.23 11.19
CA ALA E 103 -38.04 -13.29 11.56
C ALA E 103 -38.39 -11.88 11.07
N LYS E 104 -38.80 -11.79 9.79
CA LYS E 104 -39.23 -10.56 9.07
C LYS E 104 -40.26 -9.76 9.89
N ALA E 105 -41.25 -10.45 10.45
CA ALA E 105 -42.41 -9.85 11.15
C ALA E 105 -41.98 -9.35 12.53
N VAL E 106 -40.93 -9.92 13.09
CA VAL E 106 -40.31 -9.43 14.37
C VAL E 106 -39.58 -8.12 14.09
N ALA E 107 -38.69 -8.13 13.08
CA ALA E 107 -37.96 -6.95 12.54
C ALA E 107 -38.90 -5.73 12.43
N ALA E 108 -40.06 -5.89 11.80
CA ALA E 108 -41.05 -4.80 11.55
C ALA E 108 -41.65 -4.30 12.88
N GLY E 109 -41.63 -5.12 13.94
CA GLY E 109 -42.05 -4.66 15.28
C GLY E 109 -42.92 -5.68 15.99
N MET E 110 -43.68 -6.49 15.23
CA MET E 110 -44.64 -7.46 15.81
C MET E 110 -43.97 -8.26 16.93
N ASN E 111 -44.78 -8.70 17.90
CA ASN E 111 -44.45 -9.16 19.27
C ASN E 111 -44.17 -10.67 19.28
N PRO E 112 -42.92 -11.15 19.42
CA PRO E 112 -42.59 -12.56 19.19
C PRO E 112 -43.41 -13.59 20.00
N MET E 113 -43.75 -13.25 21.24
CA MET E 113 -44.54 -14.14 22.14
C MET E 113 -46.00 -14.21 21.65
N ASP E 114 -46.45 -13.24 20.85
CA ASP E 114 -47.80 -13.24 20.21
C ASP E 114 -47.75 -13.97 18.87
N LEU E 115 -46.70 -13.74 18.09
CA LEU E 115 -46.48 -14.45 16.79
C LEU E 115 -46.44 -15.95 17.04
N LYS E 116 -45.67 -16.36 18.05
CA LYS E 116 -45.58 -17.78 18.49
C LYS E 116 -47.01 -18.30 18.74
N ARG E 117 -47.78 -17.57 19.55
CA ARG E 117 -49.14 -17.98 20.01
C ARG E 117 -50.09 -18.07 18.81
N GLY E 118 -49.84 -17.29 17.76
CA GLY E 118 -50.65 -17.32 16.52
C GLY E 118 -50.44 -18.61 15.75
N ILE E 119 -49.18 -18.90 15.42
CA ILE E 119 -48.76 -20.13 14.71
C ILE E 119 -49.30 -21.35 15.46
N ASP E 120 -49.10 -21.41 16.79
CA ASP E 120 -49.54 -22.52 17.68
C ASP E 120 -51.03 -22.79 17.46
N GLN E 121 -51.85 -21.78 17.78
CA GLN E 121 -53.34 -21.77 17.71
C GLN E 121 -53.82 -22.22 16.32
N ALA E 122 -53.01 -22.01 15.27
CA ALA E 122 -53.37 -22.27 13.85
C ALA E 122 -53.03 -23.71 13.46
N VAL E 123 -51.89 -24.23 13.93
CA VAL E 123 -51.47 -25.63 13.70
C VAL E 123 -52.39 -26.53 14.53
N LYS E 124 -52.68 -26.13 15.78
CA LYS E 124 -53.65 -26.81 16.69
C LYS E 124 -54.96 -27.06 15.94
N ALA E 125 -55.40 -26.07 15.17
CA ALA E 125 -56.68 -26.04 14.42
C ALA E 125 -56.47 -26.40 12.94
N ALA E 126 -55.48 -27.22 12.62
CA ALA E 126 -55.23 -27.74 11.25
C ALA E 126 -54.80 -29.21 11.36
N VAL E 127 -54.02 -29.53 12.40
CA VAL E 127 -53.76 -30.92 12.87
C VAL E 127 -55.08 -31.60 13.23
N VAL E 128 -56.07 -30.84 13.75
CA VAL E 128 -57.48 -31.32 13.87
C VAL E 128 -58.01 -31.56 12.45
N GLU E 129 -57.88 -30.58 11.55
CA GLU E 129 -58.57 -30.59 10.24
C GLU E 129 -57.95 -31.62 9.31
N LEU E 130 -56.86 -32.27 9.74
CA LEU E 130 -56.12 -33.30 8.98
C LEU E 130 -56.68 -34.68 9.34
N LYS E 131 -56.97 -34.89 10.64
CA LYS E 131 -57.74 -36.07 11.13
C LYS E 131 -59.10 -36.07 10.43
N ASN E 132 -59.84 -34.96 10.51
CA ASN E 132 -61.20 -34.78 9.95
C ASN E 132 -61.29 -35.29 8.51
N ILE E 133 -60.21 -35.19 7.73
CA ILE E 133 -60.18 -35.59 6.29
C ILE E 133 -59.30 -36.84 6.09
N SER E 134 -58.77 -37.41 7.17
CA SER E 134 -58.12 -38.74 7.13
C SER E 134 -59.13 -39.80 6.65
N LYS E 135 -58.68 -40.69 5.79
CA LYS E 135 -59.30 -42.03 5.57
C LYS E 135 -58.50 -43.00 6.43
N PRO E 136 -59.16 -43.92 7.19
CA PRO E 136 -58.43 -44.94 7.94
C PRO E 136 -58.14 -46.19 7.10
N THR E 137 -57.01 -46.86 7.33
CA THR E 137 -56.67 -48.18 6.69
C THR E 137 -56.55 -49.24 7.79
N THR E 138 -57.63 -49.98 8.05
CA THR E 138 -57.76 -50.95 9.16
C THR E 138 -58.14 -52.34 8.62
N ASP E 139 -59.10 -52.42 7.69
CA ASP E 139 -59.44 -53.68 6.96
C ASP E 139 -58.28 -54.04 6.02
N ASP E 140 -58.02 -55.34 5.84
CA ASP E 140 -56.71 -55.90 5.35
C ASP E 140 -56.55 -55.76 3.82
N LYS E 141 -57.55 -55.20 3.13
CA LYS E 141 -57.44 -54.82 1.69
C LYS E 141 -56.73 -53.46 1.59
N ALA E 142 -57.01 -52.56 2.54
CA ALA E 142 -56.50 -51.17 2.58
C ALA E 142 -55.06 -51.15 3.11
N ILE E 143 -54.66 -52.18 3.87
CA ILE E 143 -53.27 -52.29 4.41
C ILE E 143 -52.33 -52.68 3.26
N ALA E 144 -52.73 -53.65 2.44
CA ALA E 144 -51.96 -54.15 1.28
C ALA E 144 -51.85 -53.08 0.19
N GLN E 145 -52.93 -52.30 -0.04
CA GLN E 145 -52.94 -51.17 -1.01
C GLN E 145 -51.90 -50.13 -0.58
N VAL E 146 -51.98 -49.66 0.68
CA VAL E 146 -51.00 -48.71 1.33
C VAL E 146 -49.59 -49.32 1.24
N GLY E 147 -49.49 -50.64 1.38
CA GLY E 147 -48.24 -51.39 1.16
C GLY E 147 -47.74 -51.15 -0.25
N THR E 148 -48.49 -51.68 -1.23
CA THR E 148 -48.21 -51.57 -2.68
C THR E 148 -47.66 -50.18 -3.00
N ILE E 149 -48.42 -49.12 -2.70
CA ILE E 149 -48.15 -47.71 -3.11
C ILE E 149 -46.81 -47.25 -2.52
N SER E 150 -46.55 -47.61 -1.24
CA SER E 150 -45.38 -47.14 -0.45
C SER E 150 -44.10 -47.88 -0.90
N ALA E 151 -44.25 -49.05 -1.52
CA ALA E 151 -43.16 -49.88 -2.09
C ALA E 151 -43.09 -49.68 -3.61
N ASN E 152 -43.44 -48.47 -4.06
CA ASN E 152 -43.47 -48.05 -5.49
C ASN E 152 -44.13 -49.15 -6.33
N SER E 153 -45.46 -49.26 -6.23
CA SER E 153 -46.38 -50.13 -7.03
C SER E 153 -45.86 -51.57 -7.13
N ASP E 154 -45.95 -52.34 -6.03
CA ASP E 154 -45.66 -53.81 -6.01
C ASP E 154 -46.53 -54.49 -4.96
N GLU E 155 -47.69 -55.02 -5.36
CA GLU E 155 -48.60 -55.85 -4.52
C GLU E 155 -47.81 -56.90 -3.77
N SER E 156 -46.82 -57.49 -4.45
CA SER E 156 -45.94 -58.58 -3.96
C SER E 156 -45.38 -58.20 -2.57
N ILE E 157 -44.66 -57.08 -2.49
CA ILE E 157 -44.08 -56.56 -1.20
C ILE E 157 -45.23 -56.02 -0.32
N GLY E 158 -46.22 -55.37 -0.92
CA GLY E 158 -47.39 -54.82 -0.20
C GLY E 158 -48.27 -55.89 0.42
N ASN E 159 -48.07 -57.16 0.07
CA ASN E 159 -48.92 -58.29 0.57
C ASN E 159 -48.26 -58.94 1.78
N ILE E 160 -47.01 -59.39 1.67
CA ILE E 160 -46.25 -59.98 2.82
C ILE E 160 -46.47 -59.07 4.03
N ILE E 161 -46.44 -57.75 3.84
CA ILE E 161 -46.77 -56.76 4.90
C ILE E 161 -48.16 -57.07 5.46
N ALA E 162 -49.16 -57.12 4.58
CA ALA E 162 -50.59 -57.29 4.95
C ALA E 162 -50.75 -58.52 5.85
N GLU E 163 -50.05 -59.62 5.53
CA GLU E 163 -50.24 -60.94 6.19
C GLU E 163 -49.27 -61.06 7.38
N ALA E 164 -48.14 -60.36 7.34
CA ALA E 164 -47.28 -60.15 8.54
C ALA E 164 -48.16 -59.62 9.68
N MET E 165 -49.00 -58.63 9.37
CA MET E 165 -49.86 -57.90 10.35
C MET E 165 -51.11 -58.72 10.69
N LYS E 166 -51.48 -59.68 9.85
CA LYS E 166 -52.58 -60.63 10.15
C LYS E 166 -52.07 -61.63 11.21
N LYS E 167 -50.75 -61.87 11.23
CA LYS E 167 -50.08 -62.91 12.05
C LYS E 167 -49.88 -62.44 13.50
N VAL E 168 -49.28 -61.25 13.70
CA VAL E 168 -48.79 -60.77 15.03
C VAL E 168 -49.69 -59.65 15.56
N GLY E 169 -50.76 -59.30 14.83
CA GLY E 169 -51.51 -58.04 15.03
C GLY E 169 -50.87 -56.91 14.22
N LYS E 170 -51.43 -55.70 14.33
CA LYS E 170 -50.92 -54.50 13.60
C LYS E 170 -49.94 -53.76 14.52
N GLU E 171 -50.03 -54.03 15.82
CA GLU E 171 -49.20 -53.41 16.89
C GLU E 171 -48.11 -54.40 17.32
N GLY E 172 -47.93 -55.51 16.60
CA GLY E 172 -46.91 -56.53 16.89
C GLY E 172 -45.59 -56.20 16.20
N VAL E 173 -44.56 -57.04 16.39
CA VAL E 173 -43.18 -56.84 15.85
C VAL E 173 -43.14 -57.38 14.40
N ILE E 174 -42.48 -56.63 13.49
CA ILE E 174 -42.21 -57.06 12.09
C ILE E 174 -40.82 -56.53 11.69
N THR E 175 -39.98 -57.37 11.10
CA THR E 175 -38.56 -57.07 10.80
C THR E 175 -38.24 -57.55 9.39
N VAL E 176 -37.19 -56.99 8.78
CA VAL E 176 -36.69 -57.42 7.43
C VAL E 176 -35.25 -57.90 7.54
N GLU E 177 -34.86 -58.78 6.62
CA GLU E 177 -33.51 -59.36 6.49
C GLU E 177 -33.22 -59.70 5.03
N GLU E 178 -31.95 -59.81 4.65
CA GLU E 178 -31.52 -60.40 3.35
C GLU E 178 -32.16 -61.79 3.25
N GLY E 179 -32.46 -62.23 2.01
CA GLY E 179 -33.31 -63.41 1.76
C GLY E 179 -32.57 -64.53 1.05
N SER E 180 -32.93 -65.78 1.39
CA SER E 180 -32.53 -67.03 0.71
C SER E 180 -32.05 -66.71 -0.72
N GLY E 181 -32.95 -66.21 -1.58
CA GLY E 181 -32.67 -65.80 -2.96
C GLY E 181 -33.86 -65.99 -3.88
N LEU E 182 -34.35 -64.92 -4.51
CA LEU E 182 -35.60 -64.88 -5.34
C LEU E 182 -36.79 -65.33 -4.47
N GLU E 183 -37.90 -64.59 -4.53
CA GLU E 183 -39.18 -64.92 -3.83
C GLU E 183 -39.02 -64.62 -2.34
N ASN E 184 -39.95 -63.84 -1.77
CA ASN E 184 -39.95 -63.39 -0.35
C ASN E 184 -40.19 -64.61 0.56
N GLU E 185 -40.28 -64.39 1.87
CA GLU E 185 -40.40 -65.47 2.89
C GLU E 185 -40.86 -64.87 4.23
N LEU E 186 -41.96 -65.37 4.78
CA LEU E 186 -42.60 -64.85 6.01
C LEU E 186 -42.57 -65.91 7.12
N ASP E 187 -41.55 -65.86 7.99
CA ASP E 187 -41.41 -66.71 9.21
C ASP E 187 -41.99 -65.94 10.41
N VAL E 188 -42.52 -66.64 11.41
CA VAL E 188 -43.07 -66.03 12.66
C VAL E 188 -42.48 -66.78 13.87
N VAL E 189 -41.53 -66.16 14.55
CA VAL E 189 -40.62 -66.85 15.52
C VAL E 189 -40.71 -66.15 16.89
N GLU E 190 -40.38 -66.87 17.96
CA GLU E 190 -40.35 -66.33 19.35
C GLU E 190 -39.31 -65.22 19.41
N GLY E 191 -39.67 -64.07 19.99
CA GLY E 191 -38.80 -62.89 19.95
C GLY E 191 -39.30 -61.78 20.82
N MET E 192 -38.53 -60.70 20.78
CA MET E 192 -38.78 -59.49 21.59
C MET E 192 -38.16 -58.29 20.89
N GLN E 193 -38.62 -57.11 21.28
CA GLN E 193 -38.06 -55.85 20.76
C GLN E 193 -38.36 -54.77 21.78
N PHE E 194 -37.42 -53.83 22.01
CA PHE E 194 -37.71 -52.83 23.07
C PHE E 194 -37.16 -51.42 22.84
N ASP E 195 -37.55 -50.63 23.83
CA ASP E 195 -37.48 -49.15 23.97
C ASP E 195 -36.11 -48.50 23.75
N ARG E 196 -35.03 -49.25 23.69
CA ARG E 196 -33.70 -48.60 23.62
C ARG E 196 -32.91 -49.04 22.39
N GLY E 197 -32.15 -48.08 21.84
CA GLY E 197 -31.21 -48.36 20.74
C GLY E 197 -29.77 -48.30 21.21
N TYR E 198 -28.81 -48.51 20.29
CA TYR E 198 -27.35 -48.43 20.54
C TYR E 198 -27.03 -47.14 21.30
N LEU E 199 -26.07 -47.18 22.24
CA LEU E 199 -25.72 -46.03 23.10
C LEU E 199 -24.66 -45.16 22.43
N SER E 200 -24.30 -45.48 21.19
CA SER E 200 -23.49 -44.60 20.29
C SER E 200 -23.58 -45.09 18.85
N PRO E 201 -23.54 -44.19 17.85
CA PRO E 201 -23.03 -44.57 16.54
C PRO E 201 -21.61 -45.12 16.75
N TYR E 202 -20.95 -45.55 15.68
CA TYR E 202 -19.69 -46.36 15.67
C TYR E 202 -20.04 -47.85 15.85
N PHE E 203 -21.10 -48.14 16.61
CA PHE E 203 -21.67 -49.52 16.78
C PHE E 203 -22.40 -49.94 15.51
N ILE E 204 -22.68 -48.99 14.63
CA ILE E 204 -23.55 -49.19 13.43
C ILE E 204 -22.71 -49.89 12.36
N ASN E 205 -23.08 -51.12 11.98
CA ASN E 205 -22.37 -51.93 10.96
C ASN E 205 -23.25 -52.12 9.71
N ASN E 206 -24.51 -51.64 9.77
CA ASN E 206 -25.48 -51.67 8.64
C ASN E 206 -25.91 -50.23 8.35
N GLN E 207 -24.95 -49.31 8.28
CA GLN E 207 -25.16 -47.86 7.96
C GLN E 207 -25.97 -47.73 6.66
N GLN E 208 -26.00 -48.80 5.85
CA GLN E 208 -26.93 -49.00 4.69
C GLN E 208 -28.36 -48.61 5.11
N SER E 209 -28.77 -49.04 6.30
CA SER E 209 -30.01 -48.64 7.02
C SER E 209 -29.69 -48.45 8.50
N GLN E 210 -29.19 -47.25 8.88
CA GLN E 210 -28.35 -47.01 10.10
C GLN E 210 -28.86 -47.85 11.29
N SER E 211 -28.32 -49.08 11.40
CA SER E 211 -28.64 -50.09 12.44
C SER E 211 -27.41 -50.97 12.74
N ALA E 212 -27.39 -51.60 13.91
CA ALA E 212 -26.45 -52.67 14.30
C ALA E 212 -27.14 -54.03 14.10
N ASP E 213 -26.40 -55.03 13.63
CA ASP E 213 -26.92 -56.33 13.13
C ASP E 213 -25.86 -57.41 13.35
N LEU E 214 -26.20 -58.49 14.04
CA LEU E 214 -25.24 -59.57 14.41
C LEU E 214 -25.93 -60.94 14.27
N ASP E 215 -25.17 -61.97 13.87
CA ASP E 215 -25.68 -63.32 13.51
C ASP E 215 -25.24 -64.34 14.59
N ASP E 216 -26.22 -64.98 15.25
CA ASP E 216 -26.07 -66.06 16.28
C ASP E 216 -25.24 -65.57 17.47
N PRO E 217 -25.55 -64.40 18.07
CA PRO E 217 -24.72 -63.84 19.14
C PRO E 217 -25.18 -64.14 20.57
N PHE E 218 -24.29 -63.88 21.53
CA PHE E 218 -24.56 -63.99 23.00
C PHE E 218 -25.19 -62.69 23.48
N ILE E 219 -26.08 -62.81 24.46
CA ILE E 219 -26.78 -61.66 25.13
C ILE E 219 -26.35 -61.65 26.60
N LEU E 220 -25.77 -60.54 27.06
CA LEU E 220 -25.44 -60.35 28.50
C LEU E 220 -26.44 -59.37 29.14
N LEU E 221 -27.06 -59.79 30.24
CA LEU E 221 -28.04 -58.97 31.00
C LEU E 221 -27.41 -58.59 32.35
N HIS E 222 -27.54 -57.33 32.77
CA HIS E 222 -27.10 -56.79 34.09
C HIS E 222 -28.17 -55.92 34.73
N ASP E 223 -28.20 -55.84 36.06
CA ASP E 223 -28.97 -54.85 36.85
C ASP E 223 -28.15 -53.55 36.94
N LYS E 224 -26.82 -53.65 36.82
CA LYS E 224 -25.85 -52.64 37.32
C LYS E 224 -25.22 -51.84 36.17
N LYS E 225 -25.02 -50.53 36.40
CA LYS E 225 -24.18 -49.61 35.55
C LYS E 225 -22.80 -50.24 35.39
N ILE E 226 -21.99 -49.79 34.43
CA ILE E 226 -20.68 -50.47 34.15
C ILE E 226 -19.57 -49.41 33.92
N SER E 227 -18.37 -49.74 34.40
CA SER E 227 -17.09 -49.00 34.14
C SER E 227 -15.97 -50.00 33.83
N ASN E 228 -15.52 -50.77 34.83
CA ASN E 228 -14.27 -51.57 34.76
C ASN E 228 -14.37 -52.63 33.66
N VAL E 229 -13.64 -52.42 32.56
CA VAL E 229 -13.44 -53.40 31.45
C VAL E 229 -13.09 -54.77 32.04
N ARG E 230 -12.36 -54.80 33.16
CA ARG E 230 -11.81 -56.02 33.82
C ARG E 230 -12.93 -56.99 34.22
N ASP E 231 -14.00 -56.47 34.81
CA ASP E 231 -15.14 -57.30 35.32
C ASP E 231 -15.72 -58.12 34.16
N LEU E 232 -15.50 -57.69 32.91
CA LEU E 232 -16.18 -58.19 31.69
C LEU E 232 -15.33 -59.24 30.95
N LEU E 233 -14.04 -59.37 31.29
CA LEU E 233 -13.04 -60.13 30.48
C LEU E 233 -13.33 -61.63 30.46
N PRO E 234 -13.77 -62.26 31.59
CA PRO E 234 -14.16 -63.68 31.58
C PRO E 234 -15.15 -64.14 30.50
N VAL E 235 -15.71 -63.21 29.71
CA VAL E 235 -16.76 -63.51 28.68
C VAL E 235 -16.46 -62.74 27.37
N LEU E 236 -15.77 -61.59 27.42
CA LEU E 236 -15.20 -60.91 26.21
C LEU E 236 -14.19 -61.85 25.56
N GLU E 237 -13.19 -62.24 26.34
CA GLU E 237 -12.19 -63.30 26.04
C GLU E 237 -12.94 -64.54 25.56
N GLY E 238 -13.86 -65.07 26.40
CA GLY E 238 -14.63 -66.30 26.12
C GLY E 238 -15.25 -66.29 24.73
N VAL E 239 -15.78 -65.14 24.30
CA VAL E 239 -16.42 -64.94 22.97
C VAL E 239 -15.33 -64.86 21.90
N ALA E 240 -14.21 -64.19 22.19
CA ALA E 240 -13.00 -64.14 21.33
C ALA E 240 -12.51 -65.55 21.01
N LYS E 241 -12.85 -66.53 21.86
CA LYS E 241 -12.78 -68.00 21.57
C LYS E 241 -14.13 -68.46 21.00
N ALA E 242 -14.20 -68.62 19.67
CA ALA E 242 -15.42 -68.93 18.86
C ALA E 242 -15.70 -67.77 17.90
N GLY E 243 -15.21 -66.56 18.23
CA GLY E 243 -15.27 -65.36 17.38
C GLY E 243 -16.70 -64.99 16.98
N LYS E 244 -17.65 -65.20 17.90
CA LYS E 244 -19.08 -64.82 17.73
C LYS E 244 -19.28 -63.39 18.23
N PRO E 245 -20.36 -62.68 17.83
CA PRO E 245 -20.66 -61.34 18.35
C PRO E 245 -21.58 -61.36 19.58
N LEU E 246 -21.83 -60.20 20.20
CA LEU E 246 -22.35 -60.10 21.59
C LEU E 246 -23.17 -58.82 21.77
N LEU E 247 -24.29 -58.92 22.50
CA LEU E 247 -25.12 -57.76 22.95
C LEU E 247 -24.93 -57.58 24.47
N ILE E 248 -24.59 -56.36 24.89
CA ILE E 248 -24.56 -55.94 26.34
C ILE E 248 -25.75 -55.01 26.59
N VAL E 249 -26.73 -55.51 27.35
CA VAL E 249 -27.82 -54.68 27.94
C VAL E 249 -27.54 -54.59 29.44
N ALA E 250 -27.65 -53.38 30.01
CA ALA E 250 -27.34 -53.06 31.43
C ALA E 250 -27.96 -51.71 31.80
N GLU E 251 -28.01 -51.36 33.10
CA GLU E 251 -28.62 -50.11 33.62
C GLU E 251 -28.03 -48.88 32.90
N GLU E 252 -26.80 -49.03 32.36
CA GLU E 252 -26.11 -47.99 31.57
C GLU E 252 -24.79 -48.56 31.05
N VAL E 253 -23.90 -47.70 30.54
CA VAL E 253 -22.47 -48.04 30.24
C VAL E 253 -21.61 -46.80 30.53
N GLU E 254 -21.39 -45.92 29.53
CA GLU E 254 -20.64 -44.65 29.68
C GLU E 254 -19.16 -44.94 30.03
N GLY E 255 -18.37 -43.89 30.28
CA GLY E 255 -16.98 -43.98 30.77
C GLY E 255 -16.14 -45.00 30.04
N GLU E 256 -15.37 -45.80 30.78
CA GLU E 256 -14.35 -46.75 30.24
C GLU E 256 -15.03 -47.91 29.51
N ALA E 257 -16.15 -48.40 30.05
CA ALA E 257 -16.98 -49.48 29.47
C ALA E 257 -17.17 -49.24 27.96
N LEU E 258 -17.81 -48.12 27.61
CA LEU E 258 -18.17 -47.76 26.22
C LEU E 258 -16.90 -47.49 25.42
N ALA E 259 -15.99 -46.68 25.97
CA ALA E 259 -14.70 -46.26 25.37
C ALA E 259 -14.06 -47.45 24.63
N THR E 260 -13.73 -48.50 25.38
CA THR E 260 -12.92 -49.68 24.92
C THR E 260 -13.70 -50.47 23.87
N LEU E 261 -15.01 -50.68 24.10
CA LEU E 261 -15.91 -51.49 23.23
C LEU E 261 -16.02 -50.88 21.83
N VAL E 262 -16.34 -49.57 21.76
CA VAL E 262 -16.36 -48.79 20.48
C VAL E 262 -15.11 -49.16 19.68
N VAL E 263 -13.93 -48.98 20.27
CA VAL E 263 -12.59 -49.10 19.60
C VAL E 263 -12.43 -50.52 19.07
N ASN E 264 -12.40 -51.51 19.96
CA ASN E 264 -11.97 -52.90 19.65
C ASN E 264 -13.07 -53.65 18.88
N THR E 265 -14.25 -53.03 18.68
CA THR E 265 -15.35 -53.52 17.80
C THR E 265 -15.22 -52.93 16.38
N ILE E 266 -14.63 -51.73 16.25
CA ILE E 266 -14.22 -51.13 14.94
C ILE E 266 -12.76 -51.51 14.64
N ARG E 267 -12.12 -52.29 15.54
CA ARG E 267 -10.91 -53.10 15.23
C ARG E 267 -11.35 -54.34 14.45
N GLY E 268 -12.49 -54.92 14.82
CA GLY E 268 -13.06 -56.13 14.19
C GLY E 268 -12.96 -57.33 15.12
N ILE E 269 -11.94 -57.37 15.98
CA ILE E 269 -11.72 -58.47 16.97
C ILE E 269 -12.88 -58.44 17.98
N VAL E 270 -13.88 -59.29 17.77
CA VAL E 270 -15.10 -59.44 18.63
C VAL E 270 -15.94 -58.16 18.52
N LYS E 271 -17.06 -58.24 17.78
CA LYS E 271 -18.05 -57.15 17.59
C LYS E 271 -19.10 -57.23 18.72
N VAL E 272 -19.47 -56.07 19.26
CA VAL E 272 -20.45 -55.90 20.38
C VAL E 272 -21.23 -54.62 20.14
N VAL E 273 -22.44 -54.53 20.68
CA VAL E 273 -23.23 -53.27 20.76
C VAL E 273 -23.92 -53.24 22.13
N ALA E 274 -24.02 -52.06 22.74
CA ALA E 274 -24.43 -51.87 24.16
C ALA E 274 -25.62 -50.91 24.28
N VAL E 275 -26.65 -51.32 25.00
CA VAL E 275 -27.97 -50.62 25.06
C VAL E 275 -28.43 -50.45 26.51
N LYS E 276 -28.96 -49.27 26.84
CA LYS E 276 -29.70 -49.01 28.09
C LYS E 276 -30.73 -50.14 28.26
N ALA E 277 -30.90 -50.64 29.48
CA ALA E 277 -31.94 -51.63 29.84
C ALA E 277 -33.30 -50.96 29.68
N PRO E 278 -34.38 -51.73 29.42
CA PRO E 278 -35.72 -51.14 29.33
C PRO E 278 -36.31 -50.79 30.69
N GLY E 279 -36.88 -49.58 30.82
CA GLY E 279 -37.69 -49.17 31.99
C GLY E 279 -36.82 -48.66 33.13
N PHE E 280 -37.13 -49.07 34.37
CA PHE E 280 -36.41 -48.72 35.63
C PHE E 280 -37.08 -49.38 36.85
N GLY E 281 -36.29 -49.61 37.91
CA GLY E 281 -36.76 -50.12 39.22
C GLY E 281 -37.28 -51.56 39.13
N ASP E 282 -38.35 -51.87 39.87
CA ASP E 282 -38.98 -53.22 39.90
C ASP E 282 -39.21 -53.72 38.47
N ARG E 283 -39.87 -52.91 37.63
CA ARG E 283 -40.32 -53.32 36.27
C ARG E 283 -39.12 -53.43 35.32
N ARG E 284 -37.95 -52.88 35.66
CA ARG E 284 -36.70 -53.04 34.85
C ARG E 284 -36.08 -54.40 35.14
N LYS E 285 -35.89 -54.70 36.44
CA LYS E 285 -35.39 -56.02 36.91
C LYS E 285 -36.19 -57.13 36.23
N ALA E 286 -37.52 -57.03 36.30
CA ALA E 286 -38.49 -58.02 35.76
C ALA E 286 -38.29 -58.24 34.26
N MET E 287 -37.91 -57.19 33.53
CA MET E 287 -37.88 -57.19 32.04
C MET E 287 -36.55 -57.76 31.54
N LEU E 288 -35.47 -57.55 32.31
CA LEU E 288 -34.16 -58.23 32.09
C LEU E 288 -34.33 -59.73 32.37
N GLU E 289 -35.20 -60.06 33.32
CA GLU E 289 -35.58 -61.46 33.64
C GLU E 289 -36.41 -62.01 32.46
N ASP E 290 -37.49 -61.31 32.10
CA ASP E 290 -38.32 -61.59 30.90
C ASP E 290 -37.45 -62.06 29.73
N MET E 291 -36.40 -61.30 29.39
CA MET E 291 -35.55 -61.58 28.20
C MET E 291 -34.37 -62.47 28.58
N ALA E 292 -34.31 -62.94 29.83
CA ALA E 292 -33.47 -64.09 30.23
C ALA E 292 -34.20 -65.38 29.85
N VAL E 293 -35.46 -65.52 30.31
CA VAL E 293 -36.32 -66.73 30.08
C VAL E 293 -36.62 -66.86 28.59
N LEU E 294 -36.52 -65.76 27.83
CA LEU E 294 -36.66 -65.76 26.34
C LEU E 294 -35.36 -66.30 25.75
N THR E 295 -34.21 -65.81 26.23
CA THR E 295 -32.88 -66.08 25.65
C THR E 295 -32.23 -67.30 26.32
N GLY E 296 -32.88 -67.85 27.35
CA GLY E 296 -32.33 -68.97 28.16
C GLY E 296 -30.97 -68.62 28.73
N GLY E 297 -30.77 -67.36 29.13
CA GLY E 297 -29.57 -66.88 29.84
C GLY E 297 -29.89 -66.68 31.30
N THR E 298 -29.13 -65.82 31.99
CA THR E 298 -29.37 -65.46 33.41
C THR E 298 -29.21 -63.96 33.64
N VAL E 299 -30.13 -63.37 34.40
CA VAL E 299 -29.98 -62.02 35.04
C VAL E 299 -28.72 -62.10 35.91
N ILE E 300 -27.85 -61.09 35.86
CA ILE E 300 -26.49 -61.15 36.48
C ILE E 300 -26.26 -59.90 37.35
N SER E 301 -26.37 -60.08 38.68
CA SER E 301 -26.08 -59.06 39.72
C SER E 301 -26.17 -59.70 41.12
N GLU E 302 -25.64 -59.02 42.14
CA GLU E 302 -25.67 -59.47 43.57
C GLU E 302 -27.12 -59.50 44.05
N GLU E 303 -27.94 -60.32 43.37
CA GLU E 303 -29.41 -60.46 43.58
C GLU E 303 -29.72 -61.93 43.84
N VAL E 304 -29.24 -62.80 42.94
CA VAL E 304 -29.03 -64.26 43.18
C VAL E 304 -27.52 -64.53 43.23
N GLY E 305 -26.77 -63.56 43.77
CA GLY E 305 -25.32 -63.65 44.07
C GLY E 305 -24.52 -64.14 42.88
N LEU E 306 -24.40 -63.30 41.84
CA LEU E 306 -23.56 -63.54 40.64
C LEU E 306 -23.01 -62.21 40.13
N ALA E 307 -21.71 -61.95 40.37
CA ALA E 307 -20.99 -60.79 39.79
C ALA E 307 -20.57 -61.14 38.36
N LEU E 308 -20.04 -60.16 37.63
CA LEU E 308 -19.72 -60.25 36.18
C LEU E 308 -18.43 -61.06 36.03
N GLU E 309 -17.54 -60.91 37.01
CA GLU E 309 -16.17 -61.49 37.08
C GLU E 309 -16.27 -63.02 37.00
N LYS E 310 -17.31 -63.60 37.62
CA LYS E 310 -17.47 -65.08 37.79
C LYS E 310 -18.33 -65.67 36.66
N ALA E 311 -19.16 -64.86 36.00
CA ALA E 311 -20.10 -65.29 34.94
C ALA E 311 -19.32 -65.64 33.66
N THR E 312 -19.39 -66.91 33.24
CA THR E 312 -18.83 -67.43 31.97
C THR E 312 -19.92 -67.45 30.89
N ILE E 313 -19.55 -67.78 29.65
CA ILE E 313 -20.43 -67.78 28.44
C ILE E 313 -21.59 -68.79 28.61
N LYS E 314 -21.54 -69.66 29.61
CA LYS E 314 -22.58 -70.71 29.88
C LYS E 314 -23.83 -70.06 30.49
N ASP E 315 -23.66 -69.00 31.29
CA ASP E 315 -24.75 -68.28 32.02
C ASP E 315 -25.38 -67.22 31.11
N LEU E 316 -24.92 -67.15 29.85
CA LEU E 316 -25.33 -66.13 28.85
C LEU E 316 -26.40 -66.70 27.92
N GLY E 317 -27.50 -65.97 27.74
CA GLY E 317 -28.57 -66.30 26.77
C GLY E 317 -28.12 -66.03 25.35
N ARG E 318 -28.77 -66.68 24.37
CA ARG E 318 -28.42 -66.55 22.94
C ARG E 318 -29.70 -66.59 22.10
N ALA E 319 -29.63 -66.02 20.88
CA ALA E 319 -30.70 -66.04 19.86
C ALA E 319 -30.07 -66.09 18.47
N LYS E 320 -30.86 -66.45 17.44
CA LYS E 320 -30.34 -66.65 16.05
C LYS E 320 -29.92 -65.32 15.44
N LYS E 321 -30.51 -64.20 15.85
CA LYS E 321 -30.12 -62.85 15.33
C LYS E 321 -30.78 -61.75 16.17
N VAL E 322 -29.96 -60.80 16.65
CA VAL E 322 -30.42 -59.51 17.25
C VAL E 322 -30.38 -58.47 16.14
N GLN E 323 -30.88 -57.26 16.40
CA GLN E 323 -30.63 -56.03 15.58
C GLN E 323 -31.16 -54.81 16.33
N VAL E 324 -30.53 -53.65 16.15
CA VAL E 324 -30.73 -52.47 17.06
C VAL E 324 -30.51 -51.16 16.28
N SER E 325 -31.46 -50.23 16.44
CA SER E 325 -31.59 -48.93 15.73
C SER E 325 -31.20 -47.79 16.68
N LYS E 326 -31.54 -46.54 16.33
CA LYS E 326 -31.36 -45.36 17.21
C LYS E 326 -32.14 -45.61 18.51
N GLU E 327 -33.40 -46.02 18.40
CA GLU E 327 -34.38 -46.02 19.53
C GLU E 327 -35.08 -47.38 19.62
N ASN E 328 -34.39 -48.46 19.24
CA ASN E 328 -35.01 -49.80 19.05
C ASN E 328 -33.97 -50.92 19.21
N THR E 329 -34.30 -51.95 19.97
CA THR E 329 -33.60 -53.28 20.00
C THR E 329 -34.65 -54.37 19.74
N THR E 330 -34.35 -55.35 18.89
CA THR E 330 -35.29 -56.41 18.48
C THR E 330 -34.55 -57.75 18.38
N ILE E 331 -34.66 -58.56 19.44
CA ILE E 331 -34.09 -59.94 19.55
C ILE E 331 -35.05 -60.93 18.90
N ILE E 332 -34.54 -61.75 17.99
CA ILE E 332 -35.33 -62.67 17.12
C ILE E 332 -34.90 -64.10 17.44
N ASP E 333 -35.86 -65.00 17.65
CA ASP E 333 -35.62 -66.47 17.75
C ASP E 333 -34.82 -66.77 19.02
N GLY E 334 -35.49 -66.77 20.17
CA GLY E 334 -34.88 -66.98 21.49
C GLY E 334 -34.46 -68.42 21.72
N ALA E 335 -33.30 -68.64 22.34
CA ALA E 335 -32.74 -69.98 22.67
C ALA E 335 -33.64 -70.70 23.68
N GLY E 336 -34.17 -69.98 24.67
CA GLY E 336 -34.95 -70.52 25.81
C GLY E 336 -36.06 -71.48 25.38
N ASP E 337 -36.49 -72.35 26.29
CA ASP E 337 -37.50 -73.43 26.04
C ASP E 337 -38.85 -72.80 25.71
N SER E 338 -39.61 -73.43 24.82
CA SER E 338 -41.05 -73.12 24.57
C SER E 338 -41.80 -73.11 25.90
N ALA E 339 -41.44 -74.02 26.83
CA ALA E 339 -42.11 -74.24 28.14
C ALA E 339 -41.81 -73.09 29.10
N ALA E 340 -40.53 -72.86 29.43
CA ALA E 340 -40.05 -71.82 30.37
C ALA E 340 -40.67 -70.46 30.03
N ILE E 341 -40.93 -70.21 28.74
CA ILE E 341 -41.66 -69.01 28.20
C ILE E 341 -43.12 -69.04 28.68
N GLU E 342 -43.91 -70.00 28.18
CA GLU E 342 -45.37 -70.10 28.46
C GLU E 342 -45.58 -70.41 29.96
N SER E 343 -44.52 -70.79 30.66
CA SER E 343 -44.48 -70.97 32.15
C SER E 343 -44.37 -69.61 32.84
N ARG E 344 -43.58 -68.70 32.25
CA ARG E 344 -43.31 -67.33 32.78
C ARG E 344 -44.56 -66.46 32.58
N VAL E 345 -45.20 -66.56 31.42
CA VAL E 345 -46.51 -65.88 31.12
C VAL E 345 -47.55 -66.40 32.12
N GLY E 346 -47.65 -67.72 32.30
CA GLY E 346 -48.58 -68.38 33.23
C GLY E 346 -48.49 -67.83 34.64
N GLN E 347 -47.36 -67.20 34.99
CA GLN E 347 -47.06 -66.61 36.32
C GLN E 347 -47.44 -65.13 36.36
N ILE E 348 -47.20 -64.40 35.27
CA ILE E 348 -47.56 -62.95 35.14
C ILE E 348 -49.08 -62.83 34.94
N LYS E 349 -49.73 -63.88 34.41
CA LYS E 349 -51.21 -64.00 34.33
C LYS E 349 -51.81 -63.92 35.74
N THR E 350 -51.40 -64.84 36.61
CA THR E 350 -51.92 -64.98 38.01
C THR E 350 -51.49 -63.76 38.82
N GLN E 351 -50.50 -63.01 38.31
CA GLN E 351 -50.09 -61.68 38.83
C GLN E 351 -51.10 -60.62 38.35
N ILE E 352 -51.48 -60.65 37.07
CA ILE E 352 -52.45 -59.68 36.45
C ILE E 352 -53.76 -59.71 37.24
N GLU E 353 -54.25 -60.91 37.59
CA GLU E 353 -55.54 -61.11 38.32
C GLU E 353 -55.46 -60.46 39.71
N ASP E 354 -54.30 -60.54 40.37
CA ASP E 354 -54.09 -60.07 41.78
C ASP E 354 -54.02 -58.55 41.82
N THR E 355 -53.22 -57.93 40.93
CA THR E 355 -52.97 -56.46 40.87
C THR E 355 -54.29 -55.68 40.94
N SER E 356 -54.70 -55.31 42.16
CA SER E 356 -55.83 -54.37 42.42
C SER E 356 -55.32 -52.95 42.17
N SER E 357 -54.97 -52.64 40.92
CA SER E 357 -54.34 -51.35 40.49
C SER E 357 -54.27 -51.29 38.96
N ASP E 358 -54.49 -50.09 38.40
CA ASP E 358 -54.81 -49.87 36.95
C ASP E 358 -53.51 -49.83 36.12
N TYR E 359 -52.69 -48.78 36.31
CA TYR E 359 -51.41 -48.56 35.56
C TYR E 359 -50.42 -49.68 35.90
N ASP E 360 -50.53 -50.24 37.11
CA ASP E 360 -49.88 -51.51 37.53
C ASP E 360 -50.17 -52.58 36.46
N ARG E 361 -51.46 -52.87 36.25
CA ARG E 361 -51.99 -53.95 35.39
C ARG E 361 -51.74 -53.63 33.91
N GLU E 362 -51.60 -52.35 33.55
CA GLU E 362 -51.26 -51.93 32.16
C GLU E 362 -49.86 -52.44 31.80
N LYS E 363 -48.93 -52.41 32.76
CA LYS E 363 -47.49 -52.72 32.52
C LYS E 363 -47.29 -54.23 32.32
N LEU E 364 -47.99 -55.07 33.09
CA LEU E 364 -47.80 -56.54 33.06
C LEU E 364 -48.37 -57.11 31.75
N GLN E 365 -49.54 -56.62 31.32
CA GLN E 365 -50.19 -56.97 30.02
C GLN E 365 -49.21 -56.70 28.87
N GLU E 366 -48.54 -55.54 28.91
CA GLU E 366 -47.53 -55.11 27.89
C GLU E 366 -46.42 -56.17 27.75
N ARG E 367 -45.97 -56.74 28.88
CA ARG E 367 -44.79 -57.64 28.96
C ARG E 367 -45.16 -59.05 28.48
N VAL E 368 -46.35 -59.55 28.82
CA VAL E 368 -46.80 -60.92 28.42
C VAL E 368 -47.03 -60.93 26.91
N ALA E 369 -47.20 -59.75 26.31
CA ALA E 369 -47.31 -59.56 24.85
C ALA E 369 -45.95 -59.79 24.21
N LYS E 370 -44.95 -58.97 24.58
CA LYS E 370 -43.55 -59.12 24.08
C LYS E 370 -43.23 -60.60 23.97
N LEU E 371 -43.41 -61.31 25.09
CA LEU E 371 -42.98 -62.72 25.30
C LEU E 371 -43.75 -63.65 24.37
N ALA E 372 -45.08 -63.63 24.47
CA ALA E 372 -46.01 -64.51 23.72
C ALA E 372 -45.93 -64.23 22.21
N GLY E 373 -46.39 -63.03 21.79
CA GLY E 373 -46.65 -62.66 20.39
C GLY E 373 -45.43 -62.82 19.48
N GLY E 374 -44.23 -62.63 20.04
CA GLY E 374 -42.96 -62.82 19.32
C GLY E 374 -42.83 -61.89 18.13
N VAL E 375 -42.21 -62.36 17.05
CA VAL E 375 -41.71 -61.52 15.92
C VAL E 375 -42.15 -62.12 14.58
N ALA E 376 -42.47 -61.25 13.62
CA ALA E 376 -42.59 -61.58 12.18
C ALA E 376 -41.32 -61.11 11.48
N VAL E 377 -40.85 -61.91 10.52
CA VAL E 377 -39.54 -61.70 9.82
C VAL E 377 -39.77 -61.83 8.32
N ILE E 378 -39.58 -60.73 7.60
CA ILE E 378 -39.86 -60.64 6.13
C ILE E 378 -38.52 -60.72 5.39
N LYS E 379 -38.05 -61.94 5.11
CA LYS E 379 -36.85 -62.20 4.27
C LYS E 379 -37.21 -61.82 2.83
N VAL E 380 -36.26 -61.25 2.09
CA VAL E 380 -36.53 -60.39 0.88
C VAL E 380 -36.04 -61.07 -0.40
N GLY E 381 -36.95 -61.27 -1.37
CA GLY E 381 -36.68 -61.77 -2.73
C GLY E 381 -35.74 -60.84 -3.48
N ALA E 382 -34.95 -61.37 -4.42
CA ALA E 382 -33.66 -60.76 -4.83
C ALA E 382 -33.43 -60.83 -6.35
N SER E 383 -32.78 -61.89 -6.84
CA SER E 383 -32.07 -61.95 -8.15
C SER E 383 -30.99 -60.85 -8.22
N THR E 384 -29.72 -61.25 -8.15
CA THR E 384 -28.49 -60.40 -8.07
C THR E 384 -28.42 -59.67 -6.72
N GLU E 385 -27.31 -59.86 -6.01
CA GLU E 385 -27.05 -59.38 -4.62
C GLU E 385 -27.66 -57.99 -4.39
N ILE E 386 -27.44 -57.04 -5.30
CA ILE E 386 -27.67 -55.59 -5.06
C ILE E 386 -29.12 -55.20 -5.33
N GLU E 387 -29.79 -55.78 -6.34
CA GLU E 387 -31.24 -55.53 -6.57
C GLU E 387 -32.05 -56.12 -5.40
N MET E 388 -31.35 -56.67 -4.40
CA MET E 388 -31.92 -57.12 -3.10
C MET E 388 -31.60 -56.09 -2.00
N LYS E 389 -30.32 -55.71 -1.85
CA LYS E 389 -29.87 -54.69 -0.85
C LYS E 389 -30.77 -53.46 -0.97
N GLU E 390 -31.01 -53.03 -2.20
CA GLU E 390 -32.03 -52.01 -2.59
C GLU E 390 -33.40 -52.45 -2.02
N LYS E 391 -34.00 -53.51 -2.57
CA LYS E 391 -35.40 -53.95 -2.29
C LYS E 391 -35.66 -53.96 -0.78
N LYS E 392 -34.66 -54.38 0.01
CA LYS E 392 -34.73 -54.42 1.49
C LYS E 392 -35.16 -53.04 2.02
N ALA E 393 -34.61 -51.97 1.46
CA ALA E 393 -34.90 -50.56 1.83
C ALA E 393 -36.35 -50.20 1.46
N ARG E 394 -36.73 -50.46 0.21
CA ARG E 394 -38.10 -50.26 -0.33
C ARG E 394 -39.13 -50.90 0.61
N VAL E 395 -38.79 -52.05 1.21
CA VAL E 395 -39.66 -52.79 2.18
C VAL E 395 -39.67 -52.03 3.52
N GLU E 396 -38.51 -51.95 4.17
CA GLU E 396 -38.31 -51.22 5.45
C GLU E 396 -39.16 -49.92 5.42
N ASP E 397 -39.11 -49.20 4.30
CA ASP E 397 -39.87 -47.93 4.07
C ASP E 397 -41.38 -48.21 4.12
N ALA E 398 -41.86 -49.02 3.18
CA ALA E 398 -43.29 -49.41 3.04
C ALA E 398 -43.83 -49.91 4.37
N LEU E 399 -43.00 -50.60 5.15
CA LEU E 399 -43.39 -51.12 6.49
C LEU E 399 -43.59 -49.93 7.43
N HIS E 400 -42.59 -49.05 7.54
CA HIS E 400 -42.63 -47.79 8.34
C HIS E 400 -43.91 -47.03 8.01
N ALA E 401 -44.13 -46.74 6.72
CA ALA E 401 -45.27 -45.99 6.18
C ALA E 401 -46.59 -46.62 6.64
N THR E 402 -46.80 -47.89 6.25
CA THR E 402 -48.01 -48.70 6.53
C THR E 402 -48.32 -48.70 8.04
N ARG E 403 -47.30 -48.93 8.86
CA ARG E 403 -47.42 -48.99 10.35
C ARG E 403 -48.04 -47.66 10.84
N ALA E 404 -47.69 -46.54 10.22
CA ALA E 404 -48.21 -45.20 10.57
C ALA E 404 -49.62 -45.06 10.01
N ALA E 405 -49.83 -45.45 8.74
CA ALA E 405 -51.16 -45.50 8.08
C ALA E 405 -52.16 -46.17 9.02
N VAL E 406 -51.77 -47.31 9.61
CA VAL E 406 -52.61 -48.16 10.50
C VAL E 406 -53.15 -47.34 11.69
N GLU E 407 -52.33 -46.47 12.28
CA GLU E 407 -52.60 -45.78 13.57
C GLU E 407 -53.48 -44.55 13.38
N GLU E 408 -53.13 -43.71 12.41
CA GLU E 408 -53.71 -42.35 12.23
C GLU E 408 -54.33 -42.21 10.83
N GLY E 409 -54.37 -43.29 10.06
CA GLY E 409 -54.97 -43.28 8.71
C GLY E 409 -54.06 -42.60 7.70
N VAL E 410 -54.60 -42.26 6.52
CA VAL E 410 -53.87 -41.70 5.35
C VAL E 410 -54.67 -40.54 4.74
N VAL E 411 -53.97 -39.65 4.05
CA VAL E 411 -54.51 -38.39 3.44
C VAL E 411 -53.89 -38.27 2.05
N PRO E 412 -54.39 -37.36 1.19
CA PRO E 412 -53.81 -37.23 -0.15
C PRO E 412 -52.38 -36.67 -0.07
N GLY E 413 -51.54 -36.98 -1.06
CA GLY E 413 -50.12 -36.58 -1.10
C GLY E 413 -49.92 -35.30 -1.88
N GLY E 414 -48.80 -35.21 -2.62
CA GLY E 414 -48.35 -34.03 -3.40
C GLY E 414 -48.39 -32.77 -2.56
N GLY E 415 -48.42 -32.96 -1.23
CA GLY E 415 -48.65 -31.92 -0.21
C GLY E 415 -49.95 -31.15 -0.45
N VAL E 416 -51.01 -31.86 -0.82
CA VAL E 416 -52.36 -31.27 -1.07
C VAL E 416 -53.18 -31.44 0.21
N ALA E 417 -52.90 -32.49 0.98
CA ALA E 417 -53.48 -32.71 2.32
C ALA E 417 -53.28 -31.42 3.12
N LEU E 418 -52.04 -30.93 3.14
CA LEU E 418 -51.66 -29.72 3.91
C LEU E 418 -52.48 -28.51 3.41
N VAL E 419 -52.66 -28.38 2.10
CA VAL E 419 -53.28 -27.16 1.49
C VAL E 419 -54.80 -27.28 1.54
N ARG E 420 -55.31 -28.44 1.98
CA ARG E 420 -56.76 -28.69 2.13
C ARG E 420 -57.18 -28.37 3.58
N ALA E 421 -56.24 -28.41 4.53
CA ALA E 421 -56.46 -28.01 5.96
C ALA E 421 -56.33 -26.49 6.09
N LEU E 422 -55.25 -25.97 5.51
CA LEU E 422 -55.05 -24.55 5.15
C LEU E 422 -56.41 -23.93 4.82
N VAL E 423 -56.97 -24.36 3.68
CA VAL E 423 -58.19 -23.76 3.04
C VAL E 423 -59.38 -23.95 3.98
N ALA E 424 -59.34 -24.99 4.82
CA ALA E 424 -60.47 -25.39 5.70
C ALA E 424 -60.43 -24.62 7.02
N VAL E 425 -59.93 -23.38 7.01
CA VAL E 425 -60.02 -22.41 8.15
C VAL E 425 -59.28 -21.12 7.80
N GLY E 426 -59.97 -20.16 7.17
CA GLY E 426 -59.40 -18.84 6.85
C GLY E 426 -59.93 -17.81 7.82
N ASN E 427 -61.24 -17.84 8.05
CA ASN E 427 -61.93 -17.17 9.19
C ASN E 427 -60.92 -16.85 10.30
N LEU E 428 -60.22 -17.89 10.78
CA LEU E 428 -59.54 -17.97 12.11
C LEU E 428 -58.74 -16.70 12.42
N THR E 429 -58.82 -16.26 13.68
CA THR E 429 -58.18 -15.03 14.23
C THR E 429 -57.50 -15.34 15.58
N GLY E 430 -56.96 -14.31 16.24
CA GLY E 430 -56.26 -14.38 17.54
C GLY E 430 -56.60 -13.18 18.40
N ALA E 431 -56.25 -13.24 19.68
CA ALA E 431 -56.67 -12.27 20.73
C ALA E 431 -56.39 -10.84 20.28
N ASN E 432 -55.40 -10.65 19.41
CA ASN E 432 -55.02 -9.31 18.88
C ASN E 432 -54.46 -9.49 17.47
N GLU E 433 -53.97 -8.39 16.88
CA GLU E 433 -53.63 -8.33 15.44
C GLU E 433 -52.31 -9.07 15.19
N ASP E 434 -51.33 -8.97 16.10
CA ASP E 434 -50.08 -9.78 16.02
C ASP E 434 -50.47 -11.26 15.93
N GLN E 435 -51.17 -11.77 16.95
CA GLN E 435 -51.59 -13.19 17.02
C GLN E 435 -52.07 -13.61 15.62
N THR E 436 -53.04 -12.92 15.02
CA THR E 436 -53.60 -13.29 13.69
C THR E 436 -52.47 -13.38 12.66
N HIS E 437 -51.56 -12.39 12.62
CA HIS E 437 -50.47 -12.32 11.60
C HIS E 437 -49.59 -13.56 11.72
N GLY E 438 -49.52 -14.16 12.90
CA GLY E 438 -48.90 -15.49 13.11
C GLY E 438 -49.72 -16.56 12.42
N ILE E 439 -51.01 -16.65 12.78
CA ILE E 439 -52.03 -17.52 12.12
C ILE E 439 -51.83 -17.41 10.61
N GLN E 440 -51.70 -16.18 10.10
CA GLN E 440 -51.57 -15.89 8.65
C GLN E 440 -50.27 -16.51 8.12
N ILE E 441 -49.10 -16.29 8.74
CA ILE E 441 -47.81 -16.79 8.17
C ILE E 441 -47.70 -18.31 8.38
N ALA E 442 -48.49 -18.90 9.27
CA ALA E 442 -48.66 -20.38 9.37
C ALA E 442 -49.42 -20.86 8.13
N LEU E 443 -50.63 -20.34 7.91
CA LEU E 443 -51.52 -20.77 6.79
C LEU E 443 -50.83 -20.57 5.44
N ARG E 444 -50.03 -19.51 5.28
CA ARG E 444 -49.33 -19.20 4.00
C ARG E 444 -48.12 -20.15 3.83
N ALA E 445 -47.63 -20.76 4.90
CA ALA E 445 -46.47 -21.69 4.87
C ALA E 445 -46.92 -23.13 4.55
N MET E 446 -48.18 -23.48 4.78
CA MET E 446 -48.68 -24.86 4.50
C MET E 446 -48.79 -25.06 2.98
N GLU E 447 -48.62 -23.97 2.22
CA GLU E 447 -48.47 -23.97 0.74
C GLU E 447 -47.04 -24.37 0.33
N ALA E 448 -46.08 -24.32 1.27
CA ALA E 448 -44.63 -24.45 1.02
C ALA E 448 -44.29 -25.77 0.33
N PRO E 449 -44.77 -26.93 0.83
CA PRO E 449 -44.43 -28.22 0.24
C PRO E 449 -44.89 -28.38 -1.21
N LEU E 450 -46.17 -28.11 -1.48
CA LEU E 450 -46.72 -28.24 -2.86
C LEU E 450 -45.98 -27.24 -3.76
N ARG E 451 -45.98 -25.96 -3.40
CA ARG E 451 -45.24 -24.90 -4.14
C ARG E 451 -43.92 -25.48 -4.66
N GLU E 452 -43.02 -25.85 -3.75
CA GLU E 452 -41.66 -26.30 -4.11
C GLU E 452 -41.73 -27.47 -5.09
N ILE E 453 -42.58 -28.47 -4.85
CA ILE E 453 -42.63 -29.69 -5.72
C ILE E 453 -42.83 -29.22 -7.16
N VAL E 454 -43.90 -28.45 -7.39
CA VAL E 454 -44.28 -27.90 -8.71
C VAL E 454 -43.02 -27.32 -9.37
N ALA E 455 -42.39 -26.34 -8.72
CA ALA E 455 -41.21 -25.61 -9.24
C ALA E 455 -40.12 -26.59 -9.72
N ASN E 456 -39.81 -27.63 -8.94
CA ASN E 456 -38.78 -28.63 -9.33
C ASN E 456 -39.16 -29.22 -10.69
N ALA E 457 -40.46 -29.34 -10.98
CA ALA E 457 -41.01 -29.87 -12.26
C ALA E 457 -40.97 -28.78 -13.33
N GLY E 458 -41.01 -27.52 -12.90
CA GLY E 458 -40.80 -26.33 -13.75
C GLY E 458 -42.11 -25.63 -14.08
N GLU E 459 -43.22 -26.03 -13.46
CA GLU E 459 -44.56 -25.41 -13.70
C GLU E 459 -44.70 -24.22 -12.75
N GLU E 460 -45.76 -23.42 -12.91
CA GLU E 460 -45.93 -22.10 -12.23
C GLU E 460 -46.65 -22.31 -10.90
N PRO E 461 -45.92 -22.34 -9.75
CA PRO E 461 -46.52 -22.72 -8.47
C PRO E 461 -47.84 -22.02 -8.17
N SER E 462 -47.86 -20.70 -8.35
CA SER E 462 -49.00 -19.79 -8.02
C SER E 462 -50.30 -20.30 -8.66
N VAL E 463 -50.27 -20.63 -9.96
CA VAL E 463 -51.44 -21.13 -10.74
C VAL E 463 -51.92 -22.44 -10.12
N ILE E 464 -51.03 -23.44 -10.13
CA ILE E 464 -51.31 -24.85 -9.70
C ILE E 464 -51.84 -24.86 -8.27
N LEU E 465 -51.25 -24.06 -7.38
CA LEU E 465 -51.69 -24.00 -5.96
C LEU E 465 -53.06 -23.32 -5.88
N ASN E 466 -53.42 -22.53 -6.90
CA ASN E 466 -54.76 -21.88 -6.99
C ASN E 466 -55.80 -22.91 -7.44
N LYS E 467 -55.55 -23.66 -8.53
CA LYS E 467 -56.45 -24.75 -9.05
C LYS E 467 -56.78 -25.76 -7.94
N VAL E 468 -55.76 -26.34 -7.30
CA VAL E 468 -55.92 -27.23 -6.12
C VAL E 468 -56.92 -26.57 -5.16
N LYS E 469 -56.59 -25.37 -4.67
CA LYS E 469 -57.37 -24.61 -3.64
C LYS E 469 -58.83 -24.44 -4.09
N GLU E 470 -59.06 -24.21 -5.38
CA GLU E 470 -60.42 -23.94 -5.94
C GLU E 470 -61.24 -25.22 -5.88
N GLY E 471 -60.60 -26.40 -5.93
CA GLY E 471 -61.29 -27.71 -5.86
C GLY E 471 -61.52 -28.17 -4.43
N THR E 472 -61.97 -29.42 -4.26
CA THR E 472 -62.20 -30.08 -2.94
C THR E 472 -61.96 -31.59 -3.03
N GLY E 473 -62.13 -32.30 -1.91
CA GLY E 473 -61.93 -33.75 -1.80
C GLY E 473 -60.46 -34.10 -1.93
N ASN E 474 -60.14 -35.08 -2.76
CA ASN E 474 -58.74 -35.51 -3.02
C ASN E 474 -58.27 -34.90 -4.35
N TYR E 475 -58.77 -33.71 -4.68
CA TYR E 475 -58.46 -33.03 -5.96
C TYR E 475 -57.05 -32.40 -5.86
N GLY E 476 -56.08 -32.94 -6.61
CA GLY E 476 -54.66 -32.54 -6.51
C GLY E 476 -53.93 -32.63 -7.84
N TYR E 477 -52.65 -32.25 -7.85
CA TYR E 477 -51.75 -32.17 -9.05
C TYR E 477 -50.65 -33.23 -8.96
N ASN E 478 -50.66 -34.16 -9.90
CA ASN E 478 -49.63 -35.22 -10.01
C ASN E 478 -48.44 -34.65 -10.79
N ALA E 479 -47.40 -34.24 -10.07
CA ALA E 479 -46.20 -33.61 -10.66
C ALA E 479 -45.49 -34.48 -11.70
N ALA E 480 -45.51 -35.80 -11.56
CA ALA E 480 -44.83 -36.69 -12.52
C ALA E 480 -45.52 -36.57 -13.87
N ASN E 481 -46.83 -36.57 -13.76
CA ASN E 481 -47.80 -36.58 -14.87
C ASN E 481 -47.95 -35.20 -15.49
N GLY E 482 -48.61 -34.31 -14.74
CA GLY E 482 -49.05 -33.01 -15.27
C GLY E 482 -50.55 -32.90 -15.09
N GLU E 483 -51.17 -34.08 -14.94
CA GLU E 483 -52.63 -34.26 -14.74
C GLU E 483 -53.03 -33.67 -13.38
N PHE E 484 -54.27 -33.17 -13.27
CA PHE E 484 -55.00 -33.01 -11.99
C PHE E 484 -56.00 -34.16 -11.84
N GLY E 485 -56.51 -34.40 -10.62
CA GLY E 485 -57.61 -35.33 -10.35
C GLY E 485 -57.70 -35.75 -8.88
N ASP E 486 -58.40 -36.86 -8.61
CA ASP E 486 -58.44 -37.51 -7.26
C ASP E 486 -57.10 -38.21 -7.03
N MET E 487 -56.26 -37.64 -6.16
CA MET E 487 -54.87 -38.08 -5.89
C MET E 487 -54.87 -39.49 -5.30
N VAL E 488 -55.95 -39.86 -4.60
CA VAL E 488 -56.09 -41.20 -3.96
C VAL E 488 -56.10 -42.27 -5.05
N GLU E 489 -56.76 -41.99 -6.17
CA GLU E 489 -56.89 -42.95 -7.32
C GLU E 489 -55.54 -43.00 -8.04
N PHE E 490 -54.97 -41.84 -8.38
CA PHE E 490 -53.58 -41.68 -8.90
C PHE E 490 -52.55 -42.43 -8.06
N GLY E 491 -52.91 -42.86 -6.84
CA GLY E 491 -52.01 -43.65 -5.96
C GLY E 491 -50.89 -42.80 -5.38
N ILE E 492 -51.24 -41.57 -4.95
CA ILE E 492 -50.36 -40.57 -4.27
C ILE E 492 -51.00 -40.22 -2.93
N LEU E 493 -50.39 -40.60 -1.83
CA LEU E 493 -50.99 -40.43 -0.47
C LEU E 493 -49.92 -40.59 0.62
N ASP E 494 -50.01 -39.78 1.67
CA ASP E 494 -49.12 -39.81 2.86
C ASP E 494 -49.92 -40.30 4.07
N PRO E 495 -49.30 -41.04 5.01
CA PRO E 495 -49.92 -41.29 6.30
C PRO E 495 -50.18 -39.95 7.01
N THR E 496 -51.30 -39.84 7.72
CA THR E 496 -51.69 -38.62 8.48
C THR E 496 -50.59 -38.33 9.52
N LYS E 497 -50.06 -39.38 10.15
CA LYS E 497 -49.02 -39.29 11.20
C LYS E 497 -47.80 -38.49 10.71
N VAL E 498 -47.33 -38.73 9.47
CA VAL E 498 -46.10 -38.04 8.95
C VAL E 498 -46.46 -36.58 8.60
N THR E 499 -47.52 -36.35 7.81
CA THR E 499 -47.97 -34.98 7.43
C THR E 499 -48.30 -34.17 8.69
N ARG E 500 -48.92 -34.81 9.70
CA ARG E 500 -49.29 -34.12 10.96
C ARG E 500 -48.03 -33.64 11.66
N SER E 501 -47.13 -34.57 11.98
CA SER E 501 -45.94 -34.32 12.84
C SER E 501 -44.88 -33.48 12.10
N ALA E 502 -44.72 -33.68 10.78
CA ALA E 502 -43.83 -32.87 9.91
C ALA E 502 -44.14 -31.39 10.13
N LEU E 503 -45.43 -31.05 10.13
CA LEU E 503 -45.99 -29.69 10.44
C LEU E 503 -45.66 -29.31 11.89
N GLN E 504 -46.17 -30.05 12.87
CA GLN E 504 -46.06 -29.77 14.32
C GLN E 504 -44.60 -29.57 14.73
N ASN E 505 -43.70 -30.42 14.23
CA ASN E 505 -42.23 -30.33 14.49
C ASN E 505 -41.75 -28.92 14.10
N ALA E 506 -42.02 -28.49 12.87
CA ALA E 506 -41.62 -27.16 12.32
C ALA E 506 -42.18 -26.04 13.19
N ALA E 507 -43.50 -26.04 13.36
CA ALA E 507 -44.25 -25.09 14.22
C ALA E 507 -43.56 -24.97 15.59
N SER E 508 -43.04 -26.08 16.11
CA SER E 508 -42.35 -26.16 17.43
C SER E 508 -41.07 -25.33 17.39
N ILE E 509 -40.25 -25.51 16.35
CA ILE E 509 -38.86 -24.94 16.23
C ILE E 509 -38.94 -23.53 15.62
N ALA E 510 -39.87 -23.29 14.69
CA ALA E 510 -40.21 -21.93 14.21
C ALA E 510 -40.59 -21.07 15.42
N GLY E 511 -41.34 -21.67 16.37
CA GLY E 511 -41.71 -21.04 17.65
C GLY E 511 -40.49 -20.60 18.42
N LEU E 512 -39.42 -21.40 18.41
CA LEU E 512 -38.22 -21.19 19.27
C LEU E 512 -37.31 -20.10 18.67
N MET E 513 -37.00 -20.16 17.38
CA MET E 513 -36.03 -19.21 16.74
C MET E 513 -36.63 -17.80 16.67
N ILE E 514 -37.96 -17.72 16.50
CA ILE E 514 -38.74 -16.45 16.45
C ILE E 514 -38.62 -15.74 17.81
N THR E 515 -38.53 -16.50 18.90
CA THR E 515 -38.53 -15.99 20.30
C THR E 515 -37.13 -16.07 20.91
N THR E 516 -36.10 -16.24 20.07
CA THR E 516 -34.68 -16.26 20.47
C THR E 516 -34.09 -14.85 20.41
N GLU E 517 -33.54 -14.38 21.53
CA GLU E 517 -32.98 -13.01 21.71
C GLU E 517 -31.46 -13.04 21.80
N ALA E 518 -30.85 -14.15 22.22
CA ALA E 518 -29.38 -14.28 22.36
C ALA E 518 -28.87 -15.64 21.84
N MET E 519 -27.73 -15.64 21.14
CA MET E 519 -26.96 -16.87 20.80
C MET E 519 -25.53 -16.76 21.37
N VAL E 520 -24.92 -17.90 21.72
CA VAL E 520 -23.57 -17.95 22.36
C VAL E 520 -22.74 -19.03 21.66
N ALA E 521 -21.87 -18.60 20.74
CA ALA E 521 -21.00 -19.50 19.94
C ALA E 521 -19.63 -19.62 20.61
N ASP E 522 -18.92 -20.71 20.35
CA ASP E 522 -17.50 -20.88 20.77
C ASP E 522 -16.65 -20.05 19.80
N ALA E 523 -15.96 -19.02 20.32
CA ALA E 523 -15.44 -17.86 19.57
C ALA E 523 -14.69 -18.33 18.31
N PRO E 524 -15.18 -17.96 17.10
CA PRO E 524 -14.50 -18.29 15.84
C PRO E 524 -12.96 -18.24 15.91
N LYS E 525 -12.41 -17.47 16.86
CA LYS E 525 -11.02 -17.63 17.37
C LYS E 525 -10.93 -18.99 18.08
N ALA F 1 -28.29 16.07 -16.76
CA ALA F 1 -27.03 15.34 -17.11
C ALA F 1 -27.32 13.84 -17.14
N ALA F 2 -26.31 13.01 -16.83
CA ALA F 2 -26.49 11.60 -16.41
C ALA F 2 -27.23 11.58 -15.07
N LYS F 3 -28.04 10.55 -14.84
CA LYS F 3 -28.79 10.34 -13.56
C LYS F 3 -28.28 9.09 -12.88
N ASP F 4 -28.35 9.05 -11.55
CA ASP F 4 -28.24 7.82 -10.73
C ASP F 4 -29.68 7.43 -10.36
N ILE F 5 -30.15 6.27 -10.81
CA ILE F 5 -31.56 5.85 -10.58
C ILE F 5 -31.53 4.63 -9.64
N ARG F 6 -32.20 4.78 -8.50
CA ARG F 6 -32.21 3.79 -7.39
C ARG F 6 -33.62 3.19 -7.34
N PHE F 7 -33.81 1.97 -6.78
CA PHE F 7 -35.11 1.25 -6.74
C PHE F 7 -35.46 0.71 -5.36
N GLY F 8 -36.73 0.39 -5.15
CA GLY F 8 -37.23 -0.49 -4.07
C GLY F 8 -36.80 -0.04 -2.69
N GLU F 9 -36.34 -0.99 -1.85
CA GLU F 9 -35.85 -0.72 -0.47
C GLU F 9 -34.54 0.09 -0.59
N ASP F 10 -33.66 -0.28 -1.53
CA ASP F 10 -32.40 0.48 -1.83
C ASP F 10 -32.71 1.97 -2.02
N ALA F 11 -33.89 2.29 -2.54
CA ALA F 11 -34.36 3.68 -2.77
C ALA F 11 -35.14 4.20 -1.55
N ARG F 12 -36.02 3.38 -0.98
CA ARG F 12 -36.95 3.80 0.11
C ARG F 12 -36.15 3.95 1.42
N THR F 13 -35.03 3.27 1.54
CA THR F 13 -34.14 3.30 2.71
C THR F 13 -33.43 4.65 2.80
N ARG F 14 -33.01 5.21 1.67
CA ARG F 14 -32.32 6.54 1.65
C ARG F 14 -33.30 7.61 2.13
N MET F 15 -34.46 7.72 1.47
CA MET F 15 -35.48 8.75 1.76
C MET F 15 -35.71 8.84 3.27
N VAL F 16 -36.26 7.78 3.85
CA VAL F 16 -36.66 7.72 5.30
C VAL F 16 -35.44 8.06 6.17
N ARG F 17 -34.26 7.53 5.85
CA ARG F 17 -32.98 7.93 6.52
C ARG F 17 -32.62 9.33 6.03
N GLY F 18 -33.40 10.33 6.41
CA GLY F 18 -33.36 11.64 5.73
C GLY F 18 -34.53 12.51 6.12
N VAL F 19 -35.73 11.92 6.18
CA VAL F 19 -36.86 12.51 6.94
C VAL F 19 -36.49 12.40 8.43
N ASN F 20 -35.81 11.31 8.80
CA ASN F 20 -35.33 11.08 10.19
C ASN F 20 -34.24 12.08 10.54
N VAL F 21 -33.36 12.46 9.61
CA VAL F 21 -32.29 13.47 9.85
C VAL F 21 -32.93 14.86 9.99
N LEU F 22 -34.14 15.05 9.48
CA LEU F 22 -34.91 16.33 9.50
C LEU F 22 -35.87 16.34 10.69
N ALA F 23 -36.67 15.29 10.87
CA ALA F 23 -37.66 15.18 11.97
C ALA F 23 -36.97 15.34 13.33
N ASN F 24 -35.74 14.83 13.46
CA ASN F 24 -35.00 14.85 14.75
C ASN F 24 -34.43 16.25 15.01
N ALA F 25 -33.95 16.94 13.97
CA ALA F 25 -33.54 18.35 14.06
C ALA F 25 -34.72 19.14 14.64
N VAL F 26 -35.91 18.91 14.08
CA VAL F 26 -37.12 19.76 14.26
C VAL F 26 -37.85 19.37 15.54
N LYS F 27 -38.00 18.07 15.84
CA LYS F 27 -38.82 17.62 17.00
C LYS F 27 -38.09 17.94 18.31
N ALA F 28 -36.81 18.32 18.23
CA ALA F 28 -36.01 18.81 19.36
C ALA F 28 -36.59 20.14 19.87
N THR F 29 -37.28 20.87 18.99
CA THR F 29 -37.80 22.24 19.22
C THR F 29 -39.24 22.21 19.73
N LEU F 30 -39.84 21.02 19.85
CA LEU F 30 -41.31 20.91 20.03
C LEU F 30 -41.67 20.97 21.52
N GLY F 31 -42.52 21.93 21.88
CA GLY F 31 -43.19 22.02 23.19
C GLY F 31 -42.77 23.26 23.96
N PRO F 32 -43.30 23.46 25.18
CA PRO F 32 -42.79 24.49 26.08
C PRO F 32 -41.42 24.11 26.65
N LYS F 33 -41.00 22.84 26.51
CA LYS F 33 -39.71 22.33 27.07
C LYS F 33 -38.72 22.07 25.93
N GLY F 34 -39.02 22.58 24.75
CA GLY F 34 -38.19 22.39 23.54
C GLY F 34 -36.72 22.58 23.84
N ARG F 35 -35.87 21.78 23.17
CA ARG F 35 -34.38 21.92 23.17
C ARG F 35 -33.95 22.95 22.12
N ASN F 36 -32.76 23.52 22.30
CA ASN F 36 -32.20 24.55 21.40
C ASN F 36 -31.53 23.83 20.22
N VAL F 37 -31.49 24.49 19.05
CA VAL F 37 -30.72 24.03 17.86
C VAL F 37 -29.86 25.20 17.38
N VAL F 38 -28.57 24.93 17.19
CA VAL F 38 -27.55 25.89 16.69
C VAL F 38 -27.46 25.74 15.18
N LEU F 39 -27.59 26.84 14.43
CA LEU F 39 -27.43 26.87 12.96
C LEU F 39 -26.21 27.74 12.64
N GLU F 40 -25.21 27.19 11.94
CA GLU F 40 -23.97 27.95 11.59
C GLU F 40 -24.41 29.25 10.91
N LYS F 41 -23.53 30.26 10.87
CA LYS F 41 -23.68 31.41 9.94
C LYS F 41 -22.31 31.76 9.36
N SER F 42 -22.29 32.14 8.07
CA SER F 42 -21.10 32.21 7.19
C SER F 42 -20.07 33.21 7.73
N PHE F 43 -20.52 34.21 8.48
CA PHE F 43 -19.66 35.15 9.25
C PHE F 43 -20.37 35.50 10.58
N GLY F 44 -19.64 35.40 11.69
CA GLY F 44 -20.13 35.80 13.03
C GLY F 44 -20.71 34.62 13.81
N ALA F 45 -21.49 34.94 14.84
CA ALA F 45 -21.96 33.99 15.88
C ALA F 45 -23.15 33.19 15.36
N PRO F 46 -23.02 31.86 15.27
CA PRO F 46 -24.16 30.95 15.14
C PRO F 46 -25.46 31.36 15.83
N THR F 47 -26.56 31.26 15.09
CA THR F 47 -27.95 31.38 15.61
C THR F 47 -28.22 30.24 16.58
N ILE F 48 -28.83 30.53 17.73
CA ILE F 48 -29.53 29.50 18.56
C ILE F 48 -31.02 29.73 18.32
N THR F 49 -31.85 28.68 18.43
CA THR F 49 -33.31 28.74 18.11
C THR F 49 -34.07 27.59 18.77
N LYS F 50 -35.30 27.87 19.22
CA LYS F 50 -36.27 26.87 19.72
C LYS F 50 -37.42 26.74 18.70
N ASP F 51 -37.27 27.38 17.54
CA ASP F 51 -38.31 27.49 16.47
C ASP F 51 -38.00 26.47 15.36
N GLY F 52 -38.82 25.42 15.24
CA GLY F 52 -38.65 24.34 14.26
C GLY F 52 -38.55 24.85 12.83
N VAL F 53 -39.45 25.75 12.42
CA VAL F 53 -39.52 26.26 11.02
C VAL F 53 -38.11 26.65 10.59
N SER F 54 -37.48 27.53 11.36
CA SER F 54 -36.11 28.06 11.12
C SER F 54 -35.18 26.89 10.82
N VAL F 55 -35.17 25.89 11.71
CA VAL F 55 -34.26 24.70 11.61
C VAL F 55 -34.58 23.97 10.31
N ALA F 56 -35.87 23.71 10.06
CA ALA F 56 -36.38 23.03 8.85
C ALA F 56 -35.75 23.66 7.60
N LYS F 57 -35.79 24.99 7.54
CA LYS F 57 -35.35 25.84 6.38
C LYS F 57 -33.87 25.57 6.03
N GLU F 58 -33.05 25.14 6.99
CA GLU F 58 -31.57 25.10 6.84
C GLU F 58 -31.08 23.67 6.52
N ILE F 59 -31.97 22.70 6.26
CA ILE F 59 -31.54 21.28 6.09
C ILE F 59 -31.51 20.91 4.60
N GLU F 60 -30.39 21.13 3.91
CA GLU F 60 -30.04 20.39 2.66
C GLU F 60 -29.15 19.21 3.08
N LEU F 61 -29.10 18.13 2.29
CA LEU F 61 -28.28 16.92 2.60
C LEU F 61 -27.32 16.61 1.45
N ALA F 62 -26.14 16.07 1.82
CA ALA F 62 -25.04 15.68 0.90
C ALA F 62 -25.53 14.64 -0.11
N ASP F 63 -26.03 13.50 0.37
CA ASP F 63 -26.56 12.39 -0.49
C ASP F 63 -27.81 12.88 -1.22
N LYS F 64 -27.87 12.65 -2.54
CA LYS F 64 -28.89 13.26 -3.42
C LYS F 64 -30.25 12.62 -3.12
N PHE F 65 -30.27 11.42 -2.54
CA PHE F 65 -31.49 10.60 -2.28
C PHE F 65 -32.01 10.84 -0.86
N GLU F 66 -31.15 10.65 0.15
CA GLU F 66 -31.46 10.97 1.57
C GLU F 66 -32.11 12.36 1.61
N ASN F 67 -31.69 13.26 0.73
CA ASN F 67 -32.12 14.68 0.70
C ASN F 67 -33.51 14.82 0.10
N MET F 68 -33.86 14.06 -0.93
CA MET F 68 -35.23 14.16 -1.51
C MET F 68 -36.24 13.74 -0.43
N GLY F 69 -35.94 12.65 0.26
CA GLY F 69 -36.59 12.29 1.54
C GLY F 69 -36.82 13.54 2.36
N ALA F 70 -35.75 14.24 2.71
CA ALA F 70 -35.82 15.56 3.39
C ALA F 70 -36.80 16.49 2.67
N GLN F 71 -36.44 16.96 1.46
CA GLN F 71 -37.12 18.13 0.83
C GLN F 71 -38.61 17.82 0.59
N MET F 72 -38.99 16.54 0.52
CA MET F 72 -40.39 16.11 0.22
C MET F 72 -41.31 16.46 1.41
N VAL F 73 -41.00 15.99 2.61
CA VAL F 73 -41.81 16.30 3.83
C VAL F 73 -41.59 17.79 4.15
N LYS F 74 -40.40 18.31 3.91
CA LYS F 74 -40.07 19.74 4.18
C LYS F 74 -41.13 20.64 3.53
N GLU F 75 -41.62 20.31 2.33
CA GLU F 75 -42.66 21.09 1.60
C GLU F 75 -44.01 20.92 2.29
N VAL F 76 -44.61 19.72 2.19
CA VAL F 76 -46.01 19.42 2.65
C VAL F 76 -46.17 19.79 4.13
N ALA F 77 -45.11 19.67 4.93
CA ALA F 77 -45.09 20.10 6.35
C ALA F 77 -45.32 21.61 6.44
N SER F 78 -44.64 22.39 5.59
CA SER F 78 -44.74 23.88 5.54
C SER F 78 -45.94 24.33 4.71
N LYS F 79 -46.77 23.40 4.22
CA LYS F 79 -48.08 23.75 3.63
C LYS F 79 -49.00 24.18 4.79
N THR F 80 -49.06 23.38 5.85
CA THR F 80 -50.01 23.59 6.99
C THR F 80 -49.82 25.00 7.57
N ASN F 81 -48.60 25.56 7.47
CA ASN F 81 -48.16 26.84 8.09
C ASN F 81 -48.44 28.02 7.14
N ASP F 82 -48.22 27.83 5.84
CA ASP F 82 -48.71 28.75 4.77
C ASP F 82 -50.25 28.75 4.84
N ASN F 83 -50.86 27.61 5.19
CA ASN F 83 -52.30 27.28 5.06
C ASN F 83 -53.09 27.69 6.32
N ALA F 84 -52.52 27.48 7.52
CA ALA F 84 -53.13 27.85 8.82
C ALA F 84 -52.33 28.98 9.48
N GLY F 85 -51.10 28.70 9.91
CA GLY F 85 -50.23 29.65 10.65
C GLY F 85 -49.11 28.96 11.41
N ASP F 86 -49.40 27.78 11.98
CA ASP F 86 -48.47 26.97 12.81
C ASP F 86 -48.69 25.49 12.45
N GLY F 87 -47.84 24.59 12.99
CA GLY F 87 -48.06 23.13 12.94
C GLY F 87 -47.13 22.40 11.97
N THR F 88 -46.18 23.11 11.34
CA THR F 88 -45.01 22.51 10.66
C THR F 88 -44.39 21.46 11.59
N THR F 89 -43.83 21.91 12.71
CA THR F 89 -43.22 21.05 13.77
C THR F 89 -44.10 19.81 13.97
N THR F 90 -45.36 20.00 14.40
CA THR F 90 -46.37 18.92 14.58
C THR F 90 -46.44 18.00 13.36
N ALA F 91 -46.45 18.55 12.15
CA ALA F 91 -46.65 17.81 10.87
C ALA F 91 -45.42 16.95 10.57
N THR F 92 -44.21 17.50 10.70
CA THR F 92 -42.93 16.79 10.41
C THR F 92 -42.77 15.56 11.33
N VAL F 93 -43.17 15.66 12.61
CA VAL F 93 -43.02 14.56 13.63
C VAL F 93 -44.15 13.53 13.46
N LEU F 94 -45.32 13.98 12.99
CA LEU F 94 -46.45 13.10 12.61
C LEU F 94 -46.07 12.27 11.38
N ALA F 95 -45.51 12.94 10.36
CA ALA F 95 -45.08 12.29 9.09
C ALA F 95 -43.98 11.27 9.38
N GLN F 96 -43.13 11.53 10.39
CA GLN F 96 -42.01 10.61 10.77
C GLN F 96 -42.58 9.30 11.32
N ALA F 97 -43.65 9.36 12.11
CA ALA F 97 -44.22 8.19 12.81
C ALA F 97 -45.01 7.34 11.82
N LEU F 98 -45.31 7.90 10.66
CA LEU F 98 -46.11 7.25 9.59
C LEU F 98 -45.14 6.63 8.57
N ILE F 99 -44.01 7.29 8.30
CA ILE F 99 -43.05 6.86 7.25
C ILE F 99 -42.17 5.74 7.80
N ARG F 100 -41.76 5.80 9.07
CA ARG F 100 -40.83 4.78 9.63
C ARG F 100 -41.62 3.51 9.96
N GLU F 101 -42.88 3.65 10.43
CA GLU F 101 -43.80 2.50 10.70
C GLU F 101 -44.27 1.89 9.37
N GLY F 102 -44.34 2.71 8.31
CA GLY F 102 -44.87 2.31 7.00
C GLY F 102 -43.83 1.56 6.20
N ALA F 103 -42.64 2.14 6.03
CA ALA F 103 -41.52 1.57 5.24
C ALA F 103 -41.08 0.25 5.87
N LYS F 104 -41.12 0.16 7.21
CA LYS F 104 -40.81 -1.07 7.99
C LYS F 104 -41.78 -2.18 7.57
N ALA F 105 -43.08 -1.86 7.59
CA ALA F 105 -44.21 -2.79 7.35
C ALA F 105 -44.28 -3.18 5.88
N VAL F 106 -43.70 -2.38 4.97
CA VAL F 106 -43.66 -2.66 3.51
C VAL F 106 -42.60 -3.73 3.26
N ALA F 107 -41.39 -3.47 3.75
CA ALA F 107 -40.19 -4.33 3.53
C ALA F 107 -40.34 -5.62 4.34
N ALA F 108 -41.36 -5.67 5.21
CA ALA F 108 -41.81 -6.89 5.93
C ALA F 108 -42.60 -7.78 4.97
N GLY F 109 -43.15 -7.17 3.91
CA GLY F 109 -43.87 -7.87 2.82
C GLY F 109 -45.35 -7.59 2.80
N MET F 110 -45.81 -6.54 3.50
CA MET F 110 -47.21 -6.08 3.38
C MET F 110 -47.34 -5.29 2.07
N ASN F 111 -48.56 -5.15 1.57
CA ASN F 111 -48.87 -4.62 0.22
C ASN F 111 -48.98 -3.10 0.35
N PRO F 112 -48.08 -2.29 -0.26
CA PRO F 112 -48.03 -0.85 0.01
C PRO F 112 -49.32 -0.06 -0.28
N MET F 113 -50.16 -0.54 -1.19
CA MET F 113 -51.40 0.19 -1.59
C MET F 113 -52.46 0.08 -0.47
N ASP F 114 -52.58 -1.10 0.15
CA ASP F 114 -53.53 -1.34 1.27
C ASP F 114 -53.13 -0.55 2.51
N LEU F 115 -51.83 -0.52 2.86
CA LEU F 115 -51.31 0.28 4.00
C LEU F 115 -51.72 1.76 3.85
N LYS F 116 -51.59 2.32 2.64
CA LYS F 116 -52.02 3.73 2.38
C LYS F 116 -53.52 3.81 2.72
N ARG F 117 -54.35 2.97 2.11
CA ARG F 117 -55.81 2.94 2.35
C ARG F 117 -56.07 2.95 3.86
N GLY F 118 -55.34 2.13 4.61
CA GLY F 118 -55.49 2.00 6.08
C GLY F 118 -55.24 3.32 6.78
N ILE F 119 -54.06 3.89 6.54
CA ILE F 119 -53.65 5.27 6.95
C ILE F 119 -54.76 6.25 6.58
N ASP F 120 -55.01 6.40 5.27
CA ASP F 120 -56.12 7.20 4.69
C ASP F 120 -57.38 7.05 5.53
N GLN F 121 -57.82 5.80 5.70
CA GLN F 121 -59.10 5.45 6.38
C GLN F 121 -59.06 6.02 7.81
N ALA F 122 -58.02 5.73 8.57
CA ALA F 122 -57.90 6.07 10.01
C ALA F 122 -57.93 7.59 10.19
N VAL F 123 -57.19 8.31 9.34
CA VAL F 123 -57.06 9.80 9.37
C VAL F 123 -58.44 10.43 9.22
N LYS F 124 -59.22 10.01 8.21
CA LYS F 124 -60.59 10.51 7.95
C LYS F 124 -61.39 10.46 9.27
N ALA F 125 -61.33 9.33 9.99
CA ALA F 125 -62.04 9.10 11.28
C ALA F 125 -61.56 10.12 12.32
N ALA F 126 -60.29 10.04 12.71
CA ALA F 126 -59.64 10.98 13.65
C ALA F 126 -60.07 12.42 13.33
N VAL F 127 -60.03 12.77 12.04
CA VAL F 127 -60.42 14.13 11.55
C VAL F 127 -61.88 14.40 11.95
N VAL F 128 -62.79 13.47 11.64
CA VAL F 128 -64.26 13.66 11.85
C VAL F 128 -64.58 13.53 13.35
N GLU F 129 -63.64 13.01 14.15
CA GLU F 129 -63.74 12.94 15.63
C GLU F 129 -63.11 14.18 16.25
N LEU F 130 -62.15 14.78 15.53
CA LEU F 130 -61.41 16.02 15.90
C LEU F 130 -62.33 17.23 15.69
N LYS F 131 -63.26 17.12 14.73
CA LYS F 131 -64.31 18.13 14.44
C LYS F 131 -65.40 18.10 15.53
N ASN F 132 -65.61 16.95 16.16
CA ASN F 132 -66.62 16.82 17.25
C ASN F 132 -66.10 17.53 18.51
N ILE F 133 -64.89 17.17 18.93
CA ILE F 133 -64.31 17.60 20.24
C ILE F 133 -63.80 19.04 20.14
N SER F 134 -64.48 19.89 19.37
CA SER F 134 -64.06 21.28 19.05
C SER F 134 -65.15 22.28 19.44
N LYS F 135 -65.00 22.96 20.58
CA LYS F 135 -65.77 24.18 20.96
C LYS F 135 -65.46 25.24 19.91
N PRO F 136 -66.47 25.94 19.35
CA PRO F 136 -66.21 26.96 18.33
C PRO F 136 -66.03 28.31 19.03
N THR F 137 -65.56 29.32 18.31
CA THR F 137 -65.48 30.72 18.79
C THR F 137 -65.97 31.65 17.68
N THR F 138 -67.16 32.23 17.89
CA THR F 138 -67.80 33.21 16.97
C THR F 138 -68.11 34.49 17.76
N ASP F 139 -68.65 34.37 18.98
CA ASP F 139 -69.00 35.53 19.86
C ASP F 139 -67.74 36.37 20.13
N ASP F 140 -67.94 37.64 20.50
CA ASP F 140 -66.85 38.67 20.66
C ASP F 140 -66.02 38.35 21.92
N LYS F 141 -66.67 37.94 23.01
CA LYS F 141 -66.01 37.52 24.27
C LYS F 141 -64.98 36.44 23.94
N ALA F 142 -65.38 35.45 23.15
CA ALA F 142 -64.57 34.26 22.78
C ALA F 142 -63.35 34.68 21.94
N ILE F 143 -63.56 35.46 20.87
CA ILE F 143 -62.47 35.96 19.98
C ILE F 143 -61.40 36.65 20.84
N ALA F 144 -61.82 37.47 21.81
CA ALA F 144 -60.93 38.18 22.78
C ALA F 144 -60.06 37.17 23.55
N GLN F 145 -60.68 36.14 24.13
CA GLN F 145 -60.01 35.08 24.95
C GLN F 145 -58.89 34.38 24.16
N VAL F 146 -59.16 34.04 22.89
CA VAL F 146 -58.27 33.22 21.99
C VAL F 146 -57.06 34.05 21.57
N GLY F 147 -57.26 35.29 21.14
CA GLY F 147 -56.18 36.23 20.79
C GLY F 147 -55.27 36.47 21.98
N THR F 148 -55.87 36.93 23.09
CA THR F 148 -55.24 37.14 24.42
C THR F 148 -54.27 35.97 24.70
N ILE F 149 -54.82 34.76 24.67
CA ILE F 149 -54.10 33.48 24.93
C ILE F 149 -52.90 33.37 23.97
N SER F 150 -53.09 33.64 22.68
CA SER F 150 -52.06 33.30 21.65
C SER F 150 -50.98 34.38 21.55
N ALA F 151 -50.96 35.36 22.46
CA ALA F 151 -49.89 36.37 22.59
C ALA F 151 -49.42 36.50 24.05
N ASN F 152 -49.32 35.36 24.75
CA ASN F 152 -48.67 35.23 26.09
C ASN F 152 -49.53 35.92 27.15
N SER F 153 -50.86 35.74 27.09
CA SER F 153 -51.82 36.24 28.10
C SER F 153 -51.82 37.78 28.13
N ASP F 154 -51.43 38.41 27.01
CA ASP F 154 -51.56 39.88 26.77
C ASP F 154 -53.05 40.17 26.51
N GLU F 155 -53.86 40.22 27.58
CA GLU F 155 -55.32 40.51 27.55
C GLU F 155 -55.62 41.53 26.44
N SER F 156 -54.71 42.49 26.25
CA SER F 156 -54.91 43.75 25.48
C SER F 156 -54.76 43.52 23.97
N ILE F 157 -53.81 42.69 23.54
CA ILE F 157 -53.55 42.43 22.08
C ILE F 157 -54.66 41.52 21.52
N GLY F 158 -55.23 40.66 22.37
CA GLY F 158 -56.45 39.87 22.03
C GLY F 158 -57.68 40.76 21.97
N ASN F 159 -57.68 41.84 22.75
CA ASN F 159 -58.78 42.84 22.80
C ASN F 159 -58.89 43.58 21.46
N ILE F 160 -57.76 44.00 20.85
CA ILE F 160 -57.74 44.73 19.53
C ILE F 160 -58.14 43.76 18.43
N ILE F 161 -57.42 42.63 18.32
CA ILE F 161 -57.69 41.59 17.28
C ILE F 161 -59.21 41.38 17.15
N ALA F 162 -59.93 41.40 18.28
CA ALA F 162 -61.40 41.22 18.34
C ALA F 162 -62.12 42.46 17.80
N GLU F 163 -61.72 43.65 18.27
CA GLU F 163 -62.24 44.97 17.81
C GLU F 163 -62.03 45.12 16.29
N ALA F 164 -60.91 44.63 15.77
CA ALA F 164 -60.57 44.60 14.32
C ALA F 164 -61.61 43.80 13.55
N MET F 165 -62.04 42.65 14.09
CA MET F 165 -63.00 41.74 13.40
C MET F 165 -64.40 42.37 13.41
N LYS F 166 -64.86 42.82 14.58
CA LYS F 166 -66.16 43.56 14.76
C LYS F 166 -66.27 44.67 13.70
N LYS F 167 -65.15 45.35 13.41
CA LYS F 167 -65.04 46.48 12.45
C LYS F 167 -65.21 45.98 11.01
N VAL F 168 -64.34 45.06 10.56
CA VAL F 168 -64.23 44.64 9.12
C VAL F 168 -64.91 43.28 8.90
N GLY F 169 -65.61 42.74 9.91
CA GLY F 169 -66.25 41.42 9.85
C GLY F 169 -65.27 40.31 10.16
N LYS F 170 -65.75 39.06 10.23
CA LYS F 170 -64.91 37.87 10.51
C LYS F 170 -63.89 37.71 9.39
N GLU F 171 -64.38 37.71 8.15
CA GLU F 171 -63.62 37.39 6.92
C GLU F 171 -63.21 38.69 6.21
N GLY F 172 -62.97 39.76 6.97
CA GLY F 172 -62.44 41.04 6.47
C GLY F 172 -60.97 40.92 6.11
N VAL F 173 -60.30 42.06 5.92
CA VAL F 173 -58.82 42.16 5.73
C VAL F 173 -58.25 42.78 7.00
N ILE F 174 -57.17 42.21 7.57
CA ILE F 174 -56.46 42.76 8.77
C ILE F 174 -54.94 42.67 8.55
N THR F 175 -54.25 43.82 8.64
CA THR F 175 -52.77 43.99 8.52
C THR F 175 -52.21 44.28 9.92
N VAL F 176 -50.88 44.23 10.10
CA VAL F 176 -50.21 44.91 11.26
C VAL F 176 -49.03 45.73 10.73
N GLU F 177 -48.91 46.98 11.19
CA GLU F 177 -47.78 47.89 10.90
C GLU F 177 -46.94 48.04 12.18
N GLU F 178 -45.87 48.84 12.11
CA GLU F 178 -45.08 49.29 13.29
C GLU F 178 -45.72 50.59 13.81
N GLY F 179 -45.67 50.81 15.13
CA GLY F 179 -46.57 51.76 15.80
C GLY F 179 -46.02 53.17 15.97
N SER F 180 -46.87 54.04 16.53
CA SER F 180 -46.52 55.30 17.24
C SER F 180 -45.41 55.00 18.25
N GLY F 181 -45.67 54.09 19.19
CA GLY F 181 -44.70 53.59 20.19
C GLY F 181 -45.24 53.71 21.60
N LEU F 182 -45.29 52.59 22.35
CA LEU F 182 -46.07 52.41 23.62
C LEU F 182 -47.55 52.74 23.35
N GLU F 183 -48.49 51.87 23.74
CA GLU F 183 -49.95 52.03 23.45
C GLU F 183 -50.18 51.77 21.95
N ASN F 184 -51.18 50.95 21.61
CA ASN F 184 -51.43 50.46 20.23
C ASN F 184 -52.51 51.30 19.55
N GLU F 185 -52.70 51.12 18.24
CA GLU F 185 -53.73 51.83 17.43
C GLU F 185 -54.62 50.81 16.72
N LEU F 186 -55.75 51.28 16.18
CA LEU F 186 -56.55 50.57 15.14
C LEU F 186 -57.34 51.62 14.34
N ASP F 187 -57.28 51.54 13.00
CA ASP F 187 -58.03 52.42 12.08
C ASP F 187 -58.18 51.72 10.73
N VAL F 188 -59.40 51.64 10.20
CA VAL F 188 -59.71 51.00 8.88
C VAL F 188 -59.48 52.05 7.77
N VAL F 189 -58.72 51.68 6.75
CA VAL F 189 -58.32 52.59 5.63
C VAL F 189 -58.68 51.92 4.30
N GLU F 190 -58.79 52.70 3.24
CA GLU F 190 -59.39 52.25 1.96
C GLU F 190 -58.26 51.62 1.12
N GLY F 191 -57.88 50.38 1.47
CA GLY F 191 -56.90 49.54 0.73
C GLY F 191 -57.53 48.24 0.22
N MET F 192 -56.74 47.36 -0.41
CA MET F 192 -57.21 46.10 -1.07
C MET F 192 -56.21 44.95 -0.84
N GLN F 193 -56.70 43.70 -0.83
CA GLN F 193 -55.88 42.46 -0.66
C GLN F 193 -56.33 41.38 -1.64
N PHE F 194 -55.43 40.92 -2.52
CA PHE F 194 -55.67 39.85 -3.53
C PHE F 194 -54.69 38.69 -3.31
N ASP F 195 -55.11 37.49 -3.70
CA ASP F 195 -54.60 36.21 -3.13
C ASP F 195 -53.51 35.59 -4.03
N ARG F 196 -52.47 36.38 -4.32
CA ARG F 196 -51.16 35.87 -4.82
C ARG F 196 -50.06 36.54 -3.99
N GLY F 197 -48.80 36.13 -4.21
CA GLY F 197 -47.67 36.57 -3.37
C GLY F 197 -46.41 36.73 -4.18
N TYR F 198 -45.27 36.91 -3.49
CA TYR F 198 -43.95 37.19 -4.12
C TYR F 198 -43.70 36.09 -5.16
N LEU F 199 -43.27 36.49 -6.36
CA LEU F 199 -43.08 35.59 -7.53
C LEU F 199 -41.67 35.00 -7.50
N SER F 200 -40.99 35.13 -6.35
CA SER F 200 -39.67 34.51 -6.03
C SER F 200 -39.20 35.06 -4.69
N PRO F 201 -38.48 34.28 -3.86
CA PRO F 201 -37.79 34.84 -2.70
C PRO F 201 -36.65 35.72 -3.22
N TYR F 202 -35.84 36.29 -2.34
CA TYR F 202 -34.82 37.33 -2.66
C TYR F 202 -35.54 38.67 -2.94
N PHE F 203 -36.85 38.65 -3.12
CA PHE F 203 -37.75 39.83 -3.08
C PHE F 203 -38.20 40.08 -1.65
N ILE F 204 -38.25 39.00 -0.84
CA ILE F 204 -38.45 39.09 0.64
C ILE F 204 -37.47 40.15 1.14
N ASN F 205 -37.93 41.16 1.86
CA ASN F 205 -37.06 42.20 2.50
C ASN F 205 -37.42 42.29 3.98
N ASN F 206 -37.92 41.20 4.56
CA ASN F 206 -38.28 41.06 6.01
C ASN F 206 -38.16 39.58 6.41
N GLN F 207 -36.94 39.04 6.42
CA GLN F 207 -36.65 37.59 6.70
C GLN F 207 -37.33 37.17 8.02
N GLN F 208 -37.63 38.13 8.90
CA GLN F 208 -38.32 37.94 10.21
C GLN F 208 -39.80 37.59 10.02
N SER F 209 -40.30 37.64 8.77
CA SER F 209 -41.76 37.73 8.45
C SER F 209 -42.06 37.21 7.05
N GLN F 210 -41.22 36.33 6.48
CA GLN F 210 -41.16 35.96 5.03
C GLN F 210 -42.13 36.81 4.19
N SER F 211 -42.13 38.12 4.42
CA SER F 211 -42.94 39.15 3.72
C SER F 211 -41.98 40.17 3.08
N ALA F 212 -42.46 40.97 2.12
CA ALA F 212 -41.68 42.03 1.44
C ALA F 212 -42.42 43.37 1.56
N ASP F 213 -42.05 44.17 2.57
CA ASP F 213 -42.67 45.50 2.89
C ASP F 213 -42.00 46.60 2.05
N LEU F 214 -42.81 47.46 1.40
CA LEU F 214 -42.37 48.67 0.65
C LEU F 214 -43.26 49.85 1.05
N ASP F 215 -42.69 51.04 1.26
CA ASP F 215 -43.44 52.25 1.70
C ASP F 215 -43.44 53.28 0.56
N ASP F 216 -44.60 53.91 0.33
CA ASP F 216 -44.89 54.88 -0.76
C ASP F 216 -44.62 54.26 -2.14
N PRO F 217 -44.76 52.92 -2.34
CA PRO F 217 -44.34 52.31 -3.60
C PRO F 217 -45.18 52.72 -4.81
N PHE F 218 -44.52 52.93 -5.95
CA PHE F 218 -45.16 52.98 -7.28
C PHE F 218 -45.66 51.57 -7.64
N ILE F 219 -46.91 51.46 -8.09
CA ILE F 219 -47.59 50.17 -8.40
C ILE F 219 -47.89 50.12 -9.90
N LEU F 220 -47.24 49.20 -10.63
CA LEU F 220 -47.43 49.00 -12.09
C LEU F 220 -48.38 47.82 -12.30
N LEU F 221 -49.50 48.06 -12.98
CA LEU F 221 -50.50 47.04 -13.40
C LEU F 221 -50.34 46.77 -14.91
N HIS F 222 -50.10 45.50 -15.27
CA HIS F 222 -49.83 45.04 -16.66
C HIS F 222 -50.66 43.78 -16.96
N ASP F 223 -51.21 43.70 -18.17
CA ASP F 223 -52.32 42.78 -18.55
C ASP F 223 -51.82 41.87 -19.68
N LYS F 224 -50.80 41.06 -19.39
CA LYS F 224 -50.08 40.16 -20.34
C LYS F 224 -48.70 39.83 -19.72
N LYS F 225 -47.91 38.98 -20.37
CA LYS F 225 -46.65 38.42 -19.80
C LYS F 225 -45.48 39.39 -20.02
N ILE F 226 -44.61 39.52 -19.02
CA ILE F 226 -43.38 40.38 -19.04
C ILE F 226 -42.17 39.46 -19.03
N SER F 227 -41.61 39.14 -20.21
CA SER F 227 -40.49 38.15 -20.33
C SER F 227 -39.20 38.79 -20.87
N ASN F 228 -39.27 40.03 -21.34
CA ASN F 228 -38.08 40.73 -21.90
C ASN F 228 -37.38 41.45 -20.77
N VAL F 229 -36.59 42.44 -21.12
CA VAL F 229 -35.86 43.25 -20.10
C VAL F 229 -35.59 44.62 -20.68
N ARG F 230 -35.25 44.67 -21.97
CA ARG F 230 -34.95 45.95 -22.66
C ARG F 230 -36.24 46.63 -23.11
N ASP F 231 -37.36 45.92 -23.06
CA ASP F 231 -38.66 46.50 -23.48
C ASP F 231 -39.47 46.84 -22.24
N LEU F 232 -38.77 47.24 -21.18
CA LEU F 232 -39.42 47.62 -19.90
C LEU F 232 -38.46 48.45 -19.04
N LEU F 233 -37.21 48.58 -19.47
CA LEU F 233 -36.16 49.22 -18.62
C LEU F 233 -36.44 50.71 -18.38
N PRO F 234 -37.11 51.43 -19.31
CA PRO F 234 -37.41 52.84 -19.13
C PRO F 234 -38.04 53.10 -17.78
N VAL F 235 -39.23 52.55 -17.63
CA VAL F 235 -39.91 52.60 -16.31
C VAL F 235 -39.14 51.62 -15.45
N LEU F 236 -38.26 52.20 -14.66
CA LEU F 236 -37.28 51.56 -13.72
C LEU F 236 -36.38 52.74 -13.38
N GLU F 237 -35.79 53.29 -14.44
CA GLU F 237 -34.97 54.52 -14.39
C GLU F 237 -35.78 55.57 -13.66
N GLY F 238 -36.98 55.83 -14.18
CA GLY F 238 -37.93 56.80 -13.60
C GLY F 238 -38.12 56.60 -12.11
N VAL F 239 -38.30 55.36 -11.69
CA VAL F 239 -38.45 55.00 -10.25
C VAL F 239 -37.14 55.26 -9.52
N ALA F 240 -36.15 54.41 -9.83
CA ALA F 240 -34.78 54.58 -9.32
C ALA F 240 -34.64 56.05 -8.97
N LYS F 241 -35.04 56.89 -9.93
CA LYS F 241 -35.25 58.33 -9.69
C LYS F 241 -36.63 58.53 -9.08
N ALA F 242 -36.81 59.67 -8.45
CA ALA F 242 -38.01 59.94 -7.62
C ALA F 242 -38.17 58.77 -6.64
N GLY F 243 -37.11 58.55 -5.86
CA GLY F 243 -36.94 57.58 -4.75
C GLY F 243 -37.76 56.30 -4.79
N LYS F 244 -39.09 56.44 -4.71
CA LYS F 244 -40.11 55.37 -4.50
C LYS F 244 -39.78 54.02 -5.15
N PRO F 245 -40.07 52.93 -4.39
CA PRO F 245 -39.99 51.56 -4.85
C PRO F 245 -41.06 51.13 -5.85
N LEU F 246 -41.07 49.86 -6.23
CA LEU F 246 -41.99 49.43 -7.30
C LEU F 246 -42.55 48.03 -7.03
N LEU F 247 -43.87 47.93 -6.94
CA LEU F 247 -44.64 46.66 -7.04
C LEU F 247 -45.05 46.48 -8.50
N ILE F 248 -44.41 45.55 -9.20
CA ILE F 248 -44.97 44.99 -10.46
C ILE F 248 -46.06 44.00 -10.05
N VAL F 249 -47.18 44.01 -10.77
CA VAL F 249 -48.25 42.96 -10.67
C VAL F 249 -48.76 42.75 -12.09
N ALA F 250 -48.09 41.85 -12.82
CA ALA F 250 -48.43 41.42 -14.20
C ALA F 250 -48.99 40.01 -14.19
N GLU F 251 -49.69 39.65 -15.26
CA GLU F 251 -50.16 38.28 -15.56
C GLU F 251 -49.06 37.29 -15.18
N GLU F 252 -47.87 37.44 -15.80
CA GLU F 252 -46.67 36.63 -15.46
C GLU F 252 -45.40 37.45 -15.74
N VAL F 253 -44.39 37.27 -14.87
CA VAL F 253 -43.05 37.90 -14.95
C VAL F 253 -42.01 36.78 -14.90
N GLU F 254 -41.38 36.46 -16.04
CA GLU F 254 -40.72 35.15 -16.27
C GLU F 254 -39.41 35.31 -17.05
N GLY F 255 -38.54 34.29 -16.96
CA GLY F 255 -37.31 34.17 -17.77
C GLY F 255 -36.36 35.31 -17.48
N GLU F 256 -36.00 36.07 -18.52
CA GLU F 256 -34.95 37.12 -18.42
C GLU F 256 -35.39 38.28 -17.52
N ALA F 257 -36.69 38.49 -17.33
CA ALA F 257 -37.16 39.63 -16.52
C ALA F 257 -37.08 39.24 -15.07
N LEU F 258 -37.44 38.01 -14.74
CA LEU F 258 -37.33 37.55 -13.36
C LEU F 258 -35.86 37.64 -12.96
N ALA F 259 -35.00 37.08 -13.78
CA ALA F 259 -33.55 37.07 -13.53
C ALA F 259 -33.06 38.48 -13.17
N THR F 260 -33.17 39.42 -14.12
CA THR F 260 -32.53 40.75 -14.04
C THR F 260 -33.04 41.52 -12.82
N LEU F 261 -34.36 41.69 -12.68
CA LEU F 261 -34.98 42.47 -11.57
C LEU F 261 -34.81 41.75 -10.23
N VAL F 262 -34.51 40.44 -10.21
CA VAL F 262 -34.21 39.70 -8.94
C VAL F 262 -32.84 40.15 -8.42
N VAL F 263 -31.81 40.14 -9.28
CA VAL F 263 -30.39 40.35 -8.86
C VAL F 263 -30.22 41.81 -8.41
N ASN F 264 -30.70 42.80 -9.17
CA ASN F 264 -30.50 44.23 -8.81
C ASN F 264 -31.59 44.67 -7.81
N THR F 265 -32.21 43.72 -7.12
CA THR F 265 -33.05 43.94 -5.90
C THR F 265 -32.27 43.49 -4.67
N ILE F 266 -31.44 42.44 -4.81
CA ILE F 266 -30.49 41.97 -3.76
C ILE F 266 -29.20 42.82 -3.84
N ARG F 267 -29.03 43.60 -4.91
CA ARG F 267 -28.01 44.70 -5.02
C ARG F 267 -28.70 45.99 -5.49
N GLY F 268 -28.11 46.70 -6.47
CA GLY F 268 -28.73 47.81 -7.23
C GLY F 268 -29.49 48.78 -6.35
N ILE F 269 -30.59 49.35 -6.88
CA ILE F 269 -31.60 50.13 -6.08
C ILE F 269 -32.97 49.50 -6.38
N VAL F 270 -33.96 50.35 -6.69
CA VAL F 270 -35.29 50.00 -7.29
C VAL F 270 -36.05 49.09 -6.33
N LYS F 271 -35.40 48.08 -5.74
CA LYS F 271 -35.99 47.26 -4.65
C LYS F 271 -37.41 46.85 -5.08
N VAL F 272 -37.52 46.20 -6.23
CA VAL F 272 -38.81 45.81 -6.87
C VAL F 272 -39.31 44.51 -6.22
N VAL F 273 -40.61 44.23 -6.30
CA VAL F 273 -41.23 42.88 -6.02
C VAL F 273 -42.40 42.67 -7.00
N ALA F 274 -42.42 41.48 -7.61
CA ALA F 274 -43.36 41.08 -8.68
C ALA F 274 -44.29 39.97 -8.15
N VAL F 275 -45.58 40.04 -8.52
CA VAL F 275 -46.60 38.99 -8.21
C VAL F 275 -47.38 38.72 -9.49
N LYS F 276 -48.01 37.55 -9.62
CA LYS F 276 -48.98 37.26 -10.71
C LYS F 276 -50.30 37.94 -10.37
N ALA F 277 -51.03 38.44 -11.36
CA ALA F 277 -52.32 39.17 -11.20
C ALA F 277 -53.45 38.15 -11.01
N PRO F 278 -54.35 38.37 -10.02
CA PRO F 278 -55.32 37.34 -9.64
C PRO F 278 -56.39 37.08 -10.71
N GLY F 279 -57.04 35.91 -10.62
CA GLY F 279 -58.04 35.43 -11.60
C GLY F 279 -57.37 35.05 -12.91
N PHE F 280 -58.17 34.78 -13.94
CA PHE F 280 -57.69 34.47 -15.32
C PHE F 280 -58.65 35.12 -16.32
N GLY F 281 -58.27 35.14 -17.61
CA GLY F 281 -59.08 35.64 -18.73
C GLY F 281 -59.75 36.99 -18.45
N ASP F 282 -61.07 37.05 -18.58
CA ASP F 282 -61.88 38.31 -18.58
C ASP F 282 -61.99 38.86 -17.15
N ARG F 283 -62.28 38.01 -16.15
CA ARG F 283 -62.40 38.42 -14.73
C ARG F 283 -61.00 38.74 -14.17
N ARG F 284 -59.93 38.54 -14.95
CA ARG F 284 -58.56 39.03 -14.62
C ARG F 284 -58.43 40.49 -15.03
N LYS F 285 -58.57 40.78 -16.33
CA LYS F 285 -58.38 42.14 -16.93
C LYS F 285 -59.20 43.16 -16.12
N ALA F 286 -60.40 42.74 -15.70
CA ALA F 286 -61.33 43.50 -14.84
C ALA F 286 -60.67 43.81 -13.48
N MET F 287 -60.22 42.77 -12.78
CA MET F 287 -59.70 42.84 -11.37
C MET F 287 -58.41 43.66 -11.28
N LEU F 288 -57.77 43.99 -12.40
CA LEU F 288 -56.61 44.93 -12.48
C LEU F 288 -57.12 46.38 -12.53
N GLU F 289 -58.15 46.64 -13.34
CA GLU F 289 -58.82 47.97 -13.46
C GLU F 289 -59.72 48.19 -12.24
N ASP F 290 -59.74 47.23 -11.31
CA ASP F 290 -60.39 47.32 -9.98
C ASP F 290 -59.43 48.04 -9.03
N MET F 291 -58.14 47.70 -9.12
CA MET F 291 -57.05 48.22 -8.24
C MET F 291 -56.35 49.42 -8.89
N ALA F 292 -56.47 49.57 -10.22
CA ALA F 292 -56.07 50.79 -10.96
C ALA F 292 -56.76 51.99 -10.33
N VAL F 293 -58.09 51.92 -10.17
CA VAL F 293 -58.92 53.02 -9.57
C VAL F 293 -58.47 53.21 -8.11
N LEU F 294 -58.42 52.12 -7.34
CA LEU F 294 -58.03 52.12 -5.90
C LEU F 294 -56.67 52.82 -5.73
N THR F 295 -55.68 52.50 -6.57
CA THR F 295 -54.29 53.04 -6.47
C THR F 295 -54.17 54.37 -7.23
N GLY F 296 -55.00 54.57 -8.26
CA GLY F 296 -54.92 55.71 -9.17
C GLY F 296 -53.90 55.48 -10.28
N GLY F 297 -53.59 54.22 -10.58
CA GLY F 297 -52.72 53.86 -11.71
C GLY F 297 -53.51 53.76 -13.00
N THR F 298 -52.83 53.43 -14.11
CA THR F 298 -53.41 53.00 -15.41
C THR F 298 -53.04 51.53 -15.63
N VAL F 299 -53.98 50.73 -16.13
CA VAL F 299 -53.72 49.32 -16.56
C VAL F 299 -53.19 49.37 -17.99
N ILE F 300 -51.97 48.88 -18.19
CA ILE F 300 -51.17 49.10 -19.43
C ILE F 300 -51.35 47.90 -20.37
N SER F 301 -52.57 47.74 -20.89
CA SER F 301 -52.99 46.70 -21.86
C SER F 301 -52.71 47.18 -23.30
N GLU F 302 -52.20 46.27 -24.14
CA GLU F 302 -52.02 46.50 -25.61
C GLU F 302 -53.35 46.92 -26.23
N GLU F 303 -54.45 46.32 -25.77
CA GLU F 303 -55.83 46.54 -26.29
C GLU F 303 -56.12 48.04 -26.38
N VAL F 304 -55.97 48.78 -25.27
CA VAL F 304 -56.38 50.21 -25.17
C VAL F 304 -55.17 51.14 -25.42
N GLY F 305 -54.29 50.79 -26.36
CA GLY F 305 -53.35 51.72 -27.02
C GLY F 305 -51.91 51.61 -26.54
N LEU F 306 -51.66 52.05 -25.29
CA LEU F 306 -50.31 52.17 -24.67
C LEU F 306 -49.69 50.78 -24.42
N ALA F 307 -48.36 50.70 -24.43
CA ALA F 307 -47.58 49.43 -24.44
C ALA F 307 -46.69 49.32 -23.19
N LEU F 308 -45.44 49.82 -23.22
CA LEU F 308 -44.46 49.66 -22.11
C LEU F 308 -43.43 50.79 -22.13
N GLU F 309 -42.85 51.12 -23.29
CA GLU F 309 -41.94 52.30 -23.45
C GLU F 309 -42.77 53.57 -23.26
N LYS F 310 -43.94 53.60 -23.92
CA LYS F 310 -44.95 54.68 -23.78
C LYS F 310 -45.62 54.54 -22.39
N ALA F 311 -44.78 54.54 -21.34
CA ALA F 311 -45.19 54.54 -19.91
C ALA F 311 -44.25 55.44 -19.10
N THR F 312 -44.72 56.63 -18.72
CA THR F 312 -44.05 57.54 -17.76
C THR F 312 -44.01 56.84 -16.39
N ILE F 313 -43.59 57.56 -15.35
CA ILE F 313 -43.78 57.11 -13.93
C ILE F 313 -45.25 57.36 -13.54
N LYS F 314 -45.99 58.22 -14.26
CA LYS F 314 -47.38 58.63 -13.90
C LYS F 314 -48.41 57.83 -14.71
N ASP F 315 -48.09 56.60 -15.10
CA ASP F 315 -49.10 55.55 -15.43
C ASP F 315 -49.40 54.77 -14.15
N LEU F 316 -48.46 54.77 -13.21
CA LEU F 316 -48.40 53.84 -12.07
C LEU F 316 -49.33 54.33 -10.96
N GLY F 317 -49.83 53.39 -10.15
CA GLY F 317 -50.57 53.68 -8.92
C GLY F 317 -49.61 53.97 -7.77
N ARG F 318 -50.15 54.28 -6.59
CA ARG F 318 -49.36 54.45 -5.34
C ARG F 318 -50.27 54.13 -4.16
N ALA F 319 -49.67 53.89 -3.00
CA ALA F 319 -50.36 53.65 -1.72
C ALA F 319 -49.33 53.78 -0.60
N LYS F 320 -49.76 54.10 0.62
CA LYS F 320 -48.85 54.51 1.72
C LYS F 320 -48.00 53.31 2.18
N LYS F 321 -48.41 52.08 1.84
CA LYS F 321 -47.67 50.82 2.11
C LYS F 321 -48.31 49.67 1.33
N VAL F 322 -47.49 48.76 0.77
CA VAL F 322 -47.94 47.39 0.34
C VAL F 322 -47.04 46.35 1.04
N GLN F 323 -47.57 45.16 1.22
CA GLN F 323 -46.82 43.97 1.72
C GLN F 323 -47.33 42.74 0.96
N VAL F 324 -46.45 41.77 0.75
CA VAL F 324 -46.67 40.63 -0.19
C VAL F 324 -46.01 39.39 0.44
N SER F 325 -46.84 38.44 0.89
CA SER F 325 -46.42 37.13 1.50
C SER F 325 -45.85 36.23 0.40
N LYS F 326 -45.56 34.97 0.74
CA LYS F 326 -45.39 33.89 -0.27
C LYS F 326 -46.74 33.71 -0.97
N GLU F 327 -47.83 33.96 -0.22
CA GLU F 327 -49.21 33.55 -0.62
C GLU F 327 -50.13 34.75 -0.86
N ASN F 328 -49.84 35.96 -0.37
CA ASN F 328 -50.90 36.97 -0.15
C ASN F 328 -50.40 38.42 -0.27
N THR F 329 -50.83 39.14 -1.32
CA THR F 329 -50.51 40.57 -1.59
C THR F 329 -51.57 41.48 -0.96
N THR F 330 -51.15 42.59 -0.33
CA THR F 330 -52.06 43.62 0.25
C THR F 330 -51.52 45.04 -0.02
N ILE F 331 -52.33 45.85 -0.70
CA ILE F 331 -52.14 47.32 -0.95
C ILE F 331 -52.97 48.08 0.10
N ILE F 332 -52.38 49.09 0.74
CA ILE F 332 -53.02 49.83 1.88
C ILE F 332 -53.05 51.32 1.56
N ASP F 333 -54.22 51.95 1.70
CA ASP F 333 -54.43 53.41 1.56
C ASP F 333 -54.15 53.82 0.12
N GLY F 334 -54.72 53.09 -0.84
CA GLY F 334 -54.61 53.38 -2.28
C GLY F 334 -54.70 54.87 -2.54
N ALA F 335 -53.80 55.39 -3.38
CA ALA F 335 -53.73 56.83 -3.75
C ALA F 335 -54.81 57.15 -4.77
N GLY F 336 -56.06 56.76 -4.47
CA GLY F 336 -57.21 56.91 -5.36
C GLY F 336 -58.30 57.72 -4.69
N ASP F 337 -59.03 58.52 -5.46
CA ASP F 337 -60.15 59.35 -4.95
C ASP F 337 -61.30 58.42 -4.54
N SER F 338 -61.91 58.68 -3.37
CA SER F 338 -63.12 57.98 -2.87
C SER F 338 -64.26 58.07 -3.89
N ALA F 339 -64.31 59.17 -4.66
CA ALA F 339 -65.26 59.40 -5.77
C ALA F 339 -65.06 58.32 -6.84
N ALA F 340 -63.80 58.07 -7.24
CA ALA F 340 -63.39 57.10 -8.29
C ALA F 340 -63.70 55.67 -7.84
N ILE F 341 -63.52 55.38 -6.55
CA ILE F 341 -63.76 54.04 -5.91
C ILE F 341 -65.28 53.78 -5.83
N GLU F 342 -65.99 54.49 -4.96
CA GLU F 342 -67.46 54.33 -4.71
C GLU F 342 -68.19 54.29 -6.06
N SER F 343 -67.71 55.09 -7.01
CA SER F 343 -68.18 55.15 -8.43
C SER F 343 -68.02 53.77 -9.09
N ARG F 344 -66.84 53.15 -8.99
CA ARG F 344 -66.54 51.81 -9.56
C ARG F 344 -67.42 50.76 -8.86
N VAL F 345 -67.54 50.82 -7.53
CA VAL F 345 -68.48 49.96 -6.74
C VAL F 345 -69.89 50.15 -7.31
N GLY F 346 -70.23 51.38 -7.71
CA GLY F 346 -71.46 51.71 -8.46
C GLY F 346 -71.65 50.79 -9.68
N GLN F 347 -70.67 50.74 -10.58
CA GLN F 347 -70.73 49.95 -11.85
C GLN F 347 -70.98 48.47 -11.52
N ILE F 348 -70.26 47.97 -10.50
CA ILE F 348 -70.30 46.55 -10.05
C ILE F 348 -71.61 46.32 -9.26
N LYS F 349 -72.13 47.34 -8.58
CA LYS F 349 -73.44 47.29 -7.89
C LYS F 349 -74.54 46.95 -8.91
N THR F 350 -74.56 47.65 -10.06
CA THR F 350 -75.55 47.44 -11.17
C THR F 350 -74.96 46.49 -12.23
N GLN F 351 -73.97 45.68 -11.86
CA GLN F 351 -73.54 44.50 -12.65
C GLN F 351 -74.11 43.25 -11.97
N ILE F 352 -74.39 43.35 -10.67
CA ILE F 352 -75.10 42.32 -9.84
C ILE F 352 -76.58 42.31 -10.24
N GLU F 353 -77.07 43.41 -10.82
CA GLU F 353 -78.46 43.55 -11.33
C GLU F 353 -78.49 43.27 -12.84
N ASP F 354 -77.56 42.45 -13.36
CA ASP F 354 -77.46 42.12 -14.82
C ASP F 354 -76.90 40.70 -15.03
N THR F 355 -76.92 39.84 -14.01
CA THR F 355 -76.50 38.41 -14.10
C THR F 355 -77.58 37.52 -13.47
N SER F 356 -78.19 36.64 -14.29
CA SER F 356 -79.12 35.55 -13.88
C SER F 356 -78.29 34.30 -13.55
N SER F 357 -77.06 34.51 -13.07
CA SER F 357 -75.93 33.54 -13.10
C SER F 357 -75.33 33.39 -11.69
N ASP F 358 -76.08 32.74 -10.79
CA ASP F 358 -75.81 32.66 -9.32
C ASP F 358 -74.33 32.88 -9.01
N TYR F 359 -73.41 32.15 -9.65
CA TYR F 359 -71.94 32.16 -9.36
C TYR F 359 -71.26 33.42 -9.94
N ASP F 360 -71.47 33.72 -11.23
CA ASP F 360 -70.90 34.92 -11.91
C ASP F 360 -71.29 36.19 -11.13
N ARG F 361 -72.35 36.11 -10.33
CA ARG F 361 -72.78 37.14 -9.33
C ARG F 361 -71.71 37.27 -8.24
N GLU F 362 -71.29 36.15 -7.63
CA GLU F 362 -70.35 36.15 -6.48
C GLU F 362 -69.02 36.78 -6.91
N LYS F 363 -68.50 36.36 -8.08
CA LYS F 363 -67.21 36.83 -8.64
C LYS F 363 -67.21 38.37 -8.66
N LEU F 364 -68.39 38.99 -8.70
CA LEU F 364 -68.59 40.47 -8.65
C LEU F 364 -68.77 40.95 -7.21
N GLN F 365 -69.49 40.20 -6.37
CA GLN F 365 -69.70 40.53 -4.93
C GLN F 365 -68.40 40.30 -4.15
N GLU F 366 -67.47 39.54 -4.74
CA GLU F 366 -66.07 39.34 -4.23
C GLU F 366 -65.22 40.59 -4.49
N ARG F 367 -65.61 41.44 -5.44
CA ARG F 367 -64.86 42.67 -5.83
C ARG F 367 -65.40 43.89 -5.05
N VAL F 368 -66.72 43.98 -4.84
CA VAL F 368 -67.35 45.04 -4.00
C VAL F 368 -66.88 44.83 -2.56
N ALA F 369 -66.77 43.57 -2.13
CA ALA F 369 -66.19 43.19 -0.82
C ALA F 369 -64.79 43.81 -0.68
N LYS F 370 -64.00 43.84 -1.76
CA LYS F 370 -62.59 44.34 -1.76
C LYS F 370 -62.58 45.88 -1.67
N LEU F 371 -63.21 46.56 -2.62
CA LEU F 371 -63.23 48.05 -2.74
C LEU F 371 -63.96 48.67 -1.54
N ALA F 372 -65.18 48.22 -1.22
CA ALA F 372 -65.99 48.72 -0.08
C ALA F 372 -65.35 48.34 1.26
N GLY F 373 -64.50 47.31 1.29
CA GLY F 373 -64.07 46.63 2.52
C GLY F 373 -63.04 47.43 3.30
N GLY F 374 -62.02 47.92 2.59
CA GLY F 374 -60.83 48.52 3.22
C GLY F 374 -60.03 47.48 3.98
N VAL F 375 -59.18 47.92 4.92
CA VAL F 375 -58.05 47.10 5.49
C VAL F 375 -57.81 47.49 6.94
N ALA F 376 -58.28 46.69 7.92
CA ALA F 376 -58.04 46.91 9.37
C ALA F 376 -56.52 46.91 9.65
N VAL F 377 -56.02 47.98 10.27
CA VAL F 377 -54.56 48.19 10.50
C VAL F 377 -54.31 48.21 12.00
N ILE F 378 -53.75 47.14 12.55
CA ILE F 378 -53.30 47.11 13.97
C ILE F 378 -51.88 47.66 13.97
N LYS F 379 -51.70 48.92 14.35
CA LYS F 379 -50.36 49.54 14.60
C LYS F 379 -49.91 49.17 16.01
N VAL F 380 -48.76 48.52 16.15
CA VAL F 380 -48.28 47.90 17.43
C VAL F 380 -47.31 48.87 18.11
N GLY F 381 -47.62 49.29 19.35
CA GLY F 381 -46.86 50.27 20.14
C GLY F 381 -45.53 49.73 20.61
N ALA F 382 -45.46 49.26 21.87
CA ALA F 382 -44.26 48.57 22.40
C ALA F 382 -43.52 49.45 23.41
N SER F 383 -42.76 50.39 22.85
CA SER F 383 -41.75 51.29 23.47
C SER F 383 -40.43 50.54 23.61
N THR F 384 -39.35 51.31 23.71
CA THR F 384 -37.95 50.79 23.74
C THR F 384 -37.76 49.89 22.53
N GLU F 385 -38.11 50.46 21.37
CA GLU F 385 -38.10 49.84 20.01
C GLU F 385 -37.96 48.33 20.05
N ILE F 386 -36.73 47.83 19.87
CA ILE F 386 -36.47 46.37 19.71
C ILE F 386 -37.54 45.56 20.47
N GLU F 387 -38.20 46.16 21.47
CA GLU F 387 -39.35 45.54 22.20
C GLU F 387 -40.62 45.61 21.35
N MET F 388 -40.61 46.45 20.30
CA MET F 388 -41.69 46.59 19.27
C MET F 388 -41.57 45.48 18.22
N LYS F 389 -40.38 44.96 17.96
CA LYS F 389 -40.14 43.96 16.88
C LYS F 389 -40.50 42.56 17.40
N GLU F 390 -40.19 42.26 18.67
CA GLU F 390 -40.74 41.10 19.44
C GLU F 390 -42.27 41.12 19.29
N LYS F 391 -42.88 42.26 19.65
CA LYS F 391 -44.35 42.43 19.82
C LYS F 391 -45.04 42.48 18.44
N LYS F 392 -44.31 42.78 17.37
CA LYS F 392 -44.84 42.71 15.98
C LYS F 392 -45.19 41.24 15.68
N ALA F 393 -44.27 40.31 15.98
CA ALA F 393 -44.37 38.87 15.67
C ALA F 393 -45.49 38.22 16.50
N ARG F 394 -45.54 38.49 17.83
CA ARG F 394 -46.56 37.94 18.75
C ARG F 394 -47.97 38.17 18.19
N VAL F 395 -48.23 39.40 17.72
CA VAL F 395 -49.52 39.84 17.11
C VAL F 395 -49.75 39.07 15.82
N GLU F 396 -48.89 39.28 14.82
CA GLU F 396 -48.95 38.62 13.48
C GLU F 396 -49.41 37.17 13.64
N ASP F 397 -48.91 36.48 14.67
CA ASP F 397 -49.15 35.02 14.89
C ASP F 397 -50.42 34.81 15.74
N ALA F 398 -50.69 35.69 16.70
CA ALA F 398 -51.93 35.66 17.53
C ALA F 398 -53.14 36.03 16.67
N LEU F 399 -52.91 36.67 15.52
CA LEU F 399 -53.96 36.98 14.51
C LEU F 399 -54.19 35.74 13.63
N HIS F 400 -53.10 35.12 13.16
CA HIS F 400 -53.10 33.85 12.38
C HIS F 400 -53.99 32.82 13.08
N ALA F 401 -53.74 32.59 14.37
CA ALA F 401 -54.42 31.58 15.21
C ALA F 401 -55.91 31.94 15.34
N THR F 402 -56.17 33.16 15.82
CA THR F 402 -57.53 33.72 16.09
C THR F 402 -58.40 33.65 14.83
N ARG F 403 -57.82 33.85 13.64
CA ARG F 403 -58.56 33.83 12.36
C ARG F 403 -58.97 32.40 12.02
N ALA F 404 -58.02 31.46 12.09
CA ALA F 404 -58.25 30.02 11.87
C ALA F 404 -59.01 29.40 13.06
N ALA F 405 -59.16 30.14 14.17
CA ALA F 405 -59.96 29.73 15.35
C ALA F 405 -61.44 30.01 15.07
N VAL F 406 -61.77 31.23 14.64
CA VAL F 406 -63.15 31.62 14.22
C VAL F 406 -63.63 30.69 13.11
N GLU F 407 -62.70 30.20 12.28
CA GLU F 407 -63.01 29.36 11.09
C GLU F 407 -63.58 28.02 11.55
N GLU F 408 -62.81 27.27 12.35
CA GLU F 408 -63.11 25.85 12.72
C GLU F 408 -62.97 25.65 14.23
N GLY F 409 -63.05 26.72 15.03
CA GLY F 409 -62.97 26.63 16.49
C GLY F 409 -61.63 26.15 17.01
N VAL F 410 -61.58 25.84 18.31
CA VAL F 410 -60.34 25.48 19.05
C VAL F 410 -60.52 24.10 19.68
N VAL F 411 -59.41 23.37 19.82
CA VAL F 411 -59.29 22.10 20.59
C VAL F 411 -58.37 22.38 21.77
N PRO F 412 -58.25 21.47 22.76
CA PRO F 412 -57.07 21.46 23.62
C PRO F 412 -55.76 21.20 22.85
N GLY F 413 -54.63 21.59 23.44
CA GLY F 413 -53.31 21.59 22.78
C GLY F 413 -52.31 20.70 23.48
N GLY F 414 -51.04 21.12 23.53
CA GLY F 414 -49.93 20.26 23.98
C GLY F 414 -50.04 18.88 23.35
N GLY F 415 -50.55 18.83 22.12
CA GLY F 415 -50.77 17.60 21.34
C GLY F 415 -51.66 16.58 22.05
N VAL F 416 -52.64 17.03 22.84
CA VAL F 416 -53.60 16.14 23.58
C VAL F 416 -54.86 15.92 22.73
N ALA F 417 -55.23 16.87 21.85
CA ALA F 417 -56.43 16.77 20.99
C ALA F 417 -56.27 15.63 19.97
N LEU F 418 -55.04 15.36 19.54
CA LEU F 418 -54.74 14.25 18.61
C LEU F 418 -54.94 12.90 19.31
N VAL F 419 -54.71 12.81 20.63
CA VAL F 419 -54.84 11.52 21.39
C VAL F 419 -56.29 11.33 21.83
N ARG F 420 -56.94 12.39 22.31
CA ARG F 420 -58.41 12.43 22.58
C ARG F 420 -59.16 11.82 21.39
N ALA F 421 -58.70 12.06 20.16
CA ALA F 421 -59.28 11.57 18.89
C ALA F 421 -58.85 10.13 18.60
N LEU F 422 -57.58 9.77 18.87
CA LEU F 422 -57.08 8.37 18.83
C LEU F 422 -58.03 7.44 19.56
N VAL F 423 -58.23 7.77 20.84
CA VAL F 423 -58.93 6.93 21.87
C VAL F 423 -60.40 6.76 21.46
N ALA F 424 -60.96 7.74 20.76
CA ALA F 424 -62.37 7.74 20.32
C ALA F 424 -62.46 7.32 18.84
N VAL F 425 -61.83 6.20 18.49
CA VAL F 425 -62.09 5.43 17.22
C VAL F 425 -61.74 3.96 17.46
N GLY F 426 -60.60 3.69 18.10
CA GLY F 426 -60.28 2.40 18.76
C GLY F 426 -60.37 1.22 17.81
N ASN F 427 -61.14 0.18 18.18
CA ASN F 427 -61.31 -1.05 17.36
C ASN F 427 -61.87 -0.69 15.98
N LEU F 428 -61.16 0.17 15.23
CA LEU F 428 -61.45 0.47 13.81
C LEU F 428 -60.62 -0.49 12.97
N THR F 429 -61.21 -0.98 11.89
CA THR F 429 -60.75 -2.15 11.11
C THR F 429 -61.02 -1.86 9.63
N GLY F 430 -60.39 -2.60 8.72
CA GLY F 430 -60.35 -2.28 7.28
C GLY F 430 -60.97 -3.38 6.45
N ALA F 431 -60.54 -3.48 5.19
CA ALA F 431 -60.96 -4.55 4.25
C ALA F 431 -60.23 -5.86 4.61
N ASN F 432 -59.03 -5.75 5.17
CA ASN F 432 -58.10 -6.90 5.36
C ASN F 432 -57.00 -6.53 6.37
N GLU F 433 -56.04 -7.44 6.56
CA GLU F 433 -55.05 -7.36 7.66
C GLU F 433 -53.96 -6.36 7.29
N ASP F 434 -53.69 -6.20 5.98
CA ASP F 434 -52.70 -5.21 5.46
C ASP F 434 -53.25 -3.80 5.68
N GLN F 435 -54.57 -3.60 5.54
CA GLN F 435 -55.27 -2.30 5.75
C GLN F 435 -55.37 -2.01 7.25
N THR F 436 -56.00 -2.90 8.02
CA THR F 436 -56.12 -2.77 9.49
C THR F 436 -54.76 -2.34 10.05
N HIS F 437 -53.64 -2.92 9.58
CA HIS F 437 -52.28 -2.57 10.06
C HIS F 437 -52.03 -1.08 9.75
N GLY F 438 -52.22 -0.65 8.50
CA GLY F 438 -52.22 0.77 8.12
C GLY F 438 -52.95 1.63 9.14
N ILE F 439 -54.16 1.23 9.52
CA ILE F 439 -55.03 1.93 10.52
C ILE F 439 -54.32 1.98 11.88
N GLN F 440 -53.69 0.88 12.31
CA GLN F 440 -53.00 0.80 13.63
C GLN F 440 -51.76 1.72 13.62
N ILE F 441 -51.07 1.90 12.48
CA ILE F 441 -49.82 2.73 12.42
C ILE F 441 -50.18 4.22 12.54
N ALA F 442 -51.28 4.63 11.91
CA ALA F 442 -51.76 6.03 11.92
C ALA F 442 -52.28 6.38 13.32
N LEU F 443 -52.88 5.41 14.03
CA LEU F 443 -53.41 5.59 15.41
C LEU F 443 -52.25 5.62 16.40
N ARG F 444 -51.15 4.93 16.12
CA ARG F 444 -49.92 5.02 16.97
C ARG F 444 -49.27 6.38 16.69
N ALA F 445 -49.32 6.84 15.43
CA ALA F 445 -48.61 8.05 14.94
C ALA F 445 -49.13 9.34 15.61
N MET F 446 -50.39 9.36 16.10
CA MET F 446 -51.02 10.57 16.69
C MET F 446 -50.56 10.76 18.15
N GLU F 447 -50.07 9.69 18.79
CA GLU F 447 -49.38 9.78 20.11
C GLU F 447 -48.16 10.68 19.96
N ALA F 448 -47.46 10.62 18.81
CA ALA F 448 -46.13 11.23 18.57
C ALA F 448 -46.05 12.67 19.12
N PRO F 449 -46.83 13.64 18.59
CA PRO F 449 -46.88 15.00 19.15
C PRO F 449 -46.73 15.16 20.68
N LEU F 450 -47.64 14.55 21.46
CA LEU F 450 -47.59 14.58 22.95
C LEU F 450 -46.27 13.93 23.41
N ARG F 451 -46.01 12.72 22.92
CA ARG F 451 -44.85 11.87 23.31
C ARG F 451 -43.56 12.70 23.22
N GLU F 452 -43.36 13.41 22.10
CA GLU F 452 -42.16 14.25 21.89
C GLU F 452 -42.19 15.46 22.82
N ILE F 453 -43.38 16.04 23.06
CA ILE F 453 -43.60 17.23 23.94
C ILE F 453 -43.20 16.88 25.38
N VAL F 454 -43.30 15.60 25.76
CA VAL F 454 -42.91 15.09 27.11
C VAL F 454 -41.41 14.77 27.12
N ALA F 455 -40.93 14.06 26.09
CA ALA F 455 -39.53 13.58 25.93
C ALA F 455 -38.55 14.75 26.00
N ASN F 456 -38.97 15.93 25.51
CA ASN F 456 -38.20 17.20 25.60
C ASN F 456 -38.19 17.70 27.05
N ALA F 457 -39.35 17.68 27.71
CA ALA F 457 -39.51 18.00 29.15
C ALA F 457 -38.72 17.00 30.00
N GLY F 458 -38.49 15.79 29.48
CA GLY F 458 -37.61 14.79 30.12
C GLY F 458 -38.33 13.98 31.18
N GLU F 459 -39.63 13.71 30.98
CA GLU F 459 -40.41 12.69 31.74
C GLU F 459 -40.55 11.44 30.88
N GLU F 460 -40.95 10.31 31.47
CA GLU F 460 -41.28 9.06 30.71
C GLU F 460 -42.56 9.33 29.94
N PRO F 461 -42.54 9.33 28.59
CA PRO F 461 -43.68 9.80 27.80
C PRO F 461 -44.81 8.77 27.66
N SER F 462 -44.48 7.49 27.79
CA SER F 462 -45.46 6.36 27.71
C SER F 462 -46.38 6.37 28.94
N VAL F 463 -45.83 6.73 30.10
CA VAL F 463 -46.55 6.92 31.39
C VAL F 463 -47.59 8.04 31.23
N ILE F 464 -47.13 9.22 30.81
CA ILE F 464 -47.89 10.50 30.83
C ILE F 464 -48.97 10.49 29.74
N LEU F 465 -48.70 9.84 28.61
CA LEU F 465 -49.67 9.72 27.48
C LEU F 465 -50.81 8.78 27.90
N ASN F 466 -50.45 7.61 28.42
CA ASN F 466 -51.40 6.62 28.99
C ASN F 466 -52.31 7.31 30.02
N LYS F 467 -51.75 8.21 30.83
CA LYS F 467 -52.47 8.91 31.93
C LYS F 467 -53.50 9.90 31.33
N VAL F 468 -53.21 10.45 30.13
CA VAL F 468 -54.12 11.38 29.40
C VAL F 468 -55.23 10.57 28.71
N LYS F 469 -54.98 9.30 28.38
CA LYS F 469 -55.96 8.45 27.67
C LYS F 469 -57.05 8.00 28.64
N GLU F 470 -56.67 7.79 29.90
CA GLU F 470 -57.59 7.36 31.00
C GLU F 470 -58.45 8.56 31.45
N GLY F 471 -58.02 9.79 31.19
CA GLY F 471 -58.84 11.01 31.38
C GLY F 471 -59.83 11.17 30.24
N THR F 472 -60.63 12.24 30.25
CA THR F 472 -61.64 12.52 29.18
C THR F 472 -61.91 14.02 29.03
N GLY F 473 -62.54 14.36 27.91
CA GLY F 473 -62.90 15.73 27.51
C GLY F 473 -61.66 16.59 27.34
N ASN F 474 -61.34 17.39 28.36
CA ASN F 474 -60.25 18.40 28.32
C ASN F 474 -59.08 18.00 29.22
N TYR F 475 -59.11 16.81 29.81
CA TYR F 475 -57.95 16.31 30.60
C TYR F 475 -56.76 16.24 29.64
N GLY F 476 -55.63 16.78 30.12
CA GLY F 476 -54.31 16.71 29.47
C GLY F 476 -53.21 17.06 30.45
N TYR F 477 -51.95 16.99 30.00
CA TYR F 477 -50.72 17.33 30.76
C TYR F 477 -50.22 18.69 30.27
N ASN F 478 -49.88 19.58 31.19
CA ASN F 478 -49.27 20.90 30.88
C ASN F 478 -47.74 20.77 31.01
N ALA F 479 -47.08 20.31 29.95
CA ALA F 479 -45.62 20.07 29.92
C ALA F 479 -44.88 21.21 30.63
N ALA F 480 -45.39 22.44 30.50
CA ALA F 480 -44.72 23.71 30.88
C ALA F 480 -44.49 23.84 32.40
N ASN F 481 -45.26 23.13 33.25
CA ASN F 481 -45.05 23.15 34.73
C ASN F 481 -45.03 21.71 35.30
N GLY F 482 -45.74 20.75 34.68
CA GLY F 482 -45.77 19.34 35.10
C GLY F 482 -47.12 18.94 35.71
N GLU F 483 -48.12 19.80 35.62
CA GLU F 483 -49.48 19.58 36.17
C GLU F 483 -50.34 18.81 35.15
N PHE F 484 -51.19 17.89 35.62
CA PHE F 484 -52.32 17.31 34.86
C PHE F 484 -53.60 18.11 35.18
N GLY F 485 -54.31 18.62 34.17
CA GLY F 485 -55.55 19.39 34.37
C GLY F 485 -56.32 19.66 33.10
N ASP F 486 -57.39 20.47 33.20
CA ASP F 486 -58.25 20.91 32.07
C ASP F 486 -57.45 21.89 31.21
N MET F 487 -56.90 21.39 30.09
CA MET F 487 -55.99 22.12 29.18
C MET F 487 -56.54 23.52 28.87
N VAL F 488 -57.87 23.64 28.73
CA VAL F 488 -58.55 24.89 28.28
C VAL F 488 -58.57 25.90 29.43
N GLU F 489 -58.66 25.46 30.69
CA GLU F 489 -58.64 26.37 31.87
C GLU F 489 -57.19 26.76 32.20
N PHE F 490 -56.21 25.97 31.76
CA PHE F 490 -54.77 26.33 31.79
C PHE F 490 -54.48 27.38 30.70
N GLY F 491 -55.39 27.51 29.72
CA GLY F 491 -55.24 28.41 28.57
C GLY F 491 -54.29 27.85 27.52
N ILE F 492 -54.45 26.56 27.20
CA ILE F 492 -53.60 25.84 26.22
C ILE F 492 -54.52 25.17 25.19
N LEU F 493 -54.45 25.62 23.93
CA LEU F 493 -55.35 25.11 22.88
C LEU F 493 -54.83 25.50 21.49
N ASP F 494 -54.66 24.52 20.60
CA ASP F 494 -54.37 24.73 19.17
C ASP F 494 -55.66 25.21 18.50
N PRO F 495 -55.62 25.94 17.36
CA PRO F 495 -56.78 26.06 16.49
C PRO F 495 -57.11 24.66 15.94
N THR F 496 -58.37 24.40 15.62
CA THR F 496 -58.78 23.12 15.03
C THR F 496 -58.14 23.01 13.65
N LYS F 497 -58.16 24.09 12.86
CA LYS F 497 -57.71 24.09 11.43
C LYS F 497 -56.28 23.54 11.33
N VAL F 498 -55.39 23.90 12.27
CA VAL F 498 -53.94 23.53 12.21
C VAL F 498 -53.80 22.04 12.49
N THR F 499 -54.39 21.57 13.60
CA THR F 499 -54.30 20.13 14.02
C THR F 499 -54.77 19.26 12.85
N ARG F 500 -55.96 19.56 12.33
CA ARG F 500 -56.54 18.94 11.10
C ARG F 500 -55.50 18.99 9.95
N SER F 501 -55.18 20.19 9.44
CA SER F 501 -54.23 20.41 8.32
C SER F 501 -52.97 19.57 8.52
N ALA F 502 -52.36 19.66 9.71
CA ALA F 502 -51.09 18.99 10.04
C ALA F 502 -51.25 17.47 9.85
N LEU F 503 -52.28 16.89 10.48
CA LEU F 503 -52.55 15.43 10.46
C LEU F 503 -52.86 14.97 9.03
N GLN F 504 -53.70 15.72 8.30
CA GLN F 504 -54.06 15.43 6.89
C GLN F 504 -52.81 15.47 6.00
N ASN F 505 -52.09 16.59 6.01
CA ASN F 505 -50.82 16.78 5.25
C ASN F 505 -49.84 15.66 5.56
N ALA F 506 -49.55 15.42 6.84
CA ALA F 506 -48.55 14.42 7.29
C ALA F 506 -48.86 13.08 6.62
N ALA F 507 -50.12 12.64 6.71
CA ALA F 507 -50.56 11.34 6.16
C ALA F 507 -50.53 11.38 4.64
N SER F 508 -50.75 12.55 4.06
CA SER F 508 -50.70 12.78 2.60
C SER F 508 -49.36 12.26 2.06
N ILE F 509 -48.24 12.90 2.42
CA ILE F 509 -46.89 12.53 1.90
C ILE F 509 -46.57 11.08 2.28
N ALA F 510 -46.82 10.69 3.54
CA ALA F 510 -46.54 9.33 4.05
C ALA F 510 -47.13 8.28 3.09
N GLY F 511 -48.33 8.52 2.57
CA GLY F 511 -48.97 7.69 1.54
C GLY F 511 -48.14 7.59 0.28
N LEU F 512 -47.65 8.72 -0.24
CA LEU F 512 -46.82 8.81 -1.48
C LEU F 512 -45.46 8.11 -1.25
N MET F 513 -44.88 8.31 -0.07
CA MET F 513 -43.56 7.74 0.33
C MET F 513 -43.67 6.22 0.37
N ILE F 514 -44.56 5.67 1.20
CA ILE F 514 -44.86 4.21 1.24
C ILE F 514 -44.90 3.64 -0.19
N THR F 515 -45.60 4.30 -1.12
CA THR F 515 -45.94 3.78 -2.47
C THR F 515 -44.98 4.32 -3.54
N THR F 516 -43.79 4.77 -3.15
CA THR F 516 -42.67 5.08 -4.10
C THR F 516 -41.95 3.77 -4.44
N GLU F 517 -41.42 3.64 -5.66
CA GLU F 517 -40.67 2.42 -6.07
C GLU F 517 -39.46 2.75 -6.95
N ALA F 518 -39.09 4.01 -7.14
CA ALA F 518 -37.91 4.40 -7.95
C ALA F 518 -37.66 5.90 -7.83
N MET F 519 -36.41 6.29 -7.62
CA MET F 519 -35.98 7.72 -7.61
C MET F 519 -34.91 7.97 -8.67
N VAL F 520 -34.90 9.19 -9.22
CA VAL F 520 -33.98 9.58 -10.30
C VAL F 520 -33.27 10.85 -9.83
N ALA F 521 -31.96 10.77 -9.58
CA ALA F 521 -31.14 11.92 -9.11
C ALA F 521 -29.98 12.15 -10.07
N ASP F 522 -29.53 13.40 -10.22
CA ASP F 522 -28.31 13.72 -11.00
C ASP F 522 -27.13 13.05 -10.28
N ALA F 523 -26.08 12.70 -11.03
CA ALA F 523 -24.90 11.92 -10.55
C ALA F 523 -24.03 12.79 -9.65
N PRO F 524 -23.41 12.22 -8.58
CA PRO F 524 -22.17 12.75 -8.05
C PRO F 524 -21.15 13.15 -9.13
N LYS F 525 -21.07 12.42 -10.25
CA LYS F 525 -20.27 12.79 -11.45
C LYS F 525 -21.01 13.87 -12.24
N ALA G 1 -13.17 12.20 -31.69
CA ALA G 1 -12.17 11.71 -30.68
C ALA G 1 -11.92 10.21 -30.89
N ALA G 2 -11.07 9.62 -30.04
CA ALA G 2 -10.93 8.16 -29.92
C ALA G 2 -12.31 7.58 -29.59
N LYS G 3 -12.51 6.29 -29.85
CA LYS G 3 -13.82 5.60 -29.67
C LYS G 3 -13.61 4.35 -28.82
N ASP G 4 -14.53 4.11 -27.89
CA ASP G 4 -14.83 2.76 -27.33
C ASP G 4 -15.69 2.05 -28.39
N ILE G 5 -15.19 0.97 -29.00
CA ILE G 5 -16.02 0.17 -29.96
C ILE G 5 -16.06 -1.28 -29.46
N ARG G 6 -17.25 -1.74 -29.07
CA ARG G 6 -17.45 -3.06 -28.44
C ARG G 6 -18.25 -3.96 -29.39
N PHE G 7 -18.15 -5.27 -29.22
CA PHE G 7 -18.65 -6.29 -30.17
C PHE G 7 -19.53 -7.34 -29.47
N GLY G 8 -20.53 -7.84 -30.20
CA GLY G 8 -21.28 -9.07 -29.89
C GLY G 8 -21.93 -9.05 -28.53
N GLU G 9 -21.40 -9.87 -27.61
CA GLU G 9 -22.04 -10.16 -26.29
C GLU G 9 -21.90 -8.95 -25.39
N ASP G 10 -20.68 -8.53 -25.04
CA ASP G 10 -20.46 -7.46 -24.03
C ASP G 10 -21.11 -6.16 -24.54
N ALA G 11 -21.21 -5.99 -25.87
CA ALA G 11 -21.94 -4.88 -26.51
C ALA G 11 -23.43 -4.97 -26.14
N ARG G 12 -24.04 -6.13 -26.41
CA ARG G 12 -25.50 -6.36 -26.28
C ARG G 12 -25.93 -6.35 -24.81
N THR G 13 -25.15 -6.99 -23.93
CA THR G 13 -25.44 -7.08 -22.46
C THR G 13 -25.59 -5.69 -21.88
N ARG G 14 -24.74 -4.76 -22.31
CA ARG G 14 -24.77 -3.36 -21.82
C ARG G 14 -25.98 -2.65 -22.43
N MET G 15 -26.37 -2.97 -23.66
CA MET G 15 -27.62 -2.44 -24.24
C MET G 15 -28.80 -2.96 -23.39
N VAL G 16 -28.83 -4.26 -23.12
CA VAL G 16 -29.92 -4.88 -22.29
C VAL G 16 -29.90 -4.23 -20.90
N ARG G 17 -28.73 -4.10 -20.25
CA ARG G 17 -28.64 -3.56 -18.87
C ARG G 17 -29.22 -2.14 -18.87
N GLY G 18 -29.23 -1.49 -20.03
CA GLY G 18 -29.65 -0.08 -20.20
C GLY G 18 -31.16 0.03 -20.37
N VAL G 19 -31.76 -0.83 -21.20
CA VAL G 19 -33.24 -0.81 -21.38
C VAL G 19 -33.84 -1.26 -20.04
N ASN G 20 -33.27 -2.29 -19.41
CA ASN G 20 -33.76 -2.83 -18.12
C ASN G 20 -33.86 -1.69 -17.09
N VAL G 21 -32.78 -0.94 -16.94
CA VAL G 21 -32.75 0.24 -16.02
C VAL G 21 -33.96 1.12 -16.36
N LEU G 22 -34.13 1.50 -17.63
CA LEU G 22 -35.23 2.41 -18.05
C LEU G 22 -36.56 1.72 -17.74
N ALA G 23 -36.86 0.63 -18.45
CA ALA G 23 -38.12 -0.15 -18.33
C ALA G 23 -38.53 -0.23 -16.87
N ASN G 24 -37.71 -0.86 -16.03
CA ASN G 24 -38.01 -1.16 -14.60
C ASN G 24 -38.62 0.07 -13.92
N ALA G 25 -38.01 1.25 -14.08
CA ALA G 25 -38.49 2.55 -13.56
C ALA G 25 -39.88 2.85 -14.13
N VAL G 26 -39.93 2.95 -15.47
CA VAL G 26 -41.12 3.36 -16.27
C VAL G 26 -42.26 2.44 -15.87
N LYS G 27 -41.99 1.14 -15.82
CA LYS G 27 -43.01 0.05 -15.70
C LYS G 27 -43.70 0.08 -14.32
N ALA G 28 -43.08 0.68 -13.29
CA ALA G 28 -43.65 0.83 -11.92
C ALA G 28 -44.87 1.76 -11.89
N THR G 29 -45.11 2.49 -12.98
CA THR G 29 -46.19 3.51 -13.06
C THR G 29 -47.42 2.92 -13.75
N LEU G 30 -47.31 1.70 -14.28
CA LEU G 30 -48.32 1.15 -15.23
C LEU G 30 -49.57 0.69 -14.48
N GLY G 31 -50.72 1.24 -14.85
CA GLY G 31 -52.04 0.75 -14.41
C GLY G 31 -52.65 1.57 -13.28
N PRO G 32 -53.80 1.13 -12.74
CA PRO G 32 -54.54 1.88 -11.72
C PRO G 32 -53.83 1.81 -10.37
N LYS G 33 -53.17 0.69 -10.06
CA LYS G 33 -52.43 0.52 -8.77
C LYS G 33 -50.93 0.72 -9.04
N GLY G 34 -50.62 1.62 -9.99
CA GLY G 34 -49.26 2.12 -10.27
C GLY G 34 -48.64 2.74 -9.04
N ARG G 35 -47.31 2.89 -9.08
CA ARG G 35 -46.50 3.39 -7.93
C ARG G 35 -45.84 4.71 -8.35
N ASN G 36 -45.71 5.64 -7.41
CA ASN G 36 -45.04 6.95 -7.64
C ASN G 36 -43.56 6.74 -7.99
N VAL G 37 -42.99 7.70 -8.72
CA VAL G 37 -41.54 7.74 -9.07
C VAL G 37 -41.06 9.17 -8.79
N VAL G 38 -40.24 9.36 -7.75
CA VAL G 38 -39.69 10.69 -7.34
C VAL G 38 -38.65 11.11 -8.40
N LEU G 39 -38.71 12.38 -8.84
CA LEU G 39 -37.71 12.94 -9.79
C LEU G 39 -37.13 14.22 -9.17
N GLU G 40 -35.80 14.25 -9.01
CA GLU G 40 -35.01 15.44 -8.56
C GLU G 40 -35.31 16.64 -9.47
N LYS G 41 -35.52 17.82 -8.85
CA LYS G 41 -35.61 19.14 -9.54
C LYS G 41 -34.35 19.94 -9.18
N SER G 42 -33.76 20.63 -10.17
CA SER G 42 -32.52 21.45 -10.02
C SER G 42 -32.64 22.35 -8.78
N PHE G 43 -33.54 23.33 -8.80
CA PHE G 43 -33.88 24.17 -7.63
C PHE G 43 -35.23 23.69 -7.07
N GLY G 44 -35.27 23.40 -5.76
CA GLY G 44 -36.50 23.13 -5.01
C GLY G 44 -36.76 21.64 -4.82
N ALA G 45 -38.03 21.29 -4.58
CA ALA G 45 -38.48 19.95 -4.13
C ALA G 45 -38.62 19.00 -5.32
N PRO G 46 -38.60 17.67 -5.10
CA PRO G 46 -38.81 16.71 -6.17
C PRO G 46 -40.26 16.68 -6.68
N THR G 47 -40.42 16.35 -7.96
CA THR G 47 -41.70 15.89 -8.57
C THR G 47 -41.93 14.43 -8.14
N ILE G 48 -43.14 14.10 -7.70
CA ILE G 48 -43.61 12.70 -7.44
C ILE G 48 -44.68 12.37 -8.47
N THR G 49 -44.50 11.36 -9.32
CA THR G 49 -45.33 11.14 -10.54
C THR G 49 -45.63 9.66 -10.78
N LYS G 50 -46.87 9.36 -11.22
CA LYS G 50 -47.31 8.01 -11.69
C LYS G 50 -47.32 8.01 -13.24
N ASP G 51 -46.55 8.93 -13.83
CA ASP G 51 -46.61 9.26 -15.27
C ASP G 51 -45.40 8.66 -15.99
N GLY G 52 -45.64 7.58 -16.72
CA GLY G 52 -44.67 6.93 -17.62
C GLY G 52 -43.76 7.94 -18.30
N VAL G 53 -44.32 8.86 -19.10
CA VAL G 53 -43.51 9.68 -20.05
C VAL G 53 -42.66 10.69 -19.26
N SER G 54 -43.21 11.29 -18.21
CA SER G 54 -42.45 12.13 -17.26
C SER G 54 -41.16 11.42 -16.85
N VAL G 55 -41.28 10.15 -16.48
CA VAL G 55 -40.13 9.31 -16.02
C VAL G 55 -39.23 8.99 -17.22
N ALA G 56 -39.79 8.54 -18.33
CA ALA G 56 -39.05 8.15 -19.57
C ALA G 56 -38.21 9.32 -20.11
N LYS G 57 -38.78 10.52 -20.05
CA LYS G 57 -38.18 11.82 -20.47
C LYS G 57 -36.83 12.02 -19.77
N GLU G 58 -36.71 11.55 -18.52
CA GLU G 58 -35.68 11.98 -17.54
C GLU G 58 -34.51 10.99 -17.43
N ILE G 59 -34.46 9.93 -18.24
CA ILE G 59 -33.46 8.84 -18.08
C ILE G 59 -32.36 8.98 -19.14
N GLU G 60 -31.20 9.49 -18.72
CA GLU G 60 -29.88 9.32 -19.37
C GLU G 60 -29.02 8.51 -18.41
N LEU G 61 -28.13 7.64 -18.91
CA LEU G 61 -27.19 6.83 -18.07
C LEU G 61 -25.74 7.24 -18.36
N ALA G 62 -24.90 7.26 -17.32
CA ALA G 62 -23.44 7.50 -17.37
C ALA G 62 -22.80 6.60 -18.44
N ASP G 63 -22.92 5.27 -18.30
CA ASP G 63 -22.27 4.27 -19.21
C ASP G 63 -22.76 4.51 -20.65
N LYS G 64 -21.82 4.75 -21.57
CA LYS G 64 -22.10 5.29 -22.93
C LYS G 64 -22.96 4.28 -23.72
N PHE G 65 -22.85 2.99 -23.41
CA PHE G 65 -23.50 1.88 -24.18
C PHE G 65 -24.86 1.51 -23.59
N GLU G 66 -24.93 1.40 -22.26
CA GLU G 66 -26.22 1.26 -21.54
C GLU G 66 -27.14 2.40 -21.99
N ASN G 67 -26.59 3.62 -22.09
CA ASN G 67 -27.38 4.84 -22.42
C ASN G 67 -28.00 4.66 -23.81
N MET G 68 -27.25 4.12 -24.76
CA MET G 68 -27.76 3.83 -26.13
C MET G 68 -28.93 2.85 -26.02
N GLY G 69 -28.74 1.76 -25.29
CA GLY G 69 -29.85 0.85 -24.92
C GLY G 69 -31.09 1.65 -24.56
N ALA G 70 -31.04 2.40 -23.45
CA ALA G 70 -32.15 3.19 -22.85
C ALA G 70 -32.71 4.23 -23.84
N GLN G 71 -31.84 4.87 -24.64
CA GLN G 71 -32.24 5.95 -25.59
C GLN G 71 -32.95 5.34 -26.80
N MET G 72 -32.42 4.25 -27.34
CA MET G 72 -33.00 3.59 -28.55
C MET G 72 -34.46 3.22 -28.28
N VAL G 73 -34.74 2.66 -27.10
CA VAL G 73 -36.10 2.17 -26.73
C VAL G 73 -36.95 3.36 -26.27
N LYS G 74 -36.33 4.45 -25.82
CA LYS G 74 -37.05 5.72 -25.51
C LYS G 74 -37.76 6.23 -26.77
N GLU G 75 -37.12 6.11 -27.95
CA GLU G 75 -37.56 6.68 -29.25
C GLU G 75 -38.88 6.04 -29.67
N VAL G 76 -38.83 4.77 -30.07
CA VAL G 76 -40.01 4.03 -30.61
C VAL G 76 -41.17 4.16 -29.62
N ALA G 77 -40.91 3.98 -28.32
CA ALA G 77 -41.95 4.03 -27.25
C ALA G 77 -42.59 5.42 -27.23
N SER G 78 -41.83 6.47 -27.53
CA SER G 78 -42.36 7.85 -27.60
C SER G 78 -43.17 8.03 -28.90
N LYS G 79 -42.73 7.42 -30.00
CA LYS G 79 -43.36 7.57 -31.36
C LYS G 79 -44.78 6.96 -31.38
N THR G 80 -45.05 5.98 -30.52
CA THR G 80 -46.40 5.38 -30.35
C THR G 80 -47.35 6.45 -29.82
N ASN G 81 -46.89 7.18 -28.80
CA ASN G 81 -47.64 8.23 -28.03
C ASN G 81 -47.88 9.47 -28.91
N ASP G 82 -46.98 9.72 -29.87
CA ASP G 82 -47.07 10.87 -30.83
C ASP G 82 -47.75 10.37 -32.12
N ASN G 83 -48.45 9.25 -32.05
CA ASN G 83 -49.26 8.63 -33.13
C ASN G 83 -50.71 8.38 -32.67
N ALA G 84 -50.92 8.12 -31.36
CA ALA G 84 -52.20 7.62 -30.79
C ALA G 84 -52.68 8.41 -29.55
N GLY G 85 -51.77 8.87 -28.67
CA GLY G 85 -52.10 9.78 -27.55
C GLY G 85 -51.59 9.29 -26.20
N ASP G 86 -51.73 7.98 -25.95
CA ASP G 86 -51.06 7.22 -24.85
C ASP G 86 -50.25 6.12 -25.54
N GLY G 87 -49.73 5.14 -24.78
CA GLY G 87 -48.99 3.98 -25.34
C GLY G 87 -47.66 3.76 -24.64
N THR G 88 -46.79 4.79 -24.61
CA THR G 88 -45.32 4.68 -24.39
C THR G 88 -44.98 3.58 -23.38
N THR G 89 -45.50 3.72 -22.17
CA THR G 89 -45.20 2.84 -21.00
C THR G 89 -45.27 1.38 -21.50
N THR G 90 -46.40 0.97 -22.08
CA THR G 90 -46.65 -0.39 -22.64
C THR G 90 -45.53 -0.78 -23.61
N ALA G 91 -45.34 0.04 -24.64
CA ALA G 91 -44.33 -0.17 -25.71
C ALA G 91 -42.95 -0.39 -25.05
N THR G 92 -42.64 0.35 -23.99
CA THR G 92 -41.41 0.15 -23.18
C THR G 92 -41.44 -1.23 -22.52
N VAL G 93 -42.56 -1.65 -21.93
CA VAL G 93 -42.61 -2.95 -21.18
C VAL G 93 -42.65 -4.08 -22.22
N LEU G 94 -43.23 -3.81 -23.38
CA LEU G 94 -43.25 -4.81 -24.49
C LEU G 94 -41.82 -4.98 -24.99
N ALA G 95 -41.09 -3.88 -25.14
CA ALA G 95 -39.72 -3.89 -25.72
C ALA G 95 -38.77 -4.54 -24.72
N GLN G 96 -38.92 -4.29 -23.42
CA GLN G 96 -38.06 -4.90 -22.37
C GLN G 96 -38.12 -6.43 -22.53
N ALA G 97 -39.34 -6.98 -22.53
CA ALA G 97 -39.63 -8.43 -22.59
C ALA G 97 -38.99 -9.06 -23.84
N LEU G 98 -39.14 -8.42 -25.01
CA LEU G 98 -38.67 -8.94 -26.32
C LEU G 98 -37.14 -8.95 -26.36
N ILE G 99 -36.50 -7.92 -25.81
CA ILE G 99 -35.02 -7.72 -25.83
C ILE G 99 -34.37 -8.64 -24.78
N ARG G 100 -35.02 -8.86 -23.64
CA ARG G 100 -34.48 -9.70 -22.54
C ARG G 100 -34.41 -11.14 -23.04
N GLU G 101 -35.57 -11.81 -23.19
CA GLU G 101 -35.68 -13.19 -23.76
C GLU G 101 -34.87 -13.25 -25.07
N GLY G 102 -35.00 -12.23 -25.90
CA GLY G 102 -34.33 -12.13 -27.21
C GLY G 102 -32.84 -12.37 -27.13
N ALA G 103 -32.14 -11.55 -26.33
CA ALA G 103 -30.66 -11.56 -26.25
C ALA G 103 -30.23 -12.88 -25.61
N LYS G 104 -30.88 -13.24 -24.50
CA LYS G 104 -30.70 -14.56 -23.83
C LYS G 104 -30.65 -15.65 -24.90
N ALA G 105 -31.58 -15.58 -25.85
CA ALA G 105 -31.73 -16.57 -26.95
C ALA G 105 -30.52 -16.50 -27.88
N VAL G 106 -30.00 -15.31 -28.17
CA VAL G 106 -28.77 -15.16 -29.02
C VAL G 106 -27.58 -15.73 -28.27
N ALA G 107 -27.42 -15.34 -27.00
CA ALA G 107 -26.35 -15.80 -26.09
C ALA G 107 -26.32 -17.34 -26.09
N ALA G 108 -27.49 -17.98 -26.13
CA ALA G 108 -27.69 -19.44 -25.98
C ALA G 108 -27.14 -20.18 -27.20
N GLY G 109 -27.20 -19.56 -28.39
CA GLY G 109 -26.67 -20.13 -29.64
C GLY G 109 -27.54 -19.87 -30.86
N MET G 110 -28.75 -19.36 -30.68
CA MET G 110 -29.77 -19.28 -31.76
C MET G 110 -29.41 -18.15 -32.75
N ASN G 111 -29.82 -18.28 -34.01
CA ASN G 111 -29.44 -17.40 -35.14
C ASN G 111 -30.15 -16.05 -34.96
N PRO G 112 -29.40 -14.95 -34.72
CA PRO G 112 -30.02 -13.63 -34.57
C PRO G 112 -31.10 -13.35 -35.62
N MET G 113 -30.75 -13.50 -36.91
CA MET G 113 -31.63 -13.11 -38.04
C MET G 113 -32.95 -13.91 -37.99
N ASP G 114 -32.89 -15.23 -37.70
CA ASP G 114 -34.10 -16.10 -37.61
C ASP G 114 -35.03 -15.61 -36.50
N LEU G 115 -34.52 -15.40 -35.29
CA LEU G 115 -35.32 -14.86 -34.15
C LEU G 115 -36.15 -13.64 -34.59
N LYS G 116 -35.56 -12.69 -35.33
CA LYS G 116 -36.32 -11.48 -35.76
C LYS G 116 -37.42 -11.88 -36.74
N ARG G 117 -37.18 -12.81 -37.66
CA ARG G 117 -38.24 -13.22 -38.61
C ARG G 117 -39.39 -13.80 -37.78
N GLY G 118 -39.06 -14.66 -36.81
CA GLY G 118 -40.03 -15.28 -35.88
C GLY G 118 -40.83 -14.24 -35.13
N ILE G 119 -40.18 -13.20 -34.60
CA ILE G 119 -40.84 -12.14 -33.79
C ILE G 119 -41.80 -11.37 -34.72
N ASP G 120 -41.29 -10.83 -35.82
CA ASP G 120 -42.05 -9.93 -36.74
C ASP G 120 -43.18 -10.73 -37.40
N GLN G 121 -43.02 -12.06 -37.53
CA GLN G 121 -44.07 -13.01 -38.06
C GLN G 121 -45.21 -13.13 -37.04
N ALA G 122 -44.86 -13.35 -35.77
CA ALA G 122 -45.79 -13.52 -34.63
C ALA G 122 -46.49 -12.21 -34.27
N VAL G 123 -45.87 -11.07 -34.60
CA VAL G 123 -46.46 -9.73 -34.33
C VAL G 123 -47.45 -9.38 -35.45
N LYS G 124 -47.17 -9.77 -36.70
CA LYS G 124 -48.10 -9.58 -37.85
C LYS G 124 -49.33 -10.48 -37.63
N ALA G 125 -49.15 -11.59 -36.92
CA ALA G 125 -50.23 -12.52 -36.53
C ALA G 125 -51.16 -11.88 -35.50
N ALA G 126 -50.63 -11.03 -34.62
CA ALA G 126 -51.30 -10.50 -33.40
C ALA G 126 -52.04 -9.18 -33.70
N VAL G 127 -51.63 -8.47 -34.75
CA VAL G 127 -52.22 -7.17 -35.19
C VAL G 127 -53.45 -7.45 -36.05
N VAL G 128 -53.44 -8.60 -36.75
CA VAL G 128 -54.61 -9.06 -37.57
C VAL G 128 -55.69 -9.61 -36.62
N GLU G 129 -55.31 -10.08 -35.42
CA GLU G 129 -56.24 -10.71 -34.43
C GLU G 129 -56.74 -9.66 -33.43
N LEU G 130 -56.11 -8.48 -33.39
CA LEU G 130 -56.50 -7.32 -32.54
C LEU G 130 -57.59 -6.53 -33.30
N LYS G 131 -57.41 -6.41 -34.62
CA LYS G 131 -58.42 -5.87 -35.57
C LYS G 131 -59.68 -6.75 -35.52
N ASN G 132 -59.49 -8.05 -35.27
CA ASN G 132 -60.57 -9.07 -35.37
C ASN G 132 -61.48 -9.01 -34.13
N ILE G 133 -60.94 -8.71 -32.95
CA ILE G 133 -61.75 -8.61 -31.71
C ILE G 133 -62.07 -7.13 -31.43
N SER G 134 -61.67 -6.22 -32.33
CA SER G 134 -61.94 -4.77 -32.23
C SER G 134 -63.44 -4.49 -32.40
N LYS G 135 -63.92 -3.43 -31.74
CA LYS G 135 -65.33 -2.97 -31.74
C LYS G 135 -65.34 -1.57 -32.35
N PRO G 136 -65.75 -1.39 -33.63
CA PRO G 136 -65.89 -0.05 -34.21
C PRO G 136 -66.86 0.83 -33.40
N THR G 137 -66.48 2.10 -33.16
CA THR G 137 -67.30 3.12 -32.45
C THR G 137 -67.53 4.34 -33.37
N THR G 138 -68.64 4.31 -34.12
CA THR G 138 -69.03 5.34 -35.13
C THR G 138 -70.33 6.03 -34.69
N ASP G 139 -71.32 5.24 -34.21
CA ASP G 139 -72.61 5.73 -33.67
C ASP G 139 -72.34 6.82 -32.62
N ASP G 140 -72.83 8.03 -32.88
CA ASP G 140 -72.46 9.31 -32.22
C ASP G 140 -72.53 9.19 -30.69
N LYS G 141 -73.49 8.42 -30.16
CA LYS G 141 -73.63 8.13 -28.70
C LYS G 141 -72.35 7.45 -28.20
N ALA G 142 -71.88 6.43 -28.92
CA ALA G 142 -70.66 5.64 -28.61
C ALA G 142 -69.42 6.54 -28.57
N ILE G 143 -69.37 7.56 -29.45
CA ILE G 143 -68.21 8.50 -29.57
C ILE G 143 -68.08 9.30 -28.26
N ALA G 144 -69.20 9.57 -27.57
CA ALA G 144 -69.24 10.38 -26.32
C ALA G 144 -68.91 9.54 -25.07
N GLN G 145 -69.01 8.20 -25.15
CA GLN G 145 -68.54 7.28 -24.07
C GLN G 145 -67.01 7.29 -24.06
N VAL G 146 -66.38 7.07 -25.22
CA VAL G 146 -64.90 7.13 -25.41
C VAL G 146 -64.39 8.45 -24.81
N GLY G 147 -65.16 9.53 -24.98
CA GLY G 147 -64.86 10.84 -24.36
C GLY G 147 -65.03 10.81 -22.85
N THR G 148 -66.20 10.38 -22.38
CA THR G 148 -66.59 10.35 -20.95
C THR G 148 -65.55 9.55 -20.15
N ILE G 149 -65.06 8.44 -20.72
CA ILE G 149 -64.10 7.49 -20.05
C ILE G 149 -62.70 8.11 -20.02
N SER G 150 -62.29 8.72 -21.13
CA SER G 150 -60.89 9.21 -21.40
C SER G 150 -60.43 10.24 -20.36
N ALA G 151 -61.35 10.98 -19.73
CA ALA G 151 -61.02 12.02 -18.72
C ALA G 151 -61.48 11.57 -17.32
N ASN G 152 -61.79 10.27 -17.15
CA ASN G 152 -62.60 9.75 -16.02
C ASN G 152 -64.06 10.17 -16.24
N SER G 153 -65.01 9.28 -15.94
CA SER G 153 -66.48 9.48 -16.08
C SER G 153 -66.83 10.97 -15.91
N ASP G 154 -66.81 11.73 -17.01
CA ASP G 154 -67.29 13.13 -17.09
C ASP G 154 -67.99 13.33 -18.44
N GLU G 155 -69.32 13.32 -18.42
CA GLU G 155 -70.19 13.38 -19.65
C GLU G 155 -70.11 14.77 -20.28
N SER G 156 -69.63 15.76 -19.50
CA SER G 156 -69.33 17.13 -19.98
C SER G 156 -68.33 17.05 -21.13
N ILE G 157 -67.11 16.59 -20.82
CA ILE G 157 -65.91 16.55 -21.71
C ILE G 157 -66.10 15.56 -22.87
N GLY G 158 -67.01 14.59 -22.74
CA GLY G 158 -67.29 13.60 -23.80
C GLY G 158 -68.34 14.09 -24.79
N ASN G 159 -69.37 14.79 -24.26
CA ASN G 159 -70.55 15.25 -25.04
C ASN G 159 -70.12 16.34 -26.03
N ILE G 160 -69.19 17.23 -25.67
CA ILE G 160 -68.76 18.33 -26.60
C ILE G 160 -67.77 17.78 -27.63
N ILE G 161 -66.90 16.82 -27.27
CA ILE G 161 -66.03 16.10 -28.25
C ILE G 161 -66.92 15.53 -29.36
N ALA G 162 -68.13 15.06 -29.00
CA ALA G 162 -69.14 14.50 -29.94
C ALA G 162 -69.80 15.64 -30.74
N GLU G 163 -70.35 16.63 -30.04
CA GLU G 163 -71.00 17.82 -30.66
C GLU G 163 -70.05 18.40 -31.71
N ALA G 164 -68.73 18.34 -31.45
CA ALA G 164 -67.65 18.91 -32.28
C ALA G 164 -67.42 18.08 -33.56
N MET G 165 -67.45 16.75 -33.46
CA MET G 165 -67.36 15.85 -34.65
C MET G 165 -68.65 15.95 -35.46
N LYS G 166 -69.76 16.35 -34.81
CA LYS G 166 -71.09 16.53 -35.47
C LYS G 166 -71.03 17.73 -36.42
N LYS G 167 -70.14 18.69 -36.14
CA LYS G 167 -69.99 19.95 -36.90
C LYS G 167 -68.98 19.77 -38.04
N VAL G 168 -67.77 19.26 -37.76
CA VAL G 168 -66.66 19.17 -38.76
C VAL G 168 -66.39 17.71 -39.19
N GLY G 169 -67.30 16.78 -38.86
CA GLY G 169 -67.19 15.37 -39.26
C GLY G 169 -66.22 14.59 -38.38
N LYS G 170 -65.96 13.33 -38.72
CA LYS G 170 -65.05 12.41 -37.98
C LYS G 170 -63.63 12.97 -38.04
N GLU G 171 -63.16 13.24 -39.26
CA GLU G 171 -61.75 13.61 -39.59
C GLU G 171 -61.66 15.12 -39.87
N GLY G 172 -62.37 15.94 -39.09
CA GLY G 172 -62.33 17.42 -39.17
C GLY G 172 -61.48 18.01 -38.06
N VAL G 173 -60.93 19.20 -38.28
CA VAL G 173 -59.92 19.82 -37.36
C VAL G 173 -60.65 20.32 -36.10
N ILE G 174 -60.61 19.54 -35.01
CA ILE G 174 -61.03 19.98 -33.64
C ILE G 174 -59.77 20.39 -32.87
N THR G 175 -59.82 21.55 -32.19
CA THR G 175 -58.76 22.08 -31.31
C THR G 175 -59.40 22.48 -29.97
N VAL G 176 -58.60 22.63 -28.91
CA VAL G 176 -59.11 23.07 -27.59
C VAL G 176 -58.32 24.30 -27.13
N GLU G 177 -59.00 25.24 -26.45
CA GLU G 177 -58.40 26.53 -25.98
C GLU G 177 -58.72 26.75 -24.50
N GLU G 178 -57.90 27.56 -23.83
CA GLU G 178 -58.24 28.21 -22.53
C GLU G 178 -59.61 28.89 -22.70
N GLY G 179 -60.47 28.83 -21.69
CA GLY G 179 -61.83 29.39 -21.75
C GLY G 179 -61.89 30.81 -21.26
N SER G 180 -63.03 31.48 -21.50
CA SER G 180 -63.46 32.75 -20.85
C SER G 180 -63.44 32.55 -19.33
N GLY G 181 -64.14 31.50 -18.87
CA GLY G 181 -64.12 31.03 -17.47
C GLY G 181 -65.46 30.48 -17.04
N LEU G 182 -65.47 29.22 -16.57
CA LEU G 182 -66.64 28.51 -15.98
C LEU G 182 -67.59 28.07 -17.10
N GLU G 183 -67.80 26.75 -17.22
CA GLU G 183 -68.69 26.09 -18.22
C GLU G 183 -68.11 26.33 -19.64
N ASN G 184 -68.07 25.27 -20.44
CA ASN G 184 -67.29 25.18 -21.71
C ASN G 184 -68.01 25.98 -22.80
N GLU G 185 -67.34 26.23 -23.94
CA GLU G 185 -67.94 26.78 -25.19
C GLU G 185 -67.59 25.88 -26.37
N LEU G 186 -68.34 25.99 -27.47
CA LEU G 186 -68.02 25.34 -28.78
C LEU G 186 -68.44 26.26 -29.93
N ASP G 187 -67.47 26.74 -30.71
CA ASP G 187 -67.70 27.44 -32.02
C ASP G 187 -67.03 26.63 -33.12
N VAL G 188 -67.45 26.82 -34.37
CA VAL G 188 -66.65 26.48 -35.59
C VAL G 188 -66.34 27.80 -36.30
N VAL G 189 -65.19 27.88 -36.96
CA VAL G 189 -64.70 29.14 -37.59
C VAL G 189 -63.78 28.78 -38.76
N GLU G 190 -63.62 29.67 -39.73
CA GLU G 190 -62.70 29.46 -40.88
C GLU G 190 -61.30 29.25 -40.28
N GLY G 191 -60.61 28.18 -40.68
CA GLY G 191 -59.26 27.84 -40.22
C GLY G 191 -58.62 26.82 -41.14
N MET G 192 -57.58 26.13 -40.65
CA MET G 192 -56.72 25.24 -41.46
C MET G 192 -55.60 24.70 -40.56
N GLN G 193 -55.20 23.45 -40.80
CA GLN G 193 -54.09 22.76 -40.08
C GLN G 193 -53.26 21.94 -41.08
N PHE G 194 -51.94 21.91 -40.94
CA PHE G 194 -51.03 21.16 -41.85
C PHE G 194 -50.02 20.35 -41.04
N ASP G 195 -49.65 19.16 -41.55
CA ASP G 195 -48.90 18.14 -40.76
C ASP G 195 -47.40 18.45 -40.79
N ARG G 196 -47.06 19.58 -40.14
CA ARG G 196 -45.69 20.09 -39.89
C ARG G 196 -45.75 20.87 -38.59
N GLY G 197 -44.87 20.56 -37.64
CA GLY G 197 -44.87 21.13 -36.27
C GLY G 197 -43.68 22.04 -36.05
N TYR G 198 -43.49 22.49 -34.80
CA TYR G 198 -42.42 23.44 -34.41
C TYR G 198 -41.06 22.83 -34.75
N LEU G 199 -40.15 23.65 -35.27
CA LEU G 199 -38.85 23.22 -35.88
C LEU G 199 -37.78 23.11 -34.79
N SER G 200 -38.11 23.51 -33.56
CA SER G 200 -37.43 23.09 -32.29
C SER G 200 -38.33 23.38 -31.10
N PRO G 201 -38.15 22.71 -29.93
CA PRO G 201 -38.81 23.14 -28.69
C PRO G 201 -38.16 24.46 -28.32
N TYR G 202 -38.53 25.06 -27.18
CA TYR G 202 -38.04 26.40 -26.75
C TYR G 202 -38.95 27.48 -27.35
N PHE G 203 -39.35 27.28 -28.61
CA PHE G 203 -40.49 27.98 -29.25
C PHE G 203 -41.76 27.68 -28.45
N ILE G 204 -41.76 26.55 -27.75
CA ILE G 204 -42.84 26.16 -26.79
C ILE G 204 -42.99 27.24 -25.72
N ASN G 205 -44.20 27.42 -25.18
CA ASN G 205 -44.48 28.41 -24.11
C ASN G 205 -45.54 27.87 -23.13
N ASN G 206 -46.50 27.09 -23.63
CA ASN G 206 -47.55 26.41 -22.83
C ASN G 206 -47.09 24.96 -22.57
N GLN G 207 -46.09 24.77 -21.69
CA GLN G 207 -45.36 23.48 -21.52
C GLN G 207 -46.22 22.46 -20.74
N GLN G 208 -47.27 22.95 -20.06
CA GLN G 208 -48.39 22.11 -19.50
C GLN G 208 -49.00 21.27 -20.63
N SER G 209 -48.58 21.54 -21.88
CA SER G 209 -49.20 21.09 -23.14
C SER G 209 -48.17 21.01 -24.29
N GLN G 210 -46.89 20.81 -23.96
CA GLN G 210 -45.69 21.05 -24.83
C GLN G 210 -46.13 21.51 -26.24
N SER G 211 -46.53 22.78 -26.35
CA SER G 211 -47.01 23.47 -27.59
C SER G 211 -46.71 24.97 -27.53
N ALA G 212 -46.41 25.58 -28.67
CA ALA G 212 -46.41 27.06 -28.86
C ALA G 212 -47.85 27.50 -29.20
N ASP G 213 -48.25 28.64 -28.63
CA ASP G 213 -49.64 29.16 -28.58
C ASP G 213 -49.52 30.68 -28.64
N LEU G 214 -49.93 31.33 -29.74
CA LEU G 214 -49.81 32.81 -29.93
C LEU G 214 -51.18 33.43 -30.25
N ASP G 215 -51.49 34.58 -29.63
CA ASP G 215 -52.70 35.41 -29.90
C ASP G 215 -52.42 36.43 -31.00
N ASP G 216 -53.25 36.48 -32.03
CA ASP G 216 -53.32 37.58 -33.04
C ASP G 216 -51.97 37.75 -33.73
N PRO G 217 -51.30 36.66 -34.17
CA PRO G 217 -49.99 36.77 -34.83
C PRO G 217 -50.03 37.29 -36.27
N PHE G 218 -48.91 37.83 -36.73
CA PHE G 218 -48.59 38.04 -38.18
C PHE G 218 -48.03 36.73 -38.73
N ILE G 219 -48.29 36.40 -39.99
CA ILE G 219 -47.88 35.10 -40.62
C ILE G 219 -47.05 35.37 -41.87
N LEU G 220 -45.74 35.12 -41.77
CA LEU G 220 -44.79 35.15 -42.89
C LEU G 220 -44.85 33.81 -43.63
N LEU G 221 -45.10 33.85 -44.95
CA LEU G 221 -45.08 32.64 -45.83
C LEU G 221 -43.95 32.75 -46.86
N HIS G 222 -43.13 31.69 -46.96
CA HIS G 222 -41.92 31.64 -47.82
C HIS G 222 -41.81 30.34 -48.62
N ASP G 223 -41.23 30.46 -49.81
CA ASP G 223 -40.80 29.33 -50.67
C ASP G 223 -39.28 29.44 -50.85
N LYS G 224 -38.52 29.16 -49.81
CA LYS G 224 -37.06 29.39 -49.84
C LYS G 224 -36.45 29.01 -48.49
N LYS G 225 -35.20 28.54 -48.49
CA LYS G 225 -34.48 28.19 -47.24
C LYS G 225 -33.94 29.49 -46.63
N ILE G 226 -33.87 29.54 -45.30
CA ILE G 226 -33.36 30.70 -44.51
C ILE G 226 -32.13 30.25 -43.71
N SER G 227 -30.95 30.81 -44.01
CA SER G 227 -29.66 30.48 -43.36
C SER G 227 -28.95 31.74 -42.88
N ASN G 228 -29.73 32.77 -42.52
CA ASN G 228 -29.25 34.06 -41.94
C ASN G 228 -30.46 34.97 -41.68
N VAL G 229 -30.39 35.82 -40.65
CA VAL G 229 -31.48 36.79 -40.29
C VAL G 229 -31.20 38.14 -40.96
N ARG G 230 -30.02 38.26 -41.57
CA ARG G 230 -29.58 39.37 -42.47
C ARG G 230 -30.75 39.80 -43.38
N ASP G 231 -31.63 38.86 -43.73
CA ASP G 231 -32.78 39.09 -44.65
C ASP G 231 -34.08 39.27 -43.85
N LEU G 232 -34.26 38.50 -42.77
CA LEU G 232 -35.49 38.51 -41.91
C LEU G 232 -35.59 39.79 -41.07
N LEU G 233 -34.46 40.42 -40.74
CA LEU G 233 -34.38 41.47 -39.67
C LEU G 233 -35.50 42.48 -39.84
N PRO G 234 -35.69 43.12 -41.02
CA PRO G 234 -36.71 44.15 -41.20
C PRO G 234 -38.09 43.77 -40.62
N VAL G 235 -38.60 42.61 -41.06
CA VAL G 235 -39.93 42.05 -40.71
C VAL G 235 -40.04 41.87 -39.19
N LEU G 236 -39.02 41.27 -38.57
CA LEU G 236 -38.95 40.97 -37.11
C LEU G 236 -39.06 42.28 -36.33
N GLU G 237 -38.37 43.31 -36.80
CA GLU G 237 -38.25 44.62 -36.12
C GLU G 237 -39.60 45.34 -36.30
N GLY G 238 -40.17 45.29 -37.50
CA GLY G 238 -41.51 45.82 -37.83
C GLY G 238 -42.63 45.14 -37.05
N VAL G 239 -42.51 43.83 -36.81
CA VAL G 239 -43.46 43.02 -35.99
C VAL G 239 -43.30 43.34 -34.49
N ALA G 240 -42.06 43.49 -34.03
CA ALA G 240 -41.69 43.86 -32.63
C ALA G 240 -42.30 45.23 -32.27
N LYS G 241 -42.46 46.13 -33.26
CA LYS G 241 -43.45 47.25 -33.19
C LYS G 241 -44.81 46.66 -33.56
N ALA G 242 -45.90 47.24 -33.04
CA ALA G 242 -47.25 46.62 -32.97
C ALA G 242 -47.22 45.45 -31.97
N GLY G 243 -46.00 45.04 -31.55
CA GLY G 243 -45.75 44.04 -30.49
C GLY G 243 -46.71 42.87 -30.61
N LYS G 244 -46.48 42.02 -31.61
CA LYS G 244 -47.33 40.84 -31.90
C LYS G 244 -46.43 39.70 -32.37
N PRO G 245 -46.79 38.42 -32.11
CA PRO G 245 -45.93 37.29 -32.45
C PRO G 245 -45.91 37.07 -33.97
N LEU G 246 -45.01 36.20 -34.42
CA LEU G 246 -44.86 35.89 -35.86
C LEU G 246 -44.78 34.38 -36.05
N LEU G 247 -45.75 33.77 -36.73
CA LEU G 247 -45.52 32.42 -37.32
C LEU G 247 -44.70 32.59 -38.59
N ILE G 248 -43.45 32.14 -38.60
CA ILE G 248 -42.59 32.00 -39.81
C ILE G 248 -42.77 30.59 -40.34
N VAL G 249 -43.11 30.44 -41.62
CA VAL G 249 -43.22 29.10 -42.27
C VAL G 249 -42.55 29.22 -43.64
N ALA G 250 -41.58 28.34 -43.91
CA ALA G 250 -40.63 28.45 -45.04
C ALA G 250 -40.26 27.05 -45.53
N GLU G 251 -39.45 26.95 -46.60
CA GLU G 251 -38.94 25.65 -47.12
C GLU G 251 -38.11 24.98 -46.03
N GLU G 252 -37.45 25.78 -45.20
CA GLU G 252 -36.82 25.35 -43.91
C GLU G 252 -36.35 26.60 -43.16
N VAL G 253 -35.82 26.42 -41.95
CA VAL G 253 -35.10 27.48 -41.19
C VAL G 253 -33.87 26.81 -40.56
N GLU G 254 -32.76 26.80 -41.32
CA GLU G 254 -31.52 26.03 -41.01
C GLU G 254 -30.59 26.88 -40.14
N GLY G 255 -29.43 26.31 -39.79
CA GLY G 255 -28.23 27.03 -39.32
C GLY G 255 -28.55 28.16 -38.35
N GLU G 256 -28.01 29.36 -38.60
CA GLU G 256 -27.95 30.45 -37.61
C GLU G 256 -29.33 31.12 -37.51
N ALA G 257 -30.07 31.16 -38.63
CA ALA G 257 -31.43 31.74 -38.73
C ALA G 257 -32.30 31.21 -37.57
N LEU G 258 -32.33 29.89 -37.41
CA LEU G 258 -33.00 29.18 -36.27
C LEU G 258 -32.32 29.59 -34.97
N ALA G 259 -31.05 29.22 -34.80
CA ALA G 259 -30.27 29.37 -33.55
C ALA G 259 -30.61 30.71 -32.89
N THR G 260 -30.63 31.78 -33.69
CA THR G 260 -31.04 33.15 -33.27
C THR G 260 -32.48 33.15 -32.76
N LEU G 261 -33.46 32.85 -33.63
CA LEU G 261 -34.90 32.91 -33.31
C LEU G 261 -35.20 32.13 -32.02
N VAL G 262 -34.41 31.09 -31.73
CA VAL G 262 -34.50 30.31 -30.46
C VAL G 262 -33.98 31.19 -29.32
N VAL G 263 -32.71 31.59 -29.40
CA VAL G 263 -32.02 32.36 -28.33
C VAL G 263 -32.76 33.68 -28.07
N ASN G 264 -33.44 34.27 -29.06
CA ASN G 264 -34.24 35.52 -28.90
C ASN G 264 -35.61 35.22 -28.26
N THR G 265 -36.20 34.07 -28.57
CA THR G 265 -37.55 33.67 -28.06
C THR G 265 -37.42 33.12 -26.64
N ILE G 266 -36.26 32.57 -26.26
CA ILE G 266 -36.00 32.18 -24.84
C ILE G 266 -35.62 33.45 -24.07
N ARG G 267 -35.41 34.56 -24.78
CA ARG G 267 -34.92 35.80 -24.13
C ARG G 267 -35.93 36.94 -24.32
N GLY G 268 -37.19 36.64 -24.63
CA GLY G 268 -38.24 37.69 -24.69
C GLY G 268 -38.17 38.59 -25.91
N ILE G 269 -37.01 39.17 -26.15
CA ILE G 269 -36.74 40.02 -27.35
C ILE G 269 -37.24 39.22 -28.53
N VAL G 270 -38.31 39.69 -29.14
CA VAL G 270 -38.91 39.07 -30.37
C VAL G 270 -39.48 37.68 -30.09
N LYS G 271 -40.82 37.61 -30.08
CA LYS G 271 -41.53 36.33 -29.87
C LYS G 271 -41.91 35.75 -31.22
N VAL G 272 -41.54 34.49 -31.45
CA VAL G 272 -41.67 33.80 -32.77
C VAL G 272 -42.02 32.32 -32.52
N VAL G 273 -42.54 31.66 -33.55
CA VAL G 273 -42.43 30.18 -33.71
C VAL G 273 -42.30 29.88 -35.21
N ALA G 274 -41.40 28.95 -35.56
CA ALA G 274 -40.96 28.66 -36.95
C ALA G 274 -41.25 27.19 -37.27
N VAL G 275 -41.83 26.92 -38.45
CA VAL G 275 -42.23 25.54 -38.89
C VAL G 275 -41.77 25.30 -40.32
N LYS G 276 -41.47 24.04 -40.67
CA LYS G 276 -41.16 23.63 -42.06
C LYS G 276 -42.48 23.65 -42.85
N ALA G 277 -42.44 24.16 -44.09
CA ALA G 277 -43.66 24.33 -44.93
C ALA G 277 -44.04 22.97 -45.49
N PRO G 278 -45.35 22.64 -45.55
CA PRO G 278 -45.78 21.28 -45.87
C PRO G 278 -45.78 20.96 -47.38
N GLY G 279 -45.38 19.74 -47.73
CA GLY G 279 -45.29 19.25 -49.11
C GLY G 279 -43.85 19.27 -49.60
N PHE G 280 -43.65 19.23 -50.92
CA PHE G 280 -42.38 19.53 -51.61
C PHE G 280 -42.68 19.93 -53.05
N GLY G 281 -41.67 20.41 -53.78
CA GLY G 281 -41.78 20.88 -55.17
C GLY G 281 -43.01 21.76 -55.38
N ASP G 282 -43.95 21.30 -56.22
CA ASP G 282 -45.07 22.13 -56.74
C ASP G 282 -46.18 22.24 -55.69
N ARG G 283 -46.63 21.11 -55.13
CA ARG G 283 -47.81 21.07 -54.22
C ARG G 283 -47.50 21.82 -52.90
N ARG G 284 -46.22 22.12 -52.63
CA ARG G 284 -45.82 22.94 -51.46
C ARG G 284 -46.16 24.42 -51.72
N LYS G 285 -45.84 24.90 -52.93
CA LYS G 285 -45.95 26.32 -53.34
C LYS G 285 -47.42 26.69 -53.52
N ALA G 286 -48.26 25.72 -53.85
CA ALA G 286 -49.72 25.86 -53.96
C ALA G 286 -50.36 25.90 -52.56
N MET G 287 -49.86 25.07 -51.64
CA MET G 287 -50.39 24.99 -50.25
C MET G 287 -50.01 26.25 -49.46
N LEU G 288 -48.95 26.95 -49.86
CA LEU G 288 -48.50 28.21 -49.21
C LEU G 288 -49.46 29.32 -49.64
N GLU G 289 -49.81 29.36 -50.92
CA GLU G 289 -50.90 30.23 -51.43
C GLU G 289 -52.18 29.89 -50.66
N ASP G 290 -52.55 28.60 -50.63
CA ASP G 290 -53.76 28.09 -49.93
C ASP G 290 -53.92 28.90 -48.64
N MET G 291 -52.87 28.99 -47.82
CA MET G 291 -52.93 29.60 -46.46
C MET G 291 -52.63 31.12 -46.50
N ALA G 292 -52.06 31.63 -47.60
CA ALA G 292 -51.93 33.08 -47.86
C ALA G 292 -53.33 33.69 -48.02
N VAL G 293 -54.19 33.06 -48.84
CA VAL G 293 -55.57 33.58 -49.13
C VAL G 293 -56.43 33.35 -47.89
N LEU G 294 -56.23 32.22 -47.22
CA LEU G 294 -56.84 31.86 -45.90
C LEU G 294 -56.64 33.00 -44.88
N THR G 295 -55.44 33.58 -44.82
CA THR G 295 -55.00 34.54 -43.76
C THR G 295 -54.95 35.96 -44.33
N GLY G 296 -55.31 36.12 -45.62
CA GLY G 296 -55.30 37.39 -46.35
C GLY G 296 -53.89 37.96 -46.47
N GLY G 297 -52.88 37.09 -46.42
CA GLY G 297 -51.47 37.47 -46.54
C GLY G 297 -51.01 37.40 -47.99
N THR G 298 -49.76 37.02 -48.20
CA THR G 298 -49.09 37.04 -49.52
C THR G 298 -47.73 36.36 -49.40
N VAL G 299 -47.51 35.30 -50.20
CA VAL G 299 -46.21 34.57 -50.20
C VAL G 299 -45.14 35.58 -50.58
N ILE G 300 -43.92 35.34 -50.10
CA ILE G 300 -42.76 36.25 -50.37
C ILE G 300 -41.78 35.46 -51.24
N SER G 301 -42.18 35.27 -52.51
CA SER G 301 -41.37 34.62 -53.56
C SER G 301 -40.69 35.69 -54.42
N GLU G 302 -39.45 35.44 -54.84
CA GLU G 302 -38.71 36.22 -55.88
C GLU G 302 -39.34 36.01 -57.26
N GLU G 303 -40.04 34.89 -57.45
CA GLU G 303 -40.78 34.55 -58.69
C GLU G 303 -41.67 35.74 -59.07
N VAL G 304 -42.36 36.33 -58.09
CA VAL G 304 -43.02 37.67 -58.22
C VAL G 304 -42.02 38.74 -57.75
N GLY G 305 -42.47 39.78 -57.05
CA GLY G 305 -41.64 40.95 -56.70
C GLY G 305 -40.66 40.74 -55.55
N LEU G 306 -41.00 39.91 -54.56
CA LEU G 306 -40.50 40.05 -53.15
C LEU G 306 -39.16 39.33 -52.90
N ALA G 307 -38.28 40.00 -52.14
CA ALA G 307 -37.24 39.39 -51.26
C ALA G 307 -37.62 39.71 -49.81
N LEU G 308 -36.73 39.48 -48.82
CA LEU G 308 -37.12 39.58 -47.38
C LEU G 308 -36.80 40.98 -46.84
N GLU G 309 -35.72 41.61 -47.29
CA GLU G 309 -35.46 43.04 -46.96
C GLU G 309 -36.75 43.82 -47.24
N LYS G 310 -37.25 43.67 -48.47
CA LYS G 310 -38.41 44.43 -49.00
C LYS G 310 -39.70 44.06 -48.26
N ALA G 311 -39.75 42.90 -47.61
CA ALA G 311 -40.91 42.46 -46.79
C ALA G 311 -41.24 43.56 -45.76
N THR G 312 -42.54 43.75 -45.49
CA THR G 312 -43.11 44.73 -44.52
C THR G 312 -44.17 44.00 -43.70
N ILE G 313 -45.06 44.73 -43.02
CA ILE G 313 -46.21 44.12 -42.28
C ILE G 313 -47.47 44.20 -43.16
N LYS G 314 -47.34 44.74 -44.38
CA LYS G 314 -48.43 44.75 -45.41
C LYS G 314 -48.55 43.35 -46.03
N ASP G 315 -47.42 42.67 -46.23
CA ASP G 315 -47.30 41.37 -46.96
C ASP G 315 -47.62 40.20 -46.01
N LEU G 316 -47.73 40.47 -44.72
CA LEU G 316 -47.96 39.46 -43.65
C LEU G 316 -49.46 39.21 -43.48
N GLY G 317 -49.88 37.95 -43.44
CA GLY G 317 -51.25 37.54 -43.10
C GLY G 317 -51.47 37.63 -41.60
N ARG G 318 -52.72 37.45 -41.15
CA ARG G 318 -53.09 37.43 -39.71
C ARG G 318 -54.15 36.36 -39.44
N ALA G 319 -54.15 35.84 -38.22
CA ALA G 319 -55.22 35.00 -37.64
C ALA G 319 -55.48 35.47 -36.21
N LYS G 320 -56.58 35.05 -35.57
CA LYS G 320 -56.84 35.43 -34.15
C LYS G 320 -56.11 34.46 -33.22
N LYS G 321 -55.57 33.35 -33.75
CA LYS G 321 -54.71 32.39 -33.01
C LYS G 321 -54.13 31.35 -33.96
N VAL G 322 -52.82 31.10 -33.87
CA VAL G 322 -52.20 29.79 -34.27
C VAL G 322 -51.88 29.07 -32.97
N GLN G 323 -51.75 27.75 -33.06
CA GLN G 323 -51.06 26.91 -32.05
C GLN G 323 -50.35 25.81 -32.84
N VAL G 324 -49.11 25.50 -32.48
CA VAL G 324 -48.32 24.44 -33.19
C VAL G 324 -47.86 23.39 -32.16
N SER G 325 -48.30 22.14 -32.38
CA SER G 325 -47.93 20.91 -31.62
C SER G 325 -46.53 20.46 -32.03
N LYS G 326 -46.04 19.37 -31.45
CA LYS G 326 -44.75 18.72 -31.81
C LYS G 326 -44.70 18.52 -33.33
N GLU G 327 -45.82 18.13 -33.97
CA GLU G 327 -45.87 17.77 -35.41
C GLU G 327 -47.20 18.19 -36.05
N ASN G 328 -47.68 19.41 -35.78
CA ASN G 328 -49.06 19.83 -36.14
C ASN G 328 -49.33 21.32 -35.87
N THR G 329 -49.17 22.19 -36.88
CA THR G 329 -49.62 23.61 -36.84
C THR G 329 -51.12 23.68 -37.17
N THR G 330 -51.86 24.61 -36.55
CA THR G 330 -53.30 24.89 -36.83
C THR G 330 -53.58 26.39 -36.71
N ILE G 331 -53.91 27.04 -37.83
CA ILE G 331 -54.24 28.49 -37.94
C ILE G 331 -55.75 28.68 -37.75
N ILE G 332 -56.17 29.28 -36.62
CA ILE G 332 -57.61 29.49 -36.28
C ILE G 332 -58.03 30.90 -36.71
N ASP G 333 -58.97 30.99 -37.67
CA ASP G 333 -59.69 32.22 -38.06
C ASP G 333 -58.70 33.24 -38.66
N GLY G 334 -58.33 33.01 -39.93
CA GLY G 334 -57.52 33.94 -40.73
C GLY G 334 -58.25 35.25 -40.95
N ALA G 335 -57.49 36.32 -41.22
CA ALA G 335 -58.00 37.64 -41.66
C ALA G 335 -58.37 37.54 -43.16
N GLY G 336 -58.25 36.35 -43.73
CA GLY G 336 -58.72 36.02 -45.09
C GLY G 336 -60.19 36.33 -45.30
N ASP G 337 -60.48 36.83 -46.52
CA ASP G 337 -61.82 37.23 -47.00
C ASP G 337 -62.55 36.02 -47.57
N SER G 338 -63.81 35.78 -47.16
CA SER G 338 -64.64 34.61 -47.59
C SER G 338 -64.87 34.63 -49.10
N ALA G 339 -64.87 35.79 -49.76
CA ALA G 339 -64.84 35.93 -51.24
C ALA G 339 -63.58 35.25 -51.81
N ALA G 340 -62.39 35.62 -51.31
CA ALA G 340 -61.08 35.16 -51.81
C ALA G 340 -60.95 33.65 -51.60
N ILE G 341 -61.38 33.16 -50.42
CA ILE G 341 -61.32 31.71 -50.03
C ILE G 341 -62.30 30.90 -50.91
N GLU G 342 -63.59 31.26 -50.90
CA GLU G 342 -64.66 30.53 -51.64
C GLU G 342 -64.32 30.56 -53.13
N SER G 343 -63.62 31.61 -53.58
CA SER G 343 -63.08 31.79 -54.96
C SER G 343 -62.00 30.74 -55.26
N ARG G 344 -60.91 30.73 -54.49
CA ARG G 344 -59.79 29.75 -54.65
C ARG G 344 -60.34 28.31 -54.53
N VAL G 345 -61.24 28.05 -53.58
CA VAL G 345 -61.90 26.71 -53.39
C VAL G 345 -62.52 26.27 -54.71
N GLY G 346 -63.25 27.16 -55.38
CA GLY G 346 -63.82 26.92 -56.72
C GLY G 346 -62.73 26.63 -57.73
N GLN G 347 -61.69 27.46 -57.76
CA GLN G 347 -60.57 27.33 -58.74
C GLN G 347 -59.95 25.93 -58.63
N ILE G 348 -59.67 25.50 -57.38
CA ILE G 348 -59.08 24.17 -57.07
C ILE G 348 -60.05 23.06 -57.49
N LYS G 349 -61.35 23.26 -57.26
CA LYS G 349 -62.43 22.30 -57.64
C LYS G 349 -62.41 22.09 -59.16
N THR G 350 -62.20 23.17 -59.91
CA THR G 350 -62.19 23.21 -61.41
C THR G 350 -60.81 22.76 -61.90
N GLN G 351 -59.80 22.86 -61.03
CA GLN G 351 -58.43 22.33 -61.26
C GLN G 351 -58.49 20.79 -61.27
N ILE G 352 -59.42 20.20 -60.50
CA ILE G 352 -59.66 18.73 -60.40
C ILE G 352 -60.09 18.18 -61.77
N GLU G 353 -61.05 18.86 -62.41
CA GLU G 353 -61.80 18.35 -63.60
C GLU G 353 -60.87 18.27 -64.81
N ASP G 354 -59.60 18.67 -64.69
CA ASP G 354 -58.61 18.63 -65.80
C ASP G 354 -57.51 17.59 -65.51
N THR G 355 -57.16 17.36 -64.24
CA THR G 355 -55.96 16.57 -63.85
C THR G 355 -56.21 15.06 -64.05
N SER G 356 -55.44 14.45 -64.96
CA SER G 356 -55.56 13.04 -65.42
C SER G 356 -54.70 12.13 -64.53
N SER G 357 -55.18 11.89 -63.31
CA SER G 357 -54.50 11.08 -62.26
C SER G 357 -55.34 11.11 -60.98
N ASP G 358 -55.43 9.98 -60.25
CA ASP G 358 -56.23 9.92 -59.00
C ASP G 358 -55.44 10.62 -57.89
N TYR G 359 -54.16 10.27 -57.72
CA TYR G 359 -53.31 10.80 -56.62
C TYR G 359 -53.34 12.32 -56.64
N ASP G 360 -52.96 12.90 -57.78
CA ASP G 360 -53.05 14.35 -58.04
C ASP G 360 -54.46 14.82 -57.61
N ARG G 361 -55.50 14.10 -58.03
CA ARG G 361 -56.93 14.47 -57.82
C ARG G 361 -57.32 14.36 -56.33
N GLU G 362 -56.74 13.41 -55.60
CA GLU G 362 -57.02 13.25 -54.14
C GLU G 362 -56.35 14.41 -53.42
N LYS G 363 -55.11 14.73 -53.81
CA LYS G 363 -54.25 15.77 -53.17
C LYS G 363 -54.86 17.16 -53.39
N LEU G 364 -55.69 17.35 -54.42
CA LEU G 364 -56.44 18.61 -54.66
C LEU G 364 -57.69 18.65 -53.77
N GLN G 365 -58.44 17.56 -53.72
CA GLN G 365 -59.62 17.41 -52.83
C GLN G 365 -59.19 17.73 -51.40
N GLU G 366 -58.07 17.16 -50.94
CA GLU G 366 -57.52 17.43 -49.58
C GLU G 366 -57.40 18.93 -49.36
N ARG G 367 -57.05 19.70 -50.40
CA ARG G 367 -56.87 21.18 -50.32
C ARG G 367 -58.22 21.87 -50.09
N VAL G 368 -59.28 21.45 -50.80
CA VAL G 368 -60.63 22.09 -50.70
C VAL G 368 -61.22 21.77 -49.32
N ALA G 369 -60.88 20.59 -48.78
CA ALA G 369 -61.28 20.09 -47.45
C ALA G 369 -60.73 21.02 -46.35
N LYS G 370 -59.45 21.35 -46.45
CA LYS G 370 -58.73 22.30 -45.55
C LYS G 370 -59.45 23.66 -45.57
N LEU G 371 -59.79 24.15 -46.76
CA LEU G 371 -60.27 25.54 -46.99
C LEU G 371 -61.76 25.67 -46.66
N ALA G 372 -62.60 24.77 -47.17
CA ALA G 372 -64.06 24.74 -46.91
C ALA G 372 -64.33 24.11 -45.53
N GLY G 373 -63.29 23.62 -44.85
CA GLY G 373 -63.43 22.82 -43.62
C GLY G 373 -63.81 23.68 -42.43
N GLY G 374 -63.00 24.70 -42.15
CA GLY G 374 -63.04 25.41 -40.86
C GLY G 374 -62.54 24.53 -39.73
N VAL G 375 -62.52 25.08 -38.51
CA VAL G 375 -61.92 24.43 -37.31
C VAL G 375 -62.90 24.54 -36.14
N ALA G 376 -63.21 23.40 -35.52
CA ALA G 376 -64.01 23.32 -34.27
C ALA G 376 -63.09 23.69 -33.11
N VAL G 377 -63.56 24.57 -32.23
CA VAL G 377 -62.77 25.14 -31.09
C VAL G 377 -63.52 24.87 -29.80
N ILE G 378 -63.06 23.89 -29.02
CA ILE G 378 -63.56 23.65 -27.64
C ILE G 378 -62.83 24.63 -26.71
N LYS G 379 -63.56 25.60 -26.16
CA LYS G 379 -63.07 26.51 -25.07
C LYS G 379 -63.46 25.86 -23.74
N VAL G 380 -62.62 26.00 -22.71
CA VAL G 380 -62.66 25.14 -21.49
C VAL G 380 -62.95 25.98 -20.25
N GLY G 381 -64.03 25.62 -19.52
CA GLY G 381 -64.41 26.20 -18.21
C GLY G 381 -63.37 25.94 -17.12
N ALA G 382 -63.63 26.37 -15.88
CA ALA G 382 -62.60 26.49 -14.83
C ALA G 382 -63.19 26.62 -13.42
N SER G 383 -63.40 27.86 -12.96
CA SER G 383 -63.36 28.25 -11.52
C SER G 383 -61.97 27.98 -10.96
N THR G 384 -61.21 29.04 -10.65
CA THR G 384 -59.74 29.05 -10.43
C THR G 384 -59.04 28.94 -11.79
N GLU G 385 -57.83 29.49 -11.90
CA GLU G 385 -56.97 29.32 -13.11
C GLU G 385 -56.46 27.87 -13.17
N ILE G 386 -56.36 27.19 -12.03
CA ILE G 386 -55.58 25.93 -11.91
C ILE G 386 -56.48 24.72 -12.24
N GLU G 387 -57.79 24.82 -11.98
CA GLU G 387 -58.78 23.77 -12.37
C GLU G 387 -58.81 23.66 -13.90
N MET G 388 -58.38 24.72 -14.61
CA MET G 388 -58.51 24.88 -16.09
C MET G 388 -57.21 24.47 -16.80
N LYS G 389 -56.05 24.75 -16.20
CA LYS G 389 -54.72 24.26 -16.70
C LYS G 389 -54.80 22.74 -16.80
N GLU G 390 -55.31 22.12 -15.73
CA GLU G 390 -55.66 20.68 -15.62
C GLU G 390 -56.72 20.33 -16.67
N LYS G 391 -57.91 20.94 -16.59
CA LYS G 391 -59.08 20.56 -17.44
C LYS G 391 -58.67 20.55 -18.91
N LYS G 392 -57.97 21.60 -19.38
CA LYS G 392 -57.43 21.66 -20.77
C LYS G 392 -56.60 20.41 -21.06
N ALA G 393 -55.73 20.00 -20.14
CA ALA G 393 -54.89 18.78 -20.25
C ALA G 393 -55.78 17.57 -20.54
N ARG G 394 -56.77 17.34 -19.68
CA ARG G 394 -57.73 16.20 -19.77
C ARG G 394 -58.47 16.19 -21.12
N VAL G 395 -58.73 17.38 -21.69
CA VAL G 395 -59.55 17.54 -22.93
C VAL G 395 -58.72 17.10 -24.14
N GLU G 396 -57.46 17.53 -24.21
CA GLU G 396 -56.57 17.31 -25.39
C GLU G 396 -56.25 15.82 -25.56
N ASP G 397 -56.15 15.07 -24.46
CA ASP G 397 -55.71 13.64 -24.44
C ASP G 397 -56.94 12.73 -24.66
N ALA G 398 -58.11 13.18 -24.20
CA ALA G 398 -59.45 12.57 -24.46
C ALA G 398 -59.79 12.66 -25.95
N LEU G 399 -59.67 13.86 -26.51
CA LEU G 399 -59.77 14.18 -27.95
C LEU G 399 -58.70 13.41 -28.75
N HIS G 400 -57.41 13.50 -28.36
CA HIS G 400 -56.25 12.83 -29.03
C HIS G 400 -56.54 11.33 -29.20
N ALA G 401 -57.26 10.74 -28.24
CA ALA G 401 -57.53 9.28 -28.12
C ALA G 401 -58.94 8.93 -28.61
N THR G 402 -59.93 9.81 -28.45
CA THR G 402 -61.25 9.65 -29.12
C THR G 402 -61.02 9.61 -30.64
N ARG G 403 -60.19 10.53 -31.16
CA ARG G 403 -59.89 10.66 -32.62
C ARG G 403 -59.39 9.33 -33.19
N ALA G 404 -58.37 8.74 -32.55
CA ALA G 404 -57.79 7.42 -32.92
C ALA G 404 -58.80 6.29 -32.67
N ALA G 405 -59.81 6.51 -31.83
CA ALA G 405 -60.84 5.51 -31.44
C ALA G 405 -61.94 5.42 -32.50
N VAL G 406 -61.92 6.33 -33.48
CA VAL G 406 -62.81 6.30 -34.68
C VAL G 406 -62.02 5.71 -35.84
N GLU G 407 -60.73 6.00 -35.89
CA GLU G 407 -59.84 5.55 -36.99
C GLU G 407 -59.79 4.02 -37.04
N GLU G 408 -59.74 3.35 -35.87
CA GLU G 408 -59.38 1.90 -35.77
C GLU G 408 -60.19 1.13 -34.71
N GLY G 409 -60.94 1.81 -33.82
CA GLY G 409 -61.91 1.16 -32.91
C GLY G 409 -61.40 1.00 -31.48
N VAL G 410 -62.08 0.16 -30.67
CA VAL G 410 -61.75 -0.03 -29.22
C VAL G 410 -61.65 -1.53 -28.87
N VAL G 411 -60.64 -1.86 -28.07
CA VAL G 411 -60.29 -3.23 -27.56
C VAL G 411 -60.20 -3.16 -26.04
N PRO G 412 -60.54 -4.24 -25.32
CA PRO G 412 -60.62 -4.20 -23.86
C PRO G 412 -59.26 -3.81 -23.27
N GLY G 413 -59.27 -3.01 -22.20
CA GLY G 413 -58.08 -2.30 -21.70
C GLY G 413 -57.31 -3.12 -20.69
N GLY G 414 -56.57 -2.45 -19.79
CA GLY G 414 -55.80 -3.10 -18.71
C GLY G 414 -54.95 -4.26 -19.21
N GLY G 415 -54.50 -4.15 -20.46
CA GLY G 415 -53.60 -5.09 -21.17
C GLY G 415 -54.20 -6.48 -21.39
N VAL G 416 -55.53 -6.62 -21.39
CA VAL G 416 -56.23 -7.93 -21.59
C VAL G 416 -56.59 -8.11 -23.06
N ALA G 417 -56.47 -7.06 -23.89
CA ALA G 417 -56.62 -7.15 -25.35
C ALA G 417 -55.42 -7.92 -25.90
N LEU G 418 -54.26 -7.73 -25.29
CA LEU G 418 -52.98 -8.29 -25.82
C LEU G 418 -52.88 -9.78 -25.51
N VAL G 419 -53.59 -10.26 -24.49
CA VAL G 419 -53.61 -11.71 -24.11
C VAL G 419 -54.75 -12.40 -24.88
N ARG G 420 -55.82 -11.66 -25.16
CA ARG G 420 -57.01 -12.16 -25.90
C ARG G 420 -56.61 -12.51 -27.35
N ALA G 421 -55.72 -11.69 -27.92
CA ALA G 421 -55.18 -11.79 -29.29
C ALA G 421 -53.92 -12.66 -29.28
N LEU G 422 -53.50 -13.05 -28.09
CA LEU G 422 -52.33 -13.94 -27.87
C LEU G 422 -52.81 -15.39 -27.91
N VAL G 423 -53.85 -15.70 -27.12
CA VAL G 423 -54.48 -17.05 -27.04
C VAL G 423 -55.01 -17.40 -28.43
N ALA G 424 -55.33 -16.38 -29.22
CA ALA G 424 -55.99 -16.50 -30.54
C ALA G 424 -55.04 -17.04 -31.61
N VAL G 425 -53.75 -16.98 -31.38
CA VAL G 425 -52.77 -17.50 -32.38
C VAL G 425 -52.08 -18.71 -31.75
N GLY G 426 -51.63 -18.52 -30.53
CA GLY G 426 -51.06 -19.55 -29.63
C GLY G 426 -50.05 -20.51 -30.21
N ASN G 427 -50.41 -21.38 -31.17
CA ASN G 427 -49.50 -22.50 -31.53
C ASN G 427 -49.05 -22.41 -32.96
N LEU G 428 -48.68 -21.20 -33.33
CA LEU G 428 -48.13 -20.97 -34.67
C LEU G 428 -46.67 -21.43 -34.66
N THR G 429 -46.26 -22.12 -35.73
CA THR G 429 -44.85 -22.50 -35.97
C THR G 429 -44.22 -21.60 -37.02
N GLY G 430 -42.90 -21.45 -36.98
CA GLY G 430 -42.13 -20.77 -38.04
C GLY G 430 -41.43 -21.78 -38.93
N ALA G 431 -40.47 -21.31 -39.72
CA ALA G 431 -39.81 -22.06 -40.82
C ALA G 431 -38.61 -22.87 -40.32
N ASN G 432 -38.32 -22.86 -39.01
CA ASN G 432 -37.33 -23.76 -38.33
C ASN G 432 -37.39 -23.48 -36.83
N GLU G 433 -36.71 -24.29 -35.99
CA GLU G 433 -36.93 -24.24 -34.50
C GLU G 433 -36.45 -22.90 -33.95
N ASP G 434 -35.49 -22.25 -34.62
CA ASP G 434 -35.01 -20.88 -34.26
C ASP G 434 -36.18 -19.91 -34.43
N GLN G 435 -36.73 -19.83 -35.64
CA GLN G 435 -37.90 -18.96 -35.96
C GLN G 435 -39.05 -19.26 -34.98
N THR G 436 -39.47 -20.52 -34.83
CA THR G 436 -40.65 -20.88 -34.00
C THR G 436 -40.39 -20.49 -32.54
N HIS G 437 -39.12 -20.33 -32.12
CA HIS G 437 -38.78 -19.85 -30.76
C HIS G 437 -39.13 -18.37 -30.69
N GLY G 438 -38.55 -17.58 -31.58
CA GLY G 438 -38.85 -16.14 -31.78
C GLY G 438 -40.33 -15.84 -31.75
N ILE G 439 -41.17 -16.79 -32.15
CA ILE G 439 -42.67 -16.65 -32.12
C ILE G 439 -43.16 -16.78 -30.67
N GLN G 440 -42.65 -17.77 -29.91
CA GLN G 440 -43.03 -17.98 -28.49
C GLN G 440 -42.57 -16.78 -27.66
N ILE G 441 -41.45 -16.15 -28.05
CA ILE G 441 -40.79 -15.12 -27.19
C ILE G 441 -41.52 -13.80 -27.40
N ALA G 442 -42.16 -13.61 -28.56
CA ALA G 442 -43.06 -12.47 -28.83
C ALA G 442 -44.39 -12.75 -28.12
N LEU G 443 -44.95 -13.93 -28.35
CA LEU G 443 -46.22 -14.36 -27.70
C LEU G 443 -46.11 -14.23 -26.17
N ARG G 444 -44.95 -14.51 -25.58
CA ARG G 444 -44.71 -14.38 -24.11
C ARG G 444 -44.58 -12.88 -23.75
N ALA G 445 -43.99 -12.07 -24.63
CA ALA G 445 -43.82 -10.60 -24.47
C ALA G 445 -45.19 -9.95 -24.28
N MET G 446 -46.23 -10.49 -24.92
CA MET G 446 -47.59 -9.88 -24.94
C MET G 446 -48.26 -10.01 -23.56
N GLU G 447 -47.77 -10.93 -22.73
CA GLU G 447 -48.30 -11.16 -21.36
C GLU G 447 -47.81 -10.05 -20.43
N ALA G 448 -46.68 -9.41 -20.78
CA ALA G 448 -45.90 -8.49 -19.91
C ALA G 448 -46.78 -7.36 -19.38
N PRO G 449 -47.54 -6.65 -20.23
CA PRO G 449 -48.36 -5.52 -19.76
C PRO G 449 -49.40 -5.88 -18.68
N LEU G 450 -50.16 -6.98 -18.84
CA LEU G 450 -51.16 -7.38 -17.80
C LEU G 450 -50.43 -7.81 -16.53
N ARG G 451 -49.39 -8.66 -16.66
CA ARG G 451 -48.53 -9.09 -15.52
C ARG G 451 -48.24 -7.88 -14.63
N GLU G 452 -47.61 -6.88 -15.24
CA GLU G 452 -47.03 -5.69 -14.57
C GLU G 452 -48.13 -4.90 -13.83
N ILE G 453 -49.28 -4.66 -14.45
CA ILE G 453 -50.43 -3.93 -13.84
C ILE G 453 -50.85 -4.68 -12.57
N VAL G 454 -50.82 -6.02 -12.62
CA VAL G 454 -51.20 -6.92 -11.50
C VAL G 454 -50.15 -6.78 -10.39
N ALA G 455 -48.90 -7.13 -10.68
CA ALA G 455 -47.76 -6.93 -9.76
C ALA G 455 -47.90 -5.58 -9.05
N ASN G 456 -47.98 -4.49 -9.83
CA ASN G 456 -48.09 -3.12 -9.26
C ASN G 456 -49.20 -3.12 -8.21
N ALA G 457 -50.36 -3.71 -8.53
CA ALA G 457 -51.52 -3.85 -7.61
C ALA G 457 -51.15 -4.76 -6.43
N GLY G 458 -50.22 -5.71 -6.66
CA GLY G 458 -49.67 -6.63 -5.65
C GLY G 458 -50.48 -7.91 -5.54
N GLU G 459 -50.80 -8.53 -6.68
CA GLU G 459 -51.42 -9.89 -6.74
C GLU G 459 -50.53 -10.77 -7.61
N GLU G 460 -50.70 -12.10 -7.51
CA GLU G 460 -49.87 -13.09 -8.24
C GLU G 460 -50.22 -13.01 -9.72
N PRO G 461 -49.34 -12.44 -10.57
CA PRO G 461 -49.61 -12.27 -11.99
C PRO G 461 -49.99 -13.59 -12.66
N SER G 462 -49.09 -14.58 -12.60
CA SER G 462 -49.30 -15.98 -13.02
C SER G 462 -50.79 -16.34 -12.96
N VAL G 463 -51.35 -16.31 -11.75
CA VAL G 463 -52.76 -16.71 -11.43
C VAL G 463 -53.71 -15.93 -12.33
N ILE G 464 -53.84 -14.62 -12.08
CA ILE G 464 -54.80 -13.71 -12.78
C ILE G 464 -54.66 -13.91 -14.29
N LEU G 465 -53.41 -13.93 -14.78
CA LEU G 465 -53.11 -14.05 -16.22
C LEU G 465 -53.76 -15.32 -16.78
N ASN G 466 -53.75 -16.40 -16.00
CA ASN G 466 -54.34 -17.71 -16.40
C ASN G 466 -55.88 -17.65 -16.26
N LYS G 467 -56.40 -16.97 -15.25
CA LYS G 467 -57.87 -16.81 -15.04
C LYS G 467 -58.47 -16.02 -16.22
N VAL G 468 -57.61 -15.36 -17.01
CA VAL G 468 -58.00 -14.44 -18.13
C VAL G 468 -57.67 -15.06 -19.48
N LYS G 469 -56.59 -15.85 -19.61
CA LYS G 469 -56.33 -16.66 -20.84
C LYS G 469 -57.48 -17.65 -21.02
N GLU G 470 -58.16 -18.01 -19.91
CA GLU G 470 -59.26 -19.01 -19.84
C GLU G 470 -60.60 -18.31 -20.09
N GLY G 471 -60.70 -17.00 -19.86
CA GLY G 471 -61.87 -16.18 -20.24
C GLY G 471 -62.07 -16.14 -21.74
N THR G 472 -62.97 -15.28 -22.23
CA THR G 472 -63.30 -15.13 -23.69
C THR G 472 -63.83 -13.73 -24.00
N GLY G 473 -63.37 -13.13 -25.11
CA GLY G 473 -63.78 -11.77 -25.55
C GLY G 473 -63.48 -10.69 -24.52
N ASN G 474 -64.52 -10.11 -23.90
CA ASN G 474 -64.43 -8.86 -23.09
C ASN G 474 -64.35 -9.16 -21.59
N TYR G 475 -64.10 -10.41 -21.20
CA TYR G 475 -63.78 -10.83 -19.80
C TYR G 475 -62.31 -10.47 -19.52
N GLY G 476 -62.05 -9.87 -18.35
CA GLY G 476 -60.72 -9.42 -17.90
C GLY G 476 -60.65 -9.12 -16.41
N TYR G 477 -59.61 -8.40 -15.97
CA TYR G 477 -59.33 -8.03 -14.55
C TYR G 477 -59.22 -6.51 -14.40
N ASN G 478 -60.13 -5.91 -13.64
CA ASN G 478 -60.14 -4.47 -13.27
C ASN G 478 -59.34 -4.29 -11.96
N ALA G 479 -58.07 -3.87 -12.09
CA ALA G 479 -57.06 -3.85 -11.00
C ALA G 479 -57.43 -2.82 -9.91
N ALA G 480 -58.23 -1.82 -10.27
CA ALA G 480 -58.75 -0.79 -9.32
C ALA G 480 -59.74 -1.47 -8.35
N ASN G 481 -60.78 -2.09 -8.91
CA ASN G 481 -61.82 -2.82 -8.15
C ASN G 481 -61.20 -4.09 -7.58
N GLY G 482 -60.45 -4.80 -8.42
CA GLY G 482 -59.85 -6.12 -8.11
C GLY G 482 -60.80 -7.25 -8.46
N GLU G 483 -61.92 -6.91 -9.11
CA GLU G 483 -63.00 -7.85 -9.51
C GLU G 483 -62.82 -8.22 -10.99
N PHE G 484 -63.32 -9.39 -11.38
CA PHE G 484 -63.34 -9.87 -12.80
C PHE G 484 -64.69 -9.53 -13.43
N GLY G 485 -64.75 -9.55 -14.77
CA GLY G 485 -65.99 -9.37 -15.54
C GLY G 485 -65.77 -8.68 -16.87
N ASP G 486 -66.85 -8.18 -17.48
CA ASP G 486 -66.87 -7.64 -18.86
C ASP G 486 -66.19 -6.26 -18.86
N MET G 487 -64.91 -6.22 -19.24
CA MET G 487 -64.04 -5.00 -19.25
C MET G 487 -64.72 -3.82 -19.97
N VAL G 488 -65.57 -4.10 -20.95
CA VAL G 488 -66.28 -3.08 -21.78
C VAL G 488 -67.38 -2.42 -20.91
N GLU G 489 -68.07 -3.21 -20.07
CA GLU G 489 -69.13 -2.71 -19.13
C GLU G 489 -68.52 -2.25 -17.79
N PHE G 490 -67.19 -2.14 -17.69
CA PHE G 490 -66.46 -1.43 -16.60
C PHE G 490 -65.81 -0.14 -17.13
N GLY G 491 -65.87 0.08 -18.45
CA GLY G 491 -65.33 1.27 -19.13
C GLY G 491 -63.81 1.27 -19.21
N ILE G 492 -63.20 0.08 -19.32
CA ILE G 492 -61.72 -0.07 -19.37
C ILE G 492 -61.37 -0.65 -20.75
N LEU G 493 -61.17 0.24 -21.72
CA LEU G 493 -60.73 -0.14 -23.09
C LEU G 493 -59.72 0.89 -23.61
N ASP G 494 -58.80 0.42 -24.44
CA ASP G 494 -57.78 1.25 -25.12
C ASP G 494 -58.23 1.35 -26.57
N PRO G 495 -58.06 2.51 -27.23
CA PRO G 495 -58.13 2.57 -28.69
C PRO G 495 -57.28 1.47 -29.36
N THR G 496 -57.89 0.66 -30.23
CA THR G 496 -57.20 -0.46 -30.95
C THR G 496 -55.95 0.08 -31.64
N LYS G 497 -56.00 1.33 -32.10
CA LYS G 497 -54.84 2.01 -32.71
C LYS G 497 -53.63 1.85 -31.77
N VAL G 498 -53.73 2.37 -30.54
CA VAL G 498 -52.60 2.55 -29.58
C VAL G 498 -51.94 1.19 -29.29
N THR G 499 -52.74 0.16 -29.02
CA THR G 499 -52.23 -1.20 -28.71
C THR G 499 -51.36 -1.69 -29.87
N ARG G 500 -51.95 -1.82 -31.06
CA ARG G 500 -51.24 -2.22 -32.33
C ARG G 500 -49.93 -1.46 -32.51
N SER G 501 -49.92 -0.13 -32.35
CA SER G 501 -48.72 0.73 -32.51
C SER G 501 -47.64 0.32 -31.51
N ALA G 502 -48.04 0.25 -30.24
CA ALA G 502 -47.16 -0.06 -29.08
C ALA G 502 -46.46 -1.41 -29.29
N LEU G 503 -47.18 -2.38 -29.85
CA LEU G 503 -46.66 -3.74 -30.13
C LEU G 503 -45.72 -3.68 -31.34
N GLN G 504 -46.22 -3.22 -32.48
CA GLN G 504 -45.41 -3.05 -33.72
C GLN G 504 -44.13 -2.29 -33.38
N ASN G 505 -44.23 -1.22 -32.59
CA ASN G 505 -43.05 -0.36 -32.27
C ASN G 505 -42.06 -1.12 -31.37
N ALA G 506 -42.50 -1.68 -30.24
CA ALA G 506 -41.63 -2.49 -29.35
C ALA G 506 -40.99 -3.65 -30.14
N ALA G 507 -41.71 -4.19 -31.12
CA ALA G 507 -41.29 -5.34 -31.95
C ALA G 507 -40.20 -4.93 -32.92
N SER G 508 -40.11 -3.63 -33.20
CA SER G 508 -39.20 -3.05 -34.22
C SER G 508 -37.81 -2.82 -33.60
N ILE G 509 -37.76 -2.15 -32.46
CA ILE G 509 -36.48 -1.85 -31.76
C ILE G 509 -35.85 -3.15 -31.22
N ALA G 510 -36.67 -4.14 -30.84
CA ALA G 510 -36.19 -5.47 -30.39
C ALA G 510 -35.50 -6.15 -31.56
N GLY G 511 -36.11 -6.09 -32.75
CA GLY G 511 -35.57 -6.63 -34.00
C GLY G 511 -34.14 -6.18 -34.24
N LEU G 512 -33.89 -4.88 -34.12
CA LEU G 512 -32.59 -4.23 -34.46
C LEU G 512 -31.54 -4.58 -33.40
N MET G 513 -31.95 -4.64 -32.13
CA MET G 513 -31.04 -4.78 -30.97
C MET G 513 -30.55 -6.23 -30.86
N ILE G 514 -31.34 -7.18 -31.36
CA ILE G 514 -30.97 -8.63 -31.45
C ILE G 514 -29.93 -8.80 -32.57
N THR G 515 -30.15 -8.13 -33.69
CA THR G 515 -29.26 -8.15 -34.88
C THR G 515 -28.15 -7.08 -34.74
N THR G 516 -27.77 -6.71 -33.52
CA THR G 516 -26.67 -5.72 -33.28
C THR G 516 -25.39 -6.47 -32.90
N GLU G 517 -24.28 -6.15 -33.59
CA GLU G 517 -22.99 -6.86 -33.50
C GLU G 517 -21.83 -5.91 -33.21
N ALA G 518 -22.10 -4.60 -33.03
CA ALA G 518 -21.04 -3.59 -32.74
C ALA G 518 -21.66 -2.26 -32.33
N MET G 519 -20.94 -1.48 -31.53
CA MET G 519 -21.42 -0.17 -31.01
C MET G 519 -20.24 0.78 -30.84
N VAL G 520 -20.14 1.78 -31.71
CA VAL G 520 -19.12 2.86 -31.60
C VAL G 520 -19.66 3.94 -30.66
N ALA G 521 -18.97 4.21 -29.56
CA ALA G 521 -19.34 5.28 -28.58
C ALA G 521 -18.11 6.12 -28.20
N ASP G 522 -18.29 7.43 -28.07
CA ASP G 522 -17.23 8.41 -27.68
C ASP G 522 -16.43 7.86 -26.49
N ALA G 523 -15.12 8.11 -26.47
CA ALA G 523 -14.14 7.48 -25.56
C ALA G 523 -14.10 8.23 -24.24
N PRO G 524 -13.90 7.52 -23.10
CA PRO G 524 -14.29 8.03 -21.79
C PRO G 524 -13.48 9.28 -21.43
N LYS G 525 -12.14 9.20 -21.54
CA LYS G 525 -11.21 10.29 -21.13
C LYS G 525 -11.58 11.58 -21.89
N ALA H 1 -2.48 -35.55 -6.94
CA ALA H 1 -2.94 -34.19 -6.51
C ALA H 1 -3.46 -33.42 -7.73
N ALA H 2 -3.97 -32.21 -7.50
CA ALA H 2 -4.29 -31.24 -8.55
C ALA H 2 -3.15 -31.27 -9.57
N LYS H 3 -3.47 -31.40 -10.85
CA LYS H 3 -2.51 -31.18 -11.97
C LYS H 3 -2.74 -29.77 -12.50
N ASP H 4 -1.66 -29.05 -12.80
CA ASP H 4 -1.67 -27.83 -13.64
C ASP H 4 -1.59 -28.32 -15.08
N ILE H 5 -2.59 -28.05 -15.91
CA ILE H 5 -2.63 -28.58 -17.31
C ILE H 5 -2.92 -27.42 -18.27
N ARG H 6 -2.11 -27.32 -19.32
CA ARG H 6 -2.22 -26.25 -20.35
C ARG H 6 -2.40 -26.92 -21.71
N PHE H 7 -2.90 -26.13 -22.67
CA PHE H 7 -3.22 -26.57 -24.05
C PHE H 7 -2.57 -25.64 -25.07
N GLY H 8 -2.21 -26.20 -26.22
CA GLY H 8 -2.05 -25.44 -27.48
C GLY H 8 -0.75 -24.68 -27.54
N GLU H 9 -0.77 -23.51 -28.14
CA GLU H 9 0.44 -22.71 -28.46
C GLU H 9 1.10 -22.31 -27.13
N ASP H 10 0.30 -21.99 -26.12
CA ASP H 10 0.76 -21.67 -24.73
C ASP H 10 1.59 -22.84 -24.18
N ALA H 11 1.04 -24.05 -24.22
CA ALA H 11 1.72 -25.28 -23.74
C ALA H 11 3.02 -25.51 -24.52
N ARG H 12 3.06 -25.16 -25.81
CA ARG H 12 4.23 -25.43 -26.68
C ARG H 12 5.33 -24.41 -26.37
N THR H 13 4.98 -23.12 -26.25
CA THR H 13 5.94 -22.01 -26.01
C THR H 13 6.84 -22.30 -24.80
N ARG H 14 6.36 -23.07 -23.83
CA ARG H 14 7.13 -23.39 -22.60
C ARG H 14 8.10 -24.53 -22.90
N MET H 15 7.71 -25.47 -23.75
CA MET H 15 8.61 -26.60 -24.14
C MET H 15 9.77 -25.97 -24.89
N VAL H 16 9.49 -25.28 -25.98
CA VAL H 16 10.58 -24.74 -26.86
C VAL H 16 11.49 -23.87 -25.96
N ARG H 17 10.91 -23.06 -25.06
CA ARG H 17 11.67 -22.32 -24.00
C ARG H 17 12.65 -23.30 -23.32
N GLY H 18 12.10 -24.29 -22.62
CA GLY H 18 12.86 -25.41 -22.04
C GLY H 18 14.04 -25.84 -22.89
N VAL H 19 13.85 -26.11 -24.20
CA VAL H 19 14.90 -26.77 -25.05
C VAL H 19 15.99 -25.73 -25.42
N ASN H 20 15.60 -24.47 -25.68
CA ASN H 20 16.52 -23.34 -25.97
C ASN H 20 17.52 -23.18 -24.82
N VAL H 21 17.05 -23.37 -23.58
CA VAL H 21 17.86 -23.28 -22.33
C VAL H 21 18.91 -24.39 -22.33
N LEU H 22 18.46 -25.64 -22.39
CA LEU H 22 19.35 -26.84 -22.48
C LEU H 22 20.33 -26.66 -23.64
N ALA H 23 19.82 -26.31 -24.83
CA ALA H 23 20.59 -26.26 -26.09
C ALA H 23 21.68 -25.19 -26.01
N ASN H 24 21.31 -23.93 -25.76
CA ASN H 24 22.30 -22.82 -25.71
C ASN H 24 23.47 -23.23 -24.80
N ALA H 25 23.17 -23.69 -23.58
CA ALA H 25 24.15 -24.22 -22.60
C ALA H 25 25.04 -25.28 -23.24
N VAL H 26 24.43 -26.26 -23.89
CA VAL H 26 25.11 -27.47 -24.44
C VAL H 26 25.88 -27.12 -25.72
N LYS H 27 25.24 -26.40 -26.66
CA LYS H 27 25.80 -26.11 -28.01
C LYS H 27 26.98 -25.15 -27.89
N ALA H 28 27.13 -24.52 -26.72
CA ALA H 28 28.31 -23.69 -26.34
C ALA H 28 29.59 -24.53 -26.46
N THR H 29 29.51 -25.83 -26.17
CA THR H 29 30.69 -26.72 -25.91
C THR H 29 31.25 -27.32 -27.20
N LEU H 30 30.71 -26.93 -28.35
CA LEU H 30 30.79 -27.72 -29.61
C LEU H 30 32.06 -27.37 -30.39
N GLY H 31 32.75 -28.42 -30.86
CA GLY H 31 33.90 -28.31 -31.78
C GLY H 31 35.21 -28.13 -31.01
N PRO H 32 36.27 -27.65 -31.70
CA PRO H 32 37.55 -27.38 -31.05
C PRO H 32 37.65 -25.99 -30.41
N LYS H 33 37.08 -24.98 -31.07
CA LYS H 33 37.00 -23.60 -30.53
C LYS H 33 35.74 -23.52 -29.67
N GLY H 34 35.37 -24.64 -29.03
CA GLY H 34 34.22 -24.78 -28.10
C GLY H 34 34.50 -24.14 -26.75
N ARG H 35 33.46 -23.62 -26.09
CA ARG H 35 33.56 -22.76 -24.89
C ARG H 35 33.65 -23.62 -23.61
N ASN H 36 33.52 -22.98 -22.43
CA ASN H 36 33.41 -23.68 -21.13
C ASN H 36 32.01 -23.43 -20.55
N VAL H 37 31.57 -24.35 -19.70
CA VAL H 37 30.35 -24.20 -18.85
C VAL H 37 30.74 -24.55 -17.42
N VAL H 38 30.20 -23.80 -16.46
CA VAL H 38 30.56 -23.92 -15.01
C VAL H 38 29.37 -24.53 -14.29
N LEU H 39 29.57 -25.70 -13.68
CA LEU H 39 28.51 -26.47 -12.99
C LEU H 39 28.78 -26.47 -11.48
N GLU H 40 27.79 -26.09 -10.66
CA GLU H 40 27.95 -26.07 -9.18
C GLU H 40 28.24 -27.49 -8.69
N LYS H 41 28.54 -27.63 -7.40
CA LYS H 41 28.95 -28.90 -6.76
C LYS H 41 28.74 -28.78 -5.24
N SER H 42 27.54 -29.13 -4.77
CA SER H 42 27.03 -28.89 -3.38
C SER H 42 28.16 -28.49 -2.42
N PHE H 43 28.96 -29.48 -1.96
CA PHE H 43 30.07 -29.31 -0.98
C PHE H 43 31.41 -29.45 -1.73
N GLY H 44 31.87 -28.38 -2.37
CA GLY H 44 33.11 -28.37 -3.17
C GLY H 44 33.33 -27.07 -3.92
N ALA H 45 34.14 -27.14 -4.98
CA ALA H 45 34.41 -26.03 -5.94
C ALA H 45 33.66 -26.29 -7.24
N PRO H 46 33.19 -25.24 -7.94
CA PRO H 46 32.53 -25.42 -9.24
C PRO H 46 33.37 -26.24 -10.22
N THR H 47 32.70 -27.15 -10.93
CA THR H 47 33.21 -27.88 -12.11
C THR H 47 33.13 -26.98 -13.34
N ILE H 48 34.27 -26.76 -14.00
CA ILE H 48 34.34 -26.18 -15.39
C ILE H 48 34.48 -27.35 -16.36
N THR H 49 33.83 -27.29 -17.53
CA THR H 49 33.88 -28.38 -18.54
C THR H 49 33.57 -27.86 -19.94
N LYS H 50 34.05 -28.63 -20.93
CA LYS H 50 33.77 -28.48 -22.39
C LYS H 50 33.00 -29.71 -22.89
N ASP H 51 32.47 -30.54 -21.97
CA ASP H 51 31.73 -31.79 -22.27
C ASP H 51 30.22 -31.53 -22.25
N GLY H 52 29.64 -31.28 -23.43
CA GLY H 52 28.18 -31.13 -23.62
C GLY H 52 27.38 -32.15 -22.83
N VAL H 53 27.90 -33.38 -22.68
CA VAL H 53 27.17 -34.50 -22.02
C VAL H 53 26.95 -34.14 -20.55
N SER H 54 28.02 -33.71 -19.86
CA SER H 54 28.03 -33.40 -18.41
C SER H 54 27.13 -32.20 -18.15
N VAL H 55 27.37 -31.10 -18.87
CA VAL H 55 26.47 -29.91 -18.90
C VAL H 55 25.02 -30.40 -18.96
N ALA H 56 24.74 -31.35 -19.85
CA ALA H 56 23.38 -31.88 -20.16
C ALA H 56 22.79 -32.63 -18.94
N LYS H 57 23.64 -33.34 -18.18
CA LYS H 57 23.20 -34.13 -16.99
C LYS H 57 22.63 -33.18 -15.92
N GLU H 58 23.06 -31.92 -15.90
CA GLU H 58 22.79 -30.95 -14.80
C GLU H 58 21.51 -30.15 -15.03
N ILE H 59 21.01 -30.04 -16.26
CA ILE H 59 19.88 -29.12 -16.60
C ILE H 59 18.55 -29.72 -16.13
N GLU H 60 18.00 -29.14 -15.06
CA GLU H 60 16.60 -29.27 -14.60
C GLU H 60 16.10 -27.85 -14.31
N LEU H 61 14.90 -27.48 -14.76
CA LEU H 61 14.37 -26.09 -14.65
C LEU H 61 13.29 -26.04 -13.58
N ALA H 62 13.01 -24.85 -13.05
CA ALA H 62 11.98 -24.61 -12.01
C ALA H 62 10.60 -24.89 -12.62
N ASP H 63 10.28 -24.19 -13.70
CA ASP H 63 8.97 -24.25 -14.41
C ASP H 63 8.76 -25.68 -14.91
N LYS H 64 7.73 -26.35 -14.40
CA LYS H 64 7.44 -27.80 -14.60
C LYS H 64 7.28 -28.12 -16.10
N PHE H 65 6.73 -27.20 -16.89
CA PHE H 65 6.46 -27.40 -18.34
C PHE H 65 7.76 -27.24 -19.13
N GLU H 66 8.43 -26.09 -18.96
CA GLU H 66 9.79 -25.83 -19.49
C GLU H 66 10.72 -27.00 -19.19
N ASN H 67 10.67 -27.55 -17.97
CA ASN H 67 11.48 -28.72 -17.55
C ASN H 67 11.19 -29.90 -18.50
N MET H 68 9.96 -30.42 -18.48
CA MET H 68 9.50 -31.48 -19.41
C MET H 68 10.13 -31.21 -20.79
N GLY H 69 10.06 -29.96 -21.24
CA GLY H 69 10.68 -29.50 -22.51
C GLY H 69 12.10 -30.02 -22.66
N ALA H 70 13.03 -29.50 -21.85
CA ALA H 70 14.47 -29.89 -21.81
C ALA H 70 14.59 -31.39 -21.60
N GLN H 71 13.86 -31.93 -20.61
CA GLN H 71 13.94 -33.34 -20.18
C GLN H 71 13.62 -34.28 -21.35
N MET H 72 12.66 -33.95 -22.22
CA MET H 72 12.28 -34.82 -23.38
C MET H 72 13.48 -34.96 -24.32
N VAL H 73 14.06 -33.85 -24.80
CA VAL H 73 15.20 -33.92 -25.78
C VAL H 73 16.47 -34.39 -25.05
N LYS H 74 16.64 -34.00 -23.78
CA LYS H 74 17.70 -34.52 -22.87
C LYS H 74 17.76 -36.05 -22.98
N GLU H 75 16.60 -36.71 -23.10
CA GLU H 75 16.44 -38.19 -23.28
C GLU H 75 17.03 -38.63 -24.63
N VAL H 76 16.38 -38.23 -25.71
CA VAL H 76 16.57 -38.77 -27.09
C VAL H 76 17.97 -38.38 -27.60
N ALA H 77 18.52 -37.27 -27.11
CA ALA H 77 19.92 -36.87 -27.34
C ALA H 77 20.83 -37.98 -26.79
N SER H 78 20.65 -38.31 -25.51
CA SER H 78 21.43 -39.33 -24.76
C SER H 78 20.98 -40.77 -25.11
N LYS H 79 20.41 -40.97 -26.30
CA LYS H 79 20.24 -42.31 -26.92
C LYS H 79 21.45 -42.58 -27.82
N THR H 80 21.91 -41.58 -28.59
CA THR H 80 23.03 -41.73 -29.57
C THR H 80 24.36 -41.78 -28.82
N ASN H 81 24.34 -41.50 -27.51
CA ASN H 81 25.49 -41.72 -26.58
C ASN H 81 25.60 -43.21 -26.26
N ASP H 82 24.45 -43.87 -26.04
CA ASP H 82 24.32 -45.26 -25.51
C ASP H 82 24.06 -46.25 -26.67
N ASN H 83 24.01 -45.76 -27.92
CA ASN H 83 23.79 -46.57 -29.15
C ASN H 83 25.04 -46.47 -30.05
N ALA H 84 25.65 -45.29 -30.16
CA ALA H 84 26.77 -44.97 -31.09
C ALA H 84 28.07 -44.68 -30.34
N GLY H 85 28.06 -43.70 -29.42
CA GLY H 85 29.23 -43.32 -28.59
C GLY H 85 29.23 -41.85 -28.20
N ASP H 86 29.11 -40.96 -29.20
CA ASP H 86 29.04 -39.48 -29.06
C ASP H 86 27.65 -39.03 -29.50
N GLY H 87 27.54 -37.87 -30.17
CA GLY H 87 26.33 -37.37 -30.85
C GLY H 87 25.51 -36.45 -29.97
N THR H 88 25.46 -36.74 -28.67
CA THR H 88 24.62 -36.08 -27.64
C THR H 88 24.48 -34.57 -27.91
N THR H 89 25.60 -33.88 -28.11
CA THR H 89 25.68 -32.43 -28.42
C THR H 89 25.24 -32.18 -29.87
N THR H 90 25.91 -32.82 -30.83
CA THR H 90 25.61 -32.71 -32.29
C THR H 90 24.10 -32.91 -32.53
N ALA H 91 23.45 -33.74 -31.71
CA ALA H 91 22.01 -34.12 -31.81
C ALA H 91 21.13 -33.09 -31.07
N THR H 92 21.57 -32.65 -29.90
CA THR H 92 20.79 -31.70 -29.05
C THR H 92 20.54 -30.41 -29.83
N VAL H 93 21.46 -30.04 -30.73
CA VAL H 93 21.38 -28.77 -31.53
C VAL H 93 20.63 -29.01 -32.85
N LEU H 94 20.77 -30.19 -33.48
CA LEU H 94 19.86 -30.58 -34.59
C LEU H 94 18.42 -30.44 -34.10
N ALA H 95 18.14 -30.91 -32.88
CA ALA H 95 16.81 -30.88 -32.22
C ALA H 95 16.28 -29.45 -32.20
N GLN H 96 16.92 -28.59 -31.40
CA GLN H 96 16.65 -27.12 -31.27
C GLN H 96 16.25 -26.54 -32.63
N ALA H 97 17.04 -26.83 -33.68
CA ALA H 97 16.98 -26.22 -35.03
C ALA H 97 15.66 -26.57 -35.73
N LEU H 98 15.14 -27.77 -35.46
CA LEU H 98 13.82 -28.25 -35.93
C LEU H 98 12.72 -27.65 -35.04
N ILE H 99 12.87 -27.79 -33.73
CA ILE H 99 11.82 -27.51 -32.71
C ILE H 99 11.44 -26.03 -32.77
N ARG H 100 12.42 -25.15 -33.01
CA ARG H 100 12.21 -23.67 -33.02
C ARG H 100 11.51 -23.29 -34.32
N GLU H 101 12.11 -23.60 -35.48
CA GLU H 101 11.54 -23.27 -36.82
C GLU H 101 10.26 -24.09 -37.01
N GLY H 102 10.17 -25.22 -36.30
CA GLY H 102 8.97 -26.07 -36.26
C GLY H 102 7.80 -25.37 -35.60
N ALA H 103 7.89 -25.15 -34.29
CA ALA H 103 6.81 -24.56 -33.45
C ALA H 103 6.53 -23.11 -33.90
N LYS H 104 7.41 -22.50 -34.70
CA LYS H 104 7.16 -21.21 -35.41
C LYS H 104 6.08 -21.43 -36.49
N ALA H 105 6.39 -22.26 -37.49
CA ALA H 105 5.50 -22.61 -38.62
C ALA H 105 4.17 -23.15 -38.09
N VAL H 106 4.20 -23.98 -37.05
CA VAL H 106 2.98 -24.56 -36.44
C VAL H 106 2.06 -23.43 -36.01
N ALA H 107 2.62 -22.51 -35.21
CA ALA H 107 1.96 -21.34 -34.59
C ALA H 107 1.48 -20.36 -35.65
N ALA H 108 2.18 -20.30 -36.80
CA ALA H 108 1.82 -19.48 -37.98
C ALA H 108 0.54 -20.03 -38.63
N GLY H 109 0.23 -21.31 -38.41
CA GLY H 109 -1.04 -21.94 -38.85
C GLY H 109 -0.83 -23.06 -39.85
N MET H 110 0.40 -23.45 -40.13
CA MET H 110 0.68 -24.62 -41.01
C MET H 110 0.31 -25.90 -40.25
N ASN H 111 -0.10 -26.94 -40.99
CA ASN H 111 -0.67 -28.21 -40.46
C ASN H 111 0.45 -29.06 -39.86
N PRO H 112 0.44 -29.34 -38.53
CA PRO H 112 1.62 -29.91 -37.87
C PRO H 112 1.94 -31.32 -38.36
N MET H 113 0.91 -32.11 -38.68
CA MET H 113 1.06 -33.49 -39.19
C MET H 113 1.89 -33.47 -40.48
N ASP H 114 1.63 -32.50 -41.37
CA ASP H 114 2.33 -32.37 -42.67
C ASP H 114 3.79 -31.99 -42.43
N LEU H 115 4.05 -31.01 -41.56
CA LEU H 115 5.42 -30.62 -41.17
C LEU H 115 6.18 -31.87 -40.71
N LYS H 116 5.55 -32.68 -39.85
CA LYS H 116 6.17 -33.91 -39.26
C LYS H 116 6.54 -34.88 -40.39
N ARG H 117 5.62 -35.10 -41.34
CA ARG H 117 5.81 -36.07 -42.45
C ARG H 117 6.80 -35.51 -43.48
N GLY H 118 6.97 -34.19 -43.50
CA GLY H 118 7.98 -33.50 -44.33
C GLY H 118 9.37 -33.64 -43.73
N ILE H 119 9.51 -33.35 -42.43
CA ILE H 119 10.80 -33.41 -41.68
C ILE H 119 11.40 -34.81 -41.84
N ASP H 120 10.54 -35.84 -41.73
CA ASP H 120 10.95 -37.26 -41.74
C ASP H 120 11.38 -37.61 -43.17
N GLN H 121 10.53 -37.31 -44.15
CA GLN H 121 10.86 -37.50 -45.59
C GLN H 121 12.29 -37.02 -45.82
N ALA H 122 12.57 -35.79 -45.38
CA ALA H 122 13.83 -35.04 -45.60
C ALA H 122 14.99 -35.74 -44.91
N VAL H 123 14.75 -36.30 -43.73
CA VAL H 123 15.80 -37.02 -42.95
C VAL H 123 16.04 -38.40 -43.60
N LYS H 124 14.97 -39.13 -43.91
CA LYS H 124 15.06 -40.43 -44.65
C LYS H 124 16.04 -40.27 -45.81
N ALA H 125 15.88 -39.18 -46.57
CA ALA H 125 16.67 -38.86 -47.79
C ALA H 125 18.09 -38.43 -47.43
N ALA H 126 18.26 -37.70 -46.33
CA ALA H 126 19.59 -37.27 -45.84
C ALA H 126 20.41 -38.51 -45.41
N VAL H 127 19.86 -39.32 -44.50
CA VAL H 127 20.49 -40.57 -43.97
C VAL H 127 20.98 -41.45 -45.13
N VAL H 128 20.22 -41.53 -46.22
CA VAL H 128 20.57 -42.39 -47.40
C VAL H 128 21.72 -41.71 -48.16
N GLU H 129 21.67 -40.38 -48.31
CA GLU H 129 22.74 -39.61 -48.99
C GLU H 129 23.98 -39.63 -48.10
N LEU H 130 23.79 -39.84 -46.80
CA LEU H 130 24.87 -39.84 -45.78
C LEU H 130 25.64 -41.18 -45.81
N LYS H 131 25.00 -42.26 -46.28
CA LYS H 131 25.60 -43.62 -46.34
C LYS H 131 26.41 -43.76 -47.64
N ASN H 132 26.00 -43.06 -48.69
CA ASN H 132 26.70 -43.07 -50.01
C ASN H 132 28.11 -42.49 -49.84
N ILE H 133 28.23 -41.33 -49.19
CA ILE H 133 29.53 -40.62 -48.97
C ILE H 133 30.35 -41.33 -47.87
N SER H 134 29.77 -42.29 -47.14
CA SER H 134 30.50 -43.12 -46.14
C SER H 134 31.66 -43.86 -46.81
N LYS H 135 32.78 -43.98 -46.10
CA LYS H 135 34.03 -44.60 -46.61
C LYS H 135 34.49 -45.64 -45.60
N PRO H 136 34.37 -46.96 -45.89
CA PRO H 136 34.56 -47.98 -44.86
C PRO H 136 36.02 -47.99 -44.39
N THR H 137 36.27 -48.35 -43.13
CA THR H 137 37.63 -48.60 -42.56
C THR H 137 37.74 -50.08 -42.20
N THR H 138 37.41 -50.95 -43.17
CA THR H 138 37.34 -52.43 -43.03
C THR H 138 38.75 -53.00 -42.84
N ASP H 139 39.70 -52.61 -43.71
CA ASP H 139 41.13 -53.03 -43.65
C ASP H 139 41.70 -52.67 -42.28
N ASP H 140 42.48 -53.57 -41.67
CA ASP H 140 43.07 -53.43 -40.31
C ASP H 140 44.20 -52.37 -40.33
N LYS H 141 44.83 -52.13 -41.49
CA LYS H 141 45.84 -51.06 -41.69
C LYS H 141 45.27 -49.72 -41.20
N ALA H 142 44.05 -49.40 -41.63
CA ALA H 142 43.42 -48.05 -41.53
C ALA H 142 42.56 -47.92 -40.28
N ILE H 143 42.15 -49.04 -39.67
CA ILE H 143 41.48 -49.08 -38.33
C ILE H 143 42.35 -48.28 -37.35
N ALA H 144 43.67 -48.47 -37.40
CA ALA H 144 44.69 -47.78 -36.58
C ALA H 144 44.42 -46.27 -36.60
N GLN H 145 44.55 -45.65 -37.77
CA GLN H 145 44.48 -44.17 -37.99
C GLN H 145 43.20 -43.63 -37.34
N VAL H 146 42.08 -44.36 -37.45
CA VAL H 146 40.77 -43.99 -36.83
C VAL H 146 40.92 -43.99 -35.31
N GLY H 147 41.58 -45.01 -34.76
CA GLY H 147 41.91 -45.09 -33.32
C GLY H 147 42.69 -43.87 -32.86
N THR H 148 43.74 -43.52 -33.61
CA THR H 148 44.67 -42.39 -33.34
C THR H 148 43.90 -41.06 -33.37
N ILE H 149 43.02 -40.88 -34.36
CA ILE H 149 42.16 -39.67 -34.51
C ILE H 149 41.18 -39.62 -33.33
N SER H 150 40.58 -40.77 -32.99
CA SER H 150 39.58 -40.91 -31.91
C SER H 150 40.19 -40.58 -30.54
N ALA H 151 41.46 -40.95 -30.32
CA ALA H 151 42.21 -40.74 -29.06
C ALA H 151 43.08 -39.47 -29.15
N ASN H 152 42.66 -38.50 -29.97
CA ASN H 152 43.25 -37.14 -30.05
C ASN H 152 44.75 -37.22 -30.43
N SER H 153 45.01 -37.71 -31.64
CA SER H 153 46.32 -37.65 -32.36
C SER H 153 47.33 -38.69 -31.82
N ASP H 154 47.11 -39.23 -30.62
CA ASP H 154 48.01 -40.21 -29.96
C ASP H 154 48.10 -41.48 -30.83
N GLU H 155 49.30 -41.76 -31.39
CA GLU H 155 49.57 -42.92 -32.31
C GLU H 155 49.59 -44.22 -31.49
N SER H 156 50.13 -44.18 -30.27
CA SER H 156 50.36 -45.38 -29.40
C SER H 156 49.04 -46.14 -29.21
N ILE H 157 47.94 -45.41 -29.01
CA ILE H 157 46.61 -45.94 -28.57
C ILE H 157 45.87 -46.50 -29.81
N GLY H 158 45.98 -45.84 -30.96
CA GLY H 158 45.41 -46.33 -32.24
C GLY H 158 46.06 -47.62 -32.71
N ASN H 159 47.29 -47.89 -32.26
CA ASN H 159 48.07 -49.10 -32.62
C ASN H 159 47.46 -50.34 -31.92
N ILE H 160 47.23 -50.30 -30.60
CA ILE H 160 46.80 -51.49 -29.81
C ILE H 160 45.32 -51.80 -30.08
N ILE H 161 44.46 -50.80 -30.34
CA ILE H 161 43.03 -51.05 -30.70
C ILE H 161 43.03 -51.94 -31.94
N ALA H 162 43.86 -51.58 -32.92
CA ALA H 162 44.01 -52.29 -34.22
C ALA H 162 44.60 -53.68 -33.99
N GLU H 163 45.69 -53.75 -33.21
CA GLU H 163 46.43 -55.01 -32.90
C GLU H 163 45.56 -55.94 -32.03
N ALA H 164 44.59 -55.39 -31.29
CA ALA H 164 43.56 -56.16 -30.53
C ALA H 164 42.50 -56.70 -31.50
N MET H 165 42.07 -55.89 -32.48
CA MET H 165 41.10 -56.28 -33.54
C MET H 165 41.79 -57.19 -34.57
N LYS H 166 43.11 -57.35 -34.43
CA LYS H 166 43.89 -58.42 -35.11
C LYS H 166 43.65 -59.73 -34.35
N LYS H 167 43.76 -59.71 -33.02
CA LYS H 167 43.62 -60.91 -32.13
C LYS H 167 42.17 -61.40 -32.14
N VAL H 168 41.32 -60.94 -31.21
CA VAL H 168 39.92 -61.44 -31.03
C VAL H 168 39.11 -61.29 -32.32
N GLY H 169 39.69 -60.67 -33.36
CA GLY H 169 38.98 -60.31 -34.59
C GLY H 169 38.11 -59.08 -34.38
N LYS H 170 37.96 -58.25 -35.42
CA LYS H 170 37.33 -56.91 -35.33
C LYS H 170 35.86 -57.01 -34.87
N GLU H 171 35.30 -58.22 -34.78
CA GLU H 171 33.91 -58.47 -34.29
C GLU H 171 33.93 -58.99 -32.85
N GLY H 172 35.12 -59.24 -32.29
CA GLY H 172 35.31 -59.86 -30.96
C GLY H 172 35.22 -58.86 -29.83
N VAL H 173 35.07 -59.36 -28.61
CA VAL H 173 34.95 -58.54 -27.36
C VAL H 173 36.32 -57.90 -27.07
N ILE H 174 36.35 -56.59 -26.83
CA ILE H 174 37.55 -55.85 -26.34
C ILE H 174 37.16 -55.04 -25.10
N THR H 175 37.68 -55.44 -23.94
CA THR H 175 37.60 -54.72 -22.64
C THR H 175 38.88 -53.90 -22.48
N VAL H 176 38.84 -52.88 -21.61
CA VAL H 176 40.06 -52.09 -21.20
C VAL H 176 40.14 -52.13 -19.67
N GLU H 177 41.22 -52.72 -19.11
CA GLU H 177 41.41 -52.89 -17.64
C GLU H 177 42.52 -51.93 -17.16
N GLU H 178 42.70 -51.90 -15.83
CA GLU H 178 43.74 -51.11 -15.09
C GLU H 178 45.14 -51.52 -15.57
N GLY H 179 45.95 -50.54 -15.95
CA GLY H 179 47.29 -50.74 -16.56
C GLY H 179 48.36 -51.06 -15.54
N SER H 180 49.32 -51.91 -15.93
CA SER H 180 50.50 -52.31 -15.13
C SER H 180 51.25 -51.05 -14.68
N GLY H 181 51.78 -50.28 -15.62
CA GLY H 181 52.64 -49.09 -15.35
C GLY H 181 53.52 -48.74 -16.53
N LEU H 182 53.28 -47.56 -17.12
CA LEU H 182 53.92 -47.03 -18.36
C LEU H 182 53.84 -48.06 -19.49
N GLU H 183 53.25 -47.66 -20.62
CA GLU H 183 53.17 -48.41 -21.92
C GLU H 183 52.07 -49.48 -21.85
N ASN H 184 51.42 -49.71 -23.00
CA ASN H 184 50.13 -50.44 -23.14
C ASN H 184 50.39 -51.95 -23.29
N GLU H 185 49.61 -52.78 -22.59
CA GLU H 185 49.78 -54.25 -22.52
C GLU H 185 48.51 -54.96 -23.02
N LEU H 186 48.66 -56.09 -23.73
CA LEU H 186 47.56 -56.78 -24.45
C LEU H 186 47.56 -58.29 -24.15
N ASP H 187 46.52 -58.78 -23.48
CA ASP H 187 46.25 -60.22 -23.25
C ASP H 187 45.19 -60.73 -24.23
N VAL H 188 44.87 -62.02 -24.16
CA VAL H 188 43.55 -62.62 -24.53
C VAL H 188 43.26 -63.69 -23.48
N VAL H 189 42.02 -63.73 -22.96
CA VAL H 189 41.64 -64.64 -21.82
C VAL H 189 40.28 -65.29 -22.12
N GLU H 190 39.81 -66.17 -21.23
CA GLU H 190 38.44 -66.76 -21.26
C GLU H 190 37.45 -65.63 -20.92
N GLY H 191 36.36 -65.49 -21.69
CA GLY H 191 35.37 -64.45 -21.38
C GLY H 191 34.27 -64.31 -22.40
N MET H 192 33.12 -63.80 -21.94
CA MET H 192 31.87 -63.64 -22.73
C MET H 192 31.39 -62.20 -22.58
N GLN H 193 30.55 -61.72 -23.51
CA GLN H 193 29.88 -60.40 -23.45
C GLN H 193 28.54 -60.48 -24.16
N PHE H 194 27.50 -59.87 -23.57
CA PHE H 194 26.09 -60.01 -23.99
C PHE H 194 25.30 -58.73 -23.69
N ASP H 195 24.13 -58.59 -24.33
CA ASP H 195 23.39 -57.31 -24.52
C ASP H 195 22.47 -57.04 -23.32
N ARG H 196 23.04 -56.95 -22.12
CA ARG H 196 22.33 -56.49 -20.88
C ARG H 196 23.28 -55.65 -20.04
N GLY H 197 22.73 -54.78 -19.19
CA GLY H 197 23.48 -53.96 -18.23
C GLY H 197 22.71 -53.82 -16.92
N TYR H 198 23.21 -53.00 -16.00
CA TYR H 198 22.61 -52.71 -14.67
C TYR H 198 21.10 -52.39 -14.83
N LEU H 199 20.26 -52.86 -13.89
CA LEU H 199 18.78 -52.76 -13.97
C LEU H 199 18.28 -51.53 -13.20
N SER H 200 19.11 -51.01 -12.30
CA SER H 200 19.06 -49.61 -11.82
C SER H 200 20.49 -49.09 -11.79
N PRO H 201 20.75 -47.81 -12.14
CA PRO H 201 22.00 -47.18 -11.74
C PRO H 201 22.13 -47.35 -10.23
N TYR H 202 23.18 -46.79 -9.63
CA TYR H 202 23.59 -46.98 -8.21
C TYR H 202 24.64 -48.10 -8.16
N PHE H 203 24.25 -49.31 -8.57
CA PHE H 203 25.17 -50.46 -8.79
C PHE H 203 26.44 -49.94 -9.47
N ILE H 204 26.30 -48.85 -10.22
CA ILE H 204 27.41 -48.12 -10.93
C ILE H 204 28.41 -47.64 -9.88
N ASN H 205 29.71 -47.89 -10.09
CA ASN H 205 30.78 -47.52 -9.14
C ASN H 205 31.86 -46.68 -9.86
N ASN H 206 32.20 -47.05 -11.10
CA ASN H 206 32.99 -46.19 -12.03
C ASN H 206 32.02 -45.52 -13.00
N GLN H 207 31.17 -44.60 -12.54
CA GLN H 207 30.34 -43.75 -13.46
C GLN H 207 31.29 -42.78 -14.18
N GLN H 208 32.55 -42.73 -13.74
CA GLN H 208 33.74 -42.27 -14.52
C GLN H 208 33.82 -43.06 -15.84
N SER H 209 33.24 -44.26 -15.85
CA SER H 209 33.09 -45.17 -17.03
C SER H 209 31.67 -45.75 -17.10
N GLN H 210 30.67 -45.03 -16.58
CA GLN H 210 29.24 -45.44 -16.47
C GLN H 210 29.15 -46.98 -16.31
N SER H 211 29.81 -47.51 -15.27
CA SER H 211 30.13 -48.95 -15.11
C SER H 211 29.96 -49.41 -13.65
N ALA H 212 29.79 -50.73 -13.46
CA ALA H 212 29.66 -51.41 -12.14
C ALA H 212 30.61 -52.62 -12.08
N ASP H 213 31.92 -52.36 -11.96
CA ASP H 213 32.98 -53.41 -11.99
C ASP H 213 33.03 -54.14 -10.64
N LEU H 214 33.21 -55.47 -10.66
CA LEU H 214 33.35 -56.34 -9.45
C LEU H 214 34.67 -57.12 -9.50
N ASP H 215 35.24 -57.38 -8.31
CA ASP H 215 36.51 -58.16 -8.11
C ASP H 215 36.19 -59.59 -7.63
N ASP H 216 36.75 -60.60 -8.30
CA ASP H 216 36.78 -62.02 -7.84
C ASP H 216 35.36 -62.60 -7.67
N PRO H 217 34.33 -62.11 -8.40
CA PRO H 217 32.93 -62.40 -8.03
C PRO H 217 32.46 -63.85 -8.18
N PHE H 218 31.33 -64.14 -7.52
CA PHE H 218 30.45 -65.33 -7.74
C PHE H 218 29.36 -64.95 -8.75
N ILE H 219 28.71 -65.95 -9.36
CA ILE H 219 27.74 -65.73 -10.49
C ILE H 219 26.50 -66.61 -10.28
N LEU H 220 25.35 -65.98 -10.01
CA LEU H 220 24.06 -66.66 -9.76
C LEU H 220 23.20 -66.62 -11.03
N LEU H 221 23.26 -67.70 -11.81
CA LEU H 221 22.47 -67.88 -13.06
C LEU H 221 21.10 -68.45 -12.69
N HIS H 222 20.07 -68.14 -13.49
CA HIS H 222 18.65 -68.35 -13.12
C HIS H 222 17.74 -68.19 -14.35
N ASP H 223 16.72 -69.05 -14.46
CA ASP H 223 15.74 -69.09 -15.59
C ASP H 223 14.37 -68.55 -15.15
N LYS H 224 14.24 -68.17 -13.88
CA LYS H 224 12.96 -67.69 -13.27
C LYS H 224 13.03 -66.17 -13.11
N LYS H 225 11.99 -65.56 -12.52
CA LYS H 225 11.90 -64.13 -12.14
C LYS H 225 12.10 -64.05 -10.61
N ILE H 226 12.23 -62.85 -10.04
CA ILE H 226 12.54 -62.67 -8.58
C ILE H 226 11.58 -61.63 -7.97
N SER H 227 11.09 -61.89 -6.76
CA SER H 227 10.05 -61.08 -6.05
C SER H 227 10.52 -60.68 -4.65
N ASN H 228 10.37 -61.55 -3.65
CA ASN H 228 10.42 -61.19 -2.20
C ASN H 228 11.77 -61.57 -1.57
N VAL H 229 12.84 -61.63 -2.37
CA VAL H 229 14.28 -61.67 -1.95
C VAL H 229 14.57 -62.89 -1.07
N ARG H 230 13.79 -63.12 0.01
CA ARG H 230 14.11 -64.08 1.10
C ARG H 230 14.86 -65.29 0.53
N ASP H 231 14.45 -65.74 -0.67
CA ASP H 231 15.04 -66.88 -1.41
C ASP H 231 16.56 -66.74 -1.57
N LEU H 232 17.08 -65.51 -1.58
CA LEU H 232 18.52 -65.23 -1.85
C LEU H 232 19.29 -65.01 -0.54
N LEU H 233 18.60 -64.93 0.60
CA LEU H 233 19.23 -64.72 1.92
C LEU H 233 20.17 -65.87 2.27
N PRO H 234 19.89 -67.13 1.86
CA PRO H 234 20.86 -68.22 2.01
C PRO H 234 22.10 -67.96 1.14
N VAL H 235 21.89 -67.45 -0.07
CA VAL H 235 22.99 -67.13 -1.03
C VAL H 235 23.79 -65.94 -0.49
N LEU H 236 23.13 -65.01 0.20
CA LEU H 236 23.74 -63.72 0.61
C LEU H 236 24.36 -63.82 2.02
N GLU H 237 23.98 -64.83 2.81
CA GLU H 237 24.81 -65.32 3.95
C GLU H 237 26.20 -65.64 3.41
N GLY H 238 26.25 -66.37 2.29
CA GLY H 238 27.48 -66.88 1.67
C GLY H 238 28.30 -65.78 1.01
N VAL H 239 27.63 -64.81 0.39
CA VAL H 239 28.29 -63.66 -0.30
C VAL H 239 28.84 -62.69 0.76
N ALA H 240 28.25 -62.68 1.97
CA ALA H 240 28.76 -61.95 3.17
C ALA H 240 30.10 -62.57 3.61
N LYS H 241 30.06 -63.80 4.14
CA LYS H 241 31.24 -64.68 4.34
C LYS H 241 32.06 -64.74 3.04
N ALA H 242 33.17 -65.48 3.03
CA ALA H 242 34.14 -65.59 1.90
C ALA H 242 34.65 -64.20 1.51
N GLY H 243 33.74 -63.23 1.42
CA GLY H 243 34.02 -61.78 1.34
C GLY H 243 34.18 -61.33 -0.09
N LYS H 244 33.21 -61.68 -0.94
CA LYS H 244 33.28 -61.43 -2.41
C LYS H 244 31.94 -60.91 -2.90
N PRO H 245 31.93 -60.13 -4.00
CA PRO H 245 30.69 -59.58 -4.57
C PRO H 245 30.02 -60.55 -5.57
N LEU H 246 28.80 -60.22 -6.02
CA LEU H 246 27.91 -61.18 -6.72
C LEU H 246 27.21 -60.54 -7.93
N LEU H 247 27.30 -61.19 -9.10
CA LEU H 247 26.51 -60.87 -10.32
C LEU H 247 25.30 -61.81 -10.40
N ILE H 248 24.08 -61.26 -10.26
CA ILE H 248 22.78 -61.97 -10.46
C ILE H 248 22.43 -61.86 -11.95
N VAL H 249 22.15 -62.98 -12.62
CA VAL H 249 21.51 -62.99 -13.98
C VAL H 249 20.24 -63.87 -13.91
N ALA H 250 19.11 -63.25 -14.23
CA ALA H 250 17.72 -63.77 -14.07
C ALA H 250 16.85 -63.32 -15.24
N GLU H 251 15.69 -63.94 -15.42
CA GLU H 251 14.69 -63.57 -16.47
C GLU H 251 14.35 -62.09 -16.28
N GLU H 252 13.92 -61.73 -15.06
CA GLU H 252 13.78 -60.33 -14.57
C GLU H 252 13.89 -60.33 -13.04
N VAL H 253 14.14 -59.16 -12.46
CA VAL H 253 14.18 -58.94 -10.97
C VAL H 253 13.40 -57.64 -10.69
N GLU H 254 12.24 -57.75 -10.05
CA GLU H 254 11.13 -56.75 -10.14
C GLU H 254 10.63 -56.28 -8.76
N GLY H 255 10.48 -57.18 -7.77
CA GLY H 255 9.72 -56.93 -6.52
C GLY H 255 10.49 -56.09 -5.52
N GLU H 256 10.18 -56.27 -4.22
CA GLU H 256 11.00 -55.71 -3.09
C GLU H 256 12.45 -56.13 -3.33
N ALA H 257 12.64 -57.21 -4.10
CA ALA H 257 13.92 -57.66 -4.71
C ALA H 257 14.88 -56.50 -4.96
N LEU H 258 15.02 -56.04 -6.22
CA LEU H 258 16.02 -55.00 -6.60
C LEU H 258 15.85 -53.76 -5.72
N ALA H 259 14.68 -53.57 -5.10
CA ALA H 259 14.46 -52.52 -4.06
C ALA H 259 15.42 -52.73 -2.87
N THR H 260 15.51 -53.96 -2.32
CA THR H 260 16.23 -54.23 -1.05
C THR H 260 17.76 -54.24 -1.25
N LEU H 261 18.26 -54.83 -2.34
CA LEU H 261 19.73 -54.98 -2.57
C LEU H 261 20.26 -53.87 -3.50
N VAL H 262 19.41 -52.92 -3.88
CA VAL H 262 19.83 -51.55 -4.34
C VAL H 262 20.09 -50.69 -3.11
N VAL H 263 19.08 -50.57 -2.23
CA VAL H 263 19.17 -49.89 -0.90
C VAL H 263 20.37 -50.45 -0.16
N ASN H 264 20.28 -51.70 0.26
CA ASN H 264 21.39 -52.38 0.98
C ASN H 264 22.63 -52.38 0.08
N THR H 265 22.69 -51.41 -0.82
CA THR H 265 23.93 -51.04 -1.54
C THR H 265 24.29 -49.65 -1.02
N ILE H 266 24.33 -49.62 0.30
CA ILE H 266 24.66 -48.47 1.18
C ILE H 266 26.17 -48.36 1.10
N ARG H 267 26.80 -48.97 2.10
CA ARG H 267 28.26 -49.15 2.10
C ARG H 267 28.54 -50.56 1.56
N GLY H 268 27.91 -50.90 0.42
CA GLY H 268 27.98 -52.25 -0.17
C GLY H 268 27.18 -53.26 0.63
N ILE H 269 27.59 -53.55 1.88
CA ILE H 269 27.07 -54.67 2.72
C ILE H 269 27.02 -55.91 1.82
N VAL H 270 28.19 -56.30 1.30
CA VAL H 270 28.38 -57.25 0.16
C VAL H 270 27.89 -56.58 -1.13
N LYS H 271 28.80 -56.38 -2.10
CA LYS H 271 28.53 -55.64 -3.37
C LYS H 271 27.74 -56.55 -4.33
N VAL H 272 26.67 -56.01 -4.93
CA VAL H 272 25.76 -56.75 -5.85
C VAL H 272 25.49 -55.87 -7.07
N VAL H 273 25.11 -56.50 -8.19
CA VAL H 273 24.66 -55.86 -9.45
C VAL H 273 23.89 -56.91 -10.26
N ALA H 274 22.62 -56.64 -10.58
CA ALA H 274 21.71 -57.59 -11.26
C ALA H 274 21.56 -57.22 -12.74
N VAL H 275 21.22 -58.22 -13.57
CA VAL H 275 20.93 -58.05 -15.02
C VAL H 275 19.79 -58.99 -15.40
N LYS H 276 18.99 -58.59 -16.40
CA LYS H 276 18.13 -59.53 -17.16
C LYS H 276 19.06 -60.49 -17.91
N ALA H 277 18.54 -61.64 -18.36
CA ALA H 277 19.32 -62.69 -19.08
C ALA H 277 19.18 -62.53 -20.57
N PRO H 278 20.26 -62.77 -21.37
CA PRO H 278 20.23 -62.56 -22.81
C PRO H 278 19.42 -63.64 -23.55
N GLY H 279 18.49 -63.19 -24.39
CA GLY H 279 17.66 -64.07 -25.24
C GLY H 279 16.24 -64.18 -24.72
N PHE H 280 15.52 -65.20 -25.18
CA PHE H 280 14.12 -65.52 -24.79
C PHE H 280 13.88 -67.04 -24.90
N GLY H 281 13.06 -67.58 -23.99
CA GLY H 281 12.59 -68.98 -23.99
C GLY H 281 13.72 -70.01 -24.02
N ASP H 282 13.83 -70.75 -25.13
CA ASP H 282 14.76 -71.91 -25.29
C ASP H 282 16.16 -71.43 -25.71
N ARG H 283 16.27 -70.33 -26.46
CA ARG H 283 17.60 -69.76 -26.86
C ARG H 283 18.23 -69.08 -25.64
N ARG H 284 17.41 -68.74 -24.62
CA ARG H 284 17.91 -68.12 -23.35
C ARG H 284 18.52 -69.20 -22.46
N LYS H 285 17.73 -70.21 -22.09
CA LYS H 285 18.12 -71.31 -21.16
C LYS H 285 19.43 -71.96 -21.63
N ALA H 286 19.57 -72.16 -22.94
CA ALA H 286 20.75 -72.75 -23.61
C ALA H 286 21.99 -71.89 -23.33
N MET H 287 21.89 -70.59 -23.62
CA MET H 287 22.95 -69.56 -23.42
C MET H 287 23.35 -69.48 -21.93
N LEU H 288 22.41 -69.74 -21.02
CA LEU H 288 22.66 -69.75 -19.55
C LEU H 288 23.56 -70.93 -19.19
N GLU H 289 23.38 -72.06 -19.87
CA GLU H 289 24.25 -73.26 -19.69
C GLU H 289 25.63 -72.93 -20.26
N ASP H 290 25.72 -72.07 -21.28
CA ASP H 290 27.01 -71.60 -21.86
C ASP H 290 27.83 -70.83 -20.81
N MET H 291 27.17 -70.16 -19.84
CA MET H 291 27.87 -69.41 -18.75
C MET H 291 27.81 -70.20 -17.42
N ALA H 292 27.16 -71.36 -17.38
CA ALA H 292 27.33 -72.33 -16.27
C ALA H 292 28.68 -73.03 -16.41
N VAL H 293 29.04 -73.42 -17.64
CA VAL H 293 30.29 -74.16 -18.00
C VAL H 293 31.46 -73.18 -18.08
N LEU H 294 31.21 -71.98 -18.63
CA LEU H 294 32.22 -70.90 -18.71
C LEU H 294 32.70 -70.60 -17.29
N THR H 295 31.76 -70.32 -16.38
CA THR H 295 32.00 -69.73 -15.03
C THR H 295 32.25 -70.81 -13.97
N GLY H 296 32.11 -72.09 -14.31
CA GLY H 296 32.32 -73.22 -13.39
C GLY H 296 31.04 -73.64 -12.68
N GLY H 297 29.99 -72.80 -12.71
CA GLY H 297 28.80 -72.94 -11.85
C GLY H 297 27.71 -73.82 -12.45
N THR H 298 26.46 -73.48 -12.09
CA THR H 298 25.24 -74.30 -12.30
C THR H 298 24.03 -73.39 -12.51
N VAL H 299 23.31 -73.58 -13.61
CA VAL H 299 22.03 -72.87 -13.87
C VAL H 299 21.03 -73.35 -12.81
N ILE H 300 20.66 -72.45 -11.90
CA ILE H 300 19.69 -72.69 -10.80
C ILE H 300 18.30 -72.72 -11.41
N SER H 301 17.63 -73.88 -11.39
CA SER H 301 16.31 -74.09 -12.06
C SER H 301 15.54 -75.22 -11.37
N GLU H 302 14.21 -75.13 -11.40
CA GLU H 302 13.28 -76.22 -10.99
C GLU H 302 13.46 -77.39 -11.97
N GLU H 303 13.91 -77.11 -13.20
CA GLU H 303 14.15 -78.07 -14.31
C GLU H 303 15.12 -79.18 -13.86
N VAL H 304 16.43 -78.89 -13.80
CA VAL H 304 17.48 -79.85 -13.32
C VAL H 304 17.24 -80.19 -11.84
N GLY H 305 16.36 -79.44 -11.16
CA GLY H 305 15.80 -79.81 -9.84
C GLY H 305 16.57 -79.19 -8.69
N LEU H 306 16.34 -77.90 -8.44
CA LEU H 306 17.21 -77.01 -7.61
C LEU H 306 16.52 -75.66 -7.42
N ALA H 307 15.74 -75.50 -6.33
CA ALA H 307 14.95 -74.27 -6.02
C ALA H 307 15.89 -73.10 -5.72
N LEU H 308 15.36 -71.96 -5.23
CA LEU H 308 16.22 -70.81 -4.83
C LEU H 308 16.42 -70.74 -3.31
N GLU H 309 15.78 -71.62 -2.53
CA GLU H 309 16.06 -71.76 -1.07
C GLU H 309 17.38 -72.52 -0.90
N LYS H 310 17.58 -73.62 -1.64
CA LYS H 310 18.94 -74.23 -1.81
C LYS H 310 19.72 -73.32 -2.75
N ALA H 311 21.03 -73.26 -2.56
CA ALA H 311 21.97 -72.31 -3.21
C ALA H 311 23.02 -71.90 -2.17
N THR H 312 24.06 -72.72 -2.02
CA THR H 312 25.29 -72.40 -1.25
C THR H 312 26.08 -71.34 -2.05
N ILE H 313 27.25 -70.93 -1.56
CA ILE H 313 28.26 -70.26 -2.42
C ILE H 313 28.74 -71.29 -3.46
N LYS H 314 28.82 -72.57 -3.05
CA LYS H 314 29.35 -73.69 -3.89
C LYS H 314 28.25 -74.22 -4.81
N ASP H 315 27.24 -73.39 -5.12
CA ASP H 315 26.22 -73.67 -6.17
C ASP H 315 26.43 -72.73 -7.36
N LEU H 316 27.28 -71.71 -7.20
CA LEU H 316 27.34 -70.53 -8.09
C LEU H 316 28.51 -70.68 -9.05
N GLY H 317 28.59 -69.82 -10.07
CA GLY H 317 29.79 -69.67 -10.92
C GLY H 317 30.90 -68.95 -10.17
N ARG H 318 31.96 -68.58 -10.89
CA ARG H 318 33.07 -67.69 -10.41
C ARG H 318 33.84 -67.19 -11.63
N ALA H 319 34.23 -65.92 -11.62
CA ALA H 319 35.04 -65.26 -12.69
C ALA H 319 36.00 -64.25 -12.04
N LYS H 320 37.18 -64.04 -12.62
CA LYS H 320 38.29 -63.28 -11.97
C LYS H 320 37.90 -61.80 -11.80
N LYS H 321 37.07 -61.28 -12.72
CA LYS H 321 36.56 -59.89 -12.70
C LYS H 321 35.48 -59.75 -13.77
N VAL H 322 34.35 -59.12 -13.44
CA VAL H 322 33.32 -58.74 -14.45
C VAL H 322 33.33 -57.22 -14.55
N GLN H 323 32.63 -56.69 -15.55
CA GLN H 323 32.18 -55.28 -15.60
C GLN H 323 30.86 -55.25 -16.36
N VAL H 324 29.97 -54.33 -15.99
CA VAL H 324 28.58 -54.21 -16.54
C VAL H 324 28.29 -52.72 -16.79
N SER H 325 28.27 -52.33 -18.07
CA SER H 325 28.08 -50.94 -18.58
C SER H 325 26.61 -50.74 -18.99
N LYS H 326 26.23 -49.49 -19.30
CA LYS H 326 24.81 -49.10 -19.57
C LYS H 326 24.01 -50.34 -19.99
N GLU H 327 24.40 -50.95 -21.11
CA GLU H 327 23.73 -52.14 -21.71
C GLU H 327 24.79 -53.07 -22.30
N ASN H 328 25.67 -53.63 -21.46
CA ASN H 328 26.89 -54.34 -21.95
C ASN H 328 27.59 -55.06 -20.78
N THR H 329 27.07 -56.21 -20.36
CA THR H 329 27.67 -57.09 -19.31
C THR H 329 28.75 -57.98 -19.95
N THR H 330 29.93 -58.07 -19.33
CA THR H 330 31.10 -58.85 -19.85
C THR H 330 31.80 -59.55 -18.68
N ILE H 331 32.05 -60.86 -18.83
CA ILE H 331 32.67 -61.75 -17.80
C ILE H 331 34.06 -62.17 -18.30
N ILE H 332 35.10 -61.92 -17.49
CA ILE H 332 36.53 -62.12 -17.86
C ILE H 332 37.14 -63.20 -16.95
N ASP H 333 37.72 -64.26 -17.55
CA ASP H 333 38.38 -65.42 -16.88
C ASP H 333 37.33 -66.26 -16.13
N GLY H 334 36.59 -67.07 -16.87
CA GLY H 334 35.62 -68.05 -16.34
C GLY H 334 36.34 -69.17 -15.59
N ALA H 335 35.87 -69.48 -14.38
CA ALA H 335 36.48 -70.45 -13.44
C ALA H 335 36.52 -71.85 -14.05
N GLY H 336 35.55 -72.20 -14.90
CA GLY H 336 35.46 -73.52 -15.56
C GLY H 336 36.76 -73.92 -16.25
N ASP H 337 36.99 -75.22 -16.40
CA ASP H 337 38.20 -75.80 -17.08
C ASP H 337 38.19 -75.39 -18.55
N SER H 338 39.25 -75.74 -19.30
CA SER H 338 39.24 -75.82 -20.79
C SER H 338 38.54 -77.11 -21.21
N ALA H 339 38.75 -78.17 -20.42
CA ALA H 339 38.07 -79.49 -20.50
C ALA H 339 36.59 -79.30 -20.86
N ALA H 340 35.77 -78.84 -19.90
CA ALA H 340 34.29 -78.82 -19.99
C ALA H 340 33.83 -77.90 -21.12
N ILE H 341 34.64 -76.89 -21.44
CA ILE H 341 34.30 -75.80 -22.42
C ILE H 341 34.42 -76.34 -23.85
N GLU H 342 35.63 -76.58 -24.37
CA GLU H 342 35.85 -76.98 -25.78
C GLU H 342 35.17 -78.34 -26.04
N SER H 343 34.81 -79.06 -24.96
CA SER H 343 33.79 -80.14 -24.96
C SER H 343 32.45 -79.56 -25.42
N ARG H 344 31.94 -78.58 -24.65
CA ARG H 344 30.68 -77.81 -24.88
C ARG H 344 30.68 -77.19 -26.28
N VAL H 345 31.80 -76.60 -26.72
CA VAL H 345 32.01 -76.06 -28.10
C VAL H 345 31.85 -77.21 -29.10
N GLY H 346 32.62 -78.29 -28.90
CA GLY H 346 32.46 -79.56 -29.63
C GLY H 346 31.00 -79.87 -29.91
N GLN H 347 30.20 -79.99 -28.84
CA GLN H 347 28.76 -80.40 -28.86
C GLN H 347 27.94 -79.48 -29.77
N ILE H 348 28.32 -78.20 -29.86
CA ILE H 348 27.57 -77.14 -30.61
C ILE H 348 27.93 -77.20 -32.10
N LYS H 349 29.20 -77.45 -32.44
CA LYS H 349 29.65 -77.65 -33.85
C LYS H 349 28.77 -78.72 -34.53
N THR H 350 28.42 -79.77 -33.77
CA THR H 350 27.60 -80.91 -34.23
C THR H 350 26.11 -80.52 -34.23
N GLN H 351 25.73 -79.42 -33.58
CA GLN H 351 24.36 -78.83 -33.65
C GLN H 351 24.18 -78.13 -35.00
N ILE H 352 25.29 -77.80 -35.68
CA ILE H 352 25.33 -77.06 -36.99
C ILE H 352 25.34 -78.08 -38.15
N GLU H 353 24.97 -79.33 -37.89
CA GLU H 353 24.76 -80.37 -38.93
C GLU H 353 23.26 -80.57 -39.14
N ASP H 354 22.56 -81.08 -38.11
CA ASP H 354 21.10 -81.32 -38.10
C ASP H 354 20.37 -80.09 -38.67
N THR H 355 20.98 -78.91 -38.55
CA THR H 355 20.45 -77.59 -39.02
C THR H 355 19.77 -77.73 -40.38
N SER H 356 18.51 -78.20 -40.37
CA SER H 356 17.57 -78.10 -41.50
C SER H 356 17.32 -76.62 -41.80
N SER H 357 17.41 -75.79 -40.76
CA SER H 357 16.99 -74.36 -40.74
C SER H 357 18.07 -73.44 -41.33
N ASP H 358 17.65 -72.25 -41.76
CA ASP H 358 18.49 -71.18 -42.35
C ASP H 358 19.10 -70.36 -41.20
N TYR H 359 18.23 -69.91 -40.29
CA TYR H 359 18.39 -68.77 -39.35
C TYR H 359 18.88 -69.26 -37.98
N ASP H 360 18.60 -70.52 -37.63
CA ASP H 360 19.05 -71.15 -36.35
C ASP H 360 20.50 -71.63 -36.51
N ARG H 361 21.00 -71.66 -37.75
CA ARG H 361 22.41 -72.02 -38.09
C ARG H 361 23.35 -70.93 -37.57
N GLU H 362 22.93 -69.66 -37.60
CA GLU H 362 23.74 -68.49 -37.17
C GLU H 362 23.65 -68.31 -35.64
N LYS H 363 22.48 -68.62 -35.05
CA LYS H 363 22.22 -68.50 -33.58
C LYS H 363 23.18 -69.41 -32.81
N LEU H 364 23.64 -70.51 -33.42
CA LEU H 364 24.66 -71.42 -32.85
C LEU H 364 26.05 -70.83 -33.05
N GLN H 365 26.40 -70.43 -34.28
CA GLN H 365 27.72 -69.80 -34.62
C GLN H 365 27.97 -68.63 -33.66
N GLU H 366 26.91 -67.88 -33.33
CA GLU H 366 26.88 -66.84 -32.27
C GLU H 366 27.37 -67.43 -30.94
N ARG H 367 26.68 -68.47 -30.45
CA ARG H 367 26.93 -69.05 -29.11
C ARG H 367 28.40 -69.51 -28.99
N VAL H 368 29.01 -69.95 -30.09
CA VAL H 368 30.42 -70.47 -30.11
C VAL H 368 31.39 -69.34 -30.48
N ALA H 369 30.89 -68.22 -31.02
CA ALA H 369 31.66 -66.95 -31.17
C ALA H 369 31.95 -66.43 -29.76
N LYS H 370 30.90 -66.24 -28.96
CA LYS H 370 30.98 -65.91 -27.52
C LYS H 370 31.95 -66.88 -26.84
N LEU H 371 31.58 -68.16 -26.82
CA LEU H 371 32.15 -69.20 -25.93
C LEU H 371 33.58 -69.56 -26.34
N ALA H 372 33.89 -69.46 -27.64
CA ALA H 372 35.22 -69.79 -28.21
C ALA H 372 36.07 -68.52 -28.37
N GLY H 373 35.44 -67.42 -28.81
CA GLY H 373 36.13 -66.17 -29.22
C GLY H 373 37.25 -65.81 -28.28
N GLY H 374 36.94 -65.65 -26.99
CA GLY H 374 37.86 -65.08 -26.00
C GLY H 374 37.88 -63.55 -26.05
N VAL H 375 38.44 -62.92 -25.01
CA VAL H 375 38.26 -61.48 -24.68
C VAL H 375 39.61 -60.78 -24.74
N ALA H 376 39.76 -59.79 -25.63
CA ALA H 376 40.94 -58.89 -25.72
C ALA H 376 40.92 -57.95 -24.51
N VAL H 377 42.09 -57.60 -23.97
CA VAL H 377 42.23 -56.80 -22.71
C VAL H 377 43.36 -55.80 -22.88
N ILE H 378 43.05 -54.51 -22.77
CA ILE H 378 44.03 -53.39 -22.87
C ILE H 378 44.30 -52.87 -21.45
N LYS H 379 45.42 -53.27 -20.86
CA LYS H 379 45.91 -52.76 -19.56
C LYS H 379 46.74 -51.49 -19.84
N VAL H 380 46.20 -50.32 -19.48
CA VAL H 380 46.55 -49.00 -20.08
C VAL H 380 47.92 -48.51 -19.58
N GLY H 381 48.82 -48.15 -20.49
CA GLY H 381 50.06 -47.41 -20.19
C GLY H 381 49.75 -46.19 -19.32
N ALA H 382 50.56 -45.93 -18.29
CA ALA H 382 50.17 -45.14 -17.10
C ALA H 382 51.16 -44.00 -16.79
N SER H 383 52.06 -44.19 -15.81
CA SER H 383 52.94 -43.15 -15.21
C SER H 383 52.12 -42.14 -14.37
N THR H 384 52.15 -42.26 -13.05
CA THR H 384 51.43 -41.42 -12.04
C THR H 384 49.90 -41.51 -12.25
N GLU H 385 49.19 -42.09 -11.28
CA GLU H 385 47.82 -42.66 -11.44
C GLU H 385 46.91 -41.72 -12.23
N ILE H 386 46.72 -40.48 -11.74
CA ILE H 386 45.74 -39.50 -12.29
C ILE H 386 45.84 -39.47 -13.82
N GLU H 387 47.02 -39.76 -14.40
CA GLU H 387 47.23 -39.97 -15.87
C GLU H 387 46.45 -41.20 -16.35
N MET H 388 46.69 -42.36 -15.73
CA MET H 388 46.16 -43.69 -16.15
C MET H 388 44.63 -43.73 -16.06
N LYS H 389 44.04 -43.01 -15.11
CA LYS H 389 42.57 -42.78 -15.02
C LYS H 389 42.08 -42.06 -16.29
N GLU H 390 42.82 -41.03 -16.73
CA GLU H 390 42.48 -40.19 -17.93
C GLU H 390 42.66 -41.01 -19.21
N LYS H 391 43.89 -41.48 -19.47
CA LYS H 391 44.25 -42.23 -20.70
C LYS H 391 43.21 -43.33 -20.90
N LYS H 392 42.82 -44.03 -19.83
CA LYS H 392 41.78 -45.10 -19.83
C LYS H 392 40.48 -44.56 -20.47
N ALA H 393 39.93 -43.47 -19.94
CA ALA H 393 38.63 -42.88 -20.35
C ALA H 393 38.66 -42.51 -21.84
N ARG H 394 39.84 -42.17 -22.40
CA ARG H 394 40.07 -41.92 -23.84
C ARG H 394 40.07 -43.24 -24.61
N VAL H 395 40.82 -44.23 -24.13
CA VAL H 395 40.91 -45.61 -24.72
C VAL H 395 39.48 -46.13 -24.91
N GLU H 396 38.69 -46.13 -23.83
CA GLU H 396 37.25 -46.51 -23.85
C GLU H 396 36.53 -45.76 -24.97
N ASP H 397 36.64 -44.42 -24.97
CA ASP H 397 35.87 -43.53 -25.89
C ASP H 397 36.38 -43.70 -27.34
N ALA H 398 37.68 -44.00 -27.50
CA ALA H 398 38.33 -44.26 -28.81
C ALA H 398 37.90 -45.63 -29.33
N LEU H 399 37.84 -46.61 -28.43
CA LEU H 399 37.43 -47.99 -28.77
C LEU H 399 36.02 -47.96 -29.36
N HIS H 400 35.06 -47.34 -28.65
CA HIS H 400 33.62 -47.26 -29.05
C HIS H 400 33.48 -46.52 -30.38
N ALA H 401 34.39 -45.57 -30.66
CA ALA H 401 34.42 -44.77 -31.91
C ALA H 401 34.94 -45.64 -33.07
N THR H 402 36.07 -46.32 -32.85
CA THR H 402 36.72 -47.25 -33.83
C THR H 402 35.77 -48.40 -34.19
N ARG H 403 34.95 -48.81 -33.22
CA ARG H 403 34.01 -49.97 -33.31
C ARG H 403 32.83 -49.63 -34.23
N ALA H 404 32.17 -48.50 -33.99
CA ALA H 404 31.05 -47.96 -34.81
C ALA H 404 31.58 -47.46 -36.16
N ALA H 405 32.86 -47.09 -36.21
CA ALA H 405 33.59 -46.76 -37.46
C ALA H 405 33.68 -48.02 -38.33
N VAL H 406 34.09 -49.15 -37.75
CA VAL H 406 34.17 -50.47 -38.44
C VAL H 406 32.79 -50.85 -38.97
N GLU H 407 31.74 -50.62 -38.17
CA GLU H 407 30.33 -51.03 -38.47
C GLU H 407 29.78 -50.27 -39.68
N GLU H 408 30.07 -48.98 -39.84
CA GLU H 408 29.34 -48.12 -40.81
C GLU H 408 30.22 -47.04 -41.46
N GLY H 409 31.53 -47.26 -41.59
CA GLY H 409 32.44 -46.30 -42.25
C GLY H 409 32.58 -44.97 -41.52
N VAL H 410 33.29 -44.01 -42.15
CA VAL H 410 33.58 -42.65 -41.62
C VAL H 410 33.05 -41.58 -42.59
N VAL H 411 32.73 -40.39 -42.06
CA VAL H 411 32.24 -39.19 -42.83
C VAL H 411 33.15 -38.02 -42.49
N PRO H 412 33.42 -37.06 -43.42
CA PRO H 412 34.15 -35.84 -43.04
C PRO H 412 33.43 -35.08 -41.90
N GLY H 413 34.16 -34.77 -40.82
CA GLY H 413 33.61 -34.37 -39.50
C GLY H 413 33.61 -32.86 -39.30
N GLY H 414 33.09 -32.38 -38.17
CA GLY H 414 32.87 -30.94 -37.93
C GLY H 414 31.66 -30.45 -38.70
N GLY H 415 30.55 -31.19 -38.58
CA GLY H 415 29.22 -30.84 -39.12
C GLY H 415 29.22 -30.65 -40.64
N VAL H 416 30.25 -31.12 -41.34
CA VAL H 416 30.40 -31.01 -42.83
C VAL H 416 30.01 -32.35 -43.48
N ALA H 417 29.95 -33.43 -42.71
CA ALA H 417 29.23 -34.68 -43.07
C ALA H 417 27.79 -34.31 -43.43
N LEU H 418 27.15 -33.54 -42.55
CA LEU H 418 25.69 -33.22 -42.61
C LEU H 418 25.40 -32.31 -43.80
N VAL H 419 26.18 -31.25 -44.00
CA VAL H 419 25.85 -30.23 -45.05
C VAL H 419 26.04 -30.89 -46.41
N ARG H 420 27.11 -31.67 -46.56
CA ARG H 420 27.42 -32.48 -47.77
C ARG H 420 26.13 -33.20 -48.20
N ALA H 421 25.37 -33.73 -47.23
CA ALA H 421 24.08 -34.45 -47.44
C ALA H 421 23.02 -33.47 -47.98
N LEU H 422 22.48 -32.57 -47.14
CA LEU H 422 21.62 -31.43 -47.58
C LEU H 422 21.71 -31.21 -49.09
N VAL H 423 22.93 -30.94 -49.56
CA VAL H 423 23.27 -30.42 -50.92
C VAL H 423 22.94 -31.49 -51.97
N ALA H 424 23.26 -32.75 -51.69
CA ALA H 424 22.87 -33.93 -52.51
C ALA H 424 21.36 -33.97 -52.68
N VAL H 425 20.60 -33.71 -51.61
CA VAL H 425 19.12 -33.92 -51.56
C VAL H 425 18.40 -32.61 -51.96
N GLY H 426 19.16 -31.55 -52.25
CA GLY H 426 18.74 -30.14 -52.12
C GLY H 426 17.73 -29.67 -53.15
N ASN H 427 16.81 -30.52 -53.59
CA ASN H 427 15.49 -30.06 -54.12
C ASN H 427 14.51 -31.23 -54.05
N LEU H 428 14.32 -31.72 -52.82
CA LEU H 428 13.21 -32.61 -52.41
C LEU H 428 11.99 -31.71 -52.22
N THR H 429 10.79 -32.25 -52.44
CA THR H 429 9.49 -31.56 -52.15
C THR H 429 8.44 -32.61 -51.76
N GLY H 430 7.47 -32.22 -50.93
CA GLY H 430 6.41 -33.13 -50.47
C GLY H 430 5.18 -33.06 -51.34
N ALA H 431 4.00 -33.24 -50.72
CA ALA H 431 2.68 -33.30 -51.39
C ALA H 431 1.88 -32.01 -51.16
N ASN H 432 2.52 -30.90 -50.74
CA ASN H 432 1.80 -29.63 -50.47
C ASN H 432 2.71 -28.63 -49.75
N GLU H 433 2.38 -27.33 -49.89
CA GLU H 433 3.09 -26.20 -49.21
C GLU H 433 3.80 -26.75 -47.98
N ASP H 434 3.04 -27.35 -47.07
CA ASP H 434 3.46 -27.74 -45.70
C ASP H 434 4.53 -28.83 -45.80
N GLN H 435 4.15 -30.07 -46.16
CA GLN H 435 5.11 -31.19 -46.28
C GLN H 435 6.45 -30.66 -46.78
N THR H 436 6.46 -29.88 -47.87
CA THR H 436 7.71 -29.36 -48.49
C THR H 436 8.40 -28.42 -47.49
N HIS H 437 7.64 -27.60 -46.77
CA HIS H 437 8.17 -26.69 -45.72
C HIS H 437 8.84 -27.51 -44.61
N GLY H 438 8.20 -28.60 -44.17
CA GLY H 438 8.83 -29.60 -43.28
C GLY H 438 10.23 -29.97 -43.78
N ILE H 439 10.35 -30.32 -45.06
CA ILE H 439 11.65 -30.63 -45.74
C ILE H 439 12.59 -29.44 -45.56
N GLN H 440 12.12 -28.22 -45.81
CA GLN H 440 12.96 -26.98 -45.76
C GLN H 440 13.56 -26.80 -44.36
N ILE H 441 12.81 -27.07 -43.28
CA ILE H 441 13.28 -26.72 -41.90
C ILE H 441 14.22 -27.83 -41.41
N ALA H 442 14.04 -29.06 -41.88
CA ALA H 442 14.98 -30.17 -41.62
C ALA H 442 16.27 -29.92 -42.41
N LEU H 443 16.16 -29.47 -43.67
CA LEU H 443 17.32 -29.14 -44.55
C LEU H 443 18.10 -27.96 -43.94
N ARG H 444 17.40 -26.94 -43.43
CA ARG H 444 18.08 -25.81 -42.77
C ARG H 444 18.73 -26.34 -41.49
N ALA H 445 18.07 -27.27 -40.79
CA ALA H 445 18.52 -27.81 -39.48
C ALA H 445 19.87 -28.52 -39.58
N MET H 446 20.21 -29.12 -40.73
CA MET H 446 21.47 -29.91 -40.89
C MET H 446 22.68 -28.98 -41.10
N GLU H 447 22.47 -27.66 -41.04
CA GLU H 447 23.56 -26.65 -41.03
C GLU H 447 23.94 -26.32 -39.58
N ALA H 448 23.02 -26.54 -38.64
CA ALA H 448 23.15 -26.14 -37.21
C ALA H 448 24.54 -26.47 -36.69
N PRO H 449 25.06 -27.72 -36.80
CA PRO H 449 26.28 -28.10 -36.11
C PRO H 449 27.52 -27.39 -36.69
N LEU H 450 27.65 -27.31 -38.01
CA LEU H 450 28.75 -26.52 -38.67
C LEU H 450 28.61 -25.07 -38.22
N ARG H 451 27.38 -24.55 -38.20
CA ARG H 451 27.09 -23.15 -37.82
C ARG H 451 27.53 -22.90 -36.37
N GLU H 452 27.35 -23.85 -35.45
CA GLU H 452 27.62 -23.59 -34.02
C GLU H 452 29.11 -23.83 -33.73
N ILE H 453 29.82 -24.57 -34.59
CA ILE H 453 31.31 -24.79 -34.50
C ILE H 453 32.03 -23.47 -34.88
N VAL H 454 31.64 -22.89 -36.00
CA VAL H 454 32.19 -21.61 -36.54
C VAL H 454 31.89 -20.49 -35.54
N ALA H 455 30.65 -20.42 -35.08
CA ALA H 455 30.13 -19.40 -34.12
C ALA H 455 31.02 -19.38 -32.88
N ASN H 456 31.27 -20.56 -32.29
CA ASN H 456 32.13 -20.74 -31.08
C ASN H 456 33.57 -20.31 -31.39
N ALA H 457 33.97 -20.35 -32.67
CA ALA H 457 35.32 -20.02 -33.18
C ALA H 457 35.38 -18.54 -33.57
N GLY H 458 34.30 -17.79 -33.34
CA GLY H 458 34.24 -16.34 -33.53
C GLY H 458 34.18 -15.91 -34.98
N GLU H 459 34.23 -16.84 -35.94
CA GLU H 459 34.10 -16.51 -37.40
C GLU H 459 32.62 -16.38 -37.76
N GLU H 460 32.31 -16.03 -39.02
CA GLU H 460 30.92 -15.71 -39.49
C GLU H 460 30.31 -16.94 -40.15
N PRO H 461 29.27 -17.57 -39.52
CA PRO H 461 28.83 -18.90 -39.91
C PRO H 461 28.36 -18.93 -41.38
N SER H 462 27.72 -17.85 -41.82
CA SER H 462 27.18 -17.73 -43.20
C SER H 462 28.33 -17.86 -44.21
N VAL H 463 29.38 -17.06 -44.07
CA VAL H 463 30.50 -17.00 -45.05
C VAL H 463 31.09 -18.40 -45.22
N ILE H 464 31.69 -18.95 -44.16
CA ILE H 464 32.33 -20.31 -44.15
C ILE H 464 31.39 -21.37 -44.74
N LEU H 465 30.12 -21.36 -44.33
CA LEU H 465 29.16 -22.46 -44.62
C LEU H 465 28.84 -22.49 -46.12
N ASN H 466 28.78 -21.33 -46.76
CA ASN H 466 28.48 -21.22 -48.22
C ASN H 466 29.80 -21.40 -49.02
N LYS H 467 30.96 -21.32 -48.36
CA LYS H 467 32.25 -21.81 -48.94
C LYS H 467 32.22 -23.34 -48.99
N VAL H 468 31.84 -23.97 -47.88
CA VAL H 468 31.85 -25.46 -47.70
C VAL H 468 30.74 -26.09 -48.55
N LYS H 469 29.74 -25.31 -48.97
CA LYS H 469 28.67 -25.79 -49.88
C LYS H 469 29.15 -25.67 -51.32
N GLU H 470 29.95 -24.64 -51.62
CA GLU H 470 30.47 -24.33 -52.99
C GLU H 470 31.54 -25.37 -53.38
N GLY H 471 32.37 -25.79 -52.42
CA GLY H 471 33.34 -26.90 -52.58
C GLY H 471 32.67 -28.25 -52.43
N THR H 472 33.38 -29.34 -52.75
CA THR H 472 32.77 -30.68 -53.01
C THR H 472 33.61 -31.81 -52.42
N GLY H 473 33.02 -33.00 -52.28
CA GLY H 473 33.67 -34.18 -51.69
C GLY H 473 34.02 -33.97 -50.22
N ASN H 474 35.32 -33.87 -49.90
CA ASN H 474 35.85 -33.87 -48.50
C ASN H 474 36.37 -32.48 -48.10
N TYR H 475 36.26 -31.49 -48.98
CA TYR H 475 36.63 -30.07 -48.71
C TYR H 475 35.74 -29.52 -47.58
N GLY H 476 36.33 -29.23 -46.41
CA GLY H 476 35.59 -28.72 -45.23
C GLY H 476 36.15 -27.42 -44.68
N TYR H 477 36.44 -27.38 -43.38
CA TYR H 477 36.89 -26.18 -42.63
C TYR H 477 37.41 -26.63 -41.27
N ASN H 478 38.74 -26.59 -41.09
CA ASN H 478 39.39 -26.96 -39.81
C ASN H 478 39.20 -25.82 -38.81
N ALA H 479 38.07 -25.82 -38.10
CA ALA H 479 37.71 -24.78 -37.10
C ALA H 479 38.94 -24.43 -36.24
N ALA H 480 39.63 -25.46 -35.73
CA ALA H 480 40.75 -25.36 -34.77
C ALA H 480 41.86 -24.44 -35.31
N ASN H 481 42.25 -24.62 -36.58
CA ASN H 481 43.48 -23.99 -37.16
C ASN H 481 43.09 -22.77 -38.01
N GLY H 482 41.96 -22.84 -38.70
CA GLY H 482 41.42 -21.71 -39.50
C GLY H 482 41.38 -22.00 -40.99
N GLU H 483 42.13 -23.01 -41.45
CA GLU H 483 42.21 -23.43 -42.88
C GLU H 483 40.88 -24.06 -43.31
N PHE H 484 40.68 -24.14 -44.63
CA PHE H 484 39.76 -25.10 -45.31
C PHE H 484 40.58 -26.24 -45.91
N GLY H 485 39.95 -27.36 -46.30
CA GLY H 485 40.63 -28.42 -47.06
C GLY H 485 40.03 -29.80 -46.89
N ASP H 486 40.60 -30.79 -47.60
CA ASP H 486 40.23 -32.22 -47.51
C ASP H 486 40.17 -32.58 -46.02
N MET H 487 38.95 -32.61 -45.45
CA MET H 487 38.74 -32.80 -43.99
C MET H 487 39.53 -34.02 -43.54
N VAL H 488 39.32 -35.15 -44.22
CA VAL H 488 39.92 -36.47 -43.90
C VAL H 488 41.45 -36.32 -43.80
N GLU H 489 42.09 -35.64 -44.76
CA GLU H 489 43.58 -35.46 -44.82
C GLU H 489 44.04 -34.63 -43.64
N PHE H 490 43.21 -33.67 -43.22
CA PHE H 490 43.38 -32.87 -41.98
C PHE H 490 43.23 -33.79 -40.76
N GLY H 491 42.64 -34.96 -40.93
CA GLY H 491 42.45 -35.94 -39.84
C GLY H 491 41.27 -35.55 -38.98
N ILE H 492 40.17 -35.17 -39.63
CA ILE H 492 38.90 -34.75 -38.99
C ILE H 492 37.76 -35.57 -39.61
N LEU H 493 37.12 -36.45 -38.82
CA LEU H 493 35.98 -37.26 -39.32
C LEU H 493 35.24 -37.96 -38.17
N ASP H 494 33.89 -37.89 -38.22
CA ASP H 494 32.95 -38.66 -37.36
C ASP H 494 32.81 -40.06 -37.94
N PRO H 495 32.50 -41.12 -37.14
CA PRO H 495 32.04 -42.37 -37.72
C PRO H 495 30.64 -42.08 -38.27
N THR H 496 30.26 -42.65 -39.41
CA THR H 496 28.94 -42.39 -40.02
C THR H 496 27.86 -42.63 -38.95
N LYS H 497 27.99 -43.75 -38.22
CA LYS H 497 26.95 -44.24 -37.27
C LYS H 497 26.57 -43.15 -36.27
N VAL H 498 27.52 -42.34 -35.80
CA VAL H 498 27.21 -41.29 -34.78
C VAL H 498 26.37 -40.19 -35.44
N THR H 499 26.75 -39.76 -36.65
CA THR H 499 26.17 -38.59 -37.37
C THR H 499 24.75 -38.92 -37.81
N ARG H 500 24.54 -40.15 -38.30
CA ARG H 500 23.23 -40.71 -38.70
C ARG H 500 22.32 -40.84 -37.47
N SER H 501 22.80 -41.54 -36.43
CA SER H 501 22.08 -41.77 -35.14
C SER H 501 21.62 -40.43 -34.57
N ALA H 502 22.56 -39.48 -34.51
CA ALA H 502 22.33 -38.09 -34.05
C ALA H 502 21.07 -37.54 -34.71
N LEU H 503 21.03 -37.58 -36.04
CA LEU H 503 20.01 -36.88 -36.86
C LEU H 503 18.65 -37.60 -36.75
N GLN H 504 18.65 -38.93 -36.76
CA GLN H 504 17.41 -39.74 -36.65
C GLN H 504 16.75 -39.52 -35.27
N ASN H 505 17.53 -39.38 -34.20
CA ASN H 505 16.98 -39.18 -32.84
C ASN H 505 16.48 -37.73 -32.69
N ALA H 506 17.22 -36.78 -33.24
CA ALA H 506 16.88 -35.34 -33.17
C ALA H 506 15.49 -35.15 -33.78
N ALA H 507 15.33 -35.64 -35.01
CA ALA H 507 14.13 -35.50 -35.89
C ALA H 507 12.94 -36.23 -35.28
N SER H 508 13.23 -37.31 -34.53
CA SER H 508 12.23 -38.10 -33.78
C SER H 508 11.45 -37.18 -32.84
N ILE H 509 12.14 -36.66 -31.82
CA ILE H 509 11.51 -35.84 -30.71
C ILE H 509 10.99 -34.53 -31.30
N ALA H 510 11.64 -34.05 -32.36
CA ALA H 510 11.23 -32.85 -33.13
C ALA H 510 9.80 -33.04 -33.58
N GLY H 511 9.53 -34.15 -34.28
CA GLY H 511 8.19 -34.52 -34.77
C GLY H 511 7.20 -34.56 -33.62
N LEU H 512 7.60 -35.20 -32.51
CA LEU H 512 6.72 -35.48 -31.34
C LEU H 512 6.28 -34.19 -30.66
N MET H 513 7.17 -33.21 -30.52
CA MET H 513 6.87 -31.93 -29.82
C MET H 513 6.00 -31.04 -30.71
N ILE H 514 6.35 -30.95 -31.99
CA ILE H 514 5.58 -30.22 -33.05
C ILE H 514 4.12 -30.68 -33.11
N THR H 515 3.83 -31.93 -32.70
CA THR H 515 2.48 -32.56 -32.78
C THR H 515 1.83 -32.66 -31.38
N THR H 516 2.49 -32.15 -30.34
CA THR H 516 1.99 -32.09 -28.94
C THR H 516 0.96 -30.95 -28.82
N GLU H 517 -0.17 -31.19 -28.13
CA GLU H 517 -1.28 -30.18 -28.00
C GLU H 517 -1.80 -30.11 -26.55
N ALA H 518 -1.04 -30.61 -25.58
CA ALA H 518 -1.42 -30.61 -24.15
C ALA H 518 -0.29 -31.20 -23.29
N MET H 519 -0.04 -30.59 -22.14
CA MET H 519 0.91 -31.10 -21.12
C MET H 519 0.18 -31.10 -19.78
N VAL H 520 0.57 -31.99 -18.87
CA VAL H 520 -0.15 -32.27 -17.59
C VAL H 520 0.92 -32.46 -16.51
N ALA H 521 1.33 -31.34 -15.94
CA ALA H 521 2.32 -31.24 -14.83
C ALA H 521 1.59 -31.30 -13.48
N ASP H 522 2.34 -31.55 -12.41
CA ASP H 522 1.82 -31.58 -11.00
C ASP H 522 1.73 -30.15 -10.46
N ALA H 523 0.63 -29.82 -9.77
CA ALA H 523 0.22 -28.44 -9.41
C ALA H 523 1.15 -27.89 -8.34
N PRO H 524 2.00 -26.88 -8.67
CA PRO H 524 2.88 -26.28 -7.67
C PRO H 524 2.05 -25.35 -6.76
N LYS H 525 1.42 -25.93 -5.72
CA LYS H 525 0.48 -25.24 -4.81
C LYS H 525 0.84 -25.54 -3.34
N ALA I 1 6.71 18.31 -30.85
CA ALA I 1 6.74 17.60 -29.52
C ALA I 1 7.70 16.41 -29.60
N ALA I 2 7.80 15.64 -28.51
CA ALA I 2 8.46 14.31 -28.46
C ALA I 2 7.72 13.35 -29.37
N LYS I 3 8.42 12.43 -30.04
CA LYS I 3 7.85 11.42 -30.98
C LYS I 3 8.09 10.00 -30.45
N ASP I 4 7.02 9.26 -30.17
CA ASP I 4 7.05 7.83 -29.74
C ASP I 4 7.22 6.96 -30.99
N ILE I 5 8.30 6.16 -31.06
CA ILE I 5 8.74 5.42 -32.28
C ILE I 5 9.07 3.98 -31.93
N ARG I 6 8.48 3.02 -32.67
CA ARG I 6 8.56 1.55 -32.40
C ARG I 6 8.81 0.83 -33.72
N PHE I 7 9.59 -0.26 -33.67
CA PHE I 7 10.19 -0.99 -34.84
C PHE I 7 9.62 -2.41 -34.95
N GLY I 8 10.14 -3.17 -35.90
CA GLY I 8 9.96 -4.63 -36.04
C GLY I 8 8.52 -5.11 -35.86
N GLU I 9 8.34 -6.37 -35.47
CA GLU I 9 6.99 -6.96 -35.32
C GLU I 9 6.27 -6.15 -34.22
N ASP I 10 7.02 -5.57 -33.27
CA ASP I 10 6.42 -4.71 -32.23
C ASP I 10 5.51 -3.67 -32.91
N ALA I 11 5.95 -3.12 -34.04
CA ALA I 11 5.22 -2.09 -34.82
C ALA I 11 4.14 -2.77 -35.66
N ARG I 12 4.52 -3.73 -36.49
CA ARG I 12 3.58 -4.48 -37.39
C ARG I 12 2.40 -4.99 -36.56
N THR I 13 2.68 -5.47 -35.33
CA THR I 13 1.70 -6.11 -34.40
C THR I 13 0.61 -5.12 -33.99
N ARG I 14 0.97 -3.88 -33.66
CA ARG I 14 0.02 -2.85 -33.18
C ARG I 14 -0.74 -2.27 -34.37
N MET I 15 -0.07 -2.21 -35.52
CA MET I 15 -0.65 -1.77 -36.81
C MET I 15 -1.86 -2.67 -37.13
N VAL I 16 -1.66 -3.99 -37.10
CA VAL I 16 -2.72 -4.96 -37.51
C VAL I 16 -3.92 -4.82 -36.54
N ARG I 17 -3.67 -4.77 -35.22
CA ARG I 17 -4.76 -4.71 -34.19
C ARG I 17 -5.74 -3.60 -34.54
N GLY I 18 -5.25 -2.52 -35.15
CA GLY I 18 -6.04 -1.43 -35.72
C GLY I 18 -6.91 -1.90 -36.88
N VAL I 19 -6.29 -2.44 -37.94
CA VAL I 19 -7.02 -2.83 -39.19
C VAL I 19 -8.07 -3.87 -38.79
N ASN I 20 -7.71 -4.73 -37.83
CA ASN I 20 -8.54 -5.88 -37.35
C ASN I 20 -9.74 -5.33 -36.58
N VAL I 21 -9.58 -4.21 -35.85
CA VAL I 21 -10.65 -3.55 -35.03
C VAL I 21 -11.63 -2.83 -35.97
N LEU I 22 -11.11 -2.08 -36.94
CA LEU I 22 -11.94 -1.39 -37.98
C LEU I 22 -12.75 -2.45 -38.73
N ALA I 23 -12.06 -3.40 -39.39
CA ALA I 23 -12.66 -4.36 -40.33
C ALA I 23 -13.73 -5.20 -39.62
N ASN I 24 -13.43 -5.73 -38.42
CA ASN I 24 -14.34 -6.65 -37.68
C ASN I 24 -15.70 -5.97 -37.43
N ALA I 25 -15.73 -4.64 -37.25
CA ALA I 25 -16.96 -3.84 -36.99
C ALA I 25 -17.63 -3.46 -38.32
N VAL I 26 -16.85 -3.22 -39.38
CA VAL I 26 -17.38 -2.96 -40.75
C VAL I 26 -17.98 -4.26 -41.30
N LYS I 27 -17.17 -5.30 -41.48
CA LYS I 27 -17.57 -6.56 -42.21
C LYS I 27 -18.85 -7.17 -41.63
N ALA I 28 -19.21 -6.85 -40.38
CA ALA I 28 -20.46 -7.29 -39.72
C ALA I 28 -21.70 -6.85 -40.52
N THR I 29 -21.53 -5.85 -41.40
CA THR I 29 -22.60 -5.23 -42.24
C THR I 29 -22.63 -5.82 -43.65
N LEU I 30 -21.67 -6.68 -43.97
CA LEU I 30 -21.48 -7.23 -45.34
C LEU I 30 -22.63 -8.19 -45.66
N GLY I 31 -23.03 -8.24 -46.93
CA GLY I 31 -24.02 -9.20 -47.44
C GLY I 31 -25.45 -8.73 -47.22
N PRO I 32 -26.44 -9.42 -47.82
CA PRO I 32 -27.86 -9.20 -47.51
C PRO I 32 -28.32 -9.65 -46.12
N LYS I 33 -27.48 -10.38 -45.39
CA LYS I 33 -27.72 -10.62 -43.94
C LYS I 33 -26.58 -9.94 -43.16
N GLY I 34 -26.34 -8.67 -43.48
CA GLY I 34 -25.55 -7.75 -42.66
C GLY I 34 -26.26 -7.41 -41.36
N ARG I 35 -25.50 -7.02 -40.35
CA ARG I 35 -25.97 -6.83 -38.96
C ARG I 35 -25.87 -5.35 -38.59
N ASN I 36 -26.98 -4.78 -38.10
CA ASN I 36 -27.08 -3.44 -37.48
C ASN I 36 -25.82 -3.15 -36.61
N VAL I 37 -25.13 -2.05 -36.92
CA VAL I 37 -24.05 -1.43 -36.09
C VAL I 37 -24.56 -0.08 -35.59
N VAL I 38 -24.48 0.15 -34.28
CA VAL I 38 -25.08 1.34 -33.62
C VAL I 38 -23.96 2.35 -33.35
N LEU I 39 -24.03 3.51 -34.00
CA LEU I 39 -23.08 4.64 -33.86
C LEU I 39 -23.72 5.70 -32.97
N GLU I 40 -23.08 6.00 -31.83
CA GLU I 40 -23.54 7.04 -30.87
C GLU I 40 -23.48 8.41 -31.55
N LYS I 41 -24.61 9.13 -31.59
CA LYS I 41 -24.70 10.59 -31.88
C LYS I 41 -24.29 11.35 -30.63
N SER I 42 -23.96 12.65 -30.76
CA SER I 42 -23.63 13.54 -29.61
C SER I 42 -24.90 13.84 -28.79
N PHE I 43 -25.92 14.40 -29.42
CA PHE I 43 -27.18 14.86 -28.78
C PHE I 43 -28.38 14.34 -29.58
N GLY I 44 -28.84 13.13 -29.24
CA GLY I 44 -29.97 12.44 -29.89
C GLY I 44 -29.95 10.93 -29.62
N ALA I 45 -30.91 10.17 -30.14
CA ALA I 45 -30.85 8.68 -30.15
C ALA I 45 -29.76 8.27 -31.16
N PRO I 46 -29.06 7.15 -30.94
CA PRO I 46 -27.91 6.80 -31.77
C PRO I 46 -28.35 6.37 -33.17
N THR I 47 -27.40 6.31 -34.09
CA THR I 47 -27.59 5.86 -35.50
C THR I 47 -27.53 4.33 -35.52
N ILE I 48 -28.57 3.65 -35.99
CA ILE I 48 -28.55 2.18 -36.21
C ILE I 48 -28.45 1.97 -37.72
N THR I 49 -27.42 1.30 -38.23
CA THR I 49 -27.12 1.29 -39.70
C THR I 49 -26.35 0.04 -40.11
N LYS I 50 -26.58 -0.41 -41.36
CA LYS I 50 -25.88 -1.55 -42.00
C LYS I 50 -25.02 -1.01 -43.14
N ASP I 51 -24.74 0.30 -43.12
CA ASP I 51 -23.87 0.99 -44.11
C ASP I 51 -22.43 0.94 -43.58
N GLY I 52 -21.59 0.10 -44.18
CA GLY I 52 -20.17 -0.07 -43.81
C GLY I 52 -19.34 1.19 -44.05
N VAL I 53 -19.76 2.02 -45.02
CA VAL I 53 -19.16 3.37 -45.27
C VAL I 53 -19.48 4.27 -44.07
N SER I 54 -20.72 4.27 -43.59
CA SER I 54 -21.15 5.04 -42.39
C SER I 54 -20.36 4.60 -41.15
N VAL I 55 -20.12 3.30 -40.99
CA VAL I 55 -19.46 2.70 -39.78
C VAL I 55 -17.95 2.96 -39.84
N ALA I 56 -17.34 3.07 -41.03
CA ALA I 56 -15.91 3.46 -41.20
C ALA I 56 -15.69 4.89 -40.66
N LYS I 57 -16.23 5.91 -41.35
CA LYS I 57 -16.23 7.34 -40.92
C LYS I 57 -15.91 7.43 -39.42
N GLU I 58 -16.75 6.79 -38.59
CA GLU I 58 -16.82 6.97 -37.12
C GLU I 58 -15.64 6.27 -36.41
N ILE I 59 -14.88 5.40 -37.10
CA ILE I 59 -13.80 4.62 -36.44
C ILE I 59 -12.52 5.45 -36.32
N GLU I 60 -12.06 5.62 -35.09
CA GLU I 60 -10.77 6.23 -34.72
C GLU I 60 -10.42 5.66 -33.33
N LEU I 61 -9.28 4.98 -33.19
CA LEU I 61 -8.87 4.29 -31.93
C LEU I 61 -7.92 5.19 -31.16
N ALA I 62 -7.72 4.90 -29.87
CA ALA I 62 -6.86 5.67 -28.94
C ALA I 62 -5.39 5.36 -29.23
N ASP I 63 -4.97 4.09 -29.07
CA ASP I 63 -3.56 3.66 -29.22
C ASP I 63 -3.06 4.12 -30.59
N LYS I 64 -2.20 5.14 -30.62
CA LYS I 64 -1.90 5.97 -31.82
C LYS I 64 -1.38 5.09 -32.97
N PHE I 65 -0.82 3.91 -32.67
CA PHE I 65 -0.27 2.97 -33.69
C PHE I 65 -1.37 2.03 -34.17
N GLU I 66 -2.35 1.72 -33.31
CA GLU I 66 -3.61 1.01 -33.69
C GLU I 66 -4.42 1.94 -34.62
N ASN I 67 -4.35 3.25 -34.41
CA ASN I 67 -5.14 4.23 -35.20
C ASN I 67 -4.63 4.27 -36.64
N MET I 68 -3.31 4.45 -36.81
CA MET I 68 -2.63 4.57 -38.13
C MET I 68 -2.95 3.34 -38.97
N GLY I 69 -2.92 2.17 -38.35
CA GLY I 69 -3.36 0.90 -38.96
C GLY I 69 -4.70 1.11 -39.64
N ALA I 70 -5.72 1.48 -38.85
CA ALA I 70 -7.13 1.63 -39.27
C ALA I 70 -7.21 2.78 -40.29
N GLN I 71 -6.64 3.94 -39.93
CA GLN I 71 -6.64 5.11 -40.83
C GLN I 71 -6.07 4.69 -42.19
N MET I 72 -5.00 3.91 -42.20
CA MET I 72 -4.28 3.52 -43.45
C MET I 72 -5.20 2.73 -44.39
N VAL I 73 -5.77 1.59 -43.96
CA VAL I 73 -6.59 0.72 -44.87
C VAL I 73 -7.88 1.48 -45.22
N LYS I 74 -8.48 2.13 -44.21
CA LYS I 74 -9.69 2.99 -44.33
C LYS I 74 -9.56 3.92 -45.53
N GLU I 75 -8.38 4.54 -45.72
CA GLU I 75 -8.10 5.55 -46.78
C GLU I 75 -8.16 4.85 -48.14
N VAL I 76 -7.26 3.89 -48.41
CA VAL I 76 -7.14 3.24 -49.74
C VAL I 76 -8.30 2.26 -49.94
N ALA I 77 -9.08 1.96 -48.89
CA ALA I 77 -10.38 1.27 -49.04
C ALA I 77 -11.32 2.18 -49.86
N SER I 78 -11.43 3.45 -49.47
CA SER I 78 -12.35 4.45 -50.07
C SER I 78 -11.85 4.97 -51.42
N LYS I 79 -10.70 4.48 -51.91
CA LYS I 79 -10.19 4.74 -53.29
C LYS I 79 -11.06 3.99 -54.32
N THR I 80 -11.79 2.96 -53.89
CA THR I 80 -12.77 2.20 -54.72
C THR I 80 -14.09 3.00 -54.79
N ASN I 81 -14.66 3.33 -53.62
CA ASN I 81 -15.99 4.00 -53.47
C ASN I 81 -15.98 5.36 -54.20
N ASP I 82 -14.80 5.96 -54.39
CA ASP I 82 -14.61 7.27 -55.09
C ASP I 82 -14.35 7.05 -56.59
N ASN I 83 -13.61 5.99 -56.96
CA ASN I 83 -13.25 5.66 -58.37
C ASN I 83 -13.99 4.39 -58.81
N ALA I 84 -15.21 4.16 -58.29
CA ALA I 84 -16.14 3.08 -58.74
C ALA I 84 -17.57 3.36 -58.24
N GLY I 85 -17.94 2.89 -57.04
CA GLY I 85 -19.31 2.99 -56.51
C GLY I 85 -19.43 2.41 -55.12
N ASP I 86 -19.48 1.07 -55.00
CA ASP I 86 -19.23 0.31 -53.75
C ASP I 86 -17.74 -0.07 -53.75
N GLY I 87 -17.30 -0.84 -52.76
CA GLY I 87 -15.94 -1.41 -52.68
C GLY I 87 -15.37 -1.33 -51.28
N THR I 88 -15.72 -0.29 -50.52
CA THR I 88 -15.11 0.06 -49.21
C THR I 88 -15.19 -1.12 -48.24
N THR I 89 -16.25 -1.92 -48.29
CA THR I 89 -16.38 -3.09 -47.38
C THR I 89 -15.59 -4.27 -47.95
N THR I 90 -15.84 -4.65 -49.21
CA THR I 90 -15.19 -5.81 -49.91
C THR I 90 -13.66 -5.60 -49.98
N ALA I 91 -13.19 -4.35 -50.03
CA ALA I 91 -11.75 -3.97 -50.04
C ALA I 91 -11.20 -3.93 -48.60
N THR I 92 -12.06 -3.64 -47.61
CA THR I 92 -11.69 -3.61 -46.16
C THR I 92 -11.40 -5.05 -45.71
N VAL I 93 -12.30 -5.99 -46.03
CA VAL I 93 -12.15 -7.42 -45.60
C VAL I 93 -11.00 -8.07 -46.40
N LEU I 94 -10.86 -7.76 -47.69
CA LEU I 94 -9.81 -8.35 -48.55
C LEU I 94 -8.44 -8.02 -47.97
N ALA I 95 -8.20 -6.76 -47.62
CA ALA I 95 -6.94 -6.29 -46.99
C ALA I 95 -6.77 -6.92 -45.59
N GLN I 96 -7.85 -6.95 -44.79
CA GLN I 96 -7.83 -7.46 -43.39
C GLN I 96 -7.52 -8.97 -43.36
N ALA I 97 -7.64 -9.66 -44.50
CA ALA I 97 -7.23 -11.07 -44.65
C ALA I 97 -5.80 -11.14 -45.16
N LEU I 98 -5.43 -10.27 -46.11
CA LEU I 98 -4.04 -10.26 -46.67
C LEU I 98 -3.04 -9.91 -45.57
N ILE I 99 -3.39 -8.94 -44.70
CA ILE I 99 -2.48 -8.37 -43.65
C ILE I 99 -2.36 -9.35 -42.48
N ARG I 100 -3.52 -9.74 -41.93
CA ARG I 100 -3.62 -10.67 -40.75
C ARG I 100 -2.74 -11.90 -41.05
N GLU I 101 -2.66 -12.33 -42.33
CA GLU I 101 -1.92 -13.56 -42.78
C GLU I 101 -0.49 -13.25 -43.23
N GLY I 102 -0.26 -12.08 -43.81
CA GLY I 102 1.08 -11.63 -44.22
C GLY I 102 1.96 -11.35 -43.01
N ALA I 103 1.43 -10.56 -42.07
CA ALA I 103 2.11 -10.17 -40.80
C ALA I 103 2.58 -11.45 -40.11
N LYS I 104 1.71 -12.45 -40.03
CA LYS I 104 1.98 -13.83 -39.50
C LYS I 104 3.16 -14.47 -40.22
N ALA I 105 3.18 -14.39 -41.56
CA ALA I 105 4.20 -15.03 -42.42
C ALA I 105 5.55 -14.31 -42.30
N VAL I 106 5.55 -13.00 -41.99
CA VAL I 106 6.79 -12.22 -41.73
C VAL I 106 7.38 -12.64 -40.38
N ALA I 107 6.52 -12.91 -39.39
CA ALA I 107 6.86 -13.41 -38.04
C ALA I 107 7.41 -14.84 -38.11
N ALA I 108 7.05 -15.60 -39.15
CA ALA I 108 7.62 -16.93 -39.45
C ALA I 108 8.92 -16.77 -40.26
N GLY I 109 9.45 -15.54 -40.32
CA GLY I 109 10.78 -15.26 -40.86
C GLY I 109 10.82 -15.33 -42.39
N MET I 110 9.66 -15.25 -43.03
CA MET I 110 9.59 -15.17 -44.51
C MET I 110 10.02 -13.76 -44.92
N ASN I 111 10.66 -13.63 -46.09
CA ASN I 111 11.16 -12.34 -46.65
C ASN I 111 9.94 -11.49 -46.98
N PRO I 112 9.73 -10.33 -46.33
CA PRO I 112 8.56 -9.51 -46.63
C PRO I 112 8.49 -9.11 -48.10
N MET I 113 9.63 -8.76 -48.71
CA MET I 113 9.68 -8.18 -50.08
C MET I 113 9.36 -9.28 -51.12
N ASP I 114 9.60 -10.56 -50.79
CA ASP I 114 9.15 -11.74 -51.60
C ASP I 114 7.63 -11.93 -51.47
N LEU I 115 7.10 -11.84 -50.25
CA LEU I 115 5.66 -11.99 -49.93
C LEU I 115 4.83 -11.00 -50.76
N LYS I 116 5.37 -9.81 -50.98
CA LYS I 116 4.74 -8.73 -51.80
C LYS I 116 4.63 -9.22 -53.25
N ARG I 117 5.76 -9.63 -53.83
CA ARG I 117 5.83 -9.99 -55.28
C ARG I 117 4.84 -11.12 -55.56
N GLY I 118 4.73 -12.09 -54.63
CA GLY I 118 3.72 -13.15 -54.70
C GLY I 118 2.30 -12.61 -54.75
N ILE I 119 1.95 -11.69 -53.83
CA ILE I 119 0.59 -11.09 -53.71
C ILE I 119 0.31 -10.22 -54.93
N ASP I 120 1.33 -9.51 -55.42
CA ASP I 120 1.22 -8.50 -56.51
C ASP I 120 1.05 -9.23 -57.86
N GLN I 121 1.50 -10.48 -57.97
CA GLN I 121 1.43 -11.32 -59.20
C GLN I 121 0.11 -12.11 -59.25
N ALA I 122 -0.29 -12.69 -58.12
CA ALA I 122 -1.55 -13.47 -57.94
C ALA I 122 -2.77 -12.54 -58.09
N VAL I 123 -2.60 -11.26 -57.77
CA VAL I 123 -3.59 -10.20 -58.12
C VAL I 123 -3.56 -10.03 -59.65
N LYS I 124 -2.38 -9.77 -60.23
CA LYS I 124 -2.16 -9.58 -61.68
C LYS I 124 -2.88 -10.69 -62.48
N ALA I 125 -2.83 -11.94 -62.00
CA ALA I 125 -3.51 -13.12 -62.61
C ALA I 125 -5.02 -13.07 -62.36
N ALA I 126 -5.43 -12.78 -61.13
CA ALA I 126 -6.85 -12.77 -60.68
C ALA I 126 -7.65 -11.64 -61.37
N VAL I 127 -6.98 -10.73 -62.07
CA VAL I 127 -7.64 -9.60 -62.80
C VAL I 127 -7.60 -9.87 -64.31
N VAL I 128 -6.59 -10.59 -64.82
CA VAL I 128 -6.62 -11.08 -66.23
C VAL I 128 -7.79 -12.07 -66.31
N GLU I 129 -8.08 -12.75 -65.20
CA GLU I 129 -9.13 -13.80 -65.13
C GLU I 129 -10.49 -13.20 -64.71
N LEU I 130 -10.51 -11.99 -64.15
CA LEU I 130 -11.76 -11.25 -63.84
C LEU I 130 -12.26 -10.60 -65.13
N LYS I 131 -11.32 -10.12 -65.96
CA LYS I 131 -11.57 -9.43 -67.24
C LYS I 131 -11.87 -10.48 -68.33
N ASN I 132 -11.56 -11.75 -68.07
CA ASN I 132 -11.99 -12.90 -68.91
C ASN I 132 -13.48 -13.19 -68.67
N ILE I 133 -13.90 -13.37 -67.41
CA ILE I 133 -15.28 -13.84 -67.03
C ILE I 133 -16.26 -12.66 -66.96
N SER I 134 -15.76 -11.42 -67.07
CA SER I 134 -16.62 -10.22 -67.22
C SER I 134 -17.48 -10.39 -68.48
N LYS I 135 -18.80 -10.30 -68.34
CA LYS I 135 -19.75 -10.06 -69.46
C LYS I 135 -19.83 -8.53 -69.62
N PRO I 136 -19.72 -7.96 -70.84
CA PRO I 136 -19.80 -6.51 -71.02
C PRO I 136 -21.24 -6.03 -71.22
N THR I 137 -21.60 -4.84 -70.76
CA THR I 137 -22.93 -4.19 -71.03
C THR I 137 -22.70 -2.90 -71.83
N THR I 138 -23.48 -2.74 -72.89
CA THR I 138 -23.28 -1.73 -73.97
C THR I 138 -24.62 -1.38 -74.64
N ASP I 139 -25.46 -2.40 -74.93
CA ASP I 139 -26.79 -2.23 -75.58
C ASP I 139 -27.82 -1.75 -74.53
N ASP I 140 -28.77 -0.92 -74.96
CA ASP I 140 -29.62 -0.05 -74.09
C ASP I 140 -30.75 -0.84 -73.43
N LYS I 141 -30.80 -2.17 -73.61
CA LYS I 141 -31.68 -3.07 -72.81
C LYS I 141 -30.92 -3.46 -71.53
N ALA I 142 -29.64 -3.82 -71.68
CA ALA I 142 -28.71 -4.22 -70.61
C ALA I 142 -28.57 -3.09 -69.58
N ILE I 143 -28.43 -1.85 -70.05
CA ILE I 143 -28.34 -0.63 -69.22
C ILE I 143 -29.65 -0.43 -68.44
N ALA I 144 -30.79 -0.78 -69.03
CA ALA I 144 -32.10 -0.80 -68.34
C ALA I 144 -32.11 -1.89 -67.27
N GLN I 145 -31.60 -3.08 -67.59
CA GLN I 145 -31.47 -4.23 -66.65
C GLN I 145 -30.60 -3.81 -65.46
N VAL I 146 -29.32 -3.54 -65.73
CA VAL I 146 -28.26 -3.26 -64.70
C VAL I 146 -28.70 -2.07 -63.83
N GLY I 147 -29.37 -1.08 -64.42
CA GLY I 147 -29.98 0.02 -63.67
C GLY I 147 -31.09 -0.47 -62.76
N THR I 148 -32.01 -1.25 -63.33
CA THR I 148 -33.19 -1.83 -62.63
C THR I 148 -32.70 -2.61 -61.40
N ILE I 149 -31.77 -3.53 -61.60
CA ILE I 149 -31.15 -4.32 -60.49
C ILE I 149 -30.64 -3.33 -59.44
N SER I 150 -29.57 -2.59 -59.77
CA SER I 150 -28.80 -1.69 -58.86
C SER I 150 -29.73 -0.83 -58.00
N ALA I 151 -30.91 -0.49 -58.53
CA ALA I 151 -31.91 0.41 -57.92
C ALA I 151 -32.98 -0.39 -57.15
N ASN I 152 -32.68 -1.64 -56.76
CA ASN I 152 -33.54 -2.45 -55.87
C ASN I 152 -34.69 -3.06 -56.69
N SER I 153 -34.48 -3.22 -58.00
CA SER I 153 -35.42 -3.86 -58.97
C SER I 153 -36.62 -2.96 -59.29
N ASP I 154 -36.46 -1.62 -59.19
CA ASP I 154 -37.45 -0.64 -59.73
C ASP I 154 -37.17 -0.45 -61.23
N GLU I 155 -38.09 -0.92 -62.08
CA GLU I 155 -37.98 -0.78 -63.56
C GLU I 155 -38.16 0.70 -63.93
N SER I 156 -38.88 1.45 -63.10
CA SER I 156 -38.98 2.94 -63.12
C SER I 156 -37.61 3.53 -63.48
N ILE I 157 -36.65 3.40 -62.57
CA ILE I 157 -35.37 4.17 -62.58
C ILE I 157 -34.43 3.55 -63.62
N GLY I 158 -34.22 2.23 -63.55
CA GLY I 158 -33.39 1.51 -64.55
C GLY I 158 -33.73 2.00 -65.94
N ASN I 159 -35.03 2.26 -66.16
CA ASN I 159 -35.59 2.73 -67.46
C ASN I 159 -35.01 4.11 -67.80
N ILE I 160 -35.18 5.11 -66.93
CA ILE I 160 -34.91 6.54 -67.26
C ILE I 160 -33.39 6.74 -67.37
N ILE I 161 -32.62 6.13 -66.47
CA ILE I 161 -31.12 6.03 -66.56
C ILE I 161 -30.72 5.71 -68.00
N ALA I 162 -31.40 4.73 -68.61
CA ALA I 162 -31.13 4.24 -69.98
C ALA I 162 -31.37 5.38 -70.98
N GLU I 163 -32.53 6.02 -70.91
CA GLU I 163 -32.96 7.08 -71.87
C GLU I 163 -31.99 8.27 -71.76
N ALA I 164 -31.69 8.68 -70.54
CA ALA I 164 -30.67 9.70 -70.18
C ALA I 164 -29.34 9.38 -70.86
N MET I 165 -28.89 8.12 -70.79
CA MET I 165 -27.52 7.69 -71.21
C MET I 165 -27.36 7.79 -72.73
N LYS I 166 -28.43 7.46 -73.48
CA LYS I 166 -28.50 7.66 -74.96
C LYS I 166 -28.26 9.13 -75.29
N LYS I 167 -28.97 10.03 -74.59
CA LYS I 167 -28.95 11.51 -74.81
C LYS I 167 -27.50 12.01 -74.84
N VAL I 168 -26.81 11.92 -73.71
CA VAL I 168 -25.52 12.61 -73.45
C VAL I 168 -24.33 11.74 -73.90
N GLY I 169 -24.59 10.45 -74.22
CA GLY I 169 -23.63 9.56 -74.91
C GLY I 169 -22.87 8.62 -73.97
N LYS I 170 -23.52 8.19 -72.89
CA LYS I 170 -23.04 7.26 -71.82
C LYS I 170 -21.56 7.49 -71.44
N GLU I 171 -20.92 8.55 -71.95
CA GLU I 171 -19.71 9.19 -71.35
C GLU I 171 -20.02 10.65 -71.04
N GLY I 172 -21.25 11.10 -71.34
CA GLY I 172 -21.72 12.46 -71.04
C GLY I 172 -22.10 12.62 -69.59
N VAL I 173 -22.45 13.83 -69.19
CA VAL I 173 -22.71 14.21 -67.76
C VAL I 173 -24.17 13.88 -67.40
N ILE I 174 -24.38 13.34 -66.19
CA ILE I 174 -25.72 13.00 -65.63
C ILE I 174 -25.72 13.28 -64.12
N THR I 175 -26.62 14.14 -63.65
CA THR I 175 -26.88 14.40 -62.21
C THR I 175 -28.26 13.85 -61.84
N VAL I 176 -28.58 13.84 -60.54
CA VAL I 176 -29.99 13.64 -60.03
C VAL I 176 -30.34 14.83 -59.16
N GLU I 177 -31.56 15.37 -59.31
CA GLU I 177 -32.02 16.59 -58.60
C GLU I 177 -33.23 16.24 -57.72
N GLU I 178 -33.92 17.25 -57.18
CA GLU I 178 -35.12 17.06 -56.32
C GLU I 178 -36.32 16.70 -57.22
N GLY I 179 -37.54 16.89 -56.73
CA GLY I 179 -38.74 16.19 -57.24
C GLY I 179 -39.86 17.12 -57.66
N SER I 180 -40.20 17.08 -58.95
CA SER I 180 -41.46 17.59 -59.54
C SER I 180 -42.59 17.55 -58.49
N GLY I 181 -43.06 16.34 -58.16
CA GLY I 181 -44.14 16.10 -57.18
C GLY I 181 -44.79 14.73 -57.32
N LEU I 182 -44.02 13.72 -57.77
CA LEU I 182 -44.47 12.34 -58.14
C LEU I 182 -44.15 12.10 -59.63
N GLU I 183 -43.56 10.94 -59.94
CA GLU I 183 -43.07 10.53 -61.29
C GLU I 183 -41.80 11.31 -61.64
N ASN I 184 -40.79 10.59 -62.15
CA ASN I 184 -39.45 11.09 -62.51
C ASN I 184 -39.60 12.15 -63.61
N GLU I 185 -38.48 12.66 -64.12
CA GLU I 185 -38.43 13.59 -65.28
C GLU I 185 -36.96 13.75 -65.68
N LEU I 186 -36.60 13.32 -66.89
CA LEU I 186 -35.29 13.62 -67.50
C LEU I 186 -35.35 15.03 -68.07
N ASP I 187 -34.22 15.72 -68.17
CA ASP I 187 -34.10 17.10 -68.73
C ASP I 187 -32.64 17.32 -69.10
N VAL I 188 -32.37 17.59 -70.38
CA VAL I 188 -30.99 17.80 -70.91
C VAL I 188 -30.74 19.30 -71.01
N VAL I 189 -30.31 19.93 -69.91
CA VAL I 189 -30.04 21.40 -69.82
C VAL I 189 -28.59 21.65 -70.24
N GLU I 190 -28.13 22.92 -70.19
CA GLU I 190 -26.73 23.29 -70.52
C GLU I 190 -25.95 23.50 -69.23
N GLY I 191 -24.96 22.65 -68.99
CA GLY I 191 -24.12 22.73 -67.77
C GLY I 191 -22.74 22.19 -68.03
N MET I 192 -22.02 21.86 -66.97
CA MET I 192 -20.63 21.34 -67.13
C MET I 192 -20.21 20.55 -65.90
N GLN I 193 -19.10 19.85 -66.03
CA GLN I 193 -18.53 19.03 -64.95
C GLN I 193 -17.03 18.95 -65.17
N PHE I 194 -16.24 18.92 -64.08
CA PHE I 194 -14.78 18.68 -64.25
C PHE I 194 -14.16 17.92 -63.07
N ASP I 195 -12.86 17.67 -63.22
CA ASP I 195 -12.08 16.65 -62.44
C ASP I 195 -11.58 17.12 -61.07
N ARG I 196 -12.13 18.17 -60.47
CA ARG I 196 -11.68 18.58 -59.13
C ARG I 196 -12.86 18.64 -58.19
N GLY I 197 -12.62 18.42 -56.91
CA GLY I 197 -13.72 18.48 -55.93
C GLY I 197 -13.41 19.44 -54.79
N TYR I 198 -14.15 19.29 -53.68
CA TYR I 198 -14.02 20.17 -52.48
C TYR I 198 -12.60 20.06 -51.94
N LEU I 199 -12.08 21.19 -51.45
CA LEU I 199 -10.63 21.38 -51.13
C LEU I 199 -10.33 20.90 -49.71
N SER I 200 -11.22 21.19 -48.77
CA SER I 200 -11.36 20.45 -47.50
C SER I 200 -12.79 19.93 -47.40
N PRO I 201 -13.05 18.82 -46.69
CA PRO I 201 -14.42 18.45 -46.36
C PRO I 201 -14.96 19.59 -45.49
N TYR I 202 -16.17 19.44 -44.95
CA TYR I 202 -16.86 20.47 -44.10
C TYR I 202 -17.71 21.35 -45.03
N PHE I 203 -17.21 21.62 -46.23
CA PHE I 203 -17.95 22.29 -47.34
C PHE I 203 -19.23 21.50 -47.65
N ILE I 204 -19.23 20.20 -47.33
CA ILE I 204 -20.38 19.25 -47.45
C ILE I 204 -21.50 19.74 -46.53
N ASN I 205 -22.76 19.70 -47.02
CA ASN I 205 -23.95 20.18 -46.27
C ASN I 205 -25.13 19.21 -46.45
N ASN I 206 -25.39 18.76 -47.68
CA ASN I 206 -26.46 17.78 -48.02
C ASN I 206 -25.81 16.38 -48.04
N GLN I 207 -25.75 15.74 -46.86
CA GLN I 207 -24.77 14.69 -46.50
C GLN I 207 -25.18 13.30 -47.01
N GLN I 208 -26.23 13.19 -47.83
CA GLN I 208 -26.67 11.90 -48.44
C GLN I 208 -25.54 11.35 -49.31
N SER I 209 -24.79 12.25 -49.96
CA SER I 209 -23.81 11.93 -51.03
C SER I 209 -22.38 12.32 -50.60
N GLN I 210 -22.20 12.89 -49.41
CA GLN I 210 -20.96 13.63 -49.07
C GLN I 210 -20.74 14.65 -50.20
N SER I 211 -21.86 15.19 -50.70
CA SER I 211 -21.93 16.27 -51.72
C SER I 211 -21.90 17.62 -51.00
N ALA I 212 -21.43 18.67 -51.67
CA ALA I 212 -21.81 20.06 -51.36
C ALA I 212 -22.78 20.52 -52.47
N ASP I 213 -24.02 20.83 -52.10
CA ASP I 213 -25.16 21.04 -53.03
C ASP I 213 -25.67 22.48 -52.83
N LEU I 214 -25.57 23.31 -53.87
CA LEU I 214 -25.86 24.78 -53.82
C LEU I 214 -26.90 25.14 -54.88
N ASP I 215 -28.02 25.75 -54.47
CA ASP I 215 -29.10 26.21 -55.38
C ASP I 215 -29.06 27.75 -55.47
N ASP I 216 -29.24 28.29 -56.68
CA ASP I 216 -29.23 29.74 -57.03
C ASP I 216 -27.87 30.37 -56.72
N PRO I 217 -26.72 29.67 -56.94
CA PRO I 217 -25.43 30.19 -56.47
C PRO I 217 -24.76 31.19 -57.42
N PHE I 218 -23.76 31.88 -56.88
CA PHE I 218 -22.77 32.72 -57.62
C PHE I 218 -21.47 31.93 -57.77
N ILE I 219 -20.66 32.26 -58.78
CA ILE I 219 -19.43 31.50 -59.14
C ILE I 219 -18.28 32.47 -59.39
N LEU I 220 -17.28 32.46 -58.50
CA LEU I 220 -16.07 33.32 -58.58
C LEU I 220 -14.96 32.52 -59.29
N LEU I 221 -14.51 33.02 -60.44
CA LEU I 221 -13.41 32.42 -61.25
C LEU I 221 -12.18 33.34 -61.15
N HIS I 222 -11.00 32.77 -60.89
CA HIS I 222 -9.74 33.49 -60.54
C HIS I 222 -8.52 32.84 -61.21
N ASP I 223 -7.47 33.63 -61.47
CA ASP I 223 -6.31 33.24 -62.32
C ASP I 223 -5.08 32.89 -61.47
N LYS I 224 -5.16 33.04 -60.13
CA LYS I 224 -4.00 32.84 -59.21
C LYS I 224 -4.49 32.26 -57.87
N LYS I 225 -3.60 32.16 -56.88
CA LYS I 225 -3.83 31.47 -55.56
C LYS I 225 -4.53 32.43 -54.59
N ILE I 226 -5.10 31.89 -53.50
CA ILE I 226 -5.91 32.67 -52.49
C ILE I 226 -5.63 32.16 -51.07
N SER I 227 -4.86 32.92 -50.27
CA SER I 227 -4.60 32.67 -48.82
C SER I 227 -4.95 33.93 -48.01
N ASN I 228 -4.47 35.09 -48.46
CA ASN I 228 -4.87 36.41 -47.89
C ASN I 228 -6.40 36.50 -47.98
N VAL I 229 -7.09 36.70 -46.84
CA VAL I 229 -8.49 37.20 -46.82
C VAL I 229 -8.43 38.68 -47.24
N ARG I 230 -9.44 39.49 -46.88
CA ARG I 230 -9.54 40.91 -47.32
C ARG I 230 -9.88 40.95 -48.81
N ASP I 231 -9.13 40.22 -49.64
CA ASP I 231 -9.23 40.23 -51.13
C ASP I 231 -10.65 39.86 -51.58
N LEU I 232 -11.30 38.92 -50.88
CA LEU I 232 -12.66 38.39 -51.26
C LEU I 232 -13.74 38.95 -50.32
N LEU I 233 -13.38 39.61 -49.21
CA LEU I 233 -14.37 40.26 -48.28
C LEU I 233 -15.35 41.15 -49.05
N PRO I 234 -14.90 41.98 -50.02
CA PRO I 234 -15.83 42.75 -50.84
C PRO I 234 -16.89 41.91 -51.56
N VAL I 235 -16.63 40.61 -51.75
CA VAL I 235 -17.44 39.67 -52.59
C VAL I 235 -18.10 38.60 -51.72
N LEU I 236 -17.76 38.55 -50.43
CA LEU I 236 -18.53 37.80 -49.41
C LEU I 236 -19.56 38.76 -48.79
N GLU I 237 -19.14 39.99 -48.46
CA GLU I 237 -20.04 41.13 -48.13
C GLU I 237 -21.09 41.23 -49.23
N GLY I 238 -20.67 41.03 -50.49
CA GLY I 238 -21.53 41.01 -51.69
C GLY I 238 -22.56 39.89 -51.64
N VAL I 239 -22.43 38.99 -50.67
CA VAL I 239 -23.41 37.89 -50.38
C VAL I 239 -23.90 38.03 -48.92
N ALA I 240 -23.75 39.21 -48.31
CA ALA I 240 -24.53 39.65 -47.12
C ALA I 240 -25.96 39.91 -47.60
N LYS I 241 -26.15 41.03 -48.31
CA LYS I 241 -27.28 41.23 -49.26
C LYS I 241 -27.39 39.97 -50.13
N ALA I 242 -28.42 39.91 -50.98
CA ALA I 242 -28.76 38.75 -51.85
C ALA I 242 -29.16 37.56 -50.95
N GLY I 243 -28.18 36.88 -50.36
CA GLY I 243 -28.39 35.66 -49.54
C GLY I 243 -28.30 34.40 -50.37
N LYS I 244 -27.60 34.46 -51.51
CA LYS I 244 -27.23 33.28 -52.34
C LYS I 244 -25.95 32.66 -51.78
N PRO I 245 -25.61 31.42 -52.13
CA PRO I 245 -24.31 30.86 -51.79
C PRO I 245 -23.30 31.04 -52.94
N LEU I 246 -22.07 30.53 -52.75
CA LEU I 246 -20.89 30.92 -53.57
C LEU I 246 -20.01 29.72 -53.88
N LEU I 247 -19.59 29.61 -55.14
CA LEU I 247 -18.52 28.69 -55.62
C LEU I 247 -17.26 29.48 -55.99
N ILE I 248 -16.20 29.33 -55.19
CA ILE I 248 -14.80 29.81 -55.51
C ILE I 248 -14.13 28.73 -56.36
N VAL I 249 -13.68 29.07 -57.57
CA VAL I 249 -12.74 28.20 -58.35
C VAL I 249 -11.56 29.07 -58.79
N ALA I 250 -10.34 28.60 -58.50
CA ALA I 250 -9.10 29.41 -58.50
C ALA I 250 -7.89 28.52 -58.27
N GLU I 251 -6.94 28.58 -59.20
CA GLU I 251 -5.63 27.87 -59.21
C GLU I 251 -5.34 27.17 -57.90
N GLU I 252 -5.61 27.82 -56.79
CA GLU I 252 -5.38 27.25 -55.45
C GLU I 252 -6.11 28.10 -54.43
N VAL I 253 -6.45 27.49 -53.32
CA VAL I 253 -7.08 28.24 -52.20
C VAL I 253 -6.35 27.82 -50.93
N GLU I 254 -5.32 28.57 -50.58
CA GLU I 254 -4.38 28.17 -49.52
C GLU I 254 -4.99 28.30 -48.13
N GLY I 255 -4.20 27.84 -47.16
CA GLY I 255 -4.53 27.71 -45.74
C GLY I 255 -5.37 28.85 -45.19
N GLU I 256 -4.82 30.06 -45.22
CA GLU I 256 -5.43 31.21 -44.51
C GLU I 256 -6.90 31.36 -44.88
N ALA I 257 -7.17 31.75 -46.12
CA ALA I 257 -8.55 31.95 -46.57
C ALA I 257 -9.06 30.61 -47.08
N LEU I 258 -9.59 29.82 -46.16
CA LEU I 258 -10.15 28.47 -46.43
C LEU I 258 -10.75 27.96 -45.12
N ALA I 259 -9.97 28.01 -44.04
CA ALA I 259 -10.45 27.89 -42.64
C ALA I 259 -11.36 29.09 -42.37
N THR I 260 -10.97 30.28 -42.86
CA THR I 260 -11.81 31.50 -42.93
C THR I 260 -13.16 31.13 -43.56
N LEU I 261 -13.12 30.26 -44.58
CA LEU I 261 -14.32 29.65 -45.22
C LEU I 261 -14.67 28.32 -44.54
N VAL I 262 -14.55 28.28 -43.21
CA VAL I 262 -15.14 27.25 -42.30
C VAL I 262 -15.52 28.01 -41.01
N VAL I 263 -16.20 29.13 -41.19
CA VAL I 263 -16.25 30.30 -40.25
C VAL I 263 -17.10 31.39 -40.94
N ASN I 264 -16.92 31.56 -42.25
CA ASN I 264 -17.94 32.14 -43.17
C ASN I 264 -18.66 30.97 -43.87
N THR I 265 -18.83 29.83 -43.18
CA THR I 265 -19.43 28.57 -43.74
C THR I 265 -20.05 27.70 -42.63
N ILE I 266 -19.26 27.26 -41.64
CA ILE I 266 -19.77 26.51 -40.45
C ILE I 266 -20.68 27.43 -39.64
N ARG I 267 -20.15 28.58 -39.22
CA ARG I 267 -20.95 29.73 -38.72
C ARG I 267 -21.76 30.29 -39.91
N GLY I 268 -23.02 30.65 -39.69
CA GLY I 268 -23.93 31.17 -40.73
C GLY I 268 -23.47 32.50 -41.29
N ILE I 269 -24.32 33.13 -42.10
CA ILE I 269 -23.94 34.17 -43.12
C ILE I 269 -22.92 33.54 -44.07
N VAL I 270 -23.25 33.51 -45.37
CA VAL I 270 -22.31 33.11 -46.47
C VAL I 270 -22.05 31.60 -46.38
N LYS I 271 -22.70 30.83 -47.25
CA LYS I 271 -22.39 29.40 -47.55
C LYS I 271 -21.39 29.41 -48.72
N VAL I 272 -20.32 28.61 -48.64
CA VAL I 272 -19.21 28.62 -49.63
C VAL I 272 -18.75 27.18 -49.88
N VAL I 273 -18.09 26.95 -51.03
CA VAL I 273 -17.20 25.76 -51.22
C VAL I 273 -16.20 26.08 -52.35
N ALA I 274 -14.94 25.71 -52.13
CA ALA I 274 -13.78 26.11 -52.94
C ALA I 274 -13.13 24.88 -53.59
N VAL I 275 -12.80 24.98 -54.88
CA VAL I 275 -12.21 23.87 -55.69
C VAL I 275 -10.97 24.42 -56.41
N LYS I 276 -9.99 23.56 -56.70
CA LYS I 276 -8.81 23.92 -57.53
C LYS I 276 -9.29 23.98 -58.98
N ALA I 277 -8.79 24.96 -59.75
CA ALA I 277 -9.10 25.10 -61.20
C ALA I 277 -8.66 23.83 -61.92
N PRO I 278 -9.37 23.39 -62.97
CA PRO I 278 -9.09 22.10 -63.60
C PRO I 278 -7.83 22.24 -64.49
N GLY I 279 -6.90 21.27 -64.38
CA GLY I 279 -5.65 21.25 -65.15
C GLY I 279 -4.68 22.33 -64.69
N PHE I 280 -3.70 22.67 -65.54
CA PHE I 280 -2.59 23.62 -65.23
C PHE I 280 -2.18 24.43 -66.47
N GLY I 281 -1.12 25.23 -66.32
CA GLY I 281 -0.42 25.93 -67.41
C GLY I 281 -1.29 26.99 -68.06
N ASP I 282 -1.59 26.83 -69.34
CA ASP I 282 -2.40 27.79 -70.14
C ASP I 282 -3.78 27.17 -70.41
N ARG I 283 -3.84 25.86 -70.67
CA ARG I 283 -5.12 25.13 -70.91
C ARG I 283 -6.04 25.30 -69.69
N ARG I 284 -5.46 25.63 -68.53
CA ARG I 284 -6.19 25.91 -67.26
C ARG I 284 -6.85 27.29 -67.36
N LYS I 285 -6.06 28.33 -67.64
CA LYS I 285 -6.54 29.73 -67.84
C LYS I 285 -7.66 29.70 -68.89
N ALA I 286 -7.48 28.86 -69.92
CA ALA I 286 -8.41 28.67 -71.05
C ALA I 286 -9.69 27.95 -70.55
N MET I 287 -9.50 26.85 -69.80
CA MET I 287 -10.59 26.07 -69.16
C MET I 287 -11.47 27.00 -68.32
N LEU I 288 -10.89 28.05 -67.73
CA LEU I 288 -11.63 28.97 -66.83
C LEU I 288 -12.54 29.89 -67.64
N GLU I 289 -12.04 30.60 -68.67
CA GLU I 289 -12.90 31.47 -69.53
C GLU I 289 -14.03 30.62 -70.11
N ASP I 290 -13.77 29.33 -70.38
CA ASP I 290 -14.78 28.35 -70.84
C ASP I 290 -16.02 28.40 -69.93
N MET I 291 -15.83 28.39 -68.61
CA MET I 291 -17.00 28.38 -67.66
C MET I 291 -17.37 29.81 -67.24
N ALA I 292 -16.55 30.81 -67.59
CA ALA I 292 -16.92 32.24 -67.49
C ALA I 292 -18.04 32.52 -68.49
N VAL I 293 -17.87 32.03 -69.72
CA VAL I 293 -18.85 32.26 -70.84
C VAL I 293 -20.06 31.34 -70.64
N LEU I 294 -19.89 30.22 -69.92
CA LEU I 294 -20.98 29.27 -69.60
C LEU I 294 -21.85 29.86 -68.49
N THR I 295 -21.23 30.36 -67.41
CA THR I 295 -21.92 30.84 -66.19
C THR I 295 -22.24 32.33 -66.30
N GLY I 296 -21.92 32.96 -67.44
CA GLY I 296 -22.17 34.39 -67.68
C GLY I 296 -21.40 35.28 -66.71
N GLY I 297 -20.09 35.05 -66.60
CA GLY I 297 -19.18 35.79 -65.70
C GLY I 297 -17.81 35.99 -66.31
N THR I 298 -16.79 36.23 -65.48
CA THR I 298 -15.46 36.70 -65.93
C THR I 298 -14.34 36.03 -65.14
N VAL I 299 -13.26 35.67 -65.84
CA VAL I 299 -11.96 35.29 -65.22
C VAL I 299 -11.35 36.55 -64.62
N ILE I 300 -11.46 36.68 -63.30
CA ILE I 300 -10.91 37.81 -62.50
C ILE I 300 -9.40 37.59 -62.37
N SER I 301 -8.68 37.98 -63.42
CA SER I 301 -7.19 38.04 -63.47
C SER I 301 -6.74 39.51 -63.49
N GLU I 302 -5.43 39.73 -63.45
CA GLU I 302 -4.80 41.05 -63.71
C GLU I 302 -4.06 40.97 -65.05
N GLU I 303 -4.67 40.28 -66.02
CA GLU I 303 -4.27 40.26 -67.46
C GLU I 303 -5.36 41.00 -68.26
N VAL I 304 -6.63 40.63 -68.03
CA VAL I 304 -7.83 41.46 -68.39
C VAL I 304 -7.91 42.64 -67.40
N GLY I 305 -6.97 42.69 -66.44
CA GLY I 305 -6.61 43.89 -65.64
C GLY I 305 -7.63 44.19 -64.57
N LEU I 306 -8.02 43.19 -63.79
CA LEU I 306 -9.16 43.29 -62.83
C LEU I 306 -8.68 43.01 -61.40
N ALA I 307 -9.27 43.73 -60.45
CA ALA I 307 -8.96 43.64 -59.00
C ALA I 307 -9.66 42.44 -58.39
N LEU I 308 -9.12 41.95 -57.27
CA LEU I 308 -9.71 40.90 -56.38
C LEU I 308 -10.52 41.60 -55.31
N GLU I 309 -9.94 42.67 -54.77
CA GLU I 309 -10.55 43.54 -53.74
C GLU I 309 -11.68 44.35 -54.37
N LYS I 310 -11.59 44.62 -55.66
CA LYS I 310 -12.66 45.37 -56.35
C LYS I 310 -13.30 44.47 -57.38
N ALA I 311 -13.92 43.43 -56.88
CA ALA I 311 -14.76 42.51 -57.67
C ALA I 311 -16.12 42.60 -57.03
N THR I 312 -17.13 42.99 -57.79
CA THR I 312 -18.49 43.09 -57.23
C THR I 312 -19.25 41.83 -57.60
N ILE I 313 -20.51 41.99 -58.00
CA ILE I 313 -21.32 40.83 -58.44
C ILE I 313 -21.67 40.98 -59.93
N LYS I 314 -21.00 41.89 -60.65
CA LYS I 314 -21.10 42.01 -62.13
C LYS I 314 -20.25 40.90 -62.76
N ASP I 315 -19.31 40.33 -62.00
CA ASP I 315 -18.18 39.52 -62.51
C ASP I 315 -18.43 38.05 -62.20
N LEU I 316 -18.75 37.79 -60.93
CA LEU I 316 -19.35 36.51 -60.45
C LEU I 316 -20.20 35.89 -61.55
N GLY I 317 -19.83 34.69 -62.02
CA GLY I 317 -20.72 33.80 -62.79
C GLY I 317 -21.88 33.34 -61.92
N ARG I 318 -23.07 33.17 -62.51
CA ARG I 318 -24.30 32.69 -61.81
C ARG I 318 -24.67 31.32 -62.41
N ALA I 319 -25.46 30.51 -61.69
CA ALA I 319 -25.99 29.21 -62.17
C ALA I 319 -27.28 28.85 -61.43
N LYS I 320 -27.98 27.82 -61.91
CA LYS I 320 -29.25 27.31 -61.31
C LYS I 320 -28.93 26.33 -60.19
N LYS I 321 -27.77 25.66 -60.28
CA LYS I 321 -27.29 24.69 -59.25
C LYS I 321 -25.88 24.21 -59.61
N VAL I 322 -24.95 24.29 -58.65
CA VAL I 322 -23.67 23.52 -58.70
C VAL I 322 -23.76 22.48 -57.59
N GLN I 323 -23.10 21.34 -57.78
CA GLN I 323 -22.88 20.34 -56.69
C GLN I 323 -21.50 19.72 -56.87
N VAL I 324 -20.75 19.59 -55.77
CA VAL I 324 -19.35 19.07 -55.78
C VAL I 324 -19.21 17.89 -54.80
N SER I 325 -18.58 16.80 -55.27
CA SER I 325 -18.22 15.58 -54.51
C SER I 325 -16.73 15.65 -54.15
N LYS I 326 -16.16 14.52 -53.73
CA LYS I 326 -14.73 14.44 -53.30
C LYS I 326 -13.84 14.81 -54.48
N GLU I 327 -14.29 14.60 -55.74
CA GLU I 327 -13.46 14.93 -56.93
C GLU I 327 -14.32 15.14 -58.18
N ASN I 328 -15.50 15.75 -58.05
CA ASN I 328 -16.33 16.16 -59.22
C ASN I 328 -17.12 17.44 -58.91
N THR I 329 -16.60 18.57 -59.37
CA THR I 329 -17.36 19.84 -59.53
C THR I 329 -18.15 19.77 -60.84
N THR I 330 -19.48 19.92 -60.77
CA THR I 330 -20.41 19.90 -61.93
C THR I 330 -21.36 21.10 -61.80
N ILE I 331 -21.61 21.81 -62.91
CA ILE I 331 -22.42 23.05 -62.95
C ILE I 331 -23.64 22.82 -63.85
N ILE I 332 -24.82 23.27 -63.42
CA ILE I 332 -26.14 22.95 -64.06
C ILE I 332 -26.90 24.26 -64.34
N ASP I 333 -27.39 24.42 -65.58
CA ASP I 333 -28.15 25.62 -66.06
C ASP I 333 -27.29 26.88 -65.82
N GLY I 334 -26.30 27.14 -66.70
CA GLY I 334 -25.52 28.39 -66.67
C GLY I 334 -26.40 29.60 -66.89
N ALA I 335 -25.85 30.81 -66.73
CA ALA I 335 -26.50 32.08 -67.15
C ALA I 335 -26.16 32.38 -68.61
N GLY I 336 -24.99 31.92 -69.05
CA GLY I 336 -24.38 32.22 -70.37
C GLY I 336 -25.38 32.35 -71.50
N ASP I 337 -25.19 33.38 -72.34
CA ASP I 337 -25.82 33.54 -73.67
C ASP I 337 -25.66 32.25 -74.47
N SER I 338 -26.75 31.77 -75.08
CA SER I 338 -26.74 30.71 -76.13
C SER I 338 -25.74 31.09 -77.23
N ALA I 339 -25.60 32.39 -77.52
CA ALA I 339 -24.67 32.97 -78.52
C ALA I 339 -23.21 32.72 -78.11
N ALA I 340 -22.75 33.38 -77.03
CA ALA I 340 -21.35 33.34 -76.55
C ALA I 340 -20.92 31.90 -76.24
N ILE I 341 -21.88 31.01 -75.93
CA ILE I 341 -21.65 29.55 -75.73
C ILE I 341 -21.19 28.93 -77.05
N GLU I 342 -22.08 28.84 -78.04
CA GLU I 342 -21.80 28.23 -79.38
C GLU I 342 -20.99 29.21 -80.24
N SER I 343 -20.33 30.19 -79.59
CA SER I 343 -19.36 31.14 -80.16
C SER I 343 -17.97 30.90 -79.55
N ARG I 344 -17.90 30.60 -78.24
CA ARG I 344 -16.66 30.10 -77.58
C ARG I 344 -16.29 28.76 -78.20
N VAL I 345 -17.30 27.94 -78.52
CA VAL I 345 -17.15 26.70 -79.34
C VAL I 345 -16.55 27.11 -80.70
N GLY I 346 -17.09 28.15 -81.32
CA GLY I 346 -16.67 28.71 -82.63
C GLY I 346 -15.16 28.90 -82.74
N GLN I 347 -14.51 29.40 -81.69
CA GLN I 347 -13.04 29.66 -81.66
C GLN I 347 -12.29 28.34 -81.44
N ILE I 348 -12.78 27.53 -80.51
CA ILE I 348 -12.18 26.21 -80.15
C ILE I 348 -12.40 25.24 -81.32
N LYS I 349 -13.51 25.39 -82.07
CA LYS I 349 -13.83 24.56 -83.27
C LYS I 349 -12.78 24.82 -84.35
N THR I 350 -12.62 26.07 -84.77
CA THR I 350 -11.58 26.50 -85.76
C THR I 350 -10.21 26.17 -85.17
N GLN I 351 -10.08 26.17 -83.84
CA GLN I 351 -8.82 25.84 -83.12
C GLN I 351 -8.42 24.38 -83.34
N ILE I 352 -9.37 23.47 -83.63
CA ILE I 352 -9.07 22.04 -83.95
C ILE I 352 -8.38 22.01 -85.33
N GLU I 353 -8.80 22.89 -86.23
CA GLU I 353 -8.24 23.00 -87.62
C GLU I 353 -6.81 23.55 -87.55
N ASP I 354 -6.50 24.34 -86.51
CA ASP I 354 -5.20 25.05 -86.32
C ASP I 354 -4.22 24.21 -85.49
N THR I 355 -4.52 22.91 -85.29
CA THR I 355 -3.65 21.98 -84.52
C THR I 355 -2.46 21.55 -85.37
N SER I 356 -1.25 21.71 -84.82
CA SER I 356 0.02 21.16 -85.40
C SER I 356 0.38 19.86 -84.67
N SER I 357 -0.13 19.68 -83.45
CA SER I 357 0.03 18.47 -82.59
C SER I 357 -1.34 17.80 -82.38
N ASP I 358 -1.35 16.48 -82.16
CA ASP I 358 -2.58 15.67 -81.94
C ASP I 358 -2.98 15.73 -80.46
N TYR I 359 -2.01 15.83 -79.54
CA TYR I 359 -2.26 15.88 -78.08
C TYR I 359 -3.12 17.11 -77.75
N ASP I 360 -2.77 18.25 -78.34
CA ASP I 360 -3.55 19.51 -78.25
C ASP I 360 -4.96 19.25 -78.80
N ARG I 361 -5.03 18.70 -80.02
CA ARG I 361 -6.28 18.38 -80.76
C ARG I 361 -7.29 17.66 -79.85
N GLU I 362 -6.86 16.54 -79.23
CA GLU I 362 -7.61 15.83 -78.16
C GLU I 362 -8.08 16.87 -77.14
N LYS I 363 -7.14 17.64 -76.60
CA LYS I 363 -7.33 18.55 -75.43
C LYS I 363 -8.35 19.66 -75.72
N LEU I 364 -8.60 20.04 -76.98
CA LEU I 364 -9.63 21.07 -77.33
C LEU I 364 -10.96 20.37 -77.61
N GLN I 365 -10.95 19.37 -78.49
CA GLN I 365 -12.16 18.58 -78.87
C GLN I 365 -12.90 18.11 -77.61
N GLU I 366 -12.22 18.06 -76.46
CA GLU I 366 -12.80 17.68 -75.14
C GLU I 366 -13.39 18.93 -74.48
N ARG I 367 -12.82 20.11 -74.74
CA ARG I 367 -13.41 21.42 -74.34
C ARG I 367 -14.74 21.60 -75.09
N VAL I 368 -14.76 21.26 -76.37
CA VAL I 368 -15.97 21.42 -77.24
C VAL I 368 -17.07 20.50 -76.68
N ALA I 369 -16.69 19.28 -76.28
CA ALA I 369 -17.58 18.25 -75.67
C ALA I 369 -18.28 18.85 -74.45
N LYS I 370 -17.49 19.31 -73.47
CA LYS I 370 -17.99 19.98 -72.23
C LYS I 370 -19.02 21.06 -72.61
N LEU I 371 -18.65 21.92 -73.57
CA LEU I 371 -19.35 23.20 -73.86
C LEU I 371 -20.60 22.93 -74.70
N ALA I 372 -20.59 21.86 -75.51
CA ALA I 372 -21.72 21.39 -76.34
C ALA I 372 -22.58 20.39 -75.54
N GLY I 373 -21.97 19.26 -75.15
CA GLY I 373 -22.62 18.09 -74.51
C GLY I 373 -23.60 18.47 -73.43
N GLY I 374 -23.34 19.54 -72.67
CA GLY I 374 -24.19 19.98 -71.55
C GLY I 374 -24.32 18.89 -70.50
N VAL I 375 -25.52 18.75 -69.90
CA VAL I 375 -25.83 17.82 -68.77
C VAL I 375 -27.19 17.15 -69.02
N ALA I 376 -27.41 15.98 -68.44
CA ALA I 376 -28.73 15.32 -68.29
C ALA I 376 -29.07 15.27 -66.80
N VAL I 377 -30.22 15.80 -66.41
CA VAL I 377 -30.60 16.01 -64.97
C VAL I 377 -31.85 15.16 -64.66
N ILE I 378 -31.68 14.11 -63.86
CA ILE I 378 -32.78 13.18 -63.47
C ILE I 378 -33.49 13.74 -62.24
N LYS I 379 -34.60 14.41 -62.45
CA LYS I 379 -35.42 14.89 -61.32
C LYS I 379 -36.20 13.67 -60.84
N VAL I 380 -36.23 13.48 -59.53
CA VAL I 380 -36.80 12.21 -59.03
C VAL I 380 -38.28 12.41 -58.71
N GLY I 381 -38.58 12.55 -57.43
CA GLY I 381 -39.97 12.73 -57.02
C GLY I 381 -40.65 11.41 -56.83
N ALA I 382 -41.46 11.39 -55.80
CA ALA I 382 -42.32 10.26 -55.46
C ALA I 382 -43.35 10.88 -54.54
N SER I 383 -43.22 10.62 -53.26
CA SER I 383 -44.10 11.21 -52.23
C SER I 383 -43.45 11.06 -50.87
N THR I 384 -44.18 11.51 -49.86
CA THR I 384 -43.75 11.54 -48.46
C THR I 384 -42.36 12.15 -48.46
N GLU I 385 -42.20 13.26 -49.17
CA GLU I 385 -40.90 13.96 -49.19
C GLU I 385 -39.87 13.03 -48.52
N ILE I 386 -40.22 12.54 -47.33
CA ILE I 386 -39.38 11.54 -46.60
C ILE I 386 -38.93 10.41 -47.55
N GLU I 387 -39.78 9.91 -48.46
CA GLU I 387 -39.46 8.75 -49.34
C GLU I 387 -38.80 9.22 -50.63
N MET I 388 -39.15 10.41 -51.12
CA MET I 388 -38.47 11.04 -52.29
C MET I 388 -37.00 11.29 -51.92
N LYS I 389 -36.73 11.70 -50.67
CA LYS I 389 -35.36 11.97 -50.16
C LYS I 389 -34.54 10.67 -50.28
N GLU I 390 -35.07 9.57 -49.75
CA GLU I 390 -34.41 8.22 -49.76
C GLU I 390 -34.35 7.71 -51.20
N LYS I 391 -35.46 7.76 -51.94
CA LYS I 391 -35.53 7.29 -53.36
C LYS I 391 -34.41 7.95 -54.20
N LYS I 392 -34.19 9.26 -54.02
CA LYS I 392 -33.15 10.05 -54.74
C LYS I 392 -31.78 9.44 -54.52
N ALA I 393 -31.53 8.97 -53.29
CA ALA I 393 -30.25 8.37 -52.85
C ALA I 393 -30.09 6.97 -53.43
N ARG I 394 -31.18 6.19 -53.48
CA ARG I 394 -31.19 4.81 -54.05
C ARG I 394 -31.16 4.87 -55.58
N VAL I 395 -31.56 6.00 -56.21
CA VAL I 395 -31.46 6.23 -57.68
C VAL I 395 -30.00 6.52 -58.03
N GLU I 396 -29.39 7.43 -57.29
CA GLU I 396 -28.00 7.91 -57.52
C GLU I 396 -27.01 6.76 -57.28
N ASP I 397 -27.37 5.81 -56.41
CA ASP I 397 -26.59 4.57 -56.14
C ASP I 397 -26.48 3.76 -57.43
N ALA I 398 -27.60 3.68 -58.17
CA ALA I 398 -27.77 2.88 -59.40
C ALA I 398 -27.02 3.52 -60.57
N LEU I 399 -27.08 4.84 -60.68
CA LEU I 399 -26.37 5.63 -61.74
C LEU I 399 -24.88 5.26 -61.73
N HIS I 400 -24.26 5.21 -60.54
CA HIS I 400 -22.82 4.87 -60.35
C HIS I 400 -22.58 3.41 -60.72
N ALA I 401 -23.41 2.48 -60.22
CA ALA I 401 -23.37 1.05 -60.59
C ALA I 401 -23.40 0.93 -62.12
N THR I 402 -24.52 1.32 -62.73
CA THR I 402 -24.75 1.33 -64.21
C THR I 402 -23.50 1.84 -64.93
N ARG I 403 -23.00 3.01 -64.54
CA ARG I 403 -21.88 3.71 -65.22
C ARG I 403 -20.67 2.77 -65.26
N ALA I 404 -20.17 2.40 -64.08
CA ALA I 404 -18.99 1.50 -63.88
C ALA I 404 -19.21 0.16 -64.59
N ALA I 405 -20.47 -0.22 -64.79
CA ALA I 405 -20.86 -1.38 -65.63
C ALA I 405 -20.46 -1.08 -67.08
N VAL I 406 -20.92 0.06 -67.61
CA VAL I 406 -20.81 0.38 -69.06
C VAL I 406 -19.32 0.42 -69.45
N GLU I 407 -18.45 0.83 -68.51
CA GLU I 407 -16.98 0.92 -68.75
C GLU I 407 -16.36 -0.48 -68.78
N GLU I 408 -16.48 -1.27 -67.70
CA GLU I 408 -15.64 -2.49 -67.48
C GLU I 408 -16.47 -3.78 -67.49
N GLY I 409 -17.80 -3.68 -67.42
CA GLY I 409 -18.72 -4.83 -67.48
C GLY I 409 -19.21 -5.25 -66.10
N VAL I 410 -19.91 -6.39 -66.04
CA VAL I 410 -20.63 -6.90 -64.82
C VAL I 410 -20.28 -8.38 -64.60
N VAL I 411 -20.06 -8.77 -63.33
CA VAL I 411 -19.65 -10.14 -62.91
C VAL I 411 -20.57 -10.58 -61.80
N PRO I 412 -20.67 -11.91 -61.54
CA PRO I 412 -21.56 -12.40 -60.48
C PRO I 412 -21.32 -11.70 -59.13
N GLY I 413 -22.40 -11.45 -58.39
CA GLY I 413 -22.37 -10.71 -57.12
C GLY I 413 -22.10 -11.61 -55.93
N GLY I 414 -22.46 -11.16 -54.73
CA GLY I 414 -22.13 -11.87 -53.47
C GLY I 414 -20.69 -12.35 -53.48
N GLY I 415 -19.78 -11.51 -53.99
CA GLY I 415 -18.34 -11.82 -54.15
C GLY I 415 -18.10 -13.31 -54.36
N VAL I 416 -18.74 -13.89 -55.39
CA VAL I 416 -18.45 -15.26 -55.92
C VAL I 416 -17.46 -15.09 -57.08
N ALA I 417 -17.68 -14.04 -57.89
CA ALA I 417 -16.81 -13.60 -59.02
C ALA I 417 -15.35 -13.60 -58.60
N LEU I 418 -15.08 -13.25 -57.33
CA LEU I 418 -13.72 -13.39 -56.73
C LEU I 418 -13.34 -14.87 -56.67
N VAL I 419 -14.20 -15.73 -56.10
CA VAL I 419 -13.86 -17.17 -55.85
C VAL I 419 -13.92 -17.94 -57.18
N ARG I 420 -14.53 -17.37 -58.22
CA ARG I 420 -14.58 -17.98 -59.58
C ARG I 420 -13.25 -17.70 -60.29
N ALA I 421 -12.78 -16.45 -60.21
CA ALA I 421 -11.42 -16.02 -60.65
C ALA I 421 -10.37 -16.78 -59.84
N LEU I 422 -10.68 -17.02 -58.57
CA LEU I 422 -9.82 -17.69 -57.56
C LEU I 422 -9.51 -19.10 -58.06
N VAL I 423 -10.55 -19.87 -58.35
CA VAL I 423 -10.37 -21.28 -58.77
C VAL I 423 -9.61 -21.32 -60.09
N ALA I 424 -9.65 -20.23 -60.86
CA ALA I 424 -9.02 -20.20 -62.20
C ALA I 424 -7.51 -20.36 -62.05
N VAL I 425 -6.86 -19.28 -61.65
CA VAL I 425 -5.39 -19.24 -61.50
C VAL I 425 -4.92 -20.47 -60.71
N GLY I 426 -5.44 -20.64 -59.49
CA GLY I 426 -5.27 -21.79 -58.54
C GLY I 426 -3.92 -22.51 -58.39
N ASN I 427 -3.17 -22.81 -59.45
CA ASN I 427 -1.98 -23.70 -59.36
C ASN I 427 -0.69 -22.89 -59.39
N LEU I 428 -0.81 -21.58 -59.31
CA LEU I 428 0.31 -20.66 -59.57
C LEU I 428 1.46 -20.80 -58.59
N THR I 429 2.66 -20.59 -59.12
CA THR I 429 3.94 -20.58 -58.38
C THR I 429 4.77 -19.39 -58.84
N GLY I 430 5.68 -18.93 -57.96
CA GLY I 430 6.67 -17.87 -58.20
C GLY I 430 8.09 -18.37 -58.01
N ALA I 431 9.05 -17.44 -57.83
CA ALA I 431 10.51 -17.68 -57.88
C ALA I 431 10.97 -18.65 -56.78
N ASN I 432 10.60 -18.38 -55.52
CA ASN I 432 10.92 -19.23 -54.33
C ASN I 432 9.65 -19.50 -53.53
N GLU I 433 9.69 -20.45 -52.58
CA GLU I 433 8.48 -20.96 -51.87
C GLU I 433 7.90 -19.86 -50.99
N ASP I 434 8.67 -18.82 -50.69
CA ASP I 434 8.18 -17.56 -50.05
C ASP I 434 7.25 -16.84 -51.04
N GLN I 435 7.63 -16.77 -52.32
CA GLN I 435 6.83 -16.09 -53.38
C GLN I 435 5.52 -16.85 -53.63
N THR I 436 5.54 -18.18 -53.76
CA THR I 436 4.27 -18.96 -53.83
C THR I 436 3.43 -18.59 -52.59
N HIS I 437 4.00 -18.75 -51.38
CA HIS I 437 3.28 -18.49 -50.10
C HIS I 437 2.60 -17.11 -50.15
N GLY I 438 3.22 -16.13 -50.82
CA GLY I 438 2.58 -14.85 -51.15
C GLY I 438 1.30 -15.06 -51.95
N ILE I 439 1.41 -15.83 -53.04
CA ILE I 439 0.28 -16.19 -53.95
C ILE I 439 -0.79 -16.96 -53.14
N GLN I 440 -0.38 -17.81 -52.20
CA GLN I 440 -1.34 -18.60 -51.38
C GLN I 440 -2.19 -17.64 -50.54
N ILE I 441 -1.56 -16.80 -49.71
CA ILE I 441 -2.29 -15.91 -48.75
C ILE I 441 -3.20 -14.97 -49.55
N ALA I 442 -2.83 -14.67 -50.81
CA ALA I 442 -3.62 -13.83 -51.74
C ALA I 442 -4.94 -14.52 -52.05
N LEU I 443 -4.88 -15.73 -52.59
CA LEU I 443 -6.06 -16.52 -53.02
C LEU I 443 -6.99 -16.73 -51.82
N ARG I 444 -6.42 -17.26 -50.73
CA ARG I 444 -7.15 -17.50 -49.46
C ARG I 444 -8.02 -16.27 -49.14
N ALA I 445 -7.43 -15.07 -49.23
CA ALA I 445 -8.09 -13.79 -48.93
C ALA I 445 -9.31 -13.58 -49.84
N MET I 446 -9.21 -13.96 -51.11
CA MET I 446 -10.27 -13.70 -52.12
C MET I 446 -11.56 -14.41 -51.72
N GLU I 447 -11.45 -15.45 -50.89
CA GLU I 447 -12.61 -16.15 -50.26
C GLU I 447 -13.24 -15.29 -49.14
N ALA I 448 -12.59 -14.21 -48.69
CA ALA I 448 -12.97 -13.41 -47.50
C ALA I 448 -14.39 -12.90 -47.64
N PRO I 449 -14.74 -12.15 -48.71
CA PRO I 449 -16.08 -11.57 -48.83
C PRO I 449 -17.21 -12.61 -48.75
N LEU I 450 -17.16 -13.65 -49.60
CA LEU I 450 -18.18 -14.74 -49.60
C LEU I 450 -18.32 -15.26 -48.18
N ARG I 451 -17.22 -15.76 -47.61
CA ARG I 451 -17.19 -16.41 -46.26
C ARG I 451 -17.88 -15.51 -45.24
N GLU I 452 -17.71 -14.19 -45.33
CA GLU I 452 -18.38 -13.24 -44.42
C GLU I 452 -19.87 -13.18 -44.76
N ILE I 453 -20.23 -12.77 -45.98
CA ILE I 453 -21.66 -12.66 -46.42
C ILE I 453 -22.45 -13.83 -45.81
N VAL I 454 -21.91 -15.04 -45.99
CA VAL I 454 -22.47 -16.30 -45.43
C VAL I 454 -22.55 -16.15 -43.91
N ALA I 455 -21.40 -16.19 -43.23
CA ALA I 455 -21.26 -16.03 -41.76
C ALA I 455 -22.42 -15.17 -41.24
N ASN I 456 -22.45 -13.87 -41.57
CA ASN I 456 -23.43 -12.89 -41.03
C ASN I 456 -24.86 -13.41 -41.18
N ALA I 457 -25.12 -14.32 -42.13
CA ALA I 457 -26.45 -14.99 -42.30
C ALA I 457 -26.67 -16.01 -41.18
N GLY I 458 -25.74 -16.94 -41.04
CA GLY I 458 -25.70 -17.89 -39.90
C GLY I 458 -25.46 -19.31 -40.36
N GLU I 459 -24.46 -19.49 -41.24
CA GLU I 459 -24.21 -20.76 -41.98
C GLU I 459 -22.77 -21.20 -41.71
N GLU I 460 -22.31 -22.25 -42.40
CA GLU I 460 -20.91 -22.73 -42.40
C GLU I 460 -20.23 -22.18 -43.64
N PRO I 461 -19.38 -21.13 -43.51
CA PRO I 461 -18.71 -20.56 -44.68
C PRO I 461 -17.82 -21.57 -45.44
N SER I 462 -16.98 -22.29 -44.69
CA SER I 462 -16.21 -23.47 -45.15
C SER I 462 -16.99 -24.29 -46.19
N VAL I 463 -18.24 -24.61 -45.87
CA VAL I 463 -19.17 -25.54 -46.61
C VAL I 463 -19.65 -24.90 -47.91
N ILE I 464 -20.41 -23.82 -47.80
CA ILE I 464 -21.01 -23.11 -48.97
C ILE I 464 -19.92 -22.86 -50.01
N LEU I 465 -18.72 -22.45 -49.58
CA LEU I 465 -17.62 -22.02 -50.49
C LEU I 465 -17.01 -23.21 -51.23
N ASN I 466 -16.85 -24.35 -50.55
CA ASN I 466 -16.50 -25.66 -51.17
C ASN I 466 -17.46 -25.93 -52.36
N LYS I 467 -18.78 -25.85 -52.12
CA LYS I 467 -19.84 -26.21 -53.12
C LYS I 467 -19.98 -25.12 -54.18
N VAL I 468 -19.29 -23.99 -54.04
CA VAL I 468 -19.29 -22.92 -55.08
C VAL I 468 -18.05 -23.08 -55.95
N LYS I 469 -16.89 -23.37 -55.37
CA LYS I 469 -15.67 -23.77 -56.12
C LYS I 469 -15.95 -25.04 -56.93
N GLU I 470 -16.83 -25.91 -56.41
CA GLU I 470 -17.27 -27.18 -57.07
C GLU I 470 -18.03 -26.84 -58.35
N GLY I 471 -19.06 -26.00 -58.26
CA GLY I 471 -19.85 -25.49 -59.40
C GLY I 471 -19.09 -24.47 -60.22
N THR I 472 -19.58 -24.11 -61.42
CA THR I 472 -18.81 -23.31 -62.42
C THR I 472 -19.66 -22.22 -63.09
N GLY I 473 -18.97 -21.27 -63.71
CA GLY I 473 -19.56 -20.06 -64.30
C GLY I 473 -20.21 -19.18 -63.23
N ASN I 474 -21.52 -18.96 -63.36
CA ASN I 474 -22.26 -18.00 -62.49
C ASN I 474 -22.91 -18.74 -61.32
N TYR I 475 -22.48 -19.97 -61.02
CA TYR I 475 -23.05 -20.75 -59.89
C TYR I 475 -22.61 -20.06 -58.59
N GLY I 476 -23.55 -19.86 -57.65
CA GLY I 476 -23.27 -19.16 -56.37
C GLY I 476 -24.44 -19.24 -55.39
N TYR I 477 -24.22 -18.76 -54.16
CA TYR I 477 -25.18 -18.80 -53.02
C TYR I 477 -25.90 -17.45 -52.90
N ASN I 478 -27.22 -17.46 -53.02
CA ASN I 478 -28.04 -16.26 -52.72
C ASN I 478 -28.33 -16.24 -51.21
N ALA I 479 -27.52 -15.49 -50.47
CA ALA I 479 -27.57 -15.34 -49.00
C ALA I 479 -28.95 -14.86 -48.53
N ALA I 480 -29.76 -14.27 -49.42
CA ALA I 480 -31.13 -13.78 -49.12
C ALA I 480 -32.00 -14.91 -48.58
N ASN I 481 -31.90 -16.10 -49.20
CA ASN I 481 -32.86 -17.22 -49.06
C ASN I 481 -32.15 -18.58 -48.91
N GLY I 482 -30.91 -18.69 -49.40
CA GLY I 482 -30.05 -19.88 -49.24
C GLY I 482 -30.01 -20.74 -50.49
N GLU I 483 -30.80 -20.38 -51.52
CA GLU I 483 -30.89 -21.17 -52.78
C GLU I 483 -29.56 -20.98 -53.51
N PHE I 484 -29.08 -22.01 -54.23
CA PHE I 484 -27.95 -21.90 -55.19
C PHE I 484 -28.50 -21.89 -56.63
N GLY I 485 -27.80 -21.21 -57.55
CA GLY I 485 -28.17 -21.16 -58.98
C GLY I 485 -27.32 -20.17 -59.75
N ASP I 486 -27.79 -19.74 -60.93
CA ASP I 486 -27.18 -18.63 -61.70
C ASP I 486 -27.36 -17.37 -60.86
N MET I 487 -26.25 -16.75 -60.45
CA MET I 487 -26.27 -15.55 -59.56
C MET I 487 -26.91 -14.40 -60.35
N VAL I 488 -26.52 -14.29 -61.61
CA VAL I 488 -27.10 -13.36 -62.62
C VAL I 488 -28.63 -13.51 -62.62
N GLU I 489 -29.15 -14.74 -62.60
CA GLU I 489 -30.59 -15.04 -62.79
C GLU I 489 -31.41 -14.69 -61.53
N PHE I 490 -30.80 -14.70 -60.34
CA PHE I 490 -31.44 -14.18 -59.09
C PHE I 490 -31.38 -12.65 -59.09
N GLY I 491 -30.46 -12.09 -59.87
CA GLY I 491 -30.26 -10.64 -60.01
C GLY I 491 -29.25 -10.13 -58.99
N ILE I 492 -28.09 -10.80 -58.92
CA ILE I 492 -26.96 -10.46 -57.99
C ILE I 492 -25.68 -10.34 -58.81
N LEU I 493 -25.24 -9.13 -59.16
CA LEU I 493 -24.03 -8.95 -60.01
C LEU I 493 -23.38 -7.57 -59.75
N ASP I 494 -22.12 -7.62 -59.29
CA ASP I 494 -21.26 -6.43 -59.07
C ASP I 494 -20.69 -5.98 -60.41
N PRO I 495 -20.54 -4.66 -60.65
CA PRO I 495 -19.72 -4.18 -61.77
C PRO I 495 -18.27 -4.70 -61.65
N THR I 496 -17.60 -4.95 -62.77
CA THR I 496 -16.25 -5.57 -62.80
C THR I 496 -15.16 -4.52 -62.56
N LYS I 497 -15.54 -3.27 -62.33
CA LYS I 497 -14.56 -2.24 -61.87
C LYS I 497 -14.49 -2.33 -60.34
N VAL I 498 -15.63 -2.15 -59.65
CA VAL I 498 -15.72 -2.08 -58.16
C VAL I 498 -15.07 -3.34 -57.55
N THR I 499 -15.25 -4.51 -58.17
CA THR I 499 -14.73 -5.83 -57.69
C THR I 499 -13.23 -5.94 -57.98
N ARG I 500 -12.76 -5.42 -59.11
CA ARG I 500 -11.32 -5.49 -59.48
C ARG I 500 -10.55 -4.43 -58.69
N SER I 501 -11.11 -3.21 -58.58
CA SER I 501 -10.52 -2.07 -57.83
C SER I 501 -10.27 -2.46 -56.37
N ALA I 502 -11.28 -3.07 -55.74
CA ALA I 502 -11.24 -3.57 -54.34
C ALA I 502 -10.01 -4.47 -54.14
N LEU I 503 -9.81 -5.44 -55.04
CA LEU I 503 -8.68 -6.40 -54.96
C LEU I 503 -7.37 -5.64 -55.14
N GLN I 504 -7.25 -4.87 -56.22
CA GLN I 504 -6.03 -4.09 -56.50
C GLN I 504 -5.74 -3.17 -55.30
N ASN I 505 -6.75 -2.41 -54.82
CA ASN I 505 -6.57 -1.41 -53.74
C ASN I 505 -6.12 -2.10 -52.45
N ALA I 506 -6.79 -3.18 -52.08
CA ALA I 506 -6.48 -3.94 -50.84
C ALA I 506 -5.02 -4.41 -50.87
N ALA I 507 -4.62 -5.12 -51.93
CA ALA I 507 -3.28 -5.74 -52.09
C ALA I 507 -2.18 -4.68 -52.15
N SER I 508 -2.56 -3.44 -52.48
CA SER I 508 -1.64 -2.27 -52.49
C SER I 508 -1.18 -1.99 -51.06
N ILE I 509 -2.12 -1.70 -50.15
CA ILE I 509 -1.82 -1.35 -48.73
C ILE I 509 -1.19 -2.56 -48.02
N ALA I 510 -1.78 -3.75 -48.17
CA ALA I 510 -1.25 -5.02 -47.64
C ALA I 510 0.19 -5.17 -48.12
N GLY I 511 0.49 -4.64 -49.31
CA GLY I 511 1.87 -4.44 -49.76
C GLY I 511 2.69 -3.74 -48.70
N LEU I 512 2.37 -2.48 -48.46
CA LEU I 512 3.23 -1.53 -47.72
C LEU I 512 3.29 -1.90 -46.24
N MET I 513 2.18 -2.39 -45.68
CA MET I 513 1.99 -2.66 -44.22
C MET I 513 2.74 -3.92 -43.80
N ILE I 514 3.03 -4.82 -44.74
CA ILE I 514 3.92 -5.99 -44.54
C ILE I 514 5.38 -5.51 -44.53
N THR I 515 5.70 -4.60 -45.45
CA THR I 515 7.10 -4.21 -45.79
C THR I 515 7.50 -3.01 -44.92
N THR I 516 6.56 -2.45 -44.15
CA THR I 516 6.80 -1.41 -43.11
C THR I 516 7.67 -1.96 -41.98
N GLU I 517 8.80 -1.28 -41.70
CA GLU I 517 9.76 -1.68 -40.64
C GLU I 517 9.68 -0.76 -39.42
N ALA I 518 9.19 0.47 -39.58
CA ALA I 518 9.18 1.48 -38.48
C ALA I 518 7.94 2.39 -38.57
N MET I 519 7.55 2.94 -37.41
CA MET I 519 6.38 3.85 -37.24
C MET I 519 6.78 5.00 -36.31
N VAL I 520 6.26 6.20 -36.55
CA VAL I 520 6.66 7.45 -35.84
C VAL I 520 5.38 8.19 -35.42
N ALA I 521 5.01 8.13 -34.14
CA ALA I 521 3.81 8.80 -33.59
C ALA I 521 4.20 10.02 -32.77
N ASP I 522 3.22 10.77 -32.23
CA ASP I 522 3.42 11.80 -31.17
C ASP I 522 3.57 11.08 -29.83
N ALA I 523 4.15 11.75 -28.82
CA ALA I 523 4.33 11.22 -27.45
C ALA I 523 3.03 11.38 -26.67
N PRO I 524 2.66 10.40 -25.81
CA PRO I 524 1.29 10.31 -25.29
C PRO I 524 0.83 11.41 -24.31
N LYS I 525 1.74 11.98 -23.50
CA LYS I 525 1.40 12.91 -22.36
C LYS I 525 0.72 14.19 -22.89
N ALA J 1 -26.16 24.73 0.17
CA ALA J 1 -25.30 23.53 -0.12
C ALA J 1 -25.45 22.49 0.99
N ALA J 2 -24.87 21.31 0.79
CA ALA J 2 -24.94 20.16 1.73
C ALA J 2 -24.67 20.68 3.15
N LYS J 3 -25.57 20.36 4.09
CA LYS J 3 -25.43 20.70 5.53
C LYS J 3 -25.02 19.42 6.28
N ASP J 4 -23.79 19.41 6.78
CA ASP J 4 -23.32 18.51 7.88
C ASP J 4 -24.15 18.83 9.13
N ILE J 5 -24.72 17.84 9.81
CA ILE J 5 -25.64 18.06 10.96
C ILE J 5 -25.48 16.91 11.97
N ARG J 6 -25.33 17.27 13.24
CA ARG J 6 -24.85 16.38 14.32
C ARG J 6 -25.79 16.46 15.52
N PHE J 7 -25.89 15.39 16.30
CA PHE J 7 -26.93 15.18 17.34
C PHE J 7 -26.34 14.71 18.67
N GLY J 8 -26.91 15.20 19.78
CA GLY J 8 -26.91 14.49 21.08
C GLY J 8 -25.70 14.83 21.91
N GLU J 9 -24.99 13.81 22.43
CA GLU J 9 -23.67 14.02 23.07
C GLU J 9 -22.71 14.39 21.93
N ASP J 10 -22.61 13.54 20.89
CA ASP J 10 -21.69 13.77 19.75
C ASP J 10 -21.63 15.27 19.43
N ALA J 11 -22.79 15.93 19.47
CA ALA J 11 -22.92 17.37 19.18
C ALA J 11 -22.17 18.18 20.26
N ARG J 12 -22.55 17.96 21.52
CA ARG J 12 -22.04 18.76 22.67
C ARG J 12 -20.53 18.53 22.84
N THR J 13 -20.06 17.29 22.90
CA THR J 13 -18.61 16.95 23.10
C THR J 13 -17.73 17.79 22.15
N ARG J 14 -18.26 18.22 21.00
CA ARG J 14 -17.53 19.05 20.01
C ARG J 14 -17.76 20.53 20.29
N MET J 15 -18.95 20.89 20.77
CA MET J 15 -19.25 22.27 21.27
C MET J 15 -18.29 22.56 22.42
N VAL J 16 -18.34 21.74 23.48
CA VAL J 16 -17.56 22.02 24.73
C VAL J 16 -16.07 22.08 24.36
N ARG J 17 -15.55 21.16 23.53
CA ARG J 17 -14.11 21.12 23.18
C ARG J 17 -13.72 22.49 22.60
N GLY J 18 -14.63 23.06 21.81
CA GLY J 18 -14.52 24.44 21.31
C GLY J 18 -14.24 25.45 22.41
N VAL J 19 -15.13 25.56 23.40
CA VAL J 19 -15.00 26.56 24.49
C VAL J 19 -13.74 26.21 25.30
N ASN J 20 -13.44 24.92 25.47
CA ASN J 20 -12.28 24.48 26.29
C ASN J 20 -10.99 24.93 25.59
N VAL J 21 -11.01 25.17 24.27
CA VAL J 21 -9.86 25.84 23.56
C VAL J 21 -9.91 27.35 23.82
N LEU J 22 -11.03 28.04 23.55
CA LEU J 22 -11.12 29.52 23.71
C LEU J 22 -10.73 29.89 25.14
N ALA J 23 -11.41 29.28 26.11
CA ALA J 23 -11.29 29.57 27.56
C ALA J 23 -9.82 29.46 27.97
N ASN J 24 -9.20 28.32 27.66
CA ASN J 24 -7.82 28.00 28.12
C ASN J 24 -6.86 29.10 27.64
N ALA J 25 -6.95 29.53 26.39
CA ALA J 25 -6.13 30.64 25.84
C ALA J 25 -6.37 31.92 26.67
N VAL J 26 -7.64 32.32 26.80
CA VAL J 26 -8.07 33.59 27.47
C VAL J 26 -7.67 33.58 28.96
N LYS J 27 -8.08 32.55 29.70
CA LYS J 27 -8.03 32.55 31.18
C LYS J 27 -6.59 32.58 31.68
N ALA J 28 -5.60 32.29 30.83
CA ALA J 28 -4.16 32.30 31.20
C ALA J 28 -3.68 33.74 31.46
N THR J 29 -4.37 34.73 30.89
CA THR J 29 -4.04 36.16 31.04
C THR J 29 -4.61 36.67 32.38
N LEU J 30 -5.58 35.93 32.93
CA LEU J 30 -6.35 36.39 34.12
C LEU J 30 -5.41 36.50 35.32
N GLY J 31 -5.52 37.60 36.06
CA GLY J 31 -4.82 37.80 37.34
C GLY J 31 -3.60 38.71 37.17
N PRO J 32 -3.15 39.40 38.24
CA PRO J 32 -2.03 40.33 38.14
C PRO J 32 -0.75 39.54 37.83
N LYS J 33 -0.76 38.24 38.14
CA LYS J 33 0.25 37.26 37.68
C LYS J 33 -0.33 36.48 36.49
N GLY J 34 -0.87 37.20 35.51
CA GLY J 34 -1.31 36.63 34.22
C GLY J 34 -0.14 36.08 33.44
N ARG J 35 -0.42 35.31 32.38
CA ARG J 35 0.57 34.78 31.42
C ARG J 35 0.44 35.51 30.08
N ASN J 36 1.51 35.47 29.29
CA ASN J 36 1.57 36.09 27.94
C ASN J 36 0.98 35.13 26.91
N VAL J 37 0.33 35.69 25.89
CA VAL J 37 -0.22 34.95 24.73
C VAL J 37 0.33 35.66 23.48
N VAL J 38 1.02 34.92 22.63
CA VAL J 38 1.61 35.42 21.36
C VAL J 38 0.55 35.25 20.26
N LEU J 39 0.26 36.31 19.50
CA LEU J 39 -0.73 36.31 18.38
C LEU J 39 0.01 36.69 17.10
N GLU J 40 -0.09 35.87 16.05
CA GLU J 40 0.66 36.05 14.78
C GLU J 40 0.14 37.30 14.05
N LYS J 41 1.05 38.17 13.63
CA LYS J 41 0.74 39.40 12.84
C LYS J 41 0.85 39.07 11.34
N SER J 42 -0.13 39.56 10.57
CA SER J 42 -0.35 39.16 9.15
C SER J 42 0.91 39.46 8.33
N PHE J 43 1.57 40.58 8.64
CA PHE J 43 2.90 40.97 8.09
C PHE J 43 3.69 41.63 9.24
N GLY J 44 4.96 41.27 9.39
CA GLY J 44 5.83 41.78 10.48
C GLY J 44 5.75 40.91 11.72
N ALA J 45 6.23 41.43 12.84
CA ALA J 45 6.50 40.71 14.12
C ALA J 45 5.21 40.55 14.93
N PRO J 46 5.11 39.52 15.77
CA PRO J 46 3.84 39.16 16.39
C PRO J 46 3.54 40.08 17.56
N THR J 47 2.26 40.18 17.94
CA THR J 47 1.77 40.87 19.15
C THR J 47 2.14 40.01 20.35
N ILE J 48 2.31 40.61 21.53
CA ILE J 48 2.40 39.90 22.85
C ILE J 48 1.39 40.54 23.82
N THR J 49 0.59 39.74 24.53
CA THR J 49 -0.60 40.26 25.27
C THR J 49 -0.94 39.43 26.50
N LYS J 50 -1.50 40.12 27.50
CA LYS J 50 -2.15 39.54 28.72
C LYS J 50 -3.59 40.08 28.77
N ASP J 51 -4.17 40.26 27.59
CA ASP J 51 -5.49 40.91 27.37
C ASP J 51 -6.46 39.89 26.77
N GLY J 52 -7.15 39.12 27.59
CA GLY J 52 -8.18 38.15 27.14
C GLY J 52 -9.05 38.71 26.02
N VAL J 53 -9.43 39.99 26.12
CA VAL J 53 -10.26 40.70 25.11
C VAL J 53 -9.57 40.68 23.73
N SER J 54 -8.24 40.77 23.69
CA SER J 54 -7.39 40.68 22.46
C SER J 54 -7.33 39.24 21.95
N VAL J 55 -7.03 38.29 22.83
CA VAL J 55 -6.81 36.85 22.50
C VAL J 55 -8.13 36.28 21.99
N ALA J 56 -9.22 36.54 22.71
CA ALA J 56 -10.60 36.15 22.32
C ALA J 56 -10.83 36.50 20.84
N LYS J 57 -10.54 37.76 20.47
CA LYS J 57 -10.84 38.34 19.14
C LYS J 57 -10.17 37.52 18.03
N GLU J 58 -8.97 36.99 18.28
CA GLU J 58 -8.14 36.32 17.24
C GLU J 58 -8.48 34.83 17.16
N ILE J 59 -9.28 34.31 18.10
CA ILE J 59 -9.60 32.85 18.21
C ILE J 59 -10.70 32.47 17.22
N GLU J 60 -10.39 31.57 16.30
CA GLU J 60 -11.39 30.86 15.46
C GLU J 60 -10.85 29.48 15.11
N LEU J 61 -11.67 28.45 15.25
CA LEU J 61 -11.23 27.04 15.11
C LEU J 61 -11.47 26.54 13.68
N ALA J 62 -10.60 25.62 13.27
CA ALA J 62 -10.61 24.95 11.95
C ALA J 62 -11.87 24.09 11.84
N ASP J 63 -12.14 23.23 12.83
CA ASP J 63 -13.34 22.37 12.86
C ASP J 63 -14.59 23.24 13.02
N LYS J 64 -15.62 22.95 12.24
CA LYS J 64 -16.84 23.79 12.11
C LYS J 64 -17.58 23.88 13.46
N PHE J 65 -17.74 22.74 14.16
CA PHE J 65 -18.63 22.59 15.33
C PHE J 65 -17.98 23.16 16.58
N GLU J 66 -16.83 22.59 16.98
CA GLU J 66 -15.91 23.20 17.97
C GLU J 66 -16.06 24.72 17.88
N ASN J 67 -15.89 25.29 16.68
CA ASN J 67 -15.90 26.76 16.44
C ASN J 67 -17.20 27.37 16.98
N MET J 68 -18.37 26.89 16.51
CA MET J 68 -19.70 27.39 16.95
C MET J 68 -19.71 27.48 18.48
N GLY J 69 -19.25 26.42 19.14
CA GLY J 69 -19.00 26.38 20.59
C GLY J 69 -18.26 27.62 21.08
N ALA J 70 -17.05 27.87 20.54
CA ALA J 70 -16.22 29.06 20.82
C ALA J 70 -17.01 30.33 20.48
N GLN J 71 -17.22 30.60 19.19
CA GLN J 71 -17.94 31.81 18.69
C GLN J 71 -19.13 32.13 19.62
N MET J 72 -19.83 31.10 20.11
CA MET J 72 -21.04 31.24 20.96
C MET J 72 -20.69 31.87 22.32
N VAL J 73 -19.86 31.21 23.13
CA VAL J 73 -19.47 31.72 24.48
C VAL J 73 -18.74 33.06 24.27
N LYS J 74 -17.96 33.16 23.19
CA LYS J 74 -17.22 34.38 22.79
C LYS J 74 -18.19 35.56 22.63
N GLU J 75 -19.45 35.28 22.28
CA GLU J 75 -20.50 36.31 22.08
C GLU J 75 -20.88 36.91 23.43
N VAL J 76 -21.53 36.10 24.28
CA VAL J 76 -22.16 36.60 25.55
C VAL J 76 -21.03 36.89 26.54
N ALA J 77 -19.77 36.64 26.15
CA ALA J 77 -18.57 37.18 26.82
C ALA J 77 -18.48 38.68 26.52
N SER J 78 -18.32 39.04 25.25
CA SER J 78 -18.19 40.43 24.75
C SER J 78 -19.52 41.20 24.87
N LYS J 79 -20.56 40.57 25.45
CA LYS J 79 -21.80 41.27 25.92
C LYS J 79 -21.47 42.10 27.17
N THR J 80 -20.47 41.70 27.94
CA THR J 80 -20.06 42.34 29.22
C THR J 80 -18.87 43.29 29.01
N ASN J 81 -18.47 43.54 27.75
CA ASN J 81 -17.51 44.62 27.35
C ASN J 81 -18.29 45.72 26.63
N ASP J 82 -19.58 45.50 26.37
CA ASP J 82 -20.52 46.44 25.70
C ASP J 82 -21.77 46.54 26.57
N ASN J 83 -21.58 46.91 27.83
CA ASN J 83 -22.58 46.77 28.94
C ASN J 83 -21.91 47.18 30.25
N ALA J 84 -20.70 46.67 30.51
CA ALA J 84 -19.87 46.97 31.72
C ALA J 84 -18.60 47.74 31.32
N GLY J 85 -17.70 47.13 30.54
CA GLY J 85 -16.46 47.75 30.03
C GLY J 85 -15.20 46.92 30.33
N ASP J 86 -15.37 45.61 30.55
CA ASP J 86 -14.36 44.68 31.11
C ASP J 86 -15.08 43.36 31.43
N GLY J 87 -14.35 42.31 31.83
CA GLY J 87 -14.92 41.11 32.47
C GLY J 87 -15.28 40.01 31.49
N THR J 88 -14.74 40.09 30.26
CA THR J 88 -14.84 39.00 29.24
C THR J 88 -13.98 37.83 29.73
N THR J 89 -12.79 38.12 30.26
CA THR J 89 -11.84 37.11 30.80
C THR J 89 -12.40 36.48 32.09
N THR J 90 -13.55 36.93 32.58
CA THR J 90 -14.23 36.36 33.79
C THR J 90 -15.43 35.52 33.32
N ALA J 91 -16.32 36.16 32.55
CA ALA J 91 -17.51 35.54 31.90
C ALA J 91 -17.12 34.26 31.16
N THR J 92 -16.03 34.32 30.38
CA THR J 92 -15.46 33.18 29.60
C THR J 92 -15.26 32.00 30.54
N VAL J 93 -14.58 32.20 31.67
CA VAL J 93 -14.10 31.10 32.56
C VAL J 93 -15.25 30.65 33.46
N LEU J 94 -16.08 31.59 33.92
CA LEU J 94 -17.38 31.31 34.60
C LEU J 94 -18.18 30.33 33.75
N ALA J 95 -18.34 30.64 32.47
CA ALA J 95 -19.06 29.82 31.47
C ALA J 95 -18.35 28.47 31.33
N GLN J 96 -17.03 28.48 31.10
CA GLN J 96 -16.24 27.25 30.81
C GLN J 96 -16.47 26.20 31.91
N ALA J 97 -16.57 26.64 33.16
CA ALA J 97 -16.73 25.77 34.34
C ALA J 97 -18.18 25.30 34.46
N LEU J 98 -19.15 26.16 34.09
CA LEU J 98 -20.60 25.85 34.08
C LEU J 98 -20.88 24.76 33.03
N ILE J 99 -20.21 24.88 31.88
CA ILE J 99 -20.49 24.07 30.64
C ILE J 99 -19.82 22.70 30.75
N ARG J 100 -18.53 22.63 31.08
CA ARG J 100 -17.83 21.32 31.16
C ARG J 100 -18.41 20.53 32.33
N GLU J 101 -19.24 21.17 33.17
CA GLU J 101 -19.92 20.52 34.32
C GLU J 101 -21.38 20.22 33.96
N GLY J 102 -22.04 21.09 33.23
CA GLY J 102 -23.34 20.77 32.59
C GLY J 102 -23.18 19.64 31.58
N ALA J 103 -22.11 19.66 30.79
CA ALA J 103 -21.75 18.60 29.81
C ALA J 103 -21.75 17.26 30.54
N LYS J 104 -20.81 17.05 31.47
CA LYS J 104 -20.62 15.76 32.19
C LYS J 104 -21.94 15.34 32.88
N ALA J 105 -22.73 16.32 33.34
CA ALA J 105 -23.94 16.09 34.18
C ALA J 105 -25.06 15.49 33.32
N VAL J 106 -25.11 15.87 32.05
CA VAL J 106 -26.15 15.44 31.08
C VAL J 106 -25.74 14.09 30.47
N ALA J 107 -24.44 13.88 30.26
CA ALA J 107 -23.87 12.60 29.79
C ALA J 107 -24.21 11.50 30.81
N ALA J 108 -24.25 11.84 32.10
CA ALA J 108 -24.56 10.91 33.21
C ALA J 108 -26.06 10.65 33.29
N GLY J 109 -26.86 11.38 32.51
CA GLY J 109 -28.29 11.06 32.28
C GLY J 109 -29.22 11.88 33.15
N MET J 110 -28.69 12.91 33.83
CA MET J 110 -29.53 13.87 34.58
C MET J 110 -30.31 14.73 33.58
N ASN J 111 -31.48 15.23 34.02
CA ASN J 111 -32.45 16.02 33.22
C ASN J 111 -31.87 17.41 32.97
N PRO J 112 -31.56 17.79 31.71
CA PRO J 112 -31.02 19.13 31.43
C PRO J 112 -31.91 20.27 31.93
N MET J 113 -33.22 20.22 31.66
CA MET J 113 -34.17 21.35 31.91
C MET J 113 -34.32 21.58 33.44
N ASP J 114 -33.96 20.57 34.24
CA ASP J 114 -33.87 20.64 35.73
C ASP J 114 -32.50 21.24 36.12
N LEU J 115 -31.42 20.84 35.44
CA LEU J 115 -30.04 21.38 35.63
C LEU J 115 -30.05 22.89 35.32
N LYS J 116 -30.55 23.26 34.13
CA LYS J 116 -30.67 24.68 33.67
C LYS J 116 -31.46 25.49 34.70
N ARG J 117 -32.39 24.86 35.43
CA ARG J 117 -33.28 25.58 36.39
C ARG J 117 -32.49 25.87 37.68
N GLY J 118 -31.79 24.87 38.21
CA GLY J 118 -30.97 24.97 39.44
C GLY J 118 -29.73 25.87 39.29
N ILE J 119 -29.22 26.02 38.07
CA ILE J 119 -28.12 26.98 37.73
C ILE J 119 -28.70 28.38 37.82
N ASP J 120 -29.84 28.59 37.16
CA ASP J 120 -30.56 29.90 37.07
C ASP J 120 -31.15 30.22 38.45
N GLN J 121 -31.59 29.21 39.20
CA GLN J 121 -32.09 29.40 40.59
C GLN J 121 -30.94 29.98 41.44
N ALA J 122 -29.75 29.38 41.31
CA ALA J 122 -28.52 29.73 42.08
C ALA J 122 -28.03 31.12 41.70
N VAL J 123 -27.76 31.33 40.41
CA VAL J 123 -27.33 32.65 39.83
C VAL J 123 -28.23 33.76 40.38
N LYS J 124 -29.56 33.55 40.32
CA LYS J 124 -30.60 34.53 40.74
C LYS J 124 -30.42 34.91 42.22
N ALA J 125 -30.20 33.93 43.10
CA ALA J 125 -30.10 34.10 44.57
C ALA J 125 -28.69 34.56 44.97
N ALA J 126 -27.73 34.56 44.03
CA ALA J 126 -26.31 34.97 44.24
C ALA J 126 -26.07 36.39 43.72
N VAL J 127 -27.00 36.92 42.92
CA VAL J 127 -26.94 38.33 42.43
C VAL J 127 -27.58 39.24 43.49
N VAL J 128 -28.66 38.77 44.13
CA VAL J 128 -29.37 39.54 45.19
C VAL J 128 -28.50 39.49 46.45
N GLU J 129 -27.74 38.40 46.63
CA GLU J 129 -26.76 38.21 47.74
C GLU J 129 -25.46 38.97 47.41
N LEU J 130 -25.29 39.42 46.15
CA LEU J 130 -24.15 40.24 45.66
C LEU J 130 -24.47 41.74 45.82
N LYS J 131 -25.75 42.10 45.67
CA LYS J 131 -26.29 43.48 45.87
C LYS J 131 -26.44 43.77 47.37
N ASN J 132 -26.57 42.70 48.16
CA ASN J 132 -26.55 42.72 49.65
C ASN J 132 -25.18 43.25 50.10
N ILE J 133 -24.10 42.80 49.46
CA ILE J 133 -22.68 43.00 49.88
C ILE J 133 -21.96 43.98 48.94
N SER J 134 -22.70 44.70 48.10
CA SER J 134 -22.20 45.86 47.30
C SER J 134 -21.96 47.04 48.25
N LYS J 135 -21.53 48.18 47.72
CA LYS J 135 -21.25 49.42 48.49
C LYS J 135 -21.20 50.60 47.53
N PRO J 136 -22.34 51.29 47.26
CA PRO J 136 -22.36 52.37 46.29
C PRO J 136 -21.17 53.35 46.38
N THR J 137 -20.70 53.79 45.22
CA THR J 137 -20.02 55.10 45.01
C THR J 137 -21.10 56.09 44.53
N THR J 138 -20.96 57.38 44.84
CA THR J 138 -21.96 58.45 44.51
C THR J 138 -21.34 59.85 44.71
N ASP J 139 -20.58 60.03 45.79
CA ASP J 139 -19.91 61.31 46.19
C ASP J 139 -18.49 61.36 45.61
N ASP J 140 -17.83 62.52 45.73
CA ASP J 140 -16.58 62.86 44.97
C ASP J 140 -15.31 62.51 45.74
N LYS J 141 -15.42 61.82 46.89
CA LYS J 141 -14.26 61.20 47.57
C LYS J 141 -14.18 59.73 47.13
N ALA J 142 -15.34 59.07 47.01
CA ALA J 142 -15.51 57.70 46.48
C ALA J 142 -15.00 57.66 45.03
N ILE J 143 -15.64 58.43 44.14
CA ILE J 143 -15.40 58.44 42.67
C ILE J 143 -13.91 58.64 42.39
N ALA J 144 -13.33 59.69 42.98
CA ALA J 144 -11.91 60.09 42.82
C ALA J 144 -11.01 58.88 43.10
N GLN J 145 -11.28 58.16 44.19
CA GLN J 145 -10.43 57.07 44.72
C GLN J 145 -10.69 55.76 43.95
N VAL J 146 -11.65 55.74 43.02
CA VAL J 146 -11.91 54.59 42.09
C VAL J 146 -11.00 54.76 40.87
N GLY J 147 -11.19 55.86 40.12
CA GLY J 147 -10.41 56.20 38.92
C GLY J 147 -8.90 56.12 39.17
N THR J 148 -8.45 56.58 40.35
CA THR J 148 -7.05 56.44 40.83
C THR J 148 -6.60 54.99 40.62
N ILE J 149 -7.42 54.04 41.07
CA ILE J 149 -7.13 52.57 40.97
C ILE J 149 -7.20 52.17 39.50
N SER J 150 -8.36 52.41 38.87
CA SER J 150 -8.68 51.98 37.49
C SER J 150 -7.53 52.29 36.53
N ALA J 151 -6.82 53.41 36.78
CA ALA J 151 -5.67 53.87 35.96
C ALA J 151 -4.37 53.87 36.77
N ASN J 152 -4.14 52.82 37.55
CA ASN J 152 -2.80 52.44 38.09
C ASN J 152 -2.30 53.47 39.11
N SER J 153 -3.17 53.90 40.04
CA SER J 153 -2.83 54.69 41.25
C SER J 153 -2.55 56.17 40.93
N ASP J 154 -2.59 56.59 39.66
CA ASP J 154 -2.34 58.00 39.23
C ASP J 154 -3.47 58.88 39.78
N GLU J 155 -3.28 59.43 40.98
CA GLU J 155 -4.30 60.24 41.73
C GLU J 155 -4.85 61.35 40.84
N SER J 156 -4.02 61.90 39.95
CA SER J 156 -4.39 63.00 39.02
C SER J 156 -5.58 62.56 38.16
N ILE J 157 -5.41 61.46 37.43
CA ILE J 157 -6.48 60.90 36.52
C ILE J 157 -7.73 60.61 37.37
N GLY J 158 -7.57 60.05 38.57
CA GLY J 158 -8.69 59.80 39.51
C GLY J 158 -9.48 61.07 39.80
N ASN J 159 -8.79 62.20 39.97
CA ASN J 159 -9.39 63.50 40.36
C ASN J 159 -10.25 64.03 39.21
N ILE J 160 -9.66 64.36 38.06
CA ILE J 160 -10.40 64.93 36.88
C ILE J 160 -11.68 64.11 36.63
N ILE J 161 -11.63 62.77 36.73
CA ILE J 161 -12.81 61.87 36.51
C ILE J 161 -13.89 62.20 37.55
N ALA J 162 -13.47 62.52 38.78
CA ALA J 162 -14.34 62.99 39.89
C ALA J 162 -14.82 64.42 39.60
N GLU J 163 -13.90 65.30 39.19
CA GLU J 163 -14.14 66.75 38.96
C GLU J 163 -15.10 66.94 37.79
N ALA J 164 -14.90 66.19 36.70
CA ALA J 164 -15.68 66.25 35.43
C ALA J 164 -17.12 65.76 35.67
N MET J 165 -17.30 64.78 36.56
CA MET J 165 -18.63 64.24 36.95
C MET J 165 -19.34 65.26 37.83
N LYS J 166 -18.57 66.10 38.52
CA LYS J 166 -19.09 67.16 39.42
C LYS J 166 -19.56 68.35 38.57
N LYS J 167 -19.00 68.53 37.38
CA LYS J 167 -19.48 69.55 36.41
C LYS J 167 -20.88 69.15 35.91
N VAL J 168 -21.01 68.00 35.23
CA VAL J 168 -22.19 67.63 34.39
C VAL J 168 -23.09 66.60 35.10
N GLY J 169 -23.03 66.51 36.43
CA GLY J 169 -23.82 65.55 37.22
C GLY J 169 -23.23 64.15 37.15
N LYS J 170 -23.46 63.32 38.17
CA LYS J 170 -22.78 62.00 38.33
C LYS J 170 -23.53 60.91 37.55
N GLU J 171 -24.41 61.29 36.61
CA GLU J 171 -24.90 60.44 35.49
C GLU J 171 -24.96 61.30 34.22
N GLY J 172 -23.85 62.01 33.91
CA GLY J 172 -23.76 62.97 32.79
C GLY J 172 -22.60 62.63 31.86
N VAL J 173 -22.55 63.28 30.69
CA VAL J 173 -21.73 62.86 29.51
C VAL J 173 -20.27 63.32 29.67
N ILE J 174 -19.31 62.40 29.43
CA ILE J 174 -17.84 62.68 29.51
C ILE J 174 -17.12 62.07 28.29
N THR J 175 -16.38 62.90 27.56
CA THR J 175 -15.41 62.48 26.50
C THR J 175 -14.00 62.60 27.07
N VAL J 176 -13.02 62.01 26.39
CA VAL J 176 -11.57 62.34 26.56
C VAL J 176 -11.02 62.69 25.18
N GLU J 177 -10.00 63.54 25.12
CA GLU J 177 -9.42 63.99 23.83
C GLU J 177 -7.90 64.17 23.98
N GLU J 178 -7.18 64.13 22.85
CA GLU J 178 -5.70 64.33 22.76
C GLU J 178 -5.34 65.62 23.51
N GLY J 179 -4.12 65.66 24.09
CA GLY J 179 -3.65 66.78 24.94
C GLY J 179 -2.95 67.86 24.16
N SER J 180 -2.50 68.91 24.86
CA SER J 180 -1.78 70.09 24.30
C SER J 180 -0.27 69.97 24.58
N GLY J 181 0.12 69.47 25.76
CA GLY J 181 1.52 69.32 26.15
C GLY J 181 1.71 69.39 27.66
N LEU J 182 1.70 68.24 28.33
CA LEU J 182 1.88 68.11 29.81
C LEU J 182 0.66 68.69 30.53
N GLU J 183 0.13 67.96 31.53
CA GLU J 183 -0.90 68.43 32.50
C GLU J 183 -2.28 68.50 31.81
N ASN J 184 -3.33 68.09 32.52
CA ASN J 184 -4.69 67.79 31.98
C ASN J 184 -5.60 69.03 32.08
N GLU J 185 -6.43 69.27 31.06
CA GLU J 185 -7.52 70.28 31.07
C GLU J 185 -8.87 69.57 31.21
N LEU J 186 -9.95 70.33 31.40
CA LEU J 186 -11.31 69.79 31.68
C LEU J 186 -12.34 70.90 31.43
N ASP J 187 -12.54 71.25 30.16
CA ASP J 187 -13.54 72.26 29.72
C ASP J 187 -14.89 71.57 29.56
N VAL J 188 -15.95 72.17 30.12
CA VAL J 188 -17.37 71.87 29.73
C VAL J 188 -17.72 72.72 28.50
N VAL J 189 -18.44 72.12 27.56
CA VAL J 189 -18.90 72.77 26.31
C VAL J 189 -20.29 72.22 25.97
N GLU J 190 -20.97 72.81 24.99
CA GLU J 190 -22.24 72.29 24.42
C GLU J 190 -21.97 70.88 23.88
N GLY J 191 -22.92 69.95 24.01
CA GLY J 191 -22.76 68.57 23.51
C GLY J 191 -23.98 67.70 23.77
N MET J 192 -23.98 66.49 23.23
CA MET J 192 -25.12 65.54 23.29
C MET J 192 -24.64 64.12 22.94
N GLN J 193 -24.84 63.16 23.84
CA GLN J 193 -24.51 61.72 23.63
C GLN J 193 -25.80 60.93 23.40
N PHE J 194 -25.74 59.81 22.67
CA PHE J 194 -26.87 58.87 22.50
C PHE J 194 -26.35 57.44 22.27
N ASP J 195 -27.26 56.47 22.11
CA ASP J 195 -26.99 55.01 22.13
C ASP J 195 -27.01 54.43 20.71
N ARG J 196 -26.17 54.95 19.82
CA ARG J 196 -25.91 54.36 18.47
C ARG J 196 -24.43 54.53 18.11
N GLY J 197 -23.83 53.51 17.51
CA GLY J 197 -22.46 53.51 16.98
C GLY J 197 -22.43 53.34 15.48
N TYR J 198 -21.25 53.12 14.91
CA TYR J 198 -21.03 52.98 13.44
C TYR J 198 -21.86 51.81 12.88
N LEU J 199 -22.70 52.09 11.87
CA LEU J 199 -23.65 51.11 11.25
C LEU J 199 -22.87 49.88 10.74
N SER J 200 -21.58 50.05 10.49
CA SER J 200 -20.56 48.96 10.40
C SER J 200 -19.18 49.54 10.69
N PRO J 201 -18.17 48.70 11.02
CA PRO J 201 -16.79 49.17 11.19
C PRO J 201 -16.26 49.93 9.95
N TYR J 202 -15.00 49.70 9.57
CA TYR J 202 -14.38 50.17 8.30
C TYR J 202 -14.23 51.69 8.33
N PHE J 203 -15.31 52.42 8.61
CA PHE J 203 -15.30 53.86 8.99
C PHE J 203 -14.21 54.07 10.05
N ILE J 204 -14.26 53.24 11.11
CA ILE J 204 -13.29 53.21 12.25
C ILE J 204 -11.93 53.68 11.77
N ASN J 205 -11.43 54.82 12.28
CA ASN J 205 -10.17 55.45 11.76
C ASN J 205 -9.24 55.82 12.91
N ASN J 206 -9.34 55.12 14.03
CA ASN J 206 -8.44 55.33 15.20
C ASN J 206 -8.67 54.24 16.23
N GLN J 207 -7.91 53.16 16.09
CA GLN J 207 -8.23 51.89 16.82
C GLN J 207 -7.68 51.91 18.24
N GLN J 208 -7.10 53.01 18.72
CA GLN J 208 -6.65 53.07 20.15
C GLN J 208 -7.90 53.00 21.02
N SER J 209 -8.90 53.79 20.66
CA SER J 209 -10.21 53.85 21.36
C SER J 209 -11.31 53.22 20.50
N GLN J 210 -10.92 52.49 19.47
CA GLN J 210 -11.84 51.72 18.59
C GLN J 210 -13.00 52.62 18.14
N SER J 211 -12.68 53.72 17.45
CA SER J 211 -13.75 54.64 16.96
C SER J 211 -13.38 55.30 15.65
N ALA J 212 -14.25 56.23 15.25
CA ALA J 212 -14.04 57.08 14.08
C ALA J 212 -14.26 58.54 14.48
N ASP J 213 -13.19 59.34 14.46
CA ASP J 213 -13.14 60.71 15.05
C ASP J 213 -13.09 61.74 13.91
N LEU J 214 -13.96 62.76 13.96
CA LEU J 214 -14.13 63.80 12.89
C LEU J 214 -13.90 65.21 13.45
N ASP J 215 -13.00 65.98 12.83
CA ASP J 215 -12.63 67.38 13.22
C ASP J 215 -13.47 68.38 12.41
N ASP J 216 -14.07 69.36 13.11
CA ASP J 216 -14.93 70.44 12.52
C ASP J 216 -15.82 69.87 11.42
N PRO J 217 -16.69 68.87 11.71
CA PRO J 217 -17.48 68.21 10.68
C PRO J 217 -18.89 68.77 10.47
N PHE J 218 -19.37 68.73 9.23
CA PHE J 218 -20.81 68.92 8.86
C PHE J 218 -21.62 67.73 9.40
N ILE J 219 -22.77 68.02 10.02
CA ILE J 219 -23.73 67.01 10.56
C ILE J 219 -24.98 67.00 9.65
N LEU J 220 -25.35 65.83 9.11
CA LEU J 220 -26.58 65.63 8.27
C LEU J 220 -27.59 64.76 9.01
N LEU J 221 -28.79 65.31 9.25
CA LEU J 221 -29.89 64.69 10.03
C LEU J 221 -31.06 64.37 9.09
N HIS J 222 -31.17 63.09 8.69
CA HIS J 222 -32.19 62.55 7.75
C HIS J 222 -33.16 61.64 8.50
N ASP J 223 -34.38 61.47 7.98
CA ASP J 223 -35.45 60.59 8.52
C ASP J 223 -36.13 59.89 7.34
N LYS J 224 -35.72 58.65 7.06
CA LYS J 224 -36.11 57.87 5.84
C LYS J 224 -35.42 56.51 5.86
N LYS J 225 -34.11 56.49 6.17
CA LYS J 225 -33.15 55.39 5.86
C LYS J 225 -32.81 55.50 4.37
N ILE J 226 -31.55 55.79 4.05
CA ILE J 226 -31.11 56.10 2.65
C ILE J 226 -30.53 54.83 2.02
N SER J 227 -31.15 54.38 0.92
CA SER J 227 -30.88 53.11 0.20
C SER J 227 -29.77 53.28 -0.82
N ASN J 228 -29.74 54.45 -1.48
CA ASN J 228 -28.97 54.71 -2.73
C ASN J 228 -27.99 55.86 -2.52
N VAL J 229 -26.89 55.86 -3.28
CA VAL J 229 -25.83 56.93 -3.29
C VAL J 229 -26.36 58.16 -4.04
N ARG J 230 -27.20 57.95 -5.04
CA ARG J 230 -27.75 59.00 -5.96
C ARG J 230 -28.24 60.21 -5.17
N ASP J 231 -28.95 59.99 -4.07
CA ASP J 231 -29.62 61.04 -3.26
C ASP J 231 -28.59 62.00 -2.66
N LEU J 232 -27.40 61.49 -2.30
CA LEU J 232 -26.40 62.21 -1.45
C LEU J 232 -25.39 63.01 -2.30
N LEU J 233 -25.42 62.91 -3.63
CA LEU J 233 -24.36 63.46 -4.53
C LEU J 233 -24.22 64.98 -4.38
N PRO J 234 -25.32 65.78 -4.38
CA PRO J 234 -25.20 67.23 -4.20
C PRO J 234 -24.73 67.65 -2.80
N VAL J 235 -24.80 66.74 -1.81
CA VAL J 235 -24.26 66.93 -0.43
C VAL J 235 -22.80 66.45 -0.38
N LEU J 236 -22.49 65.30 -0.99
CA LEU J 236 -21.18 64.59 -0.90
C LEU J 236 -20.11 65.33 -1.72
N GLU J 237 -20.43 65.65 -2.98
CA GLU J 237 -19.53 66.45 -3.86
C GLU J 237 -19.61 67.93 -3.44
N GLY J 238 -20.67 68.31 -2.72
CA GLY J 238 -20.80 69.62 -2.05
C GLY J 238 -19.87 69.75 -0.85
N VAL J 239 -19.54 68.61 -0.21
CA VAL J 239 -18.75 68.54 1.05
C VAL J 239 -17.25 68.42 0.73
N ALA J 240 -16.88 67.71 -0.35
CA ALA J 240 -15.50 67.65 -0.90
C ALA J 240 -14.96 69.08 -1.07
N LYS J 241 -15.83 70.02 -1.46
CA LYS J 241 -15.60 71.49 -1.36
C LYS J 241 -15.95 71.94 0.06
N ALA J 242 -15.10 72.78 0.68
CA ALA J 242 -15.01 73.09 2.13
C ALA J 242 -14.06 72.09 2.80
N GLY J 243 -13.87 70.92 2.18
CA GLY J 243 -12.84 69.93 2.54
C GLY J 243 -13.06 69.34 3.93
N LYS J 244 -14.32 69.18 4.34
CA LYS J 244 -14.73 68.78 5.71
C LYS J 244 -15.29 67.36 5.72
N PRO J 245 -15.18 66.63 6.85
CA PRO J 245 -15.74 65.29 6.96
C PRO J 245 -17.21 65.31 7.39
N LEU J 246 -18.02 64.38 6.85
CA LEU J 246 -19.51 64.39 6.97
C LEU J 246 -19.99 63.30 7.95
N LEU J 247 -20.87 63.69 8.88
CA LEU J 247 -21.61 62.77 9.79
C LEU J 247 -23.03 62.58 9.26
N ILE J 248 -23.31 61.40 8.70
CA ILE J 248 -24.68 60.96 8.32
C ILE J 248 -25.34 60.34 9.55
N VAL J 249 -26.51 60.84 9.94
CA VAL J 249 -27.38 60.16 10.97
C VAL J 249 -28.80 60.13 10.43
N ALA J 250 -29.25 58.93 10.02
CA ALA J 250 -30.61 58.65 9.53
C ALA J 250 -31.22 57.48 10.32
N GLU J 251 -32.52 57.22 10.11
CA GLU J 251 -33.29 56.07 10.68
C GLU J 251 -32.47 54.79 10.53
N GLU J 252 -31.84 54.62 9.36
CA GLU J 252 -30.88 53.53 9.03
C GLU J 252 -30.16 53.90 7.71
N VAL J 253 -29.21 53.08 7.25
CA VAL J 253 -28.63 53.11 5.87
C VAL J 253 -28.53 51.66 5.38
N GLU J 254 -29.23 51.32 4.29
CA GLU J 254 -29.36 49.91 3.80
C GLU J 254 -28.00 49.46 3.24
N GLY J 255 -27.94 49.16 1.93
CA GLY J 255 -26.82 48.42 1.31
C GLY J 255 -26.00 49.31 0.42
N GLU J 256 -26.43 49.51 -0.84
CA GLU J 256 -25.62 50.14 -1.91
C GLU J 256 -25.34 51.60 -1.53
N ALA J 257 -26.20 52.18 -0.69
CA ALA J 257 -25.90 53.40 0.09
C ALA J 257 -24.60 53.17 0.89
N LEU J 258 -24.69 52.33 1.93
CA LEU J 258 -23.60 52.09 2.92
C LEU J 258 -22.40 51.40 2.27
N ALA J 259 -22.60 50.73 1.14
CA ALA J 259 -21.53 50.07 0.34
C ALA J 259 -20.45 51.09 -0.02
N THR J 260 -20.85 52.19 -0.68
CA THR J 260 -19.94 53.18 -1.33
C THR J 260 -19.20 53.99 -0.25
N LEU J 261 -19.92 54.43 0.80
CA LEU J 261 -19.33 55.22 1.91
C LEU J 261 -18.08 54.50 2.45
N VAL J 262 -18.15 53.17 2.57
CA VAL J 262 -17.07 52.32 3.15
C VAL J 262 -15.87 52.29 2.19
N VAL J 263 -16.14 52.30 0.87
CA VAL J 263 -15.09 52.22 -0.20
C VAL J 263 -14.52 53.62 -0.48
N ASN J 264 -15.31 54.67 -0.27
CA ASN J 264 -14.92 56.08 -0.55
C ASN J 264 -14.35 56.74 0.72
N THR J 265 -14.35 56.05 1.87
CA THR J 265 -13.52 56.43 3.06
C THR J 265 -12.07 56.00 2.80
N ILE J 266 -11.83 54.69 2.69
CA ILE J 266 -10.47 54.07 2.56
C ILE J 266 -9.69 54.79 1.44
N ARG J 267 -10.27 54.83 0.24
CA ARG J 267 -9.59 55.32 -0.99
C ARG J 267 -9.53 56.85 -0.98
N GLY J 268 -9.95 57.46 0.13
CA GLY J 268 -9.73 58.89 0.42
C GLY J 268 -10.90 59.76 0.02
N ILE J 269 -11.49 59.53 -1.16
CA ILE J 269 -12.50 60.45 -1.77
C ILE J 269 -13.62 60.72 -0.75
N VAL J 270 -13.36 61.64 0.18
CA VAL J 270 -14.30 62.19 1.22
C VAL J 270 -14.35 61.26 2.45
N LYS J 271 -14.34 61.84 3.66
CA LYS J 271 -14.38 61.13 4.97
C LYS J 271 -15.79 61.17 5.55
N VAL J 272 -16.34 60.00 5.90
CA VAL J 272 -17.76 59.79 6.33
C VAL J 272 -17.79 58.71 7.41
N VAL J 273 -18.72 58.87 8.38
CA VAL J 273 -19.16 57.79 9.31
C VAL J 273 -20.68 57.92 9.50
N ALA J 274 -21.41 56.84 9.24
CA ALA J 274 -22.89 56.75 9.39
C ALA J 274 -23.23 56.17 10.76
N VAL J 275 -24.38 56.56 11.33
CA VAL J 275 -24.93 56.02 12.61
C VAL J 275 -26.46 55.92 12.51
N LYS J 276 -27.07 54.97 13.23
CA LYS J 276 -28.55 54.84 13.35
C LYS J 276 -29.10 56.08 14.07
N ALA J 277 -30.40 56.36 13.90
CA ALA J 277 -31.14 57.45 14.58
C ALA J 277 -31.81 56.90 15.84
N PRO J 278 -31.54 57.49 17.04
CA PRO J 278 -31.97 56.89 18.30
C PRO J 278 -33.49 56.90 18.48
N GLY J 279 -34.02 55.90 19.20
CA GLY J 279 -35.47 55.67 19.39
C GLY J 279 -36.15 55.18 18.13
N PHE J 280 -37.48 55.34 18.05
CA PHE J 280 -38.33 54.92 16.91
C PHE J 280 -39.63 55.75 16.90
N GLY J 281 -40.35 55.75 15.76
CA GLY J 281 -41.67 56.38 15.58
C GLY J 281 -41.67 57.87 15.89
N ASP J 282 -42.24 58.25 17.03
CA ASP J 282 -42.54 59.66 17.45
C ASP J 282 -41.29 60.29 18.09
N ARG J 283 -41.01 59.93 19.35
CA ARG J 283 -39.95 60.53 20.21
C ARG J 283 -38.60 60.55 19.46
N ARG J 284 -38.43 59.71 18.44
CA ARG J 284 -37.26 59.71 17.52
C ARG J 284 -37.17 61.06 16.81
N LYS J 285 -38.23 61.45 16.10
CA LYS J 285 -38.35 62.75 15.38
C LYS J 285 -38.17 63.90 16.39
N ALA J 286 -38.69 63.74 17.61
CA ALA J 286 -38.51 64.67 18.75
C ALA J 286 -37.03 64.73 19.15
N MET J 287 -36.37 63.56 19.18
CA MET J 287 -34.91 63.41 19.51
C MET J 287 -34.04 63.85 18.32
N LEU J 288 -34.62 63.90 17.11
CA LEU J 288 -33.89 64.15 15.84
C LEU J 288 -33.98 65.63 15.44
N GLU J 289 -34.80 66.42 16.16
CA GLU J 289 -34.78 67.91 16.08
C GLU J 289 -34.22 68.48 17.39
N ASP J 290 -34.31 67.71 18.48
CA ASP J 290 -33.67 68.00 19.78
C ASP J 290 -32.16 68.20 19.57
N MET J 291 -31.60 67.71 18.45
CA MET J 291 -30.16 67.88 18.09
C MET J 291 -30.00 68.74 16.83
N ALA J 292 -31.05 68.88 16.01
CA ALA J 292 -31.08 69.86 14.89
C ALA J 292 -30.79 71.26 15.43
N VAL J 293 -31.49 71.63 16.51
CA VAL J 293 -31.37 72.95 17.22
C VAL J 293 -29.96 73.11 17.80
N LEU J 294 -29.43 72.05 18.42
CA LEU J 294 -28.18 72.05 19.22
C LEU J 294 -26.98 72.23 18.28
N THR J 295 -27.07 71.66 17.08
CA THR J 295 -26.01 71.68 16.03
C THR J 295 -26.26 72.83 15.05
N GLY J 296 -27.34 73.60 15.25
CA GLY J 296 -27.75 74.73 14.40
C GLY J 296 -28.09 74.29 12.99
N GLY J 297 -28.43 73.00 12.83
CA GLY J 297 -28.72 72.36 11.53
C GLY J 297 -30.21 72.25 11.30
N THR J 298 -30.63 71.45 10.31
CA THR J 298 -32.05 71.26 9.94
C THR J 298 -32.31 69.78 9.62
N VAL J 299 -33.52 69.31 9.93
CA VAL J 299 -34.01 67.93 9.61
C VAL J 299 -34.43 67.91 8.12
N ILE J 300 -34.02 66.87 7.40
CA ILE J 300 -34.27 66.72 5.94
C ILE J 300 -35.12 65.46 5.72
N SER J 301 -36.29 65.41 6.34
CA SER J 301 -37.38 64.43 6.04
C SER J 301 -38.38 65.10 5.08
N GLU J 302 -39.08 64.28 4.28
CA GLU J 302 -40.11 64.72 3.29
C GLU J 302 -41.46 64.87 4.00
N GLU J 303 -41.42 64.86 5.34
CA GLU J 303 -42.58 65.08 6.26
C GLU J 303 -42.82 66.60 6.40
N VAL J 304 -41.87 67.43 5.94
CA VAL J 304 -42.07 68.89 5.65
C VAL J 304 -41.82 69.16 4.17
N GLY J 305 -41.16 68.24 3.46
CA GLY J 305 -41.02 68.26 1.98
C GLY J 305 -39.66 68.76 1.53
N LEU J 306 -38.59 68.22 2.11
CA LEU J 306 -37.19 68.41 1.63
C LEU J 306 -36.60 67.03 1.35
N ALA J 307 -36.03 66.83 0.16
CA ALA J 307 -35.26 65.63 -0.23
C ALA J 307 -33.76 65.92 -0.09
N LEU J 308 -32.91 64.91 -0.27
CA LEU J 308 -31.43 65.03 -0.12
C LEU J 308 -30.84 65.70 -1.37
N GLU J 309 -31.58 65.70 -2.49
CA GLU J 309 -31.32 66.58 -3.65
C GLU J 309 -31.36 68.05 -3.17
N LYS J 310 -32.43 68.38 -2.44
CA LYS J 310 -32.74 69.73 -1.86
C LYS J 310 -31.98 69.89 -0.53
N ALA J 311 -30.66 69.66 -0.55
CA ALA J 311 -29.76 69.75 0.62
C ALA J 311 -28.45 70.44 0.22
N THR J 312 -28.26 71.67 0.70
CA THR J 312 -27.03 72.50 0.50
C THR J 312 -26.36 72.69 1.86
N ILE J 313 -25.02 72.67 1.89
CA ILE J 313 -24.14 72.77 3.10
C ILE J 313 -24.84 73.54 4.25
N LYS J 314 -25.64 74.57 3.93
CA LYS J 314 -26.27 75.50 4.92
C LYS J 314 -27.22 74.76 5.87
N ASP J 315 -27.90 73.71 5.39
CA ASP J 315 -28.98 72.99 6.15
C ASP J 315 -28.34 72.07 7.19
N LEU J 316 -27.19 71.50 6.86
CA LEU J 316 -26.39 70.56 7.69
C LEU J 316 -25.83 71.28 8.91
N GLY J 317 -26.17 70.82 10.12
CA GLY J 317 -25.63 71.33 11.39
C GLY J 317 -24.12 71.15 11.48
N ARG J 318 -23.51 71.65 12.55
CA ARG J 318 -22.03 71.58 12.73
C ARG J 318 -21.67 71.63 14.21
N ALA J 319 -20.52 71.05 14.54
CA ALA J 319 -19.81 71.19 15.84
C ALA J 319 -18.30 71.08 15.61
N LYS J 320 -17.50 71.23 16.67
CA LYS J 320 -16.02 71.19 16.60
C LYS J 320 -15.54 69.75 16.40
N LYS J 321 -16.31 68.75 16.85
CA LYS J 321 -15.94 67.31 16.77
C LYS J 321 -17.20 66.44 16.81
N VAL J 322 -17.11 65.24 16.25
CA VAL J 322 -17.99 64.08 16.62
C VAL J 322 -17.09 62.84 16.70
N GLN J 323 -17.43 61.91 17.59
CA GLN J 323 -16.78 60.58 17.71
C GLN J 323 -17.89 59.53 17.89
N VAL J 324 -17.55 58.24 17.77
CA VAL J 324 -18.55 57.13 17.70
C VAL J 324 -17.87 55.79 17.99
N SER J 325 -18.49 54.97 18.85
CA SER J 325 -17.97 53.70 19.43
C SER J 325 -18.61 52.48 18.76
N LYS J 326 -18.27 51.28 19.23
CA LYS J 326 -18.98 50.01 18.88
C LYS J 326 -20.48 50.28 18.97
N GLU J 327 -20.87 51.07 19.99
CA GLU J 327 -22.19 51.72 20.13
C GLU J 327 -22.01 52.89 21.10
N ASN J 328 -22.54 54.07 20.75
CA ASN J 328 -22.37 55.36 21.48
C ASN J 328 -21.82 56.43 20.52
N THR J 329 -22.65 57.41 20.15
CA THR J 329 -22.27 58.65 19.39
C THR J 329 -22.29 59.85 20.35
N THR J 330 -21.39 60.81 20.14
CA THR J 330 -21.20 61.97 21.04
C THR J 330 -20.74 63.18 20.19
N ILE J 331 -21.66 64.12 19.97
CA ILE J 331 -21.43 65.41 19.26
C ILE J 331 -20.97 66.44 20.31
N ILE J 332 -19.91 67.20 20.02
CA ILE J 332 -19.20 68.08 21.00
C ILE J 332 -19.11 69.52 20.48
N ASP J 333 -19.58 70.49 21.27
CA ASP J 333 -19.46 71.96 21.02
C ASP J 333 -20.35 72.33 19.82
N GLY J 334 -21.67 72.37 20.04
CA GLY J 334 -22.71 72.52 19.00
C GLY J 334 -22.84 73.95 18.49
N ALA J 335 -22.91 74.11 17.16
CA ALA J 335 -22.86 75.40 16.41
C ALA J 335 -24.20 76.13 16.47
N GLY J 336 -25.21 75.57 17.13
CA GLY J 336 -26.49 76.25 17.44
C GLY J 336 -26.27 77.43 18.39
N ASP J 337 -27.34 78.14 18.77
CA ASP J 337 -27.26 79.39 19.58
C ASP J 337 -27.80 79.16 20.99
N SER J 338 -27.32 79.97 21.96
CA SER J 338 -27.99 80.24 23.26
C SER J 338 -29.48 80.41 23.01
N ALA J 339 -29.81 81.32 22.08
CA ALA J 339 -31.16 81.62 21.55
C ALA J 339 -31.96 80.32 21.38
N ALA J 340 -31.65 79.56 20.33
CA ALA J 340 -32.45 78.44 19.79
C ALA J 340 -32.60 77.31 20.82
N ILE J 341 -31.53 77.03 21.57
CA ILE J 341 -31.40 75.85 22.48
C ILE J 341 -32.31 76.03 23.71
N GLU J 342 -31.93 76.91 24.66
CA GLU J 342 -32.68 77.12 25.93
C GLU J 342 -34.15 77.43 25.60
N SER J 343 -34.38 78.17 24.51
CA SER J 343 -35.71 78.41 23.90
C SER J 343 -36.43 77.08 23.71
N ARG J 344 -35.80 76.17 22.94
CA ARG J 344 -36.33 74.80 22.64
C ARG J 344 -36.65 74.07 23.95
N VAL J 345 -35.85 74.25 25.00
CA VAL J 345 -36.06 73.59 26.33
C VAL J 345 -37.20 74.32 27.06
N GLY J 346 -37.26 75.65 26.97
CA GLY J 346 -38.39 76.48 27.42
C GLY J 346 -39.70 76.01 26.81
N GLN J 347 -39.65 75.58 25.54
CA GLN J 347 -40.79 75.02 24.76
C GLN J 347 -41.08 73.58 25.20
N ILE J 348 -40.06 72.83 25.62
CA ILE J 348 -40.19 71.43 26.14
C ILE J 348 -40.67 71.49 27.59
N LYS J 349 -40.01 72.32 28.41
CA LYS J 349 -40.25 72.49 29.88
C LYS J 349 -41.76 72.56 30.17
N THR J 350 -42.48 73.35 29.37
CA THR J 350 -43.91 73.72 29.59
C THR J 350 -44.84 72.70 28.92
N GLN J 351 -44.29 71.60 28.38
CA GLN J 351 -45.06 70.38 27.97
C GLN J 351 -44.98 69.32 29.08
N ILE J 352 -44.07 69.49 30.04
CA ILE J 352 -43.83 68.56 31.19
C ILE J 352 -44.74 68.97 32.36
N GLU J 353 -45.26 70.21 32.31
CA GLU J 353 -46.44 70.65 33.09
C GLU J 353 -47.70 70.21 32.34
N ASP J 354 -47.77 70.50 31.04
CA ASP J 354 -48.86 70.08 30.11
C ASP J 354 -48.52 68.69 29.53
N THR J 355 -48.40 67.69 30.40
CA THR J 355 -48.22 66.25 30.05
C THR J 355 -49.46 65.47 30.52
N SER J 356 -50.32 65.05 29.59
CA SER J 356 -51.59 64.31 29.84
C SER J 356 -51.33 62.87 30.31
N SER J 357 -50.09 62.38 30.16
CA SER J 357 -49.65 61.01 30.54
C SER J 357 -48.52 61.05 31.58
N ASP J 358 -48.12 59.87 32.10
CA ASP J 358 -47.04 59.72 33.12
C ASP J 358 -45.92 58.80 32.61
N TYR J 359 -45.98 58.34 31.36
CA TYR J 359 -44.82 57.74 30.64
C TYR J 359 -44.28 58.74 29.60
N ASP J 360 -45.17 59.51 28.97
CA ASP J 360 -44.82 60.64 28.05
C ASP J 360 -43.83 61.58 28.73
N ARG J 361 -43.89 61.68 30.06
CA ARG J 361 -43.10 62.64 30.91
C ARG J 361 -41.75 62.03 31.31
N GLU J 362 -41.42 60.82 30.86
CA GLU J 362 -40.05 60.24 31.04
C GLU J 362 -39.21 60.66 29.81
N LYS J 363 -39.72 60.44 28.60
CA LYS J 363 -39.11 60.90 27.32
C LYS J 363 -38.64 62.34 27.51
N LEU J 364 -39.57 63.23 27.88
CA LEU J 364 -39.34 64.70 28.06
C LEU J 364 -38.27 64.93 29.13
N GLN J 365 -38.38 64.27 30.28
CA GLN J 365 -37.51 64.49 31.48
C GLN J 365 -36.05 64.14 31.12
N GLU J 366 -35.83 63.15 30.26
CA GLU J 366 -34.48 62.68 29.83
C GLU J 366 -34.03 63.43 28.57
N ARG J 367 -34.97 64.01 27.83
CA ARG J 367 -34.69 64.82 26.60
C ARG J 367 -34.23 66.23 27.00
N VAL J 368 -34.83 66.80 28.05
CA VAL J 368 -34.44 68.14 28.60
C VAL J 368 -32.98 68.08 29.07
N ALA J 369 -32.58 66.96 29.67
CA ALA J 369 -31.20 66.69 30.15
C ALA J 369 -30.24 66.65 28.96
N LYS J 370 -30.41 65.66 28.07
CA LYS J 370 -29.64 65.52 26.80
C LYS J 370 -29.24 66.90 26.29
N LEU J 371 -30.24 67.74 26.03
CA LEU J 371 -30.12 69.01 25.28
C LEU J 371 -29.69 70.15 26.21
N ALA J 372 -29.94 70.01 27.52
CA ALA J 372 -29.46 70.93 28.59
C ALA J 372 -28.15 70.37 29.19
N GLY J 373 -27.52 69.42 28.51
CA GLY J 373 -26.50 68.53 29.11
C GLY J 373 -25.12 69.17 29.17
N GLY J 374 -24.63 69.66 28.03
CA GLY J 374 -23.19 69.91 27.80
C GLY J 374 -22.41 68.62 28.01
N VAL J 375 -21.08 68.66 27.92
CA VAL J 375 -20.20 67.45 28.03
C VAL J 375 -18.84 67.89 28.58
N ALA J 376 -18.37 67.24 29.66
CA ALA J 376 -16.99 67.39 30.19
C ALA J 376 -16.02 66.77 29.18
N VAL J 377 -14.96 67.49 28.81
CA VAL J 377 -14.04 67.08 27.71
C VAL J 377 -12.59 67.11 28.22
N ILE J 378 -12.21 66.04 28.95
CA ILE J 378 -10.86 65.85 29.55
C ILE J 378 -9.81 65.72 28.44
N LYS J 379 -8.83 66.64 28.42
CA LYS J 379 -7.66 66.59 27.49
C LYS J 379 -6.44 66.08 28.26
N VAL J 380 -5.55 65.34 27.59
CA VAL J 380 -4.53 64.47 28.26
C VAL J 380 -3.12 65.02 28.00
N GLY J 381 -2.60 65.79 28.97
CA GLY J 381 -1.17 66.18 29.01
C GLY J 381 -0.30 65.01 29.42
N ALA J 382 0.91 64.92 28.86
CA ALA J 382 1.77 63.71 28.95
C ALA J 382 3.26 64.08 29.02
N SER J 383 3.75 64.79 28.01
CA SER J 383 5.19 64.90 27.64
C SER J 383 5.60 63.67 26.83
N THR J 384 6.11 63.87 25.61
CA THR J 384 6.48 62.82 24.61
C THR J 384 5.21 62.14 24.10
N GLU J 385 4.78 62.51 22.90
CA GLU J 385 3.54 62.06 22.19
C GLU J 385 3.12 60.63 22.59
N ILE J 386 4.06 59.69 22.67
CA ILE J 386 3.76 58.25 22.98
C ILE J 386 2.94 58.19 24.26
N GLU J 387 3.35 58.94 25.30
CA GLU J 387 2.74 58.94 26.66
C GLU J 387 1.30 59.45 26.58
N MET J 388 1.07 60.55 25.87
CA MET J 388 -0.29 61.07 25.58
C MET J 388 -1.11 59.93 24.96
N LYS J 389 -0.62 59.37 23.85
CA LYS J 389 -1.23 58.21 23.14
C LYS J 389 -1.59 57.10 24.14
N GLU J 390 -0.62 56.72 24.98
CA GLU J 390 -0.71 55.55 25.90
C GLU J 390 -1.44 55.92 27.20
N LYS J 391 -1.24 57.13 27.74
CA LYS J 391 -1.96 57.63 28.96
C LYS J 391 -3.44 57.82 28.64
N LYS J 392 -3.76 58.47 27.52
CA LYS J 392 -5.15 58.75 27.04
C LYS J 392 -5.97 57.45 27.06
N ALA J 393 -5.35 56.33 26.70
CA ALA J 393 -5.97 54.98 26.69
C ALA J 393 -6.42 54.60 28.10
N ARG J 394 -5.57 54.83 29.11
CA ARG J 394 -5.82 54.45 30.53
C ARG J 394 -6.88 55.39 31.15
N VAL J 395 -7.00 56.62 30.63
CA VAL J 395 -8.04 57.61 31.07
C VAL J 395 -9.42 57.01 30.79
N GLU J 396 -9.59 56.43 29.60
CA GLU J 396 -10.87 55.86 29.12
C GLU J 396 -11.18 54.57 29.90
N ASP J 397 -10.15 53.87 30.39
CA ASP J 397 -10.31 52.58 31.12
C ASP J 397 -10.91 52.85 32.51
N ALA J 398 -10.49 53.93 33.17
CA ALA J 398 -11.04 54.41 34.47
C ALA J 398 -12.41 55.04 34.24
N LEU J 399 -12.53 55.84 33.19
CA LEU J 399 -13.80 56.52 32.84
C LEU J 399 -14.91 55.47 32.71
N HIS J 400 -14.57 54.24 32.28
CA HIS J 400 -15.50 53.08 32.17
C HIS J 400 -15.83 52.56 33.58
N ALA J 401 -14.83 51.96 34.25
CA ALA J 401 -14.97 51.33 35.58
C ALA J 401 -15.72 52.28 36.53
N THR J 402 -15.13 53.44 36.83
CA THR J 402 -15.67 54.48 37.76
C THR J 402 -17.15 54.72 37.44
N ARG J 403 -17.47 54.96 36.16
CA ARG J 403 -18.83 55.26 35.65
C ARG J 403 -19.76 54.09 36.01
N ALA J 404 -19.28 52.86 35.83
CA ALA J 404 -20.07 51.61 35.97
C ALA J 404 -20.11 51.16 37.45
N ALA J 405 -19.17 51.63 38.27
CA ALA J 405 -19.20 51.51 39.75
C ALA J 405 -20.28 52.45 40.30
N VAL J 406 -20.34 53.68 39.79
CA VAL J 406 -21.35 54.72 40.14
C VAL J 406 -22.74 54.28 39.63
N GLU J 407 -22.86 53.07 39.07
CA GLU J 407 -24.16 52.55 38.57
C GLU J 407 -24.71 51.44 39.50
N GLU J 408 -23.84 50.60 40.07
CA GLU J 408 -24.29 49.53 41.01
C GLU J 408 -23.39 49.43 42.24
N GLY J 409 -22.28 50.19 42.28
CA GLY J 409 -21.33 50.19 43.42
C GLY J 409 -20.14 49.28 43.16
N VAL J 410 -19.40 48.93 44.21
CA VAL J 410 -18.06 48.26 44.12
C VAL J 410 -17.98 47.10 45.13
N VAL J 411 -17.42 45.98 44.67
CA VAL J 411 -17.25 44.73 45.46
C VAL J 411 -15.77 44.39 45.45
N PRO J 412 -15.25 43.64 46.45
CA PRO J 412 -13.83 43.28 46.47
C PRO J 412 -13.43 42.37 45.30
N GLY J 413 -12.30 42.67 44.65
CA GLY J 413 -11.87 42.03 43.38
C GLY J 413 -11.34 40.63 43.61
N GLY J 414 -10.39 40.18 42.78
CA GLY J 414 -9.69 38.90 42.95
C GLY J 414 -10.65 37.73 43.04
N GLY J 415 -11.85 37.88 42.47
CA GLY J 415 -12.89 36.84 42.46
C GLY J 415 -13.23 36.34 43.85
N VAL J 416 -13.15 37.21 44.86
CA VAL J 416 -13.66 36.96 46.25
C VAL J 416 -15.13 37.40 46.32
N ALA J 417 -15.46 38.53 45.66
CA ALA J 417 -16.85 39.06 45.58
C ALA J 417 -17.79 37.92 45.16
N LEU J 418 -17.29 37.00 44.33
CA LEU J 418 -18.04 35.78 43.93
C LEU J 418 -18.04 34.78 45.09
N VAL J 419 -16.88 34.40 45.64
CA VAL J 419 -16.78 33.34 46.68
C VAL J 419 -17.31 33.86 48.03
N ARG J 420 -18.01 35.01 48.05
CA ARG J 420 -18.71 35.55 49.24
C ARG J 420 -20.22 35.44 49.05
N ALA J 421 -20.72 35.78 47.86
CA ALA J 421 -22.07 35.40 47.39
C ALA J 421 -22.20 33.88 47.48
N LEU J 422 -21.36 33.17 46.70
CA LEU J 422 -21.15 31.70 46.74
C LEU J 422 -21.42 31.14 48.14
N VAL J 423 -20.57 31.50 49.12
CA VAL J 423 -20.61 30.92 50.50
C VAL J 423 -21.95 31.26 51.14
N ALA J 424 -22.43 32.51 50.94
CA ALA J 424 -23.63 33.08 51.57
C ALA J 424 -24.87 32.24 51.22
N VAL J 425 -25.07 31.96 49.93
CA VAL J 425 -26.26 31.23 49.39
C VAL J 425 -25.87 29.76 49.21
N GLY J 426 -25.67 29.05 50.33
CA GLY J 426 -24.80 27.86 50.40
C GLY J 426 -25.53 26.53 50.47
N ASN J 427 -26.68 26.49 51.16
CA ASN J 427 -27.46 25.25 51.40
C ASN J 427 -28.50 25.08 50.29
N LEU J 428 -29.15 26.19 49.91
CA LEU J 428 -30.16 26.35 48.82
C LEU J 428 -30.38 25.04 48.03
N THR J 429 -31.64 24.63 47.84
CA THR J 429 -32.06 23.45 47.04
C THR J 429 -33.34 23.76 46.25
N GLY J 430 -33.82 22.78 45.46
CA GLY J 430 -35.01 22.88 44.61
C GLY J 430 -35.74 21.56 44.50
N ALA J 431 -36.69 21.48 43.55
CA ALA J 431 -37.77 20.47 43.43
C ALA J 431 -37.24 19.03 43.53
N ASN J 432 -36.01 18.76 43.08
CA ASN J 432 -35.51 17.36 42.94
C ASN J 432 -33.99 17.29 43.01
N GLU J 433 -33.51 16.09 43.30
CA GLU J 433 -32.15 15.61 42.97
C GLU J 433 -31.54 16.59 41.97
N ASP J 434 -32.04 16.55 40.73
CA ASP J 434 -31.35 17.12 39.54
C ASP J 434 -31.20 18.63 39.74
N GLN J 435 -32.22 19.30 40.26
CA GLN J 435 -32.25 20.79 40.36
C GLN J 435 -31.17 21.29 41.33
N THR J 436 -30.80 20.50 42.34
CA THR J 436 -29.72 20.87 43.30
C THR J 436 -28.36 20.62 42.62
N HIS J 437 -28.15 19.48 41.97
CA HIS J 437 -26.88 19.18 41.24
C HIS J 437 -26.62 20.31 40.23
N GLY J 438 -27.66 21.04 39.85
CA GLY J 438 -27.54 22.32 39.13
C GLY J 438 -26.99 23.40 40.04
N ILE J 439 -27.70 23.71 41.12
CA ILE J 439 -27.33 24.72 42.16
C ILE J 439 -25.89 24.44 42.63
N GLN J 440 -25.49 23.16 42.70
CA GLN J 440 -24.13 22.74 43.12
C GLN J 440 -23.12 23.18 42.05
N ILE J 441 -23.36 22.86 40.77
CA ILE J 441 -22.36 23.12 39.69
C ILE J 441 -22.34 24.63 39.38
N ALA J 442 -23.38 25.36 39.80
CA ALA J 442 -23.49 26.82 39.63
C ALA J 442 -22.67 27.54 40.71
N LEU J 443 -22.72 27.04 41.96
CA LEU J 443 -21.90 27.57 43.08
C LEU J 443 -20.43 27.23 42.80
N ARG J 444 -20.12 25.94 42.62
CA ARG J 444 -18.73 25.43 42.43
C ARG J 444 -18.03 26.19 41.29
N ALA J 445 -18.77 26.64 40.28
CA ALA J 445 -18.23 27.40 39.12
C ALA J 445 -18.03 28.88 39.47
N MET J 446 -18.41 29.32 40.67
CA MET J 446 -18.19 30.72 41.15
C MET J 446 -16.84 30.84 41.88
N GLU J 447 -16.28 29.71 42.32
CA GLU J 447 -14.90 29.63 42.87
C GLU J 447 -13.92 29.94 41.74
N ALA J 448 -14.30 29.59 40.50
CA ALA J 448 -13.41 29.30 39.35
C ALA J 448 -12.66 30.52 38.82
N PRO J 449 -13.14 31.77 38.96
CA PRO J 449 -12.35 32.93 38.56
C PRO J 449 -11.18 33.22 39.52
N LEU J 450 -11.38 33.05 40.83
CA LEU J 450 -10.27 33.14 41.83
C LEU J 450 -9.34 31.95 41.62
N ARG J 451 -9.88 30.73 41.64
CA ARG J 451 -9.09 29.50 41.31
C ARG J 451 -8.12 29.83 40.17
N GLU J 452 -8.64 30.35 39.06
CA GLU J 452 -7.84 30.62 37.83
C GLU J 452 -6.69 31.55 38.17
N ILE J 453 -6.96 32.64 38.92
CA ILE J 453 -5.93 33.64 39.33
C ILE J 453 -4.80 32.90 40.05
N VAL J 454 -5.08 32.38 41.25
CA VAL J 454 -4.07 31.72 42.13
C VAL J 454 -3.13 30.88 41.27
N ALA J 455 -3.67 29.96 40.47
CA ALA J 455 -2.89 29.02 39.62
C ALA J 455 -2.02 29.78 38.63
N ASN J 456 -2.55 30.82 38.00
CA ASN J 456 -1.76 31.66 37.07
C ASN J 456 -0.52 32.18 37.84
N ALA J 457 -0.71 32.47 39.13
CA ALA J 457 0.36 32.95 40.05
C ALA J 457 1.17 31.76 40.56
N GLY J 458 0.59 30.55 40.55
CA GLY J 458 1.31 29.28 40.76
C GLY J 458 1.38 28.88 42.22
N GLU J 459 0.32 29.14 42.98
CA GLU J 459 0.10 28.60 44.35
C GLU J 459 -1.01 27.53 44.26
N GLU J 460 -1.35 26.87 45.37
CA GLU J 460 -2.35 25.75 45.40
C GLU J 460 -3.74 26.32 45.64
N PRO J 461 -4.62 26.35 44.61
CA PRO J 461 -5.83 27.20 44.67
C PRO J 461 -6.82 26.73 45.74
N SER J 462 -7.01 25.41 45.83
CA SER J 462 -7.79 24.67 46.86
C SER J 462 -7.66 25.34 48.23
N VAL J 463 -6.41 25.57 48.67
CA VAL J 463 -6.02 25.98 50.06
C VAL J 463 -6.18 27.49 50.23
N ILE J 464 -5.90 28.28 49.19
CA ILE J 464 -6.19 29.75 49.18
C ILE J 464 -7.70 29.95 49.15
N LEU J 465 -8.44 29.13 48.41
CA LEU J 465 -9.91 29.25 48.24
C LEU J 465 -10.63 28.91 49.55
N ASN J 466 -10.32 27.74 50.12
CA ASN J 466 -10.73 27.35 51.50
C ASN J 466 -10.43 28.53 52.44
N LYS J 467 -9.22 29.09 52.33
CA LYS J 467 -8.64 30.09 53.27
C LYS J 467 -9.30 31.47 53.07
N VAL J 468 -9.93 31.72 51.93
CA VAL J 468 -10.64 33.01 51.66
C VAL J 468 -12.04 32.91 52.28
N LYS J 469 -12.76 31.83 51.97
CA LYS J 469 -14.10 31.52 52.55
C LYS J 469 -13.99 31.46 54.07
N GLU J 470 -12.90 30.86 54.58
CA GLU J 470 -12.63 30.64 56.04
C GLU J 470 -12.62 31.98 56.79
N GLY J 471 -12.22 33.08 56.14
CA GLY J 471 -12.38 34.46 56.64
C GLY J 471 -13.76 34.99 56.29
N THR J 472 -13.98 36.31 56.41
CA THR J 472 -15.21 37.03 55.96
C THR J 472 -14.85 38.44 55.50
N GLY J 473 -15.74 39.42 55.70
CA GLY J 473 -15.48 40.85 55.43
C GLY J 473 -15.08 41.10 53.99
N ASN J 474 -13.98 41.84 53.78
CA ASN J 474 -13.35 42.10 52.46
C ASN J 474 -12.03 41.32 52.34
N TYR J 475 -11.80 40.38 53.26
CA TYR J 475 -10.58 39.53 53.32
C TYR J 475 -10.45 38.73 52.02
N GLY J 476 -9.21 38.46 51.60
CA GLY J 476 -8.92 37.67 50.38
C GLY J 476 -7.43 37.60 50.07
N TYR J 477 -7.04 36.69 49.17
CA TYR J 477 -5.67 36.57 48.58
C TYR J 477 -5.46 37.66 47.52
N ASN J 478 -4.26 38.22 47.47
CA ASN J 478 -3.91 39.35 46.57
C ASN J 478 -2.68 38.93 45.79
N ALA J 479 -2.87 38.00 44.84
CA ALA J 479 -1.82 37.26 44.09
C ALA J 479 -0.78 38.22 43.50
N ALA J 480 -1.10 39.52 43.46
CA ALA J 480 -0.14 40.61 43.20
C ALA J 480 1.13 40.40 44.03
N ASN J 481 0.99 40.44 45.36
CA ASN J 481 2.11 40.35 46.33
C ASN J 481 2.22 38.92 46.87
N GLY J 482 1.09 38.32 47.24
CA GLY J 482 1.01 36.94 47.78
C GLY J 482 0.63 36.89 49.26
N GLU J 483 0.04 37.97 49.80
CA GLU J 483 -0.43 38.03 51.20
C GLU J 483 -1.92 38.43 51.23
N PHE J 484 -2.64 37.87 52.20
CA PHE J 484 -4.12 38.02 52.38
C PHE J 484 -4.41 39.26 53.21
N GLY J 485 -5.64 39.78 53.12
CA GLY J 485 -6.12 40.91 53.93
C GLY J 485 -7.03 41.84 53.15
N ASP J 486 -7.98 42.49 53.83
CA ASP J 486 -8.99 43.43 53.25
C ASP J 486 -8.56 43.85 51.84
N MET J 487 -9.25 43.36 50.81
CA MET J 487 -8.82 43.46 49.39
C MET J 487 -8.90 44.91 48.91
N VAL J 488 -9.63 45.78 49.60
CA VAL J 488 -9.84 47.21 49.19
C VAL J 488 -8.90 48.14 50.00
N GLU J 489 -8.34 47.65 51.11
CA GLU J 489 -7.13 48.28 51.71
C GLU J 489 -5.98 48.15 50.70
N PHE J 490 -5.90 46.98 50.04
CA PHE J 490 -4.84 46.59 49.07
C PHE J 490 -5.08 47.28 47.72
N GLY J 491 -6.26 47.86 47.52
CA GLY J 491 -6.61 48.71 46.36
C GLY J 491 -7.51 48.00 45.35
N ILE J 492 -7.71 46.69 45.52
CA ILE J 492 -8.32 45.80 44.49
C ILE J 492 -9.84 45.77 44.66
N LEU J 493 -10.59 46.17 43.62
CA LEU J 493 -12.06 45.96 43.54
C LEU J 493 -12.55 46.07 42.10
N ASP J 494 -13.75 45.54 41.84
CA ASP J 494 -14.46 45.59 40.53
C ASP J 494 -15.74 46.39 40.73
N PRO J 495 -16.22 47.15 39.71
CA PRO J 495 -17.60 47.61 39.72
C PRO J 495 -18.48 46.40 40.06
N THR J 496 -19.64 46.61 40.69
CA THR J 496 -20.62 45.53 41.00
C THR J 496 -21.31 45.14 39.69
N LYS J 497 -21.45 46.09 38.77
CA LYS J 497 -22.16 45.91 37.48
C LYS J 497 -21.44 44.84 36.65
N VAL J 498 -20.10 44.90 36.57
CA VAL J 498 -19.27 43.98 35.73
C VAL J 498 -19.30 42.55 36.29
N THR J 499 -19.23 42.38 37.62
CA THR J 499 -19.17 41.03 38.28
C THR J 499 -20.51 40.32 38.06
N ARG J 500 -21.63 41.00 38.32
CA ARG J 500 -23.00 40.47 38.07
C ARG J 500 -23.17 40.11 36.59
N SER J 501 -23.14 41.12 35.70
CA SER J 501 -23.09 40.96 34.22
C SER J 501 -22.54 39.57 33.87
N ALA J 502 -21.23 39.42 34.04
CA ALA J 502 -20.41 38.22 33.67
C ALA J 502 -21.15 36.95 34.08
N LEU J 503 -21.60 36.88 35.33
CA LEU J 503 -22.25 35.69 35.94
C LEU J 503 -23.61 35.41 35.28
N GLN J 504 -24.44 36.44 35.11
CA GLN J 504 -25.77 36.29 34.46
C GLN J 504 -25.57 35.89 33.00
N ASN J 505 -24.70 36.60 32.29
CA ASN J 505 -24.34 36.35 30.86
C ASN J 505 -23.79 34.93 30.68
N ALA J 506 -22.80 34.53 31.48
CA ALA J 506 -22.18 33.18 31.43
C ALA J 506 -23.25 32.10 31.57
N ALA J 507 -24.13 32.23 32.56
CA ALA J 507 -25.18 31.23 32.91
C ALA J 507 -26.28 31.21 31.83
N SER J 508 -26.43 32.30 31.07
CA SER J 508 -27.36 32.34 29.91
C SER J 508 -26.91 31.28 28.90
N ILE J 509 -25.69 31.41 28.36
CA ILE J 509 -25.17 30.49 27.31
C ILE J 509 -24.81 29.14 27.93
N ALA J 510 -24.53 29.08 29.23
CA ALA J 510 -24.36 27.81 29.95
C ALA J 510 -25.61 26.97 29.67
N GLY J 511 -26.78 27.56 29.91
CA GLY J 511 -28.10 26.91 29.82
C GLY J 511 -28.48 26.52 28.41
N LEU J 512 -28.11 27.34 27.43
CA LEU J 512 -28.52 27.14 26.01
C LEU J 512 -27.67 26.05 25.34
N MET J 513 -26.49 25.73 25.88
CA MET J 513 -25.60 24.66 25.33
C MET J 513 -25.94 23.35 26.03
N ILE J 514 -26.30 23.42 27.31
CA ILE J 514 -26.79 22.29 28.15
C ILE J 514 -28.12 21.76 27.56
N THR J 515 -28.86 22.63 26.88
CA THR J 515 -30.19 22.31 26.27
C THR J 515 -30.10 22.48 24.75
N THR J 516 -29.00 22.00 24.14
CA THR J 516 -28.78 21.88 22.67
C THR J 516 -28.71 20.41 22.32
N GLU J 517 -29.65 19.88 21.53
CA GLU J 517 -29.68 18.43 21.19
C GLU J 517 -29.19 18.21 19.77
N ALA J 518 -29.06 19.25 18.95
CA ALA J 518 -28.54 19.12 17.57
C ALA J 518 -27.99 20.45 17.06
N MET J 519 -27.05 20.39 16.11
CA MET J 519 -26.47 21.59 15.46
C MET J 519 -26.35 21.36 13.96
N VAL J 520 -26.42 22.44 13.18
CA VAL J 520 -26.51 22.41 11.70
C VAL J 520 -25.43 23.30 11.11
N ALA J 521 -24.26 22.71 10.79
CA ALA J 521 -23.07 23.36 10.18
C ALA J 521 -23.18 23.34 8.64
N ASP J 522 -22.09 23.67 7.93
CA ASP J 522 -21.95 23.49 6.46
C ASP J 522 -20.94 22.38 6.18
N ALA J 523 -21.15 21.64 5.09
CA ALA J 523 -20.35 20.46 4.69
C ALA J 523 -19.00 20.90 4.12
N PRO J 524 -17.89 20.33 4.61
CA PRO J 524 -16.55 20.81 4.24
C PRO J 524 -16.11 20.33 2.84
N LYS J 525 -16.87 19.42 2.22
CA LYS J 525 -16.55 18.81 0.90
C LYS J 525 -16.48 19.87 -0.20
N ALA K 1 4.93 -13.77 33.89
CA ALA K 1 4.20 -13.37 32.66
C ALA K 1 3.93 -11.86 32.68
N ALA K 2 4.27 -11.16 31.59
CA ALA K 2 3.98 -9.73 31.36
C ALA K 2 2.49 -9.49 31.58
N LYS K 3 2.15 -8.33 32.14
CA LYS K 3 0.74 -7.94 32.43
C LYS K 3 0.40 -6.72 31.59
N ASP K 4 -0.83 -6.69 31.07
CA ASP K 4 -1.53 -5.46 30.62
C ASP K 4 -2.31 -4.99 31.85
N ILE K 5 -2.14 -3.72 32.26
CA ILE K 5 -2.74 -3.20 33.52
C ILE K 5 -3.33 -1.82 33.24
N ARG K 6 -4.62 -1.64 33.53
CA ARG K 6 -5.39 -0.41 33.20
C ARG K 6 -5.98 0.18 34.47
N PHE K 7 -6.27 1.49 34.44
CA PHE K 7 -6.62 2.30 35.64
C PHE K 7 -8.03 2.90 35.51
N GLY K 8 -8.31 3.95 36.29
CA GLY K 8 -9.65 4.39 36.73
C GLY K 8 -10.76 4.15 35.72
N GLU K 9 -11.00 5.13 34.85
CA GLU K 9 -12.17 5.14 33.94
C GLU K 9 -11.90 4.15 32.81
N ASP K 10 -10.65 4.07 32.36
CA ASP K 10 -10.20 3.09 31.34
C ASP K 10 -10.70 1.68 31.71
N ALA K 11 -10.69 1.33 33.02
CA ALA K 11 -10.95 -0.04 33.54
C ALA K 11 -12.45 -0.25 33.80
N ARG K 12 -13.05 0.59 34.64
CA ARG K 12 -14.49 0.52 35.03
C ARG K 12 -15.35 0.37 33.77
N THR K 13 -14.98 1.06 32.68
CA THR K 13 -15.67 1.01 31.37
C THR K 13 -15.62 -0.41 30.80
N ARG K 14 -14.43 -0.96 30.53
CA ARG K 14 -14.27 -2.36 30.03
C ARG K 14 -14.99 -3.33 30.97
N MET K 15 -14.92 -3.10 32.29
CA MET K 15 -15.63 -3.94 33.30
C MET K 15 -17.12 -3.92 32.99
N VAL K 16 -17.74 -2.74 33.00
CA VAL K 16 -19.22 -2.62 32.87
C VAL K 16 -19.63 -3.02 31.44
N ARG K 17 -18.70 -3.00 30.48
CA ARG K 17 -18.94 -3.50 29.09
C ARG K 17 -19.15 -5.02 29.09
N GLY K 18 -18.93 -5.67 30.24
CA GLY K 18 -18.91 -7.14 30.36
C GLY K 18 -19.98 -7.67 31.28
N VAL K 19 -20.43 -6.87 32.27
CA VAL K 19 -21.66 -7.19 33.03
C VAL K 19 -22.83 -6.96 32.06
N ASN K 20 -22.63 -6.03 31.14
CA ASN K 20 -23.62 -5.79 30.06
C ASN K 20 -23.68 -7.05 29.17
N VAL K 21 -22.55 -7.59 28.72
CA VAL K 21 -22.54 -8.79 27.85
C VAL K 21 -23.19 -9.96 28.62
N LEU K 22 -22.90 -10.08 29.92
CA LEU K 22 -23.47 -11.17 30.76
C LEU K 22 -24.96 -10.92 30.94
N ALA K 23 -25.34 -9.81 31.59
CA ALA K 23 -26.73 -9.53 32.03
C ALA K 23 -27.72 -9.46 30.86
N ASN K 24 -27.26 -9.13 29.65
CA ASN K 24 -28.15 -9.00 28.46
C ASN K 24 -28.50 -10.39 27.91
N ALA K 25 -27.56 -11.34 27.97
CA ALA K 25 -27.85 -12.77 27.71
C ALA K 25 -28.86 -13.30 28.76
N VAL K 26 -28.59 -13.08 30.05
CA VAL K 26 -29.30 -13.70 31.21
C VAL K 26 -30.69 -13.08 31.38
N LYS K 27 -30.78 -11.75 31.51
CA LYS K 27 -32.07 -11.02 31.79
C LYS K 27 -33.08 -11.24 30.65
N ALA K 28 -32.62 -11.72 29.49
CA ALA K 28 -33.48 -12.13 28.35
C ALA K 28 -34.46 -13.23 28.77
N THR K 29 -34.03 -14.14 29.66
CA THR K 29 -34.78 -15.37 30.04
C THR K 29 -35.75 -15.09 31.19
N LEU K 30 -35.62 -13.93 31.85
CA LEU K 30 -36.34 -13.65 33.12
C LEU K 30 -37.85 -13.74 32.86
N GLY K 31 -38.57 -14.47 33.73
CA GLY K 31 -40.04 -14.36 33.88
C GLY K 31 -40.80 -15.34 33.00
N PRO K 32 -42.16 -15.40 33.14
CA PRO K 32 -43.00 -16.33 32.39
C PRO K 32 -42.84 -16.18 30.88
N LYS K 33 -42.80 -14.94 30.39
CA LYS K 33 -42.62 -14.59 28.96
C LYS K 33 -41.14 -14.41 28.66
N GLY K 34 -40.27 -15.25 29.22
CA GLY K 34 -38.82 -15.26 28.96
C GLY K 34 -38.52 -15.67 27.53
N ARG K 35 -37.38 -15.21 27.00
CA ARG K 35 -36.92 -15.47 25.61
C ARG K 35 -35.85 -16.56 25.60
N ASN K 36 -35.85 -17.37 24.53
CA ASN K 36 -34.92 -18.51 24.39
C ASN K 36 -33.52 -17.99 24.10
N VAL K 37 -32.49 -18.67 24.61
CA VAL K 37 -31.06 -18.46 24.23
C VAL K 37 -30.50 -19.75 23.65
N VAL K 38 -29.83 -19.66 22.49
CA VAL K 38 -29.17 -20.82 21.82
C VAL K 38 -27.73 -20.89 22.31
N LEU K 39 -27.34 -22.01 22.91
CA LEU K 39 -25.94 -22.27 23.34
C LEU K 39 -25.39 -23.43 22.50
N GLU K 40 -24.21 -23.24 21.91
CA GLU K 40 -23.50 -24.27 21.10
C GLU K 40 -23.01 -25.40 22.00
N LYS K 41 -22.66 -26.53 21.40
CA LYS K 41 -21.85 -27.61 22.01
C LYS K 41 -20.83 -28.07 20.97
N SER K 42 -19.76 -28.72 21.41
CA SER K 42 -18.74 -29.31 20.49
C SER K 42 -19.45 -30.27 19.51
N PHE K 43 -20.21 -31.22 20.04
CA PHE K 43 -20.88 -32.32 19.28
C PHE K 43 -22.32 -31.93 18.88
N GLY K 44 -22.60 -31.90 17.58
CA GLY K 44 -23.96 -31.94 17.01
C GLY K 44 -24.75 -30.64 17.24
N ALA K 45 -25.99 -30.77 17.73
CA ALA K 45 -27.05 -29.73 17.66
C ALA K 45 -27.14 -28.93 18.96
N PRO K 46 -27.36 -27.60 18.88
CA PRO K 46 -27.24 -26.71 20.03
C PRO K 46 -28.38 -26.75 21.06
N THR K 47 -28.05 -26.40 22.30
CA THR K 47 -28.97 -26.32 23.46
C THR K 47 -29.78 -25.02 23.33
N ILE K 48 -31.10 -25.10 23.54
CA ILE K 48 -32.04 -23.94 23.45
C ILE K 48 -32.76 -23.81 24.80
N THR K 49 -32.34 -22.86 25.64
CA THR K 49 -32.74 -22.77 27.07
C THR K 49 -33.39 -21.42 27.38
N LYS K 50 -34.32 -21.41 28.35
CA LYS K 50 -34.87 -20.20 29.02
C LYS K 50 -34.40 -20.18 30.49
N ASP K 51 -33.23 -20.76 30.76
CA ASP K 51 -32.59 -20.92 32.10
C ASP K 51 -31.42 -19.93 32.25
N GLY K 52 -31.63 -18.86 33.02
CA GLY K 52 -30.63 -17.80 33.25
C GLY K 52 -29.37 -18.30 33.93
N VAL K 53 -29.42 -19.47 34.57
CA VAL K 53 -28.24 -20.11 35.24
C VAL K 53 -27.32 -20.66 34.15
N SER K 54 -27.85 -21.56 33.32
CA SER K 54 -27.13 -22.31 32.24
C SER K 54 -26.46 -21.34 31.27
N VAL K 55 -27.03 -20.16 31.07
CA VAL K 55 -26.45 -19.12 30.16
C VAL K 55 -25.20 -18.54 30.83
N ALA K 56 -25.37 -17.95 32.01
CA ALA K 56 -24.27 -17.41 32.85
C ALA K 56 -23.13 -18.43 32.95
N LYS K 57 -23.45 -19.72 32.89
CA LYS K 57 -22.46 -20.83 33.06
C LYS K 57 -21.47 -20.87 31.89
N GLU K 58 -21.75 -20.18 30.78
CA GLU K 58 -20.94 -20.33 29.53
C GLU K 58 -20.53 -18.97 28.95
N ILE K 59 -20.54 -17.91 29.76
CA ILE K 59 -20.05 -16.57 29.34
C ILE K 59 -18.56 -16.47 29.69
N GLU K 60 -17.72 -16.37 28.65
CA GLU K 60 -16.30 -15.96 28.75
C GLU K 60 -16.02 -15.04 27.57
N LEU K 61 -15.63 -13.80 27.83
CA LEU K 61 -15.26 -12.82 26.77
C LEU K 61 -13.75 -12.93 26.54
N ALA K 62 -13.30 -12.67 25.30
CA ALA K 62 -11.88 -12.77 24.91
C ALA K 62 -11.10 -11.65 25.62
N ASP K 63 -11.58 -10.41 25.53
CA ASP K 63 -10.95 -9.23 26.20
C ASP K 63 -10.91 -9.51 27.71
N LYS K 64 -9.70 -9.75 28.24
CA LYS K 64 -9.45 -10.27 29.61
C LYS K 64 -10.08 -9.33 30.64
N PHE K 65 -10.09 -8.02 30.36
CA PHE K 65 -10.66 -6.98 31.25
C PHE K 65 -12.19 -7.07 31.25
N GLU K 66 -12.81 -7.00 30.07
CA GLU K 66 -14.28 -7.08 29.90
C GLU K 66 -14.78 -8.37 30.59
N ASN K 67 -14.04 -9.48 30.44
CA ASN K 67 -14.40 -10.81 30.98
C ASN K 67 -14.31 -10.80 32.51
N MET K 68 -13.33 -10.08 33.07
CA MET K 68 -13.15 -10.00 34.55
C MET K 68 -14.43 -9.41 35.18
N GLY K 69 -15.04 -8.44 34.51
CA GLY K 69 -16.34 -7.85 34.89
C GLY K 69 -17.43 -8.90 34.97
N ALA K 70 -17.45 -9.82 34.00
CA ALA K 70 -18.48 -10.87 33.85
C ALA K 70 -18.28 -11.96 34.90
N GLN K 71 -17.06 -12.50 35.01
CA GLN K 71 -16.78 -13.64 35.92
C GLN K 71 -17.03 -13.19 37.37
N MET K 72 -16.86 -11.89 37.67
CA MET K 72 -17.04 -11.33 39.03
C MET K 72 -18.51 -11.32 39.42
N VAL K 73 -19.39 -10.91 38.50
CA VAL K 73 -20.87 -10.84 38.77
C VAL K 73 -21.44 -12.27 38.75
N LYS K 74 -20.89 -13.17 37.94
CA LYS K 74 -21.29 -14.61 37.92
C LYS K 74 -20.98 -15.28 39.26
N GLU K 75 -20.02 -14.76 40.04
CA GLU K 75 -19.66 -15.32 41.38
C GLU K 75 -20.76 -14.97 42.40
N VAL K 76 -21.09 -13.69 42.57
CA VAL K 76 -22.09 -13.21 43.58
C VAL K 76 -23.50 -13.58 43.12
N ALA K 77 -23.69 -13.79 41.82
CA ALA K 77 -24.96 -14.35 41.29
C ALA K 77 -25.13 -15.74 41.90
N SER K 78 -24.24 -16.67 41.56
CA SER K 78 -24.31 -18.11 41.94
C SER K 78 -24.09 -18.31 43.45
N LYS K 79 -23.93 -17.23 44.22
CA LYS K 79 -23.94 -17.26 45.71
C LYS K 79 -25.39 -17.44 46.20
N THR K 80 -26.31 -16.58 45.74
CA THR K 80 -27.75 -16.54 46.14
C THR K 80 -28.49 -17.76 45.58
N ASN K 81 -27.90 -18.47 44.61
CA ASN K 81 -28.33 -19.83 44.16
C ASN K 81 -28.12 -20.80 45.32
N ASP K 82 -26.88 -20.90 45.81
CA ASP K 82 -26.48 -21.79 46.94
C ASP K 82 -26.54 -20.99 48.25
N ASN K 83 -27.77 -20.75 48.70
CA ASN K 83 -28.14 -20.02 49.95
C ASN K 83 -29.67 -20.06 50.06
N ALA K 84 -30.36 -19.60 49.00
CA ALA K 84 -31.83 -19.64 48.84
C ALA K 84 -32.20 -20.62 47.71
N GLY K 85 -31.96 -20.26 46.44
CA GLY K 85 -32.26 -21.08 45.25
C GLY K 85 -32.42 -20.25 43.99
N ASP K 86 -33.48 -20.52 43.21
CA ASP K 86 -33.91 -19.74 42.01
C ASP K 86 -33.96 -18.26 42.40
N GLY K 87 -33.17 -17.41 41.74
CA GLY K 87 -33.15 -15.95 41.97
C GLY K 87 -31.78 -15.34 41.78
N THR K 88 -31.00 -15.83 40.80
CA THR K 88 -29.70 -15.24 40.37
C THR K 88 -29.95 -14.33 39.18
N THR K 89 -30.71 -14.81 38.21
CA THR K 89 -31.27 -14.01 37.08
C THR K 89 -31.72 -12.64 37.63
N THR K 90 -32.50 -12.63 38.71
CA THR K 90 -32.94 -11.39 39.40
C THR K 90 -31.72 -10.56 39.85
N ALA K 91 -30.69 -11.21 40.38
CA ALA K 91 -29.49 -10.57 41.02
C ALA K 91 -28.46 -10.16 39.97
N THR K 92 -28.36 -10.91 38.87
CA THR K 92 -27.45 -10.59 37.74
C THR K 92 -27.94 -9.30 37.09
N VAL K 93 -29.23 -8.98 37.22
CA VAL K 93 -29.86 -7.77 36.59
C VAL K 93 -30.03 -6.65 37.62
N LEU K 94 -29.95 -6.94 38.92
CA LEU K 94 -29.88 -5.90 39.99
C LEU K 94 -28.48 -5.31 39.99
N ALA K 95 -27.47 -6.18 40.00
CA ALA K 95 -26.05 -5.84 39.74
C ALA K 95 -25.95 -4.95 38.49
N GLN K 96 -26.55 -5.34 37.36
CA GLN K 96 -26.49 -4.56 36.10
C GLN K 96 -26.97 -3.12 36.35
N ALA K 97 -28.11 -2.98 37.03
CA ALA K 97 -28.83 -1.69 37.21
C ALA K 97 -28.03 -0.77 38.16
N LEU K 98 -27.44 -1.32 39.23
CA LEU K 98 -26.65 -0.54 40.23
C LEU K 98 -25.27 -0.17 39.64
N ILE K 99 -24.65 -1.10 38.91
CA ILE K 99 -23.28 -0.95 38.33
C ILE K 99 -23.34 0.01 37.14
N ARG K 100 -24.36 -0.12 36.28
CA ARG K 100 -24.44 0.67 35.02
C ARG K 100 -24.59 2.15 35.39
N GLU K 101 -25.38 2.46 36.42
CA GLU K 101 -25.58 3.86 36.91
C GLU K 101 -24.38 4.29 37.76
N GLY K 102 -23.60 3.32 38.27
CA GLY K 102 -22.40 3.57 39.08
C GLY K 102 -21.24 4.09 38.24
N ALA K 103 -20.95 3.43 37.12
CA ALA K 103 -19.89 3.83 36.17
C ALA K 103 -20.11 5.29 35.76
N LYS K 104 -21.36 5.66 35.47
CA LYS K 104 -21.79 7.02 35.04
C LYS K 104 -21.63 8.01 36.21
N ALA K 105 -22.25 7.70 37.34
CA ALA K 105 -22.33 8.59 38.53
C ALA K 105 -20.92 8.93 39.01
N VAL K 106 -19.96 8.00 38.81
CA VAL K 106 -18.54 8.19 39.23
C VAL K 106 -17.88 9.21 38.28
N ALA K 107 -17.87 8.90 36.98
CA ALA K 107 -17.22 9.69 35.91
C ALA K 107 -17.95 11.02 35.70
N ALA K 108 -19.02 11.28 36.46
CA ALA K 108 -19.76 12.57 36.51
C ALA K 108 -19.22 13.46 37.64
N GLY K 109 -18.20 12.97 38.38
CA GLY K 109 -17.44 13.75 39.38
C GLY K 109 -17.74 13.38 40.82
N MET K 110 -18.61 12.39 41.05
CA MET K 110 -19.14 12.07 42.40
C MET K 110 -18.21 11.05 43.06
N ASN K 111 -18.18 11.08 44.40
CA ASN K 111 -17.20 10.36 45.26
C ASN K 111 -17.65 8.89 45.35
N PRO K 112 -16.84 7.92 44.88
CA PRO K 112 -17.31 6.55 44.74
C PRO K 112 -17.58 5.89 46.10
N MET K 113 -16.79 6.27 47.11
CA MET K 113 -16.95 5.77 48.50
C MET K 113 -18.37 6.15 48.96
N ASP K 114 -18.78 7.40 48.78
CA ASP K 114 -20.09 7.96 49.21
C ASP K 114 -21.23 7.23 48.49
N LEU K 115 -21.09 6.99 47.19
CA LEU K 115 -22.08 6.21 46.38
C LEU K 115 -22.28 4.83 47.04
N LYS K 116 -21.18 4.12 47.32
CA LYS K 116 -21.23 2.79 47.98
C LYS K 116 -22.00 2.88 49.31
N ARG K 117 -21.77 3.93 50.11
CA ARG K 117 -22.40 4.14 51.44
C ARG K 117 -23.91 4.43 51.26
N GLY K 118 -24.26 5.06 50.14
CA GLY K 118 -25.65 5.40 49.79
C GLY K 118 -26.42 4.16 49.35
N ILE K 119 -25.83 3.37 48.47
CA ILE K 119 -26.35 2.02 48.07
C ILE K 119 -26.58 1.22 49.35
N ASP K 120 -25.49 0.98 50.09
CA ASP K 120 -25.48 0.25 51.39
C ASP K 120 -26.71 0.67 52.21
N GLN K 121 -26.95 1.98 52.33
CA GLN K 121 -27.98 2.55 53.25
C GLN K 121 -29.38 2.13 52.79
N ALA K 122 -29.69 2.28 51.50
CA ALA K 122 -31.04 2.03 50.94
C ALA K 122 -31.36 0.52 51.01
N VAL K 123 -30.43 -0.31 50.53
CA VAL K 123 -30.50 -1.80 50.60
C VAL K 123 -30.95 -2.21 52.01
N LYS K 124 -30.22 -1.72 53.03
CA LYS K 124 -30.41 -2.06 54.47
C LYS K 124 -31.85 -1.74 54.88
N ALA K 125 -32.35 -0.56 54.51
CA ALA K 125 -33.75 -0.12 54.76
C ALA K 125 -34.72 -1.04 54.02
N ALA K 126 -34.62 -1.09 52.68
CA ALA K 126 -35.39 -1.99 51.79
C ALA K 126 -35.52 -3.37 52.45
N VAL K 127 -34.38 -3.96 52.82
CA VAL K 127 -34.27 -5.30 53.48
C VAL K 127 -35.18 -5.38 54.72
N VAL K 128 -35.23 -4.31 55.52
CA VAL K 128 -36.07 -4.29 56.75
C VAL K 128 -37.52 -4.18 56.30
N GLU K 129 -37.77 -3.32 55.31
CA GLU K 129 -39.11 -3.01 54.75
C GLU K 129 -39.65 -4.22 53.97
N LEU K 130 -38.77 -5.12 53.54
CA LEU K 130 -39.14 -6.38 52.85
C LEU K 130 -39.63 -7.41 53.88
N LYS K 131 -38.96 -7.47 55.04
CA LYS K 131 -39.33 -8.36 56.19
C LYS K 131 -40.65 -7.88 56.78
N ASN K 132 -40.79 -6.57 56.93
CA ASN K 132 -42.06 -5.87 57.25
C ASN K 132 -43.25 -6.60 56.57
N ILE K 133 -43.25 -6.66 55.24
CA ILE K 133 -44.44 -7.02 54.40
C ILE K 133 -44.60 -8.53 54.25
N SER K 134 -43.55 -9.31 54.50
CA SER K 134 -43.47 -10.78 54.25
C SER K 134 -44.41 -11.54 55.19
N LYS K 135 -45.40 -12.25 54.63
CA LYS K 135 -46.33 -13.11 55.41
C LYS K 135 -45.67 -14.46 55.63
N PRO K 136 -45.61 -14.97 56.90
CA PRO K 136 -44.88 -16.21 57.20
C PRO K 136 -45.66 -17.47 56.84
N THR K 137 -44.96 -18.52 56.40
CA THR K 137 -45.52 -19.88 56.15
C THR K 137 -44.95 -20.83 57.22
N THR K 138 -45.78 -21.15 58.22
CA THR K 138 -45.42 -21.96 59.42
C THR K 138 -46.43 -23.09 59.63
N ASP K 139 -47.71 -22.86 59.37
CA ASP K 139 -48.80 -23.86 59.51
C ASP K 139 -48.81 -24.79 58.28
N ASP K 140 -49.30 -26.02 58.46
CA ASP K 140 -49.21 -27.14 57.48
C ASP K 140 -50.01 -26.82 56.22
N LYS K 141 -51.24 -26.31 56.39
CA LYS K 141 -52.12 -25.91 55.26
C LYS K 141 -51.25 -25.26 54.19
N ALA K 142 -50.61 -24.14 54.54
CA ALA K 142 -49.88 -23.21 53.64
C ALA K 142 -48.53 -23.81 53.21
N ILE K 143 -47.79 -24.45 54.13
CA ILE K 143 -46.47 -25.10 53.85
C ILE K 143 -46.63 -26.08 52.68
N ALA K 144 -47.80 -26.72 52.55
CA ALA K 144 -48.13 -27.65 51.43
C ALA K 144 -48.28 -26.86 50.11
N GLN K 145 -48.99 -25.74 50.16
CA GLN K 145 -49.34 -24.91 48.97
C GLN K 145 -48.06 -24.37 48.30
N VAL K 146 -47.06 -23.98 49.10
CA VAL K 146 -45.75 -23.38 48.66
C VAL K 146 -44.87 -24.44 47.98
N GLY K 147 -45.09 -25.72 48.28
CA GLY K 147 -44.46 -26.84 47.55
C GLY K 147 -45.16 -27.10 46.22
N THR K 148 -46.47 -26.86 46.19
CA THR K 148 -47.34 -26.97 44.98
C THR K 148 -46.93 -25.89 43.97
N ILE K 149 -46.88 -24.65 44.46
CA ILE K 149 -46.58 -23.43 43.65
C ILE K 149 -45.14 -23.51 43.12
N SER K 150 -44.24 -24.14 43.89
CA SER K 150 -42.80 -24.30 43.52
C SER K 150 -42.65 -25.38 42.44
N ALA K 151 -43.43 -26.45 42.53
CA ALA K 151 -43.28 -27.69 41.72
C ALA K 151 -44.20 -27.68 40.50
N ASN K 152 -44.70 -26.51 40.08
CA ASN K 152 -45.62 -26.35 38.91
C ASN K 152 -46.95 -27.05 39.24
N SER K 153 -47.87 -26.31 39.87
CA SER K 153 -49.22 -26.79 40.34
C SER K 153 -49.29 -28.31 40.38
N ASP K 154 -48.81 -28.92 41.47
CA ASP K 154 -48.79 -30.39 41.69
C ASP K 154 -48.94 -30.63 43.20
N GLU K 155 -50.19 -30.68 43.68
CA GLU K 155 -50.53 -30.88 45.13
C GLU K 155 -49.85 -32.16 45.62
N SER K 156 -49.70 -33.14 44.73
CA SER K 156 -48.94 -34.41 44.91
C SER K 156 -47.61 -34.13 45.63
N ILE K 157 -46.60 -33.60 44.90
CA ILE K 157 -45.25 -33.24 45.44
C ILE K 157 -45.43 -32.22 46.57
N GLY K 158 -46.22 -31.17 46.33
CA GLY K 158 -46.51 -30.13 47.33
C GLY K 158 -46.84 -30.72 48.69
N ASN K 159 -47.71 -31.74 48.72
CA ASN K 159 -48.33 -32.28 49.97
C ASN K 159 -47.35 -33.19 50.71
N ILE K 160 -46.53 -33.98 49.98
CA ILE K 160 -45.65 -35.02 50.60
C ILE K 160 -44.46 -34.30 51.25
N ILE K 161 -44.02 -33.17 50.68
CA ILE K 161 -43.00 -32.25 51.30
C ILE K 161 -43.54 -31.74 52.64
N ALA K 162 -44.85 -31.47 52.71
CA ALA K 162 -45.54 -31.06 53.96
C ALA K 162 -45.34 -32.17 55.00
N GLU K 163 -45.87 -33.36 54.73
CA GLU K 163 -45.82 -34.54 55.65
C GLU K 163 -44.39 -34.79 56.14
N ALA K 164 -43.39 -34.64 55.27
CA ALA K 164 -41.97 -34.97 55.53
C ALA K 164 -41.33 -33.91 56.43
N MET K 165 -41.94 -32.71 56.47
CA MET K 165 -41.61 -31.64 57.46
C MET K 165 -42.52 -31.81 58.69
N LYS K 166 -43.74 -32.35 58.48
CA LYS K 166 -44.69 -32.80 59.54
C LYS K 166 -44.05 -33.93 60.37
N LYS K 167 -43.19 -34.74 59.73
CA LYS K 167 -42.46 -35.87 60.38
C LYS K 167 -41.17 -35.34 61.01
N VAL K 168 -40.12 -35.10 60.21
CA VAL K 168 -38.73 -34.86 60.73
C VAL K 168 -38.46 -33.35 60.88
N GLY K 169 -39.50 -32.57 61.24
CA GLY K 169 -39.38 -31.15 61.65
C GLY K 169 -39.02 -30.26 60.48
N LYS K 170 -39.74 -29.13 60.34
CA LYS K 170 -39.54 -28.15 59.22
C LYS K 170 -38.06 -27.74 59.14
N GLU K 171 -37.35 -27.73 60.27
CA GLU K 171 -35.93 -27.26 60.35
C GLU K 171 -34.96 -28.44 60.16
N GLY K 172 -35.40 -29.58 59.61
CA GLY K 172 -34.67 -30.87 59.70
C GLY K 172 -34.57 -31.64 58.39
N VAL K 173 -33.57 -32.54 58.32
CA VAL K 173 -33.01 -33.23 57.11
C VAL K 173 -34.13 -33.86 56.27
N ILE K 174 -34.00 -33.75 54.93
CA ILE K 174 -34.82 -34.44 53.89
C ILE K 174 -33.93 -34.73 52.67
N THR K 175 -34.16 -35.84 51.98
CA THR K 175 -33.41 -36.33 50.79
C THR K 175 -34.44 -36.74 49.73
N VAL K 176 -34.04 -36.82 48.45
CA VAL K 176 -34.92 -37.39 47.38
C VAL K 176 -34.12 -38.40 46.56
N GLU K 177 -34.61 -39.64 46.50
CA GLU K 177 -34.00 -40.77 45.75
C GLU K 177 -34.92 -41.10 44.57
N GLU K 178 -34.39 -41.78 43.57
CA GLU K 178 -35.15 -42.25 42.36
C GLU K 178 -36.21 -43.28 42.80
N GLY K 179 -37.32 -43.35 42.06
CA GLY K 179 -38.52 -44.12 42.44
C GLY K 179 -38.39 -45.60 42.13
N SER K 180 -39.33 -46.40 42.65
CA SER K 180 -39.51 -47.83 42.32
C SER K 180 -40.15 -47.95 40.94
N GLY K 181 -41.26 -47.23 40.71
CA GLY K 181 -41.88 -47.07 39.37
C GLY K 181 -43.32 -46.57 39.41
N LEU K 182 -43.54 -45.35 39.91
CA LEU K 182 -44.81 -44.56 39.82
C LEU K 182 -45.41 -44.39 41.23
N GLU K 183 -45.74 -43.14 41.58
CA GLU K 183 -46.34 -42.68 42.88
C GLU K 183 -45.23 -42.50 43.91
N ASN K 184 -45.17 -41.32 44.53
CA ASN K 184 -44.12 -40.92 45.50
C ASN K 184 -44.24 -41.79 46.76
N GLU K 185 -43.11 -42.16 47.36
CA GLU K 185 -43.04 -42.82 48.69
C GLU K 185 -42.46 -41.82 49.70
N LEU K 186 -42.53 -42.14 50.98
CA LEU K 186 -41.83 -41.40 52.07
C LEU K 186 -41.38 -42.39 53.15
N ASP K 187 -40.13 -42.25 53.60
CA ASP K 187 -39.49 -43.13 54.63
C ASP K 187 -38.76 -42.26 55.66
N VAL K 188 -39.09 -42.41 56.94
CA VAL K 188 -38.27 -41.89 58.08
C VAL K 188 -37.39 -43.03 58.59
N VAL K 189 -36.07 -42.82 58.68
CA VAL K 189 -35.05 -43.82 59.09
C VAL K 189 -33.93 -43.12 59.86
N GLU K 190 -32.99 -43.87 60.45
CA GLU K 190 -31.84 -43.31 61.21
C GLU K 190 -30.81 -42.78 60.22
N GLY K 191 -30.23 -41.61 60.50
CA GLY K 191 -29.23 -41.00 59.62
C GLY K 191 -28.73 -39.64 60.09
N MET K 192 -27.73 -39.13 59.38
CA MET K 192 -27.02 -37.87 59.69
C MET K 192 -26.84 -37.06 58.40
N GLN K 193 -26.35 -35.83 58.54
CA GLN K 193 -26.03 -34.91 57.42
C GLN K 193 -25.14 -33.78 57.93
N PHE K 194 -23.94 -33.65 57.34
CA PHE K 194 -22.92 -32.64 57.72
C PHE K 194 -22.41 -31.94 56.45
N ASP K 195 -22.34 -30.60 56.50
CA ASP K 195 -21.93 -29.73 55.36
C ASP K 195 -20.41 -29.82 55.17
N ARG K 196 -19.94 -30.98 54.73
CA ARG K 196 -18.55 -31.21 54.22
C ARG K 196 -18.65 -32.16 53.03
N GLY K 197 -18.65 -31.61 51.81
CA GLY K 197 -18.86 -32.35 50.55
C GLY K 197 -17.66 -33.21 50.16
N TYR K 198 -17.68 -33.69 48.91
CA TYR K 198 -16.65 -34.57 48.28
C TYR K 198 -15.29 -33.86 48.28
N LEU K 199 -14.19 -34.60 48.43
CA LEU K 199 -12.81 -34.04 48.47
C LEU K 199 -12.31 -33.73 47.05
N SER K 200 -13.08 -34.09 46.02
CA SER K 200 -12.76 -33.80 44.61
C SER K 200 -13.93 -34.17 43.71
N PRO K 201 -14.27 -33.28 42.75
CA PRO K 201 -15.37 -33.50 41.82
C PRO K 201 -15.17 -34.71 40.92
N TYR K 202 -14.07 -35.45 41.10
CA TYR K 202 -13.82 -36.64 40.27
C TYR K 202 -14.33 -37.90 40.95
N PHE K 203 -15.63 -37.90 41.18
CA PHE K 203 -16.42 -39.01 41.77
C PHE K 203 -17.82 -38.95 41.18
N ILE K 204 -18.39 -37.75 41.31
CA ILE K 204 -19.78 -37.38 40.90
C ILE K 204 -20.21 -38.15 39.65
N ASN K 205 -20.71 -39.36 39.87
CA ASN K 205 -21.22 -40.25 38.80
C ASN K 205 -22.47 -39.62 38.17
N ASN K 206 -23.47 -39.27 38.99
CA ASN K 206 -24.70 -38.54 38.55
C ASN K 206 -24.29 -37.12 38.11
N GLN K 207 -24.04 -36.93 36.82
CA GLN K 207 -23.52 -35.65 36.23
C GLN K 207 -24.49 -34.50 36.55
N GLN K 208 -25.81 -34.75 36.46
CA GLN K 208 -26.86 -33.72 36.63
C GLN K 208 -27.06 -33.43 38.12
N SER K 209 -27.06 -34.48 38.94
CA SER K 209 -27.33 -34.44 40.40
C SER K 209 -26.07 -33.99 41.17
N GLN K 210 -24.97 -33.70 40.45
CA GLN K 210 -23.64 -33.29 41.02
C GLN K 210 -23.24 -34.23 42.16
N SER K 211 -23.83 -35.43 42.19
CA SER K 211 -23.87 -36.34 43.37
C SER K 211 -23.04 -37.60 43.11
N ALA K 212 -22.17 -37.96 44.05
CA ALA K 212 -21.44 -39.26 44.10
C ALA K 212 -22.21 -40.23 45.01
N ASP K 213 -23.34 -40.75 44.52
CA ASP K 213 -24.21 -41.74 45.24
C ASP K 213 -23.41 -43.02 45.49
N LEU K 214 -23.77 -43.76 46.54
CA LEU K 214 -23.13 -45.06 46.91
C LEU K 214 -24.15 -45.97 47.62
N ASP K 215 -24.78 -46.85 46.86
CA ASP K 215 -25.66 -47.95 47.34
C ASP K 215 -24.77 -48.97 48.07
N ASP K 216 -25.18 -49.42 49.26
CA ASP K 216 -24.52 -50.51 50.04
C ASP K 216 -23.07 -50.15 50.37
N PRO K 217 -22.82 -49.05 51.11
CA PRO K 217 -21.45 -48.66 51.50
C PRO K 217 -20.95 -49.08 52.89
N PHE K 218 -19.62 -49.20 53.04
CA PHE K 218 -18.87 -49.27 54.31
C PHE K 218 -18.46 -47.87 54.74
N ILE K 219 -18.12 -47.67 56.02
CA ILE K 219 -17.79 -46.33 56.58
C ILE K 219 -16.57 -46.44 57.50
N LEU K 220 -15.47 -45.80 57.09
CA LEU K 220 -14.17 -45.81 57.83
C LEU K 220 -13.91 -44.41 58.40
N LEU K 221 -13.80 -44.33 59.74
CA LEU K 221 -13.72 -43.07 60.51
C LEU K 221 -12.31 -42.94 61.11
N HIS K 222 -11.59 -41.87 60.77
CA HIS K 222 -10.18 -41.63 61.15
C HIS K 222 -10.06 -40.33 61.97
N ASP K 223 -8.83 -39.87 62.23
CA ASP K 223 -8.55 -38.49 62.68
C ASP K 223 -7.07 -38.14 62.41
N LYS K 224 -6.64 -38.26 61.16
CA LYS K 224 -5.34 -37.72 60.66
C LYS K 224 -5.43 -37.52 59.14
N LYS K 225 -4.62 -36.59 58.62
CA LYS K 225 -4.60 -36.19 57.18
C LYS K 225 -3.79 -37.22 56.39
N ILE K 226 -4.24 -37.60 55.18
CA ILE K 226 -3.46 -38.48 54.24
C ILE K 226 -3.58 -37.91 52.80
N SER K 227 -2.48 -37.97 52.04
CA SER K 227 -2.29 -37.32 50.72
C SER K 227 -1.65 -38.26 49.67
N ASN K 228 -1.46 -39.53 50.02
CA ASN K 228 -0.92 -40.59 49.12
C ASN K 228 -1.74 -41.87 49.35
N VAL K 229 -1.11 -42.99 49.75
CA VAL K 229 -1.78 -44.29 50.11
C VAL K 229 -0.77 -45.18 50.86
N ARG K 230 -0.68 -46.48 50.51
CA ARG K 230 0.28 -47.48 51.09
C ARG K 230 -0.06 -47.79 52.56
N ASP K 231 -0.66 -46.81 53.25
CA ASP K 231 -0.95 -46.82 54.71
C ASP K 231 -2.10 -47.80 55.00
N LEU K 232 -3.18 -47.73 54.21
CA LEU K 232 -4.53 -48.29 54.52
C LEU K 232 -4.91 -49.45 53.60
N LEU K 233 -3.94 -50.13 52.98
CA LEU K 233 -4.18 -51.30 52.09
C LEU K 233 -4.65 -52.52 52.88
N PRO K 234 -4.51 -52.60 54.24
CA PRO K 234 -5.16 -53.67 54.99
C PRO K 234 -6.70 -53.65 54.90
N VAL K 235 -7.29 -52.47 54.71
CA VAL K 235 -8.78 -52.25 54.69
C VAL K 235 -9.30 -52.36 53.25
N LEU K 236 -8.65 -51.69 52.29
CA LEU K 236 -9.06 -51.65 50.85
C LEU K 236 -8.99 -53.05 50.22
N GLU K 237 -8.19 -53.94 50.79
CA GLU K 237 -7.98 -55.33 50.30
C GLU K 237 -9.17 -56.21 50.73
N GLY K 238 -9.88 -55.82 51.79
CA GLY K 238 -11.08 -56.52 52.30
C GLY K 238 -12.36 -55.96 51.73
N VAL K 239 -12.31 -54.74 51.20
CA VAL K 239 -13.51 -54.12 50.56
C VAL K 239 -13.50 -54.46 49.07
N ALA K 240 -12.31 -54.59 48.49
CA ALA K 240 -12.13 -54.97 47.08
C ALA K 240 -12.69 -56.36 46.84
N LYS K 241 -12.42 -57.27 47.78
CA LYS K 241 -12.93 -58.66 47.70
C LYS K 241 -14.15 -58.80 48.61
N ALA K 242 -15.15 -58.02 48.24
CA ALA K 242 -16.44 -57.88 48.93
C ALA K 242 -17.33 -57.01 48.05
N GLY K 243 -16.72 -56.03 47.39
CA GLY K 243 -17.41 -55.12 46.47
C GLY K 243 -17.70 -53.81 47.18
N LYS K 244 -18.83 -53.83 47.88
CA LYS K 244 -19.37 -52.70 48.68
C LYS K 244 -18.42 -51.49 48.67
N PRO K 245 -18.83 -50.47 47.85
CA PRO K 245 -18.08 -49.21 47.88
C PRO K 245 -17.68 -48.93 49.34
N LEU K 246 -17.10 -47.77 49.59
CA LEU K 246 -16.45 -47.44 50.89
C LEU K 246 -16.42 -45.92 51.06
N LEU K 247 -17.14 -45.39 52.05
CA LEU K 247 -16.99 -43.98 52.47
C LEU K 247 -15.72 -43.90 53.34
N ILE K 248 -14.76 -43.08 52.94
CA ILE K 248 -13.67 -42.59 53.83
C ILE K 248 -14.09 -41.21 54.34
N VAL K 249 -14.14 -41.04 55.65
CA VAL K 249 -14.18 -39.71 56.33
C VAL K 249 -13.03 -39.69 57.35
N ALA K 250 -12.12 -38.72 57.18
CA ALA K 250 -10.94 -38.46 58.04
C ALA K 250 -10.67 -36.96 58.08
N GLU K 251 -9.62 -36.53 58.78
CA GLU K 251 -9.20 -35.10 58.82
C GLU K 251 -8.90 -34.65 57.38
N GLU K 252 -8.38 -35.55 56.54
CA GLU K 252 -8.12 -35.31 55.08
C GLU K 252 -8.05 -36.63 54.33
N THR K 260 -5.08 -41.14 45.21
CA THR K 260 -4.98 -42.49 44.61
C THR K 260 -6.39 -43.10 44.41
N LEU K 261 -7.34 -42.29 43.94
CA LEU K 261 -8.76 -42.68 43.67
C LEU K 261 -9.27 -41.97 42.41
N VAL K 262 -9.10 -40.64 42.34
CA VAL K 262 -9.52 -39.78 41.19
C VAL K 262 -8.96 -40.37 39.89
N VAL K 263 -7.92 -41.22 40.00
CA VAL K 263 -7.56 -42.28 39.00
C VAL K 263 -7.22 -43.56 39.77
N ASN K 264 -8.26 -44.34 40.14
CA ASN K 264 -8.14 -45.69 40.78
C ASN K 264 -9.53 -46.27 41.11
N THR K 265 -10.46 -45.43 41.59
CA THR K 265 -11.90 -45.78 41.73
C THR K 265 -12.59 -45.57 40.39
N ILE K 266 -12.26 -44.49 39.68
CA ILE K 266 -12.82 -44.15 38.34
C ILE K 266 -12.22 -45.13 37.31
N ARG K 267 -11.03 -45.67 37.61
CA ARG K 267 -10.43 -46.84 36.91
C ARG K 267 -11.09 -48.12 37.44
N GLY K 268 -12.31 -48.00 37.99
CA GLY K 268 -13.26 -49.12 38.23
C GLY K 268 -12.83 -50.07 39.34
N ILE K 269 -11.59 -49.97 39.82
CA ILE K 269 -11.04 -50.88 40.87
C ILE K 269 -11.52 -50.39 42.24
N VAL K 270 -12.71 -50.84 42.66
CA VAL K 270 -13.32 -50.60 44.01
C VAL K 270 -13.75 -49.13 44.13
N LYS K 271 -15.02 -48.89 44.49
CA LYS K 271 -15.64 -47.53 44.58
C LYS K 271 -15.36 -46.91 45.96
N VAL K 272 -14.81 -45.69 46.00
CA VAL K 272 -14.46 -44.95 47.26
C VAL K 272 -14.67 -43.45 47.05
N VAL K 273 -15.23 -42.76 48.06
CA VAL K 273 -15.39 -41.26 48.10
C VAL K 273 -14.83 -40.74 49.44
N ALA K 274 -13.81 -39.88 49.37
CA ALA K 274 -13.18 -39.24 50.56
C ALA K 274 -13.86 -37.88 50.82
N VAL K 275 -14.10 -37.54 52.10
CA VAL K 275 -14.68 -36.24 52.56
C VAL K 275 -14.04 -35.84 53.90
N LYS K 276 -13.78 -34.55 54.10
CA LYS K 276 -13.28 -33.99 55.39
C LYS K 276 -14.37 -34.19 56.46
N ALA K 277 -13.99 -34.69 57.64
CA ALA K 277 -14.85 -34.84 58.83
C ALA K 277 -15.39 -33.48 59.27
N PRO K 278 -16.49 -33.40 60.06
CA PRO K 278 -17.13 -32.12 60.35
C PRO K 278 -16.48 -31.39 61.54
N GLY K 279 -16.86 -30.12 61.72
CA GLY K 279 -16.39 -29.27 62.84
C GLY K 279 -14.88 -29.01 62.77
N PHE K 280 -14.30 -28.54 63.87
CA PHE K 280 -12.85 -28.21 64.00
C PHE K 280 -12.35 -28.44 65.43
N GLY K 281 -11.09 -28.88 65.54
CA GLY K 281 -10.33 -29.01 66.81
C GLY K 281 -10.96 -30.01 67.77
N ASP K 282 -11.59 -29.49 68.83
CA ASP K 282 -12.08 -30.29 69.99
C ASP K 282 -13.34 -31.07 69.57
N ARG K 283 -14.44 -30.37 69.29
CA ARG K 283 -15.76 -31.00 69.00
C ARG K 283 -15.74 -31.69 67.62
N ARG K 284 -14.64 -31.60 66.86
CA ARG K 284 -14.41 -32.37 65.60
C ARG K 284 -14.20 -33.84 65.94
N LYS K 285 -13.32 -34.10 66.91
CA LYS K 285 -12.91 -35.47 67.36
C LYS K 285 -14.11 -36.15 68.03
N ALA K 286 -14.99 -35.37 68.67
CA ALA K 286 -16.23 -35.82 69.35
C ALA K 286 -17.24 -36.36 68.33
N MET K 287 -17.51 -35.60 67.26
CA MET K 287 -18.62 -35.83 66.28
C MET K 287 -18.39 -37.11 65.47
N LEU K 288 -17.18 -37.68 65.48
CA LEU K 288 -16.85 -38.95 64.78
C LEU K 288 -17.27 -40.16 65.62
N GLU K 289 -17.18 -40.06 66.96
CA GLU K 289 -17.77 -41.05 67.92
C GLU K 289 -19.30 -41.03 67.76
N ASP K 290 -19.86 -39.87 67.39
CA ASP K 290 -21.32 -39.64 67.19
C ASP K 290 -21.81 -40.34 65.92
N MET K 291 -20.97 -40.49 64.90
CA MET K 291 -21.33 -41.24 63.67
C MET K 291 -20.69 -42.64 63.70
N ALA K 292 -19.76 -42.88 64.63
CA ALA K 292 -19.23 -44.22 64.96
C ALA K 292 -20.35 -45.07 65.57
N VAL K 293 -21.18 -44.47 66.44
CA VAL K 293 -22.36 -45.11 67.09
C VAL K 293 -23.48 -45.30 66.05
N LEU K 294 -23.74 -44.26 65.22
CA LEU K 294 -24.90 -44.19 64.29
C LEU K 294 -24.71 -45.15 63.10
N THR K 295 -23.46 -45.31 62.65
CA THR K 295 -23.06 -46.26 61.57
C THR K 295 -22.74 -47.64 62.16
N GLY K 296 -22.69 -47.74 63.49
CA GLY K 296 -22.31 -48.97 64.22
C GLY K 296 -20.92 -49.44 63.85
N GLY K 297 -20.02 -48.49 63.52
CA GLY K 297 -18.59 -48.76 63.27
C GLY K 297 -17.78 -48.50 64.52
N THR K 298 -16.50 -48.13 64.34
CA THR K 298 -15.63 -47.53 65.40
C THR K 298 -14.83 -46.37 64.81
N VAL K 299 -14.36 -45.47 65.68
CA VAL K 299 -13.40 -44.38 65.34
C VAL K 299 -12.03 -45.03 65.12
N ILE K 300 -11.11 -44.33 64.47
CA ILE K 300 -9.71 -44.81 64.25
C ILE K 300 -8.77 -43.60 64.25
N SER K 301 -7.74 -43.63 65.12
CA SER K 301 -6.67 -42.60 65.25
C SER K 301 -5.50 -43.14 66.09
N GLU K 302 -4.27 -42.96 65.60
CA GLU K 302 -3.00 -43.51 66.18
C GLU K 302 -2.78 -42.93 67.59
N GLU K 303 -3.49 -41.83 67.90
CA GLU K 303 -3.68 -41.25 69.26
C GLU K 303 -4.11 -42.36 70.24
N VAL K 304 -5.40 -42.42 70.65
CA VAL K 304 -5.89 -43.46 71.60
C VAL K 304 -5.36 -44.82 71.15
N GLY K 305 -5.38 -45.06 69.83
CA GLY K 305 -4.93 -46.32 69.21
C GLY K 305 -6.07 -47.28 68.99
N LEU K 306 -6.00 -48.06 67.90
CA LEU K 306 -7.03 -49.04 67.49
C LEU K 306 -6.68 -49.58 66.10
N ALA K 307 -5.48 -50.16 65.96
CA ALA K 307 -4.92 -50.83 64.75
C ALA K 307 -5.41 -50.11 63.49
N LEU K 308 -4.66 -49.09 63.08
CA LEU K 308 -5.14 -47.93 62.28
C LEU K 308 -4.58 -48.03 60.86
N GLU K 309 -3.55 -48.84 60.69
CA GLU K 309 -3.15 -49.50 59.42
C GLU K 309 -3.08 -51.01 59.69
N LYS K 310 -4.03 -51.53 60.47
CA LYS K 310 -4.13 -52.98 60.77
C LYS K 310 -5.54 -53.34 61.27
N ALA K 311 -6.57 -52.62 60.78
CA ALA K 311 -8.00 -52.96 60.98
C ALA K 311 -8.53 -53.64 59.72
N THR K 312 -9.31 -54.72 59.87
CA THR K 312 -10.04 -55.39 58.75
C THR K 312 -11.39 -54.68 58.60
N ILE K 313 -12.15 -55.03 57.55
CA ILE K 313 -13.47 -54.41 57.21
C ILE K 313 -14.41 -54.44 58.43
N LYS K 314 -14.19 -55.38 59.36
CA LYS K 314 -15.06 -55.66 60.55
C LYS K 314 -15.08 -54.46 61.52
N ASP K 315 -14.05 -53.61 61.52
CA ASP K 315 -13.89 -52.48 62.49
C ASP K 315 -14.54 -51.20 61.92
N LEU K 316 -15.12 -51.28 60.73
CA LEU K 316 -15.73 -50.11 60.01
C LEU K 316 -17.21 -50.02 60.36
N GLY K 317 -17.81 -48.84 60.13
CA GLY K 317 -19.27 -48.64 60.18
C GLY K 317 -19.93 -49.14 58.91
N ARG K 318 -21.26 -49.03 58.85
CA ARG K 318 -22.09 -49.42 57.68
C ARG K 318 -23.41 -48.64 57.73
N ALA K 319 -24.05 -48.47 56.57
CA ALA K 319 -25.41 -47.93 56.37
C ALA K 319 -25.87 -48.33 54.97
N LYS K 320 -27.12 -48.07 54.59
CA LYS K 320 -27.71 -48.63 53.34
C LYS K 320 -27.26 -47.79 52.13
N LYS K 321 -27.25 -46.46 52.25
CA LYS K 321 -26.78 -45.54 51.19
C LYS K 321 -26.12 -44.31 51.82
N VAL K 322 -25.20 -43.66 51.09
CA VAL K 322 -24.60 -42.32 51.42
C VAL K 322 -24.52 -41.51 50.12
N GLN K 323 -24.84 -40.21 50.19
CA GLN K 323 -24.76 -39.28 49.03
C GLN K 323 -24.17 -37.94 49.46
N VAL K 324 -23.49 -37.28 48.51
CA VAL K 324 -22.42 -36.28 48.77
C VAL K 324 -22.44 -35.21 47.66
N SER K 325 -22.67 -33.95 48.05
CA SER K 325 -22.83 -32.78 47.14
C SER K 325 -21.54 -31.98 47.08
N LYS K 326 -21.57 -30.89 46.30
CA LYS K 326 -20.62 -29.74 46.34
C LYS K 326 -20.09 -29.59 47.77
N GLU K 327 -20.97 -29.30 48.72
CA GLU K 327 -20.64 -28.96 50.13
C GLU K 327 -21.70 -29.59 51.06
N ASN K 328 -21.82 -30.91 51.01
CA ASN K 328 -22.82 -31.69 51.82
C ASN K 328 -22.54 -33.19 51.68
N THR K 329 -22.65 -33.94 52.78
CA THR K 329 -22.70 -35.44 52.81
C THR K 329 -23.82 -35.86 53.77
N THR K 330 -24.57 -36.91 53.41
CA THR K 330 -25.63 -37.50 54.27
C THR K 330 -25.36 -39.01 54.39
N ILE K 331 -25.52 -39.54 55.61
CA ILE K 331 -25.43 -41.00 55.92
C ILE K 331 -26.87 -41.49 56.16
N ILE K 332 -27.38 -42.33 55.26
CA ILE K 332 -28.83 -42.72 55.20
C ILE K 332 -28.99 -44.17 55.69
N ASP K 333 -29.79 -44.35 56.74
CA ASP K 333 -30.18 -45.68 57.29
C ASP K 333 -28.96 -46.30 57.98
N GLY K 334 -28.56 -45.70 59.10
CA GLY K 334 -27.37 -46.07 59.90
C GLY K 334 -27.58 -47.39 60.64
N ALA K 335 -26.88 -48.44 60.19
CA ALA K 335 -26.93 -49.81 60.75
C ALA K 335 -26.30 -49.87 62.14
N GLY K 336 -25.99 -48.72 62.73
CA GLY K 336 -25.77 -48.60 64.18
C GLY K 336 -27.05 -48.90 64.95
N ASP K 337 -27.09 -50.05 65.63
CA ASP K 337 -28.29 -50.54 66.37
C ASP K 337 -28.76 -49.45 67.34
N SER K 338 -30.09 -49.33 67.51
CA SER K 338 -30.77 -48.44 68.49
C SER K 338 -30.09 -48.60 69.87
N ALA K 339 -29.74 -49.85 70.21
CA ALA K 339 -28.96 -50.27 71.41
C ALA K 339 -28.06 -49.12 71.87
N ALA K 340 -27.01 -48.82 71.11
CA ALA K 340 -25.99 -47.80 71.43
C ALA K 340 -26.63 -46.41 71.39
N ILE K 341 -27.18 -46.05 70.22
CA ILE K 341 -27.74 -44.70 69.90
C ILE K 341 -28.50 -44.14 71.12
N GLU K 342 -29.62 -44.75 71.47
CA GLU K 342 -30.61 -44.22 72.47
C GLU K 342 -29.91 -43.83 73.78
N SER K 343 -29.00 -44.68 74.27
CA SER K 343 -28.21 -44.46 75.51
C SER K 343 -27.08 -43.45 75.24
N ARG K 344 -26.54 -43.47 74.02
CA ARG K 344 -25.49 -42.52 73.53
C ARG K 344 -26.11 -41.14 73.30
N VAL K 345 -27.41 -41.07 72.97
CA VAL K 345 -28.20 -39.80 73.02
C VAL K 345 -28.32 -39.41 74.50
N GLY K 346 -28.64 -40.41 75.34
CA GLY K 346 -28.62 -40.32 76.82
C GLY K 346 -27.34 -39.69 77.33
N GLN K 347 -26.18 -40.20 76.90
CA GLN K 347 -24.81 -39.74 77.25
C GLN K 347 -24.70 -38.21 77.07
N ILE K 348 -25.49 -37.64 76.17
CA ILE K 348 -25.46 -36.20 75.81
C ILE K 348 -26.72 -35.51 76.35
N LYS K 349 -27.87 -36.20 76.36
CA LYS K 349 -29.13 -35.75 77.01
C LYS K 349 -28.82 -35.17 78.39
N THR K 350 -28.06 -35.92 79.19
CA THR K 350 -27.69 -35.60 80.60
C THR K 350 -26.26 -35.04 80.65
N GLN K 351 -25.78 -34.43 79.55
CA GLN K 351 -24.49 -33.70 79.47
C GLN K 351 -24.77 -32.20 79.28
N ILE K 352 -26.05 -31.84 79.22
CA ILE K 352 -26.59 -30.47 78.91
C ILE K 352 -27.11 -29.83 80.20
N GLU K 353 -27.69 -30.64 81.10
CA GLU K 353 -28.10 -30.21 82.46
C GLU K 353 -26.85 -29.96 83.31
N ASP K 354 -25.66 -30.28 82.77
CA ASP K 354 -24.32 -30.17 83.42
C ASP K 354 -23.58 -28.92 82.92
N THR K 355 -23.86 -28.48 81.69
CA THR K 355 -23.02 -27.55 80.90
C THR K 355 -22.71 -26.26 81.66
N SER K 356 -21.57 -25.65 81.35
CA SER K 356 -21.12 -24.33 81.85
C SER K 356 -22.07 -23.23 81.34
N SER K 357 -22.07 -23.02 80.02
CA SER K 357 -22.47 -21.76 79.35
C SER K 357 -23.66 -21.99 78.40
N ASP K 358 -24.00 -20.97 77.61
CA ASP K 358 -25.07 -21.00 76.57
C ASP K 358 -24.51 -21.55 75.26
N TYR K 359 -23.26 -21.21 74.92
CA TYR K 359 -22.56 -21.67 73.69
C TYR K 359 -22.46 -23.20 73.70
N ASP K 360 -21.69 -23.74 74.67
CA ASP K 360 -21.51 -25.20 74.90
C ASP K 360 -22.83 -25.95 74.64
N ARG K 361 -23.94 -25.38 75.10
CA ARG K 361 -25.30 -25.97 75.08
C ARG K 361 -25.75 -26.26 73.64
N GLU K 362 -25.29 -25.47 72.67
CA GLU K 362 -25.79 -25.49 71.26
C GLU K 362 -24.94 -26.46 70.41
N LYS K 363 -23.62 -26.48 70.61
CA LYS K 363 -22.71 -27.44 69.90
C LYS K 363 -23.09 -28.87 70.29
N LEU K 364 -23.62 -29.05 71.50
CA LEU K 364 -24.19 -30.32 72.02
C LEU K 364 -25.50 -30.63 71.30
N GLN K 365 -26.47 -29.71 71.36
CA GLN K 365 -27.86 -29.92 70.86
C GLN K 365 -27.89 -29.98 69.34
N GLU K 366 -26.88 -29.43 68.65
CA GLU K 366 -26.68 -29.64 67.19
C GLU K 366 -26.34 -31.12 66.94
N ARG K 367 -25.94 -31.85 67.98
CA ARG K 367 -25.59 -33.31 67.90
C ARG K 367 -26.67 -34.19 68.53
N VAL K 368 -27.71 -33.60 69.14
CA VAL K 368 -28.89 -34.36 69.67
C VAL K 368 -29.96 -34.44 68.57
N ALA K 369 -30.12 -33.35 67.80
CA ALA K 369 -30.98 -33.28 66.59
C ALA K 369 -30.41 -34.23 65.54
N LYS K 370 -29.11 -34.10 65.26
CA LYS K 370 -28.38 -34.88 64.21
C LYS K 370 -28.51 -36.38 64.48
N LEU K 371 -28.48 -36.79 65.76
CA LEU K 371 -28.37 -38.23 66.13
C LEU K 371 -29.77 -38.86 66.17
N ALA K 372 -30.71 -38.23 66.88
CA ALA K 372 -32.15 -38.60 66.88
C ALA K 372 -32.81 -38.03 65.61
N GLY K 373 -33.54 -36.91 65.73
CA GLY K 373 -34.14 -36.12 64.63
C GLY K 373 -34.50 -36.97 63.41
N GLY K 374 -33.48 -37.54 62.75
CA GLY K 374 -33.65 -38.56 61.70
C GLY K 374 -33.49 -37.97 60.31
N VAL K 375 -33.88 -38.76 59.30
CA VAL K 375 -33.70 -38.47 57.84
C VAL K 375 -34.96 -38.91 57.09
N ALA K 376 -35.73 -37.96 56.55
CA ALA K 376 -36.93 -38.23 55.72
C ALA K 376 -36.52 -38.37 54.26
N VAL K 377 -36.81 -39.51 53.65
CA VAL K 377 -36.35 -39.85 52.27
C VAL K 377 -37.59 -39.90 51.35
N ILE K 378 -37.69 -38.94 50.43
CA ILE K 378 -38.73 -38.90 49.36
C ILE K 378 -38.26 -39.79 48.19
N LYS K 379 -38.82 -40.99 48.09
CA LYS K 379 -38.65 -41.87 46.90
C LYS K 379 -39.60 -41.34 45.83
N VAL K 380 -39.10 -41.10 44.61
CA VAL K 380 -39.71 -40.19 43.60
C VAL K 380 -40.76 -40.94 42.77
N GLY K 381 -42.02 -40.50 42.87
CA GLY K 381 -43.15 -40.93 42.02
C GLY K 381 -42.80 -40.82 40.55
N ALA K 382 -42.50 -41.96 39.94
CA ALA K 382 -41.81 -42.07 38.64
C ALA K 382 -42.81 -42.12 37.47
N SER K 383 -43.22 -43.32 37.05
CA SER K 383 -43.97 -43.59 35.79
C SER K 383 -43.10 -43.26 34.57
N THR K 384 -42.48 -44.29 33.98
CA THR K 384 -41.66 -44.23 32.73
C THR K 384 -40.40 -43.37 32.98
N GLU K 385 -39.23 -43.98 32.78
CA GLU K 385 -37.89 -43.49 33.21
C GLU K 385 -37.78 -41.96 33.06
N ILE K 386 -38.14 -41.41 31.90
CA ILE K 386 -37.73 -40.03 31.50
C ILE K 386 -38.35 -39.00 32.44
N GLU K 387 -39.67 -39.06 32.68
CA GLU K 387 -40.39 -38.07 33.54
C GLU K 387 -39.88 -38.19 34.99
N MET K 388 -39.53 -39.41 35.43
CA MET K 388 -39.08 -39.68 36.82
C MET K 388 -37.87 -38.82 37.17
N LYS K 389 -36.85 -38.77 36.30
CA LYS K 389 -35.59 -38.00 36.50
C LYS K 389 -35.91 -36.49 36.41
N GLU K 390 -36.96 -36.13 35.67
CA GLU K 390 -37.49 -34.75 35.58
C GLU K 390 -38.30 -34.46 36.86
N LYS K 391 -39.24 -35.34 37.20
CA LYS K 391 -40.12 -35.23 38.41
C LYS K 391 -39.25 -35.21 39.66
N LYS K 392 -38.12 -35.92 39.63
CA LYS K 392 -37.06 -35.91 40.68
C LYS K 392 -36.58 -34.48 40.86
N ALA K 393 -36.08 -33.87 39.78
CA ALA K 393 -35.45 -32.53 39.75
C ALA K 393 -36.42 -31.46 40.25
N ARG K 394 -37.71 -31.57 39.88
CA ARG K 394 -38.82 -30.66 40.28
C ARG K 394 -38.86 -30.52 41.80
N VAL K 395 -38.58 -31.62 42.51
CA VAL K 395 -38.79 -31.79 43.98
C VAL K 395 -37.65 -31.08 44.74
N GLU K 396 -36.40 -31.22 44.29
CA GLU K 396 -35.21 -30.54 44.89
C GLU K 396 -35.49 -29.05 45.03
N ASP K 397 -35.87 -28.41 43.92
CA ASP K 397 -36.15 -26.95 43.81
C ASP K 397 -37.35 -26.59 44.69
N ALA K 398 -38.35 -27.48 44.78
CA ALA K 398 -39.54 -27.32 45.66
C ALA K 398 -39.11 -27.40 47.12
N LEU K 399 -38.12 -28.25 47.43
CA LEU K 399 -37.61 -28.42 48.81
C LEU K 399 -36.87 -27.14 49.22
N HIS K 400 -35.81 -26.74 48.49
CA HIS K 400 -34.96 -25.56 48.82
C HIS K 400 -35.89 -24.34 48.96
N ALA K 401 -36.83 -24.19 48.03
CA ALA K 401 -37.86 -23.14 48.04
C ALA K 401 -38.58 -23.20 49.40
N THR K 402 -39.30 -24.30 49.65
CA THR K 402 -40.09 -24.55 50.90
C THR K 402 -39.22 -24.28 52.13
N ARG K 403 -37.96 -24.75 52.11
CA ARG K 403 -37.02 -24.55 53.24
C ARG K 403 -36.82 -23.03 53.46
N ALA K 404 -36.20 -22.36 52.49
CA ALA K 404 -35.95 -20.89 52.49
C ALA K 404 -37.26 -20.12 52.74
N ALA K 405 -38.40 -20.72 52.38
CA ALA K 405 -39.76 -20.14 52.49
C ALA K 405 -40.28 -20.30 53.92
N VAL K 406 -39.97 -21.42 54.57
CA VAL K 406 -40.30 -21.67 56.01
C VAL K 406 -39.46 -20.71 56.86
N GLU K 407 -38.17 -20.59 56.54
CA GLU K 407 -37.18 -19.79 57.33
C GLU K 407 -37.64 -18.33 57.45
N GLU K 408 -37.91 -17.67 56.32
CA GLU K 408 -38.13 -16.20 56.26
C GLU K 408 -39.46 -15.83 55.60
N GLY K 409 -40.37 -16.79 55.44
CA GLY K 409 -41.70 -16.53 54.83
C GLY K 409 -41.58 -16.22 53.35
N VAL K 410 -42.66 -15.67 52.76
CA VAL K 410 -42.73 -15.35 51.30
C VAL K 410 -43.28 -13.93 51.11
N VAL K 411 -43.13 -13.45 49.87
CA VAL K 411 -43.54 -12.11 49.35
C VAL K 411 -44.02 -12.29 47.93
N PRO K 412 -44.83 -11.36 47.37
CA PRO K 412 -45.37 -11.52 46.01
C PRO K 412 -44.28 -11.43 44.92
N GLY K 413 -44.32 -12.34 43.95
CA GLY K 413 -43.29 -12.50 42.90
C GLY K 413 -43.41 -11.48 41.78
N GLY K 414 -43.10 -11.87 40.53
CA GLY K 414 -42.99 -10.94 39.38
C GLY K 414 -42.05 -9.78 39.69
N GLY K 415 -41.32 -9.85 40.81
CA GLY K 415 -40.40 -8.80 41.28
C GLY K 415 -41.13 -7.56 41.78
N VAL K 416 -42.32 -7.71 42.38
CA VAL K 416 -43.12 -6.59 42.97
C VAL K 416 -42.80 -6.46 44.47
N ALA K 417 -42.30 -7.50 45.11
CA ALA K 417 -41.78 -7.43 46.50
C ALA K 417 -40.82 -6.24 46.61
N LEU K 418 -39.87 -6.16 45.66
CA LEU K 418 -38.77 -5.15 45.61
C LEU K 418 -39.35 -3.73 45.43
N VAL K 419 -40.41 -3.57 44.64
CA VAL K 419 -40.99 -2.23 44.31
C VAL K 419 -41.98 -1.86 45.42
N ARG K 420 -42.63 -2.85 46.03
CA ARG K 420 -43.45 -2.63 47.25
C ARG K 420 -42.54 -2.08 48.36
N ALA K 421 -41.27 -2.51 48.37
CA ALA K 421 -40.19 -1.96 49.21
C ALA K 421 -39.92 -0.49 48.83
N LEU K 422 -39.54 -0.24 47.57
CA LEU K 422 -39.22 1.12 47.05
C LEU K 422 -40.11 2.17 47.70
N VAL K 423 -41.42 2.09 47.38
CA VAL K 423 -42.41 3.18 47.61
C VAL K 423 -42.50 3.49 49.10
N ALA K 424 -42.28 2.48 49.95
CA ALA K 424 -42.36 2.56 51.43
C ALA K 424 -41.18 3.40 51.97
N VAL K 425 -39.98 3.15 51.46
CA VAL K 425 -38.70 3.84 51.88
C VAL K 425 -38.24 4.76 50.75
N GLY K 426 -39.05 5.73 50.33
CA GLY K 426 -38.70 6.51 49.12
C GLY K 426 -38.24 7.92 49.46
N ASN K 427 -38.50 8.34 50.69
CA ASN K 427 -38.18 9.71 51.14
C ASN K 427 -36.71 9.83 51.50
N LEU K 428 -36.04 8.70 51.66
CA LEU K 428 -34.70 8.65 52.27
C LEU K 428 -33.69 9.65 51.73
N THR K 429 -32.87 10.09 52.68
CA THR K 429 -31.78 11.04 52.50
C THR K 429 -30.62 10.60 53.37
N GLY K 430 -29.41 10.67 52.84
CA GLY K 430 -28.22 10.29 53.62
C GLY K 430 -27.43 11.51 54.07
N ALA K 431 -26.13 11.30 54.30
CA ALA K 431 -25.16 12.27 54.87
C ALA K 431 -25.08 13.53 53.99
N ASN K 432 -24.52 13.41 52.78
CA ASN K 432 -24.39 14.52 51.80
C ASN K 432 -24.99 14.06 50.46
N GLU K 433 -25.13 14.98 49.49
CA GLU K 433 -25.99 14.80 48.28
C GLU K 433 -25.41 13.70 47.37
N ASP K 434 -24.08 13.52 47.38
CA ASP K 434 -23.36 12.38 46.74
C ASP K 434 -23.91 11.04 47.29
N GLN K 435 -24.11 10.95 48.61
CA GLN K 435 -24.63 9.73 49.28
C GLN K 435 -26.10 9.53 48.90
N THR K 436 -26.95 10.55 49.04
CA THR K 436 -28.42 10.40 48.81
C THR K 436 -28.64 10.08 47.33
N HIS K 437 -27.74 10.49 46.44
CA HIS K 437 -27.72 10.04 45.02
C HIS K 437 -27.59 8.52 45.03
N GLY K 438 -26.58 7.98 45.71
CA GLY K 438 -26.35 6.53 45.91
C GLY K 438 -27.60 5.80 46.42
N ILE K 439 -28.43 6.51 47.19
CA ILE K 439 -29.72 5.99 47.75
C ILE K 439 -30.75 5.87 46.61
N GLN K 440 -30.89 6.90 45.79
CA GLN K 440 -31.87 6.94 44.65
C GLN K 440 -31.42 6.01 43.51
N ILE K 441 -30.10 5.85 43.27
CA ILE K 441 -29.55 4.95 42.18
C ILE K 441 -29.72 3.49 42.60
N ALA K 442 -29.84 3.22 43.91
CA ALA K 442 -30.15 1.87 44.45
C ALA K 442 -31.63 1.56 44.27
N LEU K 443 -32.50 2.55 44.48
CA LEU K 443 -33.97 2.37 44.42
C LEU K 443 -34.38 2.15 42.95
N ARG K 444 -33.90 2.94 42.01
CA ARG K 444 -34.20 2.72 40.55
C ARG K 444 -33.79 1.31 40.10
N ALA K 445 -32.80 0.68 40.76
CA ALA K 445 -32.39 -0.70 40.43
C ALA K 445 -33.50 -1.68 40.83
N MET K 446 -34.15 -1.46 41.98
CA MET K 446 -35.19 -2.37 42.54
C MET K 446 -36.45 -2.36 41.67
N GLU K 447 -36.62 -1.35 40.82
CA GLU K 447 -37.64 -1.34 39.73
C GLU K 447 -37.23 -2.32 38.63
N ALA K 448 -35.93 -2.54 38.43
CA ALA K 448 -35.33 -3.23 37.25
C ALA K 448 -35.87 -4.65 37.07
N PRO K 449 -35.89 -5.54 38.10
CA PRO K 449 -36.42 -6.89 37.93
C PRO K 449 -37.83 -6.93 37.31
N LEU K 450 -38.82 -6.22 37.88
CA LEU K 450 -40.20 -6.14 37.33
C LEU K 450 -40.10 -5.69 35.87
N ARG K 451 -39.49 -4.53 35.63
CA ARG K 451 -39.37 -3.91 34.28
C ARG K 451 -38.92 -4.97 33.27
N GLU K 452 -37.85 -5.70 33.56
CA GLU K 452 -37.22 -6.60 32.56
C GLU K 452 -38.15 -7.78 32.26
N ILE K 453 -39.05 -8.16 33.18
CA ILE K 453 -40.10 -9.20 32.92
C ILE K 453 -41.18 -8.60 32.03
N VAL K 454 -41.75 -7.47 32.44
CA VAL K 454 -42.82 -6.77 31.68
C VAL K 454 -42.37 -6.56 30.24
N ALA K 455 -41.12 -6.10 30.03
CA ALA K 455 -40.47 -5.92 28.71
C ALA K 455 -40.44 -7.26 27.97
N ASN K 456 -39.86 -8.29 28.58
CA ASN K 456 -39.80 -9.67 28.01
C ASN K 456 -41.17 -10.05 27.43
N ALA K 457 -42.26 -9.74 28.14
CA ALA K 457 -43.66 -10.04 27.73
C ALA K 457 -44.01 -9.32 26.42
N GLY K 458 -43.48 -8.11 26.20
CA GLY K 458 -43.71 -7.29 24.99
C GLY K 458 -44.39 -5.97 25.31
N GLU K 459 -44.94 -5.85 26.53
CA GLU K 459 -45.71 -4.67 27.03
C GLU K 459 -44.77 -3.50 27.35
N GLU K 460 -45.30 -2.47 28.01
CA GLU K 460 -44.64 -1.15 28.25
C GLU K 460 -44.10 -1.08 29.66
N PRO K 461 -42.76 -1.13 29.87
CA PRO K 461 -42.20 -1.21 31.23
C PRO K 461 -42.68 -0.09 32.15
N SER K 462 -42.41 1.17 31.79
CA SER K 462 -42.71 2.38 32.60
C SER K 462 -44.16 2.36 33.11
N VAL K 463 -45.13 2.27 32.20
CA VAL K 463 -46.59 2.40 32.47
C VAL K 463 -46.98 1.37 33.53
N ILE K 464 -46.67 0.11 33.25
CA ILE K 464 -47.09 -1.05 34.09
C ILE K 464 -46.49 -0.88 35.50
N LEU K 465 -45.24 -0.47 35.60
CA LEU K 465 -44.56 -0.34 36.91
C LEU K 465 -45.20 0.81 37.71
N ASN K 466 -45.57 1.91 37.05
CA ASN K 466 -46.31 3.05 37.69
C ASN K 466 -47.64 2.52 38.26
N LYS K 467 -48.31 1.61 37.54
CA LYS K 467 -49.62 1.03 37.96
C LYS K 467 -49.41 0.26 39.27
N VAL K 468 -48.39 -0.60 39.32
CA VAL K 468 -48.04 -1.41 40.54
C VAL K 468 -47.55 -0.45 41.63
N LYS K 469 -46.60 0.43 41.32
CA LYS K 469 -46.11 1.46 42.28
C LYS K 469 -47.33 2.14 42.92
N GLU K 470 -48.34 2.50 42.11
CA GLU K 470 -49.50 3.32 42.55
C GLU K 470 -50.43 2.48 43.44
N GLY K 471 -50.41 1.16 43.29
CA GLY K 471 -51.21 0.22 44.11
C GLY K 471 -50.57 -0.07 45.46
N THR K 472 -51.36 -0.68 46.37
CA THR K 472 -51.00 -1.00 47.78
C THR K 472 -50.96 -2.52 47.94
N GLY K 473 -51.43 -3.03 49.09
CA GLY K 473 -51.66 -4.47 49.37
C GLY K 473 -50.62 -5.38 48.73
N ASN K 474 -51.06 -6.54 48.23
CA ASN K 474 -50.21 -7.57 47.56
C ASN K 474 -50.32 -7.43 46.04
N TYR K 475 -50.58 -6.21 45.55
CA TYR K 475 -51.00 -5.89 44.15
C TYR K 475 -49.80 -6.05 43.21
N GLY K 476 -50.03 -6.60 42.01
CA GLY K 476 -48.97 -6.79 40.99
C GLY K 476 -49.49 -6.96 39.58
N TYR K 477 -48.69 -7.62 38.73
CA TYR K 477 -48.94 -7.80 37.27
C TYR K 477 -48.58 -9.23 36.88
N ASN K 478 -49.58 -10.12 36.84
CA ASN K 478 -49.39 -11.53 36.41
C ASN K 478 -49.06 -11.51 34.91
N ALA K 479 -47.80 -11.76 34.55
CA ALA K 479 -47.22 -11.39 33.24
C ALA K 479 -47.54 -12.42 32.15
N ALA K 480 -47.91 -13.66 32.54
CA ALA K 480 -48.26 -14.75 31.60
C ALA K 480 -49.73 -14.60 31.18
N ASN K 481 -50.62 -14.38 32.15
CA ASN K 481 -52.05 -14.01 31.95
C ASN K 481 -52.07 -12.65 31.24
N GLY K 482 -51.62 -11.60 31.95
CA GLY K 482 -51.57 -10.22 31.46
C GLY K 482 -52.48 -9.29 32.25
N GLU K 483 -52.88 -9.67 33.46
CA GLU K 483 -53.84 -8.89 34.30
C GLU K 483 -53.26 -8.62 35.69
N PHE K 484 -53.98 -7.79 36.47
CA PHE K 484 -53.57 -7.18 37.76
C PHE K 484 -54.43 -7.71 38.91
N GLY K 485 -53.79 -8.15 39.99
CA GLY K 485 -54.49 -8.70 41.17
C GLY K 485 -53.54 -9.00 42.31
N ASP K 486 -54.06 -9.60 43.39
CA ASP K 486 -53.27 -10.06 44.57
C ASP K 486 -52.36 -11.20 44.10
N MET K 487 -51.09 -10.87 43.86
CA MET K 487 -50.05 -11.81 43.34
C MET K 487 -50.05 -13.09 44.18
N VAL K 488 -50.61 -13.05 45.40
CA VAL K 488 -50.79 -14.23 46.28
C VAL K 488 -51.89 -15.13 45.69
N GLU K 489 -53.07 -14.55 45.40
CA GLU K 489 -54.28 -15.32 44.98
C GLU K 489 -54.12 -15.85 43.55
N PHE K 490 -53.19 -15.30 42.76
CA PHE K 490 -52.75 -15.84 41.45
C PHE K 490 -51.74 -16.97 41.70
N GLY K 491 -51.08 -16.93 42.85
CA GLY K 491 -50.15 -17.99 43.32
C GLY K 491 -48.72 -17.76 42.84
N ILE K 492 -48.27 -16.49 42.86
CA ILE K 492 -46.97 -16.04 42.29
C ILE K 492 -46.15 -15.46 43.44
N LEU K 493 -45.20 -16.24 44.00
CA LEU K 493 -44.47 -15.86 45.24
C LEU K 493 -42.98 -16.16 45.09
N ASP K 494 -42.17 -15.37 45.78
CA ASP K 494 -40.72 -15.60 45.97
C ASP K 494 -40.48 -15.70 47.48
N PRO K 495 -39.81 -16.77 47.98
CA PRO K 495 -39.27 -16.76 49.32
C PRO K 495 -38.56 -15.43 49.63
N THR K 496 -39.02 -14.74 50.67
CA THR K 496 -38.42 -13.48 51.18
C THR K 496 -36.90 -13.60 51.13
N LYS K 497 -36.38 -14.77 51.54
CA LYS K 497 -34.92 -15.06 51.65
C LYS K 497 -34.24 -14.80 50.30
N VAL K 498 -34.75 -15.41 49.24
CA VAL K 498 -34.09 -15.36 47.89
C VAL K 498 -34.12 -13.92 47.36
N THR K 499 -35.21 -13.19 47.58
CA THR K 499 -35.37 -11.77 47.15
C THR K 499 -34.40 -10.89 47.95
N ARG K 500 -34.41 -11.03 49.29
CA ARG K 500 -33.44 -10.39 50.23
C ARG K 500 -32.00 -10.72 49.81
N SER K 501 -31.72 -12.02 49.62
CA SER K 501 -30.40 -12.59 49.25
C SER K 501 -29.91 -11.97 47.94
N ALA K 502 -30.73 -12.05 46.90
CA ALA K 502 -30.47 -11.48 45.56
C ALA K 502 -29.97 -10.04 45.71
N LEU K 503 -30.75 -9.21 46.41
CA LEU K 503 -30.54 -7.74 46.56
C LEU K 503 -29.15 -7.47 47.17
N GLN K 504 -28.85 -8.09 48.30
CA GLN K 504 -27.61 -7.84 49.08
C GLN K 504 -26.38 -8.27 48.27
N ASN K 505 -26.46 -9.44 47.61
CA ASN K 505 -25.36 -10.03 46.79
C ASN K 505 -24.99 -9.11 45.63
N ALA K 506 -25.99 -8.44 45.05
CA ALA K 506 -25.80 -7.47 43.94
C ALA K 506 -25.19 -6.18 44.49
N ALA K 507 -25.73 -5.67 45.60
CA ALA K 507 -25.29 -4.41 46.24
C ALA K 507 -23.82 -4.52 46.67
N SER K 508 -23.35 -5.73 47.00
CA SER K 508 -21.95 -5.99 47.41
C SER K 508 -21.00 -5.72 46.24
N ILE K 509 -21.10 -6.53 45.18
CA ILE K 509 -20.19 -6.47 43.99
C ILE K 509 -20.35 -5.12 43.31
N ALA K 510 -21.54 -4.52 43.36
CA ALA K 510 -21.79 -3.13 42.92
C ALA K 510 -20.76 -2.23 43.61
N GLY K 511 -20.87 -2.10 44.93
CA GLY K 511 -19.91 -1.35 45.78
C GLY K 511 -18.46 -1.61 45.40
N LEU K 512 -18.10 -2.88 45.17
CA LEU K 512 -16.70 -3.32 44.85
C LEU K 512 -16.27 -2.75 43.49
N MET K 513 -17.11 -2.88 42.47
CA MET K 513 -16.78 -2.45 41.08
C MET K 513 -16.79 -0.94 40.96
N ILE K 514 -17.63 -0.25 41.72
CA ILE K 514 -17.63 1.25 41.80
C ILE K 514 -16.28 1.69 42.39
N THR K 515 -15.84 1.05 43.47
CA THR K 515 -14.64 1.49 44.24
C THR K 515 -13.37 0.87 43.64
N THR K 516 -13.49 0.12 42.53
CA THR K 516 -12.30 -0.39 41.77
C THR K 516 -11.64 0.80 41.08
N GLU K 517 -10.33 0.66 40.83
CA GLU K 517 -9.46 1.76 40.33
C GLU K 517 -8.39 1.23 39.38
N ALA K 518 -7.93 -0.01 39.60
CA ALA K 518 -6.90 -0.68 38.78
C ALA K 518 -7.27 -2.14 38.59
N MET K 519 -6.83 -2.72 37.48
CA MET K 519 -7.02 -4.14 37.13
C MET K 519 -5.75 -4.66 36.45
N VAL K 520 -5.34 -5.86 36.84
CA VAL K 520 -4.09 -6.51 36.36
C VAL K 520 -4.49 -7.81 35.66
N ALA K 521 -4.22 -7.89 34.36
CA ALA K 521 -4.56 -9.04 33.49
C ALA K 521 -3.32 -9.50 32.74
N ASP K 522 -3.28 -10.78 32.35
CA ASP K 522 -2.15 -11.41 31.59
C ASP K 522 -2.07 -10.77 30.19
N ALA K 523 -0.85 -10.69 29.63
CA ALA K 523 -0.54 -9.95 28.39
C ALA K 523 -0.82 -10.81 27.16
N PRO K 524 -1.48 -10.27 26.11
CA PRO K 524 -1.92 -11.05 24.96
C PRO K 524 -0.93 -12.09 24.38
N LYS K 525 0.26 -11.65 23.95
CA LYS K 525 1.17 -12.43 23.06
C LYS K 525 1.90 -13.53 23.84
N ALA L 1 23.55 -13.39 23.76
CA ALA L 1 22.42 -12.67 23.11
C ALA L 1 22.84 -11.23 22.77
N ALA L 2 22.37 -10.71 21.63
CA ALA L 2 22.28 -9.26 21.40
C ALA L 2 21.62 -8.65 22.64
N LYS L 3 22.06 -7.45 23.01
CA LYS L 3 21.47 -6.68 24.13
C LYS L 3 20.98 -5.36 23.55
N ASP L 4 19.72 -5.03 23.75
CA ASP L 4 19.25 -3.62 23.56
C ASP L 4 19.87 -2.87 24.74
N ILE L 5 20.73 -1.89 24.47
CA ILE L 5 21.40 -1.13 25.58
C ILE L 5 21.16 0.36 25.36
N ARG L 6 20.36 0.95 26.25
CA ARG L 6 19.86 2.35 26.20
C ARG L 6 20.68 3.23 27.15
N PHE L 7 20.61 4.56 27.00
CA PHE L 7 21.51 5.53 27.68
C PHE L 7 20.75 6.73 28.28
N GLY L 8 21.49 7.46 29.12
CA GLY L 8 21.12 8.76 29.73
C GLY L 8 19.62 8.98 29.80
N GLU L 9 19.11 9.87 28.94
CA GLU L 9 17.76 10.46 29.12
C GLU L 9 16.68 9.43 28.82
N ASP L 10 16.69 8.82 27.63
CA ASP L 10 15.62 7.86 27.19
C ASP L 10 16.01 6.45 27.64
N ALA L 11 16.66 6.34 28.81
CA ALA L 11 16.80 5.11 29.62
C ALA L 11 16.21 5.35 31.01
N ARG L 12 16.55 6.49 31.64
CA ARG L 12 15.91 6.99 32.88
C ARG L 12 14.39 7.17 32.65
N THR L 13 14.02 7.75 31.49
CA THR L 13 12.61 8.03 31.10
C THR L 13 11.76 6.76 31.17
N ARG L 14 12.31 5.64 30.69
CA ARG L 14 11.60 4.35 30.66
C ARG L 14 11.31 3.94 32.11
N MET L 15 12.37 3.84 32.92
CA MET L 15 12.27 3.47 34.36
C MET L 15 11.07 4.24 34.96
N VAL L 16 11.17 5.57 35.03
CA VAL L 16 10.12 6.43 35.63
C VAL L 16 8.73 5.88 35.25
N ARG L 17 8.41 5.77 33.95
CA ARG L 17 7.11 5.21 33.46
C ARG L 17 6.80 3.92 34.24
N GLY L 18 7.77 3.00 34.28
CA GLY L 18 7.64 1.65 34.86
C GLY L 18 7.57 1.64 36.38
N VAL L 19 7.97 2.71 37.06
CA VAL L 19 7.81 2.81 38.54
C VAL L 19 6.44 3.45 38.83
N ASN L 20 6.01 4.40 38.01
CA ASN L 20 4.65 5.00 38.14
C ASN L 20 3.62 3.88 38.00
N VAL L 21 3.65 3.12 36.90
CA VAL L 21 2.70 1.98 36.69
C VAL L 21 2.55 1.30 38.05
N LEU L 22 3.67 0.78 38.58
CA LEU L 22 3.73 -0.01 39.85
C LEU L 22 3.13 0.78 41.00
N ALA L 23 3.55 2.03 41.17
CA ALA L 23 3.20 2.89 42.33
C ALA L 23 1.72 3.25 42.25
N ASN L 24 1.24 3.52 41.04
CA ASN L 24 -0.17 3.89 40.79
C ASN L 24 -1.06 2.69 41.12
N ALA L 25 -0.72 1.51 40.60
CA ALA L 25 -1.40 0.25 40.93
C ALA L 25 -1.51 0.15 42.47
N VAL L 26 -0.38 0.24 43.14
CA VAL L 26 -0.26 -0.04 44.61
C VAL L 26 -0.98 1.07 45.39
N LYS L 27 -0.60 2.34 45.22
CA LYS L 27 -1.02 3.47 46.11
C LYS L 27 -2.54 3.63 46.09
N ALA L 28 -3.22 3.09 45.07
CA ALA L 28 -4.69 3.04 44.97
C ALA L 28 -5.30 2.34 46.20
N THR L 29 -4.51 1.52 46.90
CA THR L 29 -4.95 0.56 47.94
C THR L 29 -4.64 1.09 49.35
N LEU L 30 -4.40 2.39 49.51
CA LEU L 30 -3.74 2.94 50.72
C LEU L 30 -4.75 3.59 51.68
N GLY L 31 -4.62 3.28 52.97
CA GLY L 31 -5.45 3.85 54.04
C GLY L 31 -6.81 3.15 54.14
N PRO L 32 -7.72 3.67 55.01
CA PRO L 32 -9.04 3.06 55.22
C PRO L 32 -10.14 3.45 54.23
N LYS L 33 -9.80 4.24 53.21
CA LYS L 33 -10.69 4.45 52.03
C LYS L 33 -9.98 3.86 50.79
N GLY L 34 -8.86 3.17 51.04
CA GLY L 34 -8.13 2.34 50.06
C GLY L 34 -9.06 1.62 49.09
N ARG L 35 -8.93 1.94 47.81
CA ARG L 35 -9.83 1.48 46.72
C ARG L 35 -9.47 0.04 46.37
N ASN L 36 -10.28 -0.60 45.53
CA ASN L 36 -10.09 -2.02 45.13
C ASN L 36 -9.18 -2.09 43.90
N VAL L 37 -8.43 -3.19 43.80
CA VAL L 37 -7.63 -3.56 42.61
C VAL L 37 -7.97 -5.03 42.29
N VAL L 38 -8.24 -5.32 41.03
CA VAL L 38 -8.70 -6.68 40.60
C VAL L 38 -7.52 -7.35 39.87
N LEU L 39 -7.24 -8.62 40.19
CA LEU L 39 -6.14 -9.42 39.60
C LEU L 39 -6.72 -10.68 38.95
N GLU L 40 -6.55 -10.83 37.63
CA GLU L 40 -7.02 -12.03 36.89
C GLU L 40 -6.21 -13.26 37.31
N LYS L 41 -6.84 -14.22 38.01
CA LYS L 41 -6.20 -15.52 38.37
C LYS L 41 -6.10 -16.38 37.11
N SER L 42 -5.28 -17.43 37.14
CA SER L 42 -5.17 -18.47 36.08
C SER L 42 -6.56 -19.07 35.80
N PHE L 43 -7.12 -19.80 36.78
CA PHE L 43 -8.46 -20.46 36.72
C PHE L 43 -9.55 -19.49 37.24
N GLY L 44 -10.73 -19.55 36.60
CA GLY L 44 -12.03 -19.13 37.19
C GLY L 44 -12.14 -17.64 37.44
N ALA L 45 -12.66 -17.26 38.61
CA ALA L 45 -13.01 -15.86 38.96
C ALA L 45 -11.78 -15.15 39.50
N PRO L 46 -11.74 -13.80 39.45
CA PRO L 46 -10.56 -13.03 39.82
C PRO L 46 -10.57 -12.54 41.27
N THR L 47 -9.44 -12.00 41.74
CA THR L 47 -9.27 -11.47 43.12
C THR L 47 -9.54 -9.97 43.14
N ILE L 48 -10.30 -9.52 44.13
CA ILE L 48 -10.42 -8.07 44.48
C ILE L 48 -9.74 -7.88 45.84
N THR L 49 -8.55 -7.29 45.83
CA THR L 49 -7.67 -7.09 47.00
C THR L 49 -7.57 -5.59 47.27
N LYS L 50 -7.20 -5.21 48.50
CA LYS L 50 -6.68 -3.86 48.83
C LYS L 50 -5.27 -3.98 49.43
N ASP L 51 -4.68 -5.17 49.40
CA ASP L 51 -3.34 -5.43 49.98
C ASP L 51 -2.31 -4.97 48.94
N GLY L 52 -1.83 -3.73 49.07
CA GLY L 52 -0.68 -3.22 48.31
C GLY L 52 0.31 -4.32 47.97
N VAL L 53 0.71 -5.13 48.95
CA VAL L 53 1.74 -6.20 48.73
C VAL L 53 1.27 -7.12 47.60
N SER L 54 0.05 -7.66 47.71
CA SER L 54 -0.56 -8.63 46.75
C SER L 54 -0.68 -8.02 45.35
N VAL L 55 -1.02 -6.74 45.25
CA VAL L 55 -1.06 -5.98 43.96
C VAL L 55 0.35 -5.99 43.37
N ALA L 56 1.32 -5.45 44.12
CA ALA L 56 2.75 -5.34 43.77
C ALA L 56 3.27 -6.66 43.21
N LYS L 57 2.92 -7.79 43.86
CA LYS L 57 3.46 -9.14 43.55
C LYS L 57 3.16 -9.51 42.09
N GLU L 58 2.01 -9.04 41.56
CA GLU L 58 1.51 -9.38 40.20
C GLU L 58 2.13 -8.48 39.12
N ILE L 59 2.64 -7.30 39.51
CA ILE L 59 3.07 -6.22 38.57
C ILE L 59 4.37 -6.64 37.86
N GLU L 60 4.23 -7.13 36.64
CA GLU L 60 5.32 -7.27 35.66
C GLU L 60 4.90 -6.40 34.47
N LEU L 61 5.85 -5.67 33.88
CA LEU L 61 5.64 -4.86 32.66
C LEU L 61 6.19 -5.63 31.45
N ALA L 62 5.67 -5.35 30.26
CA ALA L 62 6.05 -6.00 28.99
C ALA L 62 7.40 -5.43 28.54
N ASP L 63 7.54 -4.10 28.52
CA ASP L 63 8.76 -3.38 28.04
C ASP L 63 9.92 -3.68 29.00
N LYS L 64 11.00 -4.32 28.51
CA LYS L 64 12.15 -4.79 29.33
C LYS L 64 12.65 -3.65 30.23
N PHE L 65 12.70 -2.44 29.69
CA PHE L 65 13.30 -1.25 30.37
C PHE L 65 12.34 -0.72 31.44
N GLU L 66 11.03 -0.70 31.14
CA GLU L 66 9.99 -0.28 32.12
C GLU L 66 9.85 -1.31 33.24
N ASN L 67 10.19 -2.57 32.97
CA ASN L 67 10.06 -3.68 33.96
C ASN L 67 11.23 -3.62 34.94
N MET L 68 12.44 -3.38 34.43
CA MET L 68 13.63 -3.10 35.29
C MET L 68 13.28 -1.95 36.25
N GLY L 69 12.54 -0.94 35.77
CA GLY L 69 12.08 0.20 36.60
C GLY L 69 11.23 -0.23 37.78
N ALA L 70 10.18 -1.03 37.51
CA ALA L 70 9.23 -1.58 38.50
C ALA L 70 9.96 -2.52 39.46
N GLN L 71 10.63 -3.54 38.91
CA GLN L 71 11.12 -4.70 39.69
C GLN L 71 12.23 -4.28 40.67
N MET L 72 12.89 -3.14 40.44
CA MET L 72 13.89 -2.57 41.38
C MET L 72 13.18 -1.97 42.60
N VAL L 73 12.16 -1.13 42.37
CA VAL L 73 11.38 -0.46 43.45
C VAL L 73 10.62 -1.53 44.27
N LYS L 74 10.14 -2.59 43.61
CA LYS L 74 9.53 -3.77 44.29
C LYS L 74 10.54 -4.36 45.28
N GLU L 75 11.82 -4.45 44.89
CA GLU L 75 12.90 -5.11 45.68
C GLU L 75 13.11 -4.37 47.01
N VAL L 76 13.41 -3.08 46.98
CA VAL L 76 13.58 -2.28 48.25
C VAL L 76 12.26 -2.27 48.98
N ALA L 77 11.20 -1.74 48.37
CA ALA L 77 9.83 -1.82 48.93
C ALA L 77 9.66 -3.15 49.69
N SER L 78 10.15 -4.27 49.12
CA SER L 78 10.03 -5.63 49.72
C SER L 78 10.78 -5.67 51.06
N LYS L 79 11.97 -5.08 51.12
CA LYS L 79 12.90 -5.16 52.28
C LYS L 79 12.30 -4.54 53.55
N THR L 80 11.39 -3.55 53.41
CA THR L 80 10.74 -2.85 54.57
C THR L 80 9.55 -3.68 55.07
N ASN L 81 9.11 -4.67 54.28
CA ASN L 81 8.13 -5.74 54.64
C ASN L 81 8.83 -6.82 55.48
N ASP L 82 9.91 -7.37 54.91
CA ASP L 82 10.74 -8.49 55.46
C ASP L 82 11.63 -7.92 56.58
N ASN L 83 11.04 -7.16 57.50
CA ASN L 83 11.78 -6.17 58.34
C ASN L 83 10.89 -5.57 59.45
N ALA L 84 9.58 -5.41 59.22
CA ALA L 84 8.63 -4.90 60.25
C ALA L 84 7.22 -5.49 60.05
N GLY L 85 6.35 -4.80 59.30
CA GLY L 85 4.93 -5.16 59.10
C GLY L 85 4.48 -4.90 57.66
N ASP L 86 3.55 -3.95 57.45
CA ASP L 86 3.25 -3.32 56.13
C ASP L 86 4.34 -2.27 55.87
N GLY L 87 3.98 -1.08 55.39
CA GLY L 87 4.93 0.02 55.11
C GLY L 87 5.54 -0.08 53.73
N THR L 88 5.43 -1.25 53.07
CA THR L 88 5.87 -1.48 51.66
C THR L 88 5.13 -0.54 50.72
N THR L 89 3.84 -0.35 50.99
CA THR L 89 2.90 0.51 50.23
C THR L 89 3.22 1.99 50.48
N THR L 90 3.75 2.32 51.66
CA THR L 90 4.26 3.67 52.04
C THR L 90 5.59 3.95 51.32
N ALA L 91 6.44 2.92 51.18
CA ALA L 91 7.77 2.98 50.54
C ALA L 91 7.59 3.29 49.06
N THR L 92 7.01 2.35 48.32
CA THR L 92 6.61 2.53 46.90
C THR L 92 6.12 3.97 46.69
N VAL L 93 5.23 4.51 47.55
CA VAL L 93 4.62 5.87 47.31
C VAL L 93 5.58 6.97 47.78
N LEU L 94 6.63 6.65 48.52
CA LEU L 94 7.76 7.60 48.75
C LEU L 94 8.73 7.48 47.57
N ALA L 95 9.11 6.27 47.18
CA ALA L 95 10.08 5.98 46.09
C ALA L 95 9.67 6.76 44.84
N GLN L 96 8.42 6.59 44.42
CA GLN L 96 7.83 7.30 43.26
C GLN L 96 8.10 8.81 43.40
N ALA L 97 7.62 9.42 44.49
CA ALA L 97 7.69 10.89 44.71
C ALA L 97 9.13 11.39 44.52
N LEU L 98 10.12 10.70 45.09
CA LEU L 98 11.55 11.11 45.03
C LEU L 98 12.10 10.86 43.61
N ILE L 99 11.65 9.78 42.95
CA ILE L 99 12.23 9.31 41.66
C ILE L 99 11.76 10.21 40.50
N ARG L 100 10.49 10.63 40.48
CA ARG L 100 9.93 11.34 39.31
C ARG L 100 10.43 12.80 39.34
N GLU L 101 10.59 13.39 40.53
CA GLU L 101 11.12 14.77 40.68
C GLU L 101 12.65 14.70 40.56
N GLY L 102 13.25 13.57 40.94
CA GLY L 102 14.64 13.23 40.59
C GLY L 102 14.92 13.50 39.12
N ALA L 103 14.46 12.61 38.23
CA ALA L 103 14.59 12.70 36.76
C ALA L 103 14.24 14.11 36.25
N LYS L 104 13.14 14.71 36.74
CA LYS L 104 12.63 16.04 36.29
C LYS L 104 13.66 17.14 36.55
N ALA L 105 14.48 16.97 37.59
CA ALA L 105 15.64 17.84 37.93
C ALA L 105 16.79 17.49 36.99
N VAL L 106 17.18 16.21 36.94
CA VAL L 106 18.33 15.73 36.13
C VAL L 106 18.09 16.14 34.69
N ALA L 107 16.83 16.09 34.24
CA ALA L 107 16.41 16.42 32.87
C ALA L 107 16.80 17.88 32.60
N ALA L 108 16.48 18.76 33.56
CA ALA L 108 16.80 20.21 33.56
C ALA L 108 18.29 20.46 33.76
N GLY L 109 19.11 19.40 33.77
CA GLY L 109 20.58 19.48 33.86
C GLY L 109 21.10 19.61 35.28
N MET L 110 20.27 19.47 36.31
CA MET L 110 20.76 19.46 37.71
C MET L 110 21.63 18.20 37.91
N ASN L 111 22.82 18.38 38.50
CA ASN L 111 23.81 17.30 38.75
C ASN L 111 23.09 16.14 39.45
N PRO L 112 23.19 14.89 38.95
CA PRO L 112 22.55 13.78 39.66
C PRO L 112 23.15 13.60 41.06
N MET L 113 24.48 13.47 41.16
CA MET L 113 25.18 13.06 42.41
C MET L 113 24.87 14.03 43.57
N ASP L 114 24.66 15.32 43.28
CA ASP L 114 24.37 16.36 44.31
C ASP L 114 22.96 16.17 44.88
N LEU L 115 21.94 15.99 44.03
CA LEU L 115 20.55 15.68 44.47
C LEU L 115 20.60 14.46 45.40
N LYS L 116 21.33 13.43 44.96
CA LYS L 116 21.43 12.14 45.67
C LYS L 116 21.93 12.40 47.09
N ARG L 117 22.78 13.40 47.31
CA ARG L 117 23.29 13.71 48.67
C ARG L 117 22.23 14.54 49.39
N GLY L 118 21.88 15.70 48.82
CA GLY L 118 20.81 16.58 49.31
C GLY L 118 19.54 15.82 49.66
N ILE L 119 19.35 14.62 49.11
CA ILE L 119 18.21 13.72 49.51
C ILE L 119 18.58 12.99 50.80
N ASP L 120 19.71 12.25 50.78
CA ASP L 120 20.21 11.43 51.91
C ASP L 120 20.41 12.31 53.15
N GLN L 121 20.64 13.61 52.95
CA GLN L 121 20.71 14.62 54.04
C GLN L 121 19.34 14.75 54.68
N ALA L 122 18.32 15.04 53.86
CA ALA L 122 16.94 15.30 54.31
C ALA L 122 16.41 14.07 55.03
N VAL L 123 16.85 12.89 54.60
CA VAL L 123 16.44 11.58 55.19
C VAL L 123 17.24 11.36 56.49
N LYS L 124 18.51 11.80 56.55
CA LYS L 124 19.35 11.76 57.78
C LYS L 124 18.69 12.65 58.85
N ALA L 125 18.27 13.84 58.42
CA ALA L 125 17.59 14.88 59.23
C ALA L 125 16.22 14.39 59.69
N ALA L 126 15.49 13.68 58.83
CA ALA L 126 14.11 13.25 59.09
C ALA L 126 14.12 12.15 60.16
N VAL L 127 14.89 11.10 59.92
CA VAL L 127 15.02 9.94 60.85
C VAL L 127 15.25 10.48 62.27
N VAL L 128 16.10 11.51 62.43
CA VAL L 128 16.47 12.03 63.78
C VAL L 128 15.25 12.70 64.42
N GLU L 129 14.47 13.47 63.66
CA GLU L 129 13.29 14.21 64.19
C GLU L 129 12.13 13.24 64.39
N LEU L 130 12.18 12.10 63.70
CA LEU L 130 11.15 11.03 63.75
C LEU L 130 11.34 10.20 65.04
N LYS L 131 12.59 9.91 65.39
CA LYS L 131 12.96 9.20 66.66
C LYS L 131 12.64 10.09 67.87
N ASN L 132 12.57 11.41 67.66
CA ASN L 132 12.38 12.43 68.73
C ASN L 132 10.89 12.62 69.04
N ILE L 133 9.99 12.18 68.17
CA ILE L 133 8.53 12.16 68.52
C ILE L 133 8.13 10.71 68.86
N SER L 134 9.10 9.80 68.96
CA SER L 134 8.90 8.36 69.21
C SER L 134 8.64 8.10 70.70
N LYS L 135 7.38 8.24 71.11
CA LYS L 135 6.79 7.56 72.30
C LYS L 135 7.20 6.09 72.30
N PRO L 136 7.99 5.61 73.29
CA PRO L 136 8.35 4.19 73.36
C PRO L 136 7.31 3.34 74.10
N THR L 137 7.43 2.01 74.03
CA THR L 137 6.45 1.04 74.60
C THR L 137 7.18 -0.20 75.13
N THR L 138 7.47 -0.23 76.44
CA THR L 138 8.35 -1.24 77.08
C THR L 138 7.68 -1.89 78.31
N ASP L 139 6.97 -1.11 79.13
CA ASP L 139 6.25 -1.63 80.33
C ASP L 139 5.12 -2.57 79.90
N ASP L 140 4.55 -3.33 80.85
CA ASP L 140 3.67 -4.50 80.61
C ASP L 140 2.34 -4.05 80.01
N LYS L 141 1.76 -2.98 80.57
CA LYS L 141 0.47 -2.38 80.11
C LYS L 141 0.66 -1.78 78.71
N ALA L 142 1.82 -1.17 78.44
CA ALA L 142 2.12 -0.39 77.22
C ALA L 142 2.21 -1.29 75.98
N ILE L 143 2.33 -2.60 76.16
CA ILE L 143 2.39 -3.61 75.04
C ILE L 143 0.98 -4.12 74.74
N ALA L 144 0.23 -4.50 75.76
CA ALA L 144 -1.19 -4.95 75.68
C ALA L 144 -2.04 -3.91 74.93
N GLN L 145 -1.86 -2.62 75.25
CA GLN L 145 -2.52 -1.46 74.59
C GLN L 145 -2.17 -1.43 73.09
N VAL L 146 -0.90 -1.63 72.73
CA VAL L 146 -0.40 -1.63 71.32
C VAL L 146 -0.98 -2.85 70.59
N GLY L 147 -0.84 -4.05 71.19
CA GLY L 147 -1.31 -5.33 70.63
C GLY L 147 -2.80 -5.30 70.30
N THR L 148 -3.57 -4.53 71.09
CA THR L 148 -5.03 -4.31 70.93
C THR L 148 -5.30 -3.50 69.65
N ILE L 149 -4.63 -2.36 69.52
CA ILE L 149 -4.74 -1.45 68.33
C ILE L 149 -4.29 -2.23 67.09
N SER L 150 -3.07 -2.77 67.13
CA SER L 150 -2.43 -3.56 66.04
C SER L 150 -3.37 -4.65 65.50
N ALA L 151 -4.45 -4.99 66.22
CA ALA L 151 -5.42 -6.04 65.84
C ALA L 151 -6.87 -5.56 66.07
N ASN L 152 -7.14 -4.28 65.80
CA ASN L 152 -8.51 -3.72 65.58
C ASN L 152 -9.29 -3.67 66.90
N SER L 153 -8.70 -3.07 67.94
CA SER L 153 -9.38 -2.74 69.24
C SER L 153 -9.72 -4.01 70.03
N ASP L 154 -9.08 -5.15 69.70
CA ASP L 154 -9.35 -6.50 70.28
C ASP L 154 -8.56 -6.65 71.59
N GLU L 155 -9.21 -6.41 72.73
CA GLU L 155 -8.55 -6.23 74.06
C GLU L 155 -7.85 -7.53 74.50
N SER L 156 -8.25 -8.69 73.95
CA SER L 156 -7.74 -10.03 74.32
C SER L 156 -6.49 -10.38 73.51
N ILE L 157 -6.50 -10.12 72.20
CA ILE L 157 -5.40 -10.51 71.28
C ILE L 157 -4.15 -9.71 71.68
N GLY L 158 -4.33 -8.49 72.17
CA GLY L 158 -3.26 -7.69 72.80
C GLY L 158 -2.80 -8.30 74.11
N ASN L 159 -3.75 -8.68 74.95
CA ASN L 159 -3.54 -9.31 76.28
C ASN L 159 -2.46 -10.40 76.19
N ILE L 160 -2.59 -11.38 75.28
CA ILE L 160 -1.73 -12.60 75.21
C ILE L 160 -0.38 -12.31 74.51
N ILE L 161 -0.37 -11.43 73.50
CA ILE L 161 0.89 -10.93 72.87
C ILE L 161 1.78 -10.31 73.96
N ALA L 162 1.20 -10.02 75.13
CA ALA L 162 1.91 -9.49 76.33
C ALA L 162 2.49 -10.64 77.16
N GLU L 163 1.65 -11.59 77.58
CA GLU L 163 2.03 -12.72 78.46
C GLU L 163 3.09 -13.60 77.77
N ALA L 164 3.07 -13.65 76.43
CA ALA L 164 4.06 -14.39 75.60
C ALA L 164 5.42 -13.68 75.67
N MET L 165 5.42 -12.34 75.64
CA MET L 165 6.65 -11.52 75.79
C MET L 165 7.09 -11.56 77.26
N LYS L 166 6.14 -11.36 78.17
CA LYS L 166 6.30 -11.58 79.63
C LYS L 166 7.02 -12.93 79.85
N LYS L 167 6.49 -14.01 79.27
CA LYS L 167 6.92 -15.41 79.49
C LYS L 167 8.36 -15.63 78.96
N VAL L 168 8.59 -15.43 77.67
CA VAL L 168 9.88 -15.77 76.97
C VAL L 168 10.80 -14.54 76.91
N GLY L 169 10.36 -13.40 77.47
CA GLY L 169 11.07 -12.11 77.35
C GLY L 169 10.88 -11.53 75.96
N LYS L 170 10.68 -10.20 75.87
CA LYS L 170 10.40 -9.48 74.59
C LYS L 170 11.22 -10.09 73.45
N GLU L 171 12.53 -10.28 73.64
CA GLU L 171 13.51 -10.61 72.57
C GLU L 171 13.70 -12.13 72.43
N GLY L 172 12.81 -12.94 73.01
CA GLY L 172 12.77 -14.42 72.81
C GLY L 172 11.68 -14.80 71.81
N VAL L 173 11.68 -16.04 71.33
CA VAL L 173 10.81 -16.53 70.22
C VAL L 173 9.34 -16.46 70.62
N ILE L 174 8.47 -15.97 69.73
CA ILE L 174 6.99 -16.13 69.79
C ILE L 174 6.52 -16.65 68.42
N THR L 175 5.50 -17.51 68.42
CA THR L 175 4.85 -18.12 67.22
C THR L 175 3.33 -18.08 67.44
N VAL L 176 2.54 -18.21 66.37
CA VAL L 176 1.06 -18.40 66.44
C VAL L 176 0.68 -19.61 65.57
N GLU L 177 -0.39 -20.32 65.96
CA GLU L 177 -0.79 -21.65 65.44
C GLU L 177 -2.31 -21.76 65.37
N GLU L 178 -2.83 -22.63 64.49
CA GLU L 178 -4.26 -23.03 64.43
C GLU L 178 -4.80 -23.30 65.85
N GLY L 179 -6.00 -22.80 66.16
CA GLY L 179 -6.64 -22.96 67.48
C GLY L 179 -7.20 -24.36 67.69
N SER L 180 -7.16 -24.84 68.93
CA SER L 180 -7.62 -26.20 69.34
C SER L 180 -9.15 -26.23 69.52
N GLY L 181 -9.82 -25.08 69.44
CA GLY L 181 -11.29 -24.98 69.49
C GLY L 181 -11.77 -23.94 70.48
N LEU L 182 -12.14 -22.75 69.99
CA LEU L 182 -12.60 -21.57 70.79
C LEU L 182 -11.51 -21.19 71.81
N GLU L 183 -11.48 -19.93 72.24
CA GLU L 183 -10.65 -19.48 73.39
C GLU L 183 -9.16 -19.55 73.02
N ASN L 184 -8.43 -18.44 73.22
CA ASN L 184 -6.96 -18.37 73.04
C ASN L 184 -6.28 -19.16 74.16
N GLU L 185 -5.35 -20.06 73.81
CA GLU L 185 -4.43 -20.73 74.77
C GLU L 185 -3.02 -20.18 74.57
N LEU L 186 -2.25 -20.06 75.66
CA LEU L 186 -0.83 -19.63 75.62
C LEU L 186 0.05 -20.77 76.17
N ASP L 187 0.69 -21.54 75.29
CA ASP L 187 1.64 -22.64 75.65
C ASP L 187 3.08 -22.14 75.52
N VAL L 188 4.04 -22.89 76.06
CA VAL L 188 5.51 -22.60 76.01
C VAL L 188 6.28 -23.92 76.00
N VAL L 189 6.81 -24.35 74.86
CA VAL L 189 7.53 -25.66 74.74
C VAL L 189 8.98 -25.44 74.31
N GLU L 190 9.77 -26.53 74.28
CA GLU L 190 11.21 -26.53 73.86
C GLU L 190 11.27 -26.37 72.35
N GLY L 191 12.18 -25.53 71.86
CA GLY L 191 12.28 -25.17 70.43
C GLY L 191 13.46 -24.26 70.11
N MET L 192 13.51 -23.76 68.88
CA MET L 192 14.63 -22.98 68.29
C MET L 192 14.10 -22.01 67.23
N GLN L 193 14.98 -21.22 66.61
CA GLN L 193 14.67 -20.35 65.44
C GLN L 193 15.93 -19.67 64.90
N PHE L 194 16.26 -19.85 63.61
CA PHE L 194 17.50 -19.30 62.99
C PHE L 194 17.18 -18.49 61.72
N ASP L 195 18.05 -17.51 61.44
CA ASP L 195 17.87 -16.42 60.45
C ASP L 195 17.47 -16.96 59.08
N ARG L 196 18.14 -18.02 58.60
CA ARG L 196 18.04 -18.49 57.18
C ARG L 196 16.62 -19.00 56.90
N GLY L 197 16.02 -18.54 55.80
CA GLY L 197 14.67 -18.91 55.35
C GLY L 197 14.74 -19.89 54.20
N TYR L 198 13.59 -20.13 53.53
CA TYR L 198 13.48 -21.05 52.37
C TYR L 198 14.43 -20.55 51.27
N LEU L 199 15.09 -21.47 50.58
CA LEU L 199 15.96 -21.16 49.41
C LEU L 199 15.06 -20.70 48.24
N SER L 200 14.05 -21.50 47.90
CA SER L 200 13.04 -21.17 46.87
C SER L 200 11.65 -21.09 47.50
N PRO L 201 10.82 -20.11 47.12
CA PRO L 201 9.36 -20.24 47.29
C PRO L 201 8.91 -21.46 46.48
N TYR L 202 7.62 -21.81 46.55
CA TYR L 202 7.02 -23.06 46.01
C TYR L 202 7.06 -24.13 47.11
N PHE L 203 8.10 -24.07 47.96
CA PHE L 203 8.12 -24.69 49.31
C PHE L 203 7.07 -23.98 50.17
N ILE L 204 6.75 -22.72 49.81
CA ILE L 204 5.62 -21.94 50.37
C ILE L 204 4.33 -22.75 50.21
N ASN L 205 3.61 -23.03 51.31
CA ASN L 205 2.41 -23.91 51.29
C ASN L 205 1.23 -23.31 52.10
N ASN L 206 1.49 -22.35 53.00
CA ASN L 206 0.43 -21.61 53.76
C ASN L 206 0.41 -20.15 53.29
N GLN L 207 0.12 -19.94 51.99
CA GLN L 207 0.25 -18.66 51.24
C GLN L 207 -0.45 -17.50 51.97
N GLN L 208 -1.44 -17.79 52.82
CA GLN L 208 -2.11 -16.79 53.72
C GLN L 208 -1.05 -16.11 54.61
N SER L 209 -0.22 -16.93 55.27
CA SER L 209 0.95 -16.52 56.09
C SER L 209 2.24 -16.75 55.30
N GLN L 210 2.23 -16.34 54.01
CA GLN L 210 3.06 -16.93 52.91
C GLN L 210 4.36 -17.50 53.48
N SER L 211 4.27 -18.73 54.00
CA SER L 211 5.36 -19.52 54.64
C SER L 211 5.19 -21.00 54.27
N ALA L 212 6.19 -21.83 54.57
CA ALA L 212 6.07 -23.31 54.59
C ALA L 212 5.56 -23.74 55.97
N ASP L 213 5.07 -24.97 56.09
CA ASP L 213 4.31 -25.45 57.27
C ASP L 213 4.22 -26.98 57.20
N LEU L 214 4.96 -27.66 58.08
CA LEU L 214 5.09 -29.15 58.07
C LEU L 214 4.61 -29.70 59.42
N ASP L 215 3.60 -30.58 59.39
CA ASP L 215 2.98 -31.24 60.58
C ASP L 215 3.74 -32.54 60.85
N ASP L 216 4.28 -32.69 62.06
CA ASP L 216 5.05 -33.88 62.52
C ASP L 216 6.06 -34.25 61.45
N PRO L 217 6.99 -33.33 61.05
CA PRO L 217 8.02 -33.67 60.08
C PRO L 217 9.32 -34.24 60.67
N PHE L 218 10.00 -35.10 59.90
CA PHE L 218 11.41 -35.51 60.13
C PHE L 218 12.30 -34.28 59.95
N ILE L 219 13.63 -34.39 60.16
CA ILE L 219 14.58 -33.25 60.00
C ILE L 219 15.96 -33.77 59.56
N LEU L 220 16.35 -33.43 58.33
CA LEU L 220 17.67 -33.79 57.71
C LEU L 220 18.69 -32.66 57.95
N LEU L 221 19.74 -32.96 58.73
CA LEU L 221 20.89 -32.05 59.03
C LEU L 221 22.12 -32.55 58.26
N HIS L 222 22.75 -31.66 57.47
CA HIS L 222 23.95 -31.95 56.64
C HIS L 222 25.03 -30.91 56.91
N ASP L 223 26.27 -31.36 57.14
CA ASP L 223 27.46 -30.52 57.47
C ASP L 223 27.96 -29.84 56.19
N LYS L 224 28.28 -30.64 55.17
CA LYS L 224 28.75 -30.18 53.82
C LYS L 224 27.52 -29.89 52.96
N LYS L 225 27.70 -29.19 51.83
CA LYS L 225 26.67 -28.98 50.78
C LYS L 225 26.81 -30.09 49.73
N ILE L 226 25.70 -30.53 49.14
CA ILE L 226 25.67 -31.39 47.91
C ILE L 226 24.49 -30.90 47.04
N SER L 227 24.56 -31.13 45.72
CA SER L 227 23.44 -30.88 44.79
C SER L 227 23.53 -31.81 43.58
N ASN L 228 23.49 -33.12 43.87
CA ASN L 228 23.63 -34.24 42.91
C ASN L 228 22.24 -34.79 42.54
N VAL L 229 21.19 -34.30 43.21
CA VAL L 229 19.77 -34.80 43.15
C VAL L 229 19.71 -36.29 43.55
N ARG L 230 20.85 -36.90 43.88
CA ARG L 230 21.03 -38.38 43.84
C ARG L 230 21.24 -38.91 45.26
N ASP L 231 22.21 -38.37 45.99
CA ASP L 231 22.69 -38.88 47.30
C ASP L 231 21.61 -38.70 48.38
N LEU L 232 20.37 -38.36 47.98
CA LEU L 232 19.21 -38.19 48.89
C LEU L 232 17.99 -38.99 48.40
N LEU L 233 18.12 -39.81 47.35
CA LEU L 233 17.06 -40.79 46.95
C LEU L 233 16.96 -41.88 48.01
N PRO L 234 18.09 -42.51 48.43
CA PRO L 234 18.08 -43.38 49.62
C PRO L 234 17.17 -42.91 50.77
N VAL L 235 17.06 -41.59 50.99
CA VAL L 235 16.28 -41.00 52.12
C VAL L 235 14.81 -40.86 51.71
N LEU L 236 14.53 -40.34 50.51
CA LEU L 236 13.15 -40.01 50.03
C LEU L 236 12.36 -41.29 49.71
N GLU L 237 13.07 -42.37 49.39
CA GLU L 237 12.58 -43.78 49.48
C GLU L 237 11.68 -43.88 50.72
N GLY L 238 12.27 -43.70 51.90
CA GLY L 238 11.61 -43.90 53.21
C GLY L 238 11.30 -42.59 53.92
N VAL L 239 10.59 -41.67 53.25
CA VAL L 239 9.99 -40.45 53.86
C VAL L 239 8.59 -40.24 53.25
N ALA L 240 8.42 -40.60 51.97
CA ALA L 240 7.10 -40.91 51.37
C ALA L 240 6.52 -42.15 52.08
N LYS L 241 7.37 -43.09 52.48
CA LYS L 241 7.07 -44.20 53.42
C LYS L 241 6.85 -43.60 54.83
N ALA L 242 5.74 -43.95 55.48
CA ALA L 242 5.18 -43.19 56.64
C ALA L 242 5.20 -41.71 56.24
N GLY L 243 4.48 -41.38 55.16
CA GLY L 243 4.71 -40.23 54.25
C GLY L 243 4.53 -38.87 54.91
N LYS L 244 5.44 -38.50 55.82
CA LYS L 244 5.45 -37.21 56.54
C LYS L 244 6.29 -36.20 55.75
N PRO L 245 6.44 -34.93 56.21
CA PRO L 245 7.39 -33.97 55.63
C PRO L 245 8.79 -33.96 56.29
N LEU L 246 9.72 -33.14 55.78
CA LEU L 246 11.20 -33.34 55.99
C LEU L 246 11.92 -32.11 56.59
N LEU L 247 11.96 -30.97 55.91
CA LEU L 247 12.86 -29.82 56.23
C LEU L 247 14.33 -30.26 56.18
N ILE L 248 14.95 -30.12 55.01
CA ILE L 248 16.42 -30.28 54.80
C ILE L 248 17.12 -29.01 55.31
N VAL L 249 18.23 -29.14 56.04
CA VAL L 249 19.11 -27.99 56.40
C VAL L 249 20.57 -28.34 56.07
N ALA L 250 21.04 -27.87 54.91
CA ALA L 250 22.39 -28.15 54.36
C ALA L 250 23.14 -26.82 54.11
N GLU L 251 24.47 -26.85 54.23
CA GLU L 251 25.37 -25.67 54.00
C GLU L 251 24.80 -24.88 52.82
N GLU L 252 24.40 -25.61 51.77
CA GLU L 252 23.76 -25.06 50.56
C GLU L 252 22.95 -26.19 49.89
N VAL L 253 21.87 -25.84 49.19
CA VAL L 253 21.23 -26.69 48.15
C VAL L 253 21.20 -25.87 46.87
N GLU L 254 21.83 -26.38 45.79
CA GLU L 254 22.13 -25.63 44.55
C GLU L 254 21.25 -26.14 43.40
N GLY L 255 20.88 -25.23 42.47
CA GLY L 255 20.06 -25.49 41.28
C GLY L 255 19.68 -26.94 41.12
N GLU L 256 20.55 -27.74 40.48
CA GLU L 256 20.29 -29.15 40.08
C GLU L 256 19.47 -29.86 41.17
N ALA L 257 19.94 -29.81 42.42
CA ALA L 257 19.27 -30.42 43.60
C ALA L 257 17.87 -29.81 43.79
N LEU L 258 17.79 -28.54 44.20
CA LEU L 258 16.51 -27.90 44.61
C LEU L 258 15.61 -27.70 43.38
N ALA L 259 16.20 -27.61 42.18
CA ALA L 259 15.46 -27.51 40.89
C ALA L 259 14.48 -28.69 40.78
N THR L 260 14.95 -29.90 41.10
CA THR L 260 14.12 -31.14 41.15
C THR L 260 13.33 -31.16 42.46
N LEU L 261 13.97 -30.82 43.59
CA LEU L 261 13.32 -30.72 44.94
C LEU L 261 12.02 -29.92 44.83
N VAL L 262 12.05 -28.80 44.09
CA VAL L 262 10.93 -27.80 43.99
C VAL L 262 9.89 -28.34 43.00
N VAL L 263 10.34 -28.74 41.81
CA VAL L 263 9.49 -29.32 40.72
C VAL L 263 8.68 -30.52 41.27
N ASN L 264 9.20 -31.23 42.27
CA ASN L 264 8.57 -32.49 42.81
C ASN L 264 7.42 -32.15 43.77
N THR L 265 7.52 -31.07 44.54
CA THR L 265 6.51 -30.69 45.58
C THR L 265 5.25 -30.10 44.91
N ILE L 266 5.37 -29.00 44.16
CA ILE L 266 4.20 -28.34 43.49
C ILE L 266 3.66 -29.23 42.35
N ARG L 267 4.48 -30.15 41.83
CA ARG L 267 4.07 -31.18 40.83
C ARG L 267 3.84 -32.52 41.54
N GLY L 268 2.87 -32.57 42.47
CA GLY L 268 2.40 -33.81 43.12
C GLY L 268 3.16 -34.14 44.39
N ILE L 269 3.80 -35.32 44.43
CA ILE L 269 4.22 -36.03 45.67
C ILE L 269 5.54 -35.44 46.19
N VAL L 270 5.74 -35.50 47.51
CA VAL L 270 6.91 -34.96 48.29
C VAL L 270 6.55 -33.55 48.79
N LYS L 271 6.67 -33.32 50.11
CA LYS L 271 6.01 -32.22 50.86
C LYS L 271 7.05 -31.24 51.44
N VAL L 272 8.28 -31.27 50.93
CA VAL L 272 9.50 -30.89 51.72
C VAL L 272 10.02 -29.50 51.35
N VAL L 273 10.49 -28.76 52.36
CA VAL L 273 11.16 -27.43 52.25
C VAL L 273 12.63 -27.60 52.67
N ALA L 274 13.53 -26.78 52.12
CA ALA L 274 14.99 -26.77 52.43
C ALA L 274 15.46 -25.33 52.70
N VAL L 275 16.41 -25.17 53.62
CA VAL L 275 16.98 -23.85 54.04
C VAL L 275 18.51 -23.95 54.10
N LYS L 276 19.21 -22.80 54.11
CA LYS L 276 20.67 -22.74 54.40
C LYS L 276 20.88 -23.01 55.90
N ALA L 277 21.90 -23.78 56.25
CA ALA L 277 22.34 -23.96 57.66
C ALA L 277 22.93 -22.65 58.16
N PRO L 278 22.55 -22.17 59.37
CA PRO L 278 22.85 -20.80 59.77
C PRO L 278 24.32 -20.63 60.14
N GLY L 279 24.93 -19.54 59.66
CA GLY L 279 26.35 -19.21 59.87
C GLY L 279 27.30 -20.10 59.06
N PHE L 280 28.56 -20.20 59.52
CA PHE L 280 29.70 -20.79 58.77
C PHE L 280 30.78 -21.31 59.73
N GLY L 281 31.33 -22.49 59.44
CA GLY L 281 32.52 -23.04 60.11
C GLY L 281 32.30 -23.32 61.58
N ASP L 282 32.56 -22.33 62.45
CA ASP L 282 32.46 -22.43 63.93
C ASP L 282 31.00 -22.29 64.36
N ARG L 283 30.40 -21.09 64.19
CA ARG L 283 29.00 -20.79 64.59
C ARG L 283 28.01 -21.63 63.77
N ARG L 284 28.50 -22.61 62.98
CA ARG L 284 27.66 -23.53 62.14
C ARG L 284 27.72 -24.96 62.71
N LYS L 285 28.87 -25.62 62.60
CA LYS L 285 29.04 -27.06 62.91
C LYS L 285 28.44 -27.35 64.30
N ALA L 286 28.84 -26.56 65.30
CA ALA L 286 28.35 -26.66 66.70
C ALA L 286 26.86 -26.31 66.75
N MET L 287 26.41 -25.31 65.97
CA MET L 287 24.98 -24.94 65.84
C MET L 287 24.20 -26.08 65.16
N LEU L 288 24.80 -26.68 64.12
CA LEU L 288 24.17 -27.76 63.30
C LEU L 288 23.88 -28.99 64.17
N GLU L 289 24.76 -29.27 65.13
CA GLU L 289 24.61 -30.31 66.18
C GLU L 289 23.67 -29.78 67.27
N ASP L 290 23.80 -28.49 67.62
CA ASP L 290 22.92 -27.77 68.58
C ASP L 290 21.45 -28.17 68.33
N MET L 291 21.06 -28.44 67.07
CA MET L 291 19.69 -28.87 66.69
C MET L 291 19.66 -30.34 66.25
N ALA L 292 20.79 -31.05 66.34
CA ALA L 292 20.78 -32.53 66.44
C ALA L 292 20.10 -32.86 67.78
N VAL L 293 20.75 -32.52 68.89
CA VAL L 293 20.25 -32.79 70.27
C VAL L 293 18.76 -32.41 70.33
N LEU L 294 18.42 -31.16 70.02
CA LEU L 294 17.08 -30.58 70.32
C LEU L 294 16.00 -31.41 69.63
N THR L 295 16.23 -31.81 68.38
CA THR L 295 15.26 -32.58 67.55
C THR L 295 15.56 -34.08 67.65
N GLY L 296 16.71 -34.45 68.24
CA GLY L 296 17.15 -35.85 68.41
C GLY L 296 17.41 -36.52 67.06
N GLY L 297 18.31 -35.95 66.27
CA GLY L 297 18.82 -36.56 65.02
C GLY L 297 20.33 -36.71 65.09
N THR L 298 20.93 -37.15 63.98
CA THR L 298 22.40 -37.13 63.76
C THR L 298 22.74 -36.13 62.66
N VAL L 299 23.69 -35.22 62.94
CA VAL L 299 24.41 -34.44 61.90
C VAL L 299 25.07 -35.45 60.97
N ILE L 300 25.07 -35.17 59.67
CA ILE L 300 25.60 -36.09 58.62
C ILE L 300 26.76 -35.38 57.91
N SER L 301 27.96 -35.50 58.48
CA SER L 301 29.24 -34.98 57.94
C SER L 301 30.10 -36.15 57.47
N GLU L 302 31.24 -35.87 56.83
CA GLU L 302 32.23 -36.90 56.41
C GLU L 302 33.39 -36.97 57.41
N GLU L 303 33.50 -36.01 58.34
CA GLU L 303 34.62 -35.92 59.31
C GLU L 303 34.41 -36.89 60.48
N VAL L 304 33.18 -37.35 60.72
CA VAL L 304 32.83 -38.27 61.85
C VAL L 304 32.10 -39.51 61.32
N GLY L 305 32.43 -39.94 60.09
CA GLY L 305 31.91 -41.16 59.46
C GLY L 305 30.60 -40.92 58.72
N LEU L 306 29.68 -41.89 58.77
CA LEU L 306 28.28 -41.84 58.25
C LEU L 306 28.14 -40.87 57.06
N ALA L 307 28.88 -41.13 55.96
CA ALA L 307 28.95 -40.28 54.74
C ALA L 307 27.57 -39.70 54.42
N LEU L 308 26.77 -40.39 53.59
CA LEU L 308 25.29 -40.25 53.48
C LEU L 308 24.74 -41.53 52.86
N GLU L 309 23.68 -41.49 52.05
CA GLU L 309 22.96 -42.69 51.55
C GLU L 309 22.40 -43.46 52.74
N LYS L 310 23.27 -43.76 53.72
CA LYS L 310 22.91 -44.32 55.05
C LYS L 310 21.42 -44.01 55.33
N ALA L 311 21.08 -42.72 55.47
CA ALA L 311 19.69 -42.20 55.57
C ALA L 311 18.96 -42.77 56.80
N THR L 312 18.77 -44.10 56.86
CA THR L 312 17.82 -44.80 57.78
C THR L 312 17.16 -43.76 58.68
N ILE L 313 15.93 -43.37 58.36
CA ILE L 313 15.19 -42.22 58.97
C ILE L 313 15.33 -42.23 60.50
N LYS L 314 15.97 -43.27 61.07
CA LYS L 314 16.60 -43.27 62.42
C LYS L 314 17.51 -42.03 62.55
N ASP L 315 18.38 -41.83 61.56
CA ASP L 315 19.49 -40.84 61.57
C ASP L 315 18.94 -39.42 61.39
N LEU L 316 17.66 -39.29 61.06
CA LEU L 316 16.93 -37.99 60.97
C LEU L 316 16.55 -37.54 62.38
N GLY L 317 16.57 -36.22 62.61
CA GLY L 317 15.89 -35.57 63.75
C GLY L 317 14.41 -35.44 63.48
N ARG L 318 13.60 -35.19 64.52
CA ARG L 318 12.12 -35.17 64.44
C ARG L 318 11.58 -34.01 65.28
N ALA L 319 10.54 -33.34 64.79
CA ALA L 319 9.83 -32.24 65.49
C ALA L 319 8.33 -32.33 65.21
N LYS L 320 7.52 -31.60 65.98
CA LYS L 320 6.04 -31.64 65.91
C LYS L 320 5.55 -30.74 64.77
N LYS L 321 5.81 -29.43 64.84
CA LYS L 321 5.56 -28.48 63.73
C LYS L 321 6.77 -27.55 63.53
N VAL L 322 7.11 -27.29 62.27
CA VAL L 322 8.09 -26.23 61.86
C VAL L 322 7.41 -25.28 60.86
N GLN L 323 7.96 -24.08 60.70
CA GLN L 323 7.55 -23.08 59.68
C GLN L 323 8.80 -22.29 59.29
N VAL L 324 8.86 -21.83 58.04
CA VAL L 324 10.04 -21.11 57.46
C VAL L 324 9.54 -19.95 56.58
N SER L 325 9.88 -18.70 56.98
CA SER L 325 9.54 -17.41 56.33
C SER L 325 10.52 -17.13 55.19
N LYS L 326 10.45 -15.94 54.60
CA LYS L 326 11.42 -15.47 53.57
C LYS L 326 12.83 -15.49 54.15
N GLU L 327 12.97 -15.26 55.46
CA GLU L 327 14.27 -15.26 56.18
C GLU L 327 14.01 -15.38 57.69
N ASN L 328 13.86 -16.61 58.17
CA ASN L 328 13.36 -16.96 59.53
C ASN L 328 12.87 -18.41 59.48
N THR L 329 13.27 -19.24 60.46
CA THR L 329 12.88 -20.68 60.57
C THR L 329 12.77 -21.06 62.05
N THR L 330 11.56 -21.42 62.51
CA THR L 330 11.28 -21.85 63.90
C THR L 330 10.91 -23.34 63.89
N ILE L 331 11.60 -24.14 64.70
CA ILE L 331 11.32 -25.59 64.93
C ILE L 331 10.69 -25.72 66.32
N ILE L 332 9.44 -26.18 66.39
CA ILE L 332 8.58 -26.08 67.60
C ILE L 332 8.37 -27.49 68.18
N ASP L 333 9.01 -27.77 69.32
CA ASP L 333 8.86 -29.04 70.10
C ASP L 333 9.60 -30.17 69.37
N GLY L 334 10.87 -30.39 69.74
CA GLY L 334 11.72 -31.44 69.15
C GLY L 334 11.59 -32.75 69.92
N ALA L 335 11.94 -33.86 69.27
CA ALA L 335 11.94 -35.23 69.86
C ALA L 335 12.97 -35.34 70.98
N GLY L 336 14.07 -34.56 70.90
CA GLY L 336 15.21 -34.61 71.83
C GLY L 336 14.79 -34.74 73.28
N ASP L 337 15.64 -35.39 74.09
CA ASP L 337 15.46 -35.68 75.55
C ASP L 337 15.82 -34.44 76.39
N SER L 338 14.89 -33.98 77.24
CA SER L 338 15.06 -32.80 78.14
C SER L 338 16.26 -33.01 79.09
N ALA L 339 16.75 -34.24 79.23
CA ALA L 339 17.99 -34.59 79.96
C ALA L 339 19.20 -34.40 79.05
N ALA L 340 19.19 -35.03 77.86
CA ALA L 340 20.25 -34.93 76.82
C ALA L 340 20.40 -33.48 76.34
N ILE L 341 19.33 -32.68 76.41
CA ILE L 341 19.33 -31.21 76.14
C ILE L 341 20.06 -30.50 77.28
N GLU L 342 19.48 -30.47 78.48
CA GLU L 342 20.05 -29.80 79.69
C GLU L 342 21.47 -30.34 79.94
N SER L 343 21.80 -31.49 79.32
CA SER L 343 23.17 -32.06 79.24
C SER L 343 24.06 -31.20 78.31
N ARG L 344 23.55 -30.91 77.10
CA ARG L 344 24.26 -30.10 76.07
C ARG L 344 24.41 -28.65 76.55
N VAL L 345 23.37 -28.07 77.16
CA VAL L 345 23.38 -26.71 77.80
C VAL L 345 24.60 -26.60 78.72
N GLY L 346 24.70 -27.51 79.69
CA GLY L 346 25.76 -27.55 80.73
C GLY L 346 27.16 -27.55 80.13
N GLN L 347 27.36 -28.23 79.00
CA GLN L 347 28.67 -28.35 78.29
C GLN L 347 29.12 -26.97 77.82
N ILE L 348 28.17 -26.22 77.25
CA ILE L 348 28.39 -24.83 76.75
C ILE L 348 28.56 -23.90 77.96
N LYS L 349 27.79 -24.12 79.03
CA LYS L 349 27.73 -23.23 80.21
C LYS L 349 29.12 -23.09 80.87
N THR L 350 29.96 -24.12 80.80
CA THR L 350 31.34 -24.12 81.39
C THR L 350 32.38 -23.67 80.36
N GLN L 351 31.98 -23.51 79.08
CA GLN L 351 32.83 -22.92 78.01
C GLN L 351 32.79 -21.39 78.09
N ILE L 352 31.70 -20.83 78.63
CA ILE L 352 31.59 -19.39 79.03
C ILE L 352 32.71 -19.05 80.03
N GLU L 353 33.17 -20.06 80.79
CA GLU L 353 34.30 -19.93 81.77
C GLU L 353 35.63 -19.91 81.02
N ASP L 354 35.76 -20.69 79.95
CA ASP L 354 37.01 -20.82 79.14
C ASP L 354 36.91 -19.95 77.89
N THR L 355 36.23 -18.80 77.97
CA THR L 355 36.23 -17.72 76.95
C THR L 355 37.09 -16.54 77.44
N SER L 356 38.41 -16.64 77.27
CA SER L 356 39.32 -15.47 77.26
C SER L 356 39.00 -14.67 75.98
N SER L 357 37.88 -13.95 76.00
CA SER L 357 37.27 -13.25 74.84
C SER L 357 35.98 -12.55 75.30
N ASP L 358 35.53 -11.57 74.53
CA ASP L 358 34.24 -10.84 74.79
C ASP L 358 33.29 -11.09 73.62
N TYR L 359 33.81 -11.29 72.41
CA TYR L 359 33.02 -11.60 71.17
C TYR L 359 32.33 -12.96 71.30
N ASP L 360 32.99 -13.94 71.92
CA ASP L 360 32.50 -15.36 71.96
C ASP L 360 31.59 -15.57 73.17
N ARG L 361 31.83 -14.87 74.29
CA ARG L 361 30.98 -14.98 75.51
C ARG L 361 29.51 -14.75 75.15
N GLU L 362 29.23 -13.88 74.18
CA GLU L 362 27.83 -13.60 73.70
C GLU L 362 27.39 -14.74 72.79
N LYS L 363 28.27 -15.18 71.88
CA LYS L 363 27.98 -16.27 70.88
C LYS L 363 27.47 -17.52 71.57
N LEU L 364 28.12 -17.94 72.66
CA LEU L 364 27.76 -19.17 73.42
C LEU L 364 26.48 -18.91 74.24
N GLN L 365 26.29 -17.66 74.71
CA GLN L 365 25.08 -17.24 75.48
C GLN L 365 23.87 -17.14 74.53
N GLU L 366 24.10 -17.17 73.22
CA GLU L 366 23.03 -17.25 72.18
C GLU L 366 22.66 -18.71 71.92
N ARG L 367 23.61 -19.63 72.10
CA ARG L 367 23.39 -21.10 71.88
C ARG L 367 22.54 -21.66 73.03
N VAL L 368 22.80 -21.24 74.28
CA VAL L 368 22.00 -21.60 75.49
C VAL L 368 20.66 -20.86 75.46
N ALA L 369 20.65 -19.62 74.98
CA ALA L 369 19.41 -18.85 74.67
C ALA L 369 18.53 -19.69 73.74
N LYS L 370 19.15 -20.31 72.70
CA LYS L 370 18.47 -21.07 71.61
C LYS L 370 17.97 -22.43 72.08
N LEU L 371 18.37 -22.88 73.29
CA LEU L 371 18.19 -24.29 73.75
C LEU L 371 17.28 -24.34 74.98
N ALA L 372 17.76 -23.80 76.11
CA ALA L 372 16.99 -23.60 77.36
C ALA L 372 15.81 -22.66 77.08
N GLY L 373 16.05 -21.65 76.24
CA GLY L 373 15.07 -20.58 75.92
C GLY L 373 13.77 -21.13 75.37
N GLY L 374 13.85 -21.91 74.28
CA GLY L 374 12.66 -22.51 73.65
C GLY L 374 11.72 -21.47 73.08
N VAL L 375 10.42 -21.76 73.08
CA VAL L 375 9.42 -21.11 72.16
C VAL L 375 8.09 -20.92 72.88
N ALA L 376 7.46 -19.75 72.68
CA ALA L 376 6.07 -19.43 73.08
C ALA L 376 5.16 -19.58 71.86
N VAL L 377 4.00 -20.24 72.03
CA VAL L 377 3.01 -20.48 70.96
C VAL L 377 1.64 -19.99 71.44
N ILE L 378 1.08 -19.00 70.74
CA ILE L 378 -0.29 -18.46 70.97
C ILE L 378 -1.27 -19.23 70.07
N LYS L 379 -1.79 -20.37 70.54
CA LYS L 379 -2.94 -21.07 69.89
C LYS L 379 -4.12 -20.08 69.84
N VAL L 380 -4.75 -19.91 68.68
CA VAL L 380 -5.79 -18.87 68.43
C VAL L 380 -7.14 -19.33 68.99
N GLY L 381 -8.07 -18.39 69.26
CA GLY L 381 -9.51 -18.67 69.43
C GLY L 381 -10.09 -19.27 68.15
N ALA L 382 -11.41 -19.26 67.97
CA ALA L 382 -12.06 -19.79 66.73
C ALA L 382 -13.57 -19.55 66.72
N SER L 383 -14.35 -20.57 67.13
CA SER L 383 -15.82 -20.67 66.94
C SER L 383 -16.20 -20.30 65.49
N THR L 384 -16.13 -21.27 64.58
CA THR L 384 -16.30 -21.15 63.10
C THR L 384 -14.90 -21.13 62.45
N GLU L 385 -14.55 -22.21 61.73
CA GLU L 385 -13.16 -22.50 61.28
C GLU L 385 -12.69 -21.51 60.20
N ILE L 386 -13.62 -20.81 59.54
CA ILE L 386 -13.27 -19.73 58.56
C ILE L 386 -12.79 -18.50 59.34
N GLU L 387 -13.46 -18.18 60.45
CA GLU L 387 -13.10 -17.01 61.33
C GLU L 387 -11.70 -17.21 61.91
N MET L 388 -11.28 -18.45 62.17
CA MET L 388 -9.93 -18.74 62.74
C MET L 388 -8.87 -18.21 61.77
N LYS L 389 -8.94 -18.64 60.50
CA LYS L 389 -8.03 -18.17 59.40
C LYS L 389 -8.05 -16.64 59.36
N GLU L 390 -9.25 -16.06 59.49
CA GLU L 390 -9.53 -14.59 59.52
C GLU L 390 -8.78 -13.95 60.70
N LYS L 391 -8.64 -14.69 61.82
CA LYS L 391 -8.10 -14.18 63.12
C LYS L 391 -6.57 -14.34 63.16
N LYS L 392 -6.05 -15.54 62.87
CA LYS L 392 -4.60 -15.85 62.83
C LYS L 392 -3.85 -14.75 62.05
N ALA L 393 -4.31 -14.46 60.82
CA ALA L 393 -3.77 -13.40 59.93
C ALA L 393 -3.53 -12.11 60.74
N ARG L 394 -4.53 -11.65 61.49
CA ARG L 394 -4.43 -10.46 62.39
C ARG L 394 -3.32 -10.69 63.42
N VAL L 395 -3.55 -11.61 64.38
CA VAL L 395 -2.56 -12.07 65.40
C VAL L 395 -1.13 -11.94 64.87
N GLU L 396 -0.83 -12.58 63.73
CA GLU L 396 0.54 -12.64 63.13
C GLU L 396 1.09 -11.23 62.88
N ASP L 397 0.41 -10.47 62.02
CA ASP L 397 0.82 -9.08 61.64
C ASP L 397 0.67 -8.16 62.87
N ALA L 398 -0.22 -8.49 63.80
CA ALA L 398 -0.43 -7.78 65.09
C ALA L 398 0.72 -8.08 66.06
N LEU L 399 1.48 -9.15 65.83
CA LEU L 399 2.69 -9.49 66.64
C LEU L 399 3.89 -8.70 66.08
N HIS L 400 4.22 -8.91 64.79
CA HIS L 400 5.37 -8.26 64.06
C HIS L 400 5.29 -6.74 64.23
N ALA L 401 4.06 -6.20 64.30
CA ALA L 401 3.80 -4.76 64.60
C ALA L 401 4.19 -4.47 66.06
N THR L 402 3.61 -5.20 67.01
CA THR L 402 3.84 -5.04 68.48
C THR L 402 5.30 -5.30 68.84
N ARG L 403 5.94 -6.25 68.15
CA ARG L 403 7.36 -6.67 68.34
C ARG L 403 8.30 -5.52 67.97
N ALA L 404 8.07 -4.89 66.81
CA ALA L 404 8.82 -3.72 66.31
C ALA L 404 8.52 -2.50 67.18
N ALA L 405 7.32 -2.45 67.77
CA ALA L 405 6.86 -1.36 68.66
C ALA L 405 7.82 -1.21 69.85
N VAL L 406 8.33 -2.33 70.36
CA VAL L 406 9.25 -2.39 71.54
C VAL L 406 10.59 -1.75 71.18
N GLU L 407 11.23 -2.25 70.12
CA GLU L 407 12.63 -1.90 69.73
C GLU L 407 12.79 -0.41 69.45
N GLU L 408 11.90 0.17 68.65
CA GLU L 408 12.10 1.56 68.12
C GLU L 408 10.96 2.48 68.54
N GLY L 409 9.84 1.96 69.06
CA GLY L 409 8.71 2.76 69.60
C GLY L 409 7.57 2.92 68.61
N VAL L 410 6.70 3.93 68.81
CA VAL L 410 5.47 4.19 68.00
C VAL L 410 5.30 5.70 67.70
N VAL L 411 4.73 6.03 66.53
CA VAL L 411 4.49 7.41 66.00
C VAL L 411 3.05 7.53 65.50
N PRO L 412 2.47 8.75 65.43
CA PRO L 412 1.07 8.92 65.00
C PRO L 412 0.89 8.46 63.55
N GLY L 413 -0.20 7.72 63.29
CA GLY L 413 -0.40 6.89 62.08
C GLY L 413 -0.84 7.72 60.89
N GLY L 414 -1.59 7.10 59.96
CA GLY L 414 -2.12 7.73 58.74
C GLY L 414 -1.06 8.58 58.07
N GLY L 415 0.18 8.07 58.02
CA GLY L 415 1.39 8.78 57.56
C GLY L 415 1.36 10.27 57.88
N VAL L 416 1.10 10.65 59.14
CA VAL L 416 1.22 12.07 59.63
C VAL L 416 2.64 12.25 60.18
N ALA L 417 3.17 11.21 60.85
CA ALA L 417 4.51 11.20 61.46
C ALA L 417 5.55 11.75 60.47
N LEU L 418 5.34 11.55 59.17
CA LEU L 418 6.27 11.98 58.09
C LEU L 418 6.14 13.48 57.79
N VAL L 419 4.95 14.08 57.93
CA VAL L 419 4.73 15.55 57.72
C VAL L 419 4.99 16.28 59.05
N ARG L 420 4.79 15.58 60.17
CA ARG L 420 5.18 16.05 61.52
C ARG L 420 6.70 16.21 61.57
N ALA L 421 7.41 15.32 60.86
CA ALA L 421 8.89 15.28 60.72
C ALA L 421 9.37 16.48 59.89
N LEU L 422 8.59 16.89 58.87
CA LEU L 422 8.89 18.11 58.05
C LEU L 422 8.70 19.37 58.90
N VAL L 423 7.45 19.73 59.21
CA VAL L 423 7.10 20.94 60.01
C VAL L 423 8.40 21.40 60.70
N ALA L 424 9.07 20.50 61.44
CA ALA L 424 10.32 20.78 62.18
C ALA L 424 11.49 20.09 61.47
N VAL L 425 12.18 20.82 60.57
CA VAL L 425 13.42 20.41 59.82
C VAL L 425 13.53 21.23 58.53
N GLY L 426 12.47 21.94 58.12
CA GLY L 426 12.38 22.62 56.80
C GLY L 426 13.12 23.95 56.75
N ASN L 427 14.26 24.08 57.42
CA ASN L 427 15.22 25.20 57.19
C ASN L 427 16.33 24.67 56.27
N LEU L 428 16.49 23.35 56.22
CA LEU L 428 17.74 22.63 55.87
C LEU L 428 18.20 23.00 54.45
N THR L 429 19.46 23.42 54.30
CA THR L 429 20.15 23.68 53.01
C THR L 429 21.41 22.82 52.93
N GLY L 430 21.85 22.49 51.71
CA GLY L 430 23.10 21.74 51.46
C GLY L 430 24.24 22.70 51.19
N ALA L 431 25.37 22.16 50.70
CA ALA L 431 26.64 22.89 50.43
C ALA L 431 26.56 23.66 49.10
N ASN L 432 25.48 23.50 48.35
CA ASN L 432 25.22 24.26 47.10
C ASN L 432 23.72 24.18 46.81
N GLU L 433 23.28 24.56 45.61
CA GLU L 433 21.84 24.82 45.35
C GLU L 433 21.19 23.65 44.61
N ASP L 434 21.99 22.82 43.93
CA ASP L 434 21.53 21.49 43.42
C ASP L 434 21.39 20.55 44.64
N GLN L 435 21.94 20.92 45.80
CA GLN L 435 21.87 20.10 47.04
C GLN L 435 20.64 20.50 47.85
N THR L 436 20.33 21.80 47.97
CA THR L 436 19.07 22.27 48.60
C THR L 436 17.88 21.61 47.88
N HIS L 437 17.85 21.70 46.55
CA HIS L 437 16.74 21.18 45.72
C HIS L 437 16.56 19.68 45.99
N GLY L 438 17.66 18.95 46.22
CA GLY L 438 17.65 17.52 46.60
C GLY L 438 16.93 17.33 47.91
N ILE L 439 17.29 18.13 48.91
CA ILE L 439 16.57 18.26 50.21
C ILE L 439 15.09 18.51 49.90
N GLN L 440 14.77 19.66 49.28
CA GLN L 440 13.38 20.07 48.97
C GLN L 440 12.59 18.89 48.40
N ILE L 441 13.09 18.30 47.31
CA ILE L 441 12.32 17.27 46.53
C ILE L 441 12.09 16.06 47.43
N ALA L 442 12.95 15.90 48.44
CA ALA L 442 12.89 14.80 49.43
C ALA L 442 11.90 15.15 50.55
N LEU L 443 11.84 16.43 50.96
CA LEU L 443 10.80 16.88 51.92
C LEU L 443 9.42 16.71 51.27
N ARG L 444 9.25 17.27 50.06
CA ARG L 444 8.02 17.15 49.24
C ARG L 444 7.48 15.70 49.26
N ALA L 445 8.37 14.73 49.04
CA ALA L 445 8.05 13.28 49.00
C ALA L 445 7.28 12.86 50.24
N MET L 446 7.71 13.33 51.42
CA MET L 446 7.24 12.82 52.74
C MET L 446 5.78 13.21 52.97
N GLU L 447 5.32 14.24 52.27
CA GLU L 447 3.88 14.59 52.20
C GLU L 447 3.12 13.41 51.60
N ALA L 448 3.56 12.96 50.42
CA ALA L 448 2.88 11.98 49.52
C ALA L 448 1.99 11.01 50.29
N PRO L 449 2.51 10.15 51.21
CA PRO L 449 1.67 9.13 51.82
C PRO L 449 0.31 9.74 52.18
N LEU L 450 0.30 10.82 52.97
CA LEU L 450 -0.96 11.46 53.45
C LEU L 450 -1.73 12.06 52.27
N ARG L 451 -1.02 12.77 51.38
CA ARG L 451 -1.57 13.34 50.11
C ARG L 451 -2.17 12.25 49.20
N GLU L 452 -1.94 10.97 49.51
CA GLU L 452 -2.53 9.83 48.77
C GLU L 452 -3.70 9.21 49.55
N ILE L 453 -3.64 9.21 50.89
CA ILE L 453 -4.69 8.65 51.80
C ILE L 453 -5.96 9.50 51.67
N VAL L 454 -5.80 10.80 51.77
CA VAL L 454 -6.88 11.82 51.66
C VAL L 454 -7.42 11.83 50.23
N ALA L 455 -6.61 11.37 49.26
CA ALA L 455 -7.00 11.25 47.84
C ALA L 455 -7.92 10.02 47.68
N ASN L 456 -7.38 8.81 47.85
CA ASN L 456 -8.17 7.55 47.88
C ASN L 456 -9.50 7.83 48.60
N ALA L 457 -9.44 8.59 49.70
CA ALA L 457 -10.63 8.94 50.51
C ALA L 457 -11.62 9.76 49.68
N GLY L 458 -11.39 11.07 49.56
CA GLY L 458 -12.28 12.00 48.87
C GLY L 458 -11.73 13.41 48.89
N GLU L 459 -11.31 13.89 50.06
CA GLU L 459 -11.08 15.33 50.35
C GLU L 459 -9.93 15.85 49.48
N GLU L 460 -9.81 17.18 49.38
CA GLU L 460 -8.66 17.88 48.75
C GLU L 460 -7.42 17.63 49.61
N PRO L 461 -6.40 16.89 49.11
CA PRO L 461 -5.18 16.65 49.88
C PRO L 461 -4.48 17.96 50.27
N SER L 462 -4.13 18.76 49.26
CA SER L 462 -3.73 20.19 49.37
C SER L 462 -4.24 20.81 50.67
N VAL L 463 -5.57 20.74 50.91
CA VAL L 463 -6.33 21.53 51.93
C VAL L 463 -6.25 20.86 53.31
N ILE L 464 -6.24 19.52 53.37
CA ILE L 464 -6.17 18.75 54.64
C ILE L 464 -4.71 18.71 55.13
N LEU L 465 -3.77 18.45 54.20
CA LEU L 465 -2.32 18.28 54.53
C LEU L 465 -1.70 19.63 54.87
N ASN L 466 -2.32 20.73 54.44
CA ASN L 466 -1.95 22.10 54.89
C ASN L 466 -2.49 22.34 56.31
N LYS L 467 -3.63 21.72 56.66
CA LYS L 467 -4.26 21.86 58.00
C LYS L 467 -3.44 21.11 59.07
N VAL L 468 -2.89 19.95 58.71
CA VAL L 468 -2.16 19.06 59.66
C VAL L 468 -0.84 19.74 60.07
N LYS L 469 -0.17 20.42 59.14
CA LYS L 469 1.10 21.13 59.44
C LYS L 469 0.79 22.30 60.38
N GLU L 470 -0.38 22.93 60.21
CA GLU L 470 -0.82 24.13 60.98
C GLU L 470 -0.97 23.76 62.45
N GLY L 471 -1.67 22.65 62.75
CA GLY L 471 -1.70 22.05 64.10
C GLY L 471 -0.34 21.50 64.51
N THR L 472 -0.26 20.84 65.67
CA THR L 472 1.00 20.31 66.25
C THR L 472 0.76 19.15 67.21
N GLY L 473 1.86 18.52 67.64
CA GLY L 473 1.86 17.34 68.53
C GLY L 473 1.46 16.08 67.77
N ASN L 474 0.31 15.51 68.12
CA ASN L 474 -0.27 14.28 67.52
C ASN L 474 -1.44 14.63 66.59
N TYR L 475 -2.07 15.80 66.79
CA TYR L 475 -3.19 16.31 65.93
C TYR L 475 -3.00 15.82 64.49
N GLY L 476 -3.91 14.96 64.02
CA GLY L 476 -3.87 14.34 62.67
C GLY L 476 -5.23 14.33 61.99
N TYR L 477 -5.49 13.33 61.13
CA TYR L 477 -6.76 13.22 60.34
C TYR L 477 -7.16 11.75 60.17
N ASN L 478 -8.17 11.34 60.94
CA ASN L 478 -8.81 10.01 60.80
C ASN L 478 -9.53 9.94 59.45
N ALA L 479 -9.01 9.15 58.51
CA ALA L 479 -9.55 9.01 57.12
C ALA L 479 -10.72 8.01 57.09
N ALA L 480 -10.84 7.18 58.13
CA ALA L 480 -11.97 6.26 58.37
C ALA L 480 -13.24 7.06 58.70
N ASN L 481 -13.05 8.26 59.22
CA ASN L 481 -14.02 9.03 60.05
C ASN L 481 -14.34 10.35 59.33
N GLY L 482 -13.30 11.07 58.91
CA GLY L 482 -13.40 12.41 58.29
C GLY L 482 -13.18 13.51 59.31
N GLU L 483 -12.83 13.14 60.55
CA GLU L 483 -12.59 14.09 61.67
C GLU L 483 -11.09 14.18 61.96
N PHE L 484 -10.63 15.37 62.39
CA PHE L 484 -9.24 15.63 62.87
C PHE L 484 -9.18 15.52 64.39
N GLY L 485 -8.05 15.04 64.92
CA GLY L 485 -7.79 15.00 66.37
C GLY L 485 -6.59 14.14 66.71
N ASP L 486 -6.06 14.32 67.93
CA ASP L 486 -4.94 13.53 68.51
C ASP L 486 -5.03 12.08 68.02
N MET L 487 -4.08 11.66 67.17
CA MET L 487 -4.09 10.36 66.42
C MET L 487 -3.98 9.17 67.37
N VAL L 488 -3.27 9.35 68.50
CA VAL L 488 -3.09 8.30 69.55
C VAL L 488 -4.46 8.02 70.21
N GLU L 489 -5.35 9.01 70.29
CA GLU L 489 -6.76 8.82 70.77
C GLU L 489 -7.47 7.82 69.85
N PHE L 490 -7.63 8.16 68.56
CA PHE L 490 -8.36 7.38 67.52
C PHE L 490 -7.71 6.00 67.33
N GLY L 491 -6.52 5.78 67.90
CA GLY L 491 -5.80 4.49 67.85
C GLY L 491 -5.18 4.26 66.49
N ILE L 492 -4.71 5.34 65.86
CA ILE L 492 -3.98 5.29 64.56
C ILE L 492 -2.50 5.52 64.87
N LEU L 493 -1.70 4.46 64.82
CA LEU L 493 -0.31 4.43 65.33
C LEU L 493 0.44 3.34 64.56
N ASP L 494 1.66 3.64 64.12
CA ASP L 494 2.53 2.68 63.39
C ASP L 494 3.87 2.62 64.14
N PRO L 495 4.56 1.46 64.21
CA PRO L 495 5.87 1.40 64.85
C PRO L 495 6.89 2.30 64.15
N THR L 496 7.61 3.11 64.92
CA THR L 496 8.62 4.07 64.39
C THR L 496 9.56 3.36 63.42
N LYS L 497 9.91 2.10 63.70
CA LYS L 497 10.78 1.22 62.88
C LYS L 497 10.30 1.15 61.43
N VAL L 498 9.03 0.81 61.22
CA VAL L 498 8.42 0.61 59.88
C VAL L 498 8.35 1.95 59.15
N THR L 499 8.05 3.03 59.87
CA THR L 499 7.95 4.40 59.30
C THR L 499 9.33 4.83 58.82
N ARG L 500 10.31 4.81 59.71
CA ARG L 500 11.75 5.09 59.45
C ARG L 500 12.25 4.19 58.31
N SER L 501 12.03 2.88 58.43
CA SER L 501 12.50 1.87 57.44
C SER L 501 12.00 2.27 56.06
N ALA L 502 10.68 2.36 55.89
CA ALA L 502 10.04 2.61 54.58
C ALA L 502 10.79 3.73 53.85
N LEU L 503 10.83 4.92 54.46
CA LEU L 503 11.54 6.15 53.98
C LEU L 503 12.96 5.81 53.48
N GLN L 504 13.86 5.40 54.39
CA GLN L 504 15.29 5.07 54.11
C GLN L 504 15.46 4.25 52.82
N ASN L 505 14.77 3.11 52.68
CA ASN L 505 14.82 2.24 51.47
C ASN L 505 14.33 3.02 50.23
N ALA L 506 13.16 3.64 50.33
CA ALA L 506 12.59 4.49 49.27
C ALA L 506 13.66 5.48 48.79
N ALA L 507 14.34 6.14 49.72
CA ALA L 507 15.45 7.09 49.44
C ALA L 507 16.64 6.33 48.81
N SER L 508 16.98 5.16 49.34
CA SER L 508 18.09 4.34 48.82
C SER L 508 18.02 4.27 47.29
N ILE L 509 16.85 3.88 46.75
CA ILE L 509 16.70 3.56 45.30
C ILE L 509 16.45 4.83 44.48
N ALA L 510 15.98 5.90 45.11
CA ALA L 510 15.88 7.22 44.44
C ALA L 510 17.29 7.62 44.00
N GLY L 511 18.26 7.39 44.88
CA GLY L 511 19.68 7.67 44.61
C GLY L 511 20.20 6.93 43.40
N LEU L 512 19.91 5.64 43.30
CA LEU L 512 20.49 4.74 42.26
C LEU L 512 19.95 5.13 40.88
N MET L 513 18.64 5.30 40.77
CA MET L 513 17.94 5.56 39.49
C MET L 513 18.21 7.00 39.03
N ILE L 514 18.26 7.95 39.96
CA ILE L 514 18.66 9.37 39.66
C ILE L 514 20.06 9.36 39.01
N THR L 515 20.94 8.50 39.52
CA THR L 515 22.38 8.43 39.13
C THR L 515 22.62 7.20 38.25
N THR L 516 21.64 6.80 37.45
CA THR L 516 21.77 5.72 36.43
C THR L 516 21.90 6.39 35.05
N GLU L 517 22.91 5.99 34.27
CA GLU L 517 23.17 6.54 32.92
C GLU L 517 23.03 5.47 31.85
N ALA L 518 22.86 4.19 32.20
CA ALA L 518 22.86 3.12 31.19
C ALA L 518 22.12 1.89 31.70
N MET L 519 21.30 1.29 30.85
CA MET L 519 20.54 0.06 31.17
C MET L 519 20.73 -0.96 30.04
N VAL L 520 20.99 -2.23 30.40
CA VAL L 520 21.28 -3.35 29.46
C VAL L 520 20.18 -4.42 29.58
N ALA L 521 19.46 -4.70 28.48
CA ALA L 521 18.38 -5.71 28.39
C ALA L 521 18.81 -6.85 27.45
N ASP L 522 17.89 -7.78 27.14
CA ASP L 522 18.04 -8.79 26.05
C ASP L 522 17.16 -8.36 24.88
N ALA L 523 17.62 -8.63 23.64
CA ALA L 523 17.12 -8.02 22.38
C ALA L 523 15.70 -8.51 22.07
N PRO L 524 14.64 -7.69 22.35
CA PRO L 524 13.26 -8.19 22.39
C PRO L 524 12.86 -9.26 21.37
N LYS L 525 13.25 -9.14 20.08
CA LYS L 525 12.89 -10.15 19.03
C LYS L 525 14.05 -11.14 18.83
N ALA M 1 15.50 28.39 -14.66
CA ALA M 1 15.51 27.19 -13.78
C ALA M 1 16.74 26.32 -14.07
N ALA M 2 16.94 25.30 -13.23
CA ALA M 2 18.19 24.50 -13.09
C ALA M 2 18.52 23.72 -14.37
N LYS M 3 19.79 23.39 -14.54
CA LYS M 3 20.30 22.39 -15.52
C LYS M 3 20.46 21.05 -14.83
N ASP M 4 20.60 20.00 -15.62
CA ASP M 4 20.71 18.58 -15.19
C ASP M 4 21.79 17.98 -16.08
N ILE M 5 22.91 17.53 -15.48
CA ILE M 5 24.21 17.38 -16.21
C ILE M 5 24.78 15.99 -15.91
N ARG M 6 25.31 15.31 -16.93
CA ARG M 6 25.83 13.91 -16.83
C ARG M 6 27.22 13.81 -17.47
N PHE M 7 28.03 12.88 -16.97
CA PHE M 7 29.47 12.72 -17.31
C PHE M 7 29.77 11.30 -17.78
N GLY M 8 30.64 11.20 -18.79
CA GLY M 8 31.29 9.94 -19.20
C GLY M 8 30.29 8.95 -19.76
N GLU M 9 30.37 7.70 -19.33
CA GLU M 9 29.59 6.60 -19.96
C GLU M 9 28.13 6.75 -19.58
N ASP M 10 27.83 7.41 -18.46
CA ASP M 10 26.44 7.88 -18.18
C ASP M 10 25.96 8.68 -19.40
N ALA M 11 26.77 9.65 -19.85
CA ALA M 11 26.47 10.56 -20.97
C ALA M 11 26.57 9.84 -22.32
N ARG M 12 27.75 9.29 -22.64
CA ARG M 12 28.01 8.59 -23.94
C ARG M 12 26.88 7.58 -24.22
N THR M 13 26.45 6.84 -23.20
CA THR M 13 25.39 5.78 -23.28
C THR M 13 24.10 6.38 -23.81
N ARG M 14 23.65 7.48 -23.21
CA ARG M 14 22.35 8.11 -23.53
C ARG M 14 22.40 8.68 -24.95
N MET M 15 23.54 9.21 -25.38
CA MET M 15 23.73 9.67 -26.79
C MET M 15 23.62 8.48 -27.74
N VAL M 16 24.42 7.43 -27.53
CA VAL M 16 24.48 6.29 -28.48
C VAL M 16 23.08 5.65 -28.60
N ARG M 17 22.30 5.57 -27.51
CA ARG M 17 20.90 5.05 -27.59
C ARG M 17 20.11 5.92 -28.57
N GLY M 18 20.42 7.22 -28.61
CA GLY M 18 19.71 8.23 -29.42
C GLY M 18 20.10 8.21 -30.89
N VAL M 19 21.37 7.97 -31.22
CA VAL M 19 21.80 7.78 -32.65
C VAL M 19 21.27 6.42 -33.11
N ASN M 20 21.13 5.46 -32.19
CA ASN M 20 20.62 4.09 -32.52
C ASN M 20 19.12 4.14 -32.83
N VAL M 21 18.31 4.90 -32.08
CA VAL M 21 16.88 5.17 -32.44
C VAL M 21 16.83 5.72 -33.87
N LEU M 22 17.58 6.79 -34.14
CA LEU M 22 17.54 7.57 -35.42
C LEU M 22 18.05 6.72 -36.59
N ALA M 23 19.24 6.10 -36.45
CA ALA M 23 19.90 5.35 -37.54
C ALA M 23 19.00 4.19 -37.99
N ASN M 24 18.35 3.54 -37.01
CA ASN M 24 17.47 2.36 -37.21
C ASN M 24 16.18 2.82 -37.94
N ALA M 25 15.58 3.94 -37.52
CA ALA M 25 14.43 4.57 -38.20
C ALA M 25 14.74 4.83 -39.68
N VAL M 26 15.98 5.22 -40.01
CA VAL M 26 16.39 5.70 -41.39
C VAL M 26 16.98 4.54 -42.21
N LYS M 27 17.94 3.80 -41.66
CA LYS M 27 18.68 2.74 -42.42
C LYS M 27 17.66 1.74 -42.99
N ALA M 28 16.49 1.60 -42.34
CA ALA M 28 15.32 0.82 -42.80
C ALA M 28 14.89 1.22 -44.22
N THR M 29 15.16 2.45 -44.67
CA THR M 29 14.66 2.99 -45.96
C THR M 29 15.76 2.99 -47.03
N LEU M 30 16.89 2.30 -46.82
CA LEU M 30 18.04 2.40 -47.75
C LEU M 30 17.90 1.41 -48.92
N GLY M 31 18.16 1.91 -50.13
CA GLY M 31 18.60 1.09 -51.28
C GLY M 31 17.46 0.62 -52.17
N PRO M 32 17.78 -0.11 -53.27
CA PRO M 32 16.80 -0.50 -54.27
C PRO M 32 15.59 -1.16 -53.59
N LYS M 33 15.78 -2.33 -52.99
CA LYS M 33 14.75 -2.92 -52.09
C LYS M 33 14.89 -2.19 -50.76
N GLY M 34 14.21 -1.06 -50.66
CA GLY M 34 14.01 -0.30 -49.41
C GLY M 34 12.81 -0.83 -48.66
N ARG M 35 12.48 -0.21 -47.53
CA ARG M 35 11.38 -0.66 -46.63
C ARG M 35 10.62 0.56 -46.11
N ASN M 36 9.28 0.53 -46.18
CA ASN M 36 8.42 1.70 -45.89
C ASN M 36 8.56 2.06 -44.42
N VAL M 37 8.50 3.35 -44.09
CA VAL M 37 8.32 3.86 -42.70
C VAL M 37 7.05 4.72 -42.70
N VAL M 38 6.32 4.74 -41.58
CA VAL M 38 4.95 5.34 -41.47
C VAL M 38 4.99 6.53 -40.51
N LEU M 39 4.76 7.74 -41.01
CA LEU M 39 4.81 8.96 -40.18
C LEU M 39 3.38 9.47 -39.93
N GLU M 40 2.98 9.54 -38.65
CA GLU M 40 1.68 10.10 -38.20
C GLU M 40 1.59 11.55 -38.65
N LYS M 41 0.36 12.03 -38.88
CA LYS M 41 0.02 13.44 -39.19
C LYS M 41 -1.13 13.84 -38.27
N SER M 42 -1.18 15.10 -37.86
CA SER M 42 -2.08 15.61 -36.78
C SER M 42 -3.55 15.49 -37.23
N PHE M 43 -4.02 16.45 -38.02
CA PHE M 43 -5.36 16.42 -38.67
C PHE M 43 -5.19 15.74 -40.04
N GLY M 44 -5.32 14.40 -40.10
CA GLY M 44 -5.30 13.67 -41.38
C GLY M 44 -5.30 12.16 -41.22
N ALA M 45 -4.66 11.48 -42.18
CA ALA M 45 -4.34 10.04 -42.19
C ALA M 45 -2.86 9.89 -42.55
N PRO M 46 -2.14 8.87 -42.02
CA PRO M 46 -0.68 8.90 -41.99
C PRO M 46 0.03 8.72 -43.33
N THR M 47 1.07 9.52 -43.55
CA THR M 47 2.07 9.41 -44.65
C THR M 47 2.84 8.09 -44.47
N ILE M 48 3.13 7.40 -45.56
CA ILE M 48 3.85 6.08 -45.56
C ILE M 48 5.09 6.22 -46.45
N THR M 49 6.02 7.10 -46.07
CA THR M 49 7.24 7.45 -46.85
C THR M 49 8.19 6.25 -46.90
N LYS M 50 9.19 6.31 -47.80
CA LYS M 50 10.29 5.32 -47.92
C LYS M 50 11.61 6.09 -48.05
N ASP M 51 11.58 7.40 -47.85
CA ASP M 51 12.68 8.37 -48.11
C ASP M 51 13.27 8.79 -46.76
N GLY M 52 14.50 8.36 -46.45
CA GLY M 52 15.18 8.55 -45.15
C GLY M 52 15.24 10.00 -44.70
N VAL M 53 15.51 10.91 -45.63
CA VAL M 53 15.48 12.39 -45.38
C VAL M 53 14.19 12.74 -44.62
N SER M 54 13.05 12.32 -45.16
CA SER M 54 11.67 12.59 -44.66
C SER M 54 11.51 12.09 -43.23
N VAL M 55 11.85 10.82 -43.01
CA VAL M 55 11.82 10.14 -41.67
C VAL M 55 12.68 10.97 -40.70
N ALA M 56 13.93 11.23 -41.08
CA ALA M 56 14.98 11.83 -40.24
C ALA M 56 14.50 13.16 -39.64
N LYS M 57 13.78 13.97 -40.43
CA LYS M 57 13.25 15.31 -40.03
C LYS M 57 12.38 15.17 -38.78
N GLU M 58 11.60 14.09 -38.68
CA GLU M 58 10.46 13.96 -37.71
C GLU M 58 10.86 13.14 -36.48
N ILE M 59 12.16 13.01 -36.20
CA ILE M 59 12.68 12.20 -35.06
C ILE M 59 13.14 13.15 -33.95
N GLU M 60 12.51 13.02 -32.78
CA GLU M 60 12.67 13.90 -31.60
C GLU M 60 12.17 13.14 -30.37
N LEU M 61 13.09 12.81 -29.45
CA LEU M 61 12.87 11.87 -28.32
C LEU M 61 12.51 12.66 -27.05
N ALA M 62 11.78 12.03 -26.12
CA ALA M 62 11.45 12.60 -24.79
C ALA M 62 12.73 12.80 -23.96
N ASP M 63 13.48 11.72 -23.67
CA ASP M 63 14.72 11.79 -22.86
C ASP M 63 15.68 12.79 -23.53
N LYS M 64 16.12 13.80 -22.79
CA LYS M 64 16.76 15.04 -23.31
C LYS M 64 18.18 14.73 -23.81
N PHE M 65 18.83 13.67 -23.29
CA PHE M 65 20.20 13.27 -23.69
C PHE M 65 20.11 12.41 -24.96
N GLU M 66 19.36 11.31 -24.87
CA GLU M 66 19.04 10.49 -26.06
C GLU M 66 18.82 11.44 -27.23
N ASN M 67 18.01 12.49 -27.04
CA ASN M 67 17.72 13.47 -28.11
C ASN M 67 19.00 14.17 -28.55
N MET M 68 19.71 14.87 -27.67
CA MET M 68 20.95 15.61 -28.07
C MET M 68 21.77 14.70 -28.98
N GLY M 69 21.86 13.42 -28.62
CA GLY M 69 22.57 12.36 -29.36
C GLY M 69 22.09 12.24 -30.80
N ALA M 70 20.80 11.94 -30.98
CA ALA M 70 20.10 11.89 -32.29
C ALA M 70 20.28 13.22 -33.04
N GLN M 71 19.82 14.33 -32.46
CA GLN M 71 19.79 15.67 -33.12
C GLN M 71 21.19 16.09 -33.57
N MET M 72 22.25 15.54 -32.97
CA MET M 72 23.66 15.87 -33.31
C MET M 72 24.05 15.27 -34.68
N VAL M 73 23.92 13.96 -34.85
CA VAL M 73 24.27 13.26 -36.13
C VAL M 73 23.20 13.58 -37.18
N LYS M 74 22.01 13.98 -36.73
CA LYS M 74 20.92 14.50 -37.60
C LYS M 74 21.35 15.80 -38.28
N GLU M 75 22.23 16.57 -37.64
CA GLU M 75 22.73 17.89 -38.14
C GLU M 75 23.90 17.69 -39.13
N VAL M 76 24.87 16.83 -38.83
CA VAL M 76 26.01 16.55 -39.76
C VAL M 76 25.57 15.59 -40.87
N ALA M 77 24.32 15.12 -40.85
CA ALA M 77 23.66 14.48 -42.01
C ALA M 77 23.23 15.57 -43.01
N SER M 78 22.33 16.46 -42.62
CA SER M 78 21.91 17.64 -43.43
C SER M 78 23.13 18.29 -44.09
N LYS M 79 24.25 18.40 -43.34
CA LYS M 79 25.57 18.93 -43.81
C LYS M 79 25.91 18.41 -45.21
N THR M 80 25.71 17.10 -45.47
CA THR M 80 26.15 16.43 -46.74
C THR M 80 25.03 16.52 -47.80
N ASN M 81 23.82 16.92 -47.40
CA ASN M 81 22.66 17.17 -48.32
C ASN M 81 22.88 18.51 -49.05
N ASP M 82 23.32 19.54 -48.32
CA ASP M 82 23.65 20.90 -48.85
C ASP M 82 24.97 20.82 -49.63
N ASN M 83 25.96 20.10 -49.08
CA ASN M 83 27.25 19.75 -49.76
C ASN M 83 26.97 19.26 -51.18
N ALA M 84 26.36 18.07 -51.31
CA ALA M 84 26.20 17.32 -52.59
C ALA M 84 24.81 16.66 -52.70
N GLY M 85 23.74 17.40 -52.41
CA GLY M 85 22.36 17.10 -52.86
C GLY M 85 21.63 16.04 -52.04
N ASP M 86 22.29 14.92 -51.76
CA ASP M 86 21.68 13.69 -51.15
C ASP M 86 22.71 12.97 -50.27
N GLY M 87 22.49 11.67 -49.98
CA GLY M 87 23.47 10.78 -49.35
C GLY M 87 23.52 10.90 -47.83
N THR M 88 22.53 11.60 -47.24
CA THR M 88 22.33 11.70 -45.76
C THR M 88 21.94 10.34 -45.19
N THR M 89 21.13 9.59 -45.94
CA THR M 89 20.70 8.20 -45.63
C THR M 89 21.93 7.31 -45.39
N THR M 90 23.03 7.56 -46.10
CA THR M 90 24.34 6.82 -46.03
C THR M 90 25.15 7.28 -44.81
N ALA M 91 25.20 8.59 -44.59
CA ALA M 91 26.00 9.27 -43.54
C ALA M 91 25.56 8.79 -42.15
N THR M 92 24.25 8.79 -41.89
CA THR M 92 23.61 8.30 -40.64
C THR M 92 24.08 6.88 -40.31
N VAL M 93 24.14 5.99 -41.31
CA VAL M 93 24.50 4.54 -41.07
C VAL M 93 26.02 4.44 -40.84
N LEU M 94 26.80 5.24 -41.57
CA LEU M 94 28.28 5.36 -41.38
C LEU M 94 28.59 5.88 -39.97
N ALA M 95 27.90 6.96 -39.58
CA ALA M 95 28.00 7.61 -38.24
C ALA M 95 27.62 6.61 -37.15
N GLN M 96 26.49 5.90 -37.32
CA GLN M 96 25.99 4.89 -36.34
C GLN M 96 26.97 3.71 -36.23
N ALA M 97 27.73 3.43 -37.30
CA ALA M 97 28.68 2.30 -37.39
C ALA M 97 30.01 2.64 -36.73
N LEU M 98 30.39 3.93 -36.70
CA LEU M 98 31.63 4.39 -36.00
C LEU M 98 31.34 4.64 -34.51
N ILE M 99 30.18 5.24 -34.22
CA ILE M 99 29.77 5.69 -32.85
C ILE M 99 29.50 4.47 -31.96
N ARG M 100 28.74 3.50 -32.46
CA ARG M 100 28.37 2.27 -31.69
C ARG M 100 29.67 1.62 -31.20
N GLU M 101 30.63 1.45 -32.12
CA GLU M 101 31.96 0.83 -31.89
C GLU M 101 32.84 1.70 -31.00
N GLY M 102 33.02 2.98 -31.37
CA GLY M 102 33.76 3.96 -30.55
C GLY M 102 33.32 3.89 -29.09
N ALA M 103 32.04 4.16 -28.84
CA ALA M 103 31.40 4.13 -27.49
C ALA M 103 31.84 2.89 -26.70
N LYS M 104 31.95 1.74 -27.38
CA LYS M 104 32.30 0.44 -26.74
C LYS M 104 33.79 0.41 -26.41
N ALA M 105 34.66 0.63 -27.40
CA ALA M 105 36.15 0.64 -27.24
C ALA M 105 36.53 1.58 -26.07
N VAL M 106 36.19 2.87 -26.17
CA VAL M 106 36.35 3.87 -25.06
C VAL M 106 36.19 3.13 -23.73
N ALA M 107 35.02 2.50 -23.55
CA ALA M 107 34.58 1.79 -22.33
C ALA M 107 35.42 0.54 -22.07
N ALA M 108 35.92 -0.09 -23.13
CA ALA M 108 36.88 -1.23 -23.07
C ALA M 108 38.16 -0.77 -22.38
N GLY M 109 38.36 0.56 -22.34
CA GLY M 109 39.46 1.25 -21.61
C GLY M 109 40.44 1.92 -22.55
N MET M 110 40.24 1.81 -23.87
CA MET M 110 41.16 2.40 -24.87
C MET M 110 41.07 3.93 -24.81
N ASN M 111 42.06 4.59 -25.40
CA ASN M 111 42.33 6.04 -25.28
C ASN M 111 41.55 6.76 -26.38
N PRO M 112 40.57 7.61 -26.03
CA PRO M 112 39.64 8.18 -27.01
C PRO M 112 40.28 9.07 -28.08
N MET M 113 41.27 9.88 -27.69
CA MET M 113 41.92 10.87 -28.60
C MET M 113 42.72 10.09 -29.65
N ASP M 114 43.27 8.94 -29.26
CA ASP M 114 43.95 7.97 -30.17
C ASP M 114 42.93 7.43 -31.18
N LEU M 115 41.90 6.73 -30.68
CA LEU M 115 40.76 6.21 -31.49
C LEU M 115 40.28 7.28 -32.49
N LYS M 116 40.08 8.52 -32.03
CA LYS M 116 39.67 9.66 -32.92
C LYS M 116 40.67 9.75 -34.09
N ARG M 117 41.96 9.95 -33.78
CA ARG M 117 43.01 10.20 -34.80
C ARG M 117 43.30 8.91 -35.59
N GLY M 118 42.96 7.74 -35.02
CA GLY M 118 42.97 6.46 -35.75
C GLY M 118 41.97 6.46 -36.91
N ILE M 119 40.73 6.89 -36.63
CA ILE M 119 39.62 6.93 -37.62
C ILE M 119 39.95 7.99 -38.68
N ASP M 120 40.35 9.17 -38.21
CA ASP M 120 40.60 10.36 -39.07
C ASP M 120 41.76 10.02 -40.03
N GLN M 121 42.66 9.09 -39.65
CA GLN M 121 43.82 8.64 -40.47
C GLN M 121 43.36 7.71 -41.60
N ALA M 122 42.63 6.64 -41.25
CA ALA M 122 42.10 5.63 -42.19
C ALA M 122 41.15 6.30 -43.20
N VAL M 123 40.29 7.21 -42.72
CA VAL M 123 39.34 7.98 -43.58
C VAL M 123 40.16 8.91 -44.49
N LYS M 124 41.16 9.61 -43.91
CA LYS M 124 42.15 10.46 -44.66
C LYS M 124 42.75 9.64 -45.82
N ALA M 125 43.25 8.43 -45.52
CA ALA M 125 44.06 7.59 -46.44
C ALA M 125 43.18 6.64 -47.27
N ALA M 126 41.85 6.76 -47.17
CA ALA M 126 40.86 5.97 -47.93
C ALA M 126 39.99 6.87 -48.80
N VAL M 127 40.14 8.19 -48.67
CA VAL M 127 39.47 9.20 -49.55
C VAL M 127 40.39 9.45 -50.75
N VAL M 128 41.70 9.28 -50.56
CA VAL M 128 42.71 9.27 -51.67
C VAL M 128 42.26 8.22 -52.69
N GLU M 129 41.90 7.05 -52.19
CA GLU M 129 41.67 5.81 -52.98
C GLU M 129 40.29 5.87 -53.65
N LEU M 130 39.35 6.61 -53.04
CA LEU M 130 37.99 6.86 -53.59
C LEU M 130 38.08 7.92 -54.70
N LYS M 131 39.05 8.85 -54.61
CA LYS M 131 39.37 9.85 -55.67
C LYS M 131 40.24 9.17 -56.73
N ASN M 132 40.85 8.04 -56.37
CA ASN M 132 41.73 7.23 -57.25
C ASN M 132 40.89 6.47 -58.27
N ILE M 133 39.62 6.19 -57.97
CA ILE M 133 38.73 5.35 -58.82
C ILE M 133 37.70 6.22 -59.58
N SER M 134 37.81 7.55 -59.51
CA SER M 134 36.78 8.49 -60.05
C SER M 134 36.99 8.75 -61.54
N LYS M 135 36.15 8.15 -62.37
CA LYS M 135 36.06 8.41 -63.84
C LYS M 135 35.35 9.74 -64.06
N PRO M 136 36.04 10.82 -64.51
CA PRO M 136 35.41 12.13 -64.65
C PRO M 136 34.24 12.17 -65.66
N THR M 137 33.36 13.17 -65.51
CA THR M 137 32.12 13.34 -66.31
C THR M 137 32.04 14.79 -66.82
N THR M 138 33.00 15.19 -67.65
CA THR M 138 33.26 16.61 -68.03
C THR M 138 32.95 16.85 -69.52
N ASP M 139 32.84 15.79 -70.33
CA ASP M 139 32.46 15.87 -71.78
C ASP M 139 30.94 15.67 -71.90
N ASP M 140 30.31 16.22 -72.95
CA ASP M 140 28.84 16.41 -73.05
C ASP M 140 28.12 15.08 -73.35
N LYS M 141 28.86 14.05 -73.80
CA LYS M 141 28.35 12.65 -73.95
C LYS M 141 28.03 12.09 -72.56
N ALA M 142 28.96 12.27 -71.61
CA ALA M 142 28.88 11.80 -70.21
C ALA M 142 27.90 12.66 -69.41
N ILE M 143 28.01 13.99 -69.50
CA ILE M 143 27.11 14.95 -68.76
C ILE M 143 25.66 14.51 -68.98
N ALA M 144 25.29 14.26 -70.24
CA ALA M 144 23.93 13.78 -70.62
C ALA M 144 23.68 12.42 -69.97
N GLN M 145 24.55 11.42 -70.25
CA GLN M 145 24.47 10.04 -69.69
C GLN M 145 24.03 10.11 -68.21
N VAL M 146 24.75 10.90 -67.41
CA VAL M 146 24.61 10.98 -65.92
C VAL M 146 23.26 11.61 -65.55
N GLY M 147 22.93 12.76 -66.16
CA GLY M 147 21.62 13.41 -65.99
C GLY M 147 20.49 12.41 -66.18
N THR M 148 20.62 11.55 -67.21
CA THR M 148 19.63 10.49 -67.59
C THR M 148 19.50 9.47 -66.45
N ILE M 149 20.62 8.84 -66.07
CA ILE M 149 20.72 7.83 -64.97
C ILE M 149 20.01 8.36 -63.72
N SER M 150 20.34 9.60 -63.33
CA SER M 150 19.90 10.26 -62.07
C SER M 150 18.41 10.56 -62.06
N ALA M 151 17.74 10.49 -63.21
CA ALA M 151 16.31 10.81 -63.37
C ALA M 151 15.53 9.59 -63.88
N ASN M 152 15.36 8.56 -63.04
CA ASN M 152 14.58 7.33 -63.35
C ASN M 152 15.17 6.61 -64.56
N SER M 153 16.14 7.22 -65.26
CA SER M 153 16.63 6.83 -66.61
C SER M 153 15.65 7.38 -67.66
N ASP M 154 15.66 8.70 -67.88
CA ASP M 154 14.77 9.44 -68.84
C ASP M 154 15.65 10.24 -69.82
N GLU M 155 15.83 9.73 -71.04
CA GLU M 155 16.73 10.28 -72.12
C GLU M 155 16.58 11.79 -72.23
N SER M 156 15.37 12.33 -72.05
CA SER M 156 14.99 13.74 -72.34
C SER M 156 15.63 14.69 -71.32
N ILE M 157 15.28 14.52 -70.05
CA ILE M 157 15.79 15.33 -68.89
C ILE M 157 17.32 15.23 -68.85
N GLY M 158 17.88 14.06 -69.11
CA GLY M 158 19.34 13.84 -69.20
C GLY M 158 20.03 14.79 -70.16
N ASN M 159 19.35 15.19 -71.24
CA ASN M 159 19.94 15.97 -72.37
C ASN M 159 19.88 17.47 -72.07
N ILE M 160 18.74 17.99 -71.63
CA ILE M 160 18.51 19.46 -71.45
C ILE M 160 19.32 19.99 -70.26
N ILE M 161 19.72 19.10 -69.34
CA ILE M 161 20.66 19.43 -68.23
C ILE M 161 22.03 19.77 -68.83
N ALA M 162 22.43 19.03 -69.87
CA ALA M 162 23.73 19.18 -70.58
C ALA M 162 23.66 20.32 -71.60
N GLU M 163 22.48 20.53 -72.21
CA GLU M 163 22.21 21.62 -73.20
C GLU M 163 21.86 22.91 -72.45
N ALA M 164 21.98 22.91 -71.13
CA ALA M 164 22.07 24.10 -70.24
C ALA M 164 23.50 24.24 -69.69
N MET M 165 24.24 23.13 -69.61
CA MET M 165 25.69 23.11 -69.27
C MET M 165 26.53 23.30 -70.54
N LYS M 166 25.91 23.87 -71.59
CA LYS M 166 26.60 24.63 -72.66
C LYS M 166 26.07 26.07 -72.63
N LYS M 167 24.76 26.25 -72.47
CA LYS M 167 24.07 27.58 -72.46
C LYS M 167 24.78 28.52 -71.47
N VAL M 168 24.91 28.14 -70.19
CA VAL M 168 25.58 28.98 -69.13
C VAL M 168 26.87 28.29 -68.64
N GLY M 169 27.31 27.22 -69.31
CA GLY M 169 28.58 26.52 -69.00
C GLY M 169 28.46 25.69 -67.73
N LYS M 170 29.33 24.66 -67.60
CA LYS M 170 29.27 23.67 -66.48
C LYS M 170 29.72 24.36 -65.18
N GLU M 171 28.92 25.33 -64.73
CA GLU M 171 29.29 26.35 -63.70
C GLU M 171 28.08 27.24 -63.42
N GLY M 172 27.49 27.80 -64.48
CA GLY M 172 26.48 28.87 -64.42
C GLY M 172 25.23 28.46 -63.66
N VAL M 173 24.45 29.47 -63.26
CA VAL M 173 23.19 29.33 -62.47
C VAL M 173 22.12 28.67 -63.34
N ILE M 174 21.50 27.60 -62.83
CA ILE M 174 20.45 26.80 -63.53
C ILE M 174 19.28 26.60 -62.56
N THR M 175 18.10 27.15 -62.85
CA THR M 175 16.87 26.98 -62.02
C THR M 175 15.96 25.93 -62.67
N VAL M 176 14.76 25.69 -62.12
CA VAL M 176 13.68 24.85 -62.72
C VAL M 176 12.31 25.43 -62.30
N GLU M 177 11.33 25.43 -63.20
CA GLU M 177 10.00 26.05 -62.95
C GLU M 177 8.87 25.13 -63.42
N GLU M 178 7.63 25.49 -63.06
CA GLU M 178 6.37 24.93 -63.63
C GLU M 178 6.40 25.10 -65.16
N GLY M 179 5.77 24.17 -65.88
CA GLY M 179 5.84 24.09 -67.36
C GLY M 179 4.83 25.00 -68.04
N SER M 180 5.08 25.27 -69.32
CA SER M 180 4.09 25.73 -70.33
C SER M 180 2.95 24.70 -70.40
N GLY M 181 3.29 23.45 -70.73
CA GLY M 181 2.40 22.29 -70.52
C GLY M 181 2.67 21.14 -71.48
N LEU M 182 3.74 20.38 -71.24
CA LEU M 182 4.18 19.17 -71.99
C LEU M 182 5.50 19.50 -72.70
N GLU M 183 6.56 18.76 -72.37
CA GLU M 183 7.89 18.85 -73.04
C GLU M 183 8.64 20.11 -72.59
N ASN M 184 9.96 20.00 -72.38
CA ASN M 184 10.76 20.95 -71.57
C ASN M 184 11.20 22.15 -72.42
N GLU M 185 11.02 23.36 -71.88
CA GLU M 185 11.52 24.65 -72.42
C GLU M 185 12.80 25.03 -71.68
N LEU M 186 13.69 25.80 -72.34
CA LEU M 186 15.08 26.10 -71.89
C LEU M 186 15.36 27.59 -72.14
N ASP M 187 14.73 28.46 -71.36
CA ASP M 187 14.68 29.94 -71.56
C ASP M 187 15.84 30.61 -70.80
N VAL M 188 17.03 30.69 -71.40
CA VAL M 188 18.22 31.39 -70.84
C VAL M 188 17.92 32.90 -70.78
N VAL M 189 17.75 33.44 -69.57
CA VAL M 189 17.33 34.86 -69.33
C VAL M 189 18.41 35.58 -68.52
N GLU M 190 18.18 36.86 -68.20
CA GLU M 190 19.11 37.76 -67.48
C GLU M 190 18.86 37.65 -65.98
N GLY M 191 19.91 37.39 -65.20
CA GLY M 191 19.83 37.21 -63.73
C GLY M 191 21.16 36.88 -63.10
N MET M 192 21.15 36.56 -61.79
CA MET M 192 22.37 36.35 -60.96
C MET M 192 21.97 35.68 -59.64
N GLN M 193 22.84 34.81 -59.13
CA GLN M 193 22.59 33.99 -57.90
C GLN M 193 23.74 34.19 -56.91
N PHE M 194 23.42 34.43 -55.62
CA PHE M 194 24.43 34.68 -54.55
C PHE M 194 24.24 33.67 -53.39
N ASP M 195 25.30 33.47 -52.60
CA ASP M 195 25.45 32.37 -51.60
C ASP M 195 24.99 32.84 -50.22
N ARG M 196 23.67 33.04 -50.04
CA ARG M 196 23.00 33.41 -48.75
C ARG M 196 21.50 33.08 -48.86
N GLY M 197 20.95 32.33 -47.90
CA GLY M 197 19.57 31.81 -47.94
C GLY M 197 18.64 32.55 -46.99
N TYR M 198 17.49 31.95 -46.69
CA TYR M 198 16.41 32.54 -45.83
C TYR M 198 16.95 32.71 -44.41
N LEU M 199 16.65 33.85 -43.77
CA LEU M 199 17.15 34.22 -42.41
C LEU M 199 16.33 33.54 -41.31
N SER M 200 15.28 32.80 -41.67
CA SER M 200 14.59 31.79 -40.81
C SER M 200 13.76 30.87 -41.69
N PRO M 201 13.31 29.70 -41.17
CA PRO M 201 12.33 28.89 -41.89
C PRO M 201 11.01 29.67 -41.93
N TYR M 202 9.94 29.02 -42.40
CA TYR M 202 8.53 29.54 -42.40
C TYR M 202 8.35 30.62 -43.48
N PHE M 203 9.37 30.86 -44.30
CA PHE M 203 9.24 31.54 -45.63
C PHE M 203 9.14 30.48 -46.71
N ILE M 204 9.41 29.21 -46.34
CA ILE M 204 9.37 28.01 -47.22
C ILE M 204 7.91 27.82 -47.70
N ASN M 205 7.51 28.50 -48.77
CA ASN M 205 6.08 28.58 -49.22
C ASN M 205 5.79 27.54 -50.31
N ASN M 206 6.80 27.05 -51.02
CA ASN M 206 6.70 25.88 -51.95
C ASN M 206 7.48 24.72 -51.34
N GLN M 207 6.94 24.20 -50.24
CA GLN M 207 7.58 23.27 -49.26
C GLN M 207 7.76 21.86 -49.84
N GLN M 208 7.50 21.68 -51.14
CA GLN M 208 7.85 20.46 -51.92
C GLN M 208 9.38 20.37 -52.05
N SER M 209 10.07 21.50 -51.90
CA SER M 209 11.51 21.72 -52.22
C SER M 209 12.24 22.40 -51.06
N GLN M 210 11.70 22.29 -49.83
CA GLN M 210 12.09 23.07 -48.61
C GLN M 210 12.52 24.50 -48.99
N SER M 211 11.99 25.00 -50.10
CA SER M 211 12.45 26.21 -50.84
C SER M 211 11.42 27.33 -50.71
N ALA M 212 11.74 28.52 -51.21
CA ALA M 212 10.90 29.74 -51.13
C ALA M 212 10.79 30.38 -52.51
N ASP M 213 9.55 30.57 -52.96
CA ASP M 213 9.27 31.02 -54.34
C ASP M 213 8.36 32.24 -54.35
N LEU M 214 8.89 33.29 -54.96
CA LEU M 214 8.13 34.51 -55.23
C LEU M 214 8.54 34.98 -56.61
N ASP M 215 7.58 35.50 -57.36
CA ASP M 215 7.80 35.97 -58.74
C ASP M 215 7.16 37.35 -58.89
N ASP M 216 7.53 38.01 -59.99
CA ASP M 216 7.04 39.36 -60.35
C ASP M 216 7.12 40.28 -59.14
N PRO M 217 8.35 40.51 -58.63
CA PRO M 217 8.48 41.34 -57.45
C PRO M 217 9.44 42.52 -57.53
N PHE M 218 9.27 43.40 -56.55
CA PHE M 218 10.17 44.53 -56.31
C PHE M 218 11.26 44.03 -55.39
N ILE M 219 12.40 44.70 -55.38
CA ILE M 219 13.58 44.22 -54.61
C ILE M 219 14.09 45.35 -53.71
N LEU M 220 14.06 45.15 -52.40
CA LEU M 220 14.47 46.15 -51.37
C LEU M 220 15.89 45.85 -50.88
N LEU M 221 16.87 46.62 -51.34
CA LEU M 221 18.31 46.47 -50.96
C LEU M 221 18.63 47.49 -49.85
N HIS M 222 18.99 47.02 -48.65
CA HIS M 222 19.56 47.84 -47.54
C HIS M 222 21.04 47.48 -47.31
N ASP M 223 21.81 48.44 -46.79
CA ASP M 223 23.26 48.29 -46.46
C ASP M 223 23.42 48.19 -44.94
N LYS M 224 22.31 48.17 -44.20
CA LYS M 224 22.26 48.45 -42.75
C LYS M 224 21.29 47.47 -42.08
N LYS M 225 21.51 47.18 -40.79
CA LYS M 225 20.68 46.25 -39.97
C LYS M 225 19.27 46.86 -39.78
N ILE M 226 18.31 46.02 -39.38
CA ILE M 226 16.87 46.42 -39.18
C ILE M 226 16.34 45.78 -37.89
N SER M 227 15.62 46.58 -37.10
CA SER M 227 14.98 46.18 -35.81
C SER M 227 13.62 46.87 -35.67
N ASN M 228 13.63 48.21 -35.78
CA ASN M 228 12.43 49.09 -35.81
C ASN M 228 11.45 48.60 -36.88
N VAL M 229 10.23 48.26 -36.49
CA VAL M 229 9.13 47.80 -37.40
C VAL M 229 8.48 49.03 -38.05
N ARG M 230 8.98 50.24 -37.74
CA ARG M 230 8.30 51.54 -38.04
C ARG M 230 9.03 52.30 -39.16
N ASP M 231 10.35 52.12 -39.31
CA ASP M 231 11.14 52.77 -40.38
C ASP M 231 10.86 52.06 -41.72
N LEU M 232 9.83 51.21 -41.73
CA LEU M 232 9.36 50.45 -42.92
C LEU M 232 8.01 51.02 -43.38
N LEU M 233 7.02 51.12 -42.46
CA LEU M 233 5.56 51.33 -42.72
C LEU M 233 5.31 52.43 -43.75
N PRO M 234 6.25 53.38 -43.98
CA PRO M 234 6.34 54.08 -45.25
C PRO M 234 6.04 53.27 -46.51
N VAL M 235 6.52 52.03 -46.60
CA VAL M 235 6.33 51.22 -47.84
C VAL M 235 6.23 49.73 -47.51
N LEU M 236 5.16 49.37 -46.83
CA LEU M 236 4.91 47.95 -46.50
C LEU M 236 3.49 47.61 -46.96
N GLU M 237 3.07 48.25 -48.05
CA GLU M 237 1.69 48.13 -48.61
C GLU M 237 1.30 46.66 -48.64
N GLY M 238 0.76 46.19 -47.52
CA GLY M 238 0.35 44.78 -47.34
C GLY M 238 -0.50 44.27 -48.48
N VAL M 239 -1.72 44.78 -48.58
CA VAL M 239 -2.65 44.32 -49.64
C VAL M 239 -2.90 45.45 -50.63
N ALA M 240 -1.92 46.34 -50.79
CA ALA M 240 -2.00 47.43 -51.78
C ALA M 240 -1.61 46.85 -53.14
N LYS M 241 -0.34 46.97 -53.49
CA LYS M 241 0.20 46.23 -54.66
C LYS M 241 0.17 44.74 -54.28
N ALA M 242 -0.82 44.01 -54.83
CA ALA M 242 -1.20 42.61 -54.50
C ALA M 242 -0.01 41.75 -54.04
N GLY M 243 0.33 41.89 -52.75
CA GLY M 243 1.39 41.08 -52.12
C GLY M 243 2.75 41.37 -52.71
N LYS M 244 3.03 40.80 -53.87
CA LYS M 244 4.34 40.95 -54.54
C LYS M 244 5.43 40.85 -53.45
N PRO M 245 5.52 39.60 -52.91
CA PRO M 245 6.34 39.00 -51.88
C PRO M 245 7.56 39.87 -51.53
N LEU M 246 8.01 40.65 -52.50
CA LEU M 246 9.23 41.49 -52.44
C LEU M 246 10.35 40.75 -51.69
N LEU M 247 11.60 40.98 -52.09
CA LEU M 247 12.79 40.38 -51.42
C LEU M 247 13.37 41.40 -50.45
N ILE M 248 13.82 40.93 -49.27
CA ILE M 248 14.47 41.75 -48.20
C ILE M 248 15.93 41.31 -48.07
N VAL M 249 16.84 41.97 -48.77
CA VAL M 249 18.31 41.70 -48.68
C VAL M 249 18.95 42.88 -47.94
N ALA M 250 19.06 42.74 -46.61
CA ALA M 250 19.81 43.62 -45.70
C ALA M 250 21.04 42.86 -45.19
N GLU M 251 21.99 43.57 -44.59
CA GLU M 251 23.15 42.99 -43.85
C GLU M 251 22.62 41.98 -42.84
N GLU M 252 21.55 42.34 -42.12
CA GLU M 252 20.86 41.49 -41.11
C GLU M 252 19.44 42.01 -40.86
N VAL M 253 18.61 41.21 -40.18
CA VAL M 253 17.25 41.58 -39.68
C VAL M 253 17.03 40.92 -38.32
N GLU M 254 16.97 41.73 -37.25
CA GLU M 254 17.15 41.33 -35.81
C GLU M 254 15.80 41.12 -35.10
N GLY M 255 15.79 40.22 -34.12
CA GLY M 255 14.88 40.21 -32.94
C GLY M 255 13.40 40.37 -33.27
N GLU M 256 12.83 41.54 -32.97
CA GLU M 256 11.37 41.86 -33.09
C GLU M 256 11.05 42.30 -34.52
N ALA M 257 12.06 42.56 -35.35
CA ALA M 257 11.89 42.75 -36.82
C ALA M 257 11.47 41.41 -37.44
N LEU M 258 12.39 40.45 -37.57
CA LEU M 258 12.17 39.19 -38.36
C LEU M 258 11.10 38.31 -37.70
N ALA M 259 10.96 38.34 -36.37
CA ALA M 259 10.03 37.46 -35.61
C ALA M 259 8.60 38.02 -35.72
N THR M 260 8.44 39.31 -36.06
CA THR M 260 7.13 39.95 -36.39
C THR M 260 7.00 40.09 -37.92
N LEU M 261 8.06 39.82 -38.68
CA LEU M 261 8.02 39.70 -40.16
C LEU M 261 7.67 38.25 -40.54
N VAL M 262 7.39 37.41 -39.53
CA VAL M 262 6.84 36.03 -39.74
C VAL M 262 5.33 36.17 -39.96
N VAL M 263 4.61 36.71 -38.95
CA VAL M 263 3.11 36.77 -38.95
C VAL M 263 2.62 37.04 -40.38
N ASN M 264 2.78 38.26 -40.89
CA ASN M 264 2.03 38.77 -42.08
C ASN M 264 2.37 37.91 -43.31
N THR M 265 3.65 37.64 -43.56
CA THR M 265 4.18 36.93 -44.78
C THR M 265 3.49 35.56 -44.92
N ILE M 266 3.23 34.87 -43.81
CA ILE M 266 2.66 33.48 -43.75
C ILE M 266 1.23 33.52 -43.17
N ARG M 267 0.91 34.49 -42.29
CA ARG M 267 -0.50 34.78 -41.87
C ARG M 267 -1.16 35.61 -42.98
N GLY M 268 -1.10 35.11 -44.22
CA GLY M 268 -1.69 35.76 -45.41
C GLY M 268 -0.90 36.97 -45.88
N ILE M 269 -1.19 38.15 -45.29
CA ILE M 269 -0.98 39.51 -45.87
C ILE M 269 0.49 39.69 -46.30
N VAL M 270 0.73 40.00 -47.59
CA VAL M 270 2.08 40.17 -48.25
C VAL M 270 2.86 38.85 -48.14
N LYS M 271 3.72 38.55 -49.13
CA LYS M 271 4.45 37.25 -49.19
C LYS M 271 5.90 37.44 -48.72
N VAL M 272 6.57 38.50 -49.19
CA VAL M 272 7.92 39.03 -48.79
C VAL M 272 8.82 38.00 -48.08
N VAL M 273 10.08 37.85 -48.53
CA VAL M 273 11.10 36.98 -47.89
C VAL M 273 12.38 37.80 -47.65
N ALA M 274 13.13 37.46 -46.59
CA ALA M 274 14.34 38.17 -46.11
C ALA M 274 15.57 37.25 -46.21
N VAL M 275 16.73 37.83 -46.60
CA VAL M 275 18.05 37.11 -46.76
C VAL M 275 19.19 38.04 -46.33
N LYS M 276 20.41 37.49 -46.19
CA LYS M 276 21.65 38.22 -45.79
C LYS M 276 22.35 38.80 -47.02
N ALA M 277 22.76 40.07 -46.97
CA ALA M 277 23.56 40.74 -48.02
C ALA M 277 24.93 40.10 -48.12
N PRO M 278 25.27 39.47 -49.27
CA PRO M 278 26.41 38.55 -49.35
C PRO M 278 27.78 39.19 -49.09
N GLY M 279 28.73 38.38 -48.60
CA GLY M 279 30.09 38.80 -48.22
C GLY M 279 30.06 39.76 -47.04
N PHE M 280 30.81 40.87 -47.14
CA PHE M 280 30.91 41.93 -46.10
C PHE M 280 31.70 43.13 -46.64
N GLY M 281 31.70 44.23 -45.87
CA GLY M 281 32.61 45.37 -46.04
C GLY M 281 32.34 46.15 -47.32
N ASP M 282 33.01 45.78 -48.42
CA ASP M 282 33.06 46.56 -49.70
C ASP M 282 32.61 45.70 -50.88
N ARG M 283 33.08 44.46 -50.97
CA ARG M 283 32.51 43.47 -51.94
C ARG M 283 31.05 43.19 -51.54
N ARG M 284 30.56 43.81 -50.45
CA ARG M 284 29.11 43.91 -50.11
C ARG M 284 28.52 45.15 -50.78
N LYS M 285 29.09 46.32 -50.51
CA LYS M 285 28.70 47.63 -51.13
C LYS M 285 28.60 47.43 -52.65
N ALA M 286 29.65 46.84 -53.24
CA ALA M 286 29.83 46.60 -54.69
C ALA M 286 28.76 45.64 -55.22
N MET M 287 28.57 44.48 -54.57
CA MET M 287 27.60 43.42 -55.00
C MET M 287 26.16 43.89 -54.75
N LEU M 288 25.92 44.67 -53.69
CA LEU M 288 24.61 45.30 -53.42
C LEU M 288 24.28 46.29 -54.55
N GLU M 289 25.32 46.85 -55.18
CA GLU M 289 25.20 47.74 -56.38
C GLU M 289 24.88 46.87 -57.60
N ASP M 290 25.65 45.79 -57.81
CA ASP M 290 25.46 44.81 -58.91
C ASP M 290 23.97 44.44 -59.05
N MET M 291 23.29 44.16 -57.93
CA MET M 291 21.85 43.76 -57.94
C MET M 291 20.96 44.97 -57.66
N ALA M 292 21.34 46.13 -58.21
CA ALA M 292 20.51 47.35 -58.36
C ALA M 292 20.41 47.71 -59.85
N VAL M 293 21.56 47.73 -60.54
CA VAL M 293 21.66 47.96 -62.02
C VAL M 293 21.01 46.76 -62.73
N LEU M 294 21.30 45.54 -62.26
CA LEU M 294 20.75 44.27 -62.83
C LEU M 294 19.24 44.22 -62.57
N THR M 295 18.81 44.61 -61.38
CA THR M 295 17.38 44.61 -60.95
C THR M 295 16.65 45.81 -61.56
N GLY M 296 17.38 46.89 -61.86
CA GLY M 296 16.82 48.18 -62.28
C GLY M 296 16.39 49.03 -61.09
N GLY M 297 16.83 48.66 -59.87
CA GLY M 297 16.53 49.37 -58.63
C GLY M 297 17.66 50.29 -58.21
N THR M 298 17.65 50.73 -56.94
CA THR M 298 18.67 51.63 -56.32
C THR M 298 18.97 51.13 -54.90
N VAL M 299 20.22 51.26 -54.47
CA VAL M 299 20.72 50.84 -53.12
C VAL M 299 20.26 51.88 -52.08
N ILE M 300 19.94 51.42 -50.87
CA ILE M 300 19.30 52.25 -49.80
C ILE M 300 20.18 52.22 -48.55
N SER M 301 20.64 53.41 -48.12
CA SER M 301 21.51 53.63 -46.93
C SER M 301 21.82 55.13 -46.80
N GLU M 302 21.62 55.71 -45.61
CA GLU M 302 22.00 57.12 -45.30
C GLU M 302 23.48 57.31 -45.61
N GLU M 303 23.84 57.21 -46.91
CA GLU M 303 25.24 57.27 -47.42
C GLU M 303 25.32 58.24 -48.59
N VAL M 304 24.28 58.27 -49.43
CA VAL M 304 23.95 59.42 -50.32
C VAL M 304 22.55 59.92 -49.91
N GLY M 305 22.31 60.01 -48.59
CA GLY M 305 21.17 60.70 -47.97
C GLY M 305 19.95 59.82 -47.75
N LEU M 306 19.83 58.72 -48.50
CA LEU M 306 18.56 57.96 -48.68
C LEU M 306 18.27 57.11 -47.42
N ALA M 307 17.41 57.65 -46.54
CA ALA M 307 16.99 57.05 -45.25
C ALA M 307 15.70 56.24 -45.42
N LEU M 308 15.12 55.77 -44.30
CA LEU M 308 14.18 54.62 -44.26
C LEU M 308 12.72 55.09 -44.15
N GLU M 309 12.49 56.40 -44.01
CA GLU M 309 11.16 57.00 -44.28
C GLU M 309 11.01 57.10 -45.80
N LYS M 310 11.73 58.04 -46.42
CA LYS M 310 11.53 58.48 -47.83
C LYS M 310 12.06 57.40 -48.78
N ALA M 311 11.18 56.47 -49.18
CA ALA M 311 11.38 55.46 -50.26
C ALA M 311 10.05 55.19 -50.97
N THR M 312 10.05 55.19 -52.31
CA THR M 312 8.88 54.86 -53.16
C THR M 312 8.97 53.39 -53.59
N ILE M 313 8.59 53.07 -54.82
CA ILE M 313 8.72 51.69 -55.40
C ILE M 313 9.43 51.76 -56.77
N LYS M 314 10.24 52.80 -57.00
CA LYS M 314 11.23 52.86 -58.12
C LYS M 314 12.65 52.61 -57.56
N ASP M 315 12.91 53.12 -56.35
CA ASP M 315 14.12 52.81 -55.53
C ASP M 315 14.36 51.30 -55.55
N LEU M 316 13.28 50.53 -55.69
CA LEU M 316 13.26 49.06 -55.80
C LEU M 316 13.49 48.66 -57.26
N GLY M 317 14.30 47.64 -57.51
CA GLY M 317 14.46 46.99 -58.82
C GLY M 317 13.32 46.01 -59.07
N ARG M 318 13.47 45.13 -60.06
CA ARG M 318 12.40 44.15 -60.42
C ARG M 318 12.98 43.04 -61.29
N ALA M 319 12.37 41.86 -61.22
CA ALA M 319 12.68 40.67 -62.05
C ALA M 319 11.43 39.77 -62.10
N LYS M 320 11.38 38.81 -63.03
CA LYS M 320 10.15 38.00 -63.25
C LYS M 320 9.97 36.99 -62.10
N LYS M 321 11.04 36.57 -61.42
CA LYS M 321 10.96 35.52 -60.36
C LYS M 321 12.27 35.47 -59.56
N VAL M 322 12.16 35.24 -58.24
CA VAL M 322 13.29 34.94 -57.29
C VAL M 322 12.95 33.68 -56.50
N GLN M 323 13.95 32.80 -56.32
CA GLN M 323 13.87 31.65 -55.38
C GLN M 323 15.05 31.73 -54.41
N VAL M 324 14.85 31.22 -53.19
CA VAL M 324 15.85 31.25 -52.08
C VAL M 324 15.86 29.86 -51.43
N SER M 325 17.00 29.15 -51.50
CA SER M 325 17.22 27.80 -50.92
C SER M 325 17.29 27.90 -49.39
N LYS M 326 17.89 26.90 -48.73
CA LYS M 326 18.28 26.98 -47.30
C LYS M 326 19.38 28.04 -47.15
N GLU M 327 20.48 27.90 -47.92
CA GLU M 327 21.59 28.90 -47.98
C GLU M 327 21.92 29.20 -49.45
N ASN M 328 21.00 29.89 -50.14
CA ASN M 328 21.16 30.32 -51.55
C ASN M 328 20.00 31.25 -51.93
N THR M 329 20.24 32.25 -52.78
CA THR M 329 19.18 33.12 -53.39
C THR M 329 19.57 33.46 -54.83
N THR M 330 18.58 33.43 -55.73
CA THR M 330 18.76 33.55 -57.20
C THR M 330 17.67 34.49 -57.74
N ILE M 331 18.06 35.40 -58.65
CA ILE M 331 17.20 36.46 -59.29
C ILE M 331 17.09 36.17 -60.78
N ILE M 332 15.86 36.14 -61.34
CA ILE M 332 15.54 35.60 -62.70
C ILE M 332 14.83 36.66 -63.55
N ASP M 333 15.28 36.86 -64.80
CA ASP M 333 14.69 37.81 -65.79
C ASP M 333 14.71 39.21 -65.17
N GLY M 334 15.84 39.92 -65.27
CA GLY M 334 16.08 41.21 -64.59
C GLY M 334 15.51 42.41 -65.34
N ALA M 335 14.79 43.28 -64.64
CA ALA M 335 14.15 44.51 -65.19
C ALA M 335 15.14 45.68 -65.22
N GLY M 336 16.44 45.38 -65.27
CA GLY M 336 17.50 46.34 -65.66
C GLY M 336 17.51 46.51 -67.17
N ASP M 337 18.66 46.88 -67.75
CA ASP M 337 18.80 47.15 -69.21
C ASP M 337 20.24 46.84 -69.66
N SER M 338 20.37 46.22 -70.84
CA SER M 338 21.66 45.90 -71.51
C SER M 338 22.65 47.06 -71.34
N ALA M 339 22.28 48.25 -71.81
CA ALA M 339 23.11 49.48 -71.85
C ALA M 339 23.53 49.91 -70.44
N ALA M 340 22.63 49.78 -69.45
CA ALA M 340 22.87 50.16 -68.03
C ALA M 340 23.82 49.15 -67.36
N ILE M 341 23.77 47.89 -67.79
CA ILE M 341 24.55 46.75 -67.21
C ILE M 341 25.90 46.64 -67.92
N GLU M 342 25.91 46.63 -69.26
CA GLU M 342 27.13 46.44 -70.09
C GLU M 342 28.11 47.60 -69.82
N SER M 343 27.59 48.83 -69.75
CA SER M 343 28.36 50.06 -69.42
C SER M 343 28.87 49.98 -67.97
N ARG M 344 28.05 49.43 -67.06
CA ARG M 344 28.41 49.17 -65.64
C ARG M 344 29.51 48.10 -65.56
N VAL M 345 29.40 47.05 -66.38
CA VAL M 345 30.41 45.97 -66.55
C VAL M 345 31.75 46.61 -67.00
N GLY M 346 31.68 47.65 -67.83
CA GLY M 346 32.84 48.32 -68.46
C GLY M 346 33.57 49.28 -67.52
N GLN M 347 33.08 49.46 -66.29
CA GLN M 347 33.82 50.12 -65.18
C GLN M 347 34.68 49.07 -64.47
N ILE M 348 34.18 47.83 -64.43
CA ILE M 348 34.75 46.67 -63.69
C ILE M 348 35.79 45.96 -64.57
N LYS M 349 35.55 45.91 -65.89
CA LYS M 349 36.52 45.43 -66.91
C LYS M 349 37.79 46.29 -66.85
N THR M 350 37.62 47.61 -66.65
CA THR M 350 38.71 48.63 -66.61
C THR M 350 39.47 48.55 -65.28
N GLN M 351 38.87 47.94 -64.25
CA GLN M 351 39.53 47.71 -62.93
C GLN M 351 40.69 46.73 -63.12
N ILE M 352 40.47 45.68 -63.93
CA ILE M 352 41.31 44.44 -64.04
C ILE M 352 42.75 44.79 -64.44
N GLU M 353 42.95 45.88 -65.22
CA GLU M 353 44.26 46.28 -65.79
C GLU M 353 45.08 47.08 -64.76
N ASP M 354 44.41 47.62 -63.72
CA ASP M 354 45.03 48.39 -62.61
C ASP M 354 45.05 47.55 -61.32
N THR M 355 44.03 46.71 -61.10
CA THR M 355 43.91 45.80 -59.93
C THR M 355 45.23 45.06 -59.72
N SER M 356 46.12 45.63 -58.91
CA SER M 356 47.52 45.19 -58.70
C SER M 356 47.56 43.74 -58.20
N SER M 357 46.65 43.39 -57.29
CA SER M 357 46.62 42.11 -56.53
C SER M 357 45.85 41.04 -57.32
N ASP M 358 46.32 39.79 -57.22
CA ASP M 358 45.74 38.60 -57.93
C ASP M 358 44.44 38.16 -57.25
N TYR M 359 44.27 38.48 -55.96
CA TYR M 359 43.06 38.17 -55.16
C TYR M 359 42.00 39.26 -55.35
N ASP M 360 42.41 40.53 -55.23
CA ASP M 360 41.52 41.70 -55.47
C ASP M 360 41.05 41.65 -56.93
N ARG M 361 41.76 40.89 -57.77
CA ARG M 361 41.42 40.56 -59.18
C ARG M 361 40.09 39.80 -59.26
N GLU M 362 40.03 38.59 -58.69
CA GLU M 362 38.97 37.58 -58.96
C GLU M 362 37.60 38.13 -58.50
N LYS M 363 37.51 38.65 -57.28
CA LYS M 363 36.24 39.12 -56.65
C LYS M 363 35.47 40.01 -57.62
N LEU M 364 36.17 40.66 -58.56
CA LEU M 364 35.56 41.53 -59.61
C LEU M 364 35.09 40.66 -60.79
N GLN M 365 36.00 39.88 -61.39
CA GLN M 365 35.72 39.02 -62.57
C GLN M 365 34.77 37.87 -62.17
N GLU M 366 34.62 37.64 -60.87
CA GLU M 366 33.62 36.71 -60.28
C GLU M 366 32.29 37.45 -60.06
N ARG M 367 32.21 38.72 -60.47
CA ARG M 367 30.97 39.55 -60.48
C ARG M 367 30.55 39.91 -61.91
N VAL M 368 31.49 39.86 -62.87
CA VAL M 368 31.20 40.05 -64.33
C VAL M 368 30.63 38.73 -64.86
N ALA M 369 31.23 37.61 -64.44
CA ALA M 369 30.76 36.24 -64.75
C ALA M 369 29.28 36.12 -64.36
N LYS M 370 28.97 36.46 -63.11
CA LYS M 370 27.60 36.43 -62.51
C LYS M 370 26.64 37.33 -63.31
N LEU M 371 27.08 38.51 -63.74
CA LEU M 371 26.21 39.63 -64.20
C LEU M 371 25.96 39.53 -65.71
N ALA M 372 27.02 39.43 -66.52
CA ALA M 372 26.96 39.02 -67.95
C ALA M 372 27.12 37.50 -68.02
N GLY M 373 26.11 36.77 -67.55
CA GLY M 373 26.14 35.31 -67.36
C GLY M 373 24.75 34.67 -67.38
N GLY M 374 23.71 35.40 -66.97
CA GLY M 374 22.31 34.99 -67.11
C GLY M 374 21.97 33.76 -66.28
N VAL M 375 20.69 33.38 -66.27
CA VAL M 375 20.12 32.23 -65.48
C VAL M 375 19.57 31.19 -66.44
N ALA M 376 20.23 30.03 -66.57
CA ALA M 376 19.78 28.88 -67.38
C ALA M 376 18.55 28.23 -66.73
N VAL M 377 17.36 28.68 -67.10
CA VAL M 377 16.07 28.08 -66.65
C VAL M 377 15.91 26.69 -67.29
N ILE M 378 15.06 25.84 -66.69
CA ILE M 378 14.47 24.64 -67.34
C ILE M 378 13.00 24.57 -66.92
N LYS M 379 12.12 25.23 -67.69
CA LYS M 379 10.64 25.18 -67.49
C LYS M 379 10.17 23.77 -67.88
N VAL M 380 9.76 22.96 -66.90
CA VAL M 380 9.47 21.51 -67.10
C VAL M 380 8.02 21.35 -67.53
N GLY M 381 7.80 20.80 -68.73
CA GLY M 381 6.47 20.39 -69.22
C GLY M 381 6.14 18.99 -68.74
N ALA M 382 4.84 18.62 -68.75
CA ALA M 382 4.36 17.34 -68.19
C ALA M 382 3.01 16.91 -68.79
N SER M 383 1.96 17.72 -68.57
CA SER M 383 0.52 17.33 -68.67
C SER M 383 0.06 16.74 -67.34
N THR M 384 -1.16 17.08 -66.92
CA THR M 384 -1.71 16.86 -65.55
C THR M 384 -0.75 17.51 -64.53
N GLU M 385 -1.28 18.43 -63.70
CA GLU M 385 -0.51 19.12 -62.63
C GLU M 385 0.28 18.08 -61.81
N ILE M 386 -0.42 17.05 -61.33
CA ILE M 386 0.11 15.96 -60.44
C ILE M 386 1.41 15.38 -61.03
N GLU M 387 1.41 15.03 -62.32
CA GLU M 387 2.51 14.30 -63.02
C GLU M 387 3.76 15.19 -63.15
N MET M 388 3.59 16.52 -63.04
CA MET M 388 4.71 17.50 -63.13
C MET M 388 5.44 17.61 -61.78
N LYS M 389 4.68 17.65 -60.67
CA LYS M 389 5.24 17.81 -59.30
C LYS M 389 6.27 16.70 -59.04
N GLU M 390 5.93 15.45 -59.37
CA GLU M 390 6.88 14.29 -59.31
C GLU M 390 8.04 14.56 -60.27
N LYS M 391 7.73 15.07 -61.47
CA LYS M 391 8.73 15.31 -62.56
C LYS M 391 9.68 16.43 -62.12
N LYS M 392 9.13 17.55 -61.65
CA LYS M 392 9.89 18.75 -61.20
C LYS M 392 10.98 18.35 -60.20
N ALA M 393 10.66 17.47 -59.25
CA ALA M 393 11.59 16.96 -58.21
C ALA M 393 12.72 16.15 -58.87
N ARG M 394 12.35 15.23 -59.76
CA ARG M 394 13.29 14.32 -60.48
C ARG M 394 14.32 15.17 -61.24
N VAL M 395 13.89 16.35 -61.73
CA VAL M 395 14.75 17.33 -62.46
C VAL M 395 15.75 17.94 -61.46
N GLU M 396 15.23 18.54 -60.39
CA GLU M 396 16.03 19.19 -59.31
C GLU M 396 17.07 18.17 -58.81
N ASP M 397 16.61 16.99 -58.38
CA ASP M 397 17.45 15.87 -57.85
C ASP M 397 18.52 15.52 -58.89
N ALA M 398 18.14 15.36 -60.16
CA ALA M 398 19.00 14.92 -61.29
C ALA M 398 20.09 15.96 -61.58
N LEU M 399 19.69 17.23 -61.70
CA LEU M 399 20.62 18.38 -61.91
C LEU M 399 21.69 18.38 -60.81
N HIS M 400 21.28 18.31 -59.53
CA HIS M 400 22.19 18.28 -58.35
C HIS M 400 23.23 17.18 -58.55
N ALA M 401 22.78 15.99 -58.92
CA ALA M 401 23.62 14.79 -59.12
C ALA M 401 24.66 15.04 -60.22
N THR M 402 24.26 15.78 -61.26
CA THR M 402 25.06 16.07 -62.47
C THR M 402 26.06 17.18 -62.17
N ARG M 403 25.57 18.30 -61.62
CA ARG M 403 26.40 19.44 -61.16
C ARG M 403 27.55 18.91 -60.30
N ALA M 404 27.21 18.15 -59.25
CA ALA M 404 28.16 17.57 -58.26
C ALA M 404 29.05 16.50 -58.91
N ALA M 405 28.68 16.03 -60.09
CA ALA M 405 29.40 14.98 -60.85
C ALA M 405 30.54 15.61 -61.64
N VAL M 406 30.26 16.73 -62.32
CA VAL M 406 31.24 17.47 -63.18
C VAL M 406 32.41 17.95 -62.31
N GLU M 407 32.18 18.13 -61.01
CA GLU M 407 33.15 18.67 -60.02
C GLU M 407 34.19 17.60 -59.65
N GLU M 408 33.77 16.42 -59.20
CA GLU M 408 34.69 15.37 -58.68
C GLU M 408 34.40 13.99 -59.29
N GLY M 409 33.72 13.94 -60.43
CA GLY M 409 33.41 12.69 -61.16
C GLY M 409 32.36 11.83 -60.47
N VAL M 410 32.31 10.54 -60.84
CA VAL M 410 31.37 9.53 -60.26
C VAL M 410 32.11 8.20 -60.07
N VAL M 411 31.50 7.29 -59.30
CA VAL M 411 32.10 6.01 -58.82
C VAL M 411 31.01 4.94 -58.75
N PRO M 412 31.33 3.63 -58.70
CA PRO M 412 30.30 2.59 -58.58
C PRO M 412 29.38 2.75 -57.36
N GLY M 413 28.07 2.63 -57.58
CA GLY M 413 27.00 2.90 -56.59
C GLY M 413 26.74 1.71 -55.68
N GLY M 414 25.55 1.65 -55.08
CA GLY M 414 25.17 0.60 -54.11
C GLY M 414 26.14 0.48 -52.94
N GLY M 415 26.87 1.56 -52.64
CA GLY M 415 27.86 1.64 -51.54
C GLY M 415 28.97 0.60 -51.63
N VAL M 416 29.42 0.28 -52.86
CA VAL M 416 30.62 -0.57 -53.14
C VAL M 416 31.84 0.34 -53.31
N ALA M 417 31.64 1.50 -53.97
CA ALA M 417 32.61 2.62 -53.99
C ALA M 417 33.47 2.53 -52.73
N LEU M 418 32.80 2.51 -51.58
CA LEU M 418 33.41 2.46 -50.22
C LEU M 418 34.14 1.13 -50.02
N VAL M 419 33.47 -0.01 -50.24
CA VAL M 419 34.03 -1.36 -49.90
C VAL M 419 35.20 -1.66 -50.85
N ARG M 420 35.35 -0.88 -51.93
CA ARG M 420 36.52 -0.98 -52.87
C ARG M 420 37.69 -0.18 -52.28
N ALA M 421 37.42 1.03 -51.80
CA ALA M 421 38.36 1.88 -51.01
C ALA M 421 38.79 1.14 -49.74
N LEU M 422 37.85 0.37 -49.16
CA LEU M 422 38.00 -0.42 -47.91
C LEU M 422 39.22 -1.35 -48.00
N VAL M 423 39.28 -2.15 -49.07
CA VAL M 423 40.24 -3.28 -49.27
C VAL M 423 41.54 -2.74 -49.86
N ALA M 424 41.44 -1.67 -50.66
CA ALA M 424 42.57 -0.98 -51.34
C ALA M 424 43.53 -0.37 -50.30
N VAL M 425 43.19 -0.44 -49.02
CA VAL M 425 44.07 -0.07 -47.86
C VAL M 425 44.19 -1.32 -46.97
N GLY M 426 45.41 -1.86 -46.86
CA GLY M 426 45.70 -3.22 -46.38
C GLY M 426 45.56 -3.32 -44.87
N ASN M 427 46.69 -3.61 -44.18
CA ASN M 427 46.81 -3.44 -42.71
C ASN M 427 47.49 -2.09 -42.46
N LEU M 428 46.71 -1.01 -42.63
CA LEU M 428 47.11 0.37 -42.28
C LEU M 428 47.16 0.49 -40.76
N THR M 429 48.27 1.01 -40.24
CA THR M 429 48.60 1.04 -38.79
C THR M 429 48.87 2.49 -38.35
N GLY M 430 49.10 2.68 -37.05
CA GLY M 430 49.44 3.98 -36.43
C GLY M 430 50.46 3.78 -35.32
N ALA M 431 50.64 4.80 -34.48
CA ALA M 431 51.69 4.84 -33.42
C ALA M 431 51.49 3.72 -32.38
N ASN M 432 50.26 3.23 -32.16
CA ASN M 432 49.95 2.24 -31.08
C ASN M 432 48.67 1.46 -31.36
N GLU M 433 48.39 0.45 -30.52
CA GLU M 433 47.20 -0.45 -30.63
C GLU M 433 45.94 0.39 -30.88
N ASP M 434 45.59 1.26 -29.93
CA ASP M 434 44.35 2.08 -29.97
C ASP M 434 44.22 2.81 -31.31
N GLN M 435 45.33 3.32 -31.86
CA GLN M 435 45.35 4.06 -33.16
C GLN M 435 45.00 3.10 -34.31
N THR M 436 45.57 1.90 -34.32
CA THR M 436 45.26 0.87 -35.36
C THR M 436 43.80 0.43 -35.16
N HIS M 437 43.45 0.02 -33.94
CA HIS M 437 42.09 -0.47 -33.55
C HIS M 437 41.04 0.57 -33.97
N GLY M 438 41.34 1.86 -33.81
CA GLY M 438 40.52 2.97 -34.30
C GLY M 438 40.33 2.93 -35.80
N ILE M 439 41.41 2.64 -36.54
CA ILE M 439 41.35 2.40 -38.02
C ILE M 439 40.37 1.24 -38.28
N GLN M 440 40.57 0.09 -37.61
CA GLN M 440 39.80 -1.17 -37.87
C GLN M 440 38.29 -0.88 -37.79
N ILE M 441 37.85 -0.06 -36.82
CA ILE M 441 36.39 0.29 -36.66
C ILE M 441 35.96 1.10 -37.89
N ALA M 442 36.83 1.98 -38.40
CA ALA M 442 36.56 2.85 -39.57
C ALA M 442 36.39 1.98 -40.82
N LEU M 443 37.33 1.06 -41.05
CA LEU M 443 37.28 0.07 -42.17
C LEU M 443 36.02 -0.81 -42.02
N ARG M 444 35.80 -1.36 -40.82
CA ARG M 444 34.61 -2.23 -40.53
C ARG M 444 33.30 -1.48 -40.81
N ALA M 445 33.32 -0.15 -40.93
CA ALA M 445 32.11 0.70 -41.05
C ALA M 445 31.83 1.09 -42.50
N MET M 446 32.82 1.00 -43.40
CA MET M 446 32.62 1.35 -44.84
C MET M 446 31.90 0.19 -45.54
N GLU M 447 32.00 -1.01 -44.95
CA GLU M 447 31.13 -2.18 -45.26
C GLU M 447 29.65 -1.84 -45.04
N ALA M 448 29.33 -1.07 -43.98
CA ALA M 448 28.01 -0.96 -43.32
C ALA M 448 26.88 -0.56 -44.28
N PRO M 449 27.04 0.44 -45.18
CA PRO M 449 25.97 0.80 -46.11
C PRO M 449 25.62 -0.35 -47.07
N LEU M 450 26.62 -1.01 -47.64
CA LEU M 450 26.40 -2.19 -48.52
C LEU M 450 25.75 -3.31 -47.69
N ARG M 451 26.40 -3.72 -46.59
CA ARG M 451 25.88 -4.67 -45.58
C ARG M 451 24.43 -4.32 -45.23
N GLU M 452 24.14 -3.03 -45.01
CA GLU M 452 22.78 -2.57 -44.60
C GLU M 452 21.81 -2.72 -45.78
N ILE M 453 22.24 -2.43 -47.02
CA ILE M 453 21.36 -2.52 -48.23
C ILE M 453 21.01 -3.98 -48.50
N VAL M 454 21.97 -4.89 -48.36
CA VAL M 454 21.74 -6.34 -48.59
C VAL M 454 20.64 -6.81 -47.62
N ALA M 455 20.79 -6.50 -46.33
CA ALA M 455 19.83 -6.86 -45.24
C ALA M 455 18.43 -6.33 -45.57
N ASN M 456 18.35 -5.11 -46.11
CA ASN M 456 17.05 -4.51 -46.50
C ASN M 456 16.34 -5.42 -47.52
N ALA M 457 17.08 -6.26 -48.26
CA ALA M 457 16.55 -7.16 -49.31
C ALA M 457 16.26 -8.58 -48.79
N GLY M 458 16.65 -8.89 -47.55
CA GLY M 458 16.44 -10.22 -46.92
C GLY M 458 17.42 -11.25 -47.45
N GLU M 459 18.72 -10.91 -47.40
CA GLU M 459 19.84 -11.76 -47.89
C GLU M 459 20.99 -11.70 -46.88
N GLU M 460 21.63 -12.85 -46.59
CA GLU M 460 22.86 -12.98 -45.74
C GLU M 460 23.83 -11.86 -46.12
N PRO M 461 24.01 -10.82 -45.27
CA PRO M 461 24.80 -9.64 -45.64
C PRO M 461 26.32 -9.90 -45.67
N SER M 462 26.77 -10.84 -44.84
CA SER M 462 28.19 -11.30 -44.75
C SER M 462 28.67 -11.84 -46.09
N VAL M 463 27.87 -12.71 -46.70
CA VAL M 463 28.21 -13.53 -47.89
C VAL M 463 28.38 -12.60 -49.09
N ILE M 464 27.37 -11.74 -49.33
CA ILE M 464 27.28 -10.82 -50.50
C ILE M 464 28.41 -9.79 -50.43
N LEU M 465 28.77 -9.34 -49.23
CA LEU M 465 29.93 -8.44 -49.01
C LEU M 465 31.23 -9.22 -49.28
N ASN M 466 31.49 -10.27 -48.49
CA ASN M 466 32.63 -11.22 -48.69
C ASN M 466 32.84 -11.40 -50.19
N LYS M 467 31.78 -11.78 -50.89
CA LYS M 467 31.75 -12.06 -52.36
C LYS M 467 32.26 -10.83 -53.12
N VAL M 468 31.70 -9.64 -52.87
CA VAL M 468 32.08 -8.37 -53.57
C VAL M 468 33.52 -8.03 -53.20
N LYS M 469 33.87 -8.09 -51.91
CA LYS M 469 35.25 -7.84 -51.41
C LYS M 469 36.24 -8.76 -52.15
N GLU M 470 35.94 -10.06 -52.24
CA GLU M 470 36.84 -11.12 -52.78
C GLU M 470 37.05 -10.92 -54.29
N GLY M 471 36.12 -10.26 -54.98
CA GLY M 471 36.26 -9.84 -56.39
C GLY M 471 36.83 -8.44 -56.49
N THR M 472 37.12 -7.95 -57.70
CA THR M 472 37.77 -6.63 -57.96
C THR M 472 37.27 -6.04 -59.29
N GLY M 473 37.61 -4.76 -59.54
CA GLY M 473 36.99 -3.93 -60.58
C GLY M 473 35.72 -3.30 -60.02
N ASN M 474 34.77 -2.93 -60.89
CA ASN M 474 33.43 -2.43 -60.48
C ASN M 474 32.53 -3.62 -60.12
N TYR M 475 33.09 -4.82 -59.94
CA TYR M 475 32.35 -6.05 -59.57
C TYR M 475 31.66 -5.81 -58.22
N GLY M 476 30.33 -5.66 -58.21
CA GLY M 476 29.51 -5.41 -57.01
C GLY M 476 28.29 -6.33 -56.92
N TYR M 477 27.09 -5.74 -56.81
CA TYR M 477 25.79 -6.42 -56.52
C TYR M 477 24.65 -5.45 -56.80
N ASN M 478 23.71 -5.80 -57.67
CA ASN M 478 22.45 -5.02 -57.86
C ASN M 478 21.30 -5.71 -57.11
N ALA M 479 20.80 -5.08 -56.05
CA ALA M 479 19.73 -5.61 -55.16
C ALA M 479 18.35 -5.38 -55.77
N ALA M 480 18.24 -4.54 -56.81
CA ALA M 480 16.96 -4.26 -57.52
C ALA M 480 16.40 -5.57 -58.07
N ASN M 481 17.27 -6.48 -58.50
CA ASN M 481 16.90 -7.76 -59.15
C ASN M 481 17.57 -8.93 -58.42
N GLY M 482 18.89 -8.85 -58.24
CA GLY M 482 19.67 -9.86 -57.48
C GLY M 482 20.82 -10.43 -58.28
N GLU M 483 21.47 -9.59 -59.09
CA GLU M 483 22.60 -9.97 -59.99
C GLU M 483 23.94 -9.68 -59.31
N PHE M 484 25.04 -9.89 -60.04
CA PHE M 484 26.41 -9.41 -59.72
C PHE M 484 27.02 -8.76 -60.98
N GLY M 485 28.26 -8.28 -60.93
CA GLY M 485 29.00 -7.82 -62.13
C GLY M 485 29.32 -6.33 -62.09
N ASP M 486 29.70 -5.77 -63.26
CA ASP M 486 30.29 -4.41 -63.43
C ASP M 486 29.20 -3.37 -63.17
N MET M 487 29.29 -2.67 -62.03
CA MET M 487 28.21 -1.88 -61.40
C MET M 487 27.90 -0.64 -62.25
N VAL M 488 28.93 -0.05 -62.85
CA VAL M 488 28.80 1.07 -63.84
C VAL M 488 27.94 0.58 -65.02
N GLU M 489 28.18 -0.65 -65.49
CA GLU M 489 27.47 -1.26 -66.67
C GLU M 489 26.07 -1.73 -66.28
N PHE M 490 25.61 -1.45 -65.05
CA PHE M 490 24.24 -1.75 -64.54
C PHE M 490 23.35 -0.51 -64.51
N GLY M 491 23.92 0.67 -64.75
CA GLY M 491 23.23 1.97 -64.58
C GLY M 491 23.18 2.38 -63.12
N ILE M 492 24.19 1.96 -62.34
CA ILE M 492 24.28 2.16 -60.86
C ILE M 492 25.60 2.90 -60.55
N LEU M 493 25.51 4.13 -60.03
CA LEU M 493 26.71 4.93 -59.62
C LEU M 493 26.30 6.20 -58.86
N ASP M 494 27.18 6.64 -57.96
CA ASP M 494 27.03 7.81 -57.05
C ASP M 494 28.15 8.81 -57.34
N PRO M 495 27.90 10.14 -57.33
CA PRO M 495 28.99 11.11 -57.44
C PRO M 495 30.07 10.84 -56.40
N THR M 496 31.35 10.86 -56.78
CA THR M 496 32.49 10.72 -55.84
C THR M 496 32.30 11.70 -54.68
N LYS M 497 31.65 12.84 -54.95
CA LYS M 497 31.50 13.98 -54.01
C LYS M 497 30.55 13.58 -52.87
N VAL M 498 29.36 13.05 -53.19
CA VAL M 498 28.34 12.66 -52.16
C VAL M 498 28.90 11.51 -51.32
N THR M 499 29.65 10.57 -51.91
CA THR M 499 30.23 9.41 -51.17
C THR M 499 31.39 9.90 -50.28
N ARG M 500 32.25 10.79 -50.78
CA ARG M 500 33.37 11.34 -49.97
C ARG M 500 32.80 12.21 -48.85
N SER M 501 32.08 13.28 -49.22
CA SER M 501 31.34 14.17 -48.26
C SER M 501 30.77 13.33 -47.11
N ALA M 502 29.95 12.32 -47.45
CA ALA M 502 29.17 11.50 -46.49
C ALA M 502 30.11 10.83 -45.47
N LEU M 503 31.17 10.17 -45.97
CA LEU M 503 32.15 9.42 -45.14
C LEU M 503 32.86 10.37 -44.15
N GLN M 504 33.20 11.58 -44.60
CA GLN M 504 33.99 12.56 -43.80
C GLN M 504 33.08 13.23 -42.76
N ASN M 505 31.90 13.67 -43.20
CA ASN M 505 30.85 14.28 -42.34
C ASN M 505 30.46 13.33 -41.20
N ALA M 506 30.54 12.02 -41.43
CA ALA M 506 30.22 10.98 -40.44
C ALA M 506 31.36 10.88 -39.40
N ALA M 507 32.59 10.67 -39.86
CA ALA M 507 33.78 10.46 -38.99
C ALA M 507 34.00 11.67 -38.08
N SER M 508 33.47 12.83 -38.46
CA SER M 508 33.62 14.11 -37.72
C SER M 508 32.80 14.05 -36.42
N ILE M 509 31.47 13.85 -36.56
CA ILE M 509 30.52 13.79 -35.40
C ILE M 509 30.84 12.55 -34.57
N ALA M 510 31.22 11.45 -35.23
CA ALA M 510 31.63 10.19 -34.56
C ALA M 510 32.90 10.46 -33.75
N GLY M 511 33.87 11.15 -34.38
CA GLY M 511 35.16 11.54 -33.79
C GLY M 511 34.98 12.47 -32.59
N LEU M 512 34.04 13.41 -32.67
CA LEU M 512 33.69 14.32 -31.54
C LEU M 512 32.99 13.53 -30.43
N MET M 513 31.95 12.76 -30.78
CA MET M 513 31.06 12.05 -29.81
C MET M 513 31.85 11.00 -29.02
N ILE M 514 32.94 10.49 -29.59
CA ILE M 514 33.86 9.55 -28.89
C ILE M 514 34.54 10.30 -27.75
N THR M 515 34.89 11.56 -27.99
CA THR M 515 35.71 12.41 -27.10
C THR M 515 34.81 13.39 -26.35
N THR M 516 33.55 13.01 -26.14
CA THR M 516 32.53 13.78 -25.39
C THR M 516 32.55 13.29 -23.94
N GLU M 517 32.73 14.20 -22.97
CA GLU M 517 33.02 13.79 -21.57
C GLU M 517 31.92 14.23 -20.61
N ALA M 518 31.08 15.20 -20.98
CA ALA M 518 29.89 15.59 -20.17
C ALA M 518 28.84 16.27 -21.04
N MET M 519 27.58 16.22 -20.62
CA MET M 519 26.47 16.90 -21.32
C MET M 519 25.63 17.67 -20.31
N VAL M 520 25.24 18.90 -20.65
CA VAL M 520 24.45 19.81 -19.78
C VAL M 520 23.07 20.02 -20.40
N ALA M 521 22.04 19.40 -19.83
CA ALA M 521 20.66 19.39 -20.35
C ALA M 521 19.74 20.13 -19.39
N ASP M 522 18.71 20.81 -19.90
CA ASP M 522 17.71 21.55 -19.08
C ASP M 522 16.88 20.54 -18.29
N ALA M 523 16.76 20.78 -16.98
CA ALA M 523 16.25 19.81 -15.97
C ALA M 523 14.77 19.56 -16.19
N PRO M 524 14.32 18.28 -16.24
CA PRO M 524 12.97 17.97 -16.71
C PRO M 524 11.87 18.13 -15.65
N LYS M 525 12.02 19.13 -14.75
CA LYS M 525 10.94 19.67 -13.88
C LYS M 525 10.45 21.00 -14.48
N ALA N 1 17.92 -30.76 -8.22
CA ALA N 1 16.92 -29.67 -7.95
C ALA N 1 16.77 -28.79 -9.20
N ALA N 2 15.78 -27.90 -9.17
CA ALA N 2 15.63 -26.78 -10.12
C ALA N 2 16.94 -26.00 -10.18
N LYS N 3 17.52 -25.87 -11.38
CA LYS N 3 18.76 -25.07 -11.63
C LYS N 3 18.39 -23.67 -12.12
N ASP N 4 18.93 -22.65 -11.47
CA ASP N 4 19.07 -21.27 -12.02
C ASP N 4 20.24 -21.33 -13.00
N ILE N 5 20.08 -20.88 -14.25
CA ILE N 5 21.16 -21.07 -15.27
C ILE N 5 21.24 -19.84 -16.19
N ARG N 6 22.45 -19.27 -16.36
CA ARG N 6 22.69 -17.96 -17.05
C ARG N 6 23.86 -18.04 -18.04
N PHE N 7 23.88 -17.06 -18.96
CA PHE N 7 24.67 -17.06 -20.22
C PHE N 7 25.45 -15.74 -20.43
N GLY N 8 26.06 -15.59 -21.61
CA GLY N 8 26.66 -14.34 -22.12
C GLY N 8 27.39 -13.53 -21.06
N GLU N 9 26.94 -12.30 -20.81
CA GLU N 9 27.54 -11.35 -19.81
C GLU N 9 26.88 -11.57 -18.45
N ASP N 10 25.55 -11.52 -18.36
CA ASP N 10 24.82 -11.82 -17.10
C ASP N 10 25.65 -12.85 -16.31
N ALA N 11 26.18 -13.85 -17.02
CA ALA N 11 27.09 -14.88 -16.48
C ALA N 11 28.34 -14.22 -15.89
N ARG N 12 29.20 -13.70 -16.77
CA ARG N 12 30.57 -13.21 -16.44
C ARG N 12 30.45 -12.02 -15.48
N THR N 13 29.73 -11.00 -15.91
CA THR N 13 29.33 -9.81 -15.10
C THR N 13 29.26 -10.20 -13.61
N ARG N 14 28.68 -11.36 -13.25
CA ARG N 14 28.50 -11.81 -11.83
C ARG N 14 29.73 -12.59 -11.35
N MET N 15 30.29 -13.46 -12.20
CA MET N 15 31.58 -14.17 -11.92
C MET N 15 32.65 -13.13 -11.58
N VAL N 16 32.81 -12.12 -12.44
CA VAL N 16 33.92 -11.12 -12.32
C VAL N 16 33.71 -10.28 -11.06
N ARG N 17 32.45 -9.98 -10.67
CA ARG N 17 32.12 -9.19 -9.44
C ARG N 17 32.46 -10.00 -8.20
N GLY N 18 32.33 -11.33 -8.28
CA GLY N 18 32.57 -12.25 -7.16
C GLY N 18 34.04 -12.37 -6.81
N VAL N 19 34.93 -12.33 -7.80
CA VAL N 19 36.41 -12.47 -7.58
C VAL N 19 36.97 -11.10 -7.19
N ASN N 20 36.45 -10.02 -7.78
CA ASN N 20 36.80 -8.65 -7.33
C ASN N 20 36.53 -8.55 -5.82
N VAL N 21 35.53 -9.27 -5.29
CA VAL N 21 35.21 -9.29 -3.82
C VAL N 21 36.22 -10.17 -3.08
N LEU N 22 36.78 -11.19 -3.74
CA LEU N 22 37.82 -12.09 -3.14
C LEU N 22 39.16 -11.36 -3.16
N ALA N 23 39.62 -10.97 -4.34
CA ALA N 23 40.93 -10.31 -4.53
C ALA N 23 41.01 -9.08 -3.63
N ASN N 24 39.95 -8.26 -3.57
CA ASN N 24 39.96 -6.96 -2.83
C ASN N 24 39.94 -7.19 -1.32
N ALA N 25 39.45 -8.34 -0.84
CA ALA N 25 39.66 -8.77 0.57
C ALA N 25 41.16 -9.11 0.73
N VAL N 26 41.57 -10.27 0.19
CA VAL N 26 42.93 -10.88 0.20
C VAL N 26 44.02 -9.84 -0.06
N LYS N 27 43.96 -9.22 -1.22
CA LYS N 27 45.03 -8.31 -1.73
C LYS N 27 45.34 -7.20 -0.75
N ALA N 28 44.44 -6.88 0.17
CA ALA N 28 44.68 -5.82 1.16
C ALA N 28 45.99 -6.11 1.88
N THR N 29 46.12 -7.37 2.29
CA THR N 29 47.20 -7.88 3.18
C THR N 29 48.51 -8.17 2.46
N LEU N 30 48.65 -7.74 1.21
CA LEU N 30 49.85 -8.10 0.44
C LEU N 30 51.01 -7.17 0.81
N GLY N 31 52.17 -7.76 1.06
CA GLY N 31 53.44 -7.04 1.20
C GLY N 31 53.78 -6.74 2.66
N PRO N 32 54.97 -6.14 2.94
CA PRO N 32 55.29 -5.63 4.27
C PRO N 32 54.18 -4.75 4.84
N LYS N 33 53.79 -3.71 4.09
CA LYS N 33 52.79 -2.72 4.55
C LYS N 33 51.38 -3.22 4.21
N GLY N 34 51.13 -4.52 4.43
CA GLY N 34 49.79 -5.13 4.35
C GLY N 34 48.86 -4.62 5.44
N ARG N 35 47.59 -4.40 5.08
CA ARG N 35 46.51 -3.97 6.02
C ARG N 35 45.89 -5.22 6.63
N ASN N 36 45.39 -5.13 7.87
CA ASN N 36 44.73 -6.26 8.59
C ASN N 36 43.34 -6.55 8.00
N VAL N 37 42.89 -7.80 8.10
CA VAL N 37 41.50 -8.26 7.78
C VAL N 37 40.93 -8.96 9.03
N VAL N 38 39.74 -8.57 9.48
CA VAL N 38 39.04 -9.17 10.67
C VAL N 38 38.11 -10.29 10.20
N LEU N 39 38.13 -11.43 10.88
CA LEU N 39 37.22 -12.58 10.58
C LEU N 39 36.40 -12.91 11.83
N GLU N 40 35.06 -12.78 11.74
CA GLU N 40 34.07 -13.32 12.72
C GLU N 40 34.47 -14.74 13.12
N LYS N 41 34.05 -15.20 14.29
CA LYS N 41 34.58 -16.44 14.90
C LYS N 41 33.45 -17.15 15.69
N SER N 42 32.58 -17.86 14.96
CA SER N 42 31.38 -18.63 15.44
C SER N 42 31.03 -18.29 16.90
N PHE N 43 31.50 -19.12 17.85
CA PHE N 43 31.43 -18.86 19.31
C PHE N 43 32.82 -18.37 19.77
N GLY N 44 32.94 -17.08 20.12
CA GLY N 44 34.21 -16.49 20.62
C GLY N 44 34.39 -15.03 20.21
N ALA N 45 35.64 -14.57 20.19
CA ALA N 45 36.05 -13.19 19.78
C ALA N 45 36.90 -13.25 18.52
N PRO N 46 36.92 -12.18 17.71
CA PRO N 46 37.17 -12.28 16.28
C PRO N 46 38.66 -12.49 16.04
N THR N 47 39.05 -12.78 14.79
CA THR N 47 40.44 -13.08 14.38
C THR N 47 40.92 -12.02 13.38
N ILE N 48 41.89 -11.20 13.79
CA ILE N 48 42.64 -10.27 12.89
C ILE N 48 43.71 -11.10 12.16
N THR N 49 44.22 -10.63 11.02
CA THR N 49 45.32 -11.29 10.26
C THR N 49 45.75 -10.48 9.03
N LYS N 50 46.92 -10.81 8.49
CA LYS N 50 47.47 -10.28 7.21
C LYS N 50 47.78 -11.44 6.26
N ASP N 51 47.22 -12.62 6.54
CA ASP N 51 47.51 -13.88 5.80
C ASP N 51 46.43 -14.11 4.74
N GLY N 52 46.77 -13.85 3.47
CA GLY N 52 45.86 -13.99 2.30
C GLY N 52 45.22 -15.36 2.22
N VAL N 53 45.86 -16.38 2.80
CA VAL N 53 45.31 -17.77 2.89
C VAL N 53 44.17 -17.76 3.91
N SER N 54 44.45 -17.35 5.16
CA SER N 54 43.46 -17.27 6.27
C SER N 54 42.22 -16.50 5.83
N VAL N 55 42.41 -15.42 5.08
CA VAL N 55 41.28 -14.53 4.69
C VAL N 55 40.44 -15.28 3.65
N ALA N 56 41.10 -15.97 2.73
CA ALA N 56 40.45 -16.73 1.62
C ALA N 56 39.47 -17.77 2.18
N LYS N 57 39.98 -18.74 2.95
CA LYS N 57 39.26 -19.93 3.48
C LYS N 57 37.86 -19.57 4.01
N GLU N 58 37.71 -18.36 4.56
CA GLU N 58 36.44 -17.85 5.18
C GLU N 58 35.49 -17.33 4.10
N ILE N 59 36.02 -16.85 2.97
CA ILE N 59 35.27 -16.04 1.96
C ILE N 59 34.23 -16.93 1.26
N GLU N 60 32.97 -16.54 1.36
CA GLU N 60 31.84 -17.16 0.62
C GLU N 60 30.74 -16.10 0.49
N LEU N 61 30.18 -15.94 -0.71
CA LEU N 61 29.14 -14.93 -1.04
C LEU N 61 27.76 -15.60 -1.10
N ALA N 62 26.70 -14.85 -0.81
CA ALA N 62 25.30 -15.36 -0.80
C ALA N 62 24.85 -15.72 -2.23
N ASP N 63 25.12 -14.82 -3.19
CA ASP N 63 24.77 -15.02 -4.63
C ASP N 63 25.65 -16.14 -5.22
N LYS N 64 25.00 -17.15 -5.80
CA LYS N 64 25.60 -18.46 -6.18
C LYS N 64 26.61 -18.28 -7.32
N PHE N 65 26.35 -17.40 -8.27
CA PHE N 65 27.23 -17.14 -9.45
C PHE N 65 28.45 -16.34 -9.03
N GLU N 66 28.25 -15.23 -8.30
CA GLU N 66 29.33 -14.42 -7.68
C GLU N 66 30.27 -15.34 -6.89
N ASN N 67 29.69 -16.24 -6.09
CA ASN N 67 30.43 -17.24 -5.27
C ASN N 67 31.28 -18.13 -6.17
N MET N 68 30.69 -18.67 -7.24
CA MET N 68 31.34 -19.66 -8.13
C MET N 68 32.58 -19.04 -8.77
N GLY N 69 32.44 -17.81 -9.27
CA GLY N 69 33.57 -16.97 -9.70
C GLY N 69 34.66 -16.93 -8.64
N ALA N 70 34.27 -16.76 -7.38
CA ALA N 70 35.20 -16.65 -6.22
C ALA N 70 35.90 -17.99 -6.02
N GLN N 71 35.11 -19.04 -5.76
CA GLN N 71 35.63 -20.38 -5.33
C GLN N 71 36.53 -20.97 -6.42
N MET N 72 36.37 -20.56 -7.70
CA MET N 72 37.25 -21.01 -8.83
C MET N 72 38.67 -20.46 -8.65
N VAL N 73 38.89 -19.13 -8.61
CA VAL N 73 40.27 -18.57 -8.50
C VAL N 73 40.83 -18.97 -7.13
N LYS N 74 39.96 -19.06 -6.12
CA LYS N 74 40.31 -19.50 -4.76
C LYS N 74 40.89 -20.92 -4.76
N GLU N 75 40.46 -21.79 -5.70
CA GLU N 75 40.97 -23.19 -5.83
C GLU N 75 42.34 -23.20 -6.52
N VAL N 76 42.50 -22.45 -7.63
CA VAL N 76 43.75 -22.46 -8.45
C VAL N 76 44.81 -21.60 -7.73
N ALA N 77 44.39 -20.72 -6.82
CA ALA N 77 45.29 -19.95 -5.93
C ALA N 77 45.94 -20.91 -4.93
N SER N 78 45.13 -21.58 -4.11
CA SER N 78 45.57 -22.53 -3.07
C SER N 78 46.09 -23.84 -3.71
N LYS N 79 46.46 -23.79 -5.00
CA LYS N 79 47.24 -24.87 -5.68
C LYS N 79 48.73 -24.49 -5.64
N THR N 80 49.06 -23.21 -5.82
CA THR N 80 50.47 -22.70 -5.75
C THR N 80 50.93 -22.75 -4.29
N ASN N 81 49.98 -22.86 -3.34
CA ASN N 81 50.25 -22.96 -1.88
C ASN N 81 50.75 -24.37 -1.53
N ASP N 82 50.27 -25.37 -2.28
CA ASP N 82 50.65 -26.81 -2.12
C ASP N 82 51.83 -27.12 -3.06
N ASN N 83 51.78 -26.56 -4.27
CA ASN N 83 52.74 -26.82 -5.37
C ASN N 83 54.11 -26.20 -5.08
N ALA N 84 54.14 -25.07 -4.34
CA ALA N 84 55.36 -24.29 -4.06
C ALA N 84 55.51 -24.00 -2.55
N GLY N 85 54.51 -23.40 -1.90
CA GLY N 85 54.51 -23.15 -0.44
C GLY N 85 53.80 -21.86 -0.03
N ASP N 86 53.63 -20.92 -0.96
CA ASP N 86 52.87 -19.65 -0.76
C ASP N 86 52.47 -19.11 -2.13
N GLY N 87 52.52 -17.79 -2.34
CA GLY N 87 52.22 -17.14 -3.64
C GLY N 87 50.74 -17.21 -3.99
N THR N 88 49.88 -17.37 -2.97
CA THR N 88 48.39 -17.45 -3.11
C THR N 88 47.84 -16.04 -3.37
N THR N 89 48.33 -15.03 -2.65
CA THR N 89 47.91 -13.61 -2.81
C THR N 89 48.40 -13.08 -4.17
N THR N 90 49.54 -13.58 -4.67
CA THR N 90 50.11 -13.19 -5.99
C THR N 90 49.24 -13.75 -7.12
N ALA N 91 49.02 -15.06 -7.12
CA ALA N 91 48.12 -15.79 -8.04
C ALA N 91 46.73 -15.13 -8.06
N THR N 92 46.23 -14.72 -6.90
CA THR N 92 44.88 -14.10 -6.73
C THR N 92 44.82 -12.73 -7.42
N VAL N 93 45.84 -11.89 -7.26
CA VAL N 93 45.77 -10.48 -7.78
C VAL N 93 46.20 -10.45 -9.25
N LEU N 94 46.96 -11.46 -9.72
CA LEU N 94 47.26 -11.62 -11.16
C LEU N 94 45.95 -11.96 -11.87
N ALA N 95 45.28 -13.00 -11.38
CA ALA N 95 43.95 -13.46 -11.83
C ALA N 95 42.98 -12.27 -11.88
N GLN N 96 42.84 -11.51 -10.79
CA GLN N 96 41.88 -10.38 -10.75
C GLN N 96 42.23 -9.36 -11.85
N ALA N 97 43.52 -9.13 -12.11
CA ALA N 97 44.00 -8.19 -13.17
C ALA N 97 43.65 -8.75 -14.55
N LEU N 98 43.91 -10.05 -14.77
CA LEU N 98 43.70 -10.71 -16.08
C LEU N 98 42.21 -10.82 -16.38
N ILE N 99 41.41 -11.21 -15.37
CA ILE N 99 39.93 -11.45 -15.51
C ILE N 99 39.20 -10.12 -15.74
N ARG N 100 39.51 -9.08 -14.95
CA ARG N 100 38.72 -7.81 -14.98
C ARG N 100 38.95 -7.13 -16.33
N GLU N 101 40.19 -7.16 -16.87
CA GLU N 101 40.50 -6.52 -18.18
C GLU N 101 40.22 -7.50 -19.34
N GLY N 102 40.38 -8.81 -19.08
CA GLY N 102 40.03 -9.89 -20.01
C GLY N 102 38.56 -9.87 -20.35
N ALA N 103 37.70 -9.67 -19.34
CA ALA N 103 36.21 -9.67 -19.47
C ALA N 103 35.77 -8.43 -20.24
N LYS N 104 36.53 -7.33 -20.14
CA LYS N 104 36.25 -6.03 -20.84
C LYS N 104 36.52 -6.16 -22.35
N ALA N 105 37.57 -6.89 -22.73
CA ALA N 105 37.94 -7.15 -24.14
C ALA N 105 36.79 -7.89 -24.83
N VAL N 106 36.20 -8.87 -24.14
CA VAL N 106 35.08 -9.71 -24.66
C VAL N 106 33.82 -8.84 -24.75
N ALA N 107 33.44 -8.20 -23.63
CA ALA N 107 32.24 -7.33 -23.52
C ALA N 107 32.26 -6.31 -24.65
N ALA N 108 33.39 -5.61 -24.81
CA ALA N 108 33.68 -4.71 -25.95
C ALA N 108 33.23 -5.37 -27.26
N GLY N 109 33.79 -6.55 -27.57
CA GLY N 109 33.44 -7.37 -28.74
C GLY N 109 34.64 -7.97 -29.46
N MET N 110 35.74 -8.25 -28.75
CA MET N 110 36.89 -8.97 -29.34
C MET N 110 36.62 -10.46 -29.20
N ASN N 111 37.46 -11.30 -29.82
CA ASN N 111 37.31 -12.77 -29.84
C ASN N 111 37.89 -13.36 -28.56
N PRO N 112 37.08 -14.05 -27.72
CA PRO N 112 37.60 -14.68 -26.50
C PRO N 112 38.70 -15.73 -26.73
N MET N 113 38.56 -16.57 -27.75
CA MET N 113 39.51 -17.70 -27.99
C MET N 113 40.82 -17.18 -28.58
N ASP N 114 40.89 -15.87 -28.92
CA ASP N 114 42.13 -15.18 -29.38
C ASP N 114 42.79 -14.45 -28.20
N LEU N 115 42.01 -13.87 -27.28
CA LEU N 115 42.52 -13.25 -26.02
C LEU N 115 43.24 -14.29 -25.17
N LYS N 116 42.76 -15.54 -25.23
CA LYS N 116 43.33 -16.69 -24.48
C LYS N 116 44.63 -17.12 -25.17
N ARG N 117 44.75 -16.90 -26.48
CA ARG N 117 45.95 -17.23 -27.28
C ARG N 117 47.05 -16.19 -27.01
N GLY N 118 46.67 -14.91 -26.95
CA GLY N 118 47.56 -13.80 -26.58
C GLY N 118 48.18 -13.96 -25.20
N ILE N 119 47.38 -14.34 -24.19
CA ILE N 119 47.83 -14.52 -22.77
C ILE N 119 48.69 -15.78 -22.70
N ASP N 120 48.19 -16.89 -23.25
CA ASP N 120 48.91 -18.19 -23.28
C ASP N 120 50.32 -17.92 -23.78
N GLN N 121 50.43 -17.35 -24.99
CA GLN N 121 51.69 -17.04 -25.71
C GLN N 121 52.52 -16.05 -24.89
N ALA N 122 51.94 -14.91 -24.52
CA ALA N 122 52.58 -13.87 -23.68
C ALA N 122 53.17 -14.51 -22.42
N VAL N 123 52.36 -15.22 -21.63
CA VAL N 123 52.83 -15.85 -20.36
C VAL N 123 53.93 -16.86 -20.70
N LYS N 124 53.64 -17.81 -21.59
CA LYS N 124 54.57 -18.89 -22.05
C LYS N 124 55.94 -18.27 -22.38
N ALA N 125 55.95 -17.07 -22.99
CA ALA N 125 57.15 -16.25 -23.25
C ALA N 125 57.76 -15.81 -21.91
N ALA N 126 56.94 -15.17 -21.08
CA ALA N 126 57.32 -14.60 -19.77
C ALA N 126 57.91 -15.68 -18.85
N VAL N 127 57.44 -16.93 -18.95
CA VAL N 127 57.96 -18.06 -18.14
C VAL N 127 59.41 -18.32 -18.57
N VAL N 128 59.65 -18.45 -19.89
CA VAL N 128 60.99 -18.67 -20.50
C VAL N 128 61.91 -17.50 -20.12
N GLU N 129 61.36 -16.30 -20.05
CA GLU N 129 62.10 -15.06 -19.67
C GLU N 129 62.48 -15.14 -18.18
N LEU N 130 61.54 -15.62 -17.36
CA LEU N 130 61.64 -15.69 -15.87
C LEU N 130 62.59 -16.83 -15.48
N LYS N 131 62.71 -17.85 -16.32
CA LYS N 131 63.54 -19.07 -16.04
C LYS N 131 65.00 -18.75 -16.38
N ASN N 132 65.22 -17.83 -17.31
CA ASN N 132 66.57 -17.34 -17.73
C ASN N 132 67.12 -16.41 -16.63
N ILE N 133 66.35 -15.42 -16.19
CA ILE N 133 66.79 -14.39 -15.20
C ILE N 133 66.69 -14.96 -13.78
N SER N 134 66.48 -16.27 -13.65
CA SER N 134 66.48 -17.05 -12.38
C SER N 134 67.77 -16.78 -11.60
N LYS N 135 68.13 -17.70 -10.69
CA LYS N 135 69.43 -17.70 -9.95
C LYS N 135 69.50 -18.96 -9.11
N PRO N 136 69.99 -20.09 -9.67
CA PRO N 136 70.11 -21.34 -8.93
C PRO N 136 70.70 -21.22 -7.52
N THR N 137 70.17 -22.00 -6.56
CA THR N 137 70.71 -22.14 -5.18
C THR N 137 70.66 -23.61 -4.73
N THR N 138 71.75 -24.35 -4.95
CA THR N 138 71.90 -25.80 -4.62
C THR N 138 73.06 -26.04 -3.62
N ASP N 139 74.06 -25.14 -3.56
CA ASP N 139 75.28 -25.28 -2.71
C ASP N 139 74.98 -24.74 -1.30
N ASP N 140 75.82 -25.11 -0.32
CA ASP N 140 75.52 -25.02 1.14
C ASP N 140 75.42 -23.57 1.61
N LYS N 141 76.31 -22.71 1.13
CA LYS N 141 76.31 -21.25 1.46
C LYS N 141 74.93 -20.69 1.15
N ALA N 142 74.40 -21.01 -0.04
CA ALA N 142 73.19 -20.41 -0.67
C ALA N 142 71.92 -20.90 0.03
N ILE N 143 71.80 -22.21 0.22
CA ILE N 143 70.66 -22.87 0.94
C ILE N 143 70.50 -22.25 2.33
N ALA N 144 71.56 -22.27 3.15
CA ALA N 144 71.56 -21.71 4.53
C ALA N 144 70.95 -20.30 4.51
N GLN N 145 71.33 -19.47 3.53
CA GLN N 145 70.88 -18.06 3.40
C GLN N 145 69.37 -18.00 3.15
N VAL N 146 68.87 -18.82 2.22
CA VAL N 146 67.42 -18.82 1.80
C VAL N 146 66.55 -18.99 3.06
N GLY N 147 66.77 -20.07 3.80
CA GLY N 147 66.08 -20.36 5.08
C GLY N 147 66.20 -19.19 6.05
N THR N 148 67.40 -18.65 6.22
CA THR N 148 67.71 -17.43 7.05
C THR N 148 66.78 -16.29 6.62
N ILE N 149 66.65 -16.12 5.31
CA ILE N 149 65.99 -14.95 4.64
C ILE N 149 64.47 -15.18 4.61
N SER N 150 64.01 -16.43 4.72
CA SER N 150 62.58 -16.81 4.80
C SER N 150 62.03 -16.57 6.21
N ALA N 151 62.73 -17.09 7.22
CA ALA N 151 62.28 -17.09 8.63
C ALA N 151 62.82 -15.85 9.37
N ASN N 152 62.53 -14.66 8.82
CA ASN N 152 62.60 -13.36 9.55
C ASN N 152 64.06 -13.05 9.95
N SER N 153 65.02 -13.44 9.12
CA SER N 153 66.48 -13.14 9.25
C SER N 153 67.16 -14.04 10.31
N ASP N 154 66.48 -15.10 10.77
CA ASP N 154 67.03 -16.02 11.81
C ASP N 154 67.99 -16.98 11.13
N GLU N 155 69.30 -16.80 11.33
CA GLU N 155 70.37 -17.71 10.83
C GLU N 155 70.17 -19.09 11.44
N SER N 156 69.84 -19.13 12.74
CA SER N 156 69.60 -20.36 13.55
C SER N 156 68.82 -21.37 12.71
N ILE N 157 67.59 -21.02 12.36
CA ILE N 157 66.68 -21.84 11.50
C ILE N 157 67.43 -22.17 10.19
N GLY N 158 67.85 -21.14 9.46
CA GLY N 158 68.48 -21.28 8.14
C GLY N 158 69.56 -22.35 8.14
N ASN N 159 70.27 -22.49 9.26
CA ASN N 159 71.49 -23.34 9.36
C ASN N 159 71.08 -24.81 9.42
N ILE N 160 70.23 -25.22 10.36
CA ILE N 160 69.80 -26.66 10.47
C ILE N 160 69.28 -27.16 9.11
N ILE N 161 68.45 -26.35 8.44
CA ILE N 161 67.79 -26.74 7.15
C ILE N 161 68.87 -27.12 6.14
N ALA N 162 69.95 -26.34 6.07
CA ALA N 162 71.14 -26.59 5.22
C ALA N 162 71.83 -27.89 5.67
N GLU N 163 71.94 -28.11 7.00
CA GLU N 163 72.65 -29.25 7.62
C GLU N 163 71.66 -30.39 7.93
N ALA N 164 70.47 -30.35 7.33
CA ALA N 164 69.51 -31.47 7.23
C ALA N 164 69.53 -32.05 5.81
N MET N 165 69.59 -31.16 4.81
CA MET N 165 69.88 -31.53 3.39
C MET N 165 71.25 -32.21 3.33
N LYS N 166 72.23 -31.59 3.98
CA LYS N 166 73.56 -32.18 4.29
C LYS N 166 73.41 -33.67 4.63
N LYS N 167 72.50 -34.00 5.56
CA LYS N 167 72.36 -35.35 6.17
C LYS N 167 71.65 -36.32 5.21
N VAL N 168 70.40 -36.04 4.82
CA VAL N 168 69.50 -37.01 4.12
C VAL N 168 69.32 -36.61 2.64
N GLY N 169 70.28 -35.87 2.06
CA GLY N 169 70.22 -35.40 0.67
C GLY N 169 69.22 -34.27 0.51
N LYS N 170 69.44 -33.38 -0.47
CA LYS N 170 68.58 -32.20 -0.76
C LYS N 170 67.50 -32.59 -1.79
N GLU N 171 67.14 -33.88 -1.82
CA GLU N 171 65.92 -34.43 -2.49
C GLU N 171 65.07 -35.19 -1.45
N GLY N 172 65.66 -35.53 -0.30
CA GLY N 172 65.10 -36.47 0.70
C GLY N 172 64.36 -35.75 1.82
N VAL N 173 63.86 -36.52 2.80
CA VAL N 173 62.72 -36.14 3.70
C VAL N 173 63.23 -35.39 4.94
N ILE N 174 62.62 -34.23 5.22
CA ILE N 174 62.88 -33.37 6.42
C ILE N 174 61.54 -32.92 7.00
N THR N 175 61.18 -33.41 8.19
CA THR N 175 60.00 -32.93 8.98
C THR N 175 60.42 -31.84 9.96
N VAL N 176 59.48 -31.38 10.79
CA VAL N 176 59.76 -30.73 12.10
C VAL N 176 58.72 -31.26 13.10
N GLU N 177 59.12 -31.37 14.37
CA GLU N 177 58.22 -31.73 15.51
C GLU N 177 58.25 -30.56 16.50
N GLU N 178 57.60 -30.72 17.65
CA GLU N 178 57.84 -29.89 18.86
C GLU N 178 59.32 -29.98 19.24
N GLY N 179 59.76 -29.25 20.26
CA GLY N 179 61.18 -29.13 20.65
C GLY N 179 61.50 -29.86 21.95
N SER N 180 62.73 -30.39 22.05
CA SER N 180 63.36 -30.89 23.30
C SER N 180 63.13 -29.85 24.41
N GLY N 181 63.57 -28.62 24.19
CA GLY N 181 63.32 -27.47 25.08
C GLY N 181 64.35 -26.37 24.92
N LEU N 182 64.06 -25.36 24.09
CA LEU N 182 64.89 -24.14 23.84
C LEU N 182 66.21 -24.54 23.17
N GLU N 183 66.39 -24.10 21.91
CA GLU N 183 67.51 -24.46 20.99
C GLU N 183 67.20 -25.79 20.29
N ASN N 184 67.75 -26.00 19.10
CA ASN N 184 67.26 -26.98 18.09
C ASN N 184 68.10 -28.26 18.14
N GLU N 185 67.77 -29.25 17.30
CA GLU N 185 68.39 -30.60 17.25
C GLU N 185 68.35 -31.06 15.79
N LEU N 186 68.58 -32.35 15.51
CA LEU N 186 68.42 -32.92 14.14
C LEU N 186 68.66 -34.44 14.14
N ASP N 187 67.64 -35.23 14.52
CA ASP N 187 67.71 -36.72 14.61
C ASP N 187 67.34 -37.35 13.25
N VAL N 188 68.31 -37.93 12.55
CA VAL N 188 68.07 -38.77 11.32
C VAL N 188 67.62 -40.16 11.80
N VAL N 189 66.54 -40.71 11.22
CA VAL N 189 65.79 -41.88 11.78
C VAL N 189 65.27 -42.81 10.66
N GLU N 190 64.69 -43.95 11.05
CA GLU N 190 64.09 -44.97 10.14
C GLU N 190 62.69 -44.52 9.70
N GLY N 191 62.59 -43.70 8.65
CA GLY N 191 61.31 -43.11 8.20
C GLY N 191 61.14 -43.12 6.69
N MET N 192 59.90 -43.29 6.22
CA MET N 192 59.51 -43.15 4.79
C MET N 192 58.57 -41.95 4.64
N GLN N 193 58.33 -41.54 3.40
CA GLN N 193 57.31 -40.54 3.02
C GLN N 193 56.84 -40.81 1.59
N PHE N 194 55.58 -40.49 1.29
CA PHE N 194 55.00 -40.51 -0.08
C PHE N 194 54.05 -39.33 -0.25
N ASP N 195 53.42 -39.21 -1.42
CA ASP N 195 52.55 -38.06 -1.77
C ASP N 195 51.09 -38.53 -1.87
N ARG N 196 50.42 -38.62 -0.73
CA ARG N 196 48.94 -38.77 -0.62
C ARG N 196 48.47 -38.11 0.68
N GLY N 197 47.62 -37.08 0.58
CA GLY N 197 47.14 -36.29 1.73
C GLY N 197 45.95 -36.95 2.42
N TYR N 198 45.46 -36.32 3.50
CA TYR N 198 44.24 -36.74 4.23
C TYR N 198 43.08 -36.83 3.23
N LEU N 199 42.23 -37.86 3.36
CA LEU N 199 41.20 -38.19 2.34
C LEU N 199 39.95 -37.33 2.56
N SER N 200 39.90 -36.57 3.66
CA SER N 200 38.97 -35.43 3.88
C SER N 200 39.57 -34.48 4.91
N PRO N 201 38.89 -33.37 5.27
CA PRO N 201 39.35 -32.53 6.37
C PRO N 201 39.17 -33.25 7.71
N TYR N 202 38.97 -32.49 8.79
CA TYR N 202 38.37 -32.91 10.10
C TYR N 202 39.25 -33.97 10.80
N PHE N 203 40.05 -34.72 10.04
CA PHE N 203 41.19 -35.52 10.56
C PHE N 203 42.30 -34.57 11.02
N ILE N 204 42.20 -33.31 10.60
CA ILE N 204 43.26 -32.26 10.76
C ILE N 204 43.24 -31.77 12.21
N ASN N 205 43.96 -32.45 13.12
CA ASN N 205 43.91 -32.24 14.59
C ASN N 205 45.08 -31.35 15.05
N ASN N 206 45.35 -30.27 14.29
CA ASN N 206 46.34 -29.20 14.62
C ASN N 206 46.33 -28.21 13.44
N GLN N 207 45.36 -27.29 13.42
CA GLN N 207 45.14 -26.38 12.26
C GLN N 207 45.86 -25.05 12.49
N GLN N 208 46.97 -25.08 13.24
CA GLN N 208 48.08 -24.10 13.14
C GLN N 208 48.91 -24.43 11.88
N SER N 209 48.98 -25.73 11.56
CA SER N 209 49.87 -26.35 10.54
C SER N 209 49.05 -27.05 9.45
N GLN N 210 47.76 -26.72 9.35
CA GLN N 210 46.71 -27.53 8.65
C GLN N 210 47.26 -28.94 8.43
N SER N 211 47.56 -29.63 9.54
CA SER N 211 48.31 -30.91 9.61
C SER N 211 47.61 -31.85 10.59
N ALA N 212 47.65 -33.17 10.32
CA ALA N 212 47.15 -34.23 11.23
C ALA N 212 48.35 -35.03 11.75
N ASP N 213 48.77 -34.74 12.99
CA ASP N 213 49.90 -35.41 13.68
C ASP N 213 49.39 -36.46 14.67
N LEU N 214 50.06 -37.62 14.71
CA LEU N 214 49.68 -38.78 15.56
C LEU N 214 50.95 -39.39 16.11
N ASP N 215 51.07 -39.40 17.43
CA ASP N 215 52.27 -39.91 18.13
C ASP N 215 52.05 -41.36 18.56
N ASP N 216 53.13 -42.14 18.59
CA ASP N 216 53.16 -43.53 19.08
C ASP N 216 52.05 -44.36 18.44
N PRO N 217 52.10 -44.53 17.09
CA PRO N 217 51.03 -45.27 16.43
C PRO N 217 51.28 -46.51 15.57
N PHE N 218 50.25 -47.35 15.58
CA PHE N 218 50.08 -48.53 14.69
C PHE N 218 49.68 -48.03 13.30
N ILE N 219 49.85 -48.90 12.30
CA ILE N 219 49.55 -48.60 10.87
C ILE N 219 48.80 -49.78 10.26
N LEU N 220 47.67 -49.51 9.58
CA LEU N 220 46.85 -50.52 8.87
C LEU N 220 47.26 -50.56 7.39
N LEU N 221 48.17 -51.47 7.04
CA LEU N 221 48.62 -51.68 5.63
C LEU N 221 47.71 -52.71 4.97
N HIS N 222 46.70 -52.21 4.24
CA HIS N 222 45.67 -52.98 3.50
C HIS N 222 45.66 -52.56 2.03
N ASP N 223 45.84 -53.50 1.10
CA ASP N 223 45.69 -53.23 -0.37
C ASP N 223 44.23 -53.47 -0.76
N LYS N 224 43.31 -53.12 0.14
CA LYS N 224 41.88 -53.48 0.04
C LYS N 224 41.18 -52.50 -0.89
N LYS N 225 40.78 -51.37 -0.30
CA LYS N 225 39.84 -50.40 -0.88
C LYS N 225 38.57 -50.63 -0.08
N ILE N 226 38.13 -49.68 0.75
CA ILE N 226 36.99 -50.04 1.64
C ILE N 226 36.10 -48.88 2.10
N SER N 227 34.90 -49.29 2.53
CA SER N 227 33.82 -48.44 3.08
C SER N 227 33.00 -49.29 4.06
N ASN N 228 32.77 -50.52 3.66
CA ASN N 228 32.02 -51.53 4.43
C ASN N 228 32.21 -51.31 5.93
N VAL N 229 31.13 -50.88 6.55
CA VAL N 229 30.98 -50.61 8.00
C VAL N 229 31.89 -51.50 8.86
N ARG N 230 31.51 -52.76 9.06
CA ARG N 230 32.21 -53.65 10.03
C ARG N 230 33.26 -54.49 9.31
N ASP N 231 34.01 -53.88 8.41
CA ASP N 231 35.09 -54.61 7.70
C ASP N 231 36.43 -54.38 8.40
N LEU N 232 36.41 -53.66 9.51
CA LEU N 232 37.65 -53.27 10.23
C LEU N 232 37.34 -53.01 11.70
N LEU N 233 36.11 -53.24 12.14
CA LEU N 233 35.78 -53.03 13.58
C LEU N 233 36.61 -53.97 14.43
N PRO N 234 36.66 -55.27 14.04
CA PRO N 234 37.48 -56.24 14.75
C PRO N 234 38.95 -55.83 14.82
N VAL N 235 39.24 -54.54 14.58
CA VAL N 235 40.65 -54.03 14.60
C VAL N 235 40.69 -52.55 15.01
N LEU N 236 39.79 -51.69 14.49
CA LEU N 236 39.75 -50.24 14.83
C LEU N 236 39.37 -50.09 16.31
N GLU N 237 38.28 -50.75 16.72
CA GLU N 237 37.70 -50.60 18.07
C GLU N 237 38.49 -51.47 19.04
N GLY N 238 39.26 -52.43 18.50
CA GLY N 238 40.34 -53.13 19.22
C GLY N 238 41.63 -52.31 19.22
N VAL N 239 41.53 -50.99 19.35
CA VAL N 239 42.70 -50.06 19.45
C VAL N 239 42.34 -48.80 20.26
N ALA N 240 41.05 -48.46 20.41
CA ALA N 240 40.57 -47.54 21.46
C ALA N 240 40.90 -48.16 22.83
N LYS N 241 40.93 -49.49 22.89
CA LYS N 241 41.27 -50.34 24.06
C LYS N 241 42.77 -50.17 24.40
N ALA N 242 43.64 -50.32 23.40
CA ALA N 242 45.08 -49.97 23.45
C ALA N 242 45.25 -48.51 22.98
N GLY N 243 44.51 -47.61 23.61
CA GLY N 243 44.16 -46.25 23.14
C GLY N 243 45.30 -45.50 22.47
N LYS N 244 45.46 -45.68 21.15
CA LYS N 244 46.60 -45.12 20.36
C LYS N 244 46.17 -44.91 18.92
N PRO N 245 46.86 -44.04 18.14
CA PRO N 245 46.39 -43.60 16.83
C PRO N 245 46.67 -44.55 15.65
N LEU N 246 45.71 -44.64 14.74
CA LEU N 246 45.64 -45.65 13.64
C LEU N 246 45.73 -44.96 12.27
N LEU N 247 46.78 -45.27 11.52
CA LEU N 247 46.95 -44.81 10.11
C LEU N 247 46.30 -45.82 9.18
N ILE N 248 45.46 -45.35 8.25
CA ILE N 248 44.76 -46.18 7.22
C ILE N 248 45.30 -45.78 5.84
N VAL N 249 46.31 -46.49 5.34
CA VAL N 249 46.82 -46.36 3.94
C VAL N 249 46.19 -47.49 3.11
N ALA N 250 44.87 -47.56 3.11
CA ALA N 250 44.07 -48.49 2.27
C ALA N 250 44.13 -48.03 0.81
N GLU N 251 43.97 -48.96 -0.13
CA GLU N 251 43.86 -48.67 -1.58
C GLU N 251 43.04 -47.39 -1.77
N GLU N 252 41.78 -47.42 -1.37
CA GLU N 252 40.85 -46.26 -1.46
C GLU N 252 39.83 -46.43 -0.34
N VAL N 253 39.53 -45.36 0.39
CA VAL N 253 38.71 -45.53 1.63
C VAL N 253 37.56 -44.50 1.69
N GLY N 255 34.50 -45.50 1.46
CA GLY N 255 33.74 -44.37 0.88
C GLY N 255 32.77 -43.80 1.90
N GLU N 256 31.49 -44.21 1.79
CA GLU N 256 30.44 -43.74 2.73
C GLU N 256 30.85 -44.13 4.14
N ALA N 257 31.22 -45.39 4.34
CA ALA N 257 31.70 -45.89 5.64
C ALA N 257 32.85 -44.99 6.12
N LEU N 258 33.85 -44.78 5.27
CA LEU N 258 35.09 -44.01 5.58
C LEU N 258 34.75 -42.68 6.26
N ALA N 259 33.79 -41.94 5.71
CA ALA N 259 33.33 -40.63 6.21
C ALA N 259 33.05 -40.72 7.70
N THR N 260 32.27 -41.71 8.09
CA THR N 260 31.98 -42.00 9.50
C THR N 260 33.31 -42.20 10.21
N LEU N 261 34.42 -42.32 9.47
CA LEU N 261 35.74 -42.35 10.14
C LEU N 261 35.98 -40.98 10.76
N VAL N 262 35.47 -39.93 10.13
CA VAL N 262 35.56 -38.60 10.76
C VAL N 262 34.71 -38.59 12.03
N VAL N 263 33.41 -38.91 11.91
CA VAL N 263 32.51 -38.78 13.09
C VAL N 263 33.29 -39.18 14.35
N ASN N 264 33.44 -40.50 14.56
CA ASN N 264 34.36 -41.16 15.54
C ASN N 264 35.47 -40.21 16.04
N THR N 265 36.29 -39.68 15.13
CA THR N 265 37.54 -38.90 15.44
C THR N 265 37.20 -37.60 16.19
N ILE N 266 36.51 -36.66 15.53
CA ILE N 266 36.09 -35.36 16.11
C ILE N 266 35.08 -35.63 17.25
N ARG N 267 34.73 -36.92 17.44
CA ARG N 267 33.90 -37.44 18.57
C ARG N 267 34.80 -37.80 19.76
N GLY N 268 36.05 -37.31 19.76
CA GLY N 268 37.03 -37.51 20.85
C GLY N 268 37.58 -38.93 20.86
N ILE N 269 36.69 -39.93 20.89
CA ILE N 269 37.00 -41.39 20.77
C ILE N 269 37.57 -41.68 19.38
N VAL N 270 38.37 -42.74 19.25
CA VAL N 270 38.92 -43.27 17.96
C VAL N 270 39.95 -42.28 17.40
N LYS N 271 41.18 -42.75 17.16
CA LYS N 271 42.34 -41.90 16.73
C LYS N 271 42.78 -42.35 15.33
N VAL N 272 42.18 -41.79 14.28
CA VAL N 272 42.34 -42.27 12.86
C VAL N 272 42.51 -41.09 11.90
N VAL N 273 43.32 -41.31 10.86
CA VAL N 273 43.38 -40.45 9.63
C VAL N 273 43.72 -41.36 8.46
N ALA N 274 42.86 -41.37 7.43
CA ALA N 274 42.98 -42.25 6.25
C ALA N 274 43.61 -41.49 5.09
N VAL N 275 44.59 -42.13 4.42
CA VAL N 275 45.23 -41.63 3.17
C VAL N 275 45.17 -42.76 2.14
N LYS N 276 45.50 -42.49 0.88
CA LYS N 276 45.44 -43.47 -0.24
C LYS N 276 46.79 -44.17 -0.40
N ALA N 277 46.77 -45.45 -0.79
CA ALA N 277 47.97 -46.18 -1.30
C ALA N 277 48.61 -45.32 -2.38
N PRO N 278 49.96 -45.35 -2.53
CA PRO N 278 50.64 -44.60 -3.60
C PRO N 278 50.94 -45.44 -4.85
N GLY N 279 50.90 -44.82 -6.04
CA GLY N 279 51.07 -45.51 -7.34
C GLY N 279 49.77 -46.12 -7.82
N PHE N 280 49.81 -47.34 -8.36
CA PHE N 280 48.62 -48.13 -8.82
C PHE N 280 49.05 -49.51 -9.31
N GLY N 281 48.10 -50.46 -9.27
CA GLY N 281 48.26 -51.82 -9.82
C GLY N 281 49.52 -52.50 -9.32
N ASP N 282 50.48 -52.74 -10.21
CA ASP N 282 51.72 -53.53 -9.96
C ASP N 282 52.64 -52.77 -9.00
N ARG N 283 52.94 -51.50 -9.32
CA ARG N 283 53.87 -50.64 -8.54
C ARG N 283 53.27 -50.33 -7.16
N ARG N 284 51.94 -50.39 -7.00
CA ARG N 284 51.23 -50.09 -5.72
C ARG N 284 51.44 -51.23 -4.72
N LYS N 285 50.89 -52.42 -5.00
CA LYS N 285 51.02 -53.61 -4.12
C LYS N 285 52.47 -53.71 -3.62
N ALA N 286 53.44 -53.43 -4.50
CA ALA N 286 54.91 -53.52 -4.28
C ALA N 286 55.39 -52.45 -3.26
N MET N 287 54.80 -51.26 -3.29
CA MET N 287 55.22 -50.11 -2.43
C MET N 287 54.50 -50.15 -1.09
N LEU N 288 53.51 -51.05 -0.96
CA LEU N 288 52.66 -51.19 0.26
C LEU N 288 53.31 -52.18 1.23
N GLU N 289 54.07 -53.12 0.68
CA GLU N 289 54.94 -54.05 1.45
C GLU N 289 56.25 -53.32 1.76
N ASP N 290 56.79 -52.55 0.78
CA ASP N 290 57.96 -51.64 0.99
C ASP N 290 57.90 -51.08 2.43
N MET N 291 56.77 -50.50 2.79
CA MET N 291 56.59 -49.81 4.10
C MET N 291 56.05 -50.78 5.17
N ALA N 292 55.62 -51.98 4.79
CA ALA N 292 55.20 -53.05 5.73
C ALA N 292 56.38 -53.40 6.65
N VAL N 293 57.47 -53.92 6.08
CA VAL N 293 58.68 -54.38 6.83
C VAL N 293 59.35 -53.16 7.50
N LEU N 294 59.26 -51.98 6.88
CA LEU N 294 59.90 -50.72 7.35
C LEU N 294 59.30 -50.30 8.70
N THR N 295 58.05 -50.71 8.99
CA THR N 295 57.35 -50.47 10.29
C THR N 295 57.47 -51.73 11.17
N GLY N 296 57.10 -52.88 10.62
CA GLY N 296 57.02 -54.17 11.33
C GLY N 296 55.77 -54.96 10.93
N GLY N 297 54.71 -54.26 10.53
CA GLY N 297 53.42 -54.86 10.17
C GLY N 297 53.45 -55.57 8.83
N THR N 298 52.60 -56.59 8.67
CA THR N 298 52.39 -57.34 7.41
C THR N 298 51.24 -56.68 6.64
N VAL N 299 51.37 -56.59 5.31
CA VAL N 299 50.28 -56.12 4.40
C VAL N 299 49.11 -57.08 4.57
N ILE N 300 47.87 -56.59 4.50
CA ILE N 300 46.65 -57.42 4.73
C ILE N 300 45.71 -57.31 3.52
N SER N 301 45.94 -58.16 2.52
CA SER N 301 45.07 -58.39 1.32
C SER N 301 44.63 -59.86 1.28
N GLU N 302 43.49 -60.15 0.65
CA GLU N 302 42.92 -61.52 0.56
C GLU N 302 43.86 -62.44 -0.23
N GLU N 303 44.67 -61.89 -1.15
CA GLU N 303 45.56 -62.67 -2.06
C GLU N 303 46.83 -63.18 -1.35
N VAL N 304 46.84 -63.19 0.00
CA VAL N 304 47.81 -63.97 0.84
C VAL N 304 47.07 -64.40 2.12
N GLY N 305 45.98 -65.15 1.94
CA GLY N 305 45.13 -65.67 3.04
C GLY N 305 44.35 -64.57 3.74
N LEU N 306 45.01 -63.90 4.69
CA LEU N 306 44.42 -62.92 5.64
C LEU N 306 43.43 -62.01 4.88
N ALA N 307 42.23 -61.80 5.41
CA ALA N 307 41.16 -60.98 4.79
C ALA N 307 40.81 -59.79 5.69
N LEU N 308 39.64 -59.80 6.31
CA LEU N 308 39.02 -58.62 6.98
C LEU N 308 38.94 -58.83 8.50
N GLU N 309 38.76 -60.09 8.94
CA GLU N 309 38.78 -60.53 10.36
C GLU N 309 40.22 -60.90 10.74
N LYS N 310 40.89 -61.70 9.90
CA LYS N 310 42.24 -62.29 10.15
C LYS N 310 43.29 -61.18 10.26
N ALA N 311 42.96 -60.10 10.99
CA ALA N 311 43.77 -58.86 11.11
C ALA N 311 43.89 -58.49 12.58
N THR N 312 44.88 -59.09 13.26
CA THR N 312 45.24 -58.82 14.68
C THR N 312 45.85 -57.41 14.78
N ILE N 313 46.44 -57.06 15.93
CA ILE N 313 47.33 -55.87 16.09
C ILE N 313 48.75 -56.25 15.63
N LYS N 314 49.06 -57.55 15.60
CA LYS N 314 50.39 -58.09 15.23
C LYS N 314 50.62 -57.93 13.71
N ASP N 315 49.61 -58.26 12.91
CA ASP N 315 49.64 -58.14 11.43
C ASP N 315 49.62 -56.64 11.05
N LEU N 316 49.17 -55.79 11.99
CA LEU N 316 49.31 -54.30 11.94
C LEU N 316 50.79 -53.92 12.10
N GLY N 317 51.19 -52.76 11.56
CA GLY N 317 52.54 -52.19 11.72
C GLY N 317 52.57 -51.06 12.73
N ARG N 318 53.73 -50.45 12.96
CA ARG N 318 53.92 -49.39 13.98
C ARG N 318 55.24 -48.64 13.74
N ALA N 319 55.27 -47.36 14.14
CA ALA N 319 56.47 -46.49 14.09
C ALA N 319 56.71 -45.84 15.46
N LYS N 320 56.77 -44.50 15.52
CA LYS N 320 56.85 -43.72 16.77
C LYS N 320 56.06 -42.41 16.62
N LYS N 321 55.97 -41.86 15.40
CA LYS N 321 55.08 -40.72 15.04
C LYS N 321 54.79 -40.71 13.54
N VAL N 322 53.60 -40.23 13.14
CA VAL N 322 53.26 -39.88 11.73
C VAL N 322 52.56 -38.51 11.72
N GLN N 323 52.76 -37.76 10.63
CA GLN N 323 51.93 -36.57 10.28
C GLN N 323 51.52 -36.71 8.82
N VAL N 324 50.48 -35.99 8.39
CA VAL N 324 49.86 -36.16 7.05
C VAL N 324 49.29 -34.81 6.59
N SER N 325 49.84 -34.30 5.47
CA SER N 325 49.57 -32.95 4.89
C SER N 325 48.25 -32.94 4.10
N LYS N 326 48.05 -31.89 3.28
CA LYS N 326 46.99 -31.81 2.25
C LYS N 326 47.42 -32.61 1.01
N GLU N 327 48.66 -33.10 0.96
CA GLU N 327 49.14 -34.03 -0.10
C GLU N 327 50.47 -34.69 0.29
N ASN N 328 50.64 -35.11 1.54
CA ASN N 328 51.96 -35.63 2.00
C ASN N 328 51.85 -36.42 3.30
N THR N 329 51.75 -37.75 3.19
CA THR N 329 51.95 -38.71 4.32
C THR N 329 53.45 -38.86 4.58
N THR N 330 53.83 -39.03 5.85
CA THR N 330 55.25 -39.12 6.28
C THR N 330 55.36 -39.89 7.61
N ILE N 331 55.72 -41.17 7.51
CA ILE N 331 55.88 -42.13 8.63
C ILE N 331 57.29 -42.04 9.19
N ILE N 332 57.44 -41.89 10.52
CA ILE N 332 58.74 -41.56 11.17
C ILE N 332 59.08 -42.60 12.25
N ASP N 333 60.26 -43.21 12.13
CA ASP N 333 60.89 -44.13 13.11
C ASP N 333 60.04 -45.41 13.23
N GLY N 334 59.70 -46.01 12.08
CA GLY N 334 59.08 -47.36 11.97
C GLY N 334 59.91 -48.38 12.72
N ALA N 335 59.33 -49.02 13.76
CA ALA N 335 60.04 -49.96 14.66
C ALA N 335 60.53 -51.17 13.86
N GLY N 336 61.06 -50.91 12.65
CA GLY N 336 61.34 -51.92 11.61
C GLY N 336 62.76 -52.45 11.70
N ASP N 337 62.94 -53.74 11.40
CA ASP N 337 64.14 -54.55 11.74
C ASP N 337 65.30 -54.19 10.81
N SER N 338 66.35 -53.59 11.37
CA SER N 338 67.67 -53.35 10.73
C SER N 338 68.04 -54.56 9.86
N ALA N 339 67.75 -55.76 10.37
CA ALA N 339 67.86 -57.06 9.67
C ALA N 339 66.96 -57.07 8.42
N ALA N 340 65.65 -57.01 8.61
CA ALA N 340 64.61 -57.27 7.58
C ALA N 340 64.51 -56.13 6.56
N ILE N 341 65.11 -54.97 6.84
CA ILE N 341 65.03 -53.74 5.99
C ILE N 341 66.22 -53.70 5.02
N GLU N 342 67.44 -53.95 5.52
CA GLU N 342 68.68 -54.02 4.68
C GLU N 342 68.64 -55.30 3.81
N SER N 343 67.90 -56.32 4.26
CA SER N 343 67.73 -57.62 3.56
C SER N 343 66.54 -57.55 2.59
N ARG N 344 65.53 -56.74 2.89
CA ARG N 344 64.46 -56.41 1.91
C ARG N 344 65.12 -55.57 0.81
N VAL N 345 66.01 -54.70 1.26
CA VAL N 345 66.88 -53.82 0.41
C VAL N 345 67.65 -54.66 -0.60
N GLY N 346 68.24 -55.76 -0.13
CA GLY N 346 69.05 -56.64 -0.98
C GLY N 346 68.24 -57.05 -2.19
N GLN N 347 67.01 -57.48 -1.95
CA GLN N 347 66.08 -57.98 -2.99
C GLN N 347 65.90 -56.92 -4.07
N ILE N 348 65.66 -55.67 -3.68
CA ILE N 348 65.46 -54.55 -4.63
C ILE N 348 66.75 -54.30 -5.43
N LYS N 349 67.92 -54.45 -4.80
CA LYS N 349 69.21 -54.26 -5.50
C LYS N 349 69.28 -55.27 -6.65
N THR N 350 69.00 -56.53 -6.34
CA THR N 350 68.96 -57.63 -7.32
C THR N 350 67.82 -57.37 -8.31
N GLN N 351 66.68 -56.92 -7.79
CA GLN N 351 65.52 -56.54 -8.61
C GLN N 351 65.98 -55.49 -9.62
N ILE N 352 66.71 -54.48 -9.14
CA ILE N 352 67.29 -53.38 -9.97
C ILE N 352 68.49 -53.91 -10.76
N GLU N 353 69.08 -55.02 -10.35
CA GLU N 353 70.22 -55.61 -11.08
C GLU N 353 69.72 -56.32 -12.34
N ASP N 354 68.47 -56.76 -12.33
CA ASP N 354 67.88 -57.43 -13.51
C ASP N 354 66.98 -56.45 -14.25
N THR N 355 67.29 -55.16 -14.15
CA THR N 355 66.43 -54.08 -14.72
C THR N 355 66.37 -54.14 -16.24
N SER N 356 65.38 -54.86 -16.75
CA SER N 356 65.05 -54.89 -18.21
C SER N 356 65.09 -53.47 -18.77
N SER N 357 64.16 -52.61 -18.33
CA SER N 357 63.97 -51.22 -18.83
C SER N 357 64.28 -50.21 -17.71
N ASP N 358 64.10 -48.91 -18.01
CA ASP N 358 64.61 -47.78 -17.19
C ASP N 358 63.51 -47.22 -16.28
N TYR N 359 62.30 -47.02 -16.83
CA TYR N 359 61.09 -46.62 -16.06
C TYR N 359 60.83 -47.66 -14.95
N ASP N 360 61.17 -48.92 -15.20
CA ASP N 360 61.25 -49.98 -14.15
C ASP N 360 62.27 -49.53 -13.09
N ARG N 361 63.51 -49.30 -13.53
CA ARG N 361 64.69 -48.92 -12.70
C ARG N 361 64.38 -47.69 -11.85
N GLU N 362 63.48 -46.81 -12.31
CA GLU N 362 63.12 -45.53 -11.64
C GLU N 362 62.40 -45.81 -10.31
N LYS N 363 61.23 -46.48 -10.34
CA LYS N 363 60.44 -46.84 -9.12
C LYS N 363 61.34 -47.50 -8.08
N LEU N 364 62.42 -48.17 -8.53
CA LEU N 364 63.26 -49.07 -7.69
C LEU N 364 64.35 -48.24 -7.01
N GLN N 365 65.08 -47.42 -7.77
CA GLN N 365 66.12 -46.47 -7.26
C GLN N 365 65.42 -45.40 -6.40
N GLU N 366 64.12 -45.19 -6.62
CA GLU N 366 63.26 -44.30 -5.80
C GLU N 366 62.75 -45.04 -4.56
N ARG N 367 62.76 -46.38 -4.57
CA ARG N 367 62.26 -47.21 -3.44
C ARG N 367 63.41 -47.63 -2.53
N VAL N 368 64.65 -47.70 -3.03
CA VAL N 368 65.87 -47.94 -2.20
C VAL N 368 66.09 -46.72 -1.30
N ALA N 369 66.00 -45.51 -1.87
CA ALA N 369 66.28 -44.22 -1.21
C ALA N 369 65.02 -43.69 -0.50
N LYS N 370 63.87 -44.37 -0.67
CA LYS N 370 62.66 -44.20 0.18
C LYS N 370 62.80 -45.07 1.43
N LEU N 371 63.11 -46.34 1.20
CA LEU N 371 63.10 -47.41 2.24
C LEU N 371 64.33 -47.29 3.14
N ALA N 372 65.36 -46.56 2.70
CA ALA N 372 66.57 -46.24 3.51
C ALA N 372 67.09 -44.84 3.16
N GLY N 373 66.18 -43.91 2.88
CA GLY N 373 66.50 -42.48 2.65
C GLY N 373 66.78 -41.78 3.96
N GLY N 374 66.17 -42.27 5.05
CA GLY N 374 66.16 -41.59 6.35
C GLY N 374 65.25 -40.38 6.32
N VAL N 375 64.69 -40.01 7.48
CA VAL N 375 63.85 -38.79 7.66
C VAL N 375 64.57 -37.86 8.63
N ALA N 376 64.96 -36.67 8.17
CA ALA N 376 65.63 -35.64 9.00
C ALA N 376 64.57 -34.87 9.81
N VAL N 377 64.48 -35.15 11.11
CA VAL N 377 63.49 -34.49 12.02
C VAL N 377 64.19 -33.33 12.74
N ILE N 378 63.72 -32.10 12.47
CA ILE N 378 64.14 -30.87 13.19
C ILE N 378 63.29 -30.72 14.46
N LYS N 379 63.87 -31.04 15.62
CA LYS N 379 63.26 -30.76 16.95
C LYS N 379 63.48 -29.26 17.21
N VAL N 380 62.40 -28.54 17.51
CA VAL N 380 62.28 -27.06 17.31
C VAL N 380 62.52 -26.29 18.62
N GLY N 381 63.57 -25.45 18.64
CA GLY N 381 63.91 -24.52 19.73
C GLY N 381 62.73 -23.63 20.11
N ALA N 382 62.71 -23.10 21.34
CA ALA N 382 61.48 -22.72 22.06
C ALA N 382 61.65 -21.47 22.93
N SER N 383 61.78 -21.65 24.25
CA SER N 383 61.69 -20.61 25.32
C SER N 383 60.21 -20.29 25.61
N THR N 384 59.55 -21.16 26.38
CA THR N 384 58.18 -21.00 26.95
C THR N 384 57.11 -21.08 25.85
N GLU N 385 56.50 -22.27 25.69
CA GLU N 385 55.40 -22.66 24.77
C GLU N 385 55.27 -21.68 23.59
N ILE N 386 54.17 -20.89 23.56
CA ILE N 386 53.56 -20.27 22.34
C ILE N 386 54.65 -19.84 21.35
N GLU N 387 55.76 -19.28 21.86
CA GLU N 387 56.94 -18.87 21.04
C GLU N 387 57.37 -20.04 20.16
N MET N 388 57.48 -21.24 20.75
CA MET N 388 57.78 -22.51 20.03
C MET N 388 56.64 -22.82 19.06
N LYS N 389 55.39 -22.86 19.56
CA LYS N 389 54.17 -23.14 18.76
C LYS N 389 54.21 -22.32 17.47
N GLU N 390 54.58 -21.04 17.59
CA GLU N 390 54.66 -20.07 16.45
C GLU N 390 55.98 -20.30 15.68
N LYS N 391 57.08 -20.55 16.38
CA LYS N 391 58.44 -20.73 15.77
C LYS N 391 58.44 -21.97 14.88
N LYS N 392 57.81 -23.06 15.34
CA LYS N 392 57.58 -24.32 14.59
C LYS N 392 56.80 -24.02 13.30
N ALA N 393 56.00 -22.95 13.27
CA ALA N 393 55.26 -22.49 12.07
C ALA N 393 56.25 -21.91 11.06
N ARG N 394 57.07 -20.93 11.48
CA ARG N 394 58.11 -20.27 10.62
C ARG N 394 59.06 -21.32 10.06
N VAL N 395 59.45 -22.30 10.87
CA VAL N 395 60.38 -23.39 10.46
C VAL N 395 59.79 -24.10 9.24
N GLU N 396 58.55 -24.58 9.36
CA GLU N 396 57.81 -25.30 8.29
C GLU N 396 57.75 -24.45 7.02
N ASP N 397 57.52 -23.13 7.17
CA ASP N 397 57.31 -22.17 6.07
C ASP N 397 58.59 -22.03 5.23
N ALA N 398 59.73 -21.83 5.91
CA ALA N 398 61.06 -21.61 5.29
C ALA N 398 61.55 -22.89 4.62
N LEU N 399 61.32 -24.04 5.26
CA LEU N 399 61.67 -25.38 4.73
C LEU N 399 60.97 -25.58 3.38
N HIS N 400 59.64 -25.44 3.33
CA HIS N 400 58.81 -25.48 2.10
C HIS N 400 59.39 -24.53 1.04
N ALA N 401 59.81 -23.34 1.44
CA ALA N 401 60.31 -22.27 0.53
C ALA N 401 61.72 -22.60 0.04
N THR N 402 62.59 -22.99 0.97
CA THR N 402 63.97 -23.50 0.72
C THR N 402 63.95 -24.55 -0.39
N ARG N 403 63.17 -25.62 -0.19
CA ARG N 403 62.97 -26.74 -1.15
C ARG N 403 62.82 -26.18 -2.57
N ALA N 404 61.88 -25.27 -2.76
CA ALA N 404 61.41 -24.78 -4.08
C ALA N 404 62.38 -23.76 -4.67
N ALA N 405 63.34 -23.28 -3.88
CA ALA N 405 64.48 -22.46 -4.35
C ALA N 405 65.55 -23.39 -4.94
N VAL N 406 65.92 -24.42 -4.15
CA VAL N 406 66.83 -25.54 -4.57
C VAL N 406 66.37 -26.09 -5.94
N GLU N 407 65.05 -26.19 -6.13
CA GLU N 407 64.42 -26.91 -7.26
C GLU N 407 64.53 -26.10 -8.56
N GLU N 408 64.28 -24.78 -8.53
CA GLU N 408 64.19 -23.97 -9.78
C GLU N 408 65.02 -22.69 -9.69
N GLY N 409 65.18 -22.12 -8.49
CA GLY N 409 66.06 -20.96 -8.26
C GLY N 409 65.36 -19.87 -7.48
N VAL N 410 66.00 -18.72 -7.38
CA VAL N 410 65.47 -17.53 -6.65
C VAL N 410 65.43 -16.35 -7.62
N VAL N 411 64.50 -15.41 -7.37
CA VAL N 411 64.34 -14.16 -8.16
C VAL N 411 63.99 -13.05 -7.18
N PRO N 412 64.26 -11.78 -7.55
CA PRO N 412 64.00 -10.66 -6.65
C PRO N 412 62.52 -10.59 -6.30
N GLY N 413 62.21 -10.49 -5.01
CA GLY N 413 60.84 -10.49 -4.47
C GLY N 413 60.20 -9.12 -4.58
N GLY N 414 59.21 -8.84 -3.72
CA GLY N 414 58.37 -7.64 -3.84
C GLY N 414 57.77 -7.53 -5.23
N GLY N 415 57.57 -8.68 -5.90
CA GLY N 415 56.96 -8.79 -7.24
C GLY N 415 57.64 -7.89 -8.27
N VAL N 416 58.97 -7.78 -8.21
CA VAL N 416 59.83 -7.12 -9.23
C VAL N 416 60.32 -8.20 -10.21
N ALA N 417 60.45 -9.43 -9.72
CA ALA N 417 60.69 -10.65 -10.54
C ALA N 417 59.93 -10.50 -11.87
N LEU N 418 58.61 -10.37 -11.78
CA LEU N 418 57.69 -10.38 -12.95
C LEU N 418 57.91 -9.16 -13.86
N VAL N 419 58.12 -7.98 -13.26
CA VAL N 419 58.18 -6.68 -14.02
C VAL N 419 59.55 -6.59 -14.72
N ARG N 420 60.56 -7.34 -14.26
CA ARG N 420 61.85 -7.48 -14.99
C ARG N 420 61.59 -8.27 -16.29
N ALA N 421 60.97 -9.44 -16.16
CA ALA N 421 60.58 -10.40 -17.24
C ALA N 421 59.29 -9.95 -17.95
N LEU N 422 58.82 -8.74 -17.64
CA LEU N 422 57.76 -8.03 -18.40
C LEU N 422 58.47 -7.23 -19.50
N VAL N 423 59.22 -6.21 -19.09
CA VAL N 423 59.95 -5.25 -20.00
C VAL N 423 61.07 -6.00 -20.73
N ALA N 424 61.55 -7.10 -20.16
CA ALA N 424 62.46 -8.06 -20.84
C ALA N 424 61.97 -8.28 -22.29
N VAL N 425 60.74 -8.77 -22.44
CA VAL N 425 60.15 -9.19 -23.74
C VAL N 425 59.17 -8.12 -24.25
N GLY N 426 58.57 -7.35 -23.34
CA GLY N 426 57.32 -6.57 -23.51
C GLY N 426 57.26 -5.72 -24.77
N ASN N 427 57.21 -6.33 -25.95
CA ASN N 427 56.75 -5.66 -27.21
C ASN N 427 56.28 -6.72 -28.22
N LEU N 428 55.77 -7.85 -27.71
CA LEU N 428 55.48 -9.09 -28.48
C LEU N 428 54.19 -8.95 -29.29
N THR N 429 54.18 -9.54 -30.50
CA THR N 429 53.04 -9.59 -31.45
C THR N 429 52.29 -10.92 -31.31
N GLY N 430 51.12 -11.00 -31.94
CA GLY N 430 50.31 -12.23 -32.09
C GLY N 430 49.78 -12.34 -33.51
N ALA N 431 49.40 -13.54 -33.95
CA ALA N 431 48.90 -13.79 -35.31
C ALA N 431 48.02 -12.62 -35.77
N ASN N 432 47.15 -12.10 -34.90
CA ASN N 432 46.13 -11.09 -35.31
C ASN N 432 45.98 -9.98 -34.25
N GLU N 433 45.16 -8.98 -34.58
CA GLU N 433 44.75 -7.86 -33.72
C GLU N 433 44.44 -8.35 -32.30
N ASP N 434 43.43 -9.21 -32.14
CA ASP N 434 42.81 -9.55 -30.83
C ASP N 434 43.79 -10.38 -29.98
N GLN N 435 44.76 -11.06 -30.60
CA GLN N 435 45.80 -11.83 -29.89
C GLN N 435 46.76 -10.85 -29.20
N THR N 436 47.14 -9.75 -29.87
CA THR N 436 48.09 -8.75 -29.30
C THR N 436 47.45 -8.13 -28.06
N HIS N 437 46.17 -7.72 -28.15
CA HIS N 437 45.43 -7.04 -27.03
C HIS N 437 45.37 -7.96 -25.81
N GLY N 438 45.40 -9.28 -26.01
CA GLY N 438 45.49 -10.28 -24.93
C GLY N 438 46.93 -10.45 -24.45
N ILE N 439 47.90 -10.27 -25.36
CA ILE N 439 49.35 -10.16 -25.03
C ILE N 439 49.56 -8.92 -24.15
N GLN N 440 48.90 -7.80 -24.48
CA GLN N 440 49.05 -6.52 -23.73
C GLN N 440 48.56 -6.71 -22.28
N ILE N 441 47.42 -7.37 -22.07
CA ILE N 441 46.75 -7.43 -20.73
C ILE N 441 47.41 -8.52 -19.90
N ALA N 442 47.99 -9.53 -20.55
CA ALA N 442 48.94 -10.47 -19.92
C ALA N 442 50.09 -9.66 -19.31
N LEU N 443 50.66 -8.73 -20.10
CA LEU N 443 51.86 -7.94 -19.71
C LEU N 443 51.49 -6.87 -18.67
N ARG N 444 50.26 -6.36 -18.67
CA ARG N 444 49.84 -5.30 -17.71
C ARG N 444 49.49 -5.97 -16.37
N ALA N 445 48.97 -7.20 -16.41
CA ALA N 445 48.68 -8.02 -15.21
C ALA N 445 49.95 -8.20 -14.38
N MET N 446 51.11 -8.33 -15.06
CA MET N 446 52.41 -8.74 -14.42
C MET N 446 52.97 -7.60 -13.56
N GLU N 447 52.47 -6.37 -13.75
CA GLU N 447 52.76 -5.22 -12.86
C GLU N 447 52.07 -5.49 -11.51
N ALA N 448 50.75 -5.61 -11.53
CA ALA N 448 49.81 -5.57 -10.38
C ALA N 448 50.44 -6.07 -9.09
N PRO N 449 51.03 -7.29 -9.03
CA PRO N 449 51.62 -7.79 -7.79
C PRO N 449 52.48 -6.76 -7.04
N LEU N 450 53.26 -5.96 -7.77
CA LEU N 450 54.05 -4.84 -7.19
C LEU N 450 53.12 -3.66 -6.93
N ARG N 451 52.31 -3.31 -7.93
CA ARG N 451 51.41 -2.13 -7.88
C ARG N 451 50.48 -2.20 -6.67
N GLU N 452 50.37 -3.35 -6.03
CA GLU N 452 49.50 -3.50 -4.83
C GLU N 452 50.33 -3.43 -3.55
N ILE N 453 51.63 -3.79 -3.56
CA ILE N 453 52.50 -3.70 -2.35
C ILE N 453 52.81 -2.21 -2.11
N VAL N 454 53.25 -1.56 -3.18
CA VAL N 454 53.51 -0.09 -3.24
C VAL N 454 52.25 0.63 -2.78
N ALA N 455 51.09 0.28 -3.34
CA ALA N 455 49.76 0.84 -3.04
C ALA N 455 49.50 0.79 -1.53
N ASN N 456 49.82 -0.35 -0.89
CA ASN N 456 49.53 -0.62 0.55
C ASN N 456 50.51 0.16 1.46
N ALA N 457 51.53 0.79 0.89
CA ALA N 457 52.38 1.77 1.61
C ALA N 457 51.70 3.15 1.58
N GLY N 458 51.49 3.69 0.39
CA GLY N 458 50.77 4.96 0.15
C GLY N 458 51.44 5.76 -0.94
N GLU N 459 51.83 5.07 -2.02
CA GLU N 459 52.81 5.55 -3.02
C GLU N 459 52.26 5.35 -4.44
N GLU N 460 52.16 6.42 -5.24
CA GLU N 460 51.74 6.33 -6.67
C GLU N 460 52.45 5.14 -7.30
N PRO N 461 51.78 3.99 -7.47
CA PRO N 461 52.45 2.79 -7.96
C PRO N 461 52.95 3.07 -9.38
N SER N 462 52.13 3.79 -10.15
CA SER N 462 52.48 4.35 -11.49
C SER N 462 53.94 4.83 -11.49
N VAL N 463 54.32 5.63 -10.48
CA VAL N 463 55.65 6.31 -10.35
C VAL N 463 56.72 5.28 -9.95
N ILE N 464 56.48 4.49 -8.90
CA ILE N 464 57.49 3.52 -8.38
C ILE N 464 57.73 2.44 -9.43
N LEU N 465 56.67 2.01 -10.10
CA LEU N 465 56.76 1.00 -11.19
C LEU N 465 57.52 1.59 -12.39
N ASN N 466 57.27 2.85 -12.73
CA ASN N 466 58.01 3.60 -13.79
C ASN N 466 59.51 3.61 -13.46
N LYS N 467 59.88 3.74 -12.18
CA LYS N 467 61.29 3.90 -11.71
C LYS N 467 61.94 2.53 -11.44
N VAL N 468 61.20 1.43 -11.65
CA VAL N 468 61.73 0.04 -11.50
C VAL N 468 61.76 -0.63 -12.88
N LYS N 469 60.83 -0.25 -13.76
CA LYS N 469 60.87 -0.57 -15.21
C LYS N 469 62.05 0.20 -15.82
N GLU N 470 62.20 1.49 -15.48
CA GLU N 470 63.36 2.34 -15.87
C GLU N 470 64.66 1.66 -15.41
N GLY N 471 64.62 0.98 -14.25
CA GLY N 471 65.78 0.25 -13.69
C GLY N 471 66.16 -0.98 -14.49
N THR N 472 67.16 -1.74 -14.01
CA THR N 472 67.63 -3.03 -14.60
C THR N 472 68.40 -3.83 -13.54
N GLY N 473 68.80 -5.06 -13.88
CA GLY N 473 69.42 -6.00 -12.94
C GLY N 473 68.42 -6.43 -11.88
N ASN N 474 68.86 -6.55 -10.61
CA ASN N 474 67.99 -6.89 -9.45
C ASN N 474 67.43 -5.59 -8.84
N TYR N 475 67.26 -4.53 -9.64
CA TYR N 475 66.84 -3.17 -9.20
C TYR N 475 65.33 -3.16 -8.90
N GLY N 476 64.93 -2.61 -7.74
CA GLY N 476 63.52 -2.56 -7.30
C GLY N 476 63.26 -1.58 -6.16
N TYR N 477 62.33 -1.93 -5.26
CA TYR N 477 61.79 -1.05 -4.18
C TYR N 477 61.51 -1.88 -2.92
N ASN N 478 61.97 -1.41 -1.76
CA ASN N 478 61.94 -2.17 -0.49
C ASN N 478 60.76 -1.67 0.37
N ALA N 479 59.54 -1.76 -0.16
CA ALA N 479 58.28 -1.27 0.46
C ALA N 479 58.33 -1.30 1.99
N ALA N 480 59.06 -2.27 2.58
CA ALA N 480 59.15 -2.52 4.05
C ALA N 480 59.61 -1.27 4.80
N ASN N 481 60.77 -0.74 4.41
CA ASN N 481 61.39 0.49 5.00
C ASN N 481 61.23 1.61 3.97
N GLY N 482 61.63 1.36 2.72
CA GLY N 482 61.17 2.11 1.53
C GLY N 482 62.29 2.84 0.85
N GLU N 483 63.23 2.10 0.25
CA GLU N 483 64.30 2.71 -0.59
C GLU N 483 64.67 1.80 -1.76
N PHE N 484 64.59 2.35 -2.97
CA PHE N 484 65.01 1.72 -4.24
C PHE N 484 66.43 1.14 -4.09
N GLY N 485 66.74 0.07 -4.82
CA GLY N 485 68.10 -0.51 -4.91
C GLY N 485 68.09 -1.95 -5.38
N ASP N 486 69.21 -2.67 -5.21
CA ASP N 486 69.35 -4.09 -5.61
C ASP N 486 68.47 -4.95 -4.68
N MET N 487 67.40 -5.52 -5.22
CA MET N 487 66.35 -6.26 -4.46
C MET N 487 66.95 -7.53 -3.85
N VAL N 488 67.86 -8.17 -4.60
CA VAL N 488 68.59 -9.41 -4.20
C VAL N 488 69.35 -9.12 -2.90
N GLU N 489 69.88 -7.90 -2.75
CA GLU N 489 70.78 -7.47 -1.65
C GLU N 489 70.00 -7.29 -0.34
N PHE N 490 68.83 -6.65 -0.39
CA PHE N 490 68.05 -6.25 0.83
C PHE N 490 67.30 -7.46 1.41
N GLY N 491 67.73 -8.67 1.05
CA GLY N 491 67.24 -9.95 1.61
C GLY N 491 66.02 -10.48 0.87
N ILE N 492 65.40 -9.64 0.02
CA ILE N 492 64.03 -9.86 -0.52
C ILE N 492 64.13 -10.68 -1.81
N LEU N 493 63.76 -11.96 -1.80
CA LEU N 493 63.65 -12.79 -3.03
C LEU N 493 62.62 -13.92 -2.85
N ASP N 494 61.77 -14.08 -3.86
CA ASP N 494 60.82 -15.21 -4.00
C ASP N 494 61.56 -16.38 -4.63
N PRO N 495 61.23 -17.64 -4.28
CA PRO N 495 61.63 -18.79 -5.10
C PRO N 495 61.15 -18.63 -6.55
N THR N 496 61.91 -19.13 -7.55
CA THR N 496 61.56 -19.08 -9.00
C THR N 496 60.29 -19.92 -9.20
N LYS N 497 60.19 -21.04 -8.49
CA LYS N 497 59.06 -22.01 -8.57
C LYS N 497 57.74 -21.30 -8.29
N VAL N 498 57.62 -20.61 -7.14
CA VAL N 498 56.33 -20.08 -6.62
C VAL N 498 55.84 -18.93 -7.51
N THR N 499 56.75 -18.08 -7.98
CA THR N 499 56.41 -16.88 -8.79
C THR N 499 56.07 -17.31 -10.22
N ARG N 500 56.72 -18.35 -10.75
CA ARG N 500 56.30 -19.00 -12.02
C ARG N 500 54.91 -19.64 -11.82
N SER N 501 54.83 -20.64 -10.94
CA SER N 501 53.61 -21.41 -10.55
C SER N 501 52.41 -20.47 -10.48
N ALA N 502 52.53 -19.43 -9.64
CA ALA N 502 51.50 -18.37 -9.42
C ALA N 502 50.97 -17.82 -10.74
N LEU N 503 51.82 -17.15 -11.52
CA LEU N 503 51.42 -16.52 -12.83
C LEU N 503 50.67 -17.54 -13.68
N GLN N 504 51.26 -18.73 -13.85
CA GLN N 504 50.75 -19.80 -14.75
C GLN N 504 49.30 -20.13 -14.39
N ASN N 505 49.05 -20.40 -13.10
CA ASN N 505 47.76 -20.86 -12.52
C ASN N 505 46.67 -19.79 -12.64
N ALA N 506 47.03 -18.51 -12.49
CA ALA N 506 46.07 -17.39 -12.57
C ALA N 506 45.66 -17.18 -14.03
N ALA N 507 46.63 -17.29 -14.95
CA ALA N 507 46.40 -17.17 -16.41
C ALA N 507 45.63 -18.41 -16.88
N SER N 508 45.77 -19.51 -16.14
CA SER N 508 44.96 -20.74 -16.36
C SER N 508 43.48 -20.37 -16.26
N ILE N 509 43.04 -19.97 -15.06
CA ILE N 509 41.61 -19.75 -14.73
C ILE N 509 41.04 -18.56 -15.54
N ALA N 510 41.83 -17.50 -15.75
CA ALA N 510 41.42 -16.33 -16.57
C ALA N 510 41.04 -16.81 -17.97
N GLY N 511 41.84 -17.73 -18.53
CA GLY N 511 41.59 -18.38 -19.81
C GLY N 511 40.25 -19.10 -19.85
N LEU N 512 39.79 -19.61 -18.70
CA LEU N 512 38.50 -20.35 -18.60
C LEU N 512 37.33 -19.35 -18.49
N MET N 513 37.45 -18.36 -17.59
CA MET N 513 36.35 -17.43 -17.23
C MET N 513 36.07 -16.44 -18.37
N ILE N 514 37.10 -16.10 -19.14
CA ILE N 514 37.00 -15.24 -20.36
C ILE N 514 36.17 -15.99 -21.40
N THR N 515 36.41 -17.31 -21.49
CA THR N 515 35.81 -18.25 -22.47
C THR N 515 34.75 -19.13 -21.79
N THR N 516 34.13 -18.63 -20.71
CA THR N 516 32.93 -19.22 -20.07
C THR N 516 31.70 -18.59 -20.73
N GLU N 517 30.78 -19.43 -21.20
CA GLU N 517 29.63 -18.94 -22.01
C GLU N 517 28.36 -18.99 -21.17
N ALA N 518 28.17 -20.06 -20.39
CA ALA N 518 27.00 -20.23 -19.49
C ALA N 518 27.42 -20.88 -18.16
N MET N 519 26.54 -20.78 -17.17
CA MET N 519 26.80 -21.33 -15.81
C MET N 519 25.49 -21.82 -15.19
N VAL N 520 25.58 -22.83 -14.34
CA VAL N 520 24.41 -23.63 -13.86
C VAL N 520 24.58 -23.86 -12.37
N ALA N 521 23.80 -23.14 -11.54
CA ALA N 521 23.77 -23.28 -10.06
C ALA N 521 22.37 -23.70 -9.60
N ASP N 522 22.26 -24.22 -8.37
CA ASP N 522 20.95 -24.57 -7.75
C ASP N 522 20.14 -23.27 -7.58
N ALA N 523 18.85 -23.29 -7.89
CA ALA N 523 17.93 -22.12 -7.68
C ALA N 523 17.69 -21.97 -6.19
N PRO N 524 18.01 -20.81 -5.58
CA PRO N 524 17.87 -20.63 -4.13
C PRO N 524 16.38 -20.53 -3.74
N LYS N 525 15.69 -21.67 -3.80
CA LYS N 525 14.23 -21.82 -3.57
C LYS N 525 14.02 -23.03 -2.63
#